data_5LF3
#
_entry.id   5LF3
#
_cell.length_a   113.370
_cell.length_b   202.720
_cell.length_c   314.900
_cell.angle_alpha   90.00
_cell.angle_beta   90.00
_cell.angle_gamma   90.00
#
_symmetry.space_group_name_H-M   'P 21 21 21'
#
loop_
_entity.id
_entity.type
_entity.pdbx_description
1 polymer 'Proteasome subunit alpha type-2'
2 polymer 'Proteasome subunit alpha type-4'
3 polymer 'Proteasome subunit alpha type-7'
4 polymer 'Proteasome subunit alpha type-5'
5 polymer 'Proteasome subunit alpha type-1'
6 polymer 'Proteasome subunit alpha type-3'
7 polymer 'Proteasome subunit alpha type-6'
8 polymer 'Proteasome subunit beta type-7'
9 polymer 'Proteasome subunit beta type-3'
10 polymer 'Proteasome subunit beta type-2'
11 polymer 'Proteasome subunit beta type-5'
12 polymer 'Proteasome subunit beta type-1'
13 polymer 'Proteasome subunit beta type-4'
14 polymer 'Proteasome subunit beta type-6'
15 non-polymer 'CHLORIDE ION'
16 non-polymer 'POTASSIUM ION'
17 non-polymer 'MAGNESIUM ION'
18 non-polymer 'PENTAETHYLENE GLYCOL'
19 non-polymer N-[(1R)-1-(DIHYDROXYBORYL)-3-METHYLBUTYL]-N-(PYRAZIN-2-YLCARBONYL)-L-PHENYLALANINAMIDE
20 water water
#
loop_
_entity_poly.entity_id
_entity_poly.type
_entity_poly.pdbx_seq_one_letter_code
_entity_poly.pdbx_strand_id
1 'polypeptide(L)'
;MAERGYSFSLTTFSPSGKLVQIEYALAAVAGGAPSVGIKAANGVVLATEKKQKSILYDERSVHKVEPITKHIGLVYSGMG
PDYRVLVHRARKLAQQYYLVYQEPIPTAQLVQRVASVMQEYTQSGGVRPFGVSLLICGWNEGRPYLFQSDPSGAYFAWKA
TAMGKNYVNGKTFLEKRYNEDLELEDAIHTAILTLKESFEGQMTEDNIEVGICNEAGFRRLTPTEVKDYLAAIA
;
A,O
2 'polypeptide(L)'
;MSRRYDSRTTIFSPEGRLYQVEYAMEAIGHAGTCLGILANDGVLLAAERRNIHKLLDEVFFSEKIYKLNEDMACSVAGIT
SDANVLTNELRLIAQRYLLQYQEPIPCEQLVTALCDIKQAYTQFGGKRPFGVSLLYIGWDKHYGFQLYQSDPSGNYGGWK
ATCIGNNSAAAVSMLKQDYKEGEMTLKSALALAIKVLNKTMDVSKLSAEKVEIATLTRENGKTVIRVLKQKEVEQLIKKH
EEEEAKAEREKKEKEQKEKDK
;
B,P
3 'polypeptide(L)'
;MSYDRAITVFSPDGHLFQVEYAQEAVKKGSTAVGVRGRDIVVLGVEKKSVAKLQDERTVRKI(YCM)ALDDNVCMAFAGL
TADARIVINRARVECQSHRLTVEDPVTVEYITRYIASLKQRYTQSNGRRPFGISALIVGFDFDGTPRLYQTDPSGTYHAW
KANAIGRGAKSVREFLEKNYTDEAIETDDLTIKLVIKALLEVVQSGGKNIELAVMRRDQSLKILNPEEIEKYVAEIEKEK
EENEKKKQKKAS
;
C,Q
4 'polypeptide(L)'
;MFLTRSEYDRGVNTFSPEGRLFQVEYAIEAIKLGSTAIGIQTSEGVCLAVEKRITSPLMEPSSIEKIVEIDAHIGCAMSG
LIADAKTLIDKARVETQNHWFTYNETMTVESVTQAVSNLALQFGEEDADPGAMSRPFGVALLFGGVDEKGPQLFHMDPSG
TFVQCDARAIGSASEGAQSSLQEVYHKSMTLKEAIKSSLIILKQVMEEKLNATNIELATVQPGQNFHMFTKEELEEVIKD
I
;
D,R
5 'polypeptide(L)'
;MFRNQYDNDVTVWSPQGRIHQIEYAMEAVKQGSATVGLKSKTHAVLVALKRAQSELAAHQKKILHVDNHIGISIAGLTAD
ARLLCNFMRQECLDSRFVFDRPLPVSRLVSLIGSKTQIPTQRYGRRPYGVGLLIAGYDDMGPHIFQT(6V1)PSANYFDC
RAMSIGARSQSARTYLERHMSEFMECNLNELVKHGLRALRETLPAEQDLTTKNVSIGIVGKDLEFTIYDDDDVSPFLEGL
EERPQRKAQPAQPADEPAEKADEPMEH
;
E,S
6 'polypeptide(L)'
;MSSIGTGYDLSASTFSPDGRVFQVEYAMKAVENSSTAIGIRCKDGVVFGVEKLVLSKLYEEGSNKRLFNVDRHVGMAVAG
LLADARSLADIAREEASNFRSNFGYNIPLKHLADRVAMYVHAYTLYSAVRPFGCSFMLGSYSVNDGAQLYMIDPSGVSYG
YWGCAIGKARQAAKTEIEKLQMKEMTCRDIVKEVAKIIYIVHDEVKDKAFELELSWVGELTNGRHEIVPKDIREEAEKYA
KESLKEEDESDDDNM
;
F,T
7 'polypeptide(L)'
;MSRGSSAGFDRHITIFSPEGRLYQVEYAFKAINQGGLTSVAVRGKD(6V1)AVIVTQKKVPDKLLDSSTVTHLFKITENI
GCVMTGMTADSRSQVQRARYEAANWKYKYGYEIPVDMLCKRIADISQVYTQNAEMRPLGC(YCM)MILIGIDEEQGPQVY
KCDPAGYY(6V1)GFKATAAGVKQTESTSFLEKKVKKKFDWTFEQTVETAITCLSTVLSIDFKPSEIEVGVVTVENPKFR
ILTEAEIDAHLVALAERD
;
G,U
8 'polypeptide(L)'
;TTIAGVVYKDGIVLGADTRATEGMVVADKNCSKIHFISPNIYCCGAGTAADTDMTTQLISSNLELHSLSTGRLPRVVTAN
RMLKQMLFRYQGYIGAALVLGGVDVTGPHLYSIYPHGSTDKLPYVTMGSGSLAAMAVFEDKFRPDMEEEEAKNLVSEAIA
AGIFNDLGSGSNIDLCVISKNKLDFLRPYTVPNKKGTRLGRYRCEKGTTAVLTEKITPLEIEVLEETVQTMDTS
;
H,V
9 'polypeptide(L)'
;MSIMSYNGGAVMAMKGKNCVAIAADRRFGIQAQMVTTDFQKIFPMGDRLYIGLAGLATDVQTVAQRLKFRLNLYELKEGR
QIKPYTLMSMVANLLYEKRFGPYYTEPVIAGLDPKTFKPFICSLDLIGCPMVTDDFVVSGTCAEQMYGMCESLWEPNMDP
DHLFETISQAMLNAVDRDAVSGMGVIVHIIEKDKITTRTLKARMD
;
I,W
10 'polypeptide(L)'
;MEYLIGIQGPDYVLVASDRVAASNIVQMKDDHDKMFKMSEKILLLCVGEAGDTVQFAEYIQKNVQLYKMRNGYELSPTAA
ANFTRRNLAD(6V1)LRSRTPYHVNLLLAGYDEHEGPALYYMDYLAALAKAPFAAHGYGAFLTLSILDRYYTPTISRERA
VELLRKCLEELQKRFILNLPTFSVRIIDKNGIHDLDNISFPKQGS
;
J,X
11 'polypeptide(L)'
;TTTLAFKFRHGVIVAADSRATAGAYIASQTVKKVIEINPYLLGTMAGGAADCSFWERLLARQCRIYELRNKERISVAAAS
KLLANMVYQYKGMGLSMGTMICGWDKRGPGLYYVDSEGNRISGATFSVGSGSVYAYGVMDRGYSYDLEVEQAYDLARRAI
YQATYRDAYSGGAVNLYHVREDGWIRVSSDNVADLHEKYSGSTP
;
K,Y
12 'polypeptide(L)'
;RFSPYVFNGGTILAIAGEDFAIVASDTRLSEGFSIHTRDSPKCYKLTDKTVIGCSGFHGDCLTLTKIIEARLKMYKHSNN
KAMTTGAIAAMLSTILYSRRFFPYYVYNIIGGLDEEGKGAVYSFDPVGSYQRDSFKAGGSASAMLQPLLDNQVGFKNMQN
VEHVPLSLDRAMRLVKDVFISAAERDVYTGDALRICIVTKEGIREETVSLRKD
;
L,Z
13 'polypeptide(L)'
;TQNPMVTGTSVLGVKFEGGVVIAADMLGSYGSLARFRNISRIMRVNNSTMLGASGDYADFQYLKQVLGQMVIDEELLGDG
HSYSPRAIHSWLTRAMYSRRSKMNPLWNTMVIGGYADGESFLGYVDMLGVAYEAPSLATGYGAYLAQPLLREVLEKQPVL
SQTEARDLVERCMRVLYYRDARSYNRFQIATVTEKGVEIEGPLSTETNWDIAHMISGFE
;
M,a
14 'polypeptide(L)'
;TTIMAVQFDGGVVLGADSRTTTGSYIANRVTDKLTPIHDRIFCCRSGSAADTQAVADAVTYQLGFHSIELNEPPLVHTAA
SLFKEMCYRYREDLMAGIIIAGWDPQEGGQVYSVPMGGMMVRQSFAIGGSGSSYIYGYVDATYREGMTKEECLQFTANAL
ALAMERDGSSGGVIRLAAIAESGVERQVLLGDQIPKFAVATLPPA
;
N,b
#
# COMPACT_ATOMS: atom_id res chain seq x y z
N ARG A 4 53.07 10.67 -6.38
CA ARG A 4 52.20 9.71 -5.57
C ARG A 4 52.90 8.88 -4.45
N GLY A 5 54.23 8.68 -4.53
CA GLY A 5 54.96 7.72 -3.64
C GLY A 5 55.83 6.79 -4.50
N TYR A 6 56.95 6.29 -3.99
CA TYR A 6 57.79 5.35 -4.76
C TYR A 6 57.34 3.93 -4.43
N SER A 7 57.13 3.11 -5.46
CA SER A 7 56.58 1.76 -5.28
C SER A 7 57.63 0.66 -5.24
N PHE A 8 58.92 1.01 -5.49
CA PHE A 8 60.01 0.05 -5.43
C PHE A 8 60.64 -0.02 -4.02
N SER A 9 61.19 -1.18 -3.68
CA SER A 9 61.88 -1.36 -2.39
C SER A 9 63.16 -0.48 -2.36
N LEU A 10 63.44 0.13 -1.20
CA LEU A 10 64.70 0.84 -0.96
C LEU A 10 65.67 -0.06 -0.23
N THR A 11 65.21 -1.20 0.27
CA THR A 11 66.10 -2.22 0.80
C THR A 11 66.06 -3.39 -0.18
N THR A 12 67.27 -3.81 -0.62
CA THR A 12 67.46 -4.92 -1.52
C THR A 12 68.64 -5.80 -1.09
N PHE A 13 68.76 -6.97 -1.71
CA PHE A 13 69.88 -7.87 -1.45
C PHE A 13 71.13 -7.45 -2.20
N SER A 14 72.23 -7.41 -1.49
CA SER A 14 73.57 -7.19 -2.11
C SER A 14 74.09 -8.54 -2.68
N PRO A 15 75.15 -8.50 -3.51
CA PRO A 15 75.72 -9.74 -4.11
C PRO A 15 76.18 -10.88 -3.16
N SER A 16 76.51 -10.47 -1.93
CA SER A 16 76.80 -11.43 -0.82
C SER A 16 75.58 -11.82 0.07
N GLY A 17 74.37 -11.43 -0.30
CA GLY A 17 73.19 -11.83 0.43
C GLY A 17 72.78 -10.98 1.62
N LYS A 18 73.37 -9.81 1.76
CA LYS A 18 73.05 -8.87 2.83
C LYS A 18 72.03 -7.78 2.43
N LEU A 19 71.13 -7.44 3.37
CA LEU A 19 70.28 -6.29 3.26
C LEU A 19 70.94 -5.12 3.93
N VAL A 20 71.77 -4.38 3.19
CA VAL A 20 72.61 -3.38 3.86
C VAL A 20 71.80 -2.27 4.55
N GLN A 21 70.66 -1.86 3.99
CA GLN A 21 69.89 -0.86 4.68
C GLN A 21 69.53 -1.26 6.09
N ILE A 22 69.31 -2.55 6.32
CA ILE A 22 69.01 -3.03 7.66
C ILE A 22 70.28 -3.02 8.54
N GLU A 23 71.40 -3.43 7.99
CA GLU A 23 72.67 -3.27 8.68
C GLU A 23 72.91 -1.84 9.09
N TYR A 24 72.60 -0.91 8.19
CA TYR A 24 72.85 0.48 8.47
C TYR A 24 71.89 1.05 9.53
N ALA A 25 70.63 0.58 9.52
CA ALA A 25 69.72 0.83 10.57
C ALA A 25 70.24 0.34 11.90
N LEU A 26 70.77 -0.88 11.94
CA LEU A 26 71.43 -1.38 13.13
C LEU A 26 72.58 -0.49 13.62
N ALA A 27 73.33 0.15 12.72
CA ALA A 27 74.38 1.10 13.12
C ALA A 27 73.74 2.32 13.78
N ALA A 28 72.59 2.80 13.27
CA ALA A 28 71.90 3.90 14.00
C ALA A 28 71.51 3.47 15.40
N VAL A 29 71.07 2.23 15.56
CA VAL A 29 70.74 1.72 16.90
C VAL A 29 72.01 1.68 17.80
N ALA A 30 73.08 1.09 17.31
CA ALA A 30 74.36 0.99 18.06
C ALA A 30 74.91 2.34 18.49
N GLY A 31 74.59 3.39 17.77
CA GLY A 31 75.00 4.74 18.10
C GLY A 31 74.05 5.45 19.00
N GLY A 32 72.87 4.88 19.26
CA GLY A 32 71.91 5.53 20.15
C GLY A 32 72.32 5.42 21.62
N ALA A 33 71.60 6.13 22.48
CA ALA A 33 71.84 6.08 23.91
C ALA A 33 71.60 4.68 24.47
N PRO A 34 72.36 4.29 25.49
CA PRO A 34 72.16 2.93 26.06
C PRO A 34 70.76 2.66 26.68
N SER A 35 70.26 1.45 26.45
CA SER A 35 69.05 0.92 27.11
C SER A 35 69.31 -0.47 27.67
N VAL A 36 68.65 -0.77 28.79
CA VAL A 36 68.86 -2.01 29.54
C VAL A 36 67.51 -2.64 29.88
N GLY A 37 67.46 -3.96 29.84
CA GLY A 37 66.28 -4.72 30.28
C GLY A 37 66.70 -5.94 31.06
N ILE A 38 66.12 -6.10 32.25
CA ILE A 38 66.38 -7.27 33.11
C ILE A 38 65.03 -7.86 33.52
N LYS A 39 64.87 -9.15 33.26
CA LYS A 39 63.75 -9.91 33.79
C LYS A 39 64.09 -10.54 35.14
N ALA A 40 63.49 -10.04 36.21
CA ALA A 40 63.61 -10.63 37.54
C ALA A 40 62.58 -11.78 37.66
N ALA A 41 62.61 -12.46 38.79
CA ALA A 41 61.66 -13.53 39.07
C ALA A 41 60.24 -12.99 39.12
N ASN A 42 60.06 -11.85 39.78
CA ASN A 42 58.74 -11.23 40.05
C ASN A 42 58.46 -9.94 39.26
N GLY A 43 59.28 -9.65 38.24
CA GLY A 43 59.03 -8.50 37.40
C GLY A 43 60.07 -8.24 36.33
N VAL A 44 59.96 -7.08 35.69
CA VAL A 44 60.88 -6.65 34.67
C VAL A 44 61.18 -5.19 34.90
N VAL A 45 62.43 -4.82 34.69
CA VAL A 45 62.87 -3.42 34.72
C VAL A 45 63.43 -3.06 33.37
N LEU A 46 63.09 -1.87 32.92
CA LEU A 46 63.66 -1.26 31.73
C LEU A 46 64.30 0.03 32.16
N ALA A 47 65.52 0.31 31.69
CA ALA A 47 66.24 1.51 32.08
C ALA A 47 66.97 2.10 30.88
N THR A 48 67.04 3.41 30.84
CA THR A 48 67.68 4.08 29.74
C THR A 48 68.32 5.38 30.16
N GLU A 49 69.33 5.74 29.40
CA GLU A 49 70.05 6.98 29.55
C GLU A 49 69.37 8.09 28.75
N LYS A 50 69.17 9.24 29.36
CA LYS A 50 68.87 10.46 28.63
C LYS A 50 70.13 11.13 28.07
N LYS A 51 70.33 11.01 26.74
CA LYS A 51 71.23 11.89 25.94
C LYS A 51 70.88 13.43 26.03
N GLN A 52 70.76 13.89 27.29
CA GLN A 52 70.19 15.15 27.70
C GLN A 52 71.34 16.08 27.99
N LYS A 53 71.64 16.91 27.01
CA LYS A 53 72.54 18.02 27.18
C LYS A 53 71.95 18.96 28.26
N SER A 54 72.09 20.25 28.01
CA SER A 54 71.41 21.33 28.69
C SER A 54 70.51 21.09 29.90
N ILE A 55 70.77 21.84 30.96
CA ILE A 55 69.78 22.12 31.99
C ILE A 55 68.48 22.79 31.47
N LEU A 56 68.54 23.40 30.27
CA LEU A 56 67.37 24.02 29.65
C LEU A 56 66.25 23.05 29.27
N TYR A 57 66.55 21.76 29.07
CA TYR A 57 65.53 20.76 28.80
C TYR A 57 64.58 20.56 29.96
N ASP A 58 63.30 20.39 29.65
CA ASP A 58 62.33 19.98 30.63
C ASP A 58 62.32 18.46 30.43
N GLU A 59 62.99 17.76 31.35
N GLU A 59 63.00 17.76 31.32
CA GLU A 59 63.20 16.31 31.27
CA GLU A 59 63.21 16.32 31.19
C GLU A 59 61.91 15.48 31.32
C GLU A 59 61.91 15.48 31.32
N ARG A 60 60.90 16.04 31.97
CA ARG A 60 59.57 15.46 32.11
C ARG A 60 58.66 15.71 30.87
N SER A 61 59.08 16.53 29.91
CA SER A 61 58.25 16.85 28.72
C SER A 61 58.13 15.73 27.70
N VAL A 62 59.13 14.90 27.51
CA VAL A 62 59.00 13.70 26.69
C VAL A 62 59.69 12.51 27.35
N HIS A 63 59.15 11.32 27.15
CA HIS A 63 59.63 10.13 27.82
C HIS A 63 60.08 9.11 26.80
N LYS A 64 61.11 8.39 27.16
CA LYS A 64 61.61 7.26 26.40
C LYS A 64 61.00 5.94 26.88
N VAL A 65 60.70 5.85 28.16
CA VAL A 65 60.06 4.68 28.72
C VAL A 65 58.54 4.95 28.63
N GLU A 66 57.80 4.14 27.90
CA GLU A 66 56.38 4.47 27.58
C GLU A 66 55.47 3.30 27.83
N PRO A 67 54.27 3.56 28.38
CA PRO A 67 53.24 2.49 28.49
C PRO A 67 52.53 2.22 27.15
N ILE A 68 52.32 0.95 26.85
CA ILE A 68 51.51 0.51 25.71
C ILE A 68 50.11 0.17 26.22
N THR A 69 50.06 -0.62 27.27
CA THR A 69 48.82 -1.01 27.97
C THR A 69 49.10 -0.90 29.45
N LYS A 70 48.10 -1.19 30.27
CA LYS A 70 48.24 -1.32 31.71
C LYS A 70 49.36 -2.29 32.15
N HIS A 71 49.64 -3.28 31.32
CA HIS A 71 50.52 -4.40 31.66
C HIS A 71 51.79 -4.52 30.79
N ILE A 72 51.93 -3.65 29.78
CA ILE A 72 53.03 -3.69 28.84
C ILE A 72 53.67 -2.31 28.70
N GLY A 73 55.00 -2.32 28.62
CA GLY A 73 55.77 -1.07 28.40
C GLY A 73 56.99 -1.28 27.50
N LEU A 74 57.55 -0.15 27.05
CA LEU A 74 58.58 -0.09 25.99
C LEU A 74 59.71 0.85 26.36
N VAL A 75 60.89 0.54 25.82
CA VAL A 75 61.99 1.53 25.69
C VAL A 75 62.74 1.20 24.37
N TYR A 76 63.71 2.03 23.98
CA TYR A 76 64.42 1.82 22.72
C TYR A 76 65.87 2.35 22.79
N SER A 77 66.66 1.93 21.81
CA SER A 77 67.86 2.66 21.42
C SER A 77 67.76 2.96 19.93
N GLY A 78 68.19 4.17 19.56
CA GLY A 78 68.25 4.58 18.15
C GLY A 78 67.55 5.90 17.94
N MET A 79 66.79 6.02 16.87
CA MET A 79 66.18 7.31 16.53
C MET A 79 64.86 7.50 17.20
N GLY A 80 64.78 8.53 18.02
CA GLY A 80 63.56 8.81 18.80
C GLY A 80 62.28 9.01 17.96
N PRO A 81 62.33 9.81 16.89
CA PRO A 81 61.10 10.00 16.14
C PRO A 81 60.60 8.70 15.52
N ASP A 82 61.49 7.81 15.09
CA ASP A 82 61.06 6.49 14.61
C ASP A 82 60.36 5.70 15.73
N TYR A 83 60.91 5.75 16.93
CA TYR A 83 60.31 5.11 18.08
C TYR A 83 58.86 5.56 18.34
N ARG A 84 58.60 6.85 18.23
CA ARG A 84 57.25 7.38 18.42
C ARG A 84 56.23 6.77 17.45
N VAL A 85 56.65 6.51 16.20
CA VAL A 85 55.80 5.83 15.26
C VAL A 85 55.37 4.47 15.82
N LEU A 86 56.34 3.72 16.32
CA LEU A 86 56.13 2.38 16.75
C LEU A 86 55.35 2.32 18.06
N VAL A 87 55.56 3.30 18.94
CA VAL A 87 54.76 3.43 20.16
C VAL A 87 53.27 3.59 19.84
N HIS A 88 52.99 4.52 18.93
CA HIS A 88 51.62 4.76 18.48
C HIS A 88 51.00 3.51 17.84
N ARG A 89 51.74 2.81 16.98
CA ARG A 89 51.21 1.61 16.35
CA ARG A 89 51.22 1.60 16.35
C ARG A 89 50.97 0.48 17.36
N ALA A 90 51.92 0.29 18.29
CA ALA A 90 51.79 -0.72 19.35
C ALA A 90 50.54 -0.51 20.19
N ARG A 91 50.29 0.74 20.54
CA ARG A 91 49.15 1.10 21.34
C ARG A 91 47.86 0.78 20.59
N LYS A 92 47.83 1.15 19.32
CA LYS A 92 46.72 0.91 18.45
C LYS A 92 46.49 -0.60 18.25
N LEU A 93 47.57 -1.36 18.03
CA LEU A 93 47.48 -2.80 17.92
C LEU A 93 46.94 -3.47 19.20
N ALA A 94 47.32 -2.94 20.35
CA ALA A 94 46.86 -3.49 21.60
C ALA A 94 45.36 -3.29 21.74
N GLN A 95 44.89 -2.12 21.36
CA GLN A 95 43.46 -1.80 21.42
C GLN A 95 42.62 -2.66 20.45
N GLN A 96 43.11 -2.82 19.21
CA GLN A 96 42.41 -3.66 18.23
C GLN A 96 42.24 -5.08 18.76
N TYR A 97 43.29 -5.59 19.43
CA TYR A 97 43.23 -6.89 20.03
C TYR A 97 42.16 -6.92 21.16
N TYR A 98 42.24 -5.94 22.06
CA TYR A 98 41.30 -5.89 23.18
C TYR A 98 39.81 -5.81 22.75
N LEU A 99 39.55 -5.06 21.67
CA LEU A 99 38.15 -4.95 21.18
C LEU A 99 37.60 -6.29 20.70
N VAL A 100 38.44 -7.11 20.08
CA VAL A 100 38.00 -8.38 19.58
C VAL A 100 37.92 -9.39 20.74
N TYR A 101 39.02 -9.55 21.47
CA TYR A 101 39.14 -10.62 22.43
C TYR A 101 38.71 -10.32 23.85
N GLN A 102 38.60 -9.05 24.21
CA GLN A 102 38.19 -8.64 25.55
C GLN A 102 39.11 -9.14 26.69
N GLU A 103 40.40 -9.24 26.37
CA GLU A 103 41.45 -9.74 27.20
C GLU A 103 42.67 -8.87 26.80
N PRO A 104 43.45 -8.40 27.78
CA PRO A 104 44.64 -7.67 27.33
C PRO A 104 45.57 -8.52 26.44
N ILE A 105 46.14 -7.89 25.46
CA ILE A 105 47.05 -8.59 24.53
C ILE A 105 48.24 -9.17 25.30
N PRO A 106 48.50 -10.49 25.15
CA PRO A 106 49.75 -11.09 25.64
C PRO A 106 50.99 -10.36 25.06
N THR A 107 52.00 -10.18 25.90
CA THR A 107 53.22 -9.47 25.51
C THR A 107 53.77 -10.04 24.21
N ALA A 108 53.86 -11.35 24.10
CA ALA A 108 54.41 -11.96 22.89
C ALA A 108 53.58 -11.69 21.64
N GLN A 109 52.25 -11.60 21.79
CA GLN A 109 51.38 -11.29 20.65
C GLN A 109 51.56 -9.87 20.19
N LEU A 110 51.69 -8.96 21.15
CA LEU A 110 52.01 -7.58 20.84
C LEU A 110 53.39 -7.44 20.14
N VAL A 111 54.40 -8.15 20.64
CA VAL A 111 55.73 -8.08 20.05
C VAL A 111 55.66 -8.58 18.61
N GLN A 112 54.95 -9.69 18.40
CA GLN A 112 54.81 -10.26 17.07
C GLN A 112 54.21 -9.26 16.06
N ARG A 113 53.18 -8.54 16.50
CA ARG A 113 52.47 -7.64 15.60
C ARG A 113 53.30 -6.38 15.32
N VAL A 114 53.94 -5.83 16.35
CA VAL A 114 54.88 -4.71 16.15
C VAL A 114 56.06 -5.10 15.25
N ALA A 115 56.69 -6.23 15.52
CA ALA A 115 57.81 -6.73 14.68
C ALA A 115 57.39 -6.88 13.21
N SER A 116 56.14 -7.25 13.02
CA SER A 116 55.60 -7.42 11.69
C SER A 116 55.56 -6.09 10.93
N VAL A 117 55.21 -5.01 11.64
CA VAL A 117 55.25 -3.69 11.08
C VAL A 117 56.67 -3.26 10.68
N MET A 118 57.62 -3.52 11.56
CA MET A 118 59.05 -3.24 11.28
C MET A 118 59.52 -4.02 10.04
N GLN A 119 59.05 -5.25 9.86
CA GLN A 119 59.39 -6.01 8.65
C GLN A 119 58.91 -5.33 7.38
N GLU A 120 57.69 -4.78 7.41
CA GLU A 120 57.11 -4.08 6.25
C GLU A 120 57.98 -2.98 5.70
N TYR A 121 58.61 -2.27 6.62
CA TYR A 121 59.48 -1.15 6.30
C TYR A 121 60.83 -1.59 5.75
N THR A 122 61.08 -2.88 5.67
CA THR A 122 62.27 -3.42 5.01
C THR A 122 62.01 -3.89 3.58
N GLN A 123 60.76 -3.84 3.14
CA GLN A 123 60.36 -4.38 1.82
C GLN A 123 59.39 -3.51 1.00
N SER A 124 58.58 -2.75 1.70
CA SER A 124 57.53 -1.97 1.11
C SER A 124 58.11 -0.79 0.33
N GLY A 125 57.33 -0.22 -0.56
CA GLY A 125 57.79 0.79 -1.49
C GLY A 125 58.22 2.11 -0.85
N GLY A 126 59.39 2.61 -1.26
CA GLY A 126 59.80 4.01 -1.01
C GLY A 126 60.04 4.46 0.43
N VAL A 127 60.30 3.49 1.29
CA VAL A 127 60.57 3.75 2.69
C VAL A 127 61.85 3.02 3.14
N ARG A 128 62.47 3.59 4.17
CA ARG A 128 63.64 3.00 4.81
C ARG A 128 63.18 2.27 6.05
N PRO A 129 63.96 1.29 6.50
CA PRO A 129 63.65 0.70 7.79
C PRO A 129 63.71 1.65 8.95
N PHE A 130 63.11 1.25 10.07
CA PHE A 130 63.20 1.97 11.34
C PHE A 130 64.61 1.86 11.88
N GLY A 131 65.15 2.98 12.32
CA GLY A 131 66.48 3.01 12.98
C GLY A 131 66.33 2.85 14.49
N VAL A 132 65.54 1.85 14.92
CA VAL A 132 65.35 1.59 16.32
C VAL A 132 65.34 0.11 16.58
N SER A 133 65.80 -0.26 17.77
CA SER A 133 65.50 -1.54 18.38
C SER A 133 64.70 -1.23 19.67
N LEU A 134 63.67 -2.05 19.90
CA LEU A 134 62.75 -1.89 21.03
C LEU A 134 63.05 -2.93 22.08
N LEU A 135 62.95 -2.57 23.36
CA LEU A 135 62.82 -3.56 24.41
C LEU A 135 61.39 -3.42 24.94
N ILE A 136 60.71 -4.55 25.00
CA ILE A 136 59.30 -4.61 25.36
C ILE A 136 59.17 -5.52 26.55
N CYS A 137 58.58 -5.00 27.62
CA CYS A 137 58.28 -5.79 28.79
C CYS A 137 56.77 -5.91 29.01
N GLY A 138 56.38 -7.00 29.64
CA GLY A 138 55.03 -7.20 30.06
C GLY A 138 54.88 -8.31 31.08
N TRP A 139 53.67 -8.40 31.64
CA TRP A 139 53.32 -9.41 32.58
C TRP A 139 52.00 -10.00 32.16
N ASN A 140 51.98 -11.30 31.88
CA ASN A 140 50.73 -12.03 31.67
C ASN A 140 50.95 -13.53 31.83
N GLU A 141 49.85 -14.28 31.99
CA GLU A 141 49.90 -15.69 32.43
C GLU A 141 50.69 -15.85 33.70
N GLY A 142 50.51 -14.92 34.62
CA GLY A 142 51.20 -14.88 35.91
C GLY A 142 52.73 -14.83 35.85
N ARG A 143 53.30 -14.22 34.82
CA ARG A 143 54.75 -14.41 34.55
C ARG A 143 55.34 -13.21 33.79
N PRO A 144 56.62 -12.82 34.07
CA PRO A 144 57.21 -11.65 33.37
C PRO A 144 57.81 -12.00 32.00
N TYR A 145 57.81 -11.05 31.09
CA TYR A 145 58.34 -11.22 29.75
C TYR A 145 59.21 -10.02 29.38
N LEU A 146 60.37 -10.27 28.76
CA LEU A 146 61.23 -9.24 28.18
C LEU A 146 61.59 -9.65 26.75
N PHE A 147 61.25 -8.79 25.77
CA PHE A 147 61.54 -9.03 24.37
C PHE A 147 62.33 -7.84 23.76
N GLN A 148 63.16 -8.16 22.78
CA GLN A 148 63.77 -7.18 21.93
C GLN A 148 63.19 -7.30 20.47
N SER A 149 62.88 -6.20 19.81
CA SER A 149 62.49 -6.23 18.38
C SER A 149 63.44 -5.32 17.61
N ASP A 150 64.09 -5.86 16.57
CA ASP A 150 65.15 -5.15 15.82
CA ASP A 150 65.15 -5.18 15.83
C ASP A 150 64.64 -4.59 14.48
N PRO A 151 65.44 -3.73 13.82
CA PRO A 151 64.96 -3.11 12.57
C PRO A 151 64.55 -4.07 11.45
N SER A 152 65.07 -5.28 11.44
CA SER A 152 64.63 -6.29 10.46
C SER A 152 63.22 -6.81 10.71
N GLY A 153 62.65 -6.58 11.91
CA GLY A 153 61.42 -7.26 12.31
C GLY A 153 61.69 -8.59 13.00
N ALA A 154 62.97 -8.89 13.28
CA ALA A 154 63.33 -10.07 14.09
C ALA A 154 63.09 -9.73 15.54
N TYR A 155 62.60 -10.69 16.32
CA TYR A 155 62.46 -10.46 17.73
C TYR A 155 63.02 -11.62 18.54
N PHE A 156 63.39 -11.35 19.78
CA PHE A 156 64.02 -12.35 20.66
C PHE A 156 63.54 -12.14 22.09
N ALA A 157 63.36 -13.22 22.82
CA ALA A 157 63.09 -13.17 24.27
C ALA A 157 64.41 -13.19 25.06
N TRP A 158 64.58 -12.20 25.92
CA TRP A 158 65.75 -12.10 26.79
C TRP A 158 65.41 -12.26 28.27
N LYS A 159 66.39 -12.79 28.99
CA LYS A 159 66.43 -12.72 30.45
C LYS A 159 66.98 -11.35 30.87
N ALA A 160 67.96 -10.86 30.12
CA ALA A 160 68.58 -9.57 30.35
C ALA A 160 69.40 -9.22 29.12
N THR A 161 69.43 -7.95 28.79
CA THR A 161 70.23 -7.47 27.68
C THR A 161 70.47 -5.95 27.70
N ALA A 162 71.26 -5.51 26.73
CA ALA A 162 71.57 -4.11 26.56
C ALA A 162 71.60 -3.78 25.09
N MET A 163 71.29 -2.53 24.78
CA MET A 163 71.36 -2.04 23.41
C MET A 163 71.83 -0.60 23.42
N GLY A 164 72.15 -0.05 22.23
CA GLY A 164 72.69 1.32 22.14
C GLY A 164 74.23 1.30 22.30
N LYS A 165 74.85 2.47 22.53
CA LYS A 165 76.31 2.58 22.67
C LYS A 165 76.80 1.59 23.72
N ASN A 166 77.90 0.94 23.42
CA ASN A 166 78.63 0.10 24.39
C ASN A 166 77.83 -1.11 24.83
N TYR A 167 76.92 -1.57 23.98
CA TYR A 167 75.99 -2.62 24.37
C TYR A 167 76.69 -3.97 24.58
N VAL A 168 77.81 -4.19 23.88
CA VAL A 168 78.50 -5.45 23.93
C VAL A 168 79.05 -5.68 25.34
N ASN A 169 79.71 -4.66 25.87
CA ASN A 169 80.18 -4.68 27.24
C ASN A 169 79.08 -4.76 28.24
N GLY A 170 78.02 -3.98 28.01
CA GLY A 170 76.81 -4.02 28.82
C GLY A 170 76.28 -5.42 28.97
N LYS A 171 76.28 -6.17 27.86
CA LYS A 171 75.83 -7.56 27.84
C LYS A 171 76.73 -8.48 28.64
N THR A 172 78.06 -8.34 28.52
CA THR A 172 78.94 -9.17 29.32
C THR A 172 78.88 -8.75 30.81
N PHE A 173 78.67 -7.46 31.09
CA PHE A 173 78.46 -7.01 32.48
C PHE A 173 77.22 -7.71 33.11
N LEU A 174 76.14 -7.86 32.35
CA LEU A 174 74.92 -8.56 32.82
C LEU A 174 75.12 -10.07 32.98
N GLU A 175 75.84 -10.66 32.02
CA GLU A 175 76.22 -12.07 32.05
C GLU A 175 76.91 -12.47 33.34
N LYS A 176 77.84 -11.64 33.81
CA LYS A 176 78.53 -11.89 35.09
C LYS A 176 77.83 -11.21 36.25
N ARG A 177 76.50 -11.25 36.30
CA ARG A 177 75.73 -10.47 37.30
C ARG A 177 74.27 -10.79 37.46
N TYR A 178 73.64 -11.35 36.44
CA TYR A 178 72.25 -11.77 36.51
C TYR A 178 72.14 -13.21 37.06
N ASN A 179 71.15 -13.46 37.92
CA ASN A 179 70.75 -14.84 38.26
C ASN A 179 69.23 -15.03 38.12
N GLU A 180 68.82 -16.28 37.83
CA GLU A 180 67.40 -16.65 37.60
C GLU A 180 66.48 -16.21 38.74
N ASP A 181 66.94 -16.37 39.99
CA ASP A 181 66.13 -16.13 41.18
C ASP A 181 66.16 -14.70 41.73
N LEU A 182 66.86 -13.78 41.06
CA LEU A 182 66.87 -12.35 41.43
C LEU A 182 65.47 -11.67 41.53
N GLU A 183 65.29 -10.88 42.59
CA GLU A 183 64.09 -10.04 42.80
C GLU A 183 64.15 -8.77 41.97
N LEU A 184 63.00 -8.10 41.85
CA LEU A 184 62.86 -6.87 41.06
C LEU A 184 63.63 -5.68 41.65
N GLU A 185 63.56 -5.47 42.96
CA GLU A 185 64.23 -4.33 43.58
C GLU A 185 65.74 -4.43 43.39
N ASP A 186 66.27 -5.65 43.46
CA ASP A 186 67.67 -5.92 43.16
C ASP A 186 67.99 -5.69 41.70
N ALA A 187 67.13 -6.19 40.83
CA ALA A 187 67.25 -6.03 39.37
C ALA A 187 67.31 -4.56 38.91
N ILE A 188 66.54 -3.70 39.56
CA ILE A 188 66.55 -2.27 39.28
C ILE A 188 67.93 -1.69 39.56
N HIS A 189 68.50 -2.08 40.70
CA HIS A 189 69.86 -1.68 41.06
C HIS A 189 70.86 -2.10 39.97
N THR A 190 70.80 -3.36 39.53
CA THR A 190 71.79 -3.87 38.54
C THR A 190 71.57 -3.23 37.18
N ALA A 191 70.33 -2.92 36.85
CA ALA A 191 70.05 -2.14 35.65
C ALA A 191 70.74 -0.78 35.67
N ILE A 192 70.69 -0.07 36.79
CA ILE A 192 71.28 1.25 36.87
C ILE A 192 72.82 1.18 36.86
N LEU A 193 73.38 0.22 37.62
CA LEU A 193 74.80 -0.10 37.52
C LEU A 193 75.26 -0.41 36.08
N THR A 194 74.42 -1.10 35.31
CA THR A 194 74.76 -1.43 33.94
C THR A 194 74.85 -0.15 33.10
N LEU A 195 73.94 0.80 33.27
CA LEU A 195 74.06 2.12 32.63
C LEU A 195 75.28 2.92 33.12
N LYS A 196 75.63 2.81 34.40
CA LYS A 196 76.80 3.50 34.96
C LYS A 196 78.09 3.10 34.26
N GLU A 197 78.17 1.84 33.83
CA GLU A 197 79.33 1.30 33.08
C GLU A 197 79.71 2.17 31.90
N SER A 198 78.72 2.70 31.21
CA SER A 198 78.97 3.44 29.99
C SER A 198 78.35 4.82 30.09
N PHE A 199 78.30 5.42 31.27
CA PHE A 199 77.52 6.67 31.41
C PHE A 199 78.26 7.88 30.86
N GLU A 200 79.24 8.39 31.62
CA GLU A 200 79.87 9.69 31.31
C GLU A 200 78.92 10.86 31.66
N GLY A 201 79.18 11.52 32.78
CA GLY A 201 78.44 12.73 33.16
C GLY A 201 77.96 12.86 34.59
N GLN A 202 78.03 11.80 35.38
CA GLN A 202 77.37 11.76 36.71
C GLN A 202 75.80 11.62 36.54
N MET A 203 75.24 10.59 37.17
CA MET A 203 73.84 10.26 37.07
C MET A 203 73.00 11.01 38.07
N THR A 204 71.99 11.73 37.59
CA THR A 204 70.90 12.19 38.42
C THR A 204 69.62 11.48 37.99
N GLU A 205 68.58 11.67 38.78
CA GLU A 205 67.26 11.13 38.49
C GLU A 205 66.58 11.83 37.33
N ASP A 206 67.17 12.93 36.84
CA ASP A 206 66.64 13.68 35.71
C ASP A 206 67.21 13.21 34.36
N ASN A 207 68.33 12.48 34.37
CA ASN A 207 68.93 12.04 33.10
C ASN A 207 68.99 10.53 32.92
N ILE A 208 68.30 9.79 33.77
CA ILE A 208 67.90 8.43 33.41
C ILE A 208 66.40 8.27 33.62
N GLU A 209 65.87 7.24 32.98
CA GLU A 209 64.48 6.90 33.07
C GLU A 209 64.39 5.42 33.34
N VAL A 210 63.47 5.05 34.22
CA VAL A 210 63.29 3.67 34.61
C VAL A 210 61.82 3.33 34.59
N GLY A 211 61.53 2.14 34.06
CA GLY A 211 60.21 1.58 34.02
C GLY A 211 60.24 0.18 34.61
N ILE A 212 59.16 -0.17 35.31
CA ILE A 212 59.04 -1.51 35.90
C ILE A 212 57.72 -2.14 35.50
N CYS A 213 57.74 -3.46 35.56
CA CYS A 213 56.61 -4.27 35.16
C CYS A 213 56.47 -5.45 36.10
N ASN A 214 55.35 -5.53 36.80
CA ASN A 214 55.02 -6.68 37.66
C ASN A 214 53.53 -7.05 37.56
N GLU A 215 53.10 -7.98 38.40
CA GLU A 215 51.70 -8.33 38.55
C GLU A 215 50.79 -7.10 38.63
N ALA A 216 51.18 -6.02 39.32
CA ALA A 216 50.35 -4.81 39.36
C ALA A 216 50.25 -4.04 38.03
N GLY A 217 51.09 -4.34 37.04
CA GLY A 217 51.11 -3.60 35.79
C GLY A 217 52.43 -2.89 35.51
N PHE A 218 52.44 -2.11 34.45
CA PHE A 218 53.60 -1.39 34.01
C PHE A 218 53.50 0.05 34.42
N ARG A 219 54.61 0.64 34.87
CA ARG A 219 54.67 2.08 35.13
C ARG A 219 56.12 2.58 35.12
N ARG A 220 56.28 3.86 34.81
CA ARG A 220 57.55 4.54 35.00
C ARG A 220 57.74 4.78 36.47
N LEU A 221 58.99 4.67 36.93
CA LEU A 221 59.36 5.16 38.23
C LEU A 221 59.38 6.68 38.18
N THR A 222 59.09 7.27 39.32
CA THR A 222 59.03 8.69 39.44
C THR A 222 60.47 9.19 39.75
N PRO A 223 60.77 10.45 39.40
CA PRO A 223 62.04 11.05 39.80
C PRO A 223 62.45 10.74 41.24
N THR A 224 61.55 10.98 42.20
CA THR A 224 61.85 10.72 43.63
C THR A 224 62.21 9.24 43.88
N GLU A 225 61.61 8.33 43.14
CA GLU A 225 61.93 6.91 43.26
C GLU A 225 63.29 6.57 42.68
N VAL A 226 63.60 7.14 41.51
CA VAL A 226 64.89 6.97 40.87
C VAL A 226 66.00 7.59 41.72
N LYS A 227 65.74 8.79 42.27
CA LYS A 227 66.64 9.46 43.25
C LYS A 227 67.10 8.50 44.34
N ASP A 228 66.13 7.76 44.89
CA ASP A 228 66.34 6.77 45.99
C ASP A 228 67.24 5.59 45.60
N TYR A 229 66.99 4.99 44.45
CA TYR A 229 67.87 3.93 43.94
C TYR A 229 69.29 4.45 43.63
N LEU A 230 69.39 5.69 43.16
CA LEU A 230 70.68 6.33 42.86
C LEU A 230 71.54 6.68 44.06
N ALA A 231 70.95 6.80 45.25
CA ALA A 231 71.77 7.16 46.41
C ALA A 231 72.90 6.12 46.73
N ALA A 232 72.56 4.83 46.61
CA ALA A 232 73.52 3.68 46.68
C ALA A 232 74.56 3.69 45.54
N ILE A 233 74.14 4.13 44.35
CA ILE A 233 74.96 4.24 43.13
C ILE A 233 75.37 5.70 42.94
N SER B 2 60.21 7.26 -9.42
CA SER B 2 61.52 7.89 -9.89
C SER B 2 62.54 6.83 -10.31
N ARG B 3 62.97 7.06 -11.53
CA ARG B 3 63.69 6.07 -12.28
C ARG B 3 65.12 6.02 -11.84
N ARG B 4 65.63 7.11 -11.34
CA ARG B 4 67.01 7.23 -10.88
C ARG B 4 67.23 6.33 -9.68
N TYR B 5 66.25 6.24 -8.80
CA TYR B 5 66.48 5.54 -7.54
C TYR B 5 65.97 4.13 -7.57
N ASP B 6 65.29 3.72 -8.63
CA ASP B 6 64.70 2.37 -8.68
C ASP B 6 65.82 1.38 -8.96
N SER B 7 65.98 0.42 -8.06
CA SER B 7 67.04 -0.58 -8.29
C SER B 7 66.57 -1.73 -9.20
N ARG B 8 65.29 -1.80 -9.53
CA ARG B 8 64.79 -2.73 -10.55
C ARG B 8 64.96 -4.20 -10.18
N THR B 9 64.34 -4.56 -9.09
CA THR B 9 64.47 -5.86 -8.52
C THR B 9 63.79 -6.96 -9.34
N THR B 10 62.90 -6.63 -10.28
CA THR B 10 62.15 -7.66 -10.99
C THR B 10 62.39 -7.64 -12.48
N ILE B 11 63.65 -7.45 -12.90
CA ILE B 11 64.02 -7.51 -14.31
C ILE B 11 65.06 -8.58 -14.58
N PHE B 12 65.09 -9.11 -15.79
CA PHE B 12 66.18 -9.97 -16.20
C PHE B 12 67.50 -9.28 -16.35
N SER B 13 68.56 -10.00 -16.02
CA SER B 13 69.93 -9.67 -16.41
C SER B 13 70.26 -10.19 -17.82
N PRO B 14 71.44 -9.85 -18.38
CA PRO B 14 71.73 -10.35 -19.72
C PRO B 14 71.87 -11.86 -19.94
N GLU B 15 72.01 -12.68 -18.89
CA GLU B 15 72.04 -14.15 -19.10
C GLU B 15 70.71 -14.84 -18.84
N GLY B 16 69.64 -14.07 -18.65
CA GLY B 16 68.34 -14.61 -18.28
C GLY B 16 68.27 -14.91 -16.80
N ARG B 17 69.00 -14.13 -16.00
CA ARG B 17 69.06 -14.35 -14.56
C ARG B 17 68.31 -13.27 -13.80
N LEU B 18 67.92 -13.66 -12.61
CA LEU B 18 67.21 -12.79 -11.70
C LEU B 18 68.13 -12.60 -10.50
N TYR B 19 68.91 -11.51 -10.55
CA TYR B 19 69.93 -11.29 -9.54
C TYR B 19 69.41 -11.27 -8.10
N GLN B 20 68.30 -10.60 -7.84
CA GLN B 20 67.76 -10.55 -6.46
C GLN B 20 67.45 -11.93 -5.88
N VAL B 21 66.92 -12.82 -6.71
CA VAL B 21 66.69 -14.20 -6.30
C VAL B 21 68.03 -14.89 -5.95
N GLU B 22 69.01 -14.78 -6.85
CA GLU B 22 70.34 -15.38 -6.60
C GLU B 22 70.91 -14.85 -5.30
N TYR B 23 70.81 -13.54 -5.12
CA TYR B 23 71.42 -12.89 -3.97
C TYR B 23 70.73 -13.30 -2.70
N ALA B 24 69.42 -13.47 -2.78
CA ALA B 24 68.66 -14.00 -1.67
C ALA B 24 69.08 -15.45 -1.33
N MET B 25 69.34 -16.25 -2.35
CA MET B 25 69.86 -17.60 -2.14
CA MET B 25 69.86 -17.60 -2.14
C MET B 25 71.23 -17.60 -1.41
N GLU B 26 72.05 -16.56 -1.59
CA GLU B 26 73.30 -16.40 -0.80
C GLU B 26 73.02 -16.12 0.67
N ALA B 27 72.03 -15.29 0.94
CA ALA B 27 71.59 -15.05 2.30
C ALA B 27 71.23 -16.37 3.03
N ILE B 28 70.50 -17.21 2.32
CA ILE B 28 70.04 -18.47 2.85
C ILE B 28 71.19 -19.43 3.14
N GLY B 29 72.15 -19.50 2.22
CA GLY B 29 73.33 -20.29 2.40
C GLY B 29 74.10 -20.03 3.69
N HIS B 30 74.01 -18.81 4.22
CA HIS B 30 74.66 -18.45 5.49
C HIS B 30 73.81 -18.72 6.70
N ALA B 31 72.50 -18.90 6.53
CA ALA B 31 71.62 -19.17 7.66
C ALA B 31 71.84 -20.58 8.29
N GLY B 32 71.20 -20.79 9.44
CA GLY B 32 71.29 -22.05 10.18
C GLY B 32 70.98 -23.24 9.30
N THR B 33 71.71 -24.32 9.50
CA THR B 33 71.47 -25.53 8.70
C THR B 33 70.11 -26.13 9.12
N CYS B 34 69.39 -26.64 8.14
CA CYS B 34 68.06 -27.12 8.37
C CYS B 34 67.78 -28.32 7.47
N LEU B 35 67.56 -29.49 8.07
CA LEU B 35 67.35 -30.71 7.28
C LEU B 35 66.00 -31.38 7.53
N GLY B 36 65.58 -32.16 6.54
CA GLY B 36 64.33 -32.86 6.55
C GLY B 36 64.55 -34.26 6.08
N ILE B 37 63.98 -35.23 6.80
CA ILE B 37 64.07 -36.64 6.44
C ILE B 37 62.72 -37.36 6.49
N LEU B 38 62.36 -37.99 5.37
CA LEU B 38 61.19 -38.84 5.24
C LEU B 38 61.46 -40.30 5.64
N ALA B 39 60.53 -40.83 6.42
CA ALA B 39 60.55 -42.23 6.85
C ALA B 39 59.23 -42.92 6.50
N ASN B 40 59.19 -44.22 6.75
CA ASN B 40 57.98 -45.03 6.56
C ASN B 40 56.90 -44.75 7.56
N ASP B 41 57.28 -44.47 8.80
CA ASP B 41 56.32 -44.14 9.84
C ASP B 41 56.32 -42.68 10.26
N GLY B 42 56.80 -41.77 9.42
CA GLY B 42 56.81 -40.38 9.80
C GLY B 42 57.84 -39.54 9.09
N VAL B 43 57.93 -38.28 9.52
CA VAL B 43 58.81 -37.29 8.91
C VAL B 43 59.36 -36.40 10.00
N LEU B 44 60.57 -35.90 9.79
CA LEU B 44 61.22 -35.02 10.76
C LEU B 44 61.87 -33.81 10.14
N LEU B 45 62.02 -32.80 11.00
CA LEU B 45 62.83 -31.62 10.76
C LEU B 45 63.85 -31.54 11.87
N ALA B 46 65.09 -31.27 11.50
CA ALA B 46 66.16 -30.96 12.44
C ALA B 46 66.86 -29.67 12.01
N ALA B 47 66.99 -28.73 12.94
CA ALA B 47 67.56 -27.41 12.61
C ALA B 47 68.57 -26.96 13.64
N GLU B 48 69.64 -26.36 13.15
CA GLU B 48 70.59 -25.59 13.94
C GLU B 48 69.94 -24.36 14.54
N ARG B 49 70.03 -24.20 15.83
CA ARG B 49 69.62 -22.96 16.45
C ARG B 49 70.69 -21.90 16.34
N ARG B 50 70.27 -20.68 16.01
CA ARG B 50 71.14 -19.51 16.14
C ARG B 50 70.92 -18.76 17.47
N ASN B 51 69.69 -18.74 17.98
CA ASN B 51 69.40 -18.20 19.34
C ASN B 51 70.02 -19.05 20.48
N ILE B 52 71.35 -18.94 20.64
CA ILE B 52 72.15 -19.72 21.62
C ILE B 52 72.87 -18.91 22.73
N HIS B 53 72.81 -17.58 22.70
CA HIS B 53 73.43 -16.76 23.77
C HIS B 53 72.83 -17.11 25.13
N LYS B 54 73.66 -17.04 26.16
CA LYS B 54 73.33 -17.57 27.48
C LYS B 54 72.12 -16.85 28.07
N LEU B 55 72.13 -15.52 27.98
CA LEU B 55 71.05 -14.67 28.48
C LEU B 55 69.69 -14.67 27.74
N LEU B 56 69.54 -15.43 26.66
CA LEU B 56 68.23 -15.61 26.03
C LEU B 56 67.22 -16.33 26.95
N ASP B 57 65.90 -16.09 26.76
CA ASP B 57 64.87 -16.54 27.73
C ASP B 57 64.00 -17.73 27.41
N GLU B 58 63.92 -18.20 26.18
CA GLU B 58 63.23 -19.54 25.98
C GLU B 58 61.74 -19.54 26.42
N VAL B 59 60.91 -19.04 25.52
CA VAL B 59 59.53 -18.68 25.79
C VAL B 59 58.57 -19.38 24.83
N PHE B 60 58.98 -19.68 23.61
CA PHE B 60 58.12 -20.46 22.71
C PHE B 60 58.55 -21.90 22.70
N PHE B 61 57.76 -22.75 22.05
CA PHE B 61 58.06 -24.18 21.97
C PHE B 61 59.17 -24.51 20.95
N SER B 62 59.46 -23.59 20.02
CA SER B 62 60.65 -23.72 19.16
C SER B 62 61.09 -22.35 18.63
N GLU B 63 62.22 -22.34 17.93
CA GLU B 63 62.84 -21.17 17.35
C GLU B 63 62.48 -21.05 15.88
N LYS B 64 62.59 -22.16 15.13
CA LYS B 64 62.44 -22.17 13.67
C LYS B 64 61.50 -23.29 13.18
N ILE B 65 60.79 -23.97 14.07
CA ILE B 65 59.79 -24.99 13.65
C ILE B 65 58.39 -24.36 13.78
N TYR B 66 57.62 -24.34 12.71
CA TYR B 66 56.30 -23.72 12.75
C TYR B 66 55.23 -24.75 12.39
N LYS B 67 54.20 -24.84 13.23
CA LYS B 67 53.01 -25.60 12.88
C LYS B 67 52.21 -24.81 11.84
N LEU B 68 51.77 -25.45 10.76
CA LEU B 68 51.00 -24.77 9.68
C LEU B 68 49.46 -24.97 9.74
N ASN B 69 49.07 -26.18 10.11
CA ASN B 69 47.69 -26.61 10.37
C ASN B 69 47.80 -27.96 11.10
N GLU B 70 46.69 -28.70 11.19
CA GLU B 70 46.61 -29.97 11.91
C GLU B 70 47.60 -31.04 11.42
N ASP B 71 47.87 -31.06 10.12
CA ASP B 71 48.63 -32.11 9.50
C ASP B 71 49.99 -31.70 8.95
N MET B 72 50.49 -30.50 9.26
CA MET B 72 51.69 -29.99 8.57
C MET B 72 52.48 -29.03 9.44
N ALA B 73 53.80 -29.07 9.27
CA ALA B 73 54.72 -28.11 9.88
C ALA B 73 55.83 -27.74 8.90
N CYS B 74 56.57 -26.70 9.26
CA CYS B 74 57.68 -26.29 8.45
C CYS B 74 58.84 -25.79 9.28
N SER B 75 59.99 -25.74 8.62
CA SER B 75 61.14 -24.98 9.13
C SER B 75 61.74 -24.10 8.02
N VAL B 76 62.59 -23.17 8.44
CA VAL B 76 63.03 -22.10 7.57
C VAL B 76 64.55 -21.82 7.73
N ALA B 77 65.14 -21.27 6.68
CA ALA B 77 66.48 -20.80 6.70
C ALA B 77 66.47 -19.52 5.90
N GLY B 78 67.02 -18.46 6.47
CA GLY B 78 67.04 -17.15 5.83
C GLY B 78 66.64 -16.02 6.77
N ILE B 79 66.05 -14.97 6.23
CA ILE B 79 65.68 -13.79 7.01
C ILE B 79 64.45 -14.16 7.85
N THR B 80 64.58 -14.02 9.16
CA THR B 80 63.58 -14.50 10.09
C THR B 80 62.23 -13.76 9.97
N SER B 81 62.29 -12.45 9.92
CA SER B 81 61.12 -11.61 9.76
C SER B 81 60.40 -11.96 8.45
N ASP B 82 61.16 -12.18 7.38
CA ASP B 82 60.54 -12.68 6.14
C ASP B 82 59.84 -14.03 6.33
N ALA B 83 60.48 -14.95 7.08
CA ALA B 83 59.89 -16.22 7.36
C ALA B 83 58.56 -16.12 8.17
N ASN B 84 58.47 -15.15 9.07
CA ASN B 84 57.25 -14.87 9.84
C ASN B 84 56.08 -14.41 8.95
N VAL B 85 56.35 -13.56 7.96
CA VAL B 85 55.33 -13.18 6.97
C VAL B 85 54.86 -14.41 6.20
N LEU B 86 55.79 -15.23 5.70
CA LEU B 86 55.42 -16.39 4.88
C LEU B 86 54.63 -17.48 5.65
N THR B 87 55.00 -17.73 6.92
CA THR B 87 54.40 -18.79 7.68
C THR B 87 53.04 -18.35 8.12
N ASN B 88 52.88 -17.06 8.40
CA ASN B 88 51.56 -16.51 8.58
C ASN B 88 50.67 -16.65 7.33
N GLU B 89 51.23 -16.37 6.16
CA GLU B 89 50.47 -16.59 4.92
C GLU B 89 50.14 -18.08 4.69
N LEU B 90 51.05 -19.00 5.01
CA LEU B 90 50.76 -20.43 4.88
C LEU B 90 49.53 -20.85 5.73
N ARG B 91 49.43 -20.34 6.94
CA ARG B 91 48.34 -20.66 7.85
C ARG B 91 47.00 -20.16 7.30
N LEU B 92 46.99 -18.93 6.80
CA LEU B 92 45.85 -18.35 6.13
CA LEU B 92 45.82 -18.38 6.15
C LEU B 92 45.35 -19.22 4.94
N ILE B 93 46.27 -19.58 4.04
CA ILE B 93 45.91 -20.39 2.87
C ILE B 93 45.27 -21.71 3.28
N ALA B 94 45.85 -22.35 4.29
CA ALA B 94 45.41 -23.65 4.74
C ALA B 94 43.99 -23.55 5.34
N GLN B 95 43.70 -22.49 6.08
CA GLN B 95 42.34 -22.25 6.61
C GLN B 95 41.34 -21.83 5.52
N ARG B 96 41.80 -21.10 4.49
CA ARG B 96 40.90 -20.78 3.35
C ARG B 96 40.48 -22.05 2.65
N TYR B 97 41.42 -22.94 2.44
CA TYR B 97 41.11 -24.22 1.86
C TYR B 97 40.12 -25.00 2.74
N LEU B 98 40.39 -25.07 4.05
CA LEU B 98 39.54 -25.85 4.98
C LEU B 98 38.11 -25.26 5.02
N LEU B 99 38.01 -23.92 5.05
CA LEU B 99 36.73 -23.22 4.99
C LEU B 99 35.90 -23.67 3.78
N GLN B 100 36.54 -23.64 2.61
CA GLN B 100 35.90 -23.92 1.33
C GLN B 100 35.50 -25.38 1.11
N TYR B 101 36.42 -26.28 1.41
CA TYR B 101 36.25 -27.72 1.14
C TYR B 101 35.90 -28.59 2.34
N GLN B 102 36.10 -28.06 3.55
CA GLN B 102 35.88 -28.81 4.82
C GLN B 102 36.72 -30.07 4.87
N GLU B 103 37.94 -29.94 4.40
CA GLU B 103 38.95 -30.98 4.51
C GLU B 103 40.30 -30.26 4.48
N PRO B 104 41.32 -30.84 5.11
CA PRO B 104 42.66 -30.16 5.10
C PRO B 104 43.28 -30.01 3.71
N ILE B 105 44.04 -28.96 3.52
CA ILE B 105 44.77 -28.75 2.23
C ILE B 105 45.84 -29.82 2.03
N PRO B 106 45.83 -30.54 0.88
CA PRO B 106 46.92 -31.45 0.61
C PRO B 106 48.24 -30.71 0.57
N CYS B 107 49.28 -31.36 1.09
CA CYS B 107 50.58 -30.73 1.30
C CYS B 107 51.14 -29.95 0.10
N GLU B 108 51.16 -30.59 -1.07
CA GLU B 108 51.72 -29.99 -2.25
C GLU B 108 50.95 -28.78 -2.70
N GLN B 109 49.62 -28.81 -2.47
CA GLN B 109 48.79 -27.65 -2.75
C GLN B 109 49.12 -26.45 -1.89
N LEU B 110 49.46 -26.65 -0.62
CA LEU B 110 49.83 -25.52 0.23
C LEU B 110 51.15 -24.89 -0.25
N VAL B 111 52.13 -25.75 -0.52
CA VAL B 111 53.45 -25.35 -0.99
C VAL B 111 53.35 -24.52 -2.29
N THR B 112 52.61 -25.05 -3.26
CA THR B 112 52.41 -24.39 -4.54
C THR B 112 51.74 -23.04 -4.41
N ALA B 113 50.72 -22.93 -3.55
CA ALA B 113 50.07 -21.66 -3.34
C ALA B 113 51.05 -20.61 -2.83
N LEU B 114 51.93 -20.99 -1.90
CA LEU B 114 52.88 -19.98 -1.38
C LEU B 114 53.92 -19.66 -2.45
N CYS B 115 54.38 -20.68 -3.14
CA CYS B 115 55.39 -20.49 -4.19
C CYS B 115 54.90 -19.56 -5.31
N ASP B 116 53.57 -19.50 -5.54
CA ASP B 116 53.01 -18.54 -6.50
C ASP B 116 53.12 -17.08 -6.02
N ILE B 117 53.01 -16.88 -4.72
CA ILE B 117 53.25 -15.57 -4.11
C ILE B 117 54.72 -15.16 -4.32
N LYS B 118 55.62 -16.07 -3.99
CA LYS B 118 57.08 -15.82 -4.16
C LYS B 118 57.40 -15.55 -5.60
N GLN B 119 56.83 -16.33 -6.52
CA GLN B 119 57.06 -16.13 -7.95
C GLN B 119 56.65 -14.73 -8.38
N ALA B 120 55.49 -14.25 -7.92
CA ALA B 120 55.02 -12.92 -8.25
C ALA B 120 56.01 -11.81 -7.87
N TYR B 121 56.61 -11.95 -6.69
CA TYR B 121 57.60 -11.01 -6.20
C TYR B 121 58.85 -10.91 -7.09
N THR B 122 59.10 -11.91 -7.94
CA THR B 122 60.20 -11.93 -8.91
C THR B 122 59.83 -11.42 -10.30
N GLN B 123 58.52 -11.22 -10.54
CA GLN B 123 58.02 -10.87 -11.88
C GLN B 123 57.39 -9.49 -11.98
N PHE B 124 56.67 -9.07 -10.93
CA PHE B 124 56.15 -7.71 -10.87
C PHE B 124 56.20 -7.13 -9.46
N GLY B 125 55.96 -5.82 -9.37
CA GLY B 125 55.85 -5.10 -8.11
C GLY B 125 57.07 -4.32 -7.68
N GLY B 126 58.22 -4.53 -8.31
CA GLY B 126 59.44 -3.75 -7.96
C GLY B 126 59.97 -3.90 -6.51
N LYS B 127 59.58 -5.00 -5.84
CA LYS B 127 59.99 -5.26 -4.46
C LYS B 127 61.12 -6.32 -4.40
N ARG B 128 61.89 -6.26 -3.31
CA ARG B 128 62.85 -7.32 -3.01
C ARG B 128 62.10 -8.60 -2.74
N PRO B 129 62.65 -9.74 -3.18
CA PRO B 129 62.04 -11.00 -2.79
C PRO B 129 62.22 -11.30 -1.29
N PHE B 130 61.53 -12.35 -0.84
CA PHE B 130 61.59 -12.85 0.50
C PHE B 130 62.87 -13.69 0.61
N GLY B 131 63.66 -13.47 1.65
CA GLY B 131 64.94 -14.17 1.80
C GLY B 131 64.83 -15.46 2.58
N VAL B 132 64.02 -16.39 2.07
CA VAL B 132 63.65 -17.60 2.81
C VAL B 132 63.59 -18.83 1.90
N SER B 133 64.15 -19.91 2.42
CA SER B 133 63.83 -21.23 1.92
C SER B 133 63.13 -21.97 3.04
N LEU B 134 62.26 -22.89 2.66
CA LEU B 134 61.40 -23.58 3.61
C LEU B 134 61.50 -25.05 3.37
N LEU B 135 61.48 -25.81 4.46
CA LEU B 135 61.25 -27.25 4.41
C LEU B 135 59.86 -27.50 5.02
N TYR B 136 59.04 -28.25 4.32
CA TYR B 136 57.65 -28.53 4.73
C TYR B 136 57.51 -30.04 4.95
N ILE B 137 56.97 -30.44 6.11
CA ILE B 137 56.62 -31.83 6.42
C ILE B 137 55.12 -31.95 6.67
N GLY B 138 54.56 -33.11 6.35
CA GLY B 138 53.12 -33.25 6.40
C GLY B 138 52.64 -34.63 6.08
N TRP B 139 51.36 -34.85 6.39
CA TRP B 139 50.62 -36.03 5.99
C TRP B 139 49.31 -35.59 5.28
N ASP B 140 48.97 -36.24 4.19
CA ASP B 140 47.63 -36.13 3.64
C ASP B 140 47.15 -37.48 3.11
N LYS B 141 45.88 -37.53 2.81
CA LYS B 141 45.26 -38.79 2.38
C LYS B 141 45.57 -39.15 0.95
N HIS B 142 46.22 -38.27 0.17
CA HIS B 142 46.58 -38.59 -1.21
C HIS B 142 47.96 -39.23 -1.35
N TYR B 143 48.97 -38.67 -0.66
CA TYR B 143 50.34 -39.21 -0.76
C TYR B 143 51.03 -39.47 0.60
N GLY B 144 50.24 -39.55 1.68
CA GLY B 144 50.76 -39.86 3.01
C GLY B 144 51.84 -38.88 3.47
N PHE B 145 52.91 -39.43 4.06
CA PHE B 145 53.99 -38.64 4.60
C PHE B 145 54.77 -37.99 3.47
N GLN B 146 55.01 -36.70 3.60
CA GLN B 146 55.64 -35.90 2.56
C GLN B 146 56.60 -34.88 3.14
N LEU B 147 57.60 -34.57 2.32
CA LEU B 147 58.61 -33.56 2.61
C LEU B 147 58.83 -32.69 1.35
N TYR B 148 58.73 -31.38 1.49
CA TYR B 148 58.88 -30.44 0.38
C TYR B 148 59.92 -29.40 0.72
N GLN B 149 60.52 -28.84 -0.32
CA GLN B 149 61.45 -27.73 -0.18
C GLN B 149 61.04 -26.64 -1.14
N SER B 150 61.04 -25.40 -0.68
CA SER B 150 60.81 -24.24 -1.59
C SER B 150 61.87 -23.14 -1.35
N ASP B 151 62.13 -22.35 -2.38
CA ASP B 151 63.11 -21.28 -2.29
C ASP B 151 62.62 -19.95 -2.88
N PRO B 152 63.43 -18.87 -2.76
CA PRO B 152 62.93 -17.57 -3.16
C PRO B 152 62.54 -17.37 -4.60
N SER B 153 62.97 -18.23 -5.50
CA SER B 153 62.48 -18.18 -6.89
C SER B 153 61.02 -18.55 -7.05
N GLY B 154 60.40 -19.11 -6.01
CA GLY B 154 59.06 -19.72 -6.14
C GLY B 154 59.11 -21.14 -6.67
N ASN B 155 60.29 -21.73 -6.77
CA ASN B 155 60.45 -23.16 -7.12
C ASN B 155 60.35 -24.06 -5.93
N TYR B 156 59.83 -25.26 -6.14
CA TYR B 156 59.79 -26.26 -5.06
C TYR B 156 59.98 -27.64 -5.60
N GLY B 157 60.26 -28.56 -4.69
CA GLY B 157 60.22 -29.96 -5.03
C GLY B 157 59.96 -30.85 -3.82
N GLY B 158 59.54 -32.09 -4.14
CA GLY B 158 59.41 -33.13 -3.17
C GLY B 158 60.75 -33.84 -3.02
N TRP B 159 61.04 -34.25 -1.79
CA TRP B 159 62.28 -34.94 -1.44
C TRP B 159 62.02 -36.03 -0.41
N LYS B 160 62.86 -37.04 -0.45
CA LYS B 160 62.92 -38.06 0.60
C LYS B 160 63.88 -37.63 1.72
N ALA B 161 64.88 -36.84 1.36
CA ALA B 161 65.73 -36.17 2.34
C ALA B 161 66.40 -35.01 1.67
N THR B 162 66.55 -33.92 2.43
CA THR B 162 67.16 -32.71 1.89
C THR B 162 67.63 -31.80 3.00
N CYS B 163 68.34 -30.76 2.59
CA CYS B 163 68.96 -29.81 3.53
C CYS B 163 69.08 -28.43 2.91
N ILE B 164 68.87 -27.42 3.73
CA ILE B 164 69.02 -26.04 3.31
C ILE B 164 69.83 -25.29 4.37
N GLY B 165 70.35 -24.14 4.00
CA GLY B 165 71.18 -23.36 4.90
C GLY B 165 72.63 -23.77 4.86
N ASN B 166 73.32 -23.47 5.97
CA ASN B 166 74.77 -23.66 6.01
C ASN B 166 75.21 -25.13 5.77
N ASN B 167 76.20 -25.27 4.89
CA ASN B 167 76.79 -26.57 4.53
C ASN B 167 75.83 -27.60 3.92
N SER B 168 74.81 -27.11 3.22
CA SER B 168 73.81 -27.96 2.60
C SER B 168 74.37 -29.01 1.70
N ALA B 169 75.27 -28.57 0.80
CA ALA B 169 75.89 -29.46 -0.21
C ALA B 169 76.54 -30.65 0.48
N ALA B 170 77.25 -30.38 1.57
CA ALA B 170 77.88 -31.42 2.37
C ALA B 170 76.84 -32.34 3.00
N ALA B 171 75.82 -31.74 3.61
CA ALA B 171 74.75 -32.49 4.25
C ALA B 171 74.10 -33.44 3.25
N VAL B 172 73.76 -32.94 2.06
CA VAL B 172 73.10 -33.76 1.03
C VAL B 172 73.97 -34.92 0.56
N SER B 173 75.29 -34.73 0.45
CA SER B 173 76.20 -35.85 0.15
C SER B 173 76.11 -36.94 1.20
N MET B 174 76.14 -36.56 2.48
CA MET B 174 76.00 -37.53 3.57
C MET B 174 74.65 -38.27 3.55
N LEU B 175 73.57 -37.53 3.26
CA LEU B 175 72.25 -38.12 3.08
C LEU B 175 72.19 -39.10 1.90
N LYS B 176 72.61 -38.67 0.71
CA LYS B 176 72.78 -39.55 -0.47
C LYS B 176 73.40 -40.91 -0.12
N GLN B 177 74.34 -40.88 0.80
CA GLN B 177 75.10 -42.04 1.07
C GLN B 177 74.48 -42.93 2.10
N ASP B 178 73.85 -42.36 3.10
CA ASP B 178 73.28 -43.14 4.20
C ASP B 178 71.80 -43.46 4.09
N TYR B 179 71.04 -42.71 3.30
CA TYR B 179 69.60 -42.85 3.29
C TYR B 179 69.19 -44.14 2.52
N LYS B 180 68.34 -44.96 3.15
CA LYS B 180 67.84 -46.19 2.53
C LYS B 180 66.42 -45.97 2.03
N GLU B 181 66.24 -45.74 0.72
CA GLU B 181 64.89 -45.52 0.16
C GLU B 181 63.94 -46.69 0.50
N GLY B 182 62.72 -46.37 0.93
CA GLY B 182 61.75 -47.39 1.34
C GLY B 182 62.04 -48.15 2.64
N GLU B 183 63.18 -47.94 3.28
CA GLU B 183 63.60 -48.76 4.42
C GLU B 183 63.91 -47.95 5.70
N MET B 184 63.61 -46.65 5.72
CA MET B 184 63.89 -45.80 6.91
C MET B 184 62.74 -45.83 7.90
N THR B 185 63.08 -45.79 9.18
CA THR B 185 62.11 -45.58 10.25
C THR B 185 62.41 -44.21 10.82
N LEU B 186 61.48 -43.70 11.61
CA LEU B 186 61.66 -42.44 12.30
C LEU B 186 62.88 -42.51 13.23
N LYS B 187 63.07 -43.67 13.84
CA LYS B 187 64.20 -43.92 14.73
C LYS B 187 65.55 -43.88 13.99
N SER B 188 65.63 -44.46 12.80
CA SER B 188 66.85 -44.44 12.02
C SER B 188 67.08 -43.06 11.36
N ALA B 189 66.00 -42.39 10.93
CA ALA B 189 66.08 -41.05 10.35
C ALA B 189 66.58 -40.04 11.39
N LEU B 190 66.12 -40.19 12.63
CA LEU B 190 66.62 -39.43 13.75
C LEU B 190 68.12 -39.61 13.94
N ALA B 191 68.58 -40.86 13.87
CA ALA B 191 70.01 -41.16 13.95
C ALA B 191 70.80 -40.49 12.83
N LEU B 192 70.30 -40.61 11.61
CA LEU B 192 70.93 -39.99 10.44
C LEU B 192 70.99 -38.46 10.56
N ALA B 193 69.89 -37.86 11.02
CA ALA B 193 69.82 -36.41 11.20
C ALA B 193 70.92 -35.91 12.11
N ILE B 194 71.12 -36.59 13.25
CA ILE B 194 72.17 -36.19 14.20
C ILE B 194 73.56 -36.36 13.61
N LYS B 195 73.75 -37.49 12.92
CA LYS B 195 74.99 -37.75 12.21
C LYS B 195 75.29 -36.60 11.26
N VAL B 196 74.30 -36.20 10.47
CA VAL B 196 74.50 -35.13 9.50
C VAL B 196 74.84 -33.80 10.18
N LEU B 197 74.08 -33.41 11.20
CA LEU B 197 74.32 -32.14 11.91
C LEU B 197 75.69 -32.09 12.57
N ASN B 198 76.11 -33.22 13.11
CA ASN B 198 77.38 -33.35 13.77
C ASN B 198 78.56 -33.01 12.83
N LYS B 199 78.50 -33.50 11.60
CA LYS B 199 79.48 -33.19 10.57
C LYS B 199 79.37 -31.75 10.08
N THR B 200 78.16 -31.26 9.83
CA THR B 200 77.94 -29.94 9.23
C THR B 200 77.90 -28.72 10.17
N MET B 201 77.83 -28.95 11.48
CA MET B 201 78.08 -27.88 12.43
C MET B 201 79.54 -28.02 12.85
N ASP B 202 80.49 -27.86 11.90
CA ASP B 202 81.94 -28.05 12.14
C ASP B 202 82.59 -26.90 12.91
N VAL B 203 81.78 -26.04 13.55
CA VAL B 203 82.22 -25.00 14.52
C VAL B 203 81.10 -24.75 15.61
N SER B 204 80.93 -25.63 16.62
CA SER B 204 81.82 -26.77 16.96
C SER B 204 81.10 -27.99 17.61
N LYS B 205 81.48 -28.41 18.84
CA LYS B 205 81.08 -29.73 19.43
C LYS B 205 79.56 -29.81 19.80
N LEU B 206 78.83 -30.74 19.16
CA LEU B 206 77.35 -30.68 19.08
C LEU B 206 76.58 -30.90 20.40
N SER B 207 75.65 -30.00 20.65
CA SER B 207 74.97 -29.89 21.94
C SER B 207 73.46 -29.84 21.68
N ALA B 208 72.67 -30.28 22.65
CA ALA B 208 71.21 -30.23 22.53
C ALA B 208 70.66 -28.80 22.48
N GLU B 209 71.22 -27.93 23.33
CA GLU B 209 70.94 -26.49 23.27
C GLU B 209 71.12 -25.89 21.84
N LYS B 210 71.98 -26.49 21.01
CA LYS B 210 72.29 -25.99 19.65
C LYS B 210 71.42 -26.53 18.50
N VAL B 211 70.49 -27.46 18.79
CA VAL B 211 69.58 -28.00 17.77
C VAL B 211 68.12 -28.13 18.22
N GLU B 212 67.27 -28.31 17.22
CA GLU B 212 65.83 -28.46 17.41
C GLU B 212 65.39 -29.56 16.48
N ILE B 213 64.66 -30.52 17.00
CA ILE B 213 64.10 -31.58 16.20
C ILE B 213 62.59 -31.59 16.41
N ALA B 214 61.84 -31.75 15.33
CA ALA B 214 60.42 -31.99 15.38
C ALA B 214 60.12 -33.23 14.57
N THR B 215 59.16 -34.02 15.04
CA THR B 215 58.68 -35.15 14.27
C THR B 215 57.17 -35.01 14.01
N LEU B 216 56.73 -35.73 12.97
CA LEU B 216 55.35 -35.76 12.50
C LEU B 216 55.02 -37.21 12.17
N THR B 217 54.03 -37.74 12.88
CA THR B 217 53.61 -39.12 12.83
C THR B 217 52.08 -39.23 12.82
N ARG B 218 51.57 -40.44 12.68
CA ARG B 218 50.13 -40.72 12.69
C ARG B 218 49.82 -41.64 13.84
N GLU B 219 48.81 -41.30 14.65
CA GLU B 219 48.35 -42.14 15.78
C GLU B 219 46.83 -42.11 15.83
N ASN B 220 46.22 -43.27 15.61
CA ASN B 220 44.76 -43.42 15.73
C ASN B 220 43.99 -42.49 14.82
N GLY B 221 44.45 -42.37 13.57
CA GLY B 221 43.84 -41.52 12.57
C GLY B 221 44.01 -40.02 12.76
N LYS B 222 45.03 -39.62 13.51
CA LYS B 222 45.27 -38.23 13.83
C LYS B 222 46.79 -37.97 13.64
N THR B 223 47.14 -36.80 13.09
CA THR B 223 48.54 -36.41 12.93
C THR B 223 49.08 -35.86 14.25
N VAL B 224 50.25 -36.35 14.68
CA VAL B 224 50.90 -35.81 15.88
C VAL B 224 52.17 -35.11 15.45
N ILE B 225 52.32 -33.87 15.89
CA ILE B 225 53.45 -33.03 15.55
C ILE B 225 54.05 -32.64 16.88
N ARG B 226 55.32 -32.96 17.10
CA ARG B 226 55.94 -32.73 18.41
C ARG B 226 57.40 -32.26 18.28
N VAL B 227 57.78 -31.30 19.12
CA VAL B 227 59.15 -30.84 19.22
C VAL B 227 59.78 -31.62 20.35
N LEU B 228 60.85 -32.38 20.06
CA LEU B 228 61.50 -33.21 21.07
C LEU B 228 62.02 -32.35 22.23
N LYS B 229 61.84 -32.85 23.44
CA LYS B 229 62.39 -32.19 24.63
C LYS B 229 63.90 -32.47 24.65
N GLN B 230 64.62 -31.62 25.37
CA GLN B 230 66.10 -31.63 25.36
C GLN B 230 66.72 -32.90 25.89
N LYS B 231 66.02 -33.54 26.83
CA LYS B 231 66.40 -34.84 27.34
C LYS B 231 66.51 -35.86 26.19
N GLU B 232 65.53 -35.85 25.31
CA GLU B 232 65.54 -36.79 24.19
C GLU B 232 66.63 -36.47 23.16
N VAL B 233 66.89 -35.19 22.93
CA VAL B 233 67.95 -34.76 22.00
C VAL B 233 69.33 -35.19 22.55
N GLU B 234 69.61 -34.90 23.82
CA GLU B 234 70.84 -35.39 24.49
C GLU B 234 71.02 -36.91 24.37
N GLN B 235 69.96 -37.66 24.64
CA GLN B 235 69.96 -39.12 24.51
C GLN B 235 70.34 -39.53 23.09
N LEU B 236 69.77 -38.89 22.07
CA LEU B 236 70.13 -39.23 20.70
C LEU B 236 71.60 -38.89 20.37
N ILE B 237 72.09 -37.78 20.91
CA ILE B 237 73.48 -37.35 20.70
C ILE B 237 74.40 -38.36 21.39
N LYS B 238 74.10 -38.70 22.64
CA LYS B 238 74.78 -39.80 23.35
C LYS B 238 74.92 -41.06 22.49
N LYS B 239 73.79 -41.53 21.94
CA LYS B 239 73.76 -42.79 21.15
C LYS B 239 74.62 -42.72 19.87
N HIS B 240 74.61 -41.58 19.20
CA HIS B 240 75.49 -41.32 18.06
C HIS B 240 77.00 -41.36 18.43
N GLU B 241 77.36 -40.86 19.61
CA GLU B 241 78.75 -40.87 20.08
C GLU B 241 79.17 -42.28 20.49
N GLU B 242 78.30 -42.97 21.22
CA GLU B 242 78.47 -44.42 21.49
C GLU B 242 78.66 -45.22 20.18
N GLU B 243 77.90 -44.86 19.15
CA GLU B 243 77.98 -45.56 17.85
C GLU B 243 79.35 -45.40 17.18
N GLU B 244 79.88 -44.18 17.15
CA GLU B 244 81.26 -43.93 16.70
C GLU B 244 82.34 -44.60 17.55
N ALA B 245 82.03 -44.95 18.80
CA ALA B 245 82.92 -45.78 19.64
C ALA B 245 83.16 -47.15 19.03
N LYS B 246 82.13 -47.73 18.43
CA LYS B 246 82.24 -48.99 17.68
C LYS B 246 83.08 -48.89 16.41
N ALA B 247 83.19 -47.67 15.85
CA ALA B 247 83.42 -47.51 14.40
C ALA B 247 84.61 -48.28 13.80
N GLU B 248 85.67 -48.54 14.58
CA GLU B 248 86.91 -49.19 14.10
C GLU B 248 86.89 -50.70 14.45
N ARG B 249 86.70 -50.98 15.73
CA ARG B 249 86.37 -52.33 16.23
C ARG B 249 85.06 -52.30 17.01
N SER C 2 50.98 1.26 -6.58
CA SER C 2 51.45 0.10 -7.38
C SER C 2 52.54 0.44 -8.43
N TYR C 3 53.34 -0.55 -8.76
CA TYR C 3 54.58 -0.33 -9.46
C TYR C 3 54.33 -0.28 -10.97
N ASP C 4 54.61 0.87 -11.59
CA ASP C 4 54.35 1.14 -13.00
C ASP C 4 55.55 1.34 -13.89
N ARG C 5 56.73 1.01 -13.43
CA ARG C 5 57.90 1.14 -14.27
C ARG C 5 57.74 0.43 -15.60
N ALA C 6 58.13 1.08 -16.69
CA ALA C 6 58.23 0.44 -17.99
C ALA C 6 59.49 -0.44 -17.97
N ILE C 7 59.33 -1.74 -18.13
CA ILE C 7 60.40 -2.69 -17.96
C ILE C 7 60.90 -3.17 -19.30
N THR C 8 59.99 -3.54 -20.18
CA THR C 8 60.38 -3.92 -21.51
C THR C 8 60.25 -2.66 -22.38
N VAL C 9 61.38 -2.15 -22.82
CA VAL C 9 61.46 -0.99 -23.72
C VAL C 9 62.37 -1.31 -24.90
N PHE C 10 62.22 -0.52 -25.97
CA PHE C 10 63.10 -0.61 -27.13
C PHE C 10 64.45 -0.03 -26.83
N SER C 11 65.43 -0.63 -27.47
CA SER C 11 66.78 -0.13 -27.54
C SER C 11 67.06 0.35 -28.92
N PRO C 12 68.22 1.05 -29.10
CA PRO C 12 68.62 1.40 -30.45
C PRO C 12 68.61 0.09 -31.30
N ASP C 13 68.23 0.23 -32.58
CA ASP C 13 68.16 -0.90 -33.56
C ASP C 13 66.95 -1.78 -33.47
N GLY C 14 66.05 -1.43 -32.56
CA GLY C 14 64.81 -2.11 -32.44
C GLY C 14 64.81 -3.36 -31.60
N HIS C 15 65.75 -3.51 -30.67
CA HIS C 15 65.80 -4.67 -29.78
C HIS C 15 64.92 -4.44 -28.55
N LEU C 16 64.26 -5.51 -28.10
CA LEU C 16 63.60 -5.54 -26.84
C LEU C 16 64.48 -6.42 -25.92
N PHE C 17 65.42 -5.80 -25.20
CA PHE C 17 66.39 -6.54 -24.38
C PHE C 17 65.80 -7.45 -23.30
N GLN C 18 64.75 -7.05 -22.60
CA GLN C 18 64.11 -7.97 -21.65
C GLN C 18 63.61 -9.27 -22.30
N VAL C 19 63.14 -9.19 -23.54
CA VAL C 19 62.61 -10.35 -24.26
C VAL C 19 63.76 -11.25 -24.70
N GLU C 20 64.82 -10.64 -25.23
CA GLU C 20 66.02 -11.37 -25.57
C GLU C 20 66.59 -12.09 -24.35
N TYR C 21 66.55 -11.44 -23.19
CA TYR C 21 67.09 -12.05 -21.98
C TYR C 21 66.21 -13.18 -21.48
N ALA C 22 64.90 -13.01 -21.60
CA ALA C 22 63.95 -14.11 -21.32
C ALA C 22 64.26 -15.33 -22.21
N GLN C 23 64.54 -15.06 -23.49
CA GLN C 23 64.96 -16.10 -24.44
C GLN C 23 66.25 -16.79 -24.02
N GLU C 24 67.20 -16.06 -23.41
CA GLU C 24 68.40 -16.69 -22.83
C GLU C 24 68.05 -17.62 -21.70
N ALA C 25 67.05 -17.27 -20.90
CA ALA C 25 66.61 -18.17 -19.83
C ALA C 25 66.08 -19.49 -20.41
N VAL C 26 65.35 -19.40 -21.52
CA VAL C 26 64.83 -20.58 -22.18
C VAL C 26 65.97 -21.48 -22.67
N LYS C 27 67.00 -20.89 -23.25
CA LYS C 27 68.13 -21.65 -23.81
C LYS C 27 68.89 -22.42 -22.74
N LYS C 28 68.82 -21.97 -21.49
CA LYS C 28 69.38 -22.74 -20.36
C LYS C 28 68.44 -23.78 -19.73
N GLY C 29 67.20 -23.89 -20.18
CA GLY C 29 66.30 -24.92 -19.65
C GLY C 29 66.65 -26.30 -20.20
N SER C 30 66.09 -27.34 -19.59
CA SER C 30 66.23 -28.71 -20.11
C SER C 30 65.63 -28.79 -21.49
N THR C 31 66.20 -29.66 -22.31
CA THR C 31 65.73 -29.84 -23.67
C THR C 31 64.33 -30.45 -23.68
N ALA C 32 63.41 -29.89 -24.47
CA ALA C 32 62.09 -30.49 -24.67
C ALA C 32 61.87 -30.72 -26.15
N VAL C 33 61.17 -31.81 -26.52
CA VAL C 33 60.97 -32.18 -27.93
C VAL C 33 59.54 -32.60 -28.15
N GLY C 34 59.00 -32.21 -29.29
CA GLY C 34 57.64 -32.51 -29.67
C GLY C 34 57.64 -33.06 -31.08
N VAL C 35 56.93 -34.18 -31.30
CA VAL C 35 56.64 -34.65 -32.67
C VAL C 35 55.17 -34.97 -32.84
N ARG C 36 54.61 -34.34 -33.87
CA ARG C 36 53.32 -34.66 -34.42
C ARG C 36 53.37 -35.91 -35.31
N GLY C 37 52.77 -36.99 -34.83
CA GLY C 37 52.56 -38.22 -35.60
C GLY C 37 51.30 -38.19 -36.44
N ARG C 38 50.96 -39.34 -37.00
CA ARG C 38 49.80 -39.49 -37.88
C ARG C 38 48.50 -39.54 -37.04
N ASP C 39 48.47 -40.35 -35.99
CA ASP C 39 47.33 -40.36 -35.06
C ASP C 39 47.81 -40.37 -33.60
N ILE C 40 48.95 -39.74 -33.37
CA ILE C 40 49.51 -39.62 -32.03
C ILE C 40 50.32 -38.29 -31.96
N VAL C 41 50.50 -37.78 -30.76
CA VAL C 41 51.45 -36.71 -30.52
C VAL C 41 52.32 -37.07 -29.34
N VAL C 42 53.60 -36.74 -29.41
CA VAL C 42 54.53 -37.19 -28.40
C VAL C 42 55.40 -36.03 -27.91
N LEU C 43 55.52 -35.93 -26.59
CA LEU C 43 56.42 -35.00 -25.94
C LEU C 43 57.46 -35.75 -25.15
N GLY C 44 58.71 -35.36 -25.32
CA GLY C 44 59.81 -35.91 -24.51
C GLY C 44 60.63 -34.76 -23.96
N VAL C 45 61.12 -34.90 -22.73
CA VAL C 45 61.96 -33.87 -22.14
C VAL C 45 63.09 -34.43 -21.29
N GLU C 46 64.21 -33.70 -21.29
CA GLU C 46 65.44 -34.06 -20.62
C GLU C 46 65.35 -33.90 -19.11
N LYS C 47 66.07 -34.79 -18.44
CA LYS C 47 66.50 -34.71 -17.02
C LYS C 47 65.45 -34.22 -16.02
N LYS C 48 65.62 -33.12 -15.28
CA LYS C 48 66.68 -32.08 -15.36
C LYS C 48 67.99 -32.35 -14.53
N SER C 49 67.80 -32.71 -13.26
CA SER C 49 68.89 -32.87 -12.28
C SER C 49 69.32 -34.34 -11.98
N VAL C 50 68.46 -35.33 -12.26
CA VAL C 50 68.59 -36.65 -11.63
C VAL C 50 68.42 -36.42 -10.10
N ALA C 51 69.26 -37.00 -9.26
CA ALA C 51 69.16 -36.90 -7.77
C ALA C 51 68.26 -37.98 -7.19
N LYS C 52 68.88 -39.00 -6.60
CA LYS C 52 68.18 -40.17 -6.05
C LYS C 52 67.13 -39.77 -5.02
N LEU C 53 67.42 -38.76 -4.19
CA LEU C 53 66.53 -38.37 -3.09
C LEU C 53 65.31 -37.53 -3.49
N GLN C 54 65.27 -37.09 -4.74
CA GLN C 54 64.14 -36.39 -5.33
C GLN C 54 62.91 -37.30 -5.45
N ASP C 55 61.72 -36.76 -5.18
CA ASP C 55 60.47 -37.44 -5.50
C ASP C 55 60.11 -37.06 -6.94
N GLU C 56 60.31 -38.02 -7.85
CA GLU C 56 60.23 -37.81 -9.32
C GLU C 56 58.88 -37.13 -9.73
N ARG C 57 57.77 -37.63 -9.18
CA ARG C 57 56.38 -37.12 -9.41
C ARG C 57 56.26 -35.59 -9.42
N THR C 58 56.96 -34.93 -8.48
CA THR C 58 56.79 -33.51 -8.17
C THR C 58 57.50 -32.49 -9.08
N VAL C 59 58.28 -32.93 -10.07
CA VAL C 59 59.03 -31.98 -10.92
C VAL C 59 58.78 -32.13 -12.43
N ARG C 60 57.73 -32.83 -12.85
CA ARG C 60 57.49 -33.06 -14.28
C ARG C 60 57.44 -31.76 -15.05
N LYS C 61 57.91 -31.80 -16.29
CA LYS C 61 57.85 -30.66 -17.18
C LYS C 61 56.84 -30.88 -18.26
N ILE C 62 56.07 -31.96 -18.15
CA ILE C 62 54.94 -32.18 -19.05
C ILE C 62 53.66 -32.06 -18.23
N ALA C 64 49.13 -31.50 -18.23
CA ALA C 64 47.80 -31.42 -18.86
C ALA C 64 47.20 -30.01 -18.69
N LEU C 65 46.70 -29.43 -19.78
CA LEU C 65 45.97 -28.19 -19.73
C LEU C 65 44.46 -28.50 -19.65
N ASP C 66 44.02 -29.48 -20.43
CA ASP C 66 42.65 -29.95 -20.46
C ASP C 66 42.72 -31.45 -20.85
N ASP C 67 41.59 -32.16 -20.98
CA ASP C 67 41.61 -33.57 -21.45
C ASP C 67 42.30 -33.76 -22.80
N ASN C 68 42.13 -32.80 -23.71
CA ASN C 68 42.59 -32.93 -25.09
C ASN C 68 43.80 -32.06 -25.45
N VAL C 69 44.39 -31.34 -24.50
CA VAL C 69 45.57 -30.48 -24.74
C VAL C 69 46.57 -30.61 -23.61
N CYS C 70 47.85 -30.77 -23.94
CA CYS C 70 48.91 -30.76 -22.92
C CYS C 70 50.07 -29.97 -23.44
N MET C 71 51.03 -29.73 -22.56
CA MET C 71 52.16 -28.92 -22.90
C MET C 71 53.40 -29.36 -22.18
N ALA C 72 54.52 -29.08 -22.82
CA ALA C 72 55.82 -29.11 -22.20
C ALA C 72 56.40 -27.72 -22.29
N PHE C 73 57.32 -27.39 -21.40
CA PHE C 73 57.99 -26.11 -21.45
C PHE C 73 59.49 -26.30 -21.27
N ALA C 74 60.26 -25.26 -21.59
CA ALA C 74 61.65 -25.11 -21.18
C ALA C 74 61.88 -23.69 -20.69
N GLY C 75 62.60 -23.56 -19.58
CA GLY C 75 63.01 -22.25 -19.04
C GLY C 75 62.74 -22.17 -17.54
N LEU C 76 62.31 -20.99 -17.06
CA LEU C 76 62.05 -20.76 -15.64
C LEU C 76 60.79 -21.53 -15.19
N THR C 77 60.98 -22.54 -14.34
CA THR C 77 59.91 -23.47 -14.02
C THR C 77 58.78 -22.77 -13.25
N ALA C 78 59.12 -21.84 -12.35
CA ALA C 78 58.12 -21.06 -11.59
C ALA C 78 57.28 -20.19 -12.53
N ASP C 79 57.92 -19.57 -13.53
CA ASP C 79 57.17 -18.87 -14.54
C ASP C 79 56.22 -19.80 -15.30
N ALA C 80 56.69 -20.98 -15.70
CA ALA C 80 55.87 -21.95 -16.41
C ALA C 80 54.60 -22.34 -15.67
N ARG C 81 54.71 -22.50 -14.36
CA ARG C 81 53.57 -22.84 -13.50
C ARG C 81 52.45 -21.77 -13.61
N ILE C 82 52.85 -20.51 -13.67
CA ILE C 82 51.91 -19.41 -13.73
C ILE C 82 51.17 -19.48 -15.06
N VAL C 83 51.94 -19.68 -16.15
CA VAL C 83 51.37 -19.77 -17.47
C VAL C 83 50.39 -20.96 -17.53
N ILE C 84 50.84 -22.10 -17.01
CA ILE C 84 50.07 -23.32 -17.09
C ILE C 84 48.72 -23.17 -16.39
N ASN C 85 48.71 -22.57 -15.21
CA ASN C 85 47.50 -22.40 -14.45
CA ASN C 85 47.48 -22.34 -14.44
C ASN C 85 46.56 -21.36 -15.11
N ARG C 86 47.11 -20.30 -15.66
CA ARG C 86 46.33 -19.33 -16.43
C ARG C 86 45.65 -20.02 -17.62
N ALA C 87 46.40 -20.86 -18.34
CA ALA C 87 45.85 -21.63 -19.47
C ALA C 87 44.77 -22.65 -19.06
N ARG C 88 44.96 -23.30 -17.92
CA ARG C 88 44.00 -24.22 -17.39
C ARG C 88 42.68 -23.54 -17.05
N VAL C 89 42.74 -22.33 -16.50
CA VAL C 89 41.57 -21.56 -16.17
C VAL C 89 40.86 -21.21 -17.47
N GLU C 90 41.64 -20.78 -18.46
CA GLU C 90 41.07 -20.36 -19.74
C GLU C 90 40.37 -21.48 -20.48
N CYS C 91 40.91 -22.70 -20.44
CA CYS C 91 40.28 -23.88 -21.08
C CYS C 91 38.86 -24.13 -20.54
N GLN C 92 38.71 -23.91 -19.24
CA GLN C 92 37.43 -24.03 -18.60
C GLN C 92 36.48 -22.86 -18.95
N SER C 93 36.98 -21.64 -19.10
CA SER C 93 36.13 -20.54 -19.63
C SER C 93 35.62 -20.86 -21.03
N HIS C 94 36.51 -21.18 -21.94
CA HIS C 94 36.11 -21.63 -23.27
C HIS C 94 34.98 -22.66 -23.22
N ARG C 95 35.22 -23.79 -22.57
CA ARG C 95 34.15 -24.80 -22.37
C ARG C 95 32.88 -24.18 -21.81
N LEU C 96 33.01 -23.30 -20.83
CA LEU C 96 31.87 -22.66 -20.22
C LEU C 96 31.02 -21.96 -21.29
N THR C 97 31.65 -21.13 -22.11
CA THR C 97 30.95 -20.19 -23.03
C THR C 97 30.72 -20.67 -24.50
N VAL C 98 31.42 -21.73 -24.90
CA VAL C 98 31.30 -22.34 -26.23
C VAL C 98 30.88 -23.82 -26.22
N GLU C 99 30.94 -24.47 -25.05
CA GLU C 99 30.55 -25.87 -24.89
C GLU C 99 31.26 -26.82 -25.85
N ASP C 100 32.44 -26.42 -26.31
CA ASP C 100 33.34 -27.32 -26.97
C ASP C 100 34.62 -27.17 -26.20
N PRO C 101 35.47 -28.21 -26.26
CA PRO C 101 36.84 -28.00 -25.82
C PRO C 101 37.55 -26.99 -26.74
N VAL C 102 38.59 -26.38 -26.20
CA VAL C 102 39.41 -25.49 -26.97
C VAL C 102 40.03 -26.28 -28.10
N THR C 103 40.29 -25.63 -29.21
CA THR C 103 41.25 -26.19 -30.16
C THR C 103 42.65 -25.91 -29.59
N VAL C 104 43.64 -26.64 -30.08
CA VAL C 104 45.00 -26.51 -29.61
C VAL C 104 45.52 -25.12 -30.00
N GLU C 105 45.10 -24.68 -31.16
CA GLU C 105 45.42 -23.36 -31.66
C GLU C 105 44.81 -22.23 -30.82
N TYR C 106 43.57 -22.40 -30.36
CA TYR C 106 42.94 -21.41 -29.53
C TYR C 106 43.76 -21.19 -28.26
N ILE C 107 44.12 -22.28 -27.58
CA ILE C 107 44.82 -22.13 -26.31
C ILE C 107 46.28 -21.68 -26.51
N THR C 108 46.85 -22.01 -27.67
CA THR C 108 48.18 -21.55 -28.02
C THR C 108 48.12 -20.05 -28.23
N ARG C 109 47.14 -19.64 -29.04
CA ARG C 109 46.90 -18.23 -29.30
C ARG C 109 46.74 -17.45 -28.00
N TYR C 110 46.00 -18.01 -27.03
CA TYR C 110 45.79 -17.38 -25.75
C TYR C 110 47.10 -17.27 -24.91
N ILE C 111 47.84 -18.35 -24.81
CA ILE C 111 49.14 -18.35 -24.12
C ILE C 111 50.13 -17.33 -24.75
N ALA C 112 50.19 -17.31 -26.07
CA ALA C 112 51.04 -16.41 -26.82
C ALA C 112 50.69 -14.94 -26.55
N SER C 113 49.39 -14.64 -26.47
CA SER C 113 49.01 -13.26 -26.29
C SER C 113 49.17 -12.84 -24.81
N LEU C 114 49.01 -13.77 -23.86
CA LEU C 114 49.44 -13.55 -22.47
C LEU C 114 50.93 -13.17 -22.38
N LYS C 115 51.75 -13.96 -23.05
CA LYS C 115 53.19 -13.71 -23.09
C LYS C 115 53.51 -12.37 -23.74
N GLN C 116 52.86 -12.06 -24.86
CA GLN C 116 53.07 -10.79 -25.53
C GLN C 116 52.72 -9.61 -24.63
N ARG C 117 51.62 -9.71 -23.89
CA ARG C 117 51.22 -8.67 -22.94
C ARG C 117 52.25 -8.37 -21.88
N TYR C 118 52.93 -9.41 -21.42
CA TYR C 118 53.97 -9.23 -20.39
C TYR C 118 55.27 -8.70 -21.04
N THR C 119 55.29 -8.46 -22.35
CA THR C 119 56.39 -7.71 -22.99
C THR C 119 56.04 -6.24 -23.30
N GLN C 120 54.81 -5.87 -23.02
CA GLN C 120 54.32 -4.53 -23.32
C GLN C 120 53.51 -3.87 -22.16
N SER C 121 53.58 -4.39 -20.93
CA SER C 121 52.88 -3.82 -19.79
C SER C 121 53.81 -3.37 -18.69
N ASN C 122 53.47 -2.24 -18.11
CA ASN C 122 54.21 -1.66 -17.03
C ASN C 122 54.29 -2.58 -15.84
N GLY C 123 55.43 -2.51 -15.17
CA GLY C 123 55.58 -3.16 -13.86
C GLY C 123 55.98 -4.63 -13.88
N ARG C 124 55.99 -5.24 -15.07
CA ARG C 124 56.21 -6.67 -15.28
C ARG C 124 57.39 -6.96 -16.18
N ARG C 125 58.12 -8.02 -15.87
CA ARG C 125 59.08 -8.61 -16.84
C ARG C 125 58.37 -9.68 -17.68
N PRO C 126 58.93 -10.05 -18.83
CA PRO C 126 58.43 -11.16 -19.60
C PRO C 126 58.54 -12.53 -18.89
N PHE C 127 57.75 -13.48 -19.37
CA PHE C 127 57.90 -14.87 -18.91
C PHE C 127 59.18 -15.46 -19.52
N GLY C 128 59.96 -16.17 -18.73
CA GLY C 128 61.16 -16.86 -19.23
C GLY C 128 60.93 -18.32 -19.65
N ILE C 129 59.93 -18.56 -20.51
CA ILE C 129 59.63 -19.90 -20.99
C ILE C 129 59.20 -19.90 -22.45
N SER C 130 59.50 -21.02 -23.11
CA SER C 130 58.81 -21.46 -24.33
C SER C 130 58.01 -22.70 -24.03
N ALA C 131 56.98 -22.91 -24.82
CA ALA C 131 56.10 -24.04 -24.61
C ALA C 131 55.91 -24.77 -25.92
N LEU C 132 55.84 -26.09 -25.81
CA LEU C 132 55.37 -26.97 -26.90
C LEU C 132 54.01 -27.46 -26.46
N ILE C 133 53.00 -27.16 -27.27
CA ILE C 133 51.64 -27.41 -26.92
C ILE C 133 51.13 -28.40 -27.96
N VAL C 134 50.53 -29.49 -27.50
CA VAL C 134 50.05 -30.56 -28.38
C VAL C 134 48.66 -31.01 -28.02
N GLY C 135 47.98 -31.55 -29.02
CA GLY C 135 46.69 -32.19 -28.83
C GLY C 135 45.99 -32.56 -30.10
N PHE C 136 44.68 -32.68 -30.02
CA PHE C 136 43.81 -33.03 -31.14
C PHE C 136 42.59 -32.13 -31.18
N ASP C 137 42.24 -31.69 -32.39
CA ASP C 137 40.99 -30.94 -32.62
C ASP C 137 39.78 -31.86 -32.82
N PHE C 138 38.58 -31.31 -32.55
CA PHE C 138 37.28 -32.05 -32.58
C PHE C 138 37.19 -33.04 -33.73
N ASP C 139 37.70 -32.66 -34.90
CA ASP C 139 37.73 -33.53 -36.10
C ASP C 139 38.91 -34.56 -36.18
N GLY C 140 39.63 -34.80 -35.07
CA GLY C 140 40.74 -35.75 -35.03
C GLY C 140 42.12 -35.27 -35.52
N THR C 141 42.25 -34.07 -36.08
CA THR C 141 43.55 -33.59 -36.58
C THR C 141 44.56 -33.39 -35.44
N PRO C 142 45.73 -34.07 -35.49
CA PRO C 142 46.79 -33.87 -34.48
C PRO C 142 47.55 -32.55 -34.68
N ARG C 143 48.05 -31.96 -33.60
CA ARG C 143 48.63 -30.62 -33.63
C ARG C 143 49.82 -30.48 -32.69
N LEU C 144 50.83 -29.75 -33.16
CA LEU C 144 51.96 -29.34 -32.34
C LEU C 144 52.23 -27.85 -32.57
N TYR C 145 52.15 -27.05 -31.50
CA TYR C 145 52.46 -25.63 -31.57
C TYR C 145 53.59 -25.29 -30.65
N GLN C 146 54.28 -24.19 -30.97
CA GLN C 146 55.30 -23.63 -30.08
C GLN C 146 55.06 -22.15 -29.83
N THR C 147 55.24 -21.74 -28.58
CA THR C 147 55.27 -20.32 -28.19
C THR C 147 56.62 -19.94 -27.62
N ASP C 148 56.99 -18.68 -27.75
CA ASP C 148 58.18 -18.19 -27.04
C ASP C 148 57.91 -16.91 -26.26
N PRO C 149 58.89 -16.46 -25.44
CA PRO C 149 58.66 -15.30 -24.57
C PRO C 149 58.15 -14.03 -25.20
N SER C 150 58.39 -13.84 -26.49
CA SER C 150 57.90 -12.67 -27.22
C SER C 150 56.40 -12.68 -27.48
N GLY C 151 55.77 -13.84 -27.37
CA GLY C 151 54.38 -14.03 -27.78
C GLY C 151 54.24 -14.57 -29.20
N THR C 152 55.33 -14.75 -29.93
CA THR C 152 55.20 -15.36 -31.29
C THR C 152 54.86 -16.83 -31.13
N TYR C 153 54.09 -17.33 -32.08
CA TYR C 153 53.76 -18.76 -32.09
C TYR C 153 53.62 -19.30 -33.51
N HIS C 154 53.98 -20.58 -33.67
CA HIS C 154 53.77 -21.32 -34.92
C HIS C 154 53.41 -22.78 -34.69
N ALA C 155 52.89 -23.40 -35.73
CA ALA C 155 52.66 -24.85 -35.76
C ALA C 155 53.89 -25.52 -36.34
N TRP C 156 54.16 -26.72 -35.85
CA TRP C 156 55.32 -27.48 -36.25
C TRP C 156 54.95 -28.94 -36.51
N LYS C 157 55.69 -29.58 -37.42
CA LYS C 157 55.66 -31.02 -37.61
C LYS C 157 56.40 -31.69 -36.46
N ALA C 158 57.55 -31.12 -36.14
CA ALA C 158 58.33 -31.52 -34.97
C ALA C 158 59.18 -30.31 -34.59
N ASN C 159 59.62 -30.26 -33.33
CA ASN C 159 60.47 -29.19 -32.84
C ASN C 159 61.11 -29.52 -31.50
N ALA C 160 62.12 -28.73 -31.15
CA ALA C 160 62.78 -28.79 -29.85
C ALA C 160 62.98 -27.37 -29.34
N ILE C 161 63.03 -27.22 -28.03
CA ILE C 161 63.32 -25.95 -27.35
C ILE C 161 64.20 -26.29 -26.16
N GLY C 162 64.87 -25.28 -25.58
CA GLY C 162 65.81 -25.51 -24.50
C GLY C 162 67.23 -25.74 -24.99
N ARG C 163 68.09 -26.23 -24.11
CA ARG C 163 69.49 -26.36 -24.47
C ARG C 163 69.70 -27.41 -25.56
N GLY C 164 70.61 -27.13 -26.47
CA GLY C 164 70.82 -28.01 -27.63
C GLY C 164 69.61 -28.19 -28.57
N ALA C 165 68.61 -27.31 -28.50
CA ALA C 165 67.55 -27.27 -29.49
C ALA C 165 68.04 -27.08 -30.95
N LYS C 166 69.10 -26.30 -31.18
CA LYS C 166 69.71 -26.13 -32.53
C LYS C 166 70.04 -27.50 -33.14
N SER C 167 70.80 -28.30 -32.40
CA SER C 167 71.24 -29.62 -32.89
C SER C 167 70.11 -30.67 -32.97
N VAL C 168 69.20 -30.69 -31.99
CA VAL C 168 68.02 -31.57 -32.03
C VAL C 168 67.12 -31.20 -33.22
N ARG C 169 66.92 -29.91 -33.45
CA ARG C 169 66.14 -29.49 -34.62
C ARG C 169 66.80 -29.93 -35.92
N GLU C 170 68.14 -29.87 -35.98
CA GLU C 170 68.89 -30.36 -37.15
C GLU C 170 68.61 -31.86 -37.37
N PHE C 171 68.66 -32.64 -36.30
CA PHE C 171 68.34 -34.05 -36.37
C PHE C 171 66.89 -34.34 -36.85
N LEU C 172 65.90 -33.66 -36.28
CA LEU C 172 64.50 -33.81 -36.72
C LEU C 172 64.31 -33.48 -38.21
N GLU C 173 64.99 -32.42 -38.66
CA GLU C 173 65.00 -32.04 -40.10
C GLU C 173 65.47 -33.20 -40.98
N LYS C 174 66.53 -33.90 -40.59
CA LYS C 174 67.05 -35.04 -41.39
C LYS C 174 66.18 -36.30 -41.20
N ASN C 175 65.51 -36.42 -40.05
CA ASN C 175 64.87 -37.68 -39.64
C ASN C 175 63.32 -37.70 -39.63
N TYR C 176 62.66 -36.57 -39.75
CA TYR C 176 61.21 -36.57 -39.76
C TYR C 176 60.68 -36.84 -41.17
N THR C 177 60.23 -38.07 -41.39
CA THR C 177 59.69 -38.52 -42.67
C THR C 177 58.36 -39.25 -42.44
N ASP C 178 57.58 -39.46 -43.51
CA ASP C 178 56.36 -40.29 -43.42
C ASP C 178 56.64 -41.68 -42.85
N GLU C 179 57.80 -42.22 -43.20
CA GLU C 179 58.28 -43.50 -42.67
C GLU C 179 58.54 -43.48 -41.17
N ALA C 180 59.17 -42.44 -40.68
CA ALA C 180 59.54 -42.35 -39.26
C ALA C 180 58.34 -42.21 -38.29
N ILE C 181 57.19 -41.80 -38.83
CA ILE C 181 55.94 -41.62 -38.06
C ILE C 181 54.78 -42.52 -38.59
N GLU C 182 55.09 -43.55 -39.37
CA GLU C 182 54.03 -44.39 -39.94
C GLU C 182 53.27 -45.13 -38.85
N THR C 183 53.96 -45.41 -37.74
CA THR C 183 53.38 -46.12 -36.62
C THR C 183 53.70 -45.40 -35.31
N ASP C 184 52.95 -45.79 -34.27
CA ASP C 184 53.05 -45.17 -32.93
C ASP C 184 54.39 -45.40 -32.21
N ASP C 185 54.86 -46.63 -32.22
CA ASP C 185 56.17 -46.98 -31.66
C ASP C 185 57.35 -46.20 -32.30
N LEU C 186 57.30 -45.99 -33.63
CA LEU C 186 58.35 -45.30 -34.39
C LEU C 186 58.38 -43.79 -34.11
N THR C 187 57.20 -43.18 -34.02
CA THR C 187 57.01 -41.80 -33.56
C THR C 187 57.62 -41.56 -32.15
N ILE C 188 57.31 -42.48 -31.24
CA ILE C 188 57.89 -42.44 -29.89
C ILE C 188 59.39 -42.61 -29.97
N LYS C 189 59.85 -43.59 -30.76
CA LYS C 189 61.29 -43.83 -30.98
C LYS C 189 62.00 -42.59 -31.55
N LEU C 190 61.35 -41.88 -32.46
CA LEU C 190 61.91 -40.65 -33.04
C LEU C 190 62.16 -39.57 -31.99
N VAL C 191 61.24 -39.40 -31.03
CA VAL C 191 61.45 -38.47 -29.90
C VAL C 191 62.65 -38.86 -29.03
N ILE C 192 62.72 -40.14 -28.67
CA ILE C 192 63.83 -40.68 -27.87
C ILE C 192 65.17 -40.56 -28.59
N LYS C 193 65.24 -41.00 -29.85
CA LYS C 193 66.47 -40.85 -30.62
C LYS C 193 66.88 -39.36 -30.57
N ALA C 194 65.92 -38.47 -30.82
CA ALA C 194 66.20 -37.02 -30.83
C ALA C 194 66.79 -36.49 -29.50
N LEU C 195 66.18 -36.86 -28.36
CA LEU C 195 66.76 -36.59 -27.02
C LEU C 195 68.13 -37.27 -26.82
N LEU C 196 68.22 -38.56 -27.16
CA LEU C 196 69.44 -39.38 -26.93
C LEU C 196 70.68 -38.76 -27.57
N GLU C 197 70.47 -37.89 -28.54
CA GLU C 197 71.52 -37.01 -29.04
C GLU C 197 72.08 -35.93 -28.11
N VAL C 198 71.26 -35.38 -27.25
CA VAL C 198 71.71 -34.34 -26.34
C VAL C 198 71.76 -34.82 -24.89
N VAL C 199 70.94 -35.81 -24.51
CA VAL C 199 70.72 -36.12 -23.10
C VAL C 199 71.97 -36.73 -22.46
N GLN C 200 72.66 -35.93 -21.64
CA GLN C 200 73.98 -36.28 -21.00
C GLN C 200 74.21 -37.76 -20.68
N SER C 201 73.72 -38.26 -19.54
CA SER C 201 73.76 -39.72 -19.28
C SER C 201 72.49 -40.40 -19.80
N GLY C 202 72.52 -40.85 -21.06
CA GLY C 202 71.38 -41.54 -21.66
C GLY C 202 71.10 -42.77 -20.80
N GLY C 203 69.86 -43.09 -20.44
CA GLY C 203 68.67 -42.24 -20.56
C GLY C 203 67.44 -43.00 -20.04
N LYS C 204 67.35 -43.32 -18.74
CA LYS C 204 67.95 -42.65 -17.58
C LYS C 204 67.06 -41.43 -17.36
N ASN C 205 67.42 -40.26 -17.86
CA ASN C 205 66.62 -39.09 -17.56
C ASN C 205 66.02 -38.46 -18.79
N ILE C 206 65.17 -39.22 -19.47
CA ILE C 206 64.27 -38.70 -20.49
C ILE C 206 62.90 -38.97 -19.90
N GLU C 207 62.06 -37.95 -19.73
CA GLU C 207 60.66 -38.16 -19.35
C GLU C 207 59.84 -38.07 -20.64
N LEU C 208 58.81 -38.88 -20.75
CA LEU C 208 58.09 -38.99 -22.02
C LEU C 208 56.59 -39.27 -21.89
N ALA C 209 55.81 -38.60 -22.74
CA ALA C 209 54.38 -38.72 -22.72
C ALA C 209 53.79 -38.65 -24.10
N VAL C 210 52.65 -39.34 -24.22
CA VAL C 210 51.93 -39.53 -25.46
C VAL C 210 50.52 -39.07 -25.28
N MET C 211 49.93 -38.55 -26.35
CA MET C 211 48.51 -38.30 -26.41
C MET C 211 47.98 -38.91 -27.69
N ARG C 212 46.97 -39.76 -27.54
CA ARG C 212 46.24 -40.36 -28.65
C ARG C 212 44.88 -39.70 -28.85
N ARG C 213 44.39 -39.81 -30.09
CA ARG C 213 43.09 -39.27 -30.47
C ARG C 213 42.04 -39.78 -29.48
N ASP C 214 41.36 -38.83 -28.81
CA ASP C 214 40.34 -39.12 -27.79
C ASP C 214 40.85 -39.74 -26.47
N GLN C 215 42.08 -40.26 -26.43
CA GLN C 215 42.48 -41.22 -25.38
C GLN C 215 43.16 -40.61 -24.14
N SER C 216 43.43 -39.30 -24.15
CA SER C 216 44.02 -38.58 -22.99
C SER C 216 45.45 -38.95 -22.55
N LEU C 217 46.16 -37.96 -22.03
CA LEU C 217 47.59 -38.04 -21.75
C LEU C 217 48.01 -39.28 -20.94
N LYS C 218 48.87 -40.14 -21.52
CA LYS C 218 49.57 -41.21 -20.78
C LYS C 218 51.05 -40.79 -20.62
N ILE C 219 51.58 -40.79 -19.39
CA ILE C 219 53.04 -40.68 -19.21
C ILE C 219 53.65 -42.07 -19.25
N LEU C 220 54.77 -42.26 -19.97
CA LEU C 220 55.51 -43.53 -19.87
C LEU C 220 56.35 -43.55 -18.60
N ASN C 221 56.48 -44.76 -18.05
CA ASN C 221 57.23 -44.99 -16.81
CA ASN C 221 57.22 -45.01 -16.81
C ASN C 221 58.60 -45.54 -17.21
N PRO C 222 59.58 -45.46 -16.27
CA PRO C 222 60.97 -45.86 -16.62
C PRO C 222 61.09 -47.27 -17.20
N GLU C 223 60.26 -48.21 -16.71
CA GLU C 223 60.19 -49.59 -17.25
C GLU C 223 59.76 -49.59 -18.74
N GLU C 224 58.70 -48.83 -19.06
CA GLU C 224 58.19 -48.71 -20.44
C GLU C 224 59.18 -47.98 -21.38
N ILE C 225 59.93 -46.99 -20.86
CA ILE C 225 60.89 -46.17 -21.64
C ILE C 225 62.12 -46.98 -22.05
N GLU C 226 62.77 -47.59 -21.06
CA GLU C 226 63.99 -48.35 -21.31
C GLU C 226 63.77 -49.61 -22.18
N LYS C 227 62.53 -50.06 -22.29
CA LYS C 227 62.10 -50.97 -23.36
C LYS C 227 62.37 -50.36 -24.74
N TYR C 228 61.89 -49.14 -25.00
CA TYR C 228 62.16 -48.43 -26.26
C TYR C 228 63.65 -48.14 -26.46
N VAL C 229 64.34 -47.76 -25.38
CA VAL C 229 65.75 -47.34 -25.44
C VAL C 229 66.59 -48.46 -26.04
N ALA C 230 66.49 -49.64 -25.43
CA ALA C 230 67.17 -50.88 -25.86
C ALA C 230 66.75 -51.34 -27.27
N GLU C 231 65.43 -51.35 -27.50
CA GLU C 231 64.80 -51.66 -28.80
C GLU C 231 65.28 -50.77 -29.98
N ILE C 232 65.88 -49.62 -29.66
CA ILE C 232 66.50 -48.70 -30.66
C ILE C 232 68.04 -48.75 -30.67
N GLU C 233 68.64 -48.93 -29.48
CA GLU C 233 70.09 -48.99 -29.28
C GLU C 233 70.70 -50.24 -29.93
N LYS C 234 69.97 -51.34 -29.81
CA LYS C 234 70.33 -52.57 -30.48
C LYS C 234 70.02 -52.56 -32.00
N GLU C 235 68.98 -51.86 -32.44
CA GLU C 235 68.74 -51.66 -33.89
C GLU C 235 69.86 -50.87 -34.58
N LYS C 236 70.51 -49.95 -33.86
CA LYS C 236 71.67 -49.19 -34.35
C LYS C 236 72.98 -49.92 -34.06
N GLU C 237 73.14 -51.11 -34.62
CA GLU C 237 74.41 -51.84 -34.60
C GLU C 237 74.66 -52.41 -36.00
N GLU C 238 73.72 -53.25 -36.44
CA GLU C 238 73.36 -53.43 -37.85
C GLU C 238 74.02 -52.48 -38.86
N ASP D 9 70.18 5.65 -19.25
CA ASP D 9 68.71 5.26 -19.23
C ASP D 9 67.82 6.45 -18.86
N ARG D 10 66.70 6.53 -19.57
CA ARG D 10 65.78 7.68 -19.62
C ARG D 10 64.36 7.16 -19.77
N GLY D 11 63.38 8.01 -19.59
CA GLY D 11 62.02 7.59 -19.67
C GLY D 11 61.55 7.32 -21.08
N VAL D 12 60.51 6.52 -21.18
CA VAL D 12 59.94 6.19 -22.48
C VAL D 12 59.30 7.37 -23.21
N ASN D 13 58.96 8.44 -22.52
CA ASN D 13 58.44 9.61 -23.23
C ASN D 13 59.48 10.75 -23.38
N THR D 14 60.75 10.41 -23.55
CA THR D 14 61.80 11.40 -23.69
C THR D 14 61.99 11.74 -25.17
N PHE D 15 61.97 13.05 -25.44
CA PHE D 15 62.37 13.63 -26.73
C PHE D 15 63.88 13.70 -26.85
N SER D 16 64.38 13.40 -28.04
CA SER D 16 65.78 13.60 -28.41
C SER D 16 65.93 15.05 -28.79
N PRO D 17 67.18 15.54 -28.88
CA PRO D 17 67.43 16.90 -29.35
C PRO D 17 66.95 17.26 -30.76
N GLU D 18 66.66 16.27 -31.59
CA GLU D 18 66.07 16.48 -32.89
C GLU D 18 64.57 16.41 -32.87
N GLY D 19 63.94 16.28 -31.70
CA GLY D 19 62.51 16.40 -31.62
C GLY D 19 61.73 15.14 -31.93
N ARG D 20 62.36 13.99 -31.73
CA ARG D 20 61.70 12.71 -31.89
C ARG D 20 61.74 11.95 -30.59
N LEU D 21 60.75 11.10 -30.40
CA LEU D 21 60.67 10.21 -29.25
C LEU D 21 61.55 9.03 -29.53
N PHE D 22 62.56 8.81 -28.70
CA PHE D 22 63.53 7.71 -28.89
C PHE D 22 62.81 6.38 -29.12
N GLN D 23 61.85 6.06 -28.24
CA GLN D 23 61.11 4.81 -28.35
C GLN D 23 60.44 4.59 -29.70
N VAL D 24 59.89 5.65 -30.27
CA VAL D 24 59.23 5.58 -31.58
C VAL D 24 60.28 5.37 -32.67
N GLU D 25 61.38 6.11 -32.61
CA GLU D 25 62.45 5.91 -33.59
C GLU D 25 62.96 4.49 -33.51
N TYR D 26 63.13 3.96 -32.29
CA TYR D 26 63.61 2.60 -32.14
C TYR D 26 62.60 1.57 -32.62
N ALA D 27 61.30 1.83 -32.41
CA ALA D 27 60.26 0.94 -32.93
C ALA D 27 60.26 0.92 -34.50
N ILE D 28 60.56 2.07 -35.11
CA ILE D 28 60.70 2.16 -36.57
C ILE D 28 61.87 1.30 -37.06
N GLU D 29 62.95 1.24 -36.30
CA GLU D 29 64.08 0.34 -36.63
C GLU D 29 63.71 -1.14 -36.55
N ALA D 30 62.86 -1.52 -35.61
CA ALA D 30 62.42 -2.91 -35.48
C ALA D 30 61.64 -3.35 -36.71
N ILE D 31 60.97 -2.44 -37.40
CA ILE D 31 60.25 -2.77 -38.68
C ILE D 31 61.20 -3.35 -39.75
N LYS D 32 62.43 -2.86 -39.74
CA LYS D 32 63.42 -3.34 -40.71
C LYS D 32 63.82 -4.81 -40.52
N LEU D 33 63.52 -5.37 -39.34
CA LEU D 33 63.73 -6.80 -39.06
C LEU D 33 62.59 -7.70 -39.58
N GLY D 34 61.51 -7.10 -40.09
CA GLY D 34 60.41 -7.89 -40.61
C GLY D 34 60.63 -8.34 -42.05
N SER D 35 59.87 -9.35 -42.44
CA SER D 35 59.72 -9.74 -43.85
C SER D 35 59.12 -8.65 -44.70
N THR D 36 59.43 -8.71 -45.99
CA THR D 36 58.96 -7.69 -46.90
C THR D 36 57.47 -7.92 -47.22
N ALA D 37 56.68 -6.86 -47.18
CA ALA D 37 55.31 -6.93 -47.67
C ALA D 37 55.07 -5.82 -48.66
N ILE D 38 54.15 -6.07 -49.60
CA ILE D 38 53.83 -5.14 -50.69
C ILE D 38 52.31 -4.95 -50.80
N GLY D 39 51.93 -3.69 -51.02
CA GLY D 39 50.57 -3.32 -51.33
C GLY D 39 50.53 -2.54 -52.63
N ILE D 40 49.61 -2.88 -53.54
CA ILE D 40 49.37 -2.08 -54.74
C ILE D 40 47.86 -1.82 -54.89
N GLN D 41 47.52 -0.57 -55.15
CA GLN D 41 46.16 -0.10 -55.36
C GLN D 41 45.97 0.18 -56.84
N THR D 42 44.93 -0.45 -57.42
CA THR D 42 44.54 -0.24 -58.81
C THR D 42 43.07 0.13 -58.81
N SER D 43 42.57 0.58 -59.95
CA SER D 43 41.14 0.87 -60.08
C SER D 43 40.27 -0.42 -60.04
N GLU D 44 40.87 -1.59 -60.31
CA GLU D 44 40.15 -2.87 -60.24
C GLU D 44 40.24 -3.56 -58.89
N GLY D 45 40.98 -2.99 -57.94
CA GLY D 45 41.11 -3.59 -56.60
C GLY D 45 42.52 -3.46 -56.06
N VAL D 46 42.69 -3.85 -54.80
CA VAL D 46 44.01 -3.84 -54.20
C VAL D 46 44.50 -5.25 -53.92
N CYS D 47 45.81 -5.44 -54.11
CA CYS D 47 46.51 -6.66 -53.72
C CYS D 47 47.56 -6.40 -52.63
N LEU D 48 47.77 -7.43 -51.82
CA LEU D 48 48.69 -7.45 -50.71
C LEU D 48 49.50 -8.71 -50.90
N ALA D 49 50.82 -8.62 -50.76
CA ALA D 49 51.71 -9.77 -50.93
C ALA D 49 52.82 -9.71 -49.90
N VAL D 50 53.22 -10.87 -49.38
CA VAL D 50 54.15 -10.91 -48.26
C VAL D 50 55.03 -12.14 -48.31
N GLU D 51 56.28 -11.92 -48.01
CA GLU D 51 57.26 -12.97 -47.86
C GLU D 51 57.01 -13.63 -46.54
N LYS D 52 56.92 -14.94 -46.51
CA LYS D 52 56.65 -15.62 -45.24
C LYS D 52 57.87 -15.70 -44.35
N ARG D 53 58.98 -16.08 -44.96
CA ARG D 53 60.28 -16.25 -44.31
C ARG D 53 60.31 -17.49 -43.45
N ILE D 54 60.35 -18.63 -44.15
CA ILE D 54 60.26 -19.94 -43.50
C ILE D 54 61.64 -20.17 -42.90
N THR D 55 61.75 -20.51 -41.63
CA THR D 55 63.06 -20.72 -41.00
C THR D 55 63.48 -22.19 -40.90
N SER D 56 62.54 -23.12 -41.08
CA SER D 56 62.80 -24.58 -40.98
C SER D 56 61.77 -25.36 -41.80
N PRO D 57 62.19 -26.43 -42.51
CA PRO D 57 61.18 -27.23 -43.21
C PRO D 57 60.13 -27.92 -42.27
N LEU D 58 60.45 -28.02 -40.98
CA LEU D 58 59.54 -28.59 -39.98
C LEU D 58 58.38 -27.68 -39.58
N MET D 59 58.57 -26.38 -39.74
CA MET D 59 57.52 -25.40 -39.49
C MET D 59 56.40 -25.58 -40.50
N GLU D 60 55.13 -25.52 -40.07
CA GLU D 60 54.00 -25.46 -40.99
C GLU D 60 53.86 -24.06 -41.62
N PRO D 61 54.04 -23.95 -42.94
CA PRO D 61 53.89 -22.65 -43.60
C PRO D 61 52.53 -21.97 -43.46
N SER D 62 51.45 -22.74 -43.41
CA SER D 62 50.13 -22.15 -43.28
C SER D 62 49.90 -21.50 -41.89
N SER D 63 50.66 -21.90 -40.87
CA SER D 63 50.59 -21.22 -39.57
C SER D 63 51.27 -19.85 -39.54
N ILE D 64 52.01 -19.48 -40.58
CA ILE D 64 52.47 -18.09 -40.72
C ILE D 64 51.34 -17.31 -41.38
N GLU D 65 50.83 -16.28 -40.69
CA GLU D 65 49.82 -15.37 -41.26
C GLU D 65 50.25 -13.96 -41.07
N LYS D 66 50.66 -13.34 -42.17
CA LYS D 66 51.09 -11.97 -42.16
C LYS D 66 50.15 -11.15 -42.98
N ILE D 67 49.16 -11.79 -43.63
CA ILE D 67 48.02 -11.10 -44.19
C ILE D 67 46.76 -11.66 -43.48
N VAL D 68 45.89 -10.75 -43.02
CA VAL D 68 44.66 -11.13 -42.28
C VAL D 68 43.48 -10.32 -42.82
N GLU D 69 42.30 -10.92 -42.71
CA GLU D 69 41.06 -10.23 -42.97
C GLU D 69 40.70 -9.35 -41.77
N ILE D 70 40.41 -8.07 -42.03
CA ILE D 70 39.83 -7.18 -41.00
C ILE D 70 38.30 -7.24 -41.03
N ASP D 71 37.75 -7.05 -42.21
CA ASP D 71 36.36 -7.28 -42.52
C ASP D 71 36.30 -7.73 -44.00
N ALA D 72 35.10 -7.97 -44.53
CA ALA D 72 34.94 -8.55 -45.86
C ALA D 72 35.55 -7.69 -46.94
N HIS D 73 35.59 -6.40 -46.68
CA HIS D 73 36.03 -5.40 -47.63
C HIS D 73 37.44 -4.87 -47.32
N ILE D 74 38.14 -5.44 -46.34
CA ILE D 74 39.42 -4.90 -45.84
C ILE D 74 40.36 -5.97 -45.37
N GLY D 75 41.56 -6.01 -45.96
CA GLY D 75 42.64 -6.85 -45.49
C GLY D 75 43.80 -6.04 -44.94
N CYS D 76 44.71 -6.73 -44.27
CA CYS D 76 45.84 -6.10 -43.63
C CYS D 76 47.11 -6.95 -43.72
N ALA D 77 48.17 -6.36 -44.25
CA ALA D 77 49.50 -7.01 -44.28
C ALA D 77 50.37 -6.33 -43.24
N MET D 78 51.20 -7.10 -42.56
CA MET D 78 52.02 -6.59 -41.47
C MET D 78 53.50 -6.97 -41.64
N SER D 79 54.38 -6.10 -41.10
CA SER D 79 55.81 -6.40 -40.98
C SER D 79 56.40 -5.81 -39.70
N GLY D 80 57.29 -6.55 -39.07
CA GLY D 80 57.99 -6.10 -37.89
C GLY D 80 57.87 -7.15 -36.82
N LEU D 81 57.64 -6.74 -35.58
CA LEU D 81 57.44 -7.68 -34.49
C LEU D 81 55.98 -8.17 -34.49
N ILE D 82 55.75 -9.37 -35.02
CA ILE D 82 54.42 -9.82 -35.42
C ILE D 82 53.50 -9.99 -34.22
N ALA D 83 54.04 -10.45 -33.10
CA ALA D 83 53.26 -10.59 -31.89
C ALA D 83 52.60 -9.27 -31.47
N ASP D 84 53.30 -8.15 -31.67
CA ASP D 84 52.73 -6.83 -31.42
C ASP D 84 51.53 -6.54 -32.33
N ALA D 85 51.49 -7.08 -33.53
CA ALA D 85 50.40 -6.79 -34.45
C ALA D 85 49.01 -7.26 -33.96
N LYS D 86 48.97 -8.35 -33.19
CA LYS D 86 47.69 -8.99 -32.78
C LYS D 86 46.71 -8.04 -32.17
N THR D 87 47.14 -7.23 -31.21
CA THR D 87 46.19 -6.33 -30.58
C THR D 87 45.76 -5.22 -31.53
N LEU D 88 46.62 -4.84 -32.49
CA LEU D 88 46.22 -3.84 -33.48
C LEU D 88 45.18 -4.39 -34.45
N ILE D 89 45.37 -5.62 -34.88
CA ILE D 89 44.48 -6.33 -35.78
C ILE D 89 43.12 -6.51 -35.09
N ASP D 90 43.14 -6.90 -33.82
CA ASP D 90 41.93 -7.13 -33.06
C ASP D 90 41.18 -5.85 -32.89
N LYS D 91 41.90 -4.78 -32.59
CA LYS D 91 41.30 -3.45 -32.50
C LYS D 91 40.63 -3.05 -33.82
N ALA D 92 41.31 -3.26 -34.95
CA ALA D 92 40.69 -2.96 -36.25
C ALA D 92 39.37 -3.76 -36.43
N ARG D 93 39.39 -5.04 -36.07
CA ARG D 93 38.28 -5.92 -36.28
C ARG D 93 37.08 -5.52 -35.46
N VAL D 94 37.34 -5.20 -34.19
CA VAL D 94 36.33 -4.75 -33.25
C VAL D 94 35.73 -3.41 -33.66
N GLU D 95 36.56 -2.48 -34.10
CA GLU D 95 36.13 -1.18 -34.53
C GLU D 95 35.16 -1.25 -35.74
N THR D 96 35.44 -2.14 -36.71
CA THR D 96 34.64 -2.20 -37.93
C THR D 96 33.28 -2.81 -37.58
N GLN D 97 33.28 -3.78 -36.67
CA GLN D 97 32.07 -4.36 -36.16
C GLN D 97 31.23 -3.43 -35.29
N ASN D 98 31.87 -2.62 -34.46
CA ASN D 98 31.19 -1.55 -33.76
C ASN D 98 30.56 -0.54 -34.72
N HIS D 99 31.30 -0.15 -35.74
CA HIS D 99 30.78 0.78 -36.72
C HIS D 99 29.55 0.17 -37.41
N TRP D 100 29.63 -1.12 -37.75
CA TRP D 100 28.54 -1.81 -38.38
C TRP D 100 27.29 -1.88 -37.44
N PHE D 101 27.54 -2.19 -36.16
CA PHE D 101 26.52 -2.27 -35.15
C PHE D 101 25.77 -0.95 -35.02
N THR D 102 26.53 0.14 -34.96
CA THR D 102 25.98 1.45 -34.64
C THR D 102 25.33 2.12 -35.85
N TYR D 103 26.04 2.07 -36.98
CA TYR D 103 25.64 2.81 -38.18
C TYR D 103 25.04 1.98 -39.34
N ASN D 104 25.05 0.66 -39.23
CA ASN D 104 24.54 -0.25 -40.29
C ASN D 104 25.14 0.03 -41.66
N GLU D 105 26.46 0.13 -41.68
CA GLU D 105 27.21 0.45 -42.88
C GLU D 105 28.63 0.01 -42.63
N THR D 106 29.38 -0.09 -43.71
CA THR D 106 30.75 -0.50 -43.63
C THR D 106 31.61 0.72 -43.29
N MET D 107 32.64 0.50 -42.50
CA MET D 107 33.60 1.54 -42.13
C MET D 107 34.60 1.72 -43.28
N THR D 108 34.92 2.95 -43.65
CA THR D 108 35.94 3.18 -44.70
C THR D 108 37.34 2.67 -44.31
N VAL D 109 38.17 2.39 -45.31
CA VAL D 109 39.55 1.94 -45.08
C VAL D 109 40.30 2.99 -44.28
N GLU D 110 40.17 4.24 -44.70
CA GLU D 110 40.74 5.38 -44.00
C GLU D 110 40.36 5.45 -42.52
N SER D 111 39.06 5.26 -42.24
CA SER D 111 38.57 5.33 -40.86
C SER D 111 39.09 4.22 -39.99
N VAL D 112 39.14 3.02 -40.51
CA VAL D 112 39.74 1.90 -39.79
C VAL D 112 41.18 2.22 -39.52
N THR D 113 41.92 2.66 -40.54
CA THR D 113 43.34 2.94 -40.36
C THR D 113 43.52 4.02 -39.28
N GLN D 114 42.71 5.06 -39.37
CA GLN D 114 42.71 6.13 -38.32
C GLN D 114 42.47 5.64 -36.89
N ALA D 115 41.52 4.73 -36.72
CA ALA D 115 41.16 4.25 -35.39
C ALA D 115 42.30 3.47 -34.81
N VAL D 116 42.93 2.64 -35.64
CA VAL D 116 44.08 1.90 -35.17
C VAL D 116 45.23 2.84 -34.82
N SER D 117 45.42 3.90 -35.60
CA SER D 117 46.57 4.75 -35.42
C SER D 117 46.48 5.59 -34.15
N ASN D 118 45.28 5.83 -33.66
CA ASN D 118 45.11 6.50 -32.36
C ASN D 118 45.61 5.72 -31.13
N LEU D 119 45.91 4.44 -31.27
CA LEU D 119 46.62 3.70 -30.22
C LEU D 119 48.11 4.05 -30.14
N ALA D 120 48.66 4.62 -31.20
CA ALA D 120 50.13 4.68 -31.39
C ALA D 120 51.05 5.17 -30.21
N LEU D 121 50.82 6.38 -29.70
CA LEU D 121 51.64 6.99 -28.71
C LEU D 121 51.04 6.83 -27.31
N GLN D 122 50.07 5.95 -27.15
CA GLN D 122 49.47 5.66 -25.86
C GLN D 122 50.34 4.72 -25.02
N PHE D 123 51.55 5.15 -24.72
CA PHE D 123 52.39 4.39 -23.83
C PHE D 123 53.00 5.35 -22.82
N GLY D 124 53.46 4.83 -21.69
CA GLY D 124 54.09 5.66 -20.69
C GLY D 124 53.81 5.15 -19.32
N GLU D 125 54.59 5.60 -18.35
CA GLU D 125 54.58 4.98 -17.01
C GLU D 125 54.12 5.80 -15.80
N GLU D 126 53.37 6.87 -16.01
CA GLU D 126 52.72 7.56 -14.81
C GLU D 126 51.61 8.60 -15.10
N ASP D 127 50.84 8.39 -16.18
CA ASP D 127 49.50 9.01 -16.42
C ASP D 127 48.36 8.01 -16.10
N ALA D 128 48.62 6.70 -16.31
CA ALA D 128 47.58 5.73 -16.77
C ALA D 128 47.30 4.52 -15.81
N ASP D 129 46.39 3.63 -16.24
CA ASP D 129 45.88 2.51 -15.40
C ASP D 129 46.97 1.49 -15.01
N PRO D 130 46.71 0.64 -13.99
CA PRO D 130 47.79 -0.06 -13.25
C PRO D 130 48.95 -0.74 -14.07
N GLY D 131 48.64 -1.25 -15.27
CA GLY D 131 49.65 -1.75 -16.20
C GLY D 131 49.38 -1.54 -17.70
N ALA D 132 49.25 -0.27 -18.11
CA ALA D 132 49.01 0.10 -19.52
C ALA D 132 50.30 -0.08 -20.36
N MET D 133 50.27 0.29 -21.64
CA MET D 133 51.39 0.02 -22.57
C MET D 133 52.69 0.68 -22.07
N SER D 134 53.78 -0.10 -22.01
CA SER D 134 55.09 0.39 -21.61
C SER D 134 55.92 0.97 -22.75
N ARG D 135 55.47 0.73 -23.97
CA ARG D 135 56.29 1.02 -25.15
C ARG D 135 55.42 1.05 -26.38
N PRO D 136 55.87 1.69 -27.45
CA PRO D 136 55.16 1.59 -28.71
C PRO D 136 55.15 0.16 -29.35
N PHE D 137 54.34 0.01 -30.41
CA PHE D 137 54.23 -1.22 -31.17
C PHE D 137 55.32 -1.27 -32.24
N GLY D 138 56.03 -2.39 -32.34
CA GLY D 138 57.11 -2.58 -33.35
C GLY D 138 56.66 -3.11 -34.69
N VAL D 139 55.65 -2.46 -35.28
CA VAL D 139 54.86 -2.99 -36.36
C VAL D 139 54.62 -1.91 -37.37
N ALA D 140 54.70 -2.25 -38.65
CA ALA D 140 54.07 -1.42 -39.69
C ALA D 140 52.95 -2.19 -40.34
N LEU D 141 51.94 -1.46 -40.84
CA LEU D 141 50.75 -2.10 -41.42
C LEU D 141 50.32 -1.50 -42.72
N LEU D 142 49.94 -2.38 -43.67
CA LEU D 142 49.26 -1.98 -44.90
C LEU D 142 47.80 -2.44 -44.84
N PHE D 143 46.87 -1.49 -44.83
CA PHE D 143 45.43 -1.78 -44.90
C PHE D 143 45.01 -1.59 -46.35
N GLY D 144 44.56 -2.68 -46.99
CA GLY D 144 44.05 -2.65 -48.37
C GLY D 144 42.59 -3.06 -48.44
N GLY D 145 41.77 -2.21 -49.03
CA GLY D 145 40.34 -2.52 -49.15
C GLY D 145 39.62 -1.71 -50.20
N VAL D 146 38.31 -1.91 -50.23
CA VAL D 146 37.41 -1.21 -51.12
C VAL D 146 36.29 -0.65 -50.27
N ASP D 147 36.05 0.64 -50.39
CA ASP D 147 34.91 1.31 -49.75
C ASP D 147 34.28 2.19 -50.81
N GLU D 148 33.36 3.09 -50.47
CA GLU D 148 32.74 3.93 -51.52
C GLU D 148 33.71 4.88 -52.23
N LYS D 149 34.85 5.22 -51.62
CA LYS D 149 35.91 5.95 -52.34
C LYS D 149 36.57 5.08 -53.43
N GLY D 150 36.17 3.80 -53.54
CA GLY D 150 36.82 2.85 -54.46
C GLY D 150 37.90 2.06 -53.73
N PRO D 151 38.76 1.36 -54.49
CA PRO D 151 39.90 0.61 -53.88
C PRO D 151 40.87 1.53 -53.16
N GLN D 152 41.44 1.04 -52.06
CA GLN D 152 42.29 1.85 -51.23
C GLN D 152 43.34 1.12 -50.43
N LEU D 153 44.53 1.72 -50.42
CA LEU D 153 45.67 1.20 -49.71
C LEU D 153 46.20 2.29 -48.82
N PHE D 154 46.36 1.97 -47.53
CA PHE D 154 46.87 2.91 -46.54
C PHE D 154 48.04 2.26 -45.80
N HIS D 155 49.03 3.07 -45.47
CA HIS D 155 50.17 2.63 -44.68
C HIS D 155 50.16 3.30 -43.31
N MET D 156 50.60 2.57 -42.30
CA MET D 156 50.74 3.10 -40.95
C MET D 156 52.01 2.54 -40.28
N ASP D 157 52.73 3.39 -39.56
CA ASP D 157 53.93 2.97 -38.82
C ASP D 157 53.80 3.26 -37.31
N PRO D 158 54.80 2.93 -36.50
CA PRO D 158 54.68 3.14 -35.04
C PRO D 158 54.52 4.58 -34.49
N SER D 159 54.71 5.58 -35.33
CA SER D 159 54.48 6.98 -34.97
C SER D 159 53.02 7.36 -34.89
N GLY D 160 52.17 6.54 -35.47
CA GLY D 160 50.73 6.85 -35.59
C GLY D 160 50.45 7.56 -36.88
N THR D 161 51.48 7.77 -37.68
CA THR D 161 51.28 8.49 -38.94
C THR D 161 50.69 7.50 -39.94
N PHE D 162 49.65 7.90 -40.65
CA PHE D 162 49.08 7.04 -41.68
C PHE D 162 48.77 7.82 -42.92
N VAL D 163 48.82 7.15 -44.05
CA VAL D 163 48.67 7.83 -45.33
C VAL D 163 48.27 6.85 -46.46
N GLN D 164 47.52 7.34 -47.44
CA GLN D 164 47.15 6.57 -48.62
C GLN D 164 48.39 6.48 -49.52
N CYS D 165 48.65 5.29 -50.08
CA CYS D 165 49.73 5.09 -51.06
C CYS D 165 49.19 4.37 -52.26
N ASP D 166 49.65 4.72 -53.46
CA ASP D 166 49.27 3.96 -54.63
C ASP D 166 49.97 2.58 -54.66
N ALA D 167 51.20 2.52 -54.18
CA ALA D 167 51.95 1.28 -53.99
C ALA D 167 53.02 1.49 -52.89
N ARG D 168 53.29 0.46 -52.10
CA ARG D 168 54.12 0.61 -50.91
C ARG D 168 54.71 -0.71 -50.46
N ALA D 169 56.00 -0.73 -50.18
CA ALA D 169 56.64 -1.90 -49.56
C ALA D 169 56.99 -1.56 -48.11
N ILE D 170 57.05 -2.57 -47.23
CA ILE D 170 57.51 -2.42 -45.85
C ILE D 170 58.32 -3.62 -45.47
N GLY D 171 59.07 -3.52 -44.37
CA GLY D 171 59.99 -4.58 -43.94
C GLY D 171 61.41 -4.43 -44.46
N SER D 172 62.19 -5.49 -44.31
CA SER D 172 63.65 -5.50 -44.56
C SER D 172 64.08 -4.94 -45.90
N ALA D 173 63.46 -5.39 -46.99
CA ALA D 173 63.95 -5.00 -48.32
C ALA D 173 63.09 -3.92 -48.96
N SER D 174 62.53 -3.03 -48.14
CA SER D 174 61.51 -2.12 -48.64
C SER D 174 62.08 -0.97 -49.47
N GLU D 175 63.31 -0.57 -49.15
N GLU D 175 63.31 -0.54 -49.20
CA GLU D 175 64.11 0.24 -50.03
CA GLU D 175 64.00 0.45 -50.08
C GLU D 175 64.71 -0.93 -50.78
C GLU D 175 64.04 0.08 -51.58
N GLY D 176 64.95 -0.77 -52.03
CA GLY D 176 64.70 -1.83 -53.00
C GLY D 176 63.33 -2.01 -53.60
N ALA D 177 62.44 -2.60 -52.81
CA ALA D 177 61.12 -2.93 -53.32
C ALA D 177 60.36 -1.68 -53.77
N GLN D 178 60.45 -0.61 -52.97
CA GLN D 178 59.84 0.68 -53.29
C GLN D 178 60.36 1.27 -54.59
N SER D 179 61.67 1.13 -54.84
CA SER D 179 62.24 1.60 -56.14
C SER D 179 61.56 0.93 -57.29
N SER D 180 61.49 -0.40 -57.21
CA SER D 180 60.91 -1.20 -58.27
C SER D 180 59.43 -0.88 -58.45
N LEU D 181 58.74 -0.58 -57.35
CA LEU D 181 57.35 -0.13 -57.42
C LEU D 181 57.20 1.21 -58.19
N GLN D 182 58.06 2.22 -57.92
CA GLN D 182 58.08 3.48 -58.72
C GLN D 182 58.19 3.14 -60.20
N GLU D 183 59.09 2.22 -60.52
CA GLU D 183 59.36 1.82 -61.89
C GLU D 183 58.13 1.26 -62.59
N VAL D 184 57.49 0.26 -61.99
CA VAL D 184 56.36 -0.45 -62.64
C VAL D 184 54.97 0.17 -62.43
N TYR D 185 54.75 0.98 -61.42
CA TYR D 185 53.38 1.43 -61.16
C TYR D 185 52.87 2.40 -62.21
N HIS D 186 51.61 2.30 -62.61
CA HIS D 186 50.91 3.38 -63.33
C HIS D 186 49.44 3.39 -62.91
N LYS D 187 48.82 4.57 -62.83
CA LYS D 187 47.42 4.73 -62.38
C LYS D 187 46.41 3.84 -63.12
N SER D 188 46.63 3.61 -64.41
CA SER D 188 45.77 2.76 -65.25
C SER D 188 46.14 1.25 -65.24
N MET D 189 47.11 0.86 -64.43
CA MET D 189 47.50 -0.54 -64.28
C MET D 189 46.33 -1.43 -63.81
N THR D 190 46.24 -2.64 -64.38
CA THR D 190 45.21 -3.61 -63.98
C THR D 190 45.59 -4.35 -62.71
N LEU D 191 44.61 -4.96 -62.06
CA LEU D 191 44.88 -5.79 -60.89
C LEU D 191 45.79 -6.99 -61.22
N LYS D 192 45.57 -7.65 -62.35
CA LYS D 192 46.38 -8.84 -62.66
C LYS D 192 47.86 -8.50 -62.91
N GLU D 193 48.09 -7.33 -63.52
CA GLU D 193 49.42 -6.75 -63.66
C GLU D 193 50.06 -6.44 -62.31
N ALA D 194 49.30 -5.84 -61.41
CA ALA D 194 49.78 -5.53 -60.05
C ALA D 194 50.18 -6.77 -59.25
N ILE D 195 49.37 -7.82 -59.37
CA ILE D 195 49.66 -9.13 -58.78
C ILE D 195 51.02 -9.67 -59.28
N LYS D 196 51.18 -9.72 -60.61
CA LYS D 196 52.43 -10.17 -61.25
C LYS D 196 53.61 -9.29 -60.82
N SER D 197 53.44 -7.97 -60.90
CA SER D 197 54.47 -7.01 -60.45
C SER D 197 54.98 -7.26 -59.03
N SER D 198 54.06 -7.53 -58.10
CA SER D 198 54.46 -7.65 -56.71
C SER D 198 55.14 -9.00 -56.45
N LEU D 199 54.79 -10.05 -57.21
CA LEU D 199 55.50 -11.31 -57.08
C LEU D 199 56.88 -11.28 -57.73
N ILE D 200 57.02 -10.54 -58.84
CA ILE D 200 58.32 -10.33 -59.46
C ILE D 200 59.24 -9.62 -58.47
N ILE D 201 58.72 -8.59 -57.82
CA ILE D 201 59.51 -7.81 -56.87
C ILE D 201 59.86 -8.63 -55.64
N LEU D 202 58.88 -9.33 -55.06
CA LEU D 202 59.19 -10.23 -53.95
C LEU D 202 60.27 -11.22 -54.37
N LYS D 203 60.15 -11.81 -55.56
CA LYS D 203 61.14 -12.77 -56.06
C LYS D 203 62.56 -12.18 -56.05
N GLN D 204 62.72 -10.94 -56.53
CA GLN D 204 64.02 -10.27 -56.44
C GLN D 204 64.56 -10.13 -55.04
N VAL D 205 63.71 -9.68 -54.12
CA VAL D 205 64.20 -9.20 -52.82
C VAL D 205 64.34 -10.32 -51.79
N MET D 206 63.61 -11.42 -51.97
CA MET D 206 63.64 -12.55 -51.01
C MET D 206 64.99 -13.25 -51.08
N GLU D 207 65.53 -13.65 -49.92
CA GLU D 207 66.76 -14.47 -49.86
C GLU D 207 66.53 -15.85 -50.46
N GLU D 208 65.40 -16.47 -50.08
CA GLU D 208 64.99 -17.77 -50.64
C GLU D 208 64.26 -17.65 -51.98
N LYS D 209 64.33 -18.73 -52.75
CA LYS D 209 63.61 -18.87 -54.02
C LYS D 209 62.10 -18.85 -53.82
N LEU D 210 61.42 -17.88 -54.42
CA LEU D 210 59.98 -17.76 -54.29
C LEU D 210 59.32 -19.04 -54.77
N ASN D 211 58.35 -19.54 -54.03
CA ASN D 211 57.45 -20.61 -54.47
C ASN D 211 56.06 -20.39 -53.87
N ALA D 212 55.14 -21.32 -54.13
CA ALA D 212 53.76 -21.18 -53.71
C ALA D 212 53.46 -21.44 -52.22
N THR D 213 54.46 -21.86 -51.41
CA THR D 213 54.28 -22.02 -49.95
C THR D 213 54.97 -20.94 -49.08
N ASN D 214 56.03 -20.29 -49.56
CA ASN D 214 56.74 -19.25 -48.74
C ASN D 214 56.33 -17.82 -49.01
N ILE D 215 55.20 -17.62 -49.65
CA ILE D 215 54.57 -16.32 -49.75
C ILE D 215 53.06 -16.41 -49.46
N GLU D 216 52.43 -15.26 -49.23
CA GLU D 216 50.98 -15.17 -49.24
C GLU D 216 50.60 -13.99 -50.12
N LEU D 217 49.41 -14.06 -50.66
CA LEU D 217 48.83 -13.01 -51.46
C LEU D 217 47.32 -12.98 -51.23
N ALA D 218 46.79 -11.77 -51.09
CA ALA D 218 45.36 -11.55 -51.01
C ALA D 218 44.95 -10.37 -51.86
N THR D 219 43.68 -10.35 -52.23
CA THR D 219 43.10 -9.23 -52.97
C THR D 219 41.75 -8.79 -52.38
N VAL D 220 41.41 -7.54 -52.60
CA VAL D 220 40.05 -7.05 -52.40
C VAL D 220 39.67 -6.26 -53.67
N GLN D 221 38.50 -6.56 -54.23
CA GLN D 221 38.01 -5.94 -55.46
C GLN D 221 36.64 -5.38 -55.25
N PRO D 222 36.24 -4.35 -56.06
CA PRO D 222 34.89 -3.81 -55.94
C PRO D 222 33.84 -4.91 -56.04
N GLY D 223 34.05 -5.83 -56.95
CA GLY D 223 33.17 -6.97 -57.06
C GLY D 223 33.06 -7.81 -55.80
N GLN D 224 34.18 -8.05 -55.15
CA GLN D 224 34.39 -9.30 -54.46
C GLN D 224 35.11 -9.13 -53.11
N ASN D 225 34.67 -9.92 -52.14
CA ASN D 225 35.23 -9.90 -50.79
C ASN D 225 36.73 -10.23 -50.75
N PHE D 226 37.35 -9.81 -49.65
CA PHE D 226 38.69 -10.24 -49.26
C PHE D 226 38.90 -11.69 -49.63
N HIS D 227 39.96 -11.93 -50.38
CA HIS D 227 40.24 -13.25 -50.86
C HIS D 227 41.74 -13.59 -50.74
N MET D 228 42.02 -14.60 -49.94
CA MET D 228 43.34 -15.16 -49.78
C MET D 228 43.55 -16.16 -50.90
N PHE D 229 44.65 -16.03 -51.62
CA PHE D 229 45.01 -16.97 -52.67
C PHE D 229 45.35 -18.34 -52.08
N THR D 230 44.85 -19.37 -52.75
CA THR D 230 45.15 -20.76 -52.40
C THR D 230 46.51 -21.15 -53.03
N LYS D 231 47.07 -22.26 -52.56
CA LYS D 231 48.28 -22.84 -53.12
C LYS D 231 48.15 -22.95 -54.64
N GLU D 232 47.00 -23.50 -55.06
CA GLU D 232 46.68 -23.69 -56.47
C GLU D 232 46.61 -22.36 -57.24
N GLU D 233 45.97 -21.35 -56.67
CA GLU D 233 45.89 -20.03 -57.33
C GLU D 233 47.24 -19.29 -57.39
N LEU D 234 48.10 -19.57 -56.42
CA LEU D 234 49.44 -18.98 -56.37
C LEU D 234 50.32 -19.58 -57.46
N GLU D 235 50.29 -20.90 -57.58
CA GLU D 235 51.02 -21.64 -58.63
C GLU D 235 50.69 -21.15 -60.02
N GLU D 236 49.41 -20.95 -60.32
CA GLU D 236 48.99 -20.40 -61.62
C GLU D 236 49.61 -19.04 -61.91
N VAL D 237 49.67 -18.18 -60.91
CA VAL D 237 50.29 -16.85 -61.06
C VAL D 237 51.81 -16.94 -61.11
N ILE D 238 52.39 -17.89 -60.39
CA ILE D 238 53.85 -18.07 -60.35
C ILE D 238 54.43 -18.54 -61.70
N LYS D 239 53.63 -19.23 -62.52
CA LYS D 239 54.09 -19.76 -63.84
C LYS D 239 54.72 -18.75 -64.80
N ASP D 240 54.17 -17.55 -64.84
CA ASP D 240 54.67 -16.46 -65.71
C ASP D 240 56.00 -15.86 -65.28
N ILE D 241 56.31 -16.02 -63.98
CA ILE D 241 57.27 -15.18 -63.27
C ILE D 241 58.56 -15.94 -62.97
N ASN E 4 72.31 17.93 -20.20
CA ASN E 4 72.94 16.54 -20.22
C ASN E 4 72.33 15.67 -19.09
N GLN E 5 72.69 15.93 -17.83
CA GLN E 5 71.82 15.52 -16.68
C GLN E 5 70.50 16.31 -16.62
N TYR E 6 70.45 17.46 -17.30
CA TYR E 6 69.28 18.31 -17.33
C TYR E 6 68.39 18.12 -18.55
N ASP E 7 68.63 17.15 -19.41
CA ASP E 7 67.81 17.13 -20.64
C ASP E 7 66.86 15.96 -20.85
N ASN E 8 66.71 15.07 -19.88
CA ASN E 8 65.87 13.93 -20.12
C ASN E 8 64.44 14.05 -19.54
N ASP E 9 64.27 14.91 -18.53
CA ASP E 9 63.00 15.08 -17.83
C ASP E 9 62.44 16.47 -17.89
N VAL E 10 61.16 16.56 -18.22
CA VAL E 10 60.49 17.85 -18.30
C VAL E 10 60.35 18.54 -16.95
N THR E 11 60.49 17.79 -15.86
CA THR E 11 60.53 18.35 -14.51
C THR E 11 61.88 18.88 -14.08
N VAL E 12 62.93 18.72 -14.88
CA VAL E 12 64.27 19.21 -14.48
C VAL E 12 64.60 20.57 -15.10
N TRP E 13 64.56 21.62 -14.29
CA TRP E 13 65.12 22.90 -14.71
C TRP E 13 66.60 22.80 -14.90
N SER E 14 67.14 23.44 -15.92
CA SER E 14 68.62 23.57 -16.05
C SER E 14 69.12 24.71 -15.19
N PRO E 15 70.45 24.78 -15.01
CA PRO E 15 70.96 25.90 -14.20
C PRO E 15 70.77 27.33 -14.82
N GLN E 16 70.40 27.41 -16.10
CA GLN E 16 70.09 28.70 -16.78
C GLN E 16 68.64 29.01 -16.80
N GLY E 17 67.81 28.22 -16.13
CA GLY E 17 66.39 28.51 -16.09
C GLY E 17 65.71 28.10 -17.38
N ARG E 18 66.16 26.98 -17.96
CA ARG E 18 65.51 26.39 -19.12
C ARG E 18 65.00 24.94 -18.85
N ILE E 19 64.15 24.46 -19.73
CA ILE E 19 63.67 23.10 -19.69
C ILE E 19 63.94 22.55 -21.09
N HIS E 20 64.99 21.76 -21.17
CA HIS E 20 65.47 21.21 -22.43
C HIS E 20 64.41 20.33 -23.13
N GLN E 21 63.66 19.52 -22.36
CA GLN E 21 62.60 18.73 -22.96
C GLN E 21 61.56 19.56 -23.75
N ILE E 22 61.23 20.74 -23.26
CA ILE E 22 60.34 21.61 -23.97
C ILE E 22 61.00 22.14 -25.23
N GLU E 23 62.24 22.58 -25.12
CA GLU E 23 62.98 23.02 -26.31
C GLU E 23 63.05 21.91 -27.37
N TYR E 24 63.32 20.70 -26.91
CA TYR E 24 63.42 19.57 -27.81
C TYR E 24 62.12 19.27 -28.48
N ALA E 25 61.00 19.36 -27.72
CA ALA E 25 59.67 19.21 -28.33
C ALA E 25 59.42 20.25 -29.42
N MET E 26 59.95 21.45 -29.23
CA MET E 26 59.84 22.51 -30.26
C MET E 26 60.56 22.19 -31.56
N GLU E 27 61.57 21.34 -31.51
CA GLU E 27 62.27 20.90 -32.72
C GLU E 27 61.39 20.01 -33.58
N ALA E 28 60.50 19.23 -32.93
CA ALA E 28 59.51 18.48 -33.69
C ALA E 28 58.73 19.41 -34.62
N VAL E 29 58.36 20.59 -34.15
CA VAL E 29 57.63 21.52 -35.04
C VAL E 29 58.51 22.16 -36.12
N LYS E 30 59.76 22.51 -35.80
CA LYS E 30 60.67 23.13 -36.79
C LYS E 30 61.00 22.24 -37.97
N GLN E 31 60.97 20.94 -37.74
CA GLN E 31 61.15 19.94 -38.77
C GLN E 31 59.91 19.48 -39.54
N GLY E 32 58.70 19.89 -39.13
CA GLY E 32 57.53 19.62 -39.93
C GLY E 32 57.56 20.43 -41.23
N SER E 33 56.69 20.10 -42.17
CA SER E 33 56.63 20.87 -43.40
C SER E 33 55.94 22.20 -43.13
N ALA E 34 56.29 23.22 -43.86
CA ALA E 34 55.77 24.55 -43.58
C ALA E 34 54.25 24.70 -43.75
N THR E 35 53.67 25.55 -42.92
CA THR E 35 52.34 26.03 -43.14
C THR E 35 52.31 27.50 -42.79
N VAL E 36 51.39 28.18 -43.45
CA VAL E 36 51.19 29.61 -43.32
C VAL E 36 49.72 29.86 -42.91
N GLY E 37 49.54 30.85 -42.04
CA GLY E 37 48.23 31.38 -41.66
C GLY E 37 48.23 32.90 -41.77
N LEU E 38 47.15 33.45 -42.34
CA LEU E 38 46.97 34.92 -42.39
C LEU E 38 45.47 35.29 -42.43
N LYS E 39 45.19 36.58 -42.21
CA LYS E 39 43.83 37.08 -42.16
C LYS E 39 43.65 38.48 -42.72
N SER E 40 42.41 38.74 -43.12
CA SER E 40 41.93 40.06 -43.54
C SER E 40 40.89 40.53 -42.51
N LYS E 41 40.18 41.63 -42.81
CA LYS E 41 39.03 42.07 -42.01
C LYS E 41 37.91 40.97 -41.94
N THR E 42 37.76 40.15 -42.99
CA THR E 42 36.65 39.23 -43.14
C THR E 42 36.97 37.72 -43.17
N HIS E 43 38.21 37.31 -43.41
CA HIS E 43 38.53 35.89 -43.59
C HIS E 43 39.84 35.50 -42.89
N ALA E 44 39.93 34.22 -42.54
CA ALA E 44 41.15 33.65 -41.97
C ALA E 44 41.55 32.51 -42.85
N VAL E 45 42.80 32.51 -43.32
CA VAL E 45 43.30 31.47 -44.25
C VAL E 45 44.50 30.68 -43.73
N LEU E 46 44.44 29.38 -43.97
CA LEU E 46 45.54 28.47 -43.75
C LEU E 46 46.02 27.88 -45.08
N VAL E 47 47.34 27.85 -45.26
CA VAL E 47 47.94 27.18 -46.40
C VAL E 47 49.01 26.23 -45.91
N ALA E 48 49.06 25.03 -46.44
CA ALA E 48 50.04 24.04 -45.94
C ALA E 48 50.71 23.27 -47.07
N LEU E 49 51.99 22.97 -46.89
CA LEU E 49 52.71 22.03 -47.76
C LEU E 49 52.62 20.63 -47.22
N LYS E 50 52.27 19.71 -48.09
CA LYS E 50 52.17 18.32 -47.71
C LYS E 50 53.45 17.63 -48.15
N ARG E 51 54.14 16.98 -47.20
CA ARG E 51 55.29 16.11 -47.47
C ARG E 51 54.73 14.71 -47.91
N ALA E 52 55.18 14.23 -49.06
CA ALA E 52 54.85 12.88 -49.54
C ALA E 52 56.03 11.97 -49.27
N GLN E 53 55.79 10.84 -48.61
CA GLN E 53 56.84 9.87 -48.22
C GLN E 53 57.64 9.39 -49.45
N SER E 54 56.97 8.71 -50.39
CA SER E 54 57.53 8.39 -51.73
C SER E 54 56.74 9.16 -52.80
N GLU E 55 57.13 8.95 -54.07
CA GLU E 55 56.39 9.52 -55.22
C GLU E 55 54.99 8.91 -55.39
N LEU E 56 54.82 7.65 -54.96
CA LEU E 56 53.53 6.96 -55.00
C LEU E 56 52.59 7.19 -53.77
N ALA E 57 53.12 7.77 -52.68
CA ALA E 57 52.28 8.19 -51.53
C ALA E 57 51.48 9.48 -51.85
N ALA E 58 50.21 9.51 -51.41
CA ALA E 58 49.25 10.67 -51.57
C ALA E 58 49.70 12.05 -51.08
N HIS E 59 50.34 12.09 -49.92
CA HIS E 59 50.70 13.36 -49.27
C HIS E 59 49.86 13.46 -47.97
N GLN E 60 50.57 13.66 -46.87
CA GLN E 60 50.01 13.76 -45.53
C GLN E 60 48.99 14.89 -45.39
N LYS E 61 47.85 14.64 -44.75
CA LYS E 61 46.96 15.75 -44.38
C LYS E 61 47.60 16.74 -43.37
N LYS E 62 47.60 18.02 -43.71
CA LYS E 62 48.04 19.06 -42.80
C LYS E 62 46.91 19.91 -42.16
N ILE E 63 45.73 19.87 -42.74
CA ILE E 63 44.66 20.76 -42.32
C ILE E 63 43.47 19.92 -41.83
N LEU E 64 42.91 20.31 -40.69
CA LEU E 64 41.85 19.55 -40.01
C LEU E 64 40.69 20.45 -39.62
N HIS E 65 39.49 19.93 -39.81
CA HIS E 65 38.25 20.58 -39.35
C HIS E 65 38.12 20.43 -37.82
N VAL E 66 37.81 21.52 -37.14
CA VAL E 66 37.50 21.51 -35.69
C VAL E 66 36.01 21.75 -35.45
N ASP E 67 35.47 22.83 -36.02
CA ASP E 67 34.06 23.18 -35.92
C ASP E 67 33.69 24.06 -37.13
N ASN E 68 32.44 24.46 -37.27
CA ASN E 68 32.05 25.24 -38.45
C ASN E 68 32.84 26.55 -38.60
N HIS E 69 33.32 27.06 -37.48
CA HIS E 69 33.97 28.35 -37.38
C HIS E 69 35.49 28.24 -37.10
N ILE E 70 36.03 27.02 -37.04
CA ILE E 70 37.43 26.78 -36.65
C ILE E 70 38.06 25.63 -37.40
N GLY E 71 39.27 25.87 -37.92
CA GLY E 71 40.12 24.81 -38.46
C GLY E 71 41.57 25.03 -38.11
N ILE E 72 42.37 23.99 -38.24
CA ILE E 72 43.76 24.02 -37.84
C ILE E 72 44.69 23.46 -38.92
N SER E 73 45.94 23.95 -38.85
CA SER E 73 47.06 23.43 -39.59
C SER E 73 48.08 22.93 -38.59
N ILE E 74 48.70 21.83 -38.90
CA ILE E 74 49.56 21.13 -37.94
C ILE E 74 51.04 21.06 -38.41
N ALA E 75 51.95 21.07 -37.47
CA ALA E 75 53.36 20.79 -37.74
C ALA E 75 54.00 20.11 -36.53
N GLY E 76 54.58 18.92 -36.73
CA GLY E 76 55.11 18.12 -35.64
C GLY E 76 54.56 16.72 -35.60
N LEU E 77 54.50 16.11 -34.42
CA LEU E 77 54.03 14.72 -34.33
C LEU E 77 52.52 14.61 -34.67
N THR E 78 52.22 13.82 -35.68
CA THR E 78 50.86 13.73 -36.20
C THR E 78 49.87 13.17 -35.11
N ALA E 79 50.30 12.15 -34.36
CA ALA E 79 49.50 11.56 -33.31
C ALA E 79 49.17 12.52 -32.22
N ASP E 80 50.12 13.41 -31.87
CA ASP E 80 49.83 14.48 -30.94
C ASP E 80 48.91 15.54 -31.53
N ALA E 81 49.07 15.81 -32.82
CA ALA E 81 48.17 16.72 -33.51
C ALA E 81 46.70 16.22 -33.41
N ARG E 82 46.48 14.93 -33.68
CA ARG E 82 45.12 14.36 -33.62
C ARG E 82 44.56 14.39 -32.20
N LEU E 83 45.39 14.14 -31.21
CA LEU E 83 44.95 14.15 -29.81
C LEU E 83 44.47 15.55 -29.43
N LEU E 84 45.23 16.55 -29.84
CA LEU E 84 44.87 17.93 -29.58
C LEU E 84 43.67 18.39 -30.41
N CYS E 85 43.61 17.95 -31.65
CA CYS E 85 42.50 18.26 -32.50
C CYS E 85 41.21 17.69 -31.88
N ASN E 86 41.28 16.47 -31.35
CA ASN E 86 40.10 15.83 -30.75
C ASN E 86 39.66 16.53 -29.49
N PHE E 87 40.61 17.01 -28.69
CA PHE E 87 40.33 17.88 -27.55
C PHE E 87 39.59 19.15 -27.96
N MET E 88 40.10 19.82 -29.01
CA MET E 88 39.51 21.04 -29.49
C MET E 88 38.08 20.82 -29.98
N ARG E 89 37.88 19.72 -30.71
CA ARG E 89 36.56 19.32 -31.22
C ARG E 89 35.57 19.14 -30.12
N GLN E 90 36.01 18.47 -29.07
CA GLN E 90 35.16 18.19 -27.93
C GLN E 90 34.78 19.46 -27.17
N GLU E 91 35.75 20.35 -26.95
CA GLU E 91 35.45 21.64 -26.33
C GLU E 91 34.44 22.46 -27.12
N CYS E 92 34.57 22.43 -28.45
CA CYS E 92 33.61 23.08 -29.29
C CYS E 92 32.20 22.47 -29.22
N LEU E 93 32.09 21.14 -29.20
CA LEU E 93 30.80 20.47 -29.12
C LEU E 93 30.14 20.81 -27.77
N ASP E 94 30.93 20.79 -26.68
CA ASP E 94 30.46 21.11 -25.33
C ASP E 94 29.86 22.50 -25.24
N SER E 95 30.56 23.46 -25.80
CA SER E 95 30.04 24.81 -25.84
C SER E 95 28.74 24.95 -26.64
N ARG E 96 28.60 24.30 -27.78
CA ARG E 96 27.32 24.32 -28.51
C ARG E 96 26.20 23.56 -27.78
N PHE E 97 26.54 22.46 -27.11
CA PHE E 97 25.58 21.72 -26.35
C PHE E 97 25.05 22.58 -25.19
N VAL E 98 25.95 23.19 -24.42
CA VAL E 98 25.60 23.90 -23.23
C VAL E 98 24.94 25.23 -23.55
N PHE E 99 25.59 26.04 -24.40
CA PHE E 99 25.18 27.43 -24.64
C PHE E 99 24.47 27.70 -25.97
N ASP E 100 24.51 26.72 -26.86
CA ASP E 100 23.91 26.85 -28.17
C ASP E 100 24.53 27.98 -29.02
N ARG E 101 25.85 28.20 -28.85
CA ARG E 101 26.59 29.16 -29.67
CA ARG E 101 26.59 29.16 -29.67
C ARG E 101 28.04 28.72 -29.84
N PRO E 102 28.70 29.18 -30.93
CA PRO E 102 30.11 28.81 -31.13
C PRO E 102 31.04 29.18 -30.00
N LEU E 103 32.01 28.32 -29.69
CA LEU E 103 33.03 28.65 -28.69
C LEU E 103 33.92 29.76 -29.23
N PRO E 104 34.04 30.87 -28.49
CA PRO E 104 34.94 31.89 -29.00
C PRO E 104 36.40 31.38 -29.17
N VAL E 105 37.01 31.79 -30.26
CA VAL E 105 38.29 31.22 -30.67
C VAL E 105 39.34 31.50 -29.60
N SER E 106 39.37 32.69 -29.03
CA SER E 106 40.37 32.99 -27.99
C SER E 106 40.20 32.12 -26.76
N ARG E 107 38.95 31.76 -26.41
CA ARG E 107 38.71 30.91 -25.28
C ARG E 107 39.16 29.50 -25.54
N LEU E 108 38.90 29.00 -26.74
CA LEU E 108 39.41 27.68 -27.07
C LEU E 108 40.94 27.66 -26.96
N VAL E 109 41.61 28.69 -27.46
CA VAL E 109 43.08 28.74 -27.43
C VAL E 109 43.57 28.74 -25.98
N SER E 110 42.90 29.48 -25.10
CA SER E 110 43.19 29.41 -23.68
C SER E 110 43.12 28.02 -23.07
N LEU E 111 42.11 27.24 -23.48
CA LEU E 111 41.95 25.87 -23.07
C LEU E 111 43.12 24.98 -23.56
N ILE E 112 43.56 25.21 -24.78
CA ILE E 112 44.74 24.46 -25.29
C ILE E 112 45.98 24.74 -24.41
N GLY E 113 46.20 26.01 -24.05
CA GLY E 113 47.33 26.42 -23.22
C GLY E 113 47.34 25.74 -21.86
N SER E 114 46.20 25.79 -21.22
CA SER E 114 45.99 25.19 -19.92
C SER E 114 46.16 23.66 -20.00
N LYS E 115 45.51 23.05 -20.98
CA LYS E 115 45.69 21.62 -21.19
C LYS E 115 47.12 21.20 -21.51
N THR E 116 47.78 21.93 -22.40
CA THR E 116 49.13 21.49 -22.86
C THR E 116 50.19 21.86 -21.83
N GLN E 117 49.90 22.76 -20.88
CA GLN E 117 50.91 23.12 -19.86
C GLN E 117 51.12 22.00 -18.85
N ILE E 118 50.04 21.28 -18.57
CA ILE E 118 50.01 20.30 -17.48
C ILE E 118 51.10 19.26 -17.54
N PRO E 119 51.22 18.54 -18.66
CA PRO E 119 52.32 17.55 -18.68
C PRO E 119 53.73 18.15 -18.69
N THR E 120 53.90 19.47 -18.85
CA THR E 120 55.24 20.07 -18.75
C THR E 120 55.75 20.17 -17.31
N GLN E 121 54.92 19.80 -16.34
CA GLN E 121 55.26 20.01 -14.94
C GLN E 121 55.18 18.73 -14.08
N ARG E 122 54.90 17.59 -14.69
CA ARG E 122 54.80 16.34 -13.98
C ARG E 122 55.78 15.31 -14.50
N TYR E 123 56.40 14.59 -13.58
CA TYR E 123 57.39 13.61 -13.87
C TYR E 123 56.86 12.48 -14.71
N GLY E 124 57.63 12.10 -15.71
CA GLY E 124 57.25 11.02 -16.58
C GLY E 124 56.24 11.36 -17.67
N ARG E 125 55.77 12.60 -17.72
CA ARG E 125 54.96 13.11 -18.79
C ARG E 125 55.86 13.91 -19.73
N ARG E 126 55.31 14.31 -20.88
CA ARG E 126 56.10 15.01 -21.85
C ARG E 126 55.31 16.12 -22.50
N PRO E 127 56.04 17.12 -23.07
CA PRO E 127 55.26 18.07 -23.81
C PRO E 127 54.58 17.45 -25.04
N TYR E 128 53.56 18.15 -25.53
CA TYR E 128 53.00 17.86 -26.84
C TYR E 128 54.01 18.27 -27.90
N GLY E 129 54.35 17.40 -28.84
CA GLY E 129 55.34 17.70 -29.90
C GLY E 129 54.69 18.23 -31.16
N VAL E 130 53.81 19.22 -31.02
CA VAL E 130 53.03 19.73 -32.15
C VAL E 130 52.79 21.19 -31.97
N GLY E 131 52.80 21.89 -33.09
CA GLY E 131 52.44 23.28 -33.09
C GLY E 131 51.29 23.39 -34.04
N LEU E 132 50.43 24.36 -33.77
CA LEU E 132 49.23 24.55 -34.55
C LEU E 132 49.11 25.98 -35.01
N LEU E 133 48.63 26.15 -36.25
CA LEU E 133 48.05 27.41 -36.66
C LEU E 133 46.53 27.23 -36.69
N ILE E 134 45.80 28.16 -36.05
CA ILE E 134 44.35 28.01 -35.83
C ILE E 134 43.64 29.16 -36.50
N ALA E 135 42.80 28.84 -37.50
CA ALA E 135 42.03 29.84 -38.20
C ALA E 135 40.61 29.80 -37.67
N GLY E 136 40.08 30.96 -37.31
CA GLY E 136 38.75 31.01 -36.76
C GLY E 136 38.01 32.25 -37.13
N TYR E 137 36.68 32.23 -36.97
CA TYR E 137 35.84 33.42 -37.11
C TYR E 137 34.76 33.41 -36.06
N ASP E 138 34.59 34.52 -35.38
CA ASP E 138 33.56 34.70 -34.35
C ASP E 138 33.12 36.18 -34.24
N ASP E 139 32.52 36.58 -33.15
CA ASP E 139 32.03 37.96 -32.98
C ASP E 139 33.11 39.00 -33.02
N MET E 140 34.33 38.60 -32.72
CA MET E 140 35.46 39.52 -32.78
C MET E 140 36.19 39.40 -34.15
N GLY E 141 35.53 38.82 -35.16
CA GLY E 141 36.09 38.74 -36.48
C GLY E 141 37.00 37.54 -36.70
N PRO E 142 37.81 37.61 -37.77
CA PRO E 142 38.74 36.52 -38.09
C PRO E 142 39.89 36.45 -37.11
N HIS E 143 40.44 35.26 -36.92
CA HIS E 143 41.61 35.08 -36.06
C HIS E 143 42.64 34.10 -36.63
N ILE E 144 43.91 34.38 -36.39
CA ILE E 144 44.96 33.38 -36.59
C ILE E 144 45.72 33.27 -35.27
N PHE E 145 45.68 32.11 -34.64
CA PHE E 145 46.43 31.84 -33.44
C PHE E 145 47.49 30.78 -33.71
N GLN E 146 48.55 30.84 -32.92
CA GLN E 146 49.62 29.85 -32.95
C GLN E 146 49.83 29.21 -31.58
N THR E 147 49.98 27.91 -31.54
CA THR E 147 50.23 27.19 -30.27
C THR E 147 51.51 26.43 -30.38
N PRO E 149 54.57 23.68 -28.25
CA PRO E 149 54.83 22.64 -27.27
C PRO E 149 55.13 23.15 -25.85
N SER E 150 55.57 24.39 -25.75
CA SER E 150 55.76 25.06 -24.47
C SER E 150 54.44 25.40 -23.76
N ALA E 151 53.31 25.28 -24.45
CA ALA E 151 51.95 25.66 -23.98
C ALA E 151 51.65 27.12 -24.14
N ASN E 152 52.62 27.90 -24.62
CA ASN E 152 52.40 29.30 -24.95
C ASN E 152 51.60 29.37 -26.24
N TYR E 153 50.98 30.51 -26.46
CA TYR E 153 50.24 30.71 -27.65
C TYR E 153 50.21 32.18 -27.95
N PHE E 154 49.88 32.48 -29.20
CA PHE E 154 50.06 33.80 -29.75
C PHE E 154 48.91 34.16 -30.65
N ASP E 155 48.47 35.39 -30.56
CA ASP E 155 47.48 35.94 -31.40
C ASP E 155 48.20 36.64 -32.53
N CYS E 156 47.90 36.29 -33.79
CA CYS E 156 48.77 36.71 -34.92
C CYS E 156 48.07 37.47 -35.98
N ARG E 157 48.75 38.46 -36.54
CA ARG E 157 48.35 39.03 -37.84
C ARG E 157 48.52 38.00 -38.95
N ALA E 158 49.58 37.22 -38.85
CA ALA E 158 49.91 36.15 -39.80
C ALA E 158 51.04 35.39 -39.20
N MET E 159 51.30 34.19 -39.69
CA MET E 159 52.33 33.35 -39.08
C MET E 159 52.70 32.19 -40.00
N SER E 160 53.94 31.74 -39.89
CA SER E 160 54.39 30.47 -40.48
C SER E 160 55.22 29.68 -39.47
N ILE E 161 55.04 28.36 -39.48
CA ILE E 161 55.82 27.44 -38.67
C ILE E 161 56.27 26.29 -39.58
N GLY E 162 57.27 25.56 -39.13
CA GLY E 162 57.79 24.39 -39.83
C GLY E 162 59.10 24.72 -40.52
N ALA E 163 59.52 23.83 -41.38
CA ALA E 163 60.84 23.93 -42.00
C ALA E 163 60.90 25.08 -43.00
N ARG E 164 61.96 25.87 -42.82
CA ARG E 164 62.24 27.06 -43.62
C ARG E 164 61.13 28.12 -43.53
N SER E 165 60.33 28.08 -42.46
CA SER E 165 59.29 29.05 -42.26
C SER E 165 59.79 30.49 -42.08
N GLN E 166 61.06 30.68 -41.71
CA GLN E 166 61.66 32.00 -41.57
C GLN E 166 61.49 32.81 -42.88
N SER E 167 61.58 32.15 -44.04
CA SER E 167 61.33 32.84 -45.34
C SER E 167 59.87 33.27 -45.49
N ALA E 168 58.96 32.39 -45.08
CA ALA E 168 57.56 32.69 -45.12
C ALA E 168 57.24 33.85 -44.17
N ARG E 169 57.82 33.83 -42.96
CA ARG E 169 57.62 34.90 -42.01
C ARG E 169 58.07 36.25 -42.57
N THR E 170 59.19 36.24 -43.27
CA THR E 170 59.74 37.46 -43.84
C THR E 170 58.80 38.03 -44.88
N TYR E 171 58.34 37.17 -45.80
CA TYR E 171 57.38 37.58 -46.85
C TYR E 171 56.16 38.21 -46.17
N LEU E 172 55.67 37.52 -45.15
CA LEU E 172 54.50 37.97 -44.43
C LEU E 172 54.69 39.31 -43.76
N GLU E 173 55.84 39.55 -43.11
CA GLU E 173 56.16 40.92 -42.65
C GLU E 173 56.17 41.94 -43.77
N ARG E 174 56.76 41.57 -44.89
CA ARG E 174 56.93 42.49 -46.02
C ARG E 174 55.58 43.03 -46.53
N HIS E 175 54.55 42.18 -46.54
CA HIS E 175 53.26 42.53 -47.12
C HIS E 175 52.09 42.63 -46.14
N MET E 176 52.35 42.54 -44.83
CA MET E 176 51.24 42.43 -43.86
C MET E 176 50.34 43.66 -43.84
N SER E 177 50.88 44.83 -44.12
CA SER E 177 50.09 46.06 -44.16
C SER E 177 49.02 46.05 -45.24
N GLU E 178 49.14 45.17 -46.23
CA GLU E 178 48.12 44.98 -47.25
C GLU E 178 46.95 44.06 -46.80
N PHE E 179 47.19 43.13 -45.86
CA PHE E 179 46.31 41.97 -45.69
C PHE E 179 44.85 42.34 -45.30
N MET E 180 44.72 43.34 -44.43
CA MET E 180 43.45 43.68 -43.80
C MET E 180 42.40 44.04 -44.84
N GLU E 181 42.83 44.70 -45.89
CA GLU E 181 41.95 45.18 -46.94
C GLU E 181 41.85 44.26 -48.14
N CYS E 182 42.46 43.08 -48.09
CA CYS E 182 42.44 42.14 -49.23
C CYS E 182 41.12 41.42 -49.37
N ASN E 183 40.66 41.24 -50.60
CA ASN E 183 39.60 40.26 -50.89
C ASN E 183 40.13 38.84 -50.67
N LEU E 184 39.25 37.85 -50.73
CA LEU E 184 39.65 36.48 -50.35
C LEU E 184 40.75 35.92 -51.25
N ASN E 185 40.63 36.22 -52.54
CA ASN E 185 41.52 35.69 -53.52
C ASN E 185 42.93 36.24 -53.38
N GLU E 186 43.01 37.55 -53.14
CA GLU E 186 44.27 38.22 -52.86
C GLU E 186 44.91 37.64 -51.63
N LEU E 187 44.10 37.34 -50.63
CA LEU E 187 44.63 36.89 -49.35
C LEU E 187 45.21 35.49 -49.47
N VAL E 188 44.55 34.61 -50.22
CA VAL E 188 45.02 33.24 -50.41
C VAL E 188 46.30 33.25 -51.26
N LYS E 189 46.29 34.08 -52.29
CA LYS E 189 47.48 34.31 -53.13
C LYS E 189 48.70 34.71 -52.26
N HIS E 190 48.49 35.64 -51.33
CA HIS E 190 49.54 36.05 -50.41
C HIS E 190 50.01 34.85 -49.58
N GLY E 191 49.08 34.07 -49.03
CA GLY E 191 49.40 32.85 -48.30
C GLY E 191 50.25 31.87 -49.08
N LEU E 192 49.87 31.65 -50.34
CA LEU E 192 50.59 30.76 -51.22
C LEU E 192 52.04 31.29 -51.56
N ARG E 193 52.14 32.58 -51.84
CA ARG E 193 53.44 33.19 -52.08
C ARG E 193 54.39 33.05 -50.90
N ALA E 194 53.87 33.29 -49.70
CA ALA E 194 54.67 33.09 -48.52
C ALA E 194 55.15 31.62 -48.42
N LEU E 195 54.23 30.68 -48.60
CA LEU E 195 54.56 29.25 -48.54
C LEU E 195 55.61 28.86 -49.58
N ARG E 196 55.48 29.41 -50.76
CA ARG E 196 56.40 29.15 -51.85
C ARG E 196 57.86 29.60 -51.54
N GLU E 197 58.02 30.64 -50.74
CA GLU E 197 59.32 31.06 -50.25
C GLU E 197 60.09 29.96 -49.49
N THR E 198 59.36 29.04 -48.86
CA THR E 198 59.98 27.94 -48.09
C THR E 198 60.58 26.84 -48.97
N LEU E 199 60.33 26.85 -50.29
CA LEU E 199 60.69 25.74 -51.18
C LEU E 199 62.06 25.88 -51.85
N PRO E 200 62.77 24.75 -52.11
CA PRO E 200 64.02 24.83 -52.86
C PRO E 200 63.76 25.42 -54.23
N ALA E 201 64.68 26.26 -54.70
CA ALA E 201 64.57 27.03 -55.97
C ALA E 201 63.98 26.24 -57.15
N GLU E 202 64.31 24.96 -57.20
CA GLU E 202 63.83 24.05 -58.24
C GLU E 202 62.30 24.04 -58.28
N GLN E 203 61.72 23.85 -57.10
CA GLN E 203 60.41 23.23 -56.94
C GLN E 203 59.31 24.25 -56.80
N ASP E 204 58.09 23.80 -57.11
CA ASP E 204 56.93 24.69 -57.20
C ASP E 204 55.71 24.14 -56.45
N LEU E 205 54.75 25.02 -56.24
CA LEU E 205 53.46 24.64 -55.68
C LEU E 205 52.68 23.89 -56.72
N THR E 206 52.14 22.74 -56.33
CA THR E 206 51.32 21.91 -57.23
C THR E 206 50.06 21.50 -56.51
N THR E 207 49.13 20.95 -57.27
CA THR E 207 47.90 20.43 -56.71
C THR E 207 48.14 19.19 -55.85
N LYS E 208 49.25 18.50 -56.02
CA LYS E 208 49.61 17.35 -55.17
C LYS E 208 50.15 17.74 -53.80
N ASN E 209 50.83 18.88 -53.69
CA ASN E 209 51.48 19.28 -52.42
C ASN E 209 50.87 20.44 -51.60
N VAL E 210 49.88 21.15 -52.14
CA VAL E 210 49.29 22.31 -51.46
C VAL E 210 47.91 21.94 -50.93
N SER E 211 47.65 22.37 -49.69
CA SER E 211 46.37 22.24 -49.07
C SER E 211 46.00 23.62 -48.53
N ILE E 212 44.71 23.97 -48.61
CA ILE E 212 44.18 25.29 -48.25
C ILE E 212 42.94 25.14 -47.36
N GLY E 213 42.85 25.99 -46.34
CA GLY E 213 41.72 26.03 -45.43
C GLY E 213 41.27 27.47 -45.28
N ILE E 214 39.96 27.71 -45.35
CA ILE E 214 39.40 29.07 -45.31
C ILE E 214 38.16 29.14 -44.40
N VAL E 215 38.06 30.21 -43.64
CA VAL E 215 36.86 30.54 -42.89
C VAL E 215 36.67 32.04 -42.88
N GLY E 216 35.42 32.48 -42.92
CA GLY E 216 35.15 33.88 -42.73
C GLY E 216 33.70 34.17 -42.47
N LYS E 217 33.40 35.46 -42.52
CA LYS E 217 32.04 35.99 -42.31
C LYS E 217 30.93 35.23 -43.02
N ASP E 218 31.19 34.90 -44.27
CA ASP E 218 30.18 34.29 -45.14
C ASP E 218 30.43 32.79 -45.36
N LEU E 219 31.35 32.17 -44.62
CA LEU E 219 31.94 30.89 -45.03
C LEU E 219 32.44 30.04 -43.85
N GLU E 220 31.85 28.87 -43.70
CA GLU E 220 32.29 27.91 -42.72
C GLU E 220 33.64 27.36 -43.08
N PHE E 221 34.34 26.81 -42.09
CA PHE E 221 35.66 26.30 -42.33
C PHE E 221 35.62 25.20 -43.40
N THR E 222 36.33 25.43 -44.52
CA THR E 222 36.34 24.55 -45.69
C THR E 222 37.79 24.21 -46.10
N ILE E 223 38.03 22.95 -46.45
CA ILE E 223 39.34 22.46 -46.84
C ILE E 223 39.36 22.18 -48.36
N TYR E 224 40.40 22.68 -49.02
CA TYR E 224 40.61 22.51 -50.46
C TYR E 224 41.90 21.71 -50.71
N ASP E 225 41.75 20.58 -51.39
CA ASP E 225 42.85 19.69 -51.77
C ASP E 225 42.76 19.31 -53.22
N ASP E 226 43.89 18.82 -53.74
CA ASP E 226 44.00 18.21 -55.05
C ASP E 226 43.41 19.10 -56.11
N ASP E 227 42.49 18.60 -56.93
CA ASP E 227 41.93 19.43 -57.97
C ASP E 227 41.27 20.72 -57.49
N ASP E 228 40.74 20.76 -56.25
CA ASP E 228 40.11 22.01 -55.71
C ASP E 228 41.08 23.18 -55.38
N VAL E 229 42.40 22.97 -55.45
CA VAL E 229 43.33 24.09 -55.27
C VAL E 229 43.68 24.78 -56.60
N SER E 230 43.56 24.09 -57.74
CA SER E 230 43.85 24.68 -59.06
C SER E 230 43.31 26.08 -59.33
N PRO E 231 42.03 26.35 -59.00
CA PRO E 231 41.57 27.76 -59.08
C PRO E 231 42.50 28.78 -58.39
N PHE E 232 42.96 28.45 -57.19
CA PHE E 232 43.81 29.35 -56.40
C PHE E 232 45.26 29.43 -56.98
N LEU E 233 45.80 28.32 -57.50
CA LEU E 233 47.16 28.32 -58.04
C LEU E 233 47.29 29.05 -59.36
N GLU E 234 46.23 29.04 -60.17
CA GLU E 234 46.30 29.65 -61.49
C GLU E 234 46.21 31.15 -61.28
N GLY E 235 46.91 31.90 -62.10
CA GLY E 235 47.04 33.34 -61.83
C GLY E 235 47.61 33.59 -60.45
N LEU E 236 48.71 32.89 -60.13
CA LEU E 236 49.79 33.46 -59.34
C LEU E 236 50.60 34.10 -60.47
N GLU E 237 50.15 35.30 -60.88
CA GLU E 237 50.60 35.95 -62.14
C GLU E 237 51.48 37.19 -61.87
N GLY F 7 75.15 14.60 -8.12
CA GLY F 7 74.40 15.77 -8.67
C GLY F 7 73.18 16.09 -7.77
N TYR F 8 73.38 17.12 -6.93
CA TYR F 8 72.43 17.58 -5.93
C TYR F 8 71.37 18.55 -6.43
N ASP F 9 71.22 18.73 -7.73
CA ASP F 9 70.40 19.79 -8.27
C ASP F 9 69.37 19.32 -9.27
N LEU F 10 68.98 18.06 -9.21
CA LEU F 10 68.04 17.49 -10.18
C LEU F 10 66.61 17.31 -9.72
N SER F 11 66.39 17.36 -8.42
CA SER F 11 65.04 17.20 -7.83
C SER F 11 64.75 18.21 -6.73
N ALA F 12 63.51 18.74 -6.72
CA ALA F 12 63.05 19.54 -5.62
C ALA F 12 62.90 18.77 -4.29
N SER F 13 62.95 17.45 -4.32
CA SER F 13 62.95 16.65 -3.10
C SER F 13 64.36 16.32 -2.57
N THR F 14 65.38 17.06 -3.04
CA THR F 14 66.79 16.87 -2.59
C THR F 14 67.40 18.19 -2.11
N PHE F 15 67.79 18.23 -0.83
CA PHE F 15 68.60 19.32 -0.35
C PHE F 15 70.02 19.09 -0.86
N SER F 16 70.72 20.17 -1.21
CA SER F 16 72.15 20.18 -1.34
C SER F 16 72.80 20.06 0.06
N PRO F 17 74.12 19.72 0.14
CA PRO F 17 74.79 19.69 1.48
C PRO F 17 74.83 21.00 2.25
N ASP F 18 74.59 22.13 1.59
CA ASP F 18 74.51 23.43 2.30
C ASP F 18 73.07 23.82 2.62
N GLY F 19 72.09 22.96 2.35
CA GLY F 19 70.71 23.23 2.71
C GLY F 19 69.98 24.05 1.68
N ARG F 20 70.33 23.88 0.42
CA ARG F 20 69.63 24.62 -0.63
C ARG F 20 68.79 23.68 -1.44
N VAL F 21 67.85 24.24 -2.20
CA VAL F 21 67.05 23.45 -3.11
C VAL F 21 67.29 24.06 -4.49
N PHE F 22 68.29 23.55 -5.20
CA PHE F 22 68.68 24.17 -6.47
C PHE F 22 67.54 24.22 -7.50
N GLN F 23 66.64 23.24 -7.53
CA GLN F 23 65.57 23.28 -8.53
C GLN F 23 64.63 24.51 -8.37
N VAL F 24 64.45 24.99 -7.14
CA VAL F 24 63.75 26.21 -6.91
C VAL F 24 64.56 27.43 -7.36
N GLU F 25 65.84 27.45 -7.03
CA GLU F 25 66.74 28.50 -7.49
C GLU F 25 66.77 28.58 -9.02
N TYR F 26 66.70 27.44 -9.71
CA TYR F 26 66.79 27.45 -11.18
C TYR F 26 65.55 28.02 -11.82
N ALA F 27 64.40 27.67 -11.24
CA ALA F 27 63.14 28.28 -11.57
C ALA F 27 63.13 29.76 -11.35
N MET F 28 63.71 30.22 -10.25
CA MET F 28 63.89 31.66 -10.05
C MET F 28 64.72 32.32 -11.19
N LYS F 29 65.71 31.60 -11.74
CA LYS F 29 66.52 32.14 -12.79
C LYS F 29 65.70 32.34 -14.07
N ALA F 30 64.69 31.50 -14.30
CA ALA F 30 63.75 31.73 -15.42
C ALA F 30 63.00 33.05 -15.32
N VAL F 31 62.60 33.41 -14.11
CA VAL F 31 61.94 34.71 -13.83
C VAL F 31 62.93 35.82 -14.06
N GLU F 32 64.14 35.67 -13.54
CA GLU F 32 65.11 36.72 -13.74
C GLU F 32 65.64 36.91 -15.17
N ASN F 33 65.40 35.98 -16.07
CA ASN F 33 65.63 36.18 -17.50
C ASN F 33 64.53 36.93 -18.26
N SER F 34 63.38 37.02 -17.66
CA SER F 34 62.22 37.59 -18.27
C SER F 34 62.35 39.11 -18.22
N SER F 35 61.66 39.82 -19.12
CA SER F 35 61.58 41.28 -19.04
C SER F 35 60.80 41.77 -17.78
N THR F 36 60.88 43.06 -17.49
CA THR F 36 60.54 43.55 -16.18
C THR F 36 59.05 43.94 -16.01
N ALA F 37 58.47 43.54 -14.88
CA ALA F 37 57.15 43.97 -14.44
C ALA F 37 57.27 44.76 -13.14
N ILE F 38 56.45 45.80 -12.98
CA ILE F 38 56.44 46.58 -11.74
C ILE F 38 55.06 46.82 -11.20
N GLY F 39 54.99 46.92 -9.88
CA GLY F 39 53.73 47.28 -9.24
C GLY F 39 54.04 48.36 -8.26
N ILE F 40 53.13 49.34 -8.14
CA ILE F 40 53.29 50.38 -7.14
C ILE F 40 51.95 50.62 -6.45
N ARG F 41 52.01 50.60 -5.13
CA ARG F 41 50.86 50.93 -4.30
C ARG F 41 50.89 52.41 -3.97
N CYS F 42 49.74 53.07 -3.97
CA CYS F 42 49.69 54.49 -3.67
C CYS F 42 48.50 54.83 -2.80
N LYS F 43 48.21 56.11 -2.68
CA LYS F 43 47.20 56.59 -1.75
C LYS F 43 45.85 55.91 -2.01
N ASP F 44 45.45 55.78 -3.27
CA ASP F 44 44.08 55.40 -3.66
C ASP F 44 44.04 54.15 -4.55
N GLY F 45 45.11 53.37 -4.58
CA GLY F 45 45.14 52.12 -5.38
C GLY F 45 46.52 51.58 -5.73
N VAL F 46 46.52 50.67 -6.70
CA VAL F 46 47.68 49.95 -7.15
C VAL F 46 47.72 50.00 -8.70
N VAL F 47 48.92 50.23 -9.24
CA VAL F 47 49.14 50.31 -10.67
C VAL F 47 50.22 49.31 -11.03
N PHE F 48 50.00 48.60 -12.14
CA PHE F 48 50.94 47.66 -12.69
C PHE F 48 51.38 48.12 -14.05
N GLY F 49 52.65 47.80 -14.35
CA GLY F 49 53.25 48.04 -15.65
C GLY F 49 54.15 46.91 -16.05
N VAL F 50 54.12 46.54 -17.33
CA VAL F 50 54.99 45.48 -17.84
C VAL F 50 55.68 45.92 -19.12
N GLU F 51 57.00 45.69 -19.14
CA GLU F 51 57.83 45.79 -20.34
C GLU F 51 57.59 44.55 -21.17
N LYS F 52 56.80 44.64 -22.22
CA LYS F 52 56.37 43.43 -22.92
C LYS F 52 57.09 43.29 -24.22
N LEU F 53 58.10 42.41 -24.26
CA LEU F 53 59.01 42.40 -25.40
C LEU F 53 58.24 41.84 -26.61
N VAL F 54 58.43 42.44 -27.77
CA VAL F 54 57.76 41.94 -28.97
C VAL F 54 58.80 41.11 -29.75
N LEU F 55 58.60 39.81 -29.80
CA LEU F 55 59.54 38.91 -30.46
C LEU F 55 59.29 38.78 -31.95
N SER F 56 58.11 39.17 -32.42
CA SER F 56 57.83 39.31 -33.87
C SER F 56 56.84 40.43 -34.15
N LYS F 57 57.10 41.16 -35.22
CA LYS F 57 56.12 42.14 -35.73
C LYS F 57 54.85 41.48 -36.30
N LEU F 58 54.89 40.17 -36.51
CA LEU F 58 53.71 39.43 -36.91
C LEU F 58 52.67 39.23 -35.80
N TYR F 59 53.01 39.48 -34.55
CA TYR F 59 52.07 39.35 -33.47
C TYR F 59 51.14 40.54 -33.35
N GLU F 60 49.90 40.27 -32.92
CA GLU F 60 48.90 41.33 -32.69
C GLU F 60 49.29 42.11 -31.47
N GLU F 61 49.05 43.41 -31.48
CA GLU F 61 49.16 44.20 -30.24
C GLU F 61 48.23 43.63 -29.18
N GLY F 62 48.73 43.34 -27.97
CA GLY F 62 47.92 42.69 -26.94
C GLY F 62 48.19 41.19 -26.82
N SER F 63 48.86 40.58 -27.78
CA SER F 63 49.19 39.16 -27.65
C SER F 63 50.07 38.92 -26.41
N ASN F 64 50.04 37.72 -25.86
CA ASN F 64 50.86 37.38 -24.67
C ASN F 64 50.80 38.41 -23.53
N LYS F 65 49.58 38.81 -23.17
CA LYS F 65 49.35 39.63 -21.98
C LYS F 65 50.05 39.03 -20.77
N ARG F 66 50.60 39.91 -19.95
CA ARG F 66 51.21 39.54 -18.71
C ARG F 66 50.46 40.16 -17.54
N LEU F 67 49.34 40.80 -17.82
CA LEU F 67 48.43 41.34 -16.80
C LEU F 67 47.08 40.65 -16.91
N PHE F 68 46.57 40.14 -15.78
CA PHE F 68 45.37 39.29 -15.74
C PHE F 68 44.43 39.82 -14.68
N ASN F 69 43.13 39.73 -14.94
CA ASN F 69 42.10 39.85 -13.87
C ASN F 69 41.91 38.46 -13.24
N VAL F 70 42.19 38.33 -11.95
CA VAL F 70 41.93 37.05 -11.28
C VAL F 70 40.65 37.07 -10.45
N ASP F 71 40.19 38.24 -10.05
CA ASP F 71 38.83 38.41 -9.54
C ASP F 71 38.45 39.81 -9.96
N ARG F 72 37.19 40.17 -9.79
CA ARG F 72 36.81 41.48 -10.28
C ARG F 72 37.55 42.61 -9.56
N HIS F 73 37.98 42.34 -8.33
CA HIS F 73 38.73 43.31 -7.51
C HIS F 73 40.27 43.08 -7.46
N VAL F 74 40.76 42.06 -8.17
CA VAL F 74 42.15 41.64 -8.07
C VAL F 74 42.83 41.51 -9.43
N GLY F 75 43.92 42.24 -9.58
CA GLY F 75 44.82 42.08 -10.71
C GLY F 75 46.07 41.28 -10.41
N MET F 76 46.57 40.59 -11.44
CA MET F 76 47.82 39.84 -11.38
C MET F 76 48.78 40.27 -12.49
N ALA F 77 50.01 40.53 -12.10
CA ALA F 77 51.11 40.85 -13.03
C ALA F 77 52.27 39.83 -12.89
N VAL F 78 52.74 39.30 -14.02
CA VAL F 78 53.60 38.13 -14.05
C VAL F 78 54.98 38.37 -14.70
N ALA F 79 55.93 37.56 -14.30
CA ALA F 79 57.22 37.43 -15.04
C ALA F 79 57.66 35.97 -14.98
N GLY F 80 58.36 35.51 -16.02
CA GLY F 80 58.90 34.18 -16.06
C GLY F 80 58.23 33.41 -17.16
N LEU F 81 58.13 32.11 -17.02
CA LEU F 81 57.59 31.26 -18.08
C LEU F 81 56.06 31.46 -18.18
N LEU F 82 55.58 31.90 -19.32
CA LEU F 82 54.25 32.46 -19.40
C LEU F 82 53.12 31.40 -19.19
N ALA F 83 53.31 30.20 -19.72
CA ALA F 83 52.42 29.07 -19.52
C ALA F 83 52.30 28.68 -18.06
N ASP F 84 53.41 28.71 -17.33
CA ASP F 84 53.30 28.55 -15.88
C ASP F 84 52.50 29.70 -15.27
N ALA F 85 52.78 30.93 -15.68
CA ALA F 85 52.06 32.07 -15.11
C ALA F 85 50.50 31.98 -15.36
N ARG F 86 50.10 31.51 -16.53
CA ARG F 86 48.70 31.46 -16.87
C ARG F 86 47.99 30.39 -16.05
N SER F 87 48.68 29.32 -15.81
CA SER F 87 48.12 28.26 -15.02
C SER F 87 47.93 28.76 -13.59
N LEU F 88 48.83 29.59 -13.13
CA LEU F 88 48.71 30.16 -11.82
C LEU F 88 47.57 31.20 -11.70
N ALA F 89 47.36 31.97 -12.75
CA ALA F 89 46.22 32.81 -12.86
C ALA F 89 44.89 32.03 -12.78
N ASP F 90 44.84 30.87 -13.41
CA ASP F 90 43.74 29.94 -13.28
C ASP F 90 43.54 29.42 -11.82
N ILE F 91 44.64 29.04 -11.16
CA ILE F 91 44.57 28.61 -9.77
C ILE F 91 44.01 29.76 -8.92
N ALA F 92 44.55 30.96 -9.13
CA ALA F 92 44.13 32.11 -8.35
C ALA F 92 42.65 32.41 -8.58
N ARG F 93 42.22 32.33 -9.84
CA ARG F 93 40.81 32.52 -10.18
C ARG F 93 39.87 31.56 -9.47
N GLU F 94 40.23 30.29 -9.57
CA GLU F 94 39.48 29.23 -8.94
C GLU F 94 39.37 29.42 -7.42
N GLU F 95 40.44 29.89 -6.82
CA GLU F 95 40.49 30.09 -5.38
C GLU F 95 39.58 31.26 -4.98
N ALA F 96 39.55 32.29 -5.81
CA ALA F 96 38.72 33.44 -5.53
C ALA F 96 37.24 33.07 -5.67
N SER F 97 36.96 32.27 -6.68
CA SER F 97 35.65 31.75 -6.97
C SER F 97 35.11 30.86 -5.84
N ASN F 98 35.88 29.87 -5.43
CA ASN F 98 35.55 28.99 -4.33
C ASN F 98 35.37 29.68 -3.02
N PHE F 99 36.24 30.65 -2.76
CA PHE F 99 36.06 31.50 -1.60
C PHE F 99 34.67 32.17 -1.57
N ARG F 100 34.28 32.83 -2.66
CA ARG F 100 32.99 33.45 -2.75
C ARG F 100 31.81 32.43 -2.56
N SER F 101 31.86 31.28 -3.21
CA SER F 101 30.86 30.26 -3.02
C SER F 101 30.72 29.73 -1.55
N ASN F 102 31.83 29.60 -0.86
CA ASN F 102 31.86 29.04 0.51
C ASN F 102 31.52 30.03 1.58
N PHE F 103 32.07 31.22 1.46
CA PHE F 103 31.95 32.23 2.51
C PHE F 103 31.06 33.40 2.17
N GLY F 104 30.76 33.60 0.89
CA GLY F 104 29.73 34.59 0.47
C GLY F 104 30.18 36.02 0.41
N TYR F 105 31.48 36.25 0.23
CA TYR F 105 31.98 37.63 -0.02
C TYR F 105 33.33 37.59 -0.79
N ASN F 106 33.78 38.73 -1.29
CA ASN F 106 35.00 38.81 -2.08
C ASN F 106 36.26 38.46 -1.28
N ILE F 107 37.05 37.55 -1.80
CA ILE F 107 38.26 37.13 -1.11
C ILE F 107 39.19 38.31 -0.75
N PRO F 108 39.65 38.37 0.50
CA PRO F 108 40.62 39.41 0.90
C PRO F 108 41.93 39.15 0.22
N LEU F 109 42.59 40.18 -0.23
CA LEU F 109 43.81 40.02 -1.05
C LEU F 109 44.87 39.22 -0.34
N LYS F 110 45.13 39.54 0.90
CA LYS F 110 46.12 38.85 1.63
C LYS F 110 45.85 37.35 1.65
N HIS F 111 44.57 36.96 1.88
CA HIS F 111 44.22 35.56 1.98
C HIS F 111 44.37 34.89 0.61
N LEU F 112 43.99 35.57 -0.48
CA LEU F 112 44.20 35.01 -1.80
C LEU F 112 45.72 34.80 -2.08
N ALA F 113 46.54 35.79 -1.74
CA ALA F 113 48.00 35.66 -1.91
C ALA F 113 48.50 34.44 -1.12
N ASP F 114 48.11 34.31 0.14
CA ASP F 114 48.58 33.18 0.95
C ASP F 114 48.17 31.85 0.36
N ARG F 115 46.94 31.75 -0.17
CA ARG F 115 46.47 30.49 -0.67
C ARG F 115 47.19 30.07 -1.92
N VAL F 116 47.38 30.99 -2.82
CA VAL F 116 48.06 30.67 -4.06
C VAL F 116 49.54 30.36 -3.76
N ALA F 117 50.14 31.06 -2.80
CA ALA F 117 51.58 30.86 -2.43
C ALA F 117 51.79 29.46 -1.87
N MET F 118 50.82 28.95 -1.09
CA MET F 118 50.88 27.56 -0.62
C MET F 118 50.76 26.54 -1.75
N TYR F 119 49.99 26.88 -2.76
CA TYR F 119 49.92 26.02 -3.90
C TYR F 119 51.29 26.04 -4.67
N VAL F 120 51.87 27.23 -4.85
CA VAL F 120 53.23 27.33 -5.44
C VAL F 120 54.23 26.54 -4.58
N HIS F 121 54.15 26.70 -3.27
CA HIS F 121 55.03 26.01 -2.33
C HIS F 121 54.96 24.49 -2.46
N ALA F 122 53.77 23.93 -2.67
CA ALA F 122 53.60 22.49 -2.84
C ALA F 122 54.39 21.92 -4.01
N TYR F 123 54.71 22.72 -5.01
CA TYR F 123 55.51 22.27 -6.12
C TYR F 123 57.03 22.40 -5.87
N THR F 124 57.43 22.65 -4.62
CA THR F 124 58.86 22.75 -4.25
C THR F 124 59.38 21.64 -3.32
N LEU F 125 58.60 20.55 -3.15
CA LEU F 125 58.91 19.48 -2.19
C LEU F 125 59.23 18.09 -2.77
N TYR F 126 58.97 17.91 -4.07
CA TYR F 126 58.80 16.57 -4.62
C TYR F 126 59.58 16.33 -5.94
N SER F 127 60.01 15.09 -6.15
CA SER F 127 60.49 14.65 -7.45
C SER F 127 59.39 14.53 -8.50
N ALA F 128 58.13 14.38 -8.07
CA ALA F 128 57.02 14.14 -8.98
C ALA F 128 56.65 15.35 -9.83
N VAL F 129 56.98 16.53 -9.35
CA VAL F 129 56.62 17.75 -10.04
C VAL F 129 57.76 18.75 -9.95
N ARG F 130 57.73 19.79 -10.79
CA ARG F 130 58.71 20.86 -10.74
C ARG F 130 58.16 22.19 -10.28
N PRO F 131 59.04 23.08 -9.73
CA PRO F 131 58.58 24.40 -9.35
C PRO F 131 58.13 25.25 -10.53
N PHE F 132 57.17 26.14 -10.25
CA PHE F 132 56.71 27.13 -11.22
C PHE F 132 57.86 28.09 -11.53
N GLY F 133 58.04 28.39 -12.81
CA GLY F 133 59.06 29.30 -13.28
C GLY F 133 58.49 30.69 -13.42
N CYS F 134 57.83 31.17 -12.37
CA CYS F 134 57.23 32.50 -12.41
CA CYS F 134 57.16 32.45 -12.38
C CYS F 134 57.14 33.13 -11.04
N SER F 135 57.21 34.45 -11.06
CA SER F 135 56.90 35.30 -9.92
C SER F 135 55.70 36.14 -10.36
N PHE F 136 54.85 36.51 -9.40
CA PHE F 136 53.74 37.36 -9.76
C PHE F 136 53.33 38.30 -8.62
N MET F 137 52.74 39.41 -9.01
CA MET F 137 52.18 40.35 -8.10
C MET F 137 50.66 40.27 -8.13
N LEU F 138 50.04 40.48 -6.96
CA LEU F 138 48.57 40.61 -6.86
C LEU F 138 48.26 42.01 -6.30
N GLY F 139 47.36 42.74 -6.96
CA GLY F 139 46.94 44.03 -6.49
C GLY F 139 45.41 44.17 -6.32
N SER F 140 45.00 44.86 -5.26
CA SER F 140 43.60 45.24 -5.12
CA SER F 140 43.61 45.20 -5.09
C SER F 140 43.43 46.51 -4.31
N TYR F 141 42.19 46.98 -4.29
CA TYR F 141 41.77 48.14 -3.53
C TYR F 141 40.30 47.98 -3.11
N SER F 142 40.01 48.39 -1.89
CA SER F 142 38.65 48.55 -1.43
C SER F 142 38.66 49.61 -0.38
N VAL F 143 37.48 50.16 -0.08
CA VAL F 143 37.38 51.20 0.94
C VAL F 143 37.77 50.62 2.29
N ASN F 144 37.29 49.41 2.59
CA ASN F 144 37.64 48.76 3.87
C ASN F 144 39.10 48.36 4.07
N ASP F 145 39.74 47.81 3.04
CA ASP F 145 41.09 47.31 3.18
C ASP F 145 42.19 48.24 2.65
N GLY F 146 41.80 49.32 1.99
CA GLY F 146 42.76 50.18 1.28
C GLY F 146 43.40 49.52 0.06
N ALA F 147 44.55 50.06 -0.33
CA ALA F 147 45.36 49.49 -1.40
C ALA F 147 46.24 48.38 -0.86
N GLN F 148 46.32 47.28 -1.58
CA GLN F 148 47.21 46.18 -1.24
C GLN F 148 47.91 45.62 -2.45
N LEU F 149 49.21 45.36 -2.28
CA LEU F 149 50.11 44.84 -3.34
C LEU F 149 50.97 43.75 -2.72
N TYR F 150 50.85 42.52 -3.22
CA TYR F 150 51.62 41.36 -2.74
C TYR F 150 52.44 40.78 -3.89
N MET F 151 53.52 40.11 -3.56
CA MET F 151 54.36 39.47 -4.57
C MET F 151 54.75 38.09 -4.07
N ILE F 152 54.65 37.12 -4.96
CA ILE F 152 54.90 35.72 -4.71
C ILE F 152 55.98 35.23 -5.71
N ASP F 153 56.94 34.46 -5.19
CA ASP F 153 58.04 33.91 -6.01
C ASP F 153 57.91 32.39 -6.09
N PRO F 154 58.78 31.74 -6.90
CA PRO F 154 58.71 30.32 -7.06
C PRO F 154 58.90 29.45 -5.84
N SER F 155 59.48 29.95 -4.77
CA SER F 155 59.55 29.13 -3.56
C SER F 155 58.21 29.10 -2.81
N GLY F 156 57.30 30.03 -3.16
CA GLY F 156 56.07 30.20 -2.46
C GLY F 156 56.09 31.26 -1.35
N VAL F 157 57.16 32.04 -1.24
CA VAL F 157 57.15 33.17 -0.26
C VAL F 157 56.21 34.28 -0.81
N SER F 158 55.53 34.95 0.11
CA SER F 158 54.51 35.94 -0.16
C SER F 158 54.68 37.09 0.81
N TYR F 159 54.87 38.29 0.33
CA TYR F 159 55.01 39.48 1.20
C TYR F 159 54.21 40.59 0.55
N GLY F 160 53.85 41.58 1.37
CA GLY F 160 53.29 42.84 0.92
C GLY F 160 54.34 43.95 0.71
N TYR F 161 54.02 44.86 -0.22
CA TYR F 161 54.93 45.87 -0.69
C TYR F 161 54.25 47.24 -0.91
N TRP F 162 55.05 48.29 -0.78
CA TRP F 162 54.73 49.58 -1.34
C TRP F 162 55.05 49.72 -2.83
N GLY F 163 56.10 49.05 -3.24
CA GLY F 163 56.55 48.99 -4.62
C GLY F 163 57.35 47.71 -4.82
N CYS F 164 57.34 47.21 -6.02
CA CYS F 164 57.85 45.92 -6.32
C CYS F 164 58.23 45.81 -7.79
N ALA F 165 59.29 45.05 -8.04
CA ALA F 165 59.68 44.70 -9.40
C ALA F 165 60.24 43.29 -9.49
N ILE F 166 59.97 42.68 -10.62
CA ILE F 166 60.36 41.31 -10.91
C ILE F 166 60.84 41.26 -12.35
N GLY F 167 61.71 40.31 -12.61
CA GLY F 167 62.35 40.18 -13.92
C GLY F 167 63.77 40.71 -13.88
N LYS F 168 64.31 40.96 -15.06
CA LYS F 168 65.74 41.09 -15.25
C LYS F 168 66.35 42.45 -14.95
N ALA F 169 65.54 43.50 -14.90
CA ALA F 169 65.98 44.82 -14.45
C ALA F 169 65.32 45.19 -13.08
N ARG F 170 65.06 44.18 -12.31
CA ARG F 170 64.48 44.28 -10.97
CA ARG F 170 64.48 44.28 -10.97
C ARG F 170 65.12 45.39 -10.12
N GLN F 171 66.45 45.33 -10.00
CA GLN F 171 67.17 46.27 -9.14
C GLN F 171 67.12 47.68 -9.66
N ALA F 172 67.39 47.85 -10.95
CA ALA F 172 67.26 49.17 -11.55
C ALA F 172 65.84 49.76 -11.34
N ALA F 173 64.81 48.95 -11.56
CA ALA F 173 63.44 49.39 -11.34
C ALA F 173 63.21 49.87 -9.89
N LYS F 174 63.64 49.07 -8.93
CA LYS F 174 63.48 49.41 -7.50
C LYS F 174 64.12 50.70 -7.13
N THR F 175 65.37 50.92 -7.61
CA THR F 175 66.04 52.19 -7.28
C THR F 175 65.26 53.41 -7.80
N GLU F 176 64.61 53.30 -8.96
CA GLU F 176 63.74 54.38 -9.46
C GLU F 176 62.43 54.51 -8.64
N ILE F 177 61.79 53.38 -8.34
CA ILE F 177 60.56 53.33 -7.51
C ILE F 177 60.80 54.02 -6.14
N GLU F 178 61.95 53.71 -5.50
CA GLU F 178 62.33 54.35 -4.23
C GLU F 178 62.39 55.86 -4.23
N LYS F 179 62.52 56.46 -5.39
CA LYS F 179 62.50 57.91 -5.51
C LYS F 179 61.10 58.52 -5.42
N LEU F 180 60.05 57.71 -5.49
CA LEU F 180 58.71 58.22 -5.40
C LEU F 180 58.20 58.23 -3.97
N GLN F 181 57.49 59.28 -3.62
CA GLN F 181 56.72 59.31 -2.38
C GLN F 181 55.32 58.79 -2.74
N MET F 182 55.22 57.48 -2.91
CA MET F 182 54.00 56.88 -3.42
C MET F 182 52.81 56.92 -2.43
N LYS F 183 53.09 56.95 -1.11
CA LYS F 183 52.03 57.11 -0.07
C LYS F 183 51.13 58.32 -0.28
N GLU F 184 51.68 59.39 -0.81
CA GLU F 184 50.94 60.61 -1.05
C GLU F 184 50.47 60.81 -2.50
N MET F 185 50.59 59.82 -3.38
CA MET F 185 50.23 60.01 -4.80
C MET F 185 48.97 59.24 -5.17
N THR F 186 48.27 59.72 -6.17
CA THR F 186 47.14 59.04 -6.73
C THR F 186 47.57 58.12 -7.88
N CYS F 187 46.73 57.12 -8.16
CA CYS F 187 46.86 56.29 -9.34
C CYS F 187 47.06 57.09 -10.66
N ARG F 188 46.36 58.21 -10.84
CA ARG F 188 46.48 58.99 -12.11
C ARG F 188 47.90 59.55 -12.28
N ASP F 189 48.53 59.97 -11.17
CA ASP F 189 49.94 60.42 -11.16
C ASP F 189 50.91 59.26 -11.35
N ILE F 190 50.62 58.13 -10.66
CA ILE F 190 51.53 56.99 -10.62
C ILE F 190 51.68 56.24 -11.97
N VAL F 191 50.61 56.13 -12.77
CA VAL F 191 50.70 55.50 -14.11
C VAL F 191 51.82 56.10 -14.91
N LYS F 192 51.93 57.41 -14.88
CA LYS F 192 52.98 58.10 -15.66
C LYS F 192 54.36 57.75 -15.18
N GLU F 193 54.50 57.64 -13.87
CA GLU F 193 55.75 57.21 -13.22
C GLU F 193 56.12 55.76 -13.46
N VAL F 194 55.12 54.89 -13.53
CA VAL F 194 55.31 53.48 -13.94
C VAL F 194 55.82 53.43 -15.38
N ALA F 195 55.18 54.14 -16.29
CA ALA F 195 55.63 54.17 -17.68
C ALA F 195 57.05 54.67 -17.78
N LYS F 196 57.33 55.75 -17.07
CA LYS F 196 58.68 56.32 -16.98
C LYS F 196 59.75 55.30 -16.56
N ILE F 197 59.47 54.53 -15.50
CA ILE F 197 60.42 53.55 -14.99
C ILE F 197 60.66 52.38 -15.97
N ILE F 198 59.60 51.87 -16.58
CA ILE F 198 59.76 50.87 -17.62
C ILE F 198 60.70 51.38 -18.75
N TYR F 199 60.56 52.62 -19.18
CA TYR F 199 61.42 53.15 -20.23
C TYR F 199 62.85 53.33 -19.79
N ILE F 200 63.05 53.68 -18.52
CA ILE F 200 64.39 53.83 -17.94
C ILE F 200 65.14 52.47 -17.93
N VAL F 201 64.48 51.43 -17.47
CA VAL F 201 65.13 50.12 -17.32
C VAL F 201 65.17 49.28 -18.60
N HIS F 202 64.37 49.66 -19.59
CA HIS F 202 64.36 49.00 -20.88
C HIS F 202 65.69 49.22 -21.55
N ASP F 203 66.32 48.13 -21.95
CA ASP F 203 67.57 48.16 -22.70
C ASP F 203 67.28 48.21 -24.22
N GLU F 204 67.22 49.41 -24.77
CA GLU F 204 66.78 49.58 -26.17
C GLU F 204 67.82 49.02 -27.18
N VAL F 205 69.13 49.00 -26.79
CA VAL F 205 70.17 48.35 -27.64
C VAL F 205 69.98 46.83 -27.70
N LYS F 206 69.84 46.16 -26.55
CA LYS F 206 69.82 44.69 -26.53
C LYS F 206 68.52 44.07 -27.01
N ASP F 207 67.37 44.65 -26.68
CA ASP F 207 66.06 44.18 -27.21
C ASP F 207 65.18 45.35 -27.71
N LYS F 208 64.79 45.29 -28.97
CA LYS F 208 64.48 46.46 -29.74
C LYS F 208 63.13 47.04 -29.38
N ALA F 209 62.12 46.20 -29.55
CA ALA F 209 60.73 46.62 -29.56
C ALA F 209 60.08 46.09 -28.33
N PHE F 210 59.31 46.95 -27.69
CA PHE F 210 58.41 46.49 -26.65
C PHE F 210 57.09 47.26 -26.67
N GLU F 211 56.07 46.65 -26.07
CA GLU F 211 54.80 47.27 -25.76
C GLU F 211 54.75 47.53 -24.26
N LEU F 212 54.27 48.70 -23.88
CA LEU F 212 53.94 48.94 -22.49
C LEU F 212 52.51 48.41 -22.18
N GLU F 213 52.41 47.60 -21.15
CA GLU F 213 51.15 47.08 -20.72
C GLU F 213 50.87 47.72 -19.34
N LEU F 214 49.67 48.29 -19.18
CA LEU F 214 49.28 48.97 -17.97
C LEU F 214 47.90 48.53 -17.47
N SER F 215 47.80 48.26 -16.19
CA SER F 215 46.53 48.03 -15.52
C SER F 215 46.54 48.72 -14.12
N TRP F 216 45.33 48.94 -13.59
CA TRP F 216 45.15 49.49 -12.26
C TRP F 216 43.88 49.06 -11.57
N VAL F 217 43.91 49.24 -10.25
CA VAL F 217 42.77 49.03 -9.39
C VAL F 217 42.84 50.08 -8.28
N GLY F 218 41.74 50.79 -8.06
CA GLY F 218 41.73 51.82 -7.04
C GLY F 218 40.41 52.54 -6.91
N GLU F 219 40.37 53.58 -6.08
CA GLU F 219 39.17 54.38 -5.88
C GLU F 219 38.59 54.75 -7.26
N LEU F 220 39.47 55.16 -8.16
CA LEU F 220 39.04 55.68 -9.44
C LEU F 220 38.44 54.65 -10.36
N THR F 221 38.67 53.36 -10.12
CA THR F 221 37.98 52.31 -10.86
C THR F 221 36.88 51.62 -10.02
N ASN F 222 36.57 52.19 -8.87
CA ASN F 222 35.58 51.61 -7.93
C ASN F 222 35.95 50.24 -7.42
N GLY F 223 37.24 49.99 -7.23
CA GLY F 223 37.66 48.72 -6.68
C GLY F 223 37.69 47.59 -7.69
N ARG F 224 37.49 47.91 -8.96
CA ARG F 224 37.58 46.93 -10.04
C ARG F 224 39.00 46.98 -10.70
N HIS F 225 39.59 45.82 -10.95
CA HIS F 225 40.88 45.76 -11.69
C HIS F 225 40.58 45.88 -13.16
N GLU F 226 41.25 46.81 -13.80
CA GLU F 226 40.97 47.20 -15.18
C GLU F 226 42.27 47.56 -15.93
N ILE F 227 42.25 47.37 -17.24
CA ILE F 227 43.29 47.86 -18.09
C ILE F 227 43.28 49.38 -17.99
N VAL F 228 44.44 50.04 -18.00
CA VAL F 228 44.46 51.48 -18.07
C VAL F 228 43.90 51.82 -19.45
N PRO F 229 42.99 52.80 -19.53
CA PRO F 229 42.48 53.19 -20.85
C PRO F 229 43.54 53.64 -21.82
N LYS F 230 43.29 53.36 -23.11
CA LYS F 230 44.24 53.62 -24.20
C LYS F 230 44.80 55.03 -24.19
N ASP F 231 43.96 56.03 -24.11
CA ASP F 231 44.44 57.42 -24.14
C ASP F 231 45.32 57.81 -22.93
N ILE F 232 44.97 57.33 -21.75
CA ILE F 232 45.83 57.52 -20.57
C ILE F 232 47.16 56.77 -20.74
N ARG F 233 47.14 55.53 -21.26
CA ARG F 233 48.39 54.81 -21.54
CA ARG F 233 48.36 54.77 -21.56
C ARG F 233 49.29 55.59 -22.50
N GLU F 234 48.71 56.17 -23.55
CA GLU F 234 49.47 56.88 -24.58
C GLU F 234 50.04 58.17 -24.07
N GLU F 235 49.26 58.89 -23.28
CA GLU F 235 49.78 60.04 -22.56
C GLU F 235 50.97 59.66 -21.62
N ALA F 236 50.82 58.56 -20.89
CA ALA F 236 51.89 58.06 -20.00
C ALA F 236 53.19 57.71 -20.77
N GLU F 237 53.06 57.06 -21.93
CA GLU F 237 54.18 56.69 -22.76
C GLU F 237 54.89 57.89 -23.29
N LYS F 238 54.12 58.85 -23.76
CA LYS F 238 54.66 60.07 -24.26
C LYS F 238 55.44 60.83 -23.19
N TYR F 239 54.87 60.95 -22.00
CA TYR F 239 55.58 61.50 -20.84
C TYR F 239 56.89 60.77 -20.52
N ALA F 240 56.86 59.44 -20.54
CA ALA F 240 58.04 58.60 -20.24
C ALA F 240 59.18 58.75 -21.24
N LYS F 241 58.81 58.71 -22.52
CA LYS F 241 59.70 58.86 -23.66
C LYS F 241 60.35 60.27 -23.70
N GLU F 242 59.53 61.31 -23.55
CA GLU F 242 60.06 62.66 -23.48
C GLU F 242 60.92 62.90 -22.24
N SER F 243 60.59 62.27 -21.12
CA SER F 243 61.41 62.34 -19.90
C SER F 243 62.80 61.69 -20.07
N LEU F 244 62.86 60.64 -20.87
CA LEU F 244 64.13 59.98 -21.26
C LEU F 244 65.10 60.89 -22.09
N LYS F 245 64.55 61.77 -22.94
CA LYS F 245 65.30 62.73 -23.79
C LYS F 245 66.82 62.52 -23.86
N SER G 2 82.95 4.30 7.75
CA SER G 2 82.47 5.27 8.79
C SER G 2 83.42 6.50 8.92
N ARG G 3 82.92 7.53 9.62
CA ARG G 3 83.43 8.92 9.67
C ARG G 3 83.21 9.56 8.30
N GLY G 4 81.97 9.96 8.05
CA GLY G 4 81.57 10.57 6.79
C GLY G 4 81.56 9.67 5.56
N SER G 5 81.42 8.34 5.72
CA SER G 5 81.23 7.43 4.57
C SER G 5 79.84 7.58 3.90
N SER G 6 79.78 7.15 2.63
CA SER G 6 78.61 7.25 1.79
C SER G 6 78.54 6.08 0.79
N ALA G 7 77.34 5.52 0.63
CA ALA G 7 77.01 4.53 -0.39
C ALA G 7 75.70 4.92 -1.11
N GLY G 8 75.68 4.62 -2.41
CA GLY G 8 74.51 4.79 -3.25
C GLY G 8 73.93 6.17 -3.21
N PHE G 9 72.64 6.26 -2.92
CA PHE G 9 71.92 7.50 -2.99
C PHE G 9 71.68 8.10 -1.61
N ASP G 10 72.53 7.77 -0.64
CA ASP G 10 72.33 8.16 0.75
C ASP G 10 72.59 9.64 1.03
N ARG G 11 73.05 10.41 0.05
CA ARG G 11 73.09 11.87 0.18
C ARG G 11 71.99 12.59 -0.58
N HIS G 12 71.24 11.85 -1.38
CA HIS G 12 70.17 12.41 -2.21
C HIS G 12 68.76 12.17 -1.67
N ILE G 13 68.52 11.02 -1.05
CA ILE G 13 67.21 10.66 -0.43
C ILE G 13 67.43 10.18 1.00
N THR G 14 66.35 10.10 1.74
CA THR G 14 66.40 9.67 3.13
C THR G 14 66.53 8.14 3.33
N ILE G 15 67.66 7.59 2.90
CA ILE G 15 68.10 6.23 3.25
C ILE G 15 69.30 6.36 4.18
N PHE G 16 69.60 5.28 4.90
CA PHE G 16 70.70 5.30 5.87
C PHE G 16 72.06 5.32 5.16
N SER G 17 72.98 6.09 5.71
CA SER G 17 74.40 6.02 5.35
C SER G 17 75.01 4.86 6.10
N PRO G 18 76.27 4.48 5.78
CA PRO G 18 76.89 3.35 6.49
C PRO G 18 77.12 3.51 8.02
N GLU G 19 77.15 4.77 8.49
CA GLU G 19 77.17 5.04 9.94
C GLU G 19 75.76 5.12 10.53
N GLY G 20 74.71 4.97 9.71
CA GLY G 20 73.34 5.07 10.17
C GLY G 20 72.81 6.48 10.23
N ARG G 21 73.43 7.41 9.51
CA ARG G 21 72.98 8.78 9.44
C ARG G 21 71.99 8.98 8.29
N LEU G 22 71.24 10.08 8.38
CA LEU G 22 70.35 10.53 7.31
C LEU G 22 70.84 11.92 6.82
N TYR G 23 71.75 11.92 5.84
CA TYR G 23 72.29 13.17 5.35
C TYR G 23 71.23 14.20 4.96
N GLN G 24 70.15 13.75 4.30
CA GLN G 24 69.14 14.68 3.84
C GLN G 24 68.46 15.43 5.00
N VAL G 25 68.33 14.74 6.12
CA VAL G 25 67.83 15.36 7.35
C VAL G 25 68.84 16.33 7.94
N GLU G 26 70.12 15.94 7.95
CA GLU G 26 71.15 16.82 8.37
C GLU G 26 71.07 18.08 7.53
N TYR G 27 70.93 17.92 6.22
CA TYR G 27 70.98 19.10 5.31
C TYR G 27 69.80 20.02 5.49
N ALA G 28 68.68 19.48 5.95
CA ALA G 28 67.52 20.30 6.23
C ALA G 28 67.82 21.24 7.38
N PHE G 29 68.65 20.83 8.34
CA PHE G 29 69.07 21.72 9.44
C PHE G 29 69.94 22.86 8.95
N LYS G 30 70.81 22.58 8.00
CA LYS G 30 71.58 23.65 7.37
C LYS G 30 70.62 24.64 6.68
N ALA G 31 69.52 24.13 6.08
CA ALA G 31 68.59 25.02 5.37
C ALA G 31 67.95 26.05 6.30
N ILE G 32 67.78 25.69 7.57
CA ILE G 32 67.25 26.60 8.61
C ILE G 32 68.07 27.89 8.72
N ASN G 33 69.38 27.76 8.59
CA ASN G 33 70.26 28.92 8.66
C ASN G 33 70.35 29.77 7.38
N GLN G 34 69.90 29.23 6.23
CA GLN G 34 69.91 30.00 4.98
C GLN G 34 69.30 31.39 5.17
N GLY G 35 68.19 31.48 5.94
CA GLY G 35 67.56 32.76 6.27
C GLY G 35 68.34 33.80 7.05
N GLY G 36 69.42 33.40 7.73
CA GLY G 36 70.25 34.31 8.47
C GLY G 36 69.62 34.90 9.72
N LEU G 37 68.51 34.33 10.22
CA LEU G 37 67.84 34.87 11.40
C LEU G 37 68.03 33.95 12.61
N THR G 38 67.93 34.53 13.80
CA THR G 38 67.94 33.81 15.07
C THR G 38 66.65 34.16 15.90
N SER G 39 66.11 33.16 16.58
CA SER G 39 64.96 33.30 17.51
C SER G 39 65.28 32.72 18.90
N VAL G 40 64.67 33.33 19.92
CA VAL G 40 64.83 32.94 21.31
C VAL G 40 63.46 32.80 22.00
N ALA G 41 63.30 31.80 22.86
CA ALA G 41 62.09 31.66 23.65
C ALA G 41 62.44 31.34 25.08
N VAL G 42 61.78 32.01 26.02
CA VAL G 42 61.97 31.71 27.46
C VAL G 42 60.65 31.65 28.28
N ARG G 43 60.61 30.78 29.25
CA ARG G 43 59.42 30.54 30.06
C ARG G 43 59.81 30.89 31.50
N GLY G 44 58.88 31.52 32.23
CA GLY G 44 58.97 31.70 33.65
C GLY G 44 57.78 31.05 34.32
N LYS G 45 57.58 31.40 35.58
CA LYS G 45 56.42 30.92 36.33
C LYS G 45 55.16 31.54 35.79
N ASP G 46 55.23 32.80 35.38
CA ASP G 46 54.03 33.55 34.99
C ASP G 46 53.80 33.68 33.47
N ALA G 48 55.40 33.02 29.12
CA ALA G 48 56.32 32.52 28.11
C ALA G 48 56.40 33.56 27.04
N VAL G 49 57.62 33.74 26.52
CA VAL G 49 57.94 34.79 25.56
CA VAL G 49 57.97 34.79 25.58
C VAL G 49 58.71 34.20 24.36
N ILE G 50 58.42 34.72 23.18
CA ILE G 50 59.16 34.44 21.98
C ILE G 50 59.66 35.78 21.43
N VAL G 51 60.95 35.83 21.10
CA VAL G 51 61.60 37.01 20.47
C VAL G 51 62.37 36.55 19.25
N THR G 52 62.24 37.26 18.14
CA THR G 52 63.02 36.96 16.95
C THR G 52 63.46 38.27 16.29
N GLN G 53 64.42 38.14 15.40
CA GLN G 53 64.85 39.27 14.58
C GLN G 53 63.83 39.60 13.52
N LYS G 54 63.76 40.87 13.21
CA LYS G 54 62.90 41.36 12.17
C LYS G 54 63.81 42.18 11.25
N LYS G 55 64.16 41.61 10.10
CA LYS G 55 64.97 42.27 9.10
C LYS G 55 64.12 42.68 7.92
N VAL G 56 64.13 43.98 7.66
CA VAL G 56 63.44 44.60 6.54
C VAL G 56 64.52 45.35 5.72
N PRO G 57 65.37 44.60 4.98
CA PRO G 57 66.49 45.20 4.20
C PRO G 57 66.01 46.19 3.15
N ASP G 58 64.89 45.85 2.51
CA ASP G 58 64.25 46.63 1.46
C ASP G 58 63.29 47.71 2.04
N LYS G 59 63.56 48.97 1.78
CA LYS G 59 62.61 50.05 2.10
C LYS G 59 61.18 49.89 1.51
N LEU G 60 61.08 49.18 0.39
CA LEU G 60 59.84 49.10 -0.38
C LEU G 60 58.86 48.02 0.09
N LEU G 61 59.29 47.16 1.02
CA LEU G 61 58.39 46.22 1.71
C LEU G 61 57.41 46.91 2.63
N ASP G 62 56.20 46.36 2.71
CA ASP G 62 55.24 46.71 3.73
C ASP G 62 55.71 45.93 4.92
N SER G 63 56.41 46.59 5.82
CA SER G 63 56.99 45.88 6.98
C SER G 63 55.97 45.29 7.94
N SER G 64 54.73 45.77 7.89
CA SER G 64 53.65 45.11 8.65
C SER G 64 53.39 43.68 8.16
N THR G 65 53.76 43.35 6.93
CA THR G 65 53.60 41.97 6.44
C THR G 65 54.81 41.10 6.66
N VAL G 66 55.90 41.63 7.18
CA VAL G 66 57.10 40.85 7.44
C VAL G 66 57.10 40.42 8.89
N THR G 67 56.79 39.17 9.14
CA THR G 67 56.77 38.61 10.50
C THR G 67 57.14 37.15 10.48
N HIS G 68 57.71 36.69 11.58
CA HIS G 68 57.86 35.25 11.85
C HIS G 68 57.09 34.75 13.06
N LEU G 69 56.24 35.62 13.63
CA LEU G 69 55.31 35.25 14.71
C LEU G 69 53.94 34.92 14.15
N PHE G 70 53.38 33.79 14.58
CA PHE G 70 52.08 33.37 14.13
C PHE G 70 51.17 32.90 15.27
N LYS G 71 49.90 33.30 15.20
CA LYS G 71 48.87 32.77 16.05
C LYS G 71 48.38 31.43 15.49
N ILE G 72 48.40 30.39 16.31
CA ILE G 72 47.94 29.07 15.92
C ILE G 72 46.47 28.86 16.37
N THR G 73 46.17 29.22 17.59
CA THR G 73 44.81 29.32 18.14
C THR G 73 44.87 30.63 18.92
N GLU G 74 43.77 31.01 19.56
CA GLU G 74 43.78 32.17 20.41
C GLU G 74 44.84 32.07 21.55
N ASN G 75 45.10 30.85 22.04
CA ASN G 75 46.00 30.62 23.16
C ASN G 75 47.40 30.01 22.84
N ILE G 76 47.69 29.79 21.57
CA ILE G 76 48.97 29.22 21.18
C ILE G 76 49.58 30.11 20.14
N GLY G 77 50.80 30.54 20.44
CA GLY G 77 51.62 31.32 19.54
C GLY G 77 52.84 30.54 19.10
N CYS G 78 53.47 31.05 18.08
CA CYS G 78 54.53 30.32 17.45
C CYS G 78 55.52 31.29 16.85
N VAL G 79 56.79 30.98 16.97
CA VAL G 79 57.83 31.61 16.11
C VAL G 79 58.44 30.53 15.22
N MET G 80 58.59 30.87 13.96
CA MET G 80 59.17 30.04 12.91
C MET G 80 60.57 30.54 12.52
N THR G 81 61.48 29.60 12.33
CA THR G 81 62.82 29.89 11.92
C THR G 81 63.19 28.98 10.74
N GLY G 82 63.72 29.57 9.68
CA GLY G 82 64.15 28.82 8.53
C GLY G 82 63.38 29.24 7.30
N MET G 83 63.32 28.34 6.33
CA MET G 83 62.83 28.65 4.99
C MET G 83 61.37 29.12 5.11
N THR G 84 61.07 30.26 4.54
CA THR G 84 59.84 31.00 4.84
C THR G 84 58.56 30.27 4.40
N ALA G 85 58.53 29.83 3.14
CA ALA G 85 57.41 29.17 2.60
C ALA G 85 57.15 27.80 3.25
N ASP G 86 58.20 27.02 3.49
CA ASP G 86 58.10 25.84 4.34
C ASP G 86 57.47 26.18 5.71
N SER G 87 57.91 27.25 6.32
CA SER G 87 57.44 27.63 7.63
C SER G 87 55.92 27.92 7.59
N ARG G 88 55.49 28.68 6.59
CA ARG G 88 54.11 28.99 6.43
C ARG G 88 53.23 27.77 6.31
N SER G 89 53.70 26.81 5.52
CA SER G 89 53.01 25.56 5.36
CA SER G 89 52.98 25.53 5.37
C SER G 89 52.88 24.83 6.72
N GLN G 90 53.96 24.83 7.48
CA GLN G 90 53.90 24.16 8.76
C GLN G 90 52.95 24.89 9.72
N VAL G 91 52.89 26.23 9.63
CA VAL G 91 51.95 27.01 10.39
C VAL G 91 50.47 26.63 10.05
N GLN G 92 50.12 26.57 8.77
CA GLN G 92 48.82 26.12 8.34
C GLN G 92 48.47 24.75 8.87
N ARG G 93 49.40 23.82 8.75
CA ARG G 93 49.16 22.51 9.26
C ARG G 93 48.87 22.50 10.77
N ALA G 94 49.67 23.23 11.54
CA ALA G 94 49.45 23.32 12.95
C ALA G 94 48.08 23.91 13.26
N ARG G 95 47.69 24.93 12.55
CA ARG G 95 46.38 25.56 12.71
C ARG G 95 45.21 24.60 12.42
N TYR G 96 45.39 23.78 11.39
CA TYR G 96 44.48 22.74 11.04
C TYR G 96 44.43 21.63 12.14
N GLU G 97 45.57 21.16 12.59
CA GLU G 97 45.62 20.11 13.62
C GLU G 97 44.92 20.60 14.92
N ALA G 98 45.16 21.85 15.31
CA ALA G 98 44.57 22.36 16.51
C ALA G 98 43.04 22.53 16.39
N ALA G 99 42.57 23.05 15.26
CA ALA G 99 41.15 23.25 15.03
C ALA G 99 40.40 21.90 15.04
N ASN G 100 41.04 20.93 14.43
CA ASN G 100 40.50 19.63 14.31
C ASN G 100 40.40 18.90 15.69
N TRP G 101 41.45 19.05 16.49
CA TRP G 101 41.50 18.58 17.86
C TRP G 101 40.27 19.12 18.66
N LYS G 102 40.08 20.42 18.62
CA LYS G 102 39.00 21.07 19.34
C LYS G 102 37.61 20.55 18.91
N TYR G 103 37.45 20.36 17.61
CA TYR G 103 36.20 19.82 17.04
C TYR G 103 35.89 18.37 17.49
N LYS G 104 36.91 17.50 17.49
CA LYS G 104 36.75 16.11 17.87
C LYS G 104 36.69 15.86 19.37
N TYR G 105 37.42 16.65 20.15
CA TYR G 105 37.60 16.36 21.56
C TYR G 105 37.02 17.35 22.54
N GLY G 106 36.58 18.51 22.08
CA GLY G 106 35.84 19.44 22.92
C GLY G 106 36.66 20.31 23.86
N TYR G 107 37.99 20.34 23.66
CA TYR G 107 38.87 21.20 24.44
C TYR G 107 40.08 21.56 23.63
N GLU G 108 40.76 22.60 24.03
CA GLU G 108 41.92 23.08 23.30
C GLU G 108 43.09 22.08 23.30
N ILE G 109 43.75 21.93 22.18
CA ILE G 109 44.94 21.09 22.10
C ILE G 109 46.00 21.63 23.09
N PRO G 110 46.55 20.77 23.96
CA PRO G 110 47.72 21.16 24.76
C PRO G 110 48.90 21.48 23.83
N VAL G 111 49.71 22.46 24.20
CA VAL G 111 50.89 22.80 23.39
C VAL G 111 51.81 21.60 23.13
N ASP G 112 52.05 20.78 24.15
CA ASP G 112 52.89 19.60 23.96
C ASP G 112 52.38 18.64 22.87
N MET G 113 51.05 18.46 22.80
CA MET G 113 50.44 17.57 21.86
C MET G 113 50.48 18.15 20.47
N LEU G 114 50.27 19.45 20.33
CA LEU G 114 50.41 20.08 19.03
C LEU G 114 51.86 19.95 18.50
N CYS G 115 52.83 20.17 19.39
CA CYS G 115 54.25 20.10 18.97
C CYS G 115 54.54 18.67 18.55
N LYS G 116 54.10 17.72 19.36
CA LYS G 116 54.25 16.32 19.03
C LYS G 116 53.65 15.93 17.69
N ARG G 117 52.45 16.40 17.43
CA ARG G 117 51.81 16.09 16.17
C ARG G 117 52.62 16.62 14.99
N ILE G 118 53.12 17.84 15.06
CA ILE G 118 53.90 18.41 13.96
C ILE G 118 55.21 17.63 13.79
N ALA G 119 55.81 17.24 14.90
CA ALA G 119 57.00 16.46 14.88
C ALA G 119 56.77 15.12 14.25
N ASP G 120 55.64 14.49 14.57
CA ASP G 120 55.27 13.19 13.99
C ASP G 120 55.05 13.30 12.46
N ILE G 121 54.45 14.38 12.03
CA ILE G 121 54.23 14.66 10.59
C ILE G 121 55.61 14.86 9.91
N SER G 122 56.48 15.60 10.55
CA SER G 122 57.87 15.75 10.04
C SER G 122 58.65 14.43 9.98
N GLN G 123 58.41 13.55 10.95
CA GLN G 123 59.07 12.26 10.96
C GLN G 123 58.82 11.52 9.65
N VAL G 124 57.60 11.58 9.12
CA VAL G 124 57.27 10.87 7.88
C VAL G 124 58.19 11.31 6.71
N TYR G 125 58.54 12.59 6.68
CA TYR G 125 59.45 13.07 5.62
C TYR G 125 60.89 12.58 5.74
N THR G 126 61.27 12.04 6.89
CA THR G 126 62.57 11.43 7.11
C THR G 126 62.63 9.93 6.75
N GLN G 127 61.46 9.29 6.60
CA GLN G 127 61.39 7.85 6.33
C GLN G 127 60.88 7.51 4.94
N ASN G 128 60.18 8.43 4.28
CA ASN G 128 59.66 8.24 2.96
C ASN G 128 60.49 9.00 1.95
N ALA G 129 60.84 8.39 0.83
CA ALA G 129 61.89 8.94 -0.06
C ALA G 129 61.49 10.04 -1.04
N GLU G 130 60.19 10.16 -1.34
CA GLU G 130 59.75 11.01 -2.45
C GLU G 130 59.61 12.51 -2.20
N MET G 131 59.59 12.96 -0.95
CA MET G 131 59.57 14.36 -0.64
C MET G 131 60.73 14.71 0.29
N ARG G 132 61.10 16.00 0.37
CA ARG G 132 62.13 16.45 1.28
C ARG G 132 61.52 16.86 2.60
N PRO G 133 62.31 16.86 3.68
CA PRO G 133 61.91 17.58 4.89
C PRO G 133 61.72 19.06 4.65
N LEU G 134 61.00 19.70 5.56
CA LEU G 134 60.84 21.15 5.56
C LEU G 134 62.05 21.74 6.30
N GLY G 135 62.65 22.76 5.73
CA GLY G 135 63.89 23.35 6.26
C GLY G 135 63.54 24.46 7.24
N CYS G 136 62.79 24.09 8.26
CA CYS G 136 62.34 25.04 9.22
C CYS G 136 62.16 24.40 10.58
N MET G 138 60.00 24.99 14.40
CA MET G 138 58.84 25.62 15.03
C MET G 138 58.99 25.72 16.54
N ILE G 139 58.85 26.92 17.09
CA ILE G 139 58.79 27.08 18.54
C ILE G 139 57.36 27.54 18.94
N LEU G 140 56.72 26.78 19.84
CA LEU G 140 55.36 27.01 20.30
C LEU G 140 55.34 27.47 21.77
N ILE G 141 54.50 28.45 22.08
CA ILE G 141 54.22 28.85 23.46
C ILE G 141 52.70 28.79 23.79
N GLY G 142 52.40 28.47 25.03
CA GLY G 142 51.03 28.52 25.54
C GLY G 142 51.02 28.24 27.02
N ILE G 143 49.88 28.49 27.66
CA ILE G 143 49.67 28.20 29.08
C ILE G 143 48.92 26.86 29.23
N ASP G 144 49.45 25.97 30.05
CA ASP G 144 48.79 24.74 30.42
C ASP G 144 48.26 24.93 31.81
N GLU G 145 47.01 24.54 32.02
CA GLU G 145 46.31 24.79 33.29
C GLU G 145 47.06 24.26 34.50
N GLU G 146 47.60 23.05 34.40
CA GLU G 146 48.33 22.43 35.52
C GLU G 146 49.81 22.86 35.54
N GLN G 147 50.47 22.79 34.38
CA GLN G 147 51.92 22.97 34.31
C GLN G 147 52.46 24.41 34.15
N GLY G 148 51.59 25.38 33.95
CA GLY G 148 52.03 26.75 33.77
C GLY G 148 52.49 27.04 32.34
N PRO G 149 53.26 28.13 32.15
CA PRO G 149 53.73 28.53 30.81
C PRO G 149 54.57 27.44 30.17
N GLN G 150 54.46 27.29 28.86
CA GLN G 150 55.13 26.21 28.15
C GLN G 150 55.87 26.73 26.95
N VAL G 151 57.05 26.19 26.74
CA VAL G 151 57.82 26.43 25.50
C VAL G 151 58.19 25.06 24.91
N TYR G 152 57.79 24.81 23.68
CA TYR G 152 58.11 23.60 22.96
C TYR G 152 58.73 23.93 21.61
N LYS G 153 59.61 23.06 21.16
CA LYS G 153 60.27 23.18 19.86
C LYS G 153 60.28 21.81 19.17
N CYS G 154 60.02 21.80 17.87
CA CYS G 154 60.23 20.64 17.06
C CYS G 154 61.08 20.98 15.80
N ASP G 155 61.77 19.98 15.24
CA ASP G 155 62.77 20.20 14.19
C ASP G 155 62.56 19.30 12.95
N PRO G 156 63.35 19.51 11.86
CA PRO G 156 63.16 18.72 10.63
C PRO G 156 63.44 17.20 10.79
N ALA G 157 64.10 16.78 11.87
CA ALA G 157 64.28 15.36 12.15
C ALA G 157 63.02 14.69 12.76
N GLY G 158 62.04 15.49 13.19
CA GLY G 158 60.92 15.01 13.97
C GLY G 158 61.20 14.86 15.46
N TYR G 159 62.31 15.39 15.96
CA TYR G 159 62.51 15.52 17.40
C TYR G 159 61.69 16.71 17.94
N TYR G 160 61.32 16.62 19.20
CA TYR G 160 60.62 17.69 19.92
C TYR G 160 60.89 17.57 21.40
N GLY G 162 60.15 19.98 25.32
CA GLY G 162 59.76 21.18 26.07
C GLY G 162 60.99 21.76 26.78
N PHE G 163 60.98 23.05 27.04
CA PHE G 163 62.19 23.76 27.51
C PHE G 163 61.88 24.83 28.54
N LYS G 164 62.89 25.14 29.34
CA LYS G 164 62.90 26.36 30.13
C LYS G 164 63.18 27.56 29.24
N ALA G 165 64.12 27.36 28.32
CA ALA G 165 64.40 28.33 27.30
C ALA G 165 65.04 27.61 26.16
N THR G 166 64.93 28.19 24.98
CA THR G 166 65.56 27.60 23.82
C THR G 166 65.76 28.65 22.74
N ALA G 167 66.37 28.20 21.65
CA ALA G 167 66.63 29.08 20.54
C ALA G 167 66.69 28.31 19.26
N ALA G 168 66.72 29.05 18.16
CA ALA G 168 66.76 28.47 16.83
C ALA G 168 67.45 29.42 15.86
N GLY G 169 67.99 28.86 14.80
CA GLY G 169 68.65 29.66 13.76
C GLY G 169 70.15 29.82 13.94
N VAL G 170 70.69 30.88 13.35
CA VAL G 170 72.13 31.00 13.11
C VAL G 170 72.91 30.93 14.43
N LYS G 171 72.46 31.70 15.43
CA LYS G 171 73.15 31.77 16.71
C LYS G 171 72.51 30.91 17.80
N GLN G 172 71.90 29.81 17.39
CA GLN G 172 71.28 28.86 18.30
C GLN G 172 72.23 28.34 19.42
N THR G 173 73.44 27.92 19.07
CA THR G 173 74.41 27.39 20.03
C THR G 173 74.81 28.42 21.06
N GLU G 174 75.02 29.64 20.58
CA GLU G 174 75.47 30.74 21.45
C GLU G 174 74.36 31.09 22.40
N SER G 175 73.15 31.16 21.88
CA SER G 175 71.96 31.42 22.69
C SER G 175 71.79 30.35 23.74
N THR G 176 71.94 29.09 23.34
CA THR G 176 71.88 27.98 24.28
C THR G 176 72.88 28.14 25.42
N SER G 177 74.15 28.51 25.13
CA SER G 177 75.17 28.76 26.16
C SER G 177 74.81 29.94 27.05
N PHE G 178 74.43 31.07 26.45
CA PHE G 178 74.02 32.25 27.22
C PHE G 178 72.92 31.85 28.24
N LEU G 179 71.91 31.11 27.77
CA LEU G 179 70.72 30.78 28.58
C LEU G 179 71.07 29.80 29.67
N GLU G 180 71.83 28.75 29.33
CA GLU G 180 72.40 27.82 30.32
C GLU G 180 73.12 28.52 31.45
N LYS G 181 74.11 29.36 31.12
CA LYS G 181 74.87 30.13 32.13
C LYS G 181 73.89 30.88 33.03
N LYS G 182 72.86 31.49 32.45
CA LYS G 182 71.92 32.28 33.23
C LYS G 182 71.00 31.48 34.18
N VAL G 183 70.41 30.38 33.71
CA VAL G 183 69.59 29.55 34.65
C VAL G 183 70.29 28.96 35.86
N LYS G 184 71.55 28.57 35.71
CA LYS G 184 72.30 28.01 36.83
C LYS G 184 72.31 28.98 38.01
N LYS G 185 72.62 30.24 37.70
CA LYS G 185 72.58 31.38 38.65
C LYS G 185 71.25 31.52 39.40
N LYS G 186 70.16 31.37 38.65
CA LYS G 186 68.78 31.56 39.16
C LYS G 186 68.34 30.39 40.11
N PHE G 187 67.62 30.72 41.20
CA PHE G 187 67.08 29.73 42.18
C PHE G 187 65.91 28.91 41.61
N ASP G 188 65.94 27.61 41.95
CA ASP G 188 65.08 26.55 41.38
C ASP G 188 65.24 26.43 39.86
N TRP G 189 66.44 26.74 39.38
CA TRP G 189 66.81 26.79 37.95
C TRP G 189 65.68 27.35 37.06
N THR G 190 65.21 28.54 37.40
CA THR G 190 64.03 29.10 36.75
C THR G 190 64.17 30.58 36.47
N PHE G 191 63.83 30.95 35.23
CA PHE G 191 63.83 32.32 34.78
C PHE G 191 62.69 33.07 35.46
N GLU G 192 62.93 34.35 35.68
CA GLU G 192 61.98 35.21 36.36
C GLU G 192 61.69 36.52 35.55
N GLN G 193 62.71 37.05 34.85
CA GLN G 193 62.64 38.28 34.10
C GLN G 193 62.59 37.93 32.63
N THR G 194 61.46 37.36 32.22
CA THR G 194 61.49 36.52 31.05
C THR G 194 61.60 37.28 29.72
N VAL G 195 60.89 38.40 29.57
CA VAL G 195 61.03 39.22 28.35
C VAL G 195 62.46 39.83 28.26
N GLU G 196 62.98 40.31 29.39
CA GLU G 196 64.34 40.89 29.45
C GLU G 196 65.43 39.89 29.08
N THR G 197 65.34 38.68 29.64
CA THR G 197 66.29 37.62 29.38
C THR G 197 66.32 37.27 27.90
N ALA G 198 65.12 37.15 27.28
CA ALA G 198 65.01 36.82 25.86
C ALA G 198 65.68 37.86 24.96
N ILE G 199 65.39 39.13 25.20
CA ILE G 199 65.92 40.21 24.36
C ILE G 199 67.44 40.39 24.58
N THR G 200 67.87 40.33 25.83
CA THR G 200 69.27 40.38 26.19
C THR G 200 70.06 39.23 25.53
N CYS G 201 69.53 38.01 25.61
CA CYS G 201 70.16 36.87 24.98
C CYS G 201 70.36 37.16 23.52
N LEU G 202 69.32 37.64 22.88
CA LEU G 202 69.39 37.84 21.44
C LEU G 202 70.39 38.91 21.07
N SER G 203 70.39 39.99 21.84
CA SER G 203 71.26 41.14 21.66
C SER G 203 72.75 40.81 21.92
N THR G 204 72.99 39.97 22.93
CA THR G 204 74.34 39.50 23.24
C THR G 204 74.90 38.67 22.10
N VAL G 205 74.18 37.63 21.68
CA VAL G 205 74.72 36.70 20.70
C VAL G 205 74.90 37.33 19.31
N LEU G 206 74.12 38.36 18.99
CA LEU G 206 74.21 39.09 17.72
C LEU G 206 75.07 40.36 17.79
N SER G 207 75.43 40.79 19.01
CA SER G 207 76.08 42.06 19.25
C SER G 207 75.39 43.26 18.58
N ILE G 208 74.07 43.42 18.76
CA ILE G 208 73.34 44.47 18.04
C ILE G 208 72.89 45.65 18.90
N ASP G 209 72.24 45.43 20.05
CA ASP G 209 71.56 46.55 20.77
C ASP G 209 70.43 47.13 19.90
N PHE G 210 69.21 46.64 20.10
CA PHE G 210 68.14 46.79 19.11
C PHE G 210 67.38 48.11 19.13
N LYS G 211 66.82 48.46 17.98
CA LYS G 211 65.73 49.42 17.92
C LYS G 211 64.42 48.62 18.00
N PRO G 212 63.31 49.27 18.40
CA PRO G 212 62.07 48.53 18.56
C PRO G 212 61.44 47.97 17.25
N SER G 213 61.91 48.44 16.10
CA SER G 213 61.53 47.93 14.76
C SER G 213 62.35 46.74 14.23
N GLU G 214 63.42 46.38 14.92
CA GLU G 214 64.30 45.27 14.50
C GLU G 214 64.07 43.95 15.24
N ILE G 215 63.16 43.92 16.21
CA ILE G 215 62.72 42.65 16.82
C ILE G 215 61.19 42.55 16.89
N GLU G 216 60.70 41.34 17.05
CA GLU G 216 59.29 41.08 17.31
C GLU G 216 59.20 40.28 18.59
N VAL G 217 58.17 40.56 19.39
CA VAL G 217 57.97 39.90 20.66
C VAL G 217 56.53 39.41 20.77
N GLY G 218 56.36 38.15 21.15
CA GLY G 218 55.06 37.56 21.45
C GLY G 218 55.05 36.91 22.81
N VAL G 219 53.89 36.93 23.48
CA VAL G 219 53.73 36.53 24.88
C VAL G 219 52.43 35.75 25.15
N VAL G 220 52.50 34.84 26.13
CA VAL G 220 51.32 34.31 26.81
C VAL G 220 51.60 34.34 28.29
N THR G 221 50.58 34.64 29.10
CA THR G 221 50.73 34.77 30.56
C THR G 221 49.62 33.99 31.26
N VAL G 222 49.90 33.58 32.48
CA VAL G 222 48.95 32.87 33.29
C VAL G 222 47.69 33.73 33.49
N GLU G 223 47.85 35.02 33.72
CA GLU G 223 46.72 35.92 33.83
C GLU G 223 46.04 36.19 32.47
N ASN G 224 46.79 36.21 31.37
CA ASN G 224 46.28 36.53 30.07
C ASN G 224 46.75 35.51 29.05
N PRO G 225 46.08 34.34 28.99
CA PRO G 225 46.62 33.25 28.20
C PRO G 225 46.51 33.43 26.70
N LYS G 226 45.75 34.41 26.23
CA LYS G 226 45.64 34.61 24.80
C LYS G 226 46.99 35.13 24.25
N PHE G 227 47.48 34.53 23.19
CA PHE G 227 48.71 34.94 22.56
C PHE G 227 48.65 36.40 22.12
N ARG G 228 49.64 37.19 22.53
CA ARG G 228 49.69 38.62 22.24
C ARG G 228 51.03 39.01 21.61
N ILE G 229 50.95 39.83 20.55
CA ILE G 229 52.12 40.38 19.88
C ILE G 229 52.32 41.79 20.41
N LEU G 230 53.52 42.09 20.90
CA LEU G 230 53.81 43.41 21.41
C LEU G 230 53.89 44.41 20.28
N THR G 231 53.48 45.64 20.55
CA THR G 231 53.61 46.73 19.62
C THR G 231 55.06 47.27 19.69
N GLU G 232 55.39 48.18 18.79
CA GLU G 232 56.68 48.86 18.77
C GLU G 232 56.94 49.62 20.05
N ALA G 233 55.96 50.39 20.49
CA ALA G 233 56.04 51.16 21.70
C ALA G 233 56.21 50.28 22.95
N GLU G 234 55.45 49.21 23.01
CA GLU G 234 55.58 48.24 24.08
C GLU G 234 57.00 47.66 24.16
N ILE G 235 57.53 47.25 23.01
CA ILE G 235 58.89 46.75 22.89
C ILE G 235 59.89 47.84 23.30
N ASP G 236 59.67 49.06 22.83
CA ASP G 236 60.52 50.17 23.20
C ASP G 236 60.61 50.37 24.70
N ALA G 237 59.50 50.23 25.42
CA ALA G 237 59.52 50.40 26.88
C ALA G 237 60.46 49.39 27.54
N HIS G 238 60.54 48.18 26.98
CA HIS G 238 61.46 47.17 27.49
C HIS G 238 62.90 47.53 27.13
N LEU G 239 63.14 47.92 25.89
CA LEU G 239 64.48 48.32 25.48
C LEU G 239 65.06 49.50 26.29
N VAL G 240 64.19 50.41 26.72
CA VAL G 240 64.57 51.58 27.49
C VAL G 240 64.83 51.18 28.94
N ALA G 241 63.93 50.40 29.55
CA ALA G 241 64.11 49.88 30.90
C ALA G 241 65.43 49.12 31.05
N LEU G 242 65.83 48.41 29.98
CA LEU G 242 67.12 47.69 29.94
C LEU G 242 68.30 48.63 29.80
N ALA G 243 68.22 49.58 28.87
CA ALA G 243 69.27 50.61 28.70
C ALA G 243 69.70 51.29 30.01
N GLU G 244 68.75 51.49 30.93
CA GLU G 244 68.95 52.21 32.17
C GLU G 244 69.20 51.36 33.45
N ARG G 245 70.36 50.73 33.65
CA ARG G 245 70.70 50.12 34.97
C ARG G 245 72.17 50.16 35.47
N THR H 1 14.48 -1.12 30.33
CA THR H 1 15.59 -0.50 31.05
C THR H 1 15.25 0.78 31.75
N THR H 2 15.80 0.96 32.94
CA THR H 2 15.80 2.21 33.64
C THR H 2 17.28 2.55 33.97
N ILE H 3 17.76 3.63 33.37
CA ILE H 3 19.05 4.20 33.71
C ILE H 3 18.90 5.68 34.05
N ALA H 4 19.83 6.15 34.86
CA ALA H 4 19.71 7.47 35.45
C ALA H 4 21.06 7.96 36.01
N GLY H 5 21.17 9.27 36.13
CA GLY H 5 22.27 9.90 36.80
C GLY H 5 21.91 11.22 37.46
N VAL H 6 22.74 11.60 38.40
CA VAL H 6 22.60 12.80 39.20
C VAL H 6 23.99 13.38 39.46
N VAL H 7 24.08 14.71 39.40
CA VAL H 7 25.21 15.45 39.91
C VAL H 7 24.96 15.82 41.37
N TYR H 8 25.87 15.41 42.26
CA TYR H 8 25.80 15.79 43.69
C TYR H 8 26.93 16.73 44.09
N LYS H 9 26.98 17.12 45.37
CA LYS H 9 27.96 18.10 45.85
C LYS H 9 29.40 17.83 45.31
N ASP H 10 29.82 16.57 45.32
CA ASP H 10 31.22 16.21 45.07
C ASP H 10 31.47 15.28 43.93
N GLY H 11 30.47 15.09 43.08
CA GLY H 11 30.58 14.06 42.04
C GLY H 11 29.30 13.66 41.32
N ILE H 12 29.31 12.45 40.83
CA ILE H 12 28.23 11.89 40.03
C ILE H 12 27.74 10.59 40.70
N VAL H 13 26.44 10.36 40.66
CA VAL H 13 25.90 9.02 40.89
C VAL H 13 25.14 8.57 39.65
N LEU H 14 25.55 7.41 39.12
CA LEU H 14 24.86 6.72 38.04
C LEU H 14 24.13 5.49 38.55
N GLY H 15 23.01 5.18 37.90
CA GLY H 15 22.14 4.08 38.32
C GLY H 15 21.62 3.29 37.16
N ALA H 16 21.36 2.01 37.40
CA ALA H 16 20.77 1.14 36.40
C ALA H 16 20.10 -0.09 36.98
N ASP H 17 19.10 -0.59 36.24
CA ASP H 17 18.48 -1.89 36.55
C ASP H 17 19.28 -2.93 35.83
N THR H 18 18.90 -4.20 35.98
CA THR H 18 19.68 -5.29 35.37
C THR H 18 18.92 -6.27 34.46
N ARG H 19 17.75 -5.87 33.96
CA ARG H 19 16.95 -6.72 33.10
C ARG H 19 17.22 -6.47 31.64
N ALA H 20 17.35 -7.54 30.91
CA ALA H 20 17.30 -7.49 29.49
C ALA H 20 16.14 -8.38 29.01
N THR H 21 15.41 -7.94 27.99
CA THR H 21 14.30 -8.69 27.45
C THR H 21 14.48 -8.94 25.96
N GLU H 22 13.96 -10.08 25.52
CA GLU H 22 13.78 -10.42 24.13
C GLU H 22 12.27 -10.61 24.00
N GLY H 23 11.65 -9.74 23.23
CA GLY H 23 10.20 -9.77 23.12
C GLY H 23 9.67 -9.36 24.47
N MET H 24 8.70 -10.09 24.99
CA MET H 24 8.24 -9.82 26.34
C MET H 24 8.66 -10.96 27.30
N VAL H 25 9.86 -11.52 27.06
CA VAL H 25 10.48 -12.51 27.92
C VAL H 25 11.79 -11.97 28.47
N VAL H 26 12.05 -12.23 29.75
CA VAL H 26 13.34 -11.85 30.36
C VAL H 26 14.43 -12.82 29.90
N ALA H 27 15.41 -12.30 29.17
CA ALA H 27 16.58 -13.07 28.69
C ALA H 27 17.72 -13.04 29.70
N ASP H 28 17.93 -11.91 30.31
CA ASP H 28 18.93 -11.78 31.35
C ASP H 28 18.35 -11.07 32.55
N LYS H 29 18.52 -11.70 33.71
CA LYS H 29 18.14 -11.12 34.98
C LYS H 29 19.20 -10.24 35.58
N ASN H 30 20.43 -10.33 35.07
CA ASN H 30 21.55 -9.66 35.72
C ASN H 30 22.58 -9.08 34.73
N CYS H 31 22.03 -8.28 33.84
CA CYS H 31 22.76 -7.63 32.81
C CYS H 31 23.46 -6.43 33.47
N SER H 32 24.73 -6.17 33.10
CA SER H 32 25.47 -5.01 33.60
C SER H 32 25.32 -3.87 32.66
N LYS H 33 24.66 -2.79 33.08
CA LYS H 33 24.36 -1.67 32.17
C LYS H 33 25.21 -0.40 32.39
N ILE H 34 26.02 -0.40 33.46
CA ILE H 34 26.94 0.69 33.74
C ILE H 34 28.38 0.33 33.23
N HIS H 35 28.74 0.93 32.09
CA HIS H 35 29.97 0.59 31.35
C HIS H 35 31.17 1.51 31.71
N PHE H 36 32.33 0.88 31.92
CA PHE H 36 33.58 1.58 32.00
C PHE H 36 33.85 2.39 30.73
N ILE H 37 34.13 3.69 30.87
CA ILE H 37 34.70 4.50 29.78
C ILE H 37 36.18 4.81 30.05
N SER H 38 36.47 5.35 31.23
CA SER H 38 37.82 5.54 31.73
C SER H 38 37.79 5.47 33.29
N PRO H 39 38.96 5.45 33.96
CA PRO H 39 38.91 5.35 35.41
C PRO H 39 38.02 6.39 36.11
N ASN H 40 37.88 7.58 35.50
CA ASN H 40 37.07 8.69 35.99
C ASN H 40 35.73 8.95 35.23
N ILE H 41 35.38 8.10 34.27
CA ILE H 41 34.17 8.27 33.49
C ILE H 41 33.46 6.89 33.27
N TYR H 42 32.15 6.85 33.56
CA TYR H 42 31.31 5.67 33.26
C TYR H 42 30.06 6.11 32.48
N CYS H 43 29.40 5.13 31.90
CA CYS H 43 28.31 5.37 30.94
C CYS H 43 27.26 4.25 31.06
N CYS H 44 26.08 4.60 31.56
CA CYS H 44 24.91 3.68 31.53
C CYS H 44 24.40 3.58 30.09
N GLY H 45 23.96 2.40 29.69
CA GLY H 45 23.33 2.18 28.37
C GLY H 45 21.91 1.55 28.36
N ALA H 46 21.02 2.14 27.57
CA ALA H 46 19.68 1.64 27.28
C ALA H 46 19.54 1.46 25.75
N GLY H 47 18.72 0.53 25.32
CA GLY H 47 18.37 0.38 23.90
C GLY H 47 18.78 -0.98 23.45
N THR H 48 19.39 -1.07 22.27
CA THR H 48 19.86 -2.35 21.70
C THR H 48 21.17 -2.78 22.36
N ALA H 49 21.16 -3.92 23.06
CA ALA H 49 22.24 -4.31 23.94
C ALA H 49 23.62 -4.42 23.24
N ALA H 50 23.65 -5.01 22.06
CA ALA H 50 24.89 -5.15 21.33
C ALA H 50 25.45 -3.74 21.02
N ASP H 51 24.55 -2.79 20.73
CA ASP H 51 24.96 -1.43 20.37
C ASP H 51 25.51 -0.61 21.53
N THR H 52 24.92 -0.73 22.70
CA THR H 52 25.39 0.01 23.86
C THR H 52 26.76 -0.56 24.25
N ASP H 53 26.87 -1.88 24.25
CA ASP H 53 28.11 -2.56 24.52
C ASP H 53 29.25 -2.15 23.58
N MET H 54 29.02 -2.28 22.29
CA MET H 54 30.06 -2.08 21.32
C MET H 54 30.45 -0.61 21.25
N THR H 55 29.47 0.27 21.38
CA THR H 55 29.71 1.70 21.34
C THR H 55 30.55 2.19 22.55
N THR H 56 30.17 1.80 23.75
CA THR H 56 30.91 2.19 24.93
C THR H 56 32.33 1.59 24.95
N GLN H 57 32.52 0.36 24.45
CA GLN H 57 33.82 -0.25 24.35
C GLN H 57 34.71 0.47 23.33
N LEU H 58 34.15 0.84 22.18
CA LEU H 58 34.93 1.52 21.15
C LEU H 58 35.42 2.89 21.66
N ILE H 59 34.51 3.64 22.25
CA ILE H 59 34.84 4.95 22.74
C ILE H 59 35.84 4.84 23.91
N SER H 60 35.64 3.88 24.79
CA SER H 60 36.57 3.66 25.92
C SER H 60 37.97 3.34 25.38
N SER H 61 38.04 2.52 24.36
CA SER H 61 39.27 2.14 23.76
C SER H 61 40.00 3.33 23.09
N ASN H 62 39.24 4.15 22.34
CA ASN H 62 39.80 5.36 21.72
C ASN H 62 40.21 6.41 22.75
N LEU H 63 39.45 6.49 23.87
CA LEU H 63 39.82 7.38 24.94
C LEU H 63 41.11 6.94 25.61
N GLU H 64 41.34 5.64 25.70
CA GLU H 64 42.56 5.14 26.32
C GLU H 64 43.75 5.50 25.43
N LEU H 65 43.62 5.33 24.10
CA LEU H 65 44.59 5.84 23.13
C LEU H 65 44.87 7.34 23.31
N HIS H 66 43.82 8.10 23.52
CA HIS H 66 43.92 9.51 23.79
C HIS H 66 44.72 9.81 25.10
N SER H 67 44.32 9.24 26.21
CA SER H 67 45.00 9.51 27.48
C SER H 67 46.41 9.00 27.52
N LEU H 68 46.67 7.85 26.92
CA LEU H 68 48.01 7.32 26.77
C LEU H 68 48.94 8.33 26.06
N SER H 69 48.40 9.03 25.07
CA SER H 69 49.11 10.00 24.32
C SER H 69 49.28 11.31 25.08
N THR H 70 48.23 11.82 25.68
CA THR H 70 48.30 13.11 26.36
C THR H 70 49.04 13.04 27.71
N GLY H 71 49.13 11.84 28.30
CA GLY H 71 49.50 11.65 29.69
C GLY H 71 48.45 12.16 30.70
N ARG H 72 47.25 12.53 30.30
CA ARG H 72 46.32 13.21 31.21
C ARG H 72 45.03 12.38 31.35
N LEU H 73 44.35 12.70 32.42
CA LEU H 73 43.09 12.08 32.68
C LEU H 73 42.09 12.62 31.64
N PRO H 74 41.34 11.73 31.01
CA PRO H 74 40.36 12.18 30.00
C PRO H 74 39.25 13.10 30.56
N ARG H 75 38.69 13.89 29.68
CA ARG H 75 37.59 14.78 30.01
C ARG H 75 36.25 14.20 29.57
N VAL H 76 35.19 14.54 30.33
CA VAL H 76 33.85 14.04 30.02
C VAL H 76 33.36 14.57 28.67
N VAL H 77 33.64 15.85 28.36
CA VAL H 77 33.30 16.43 27.07
C VAL H 77 33.84 15.63 25.92
N THR H 78 35.02 15.03 26.10
CA THR H 78 35.65 14.30 25.04
C THR H 78 34.88 13.01 24.74
N ALA H 79 34.57 12.24 25.78
CA ALA H 79 33.69 11.07 25.63
C ALA H 79 32.36 11.46 24.96
N ASN H 80 31.81 12.60 25.36
CA ASN H 80 30.54 13.11 24.80
C ASN H 80 30.60 13.42 23.32
N ARG H 81 31.60 14.19 22.89
CA ARG H 81 31.87 14.43 21.48
C ARG H 81 32.06 13.20 20.66
N MET H 82 32.92 12.31 21.13
CA MET H 82 33.20 11.07 20.41
C MET H 82 31.89 10.25 20.22
N LEU H 83 31.12 10.13 21.30
CA LEU H 83 29.87 9.31 21.27
C LEU H 83 28.89 9.95 20.33
N LYS H 84 28.70 11.25 20.46
CA LYS H 84 27.64 11.91 19.71
C LYS H 84 27.96 11.99 18.23
N GLN H 85 29.23 12.27 17.89
CA GLN H 85 29.65 12.33 16.50
C GLN H 85 29.53 10.98 15.77
N MET H 86 29.86 9.89 16.45
CA MET H 86 29.65 8.59 15.89
C MET H 86 28.13 8.27 15.72
N LEU H 87 27.33 8.49 16.76
CA LEU H 87 25.89 8.23 16.68
C LEU H 87 25.22 9.05 15.61
N PHE H 88 25.62 10.32 15.46
CA PHE H 88 25.09 11.18 14.43
C PHE H 88 25.38 10.61 13.06
N ARG H 89 26.62 10.19 12.85
CA ARG H 89 27.04 9.60 11.56
C ARG H 89 26.16 8.42 11.19
N TYR H 90 25.77 7.58 12.14
CA TYR H 90 24.94 6.39 11.88
C TYR H 90 23.41 6.66 11.87
N GLN H 91 23.02 7.91 12.13
CA GLN H 91 21.69 8.38 11.78
C GLN H 91 20.59 7.67 12.58
N GLY H 92 20.91 7.32 13.80
CA GLY H 92 19.99 6.63 14.67
C GLY H 92 19.96 5.14 14.50
N TYR H 93 20.70 4.58 13.55
CA TYR H 93 20.72 3.11 13.39
C TYR H 93 21.46 2.34 14.46
N ILE H 94 22.28 3.02 15.25
CA ILE H 94 22.90 2.41 16.42
C ILE H 94 22.01 2.83 17.56
N GLY H 95 21.29 1.86 18.12
CA GLY H 95 20.24 2.15 19.08
C GLY H 95 20.81 2.20 20.47
N ALA H 96 21.64 3.23 20.72
CA ALA H 96 22.31 3.41 21.99
C ALA H 96 21.79 4.70 22.59
N ALA H 97 21.19 4.59 23.77
CA ALA H 97 20.75 5.71 24.54
C ALA H 97 21.51 5.68 25.86
N LEU H 98 22.24 6.76 26.16
CA LEU H 98 23.31 6.72 27.12
C LEU H 98 23.21 7.79 28.17
N VAL H 99 23.59 7.43 29.39
CA VAL H 99 23.81 8.38 30.46
C VAL H 99 25.30 8.39 30.79
N LEU H 100 25.95 9.51 30.49
CA LEU H 100 27.42 9.62 30.56
C LEU H 100 27.73 10.53 31.74
N GLY H 101 28.48 10.00 32.68
CA GLY H 101 28.84 10.74 33.87
C GLY H 101 30.30 10.55 34.24
N GLY H 102 30.95 11.64 34.63
CA GLY H 102 32.31 11.54 35.16
C GLY H 102 32.78 12.73 35.93
N VAL H 103 34.02 12.63 36.39
CA VAL H 103 34.69 13.77 37.03
C VAL H 103 36.06 13.96 36.40
N ASP H 104 36.32 15.19 35.99
CA ASP H 104 37.59 15.58 35.34
C ASP H 104 38.18 16.83 36.01
N VAL H 105 39.30 17.38 35.45
CA VAL H 105 39.95 18.59 35.99
C VAL H 105 38.98 19.75 36.14
N THR H 106 37.96 19.82 35.31
CA THR H 106 36.93 20.85 35.45
C THR H 106 35.75 20.45 36.34
N GLY H 107 35.83 19.31 37.02
CA GLY H 107 34.75 18.87 37.94
C GLY H 107 33.76 17.84 37.40
N PRO H 108 32.64 17.63 38.10
CA PRO H 108 31.62 16.66 37.68
C PRO H 108 30.79 17.14 36.49
N HIS H 109 30.50 16.21 35.57
CA HIS H 109 29.68 16.47 34.40
C HIS H 109 28.79 15.29 34.11
N LEU H 110 27.58 15.60 33.65
CA LEU H 110 26.59 14.55 33.33
C LEU H 110 25.88 14.89 32.03
N TYR H 111 25.81 13.95 31.11
CA TYR H 111 25.14 14.14 29.84
C TYR H 111 24.19 12.99 29.54
N SER H 112 23.09 13.29 28.89
CA SER H 112 22.30 12.27 28.26
C SER H 112 22.62 12.34 26.80
N ILE H 113 22.73 11.17 26.17
CA ILE H 113 23.04 11.06 24.79
C ILE H 113 22.07 10.14 24.09
N TYR H 114 21.47 10.63 22.99
CA TYR H 114 20.46 9.91 22.25
C TYR H 114 20.94 9.26 20.96
N PRO H 115 20.22 8.23 20.48
CA PRO H 115 20.69 7.46 19.32
C PRO H 115 20.96 8.28 18.09
N HIS H 116 20.21 9.35 17.85
CA HIS H 116 20.47 10.18 16.64
C HIS H 116 21.68 11.16 16.82
N GLY H 117 22.22 11.27 18.03
CA GLY H 117 23.41 12.02 18.27
C GLY H 117 23.17 13.33 19.03
N SER H 118 21.96 13.57 19.59
CA SER H 118 21.78 14.77 20.37
C SER H 118 22.23 14.46 21.76
N THR H 119 22.71 15.49 22.44
CA THR H 119 23.10 15.37 23.83
C THR H 119 22.59 16.57 24.63
N ASP H 120 22.31 16.34 25.90
CA ASP H 120 21.80 17.36 26.79
C ASP H 120 22.68 17.25 28.04
N LYS H 121 23.26 18.37 28.46
CA LYS H 121 24.06 18.44 29.65
C LYS H 121 23.21 18.97 30.78
N LEU H 122 22.97 18.14 31.80
CA LEU H 122 21.98 18.44 32.81
C LEU H 122 22.39 17.89 34.13
N PRO H 123 21.80 18.38 35.23
CA PRO H 123 22.22 17.89 36.56
C PRO H 123 21.52 16.59 36.99
N TYR H 124 20.49 16.17 36.24
CA TYR H 124 19.89 14.86 36.41
C TYR H 124 19.19 14.44 35.13
N VAL H 125 19.33 13.18 34.78
CA VAL H 125 18.78 12.63 33.54
C VAL H 125 18.35 11.20 33.73
N THR H 126 17.45 10.76 32.85
CA THR H 126 17.03 9.38 32.79
C THR H 126 16.81 8.96 31.35
N MET H 127 16.95 7.67 31.11
CA MET H 127 16.72 7.07 29.81
CA MET H 127 16.70 7.06 29.81
C MET H 127 16.19 5.65 29.97
N GLY H 128 15.67 5.10 28.88
CA GLY H 128 15.11 3.75 28.88
C GLY H 128 13.58 3.74 28.97
N SER H 129 13.01 2.58 28.83
CA SER H 129 11.54 2.41 28.95
C SER H 129 10.99 2.81 30.31
N GLY H 130 11.85 2.83 31.35
CA GLY H 130 11.47 3.24 32.71
C GLY H 130 11.82 4.68 33.06
N SER H 131 12.15 5.48 32.05
CA SER H 131 12.75 6.76 32.31
C SER H 131 11.78 7.80 32.86
N LEU H 132 10.47 7.67 32.59
CA LEU H 132 9.54 8.66 33.12
C LEU H 132 9.28 8.38 34.62
N ALA H 133 9.25 7.12 35.02
CA ALA H 133 9.10 6.78 36.45
C ALA H 133 10.30 7.33 37.23
N ALA H 134 11.51 7.08 36.72
CA ALA H 134 12.73 7.60 37.34
C ALA H 134 12.76 9.12 37.34
N MET H 135 12.31 9.74 36.24
CA MET H 135 12.25 11.19 36.18
C MET H 135 11.26 11.82 37.13
N ALA H 136 10.10 11.15 37.36
CA ALA H 136 9.18 11.65 38.33
C ALA H 136 9.84 11.71 39.73
N VAL H 137 10.60 10.69 40.08
CA VAL H 137 11.29 10.68 41.38
C VAL H 137 12.22 11.90 41.47
N PHE H 138 13.00 12.13 40.41
CA PHE H 138 13.95 13.26 40.37
C PHE H 138 13.23 14.62 40.46
N GLU H 139 12.18 14.83 39.63
CA GLU H 139 11.49 16.10 39.70
C GLU H 139 10.91 16.37 41.12
N ASP H 140 10.44 15.33 41.78
CA ASP H 140 9.81 15.45 43.08
C ASP H 140 10.81 15.68 44.22
N LYS H 141 12.03 15.12 44.10
CA LYS H 141 12.97 15.02 45.23
C LYS H 141 14.40 15.57 45.01
N PHE H 142 14.81 15.80 43.79
CA PHE H 142 16.17 16.30 43.57
C PHE H 142 16.37 17.65 44.28
N ARG H 143 17.51 17.81 44.94
CA ARG H 143 17.97 19.11 45.37
C ARG H 143 19.39 19.31 44.82
N PRO H 144 19.80 20.55 44.61
CA PRO H 144 21.23 20.81 44.27
C PRO H 144 22.14 20.52 45.46
N ASP H 145 23.38 20.10 45.17
CA ASP H 145 24.42 19.89 46.16
C ASP H 145 24.02 18.90 47.24
N MET H 146 23.41 17.81 46.85
CA MET H 146 23.17 16.74 47.81
C MET H 146 24.49 16.14 48.28
N GLU H 147 24.44 15.60 49.48
CA GLU H 147 25.51 14.75 50.01
C GLU H 147 25.48 13.39 49.33
N GLU H 148 26.57 12.68 49.47
CA GLU H 148 26.77 11.45 48.77
C GLU H 148 25.67 10.44 49.06
N GLU H 149 25.38 10.20 50.33
CA GLU H 149 24.39 9.21 50.66
C GLU H 149 22.97 9.59 50.22
N GLU H 150 22.62 10.88 50.31
CA GLU H 150 21.34 11.39 49.81
C GLU H 150 21.23 11.06 48.33
N ALA H 151 22.26 11.43 47.57
CA ALA H 151 22.27 11.21 46.12
C ALA H 151 22.13 9.73 45.76
N LYS H 152 22.77 8.87 46.54
CA LYS H 152 22.69 7.43 46.33
C LYS H 152 21.27 6.91 46.59
N ASN H 153 20.67 7.34 47.69
CA ASN H 153 19.23 7.13 47.98
C ASN H 153 18.28 7.57 46.87
N LEU H 154 18.46 8.79 46.37
CA LEU H 154 17.60 9.35 45.35
C LEU H 154 17.70 8.55 44.03
N VAL H 155 18.92 8.20 43.60
CA VAL H 155 19.12 7.42 42.39
C VAL H 155 18.60 6.02 42.50
N SER H 156 18.77 5.35 43.65
CA SER H 156 18.21 4.02 43.78
C SER H 156 16.68 4.05 43.86
N GLU H 157 16.11 5.06 44.50
CA GLU H 157 14.65 5.28 44.47
C GLU H 157 14.13 5.42 43.01
N ALA H 158 14.89 6.15 42.20
CA ALA H 158 14.50 6.43 40.84
C ALA H 158 14.54 5.21 40.00
N ILE H 159 15.58 4.41 40.16
CA ILE H 159 15.71 3.15 39.45
C ILE H 159 14.57 2.20 39.93
N ALA H 160 14.30 2.18 41.21
CA ALA H 160 13.25 1.31 41.76
C ALA H 160 11.87 1.67 41.15
N ALA H 161 11.60 2.96 40.98
CA ALA H 161 10.38 3.44 40.34
C ALA H 161 10.22 2.83 38.93
N GLY H 162 11.31 2.79 38.21
CA GLY H 162 11.36 2.14 36.92
C GLY H 162 11.12 0.63 37.02
N ILE H 163 11.83 -0.01 37.96
CA ILE H 163 11.79 -1.48 38.10
C ILE H 163 10.37 -2.01 38.35
N PHE H 164 9.63 -1.27 39.16
CA PHE H 164 8.32 -1.70 39.60
C PHE H 164 7.16 -1.22 38.71
N ASN H 165 7.35 -0.13 37.98
CA ASN H 165 6.32 0.42 37.09
C ASN H 165 6.53 0.21 35.58
N ASP H 166 7.67 -0.35 35.17
CA ASP H 166 7.95 -0.64 33.78
C ASP H 166 8.19 -2.12 33.62
N LEU H 167 7.40 -2.76 32.75
CA LEU H 167 7.61 -4.18 32.45
C LEU H 167 8.94 -4.47 31.73
N GLY H 168 9.50 -3.46 31.10
CA GLY H 168 10.81 -3.55 30.49
C GLY H 168 11.98 -3.49 31.47
N SER H 169 11.72 -3.25 32.76
CA SER H 169 12.77 -3.04 33.79
C SER H 169 12.60 -4.00 34.91
N GLY H 170 13.70 -4.38 35.53
CA GLY H 170 13.61 -5.30 36.68
C GLY H 170 14.91 -5.67 37.38
N SER H 171 14.75 -6.59 38.32
CA SER H 171 15.82 -7.30 38.99
C SER H 171 16.54 -6.33 39.89
N ASN H 172 17.86 -6.13 39.73
CA ASN H 172 18.65 -5.41 40.73
C ASN H 172 18.83 -3.93 40.43
N ILE H 173 19.30 -3.19 41.43
CA ILE H 173 19.78 -1.83 41.25
C ILE H 173 21.33 -1.80 41.36
N ASP H 174 22.02 -1.40 40.31
CA ASP H 174 23.48 -1.12 40.28
C ASP H 174 23.68 0.41 40.38
N LEU H 175 24.60 0.85 41.22
CA LEU H 175 25.06 2.22 41.28
C LEU H 175 26.56 2.35 40.95
N CYS H 176 26.93 3.51 40.42
CA CYS H 176 28.36 3.92 40.32
C CYS H 176 28.52 5.32 40.88
N VAL H 177 29.34 5.47 41.92
CA VAL H 177 29.62 6.76 42.55
C VAL H 177 31.05 7.22 42.14
N ILE H 178 31.13 8.41 41.56
CA ILE H 178 32.40 8.97 41.07
C ILE H 178 32.58 10.33 41.69
N SER H 179 33.69 10.52 42.41
CA SER H 179 34.15 11.83 42.87
C SER H 179 35.64 12.01 42.50
N LYS H 180 36.21 13.18 42.80
CA LYS H 180 37.66 13.44 42.65
C LYS H 180 38.51 12.40 43.38
N ASN H 181 38.04 11.92 44.53
CA ASN H 181 38.81 11.02 45.37
C ASN H 181 38.47 9.54 45.28
N LYS H 182 37.40 9.18 44.58
CA LYS H 182 36.81 7.87 44.77
C LYS H 182 36.02 7.38 43.56
N LEU H 183 36.08 6.05 43.35
CA LEU H 183 35.17 5.35 42.48
C LEU H 183 34.58 4.11 43.14
N ASP H 184 33.29 4.15 43.42
CA ASP H 184 32.57 3.02 44.00
C ASP H 184 31.61 2.46 42.97
N PHE H 185 31.95 1.31 42.40
CA PHE H 185 31.12 0.57 41.43
C PHE H 185 30.41 -0.42 42.29
N LEU H 186 29.12 -0.17 42.54
CA LEU H 186 28.30 -0.93 43.50
C LEU H 186 27.31 -1.81 42.70
N ARG H 187 27.75 -3.04 42.39
CA ARG H 187 26.99 -4.02 41.61
CA ARG H 187 27.00 -4.02 41.62
C ARG H 187 26.92 -5.34 42.38
N PRO H 188 25.77 -5.73 42.95
CA PRO H 188 24.53 -4.94 43.03
C PRO H 188 24.58 -3.95 44.18
N TYR H 189 23.92 -2.80 44.06
CA TYR H 189 23.63 -1.94 45.19
C TYR H 189 22.49 -2.47 46.00
N THR H 190 21.40 -2.86 45.35
CA THR H 190 20.19 -3.45 45.99
C THR H 190 19.63 -4.61 45.17
N VAL H 191 18.96 -5.55 45.85
CA VAL H 191 18.35 -6.71 45.21
C VAL H 191 16.90 -6.71 45.66
N PRO H 192 16.06 -5.78 45.14
CA PRO H 192 14.64 -5.76 45.56
C PRO H 192 13.80 -6.97 45.12
N ASN H 193 14.30 -7.78 44.19
CA ASN H 193 13.56 -8.91 43.66
C ASN H 193 14.23 -10.26 43.77
N LYS H 194 13.45 -11.25 44.11
CA LYS H 194 13.96 -12.58 44.38
C LYS H 194 12.97 -13.58 43.83
N LYS H 195 13.48 -14.65 43.25
CA LYS H 195 12.65 -15.80 42.91
C LYS H 195 12.10 -16.39 44.17
N GLY H 196 10.83 -16.78 44.16
CA GLY H 196 10.26 -17.58 45.26
C GLY H 196 10.96 -18.92 45.43
N THR H 197 10.76 -19.57 46.57
CA THR H 197 11.42 -20.86 46.76
C THR H 197 10.56 -22.04 46.28
N ARG H 198 11.25 -23.01 45.70
CA ARG H 198 10.66 -24.19 45.10
C ARG H 198 10.02 -25.11 46.14
N LEU H 199 8.70 -25.22 46.11
CA LEU H 199 7.93 -26.06 47.07
C LEU H 199 8.09 -27.58 46.89
N GLY H 200 8.21 -28.07 45.65
CA GLY H 200 8.37 -29.52 45.37
C GLY H 200 9.77 -29.88 44.87
N ARG H 201 10.18 -31.16 44.87
CA ARG H 201 11.51 -31.54 44.25
C ARG H 201 11.43 -32.46 43.02
N TYR H 202 12.16 -32.07 41.98
CA TYR H 202 12.21 -32.78 40.71
C TYR H 202 13.62 -33.38 40.44
N ARG H 203 14.24 -33.92 41.50
CA ARG H 203 15.51 -34.68 41.41
C ARG H 203 15.31 -36.05 40.71
N CYS H 204 15.51 -36.04 39.39
CA CYS H 204 15.34 -37.25 38.58
C CYS H 204 16.59 -38.15 38.72
N GLU H 205 16.40 -39.27 39.39
CA GLU H 205 17.43 -40.26 39.57
C GLU H 205 17.89 -40.90 38.26
N LYS H 206 19.07 -41.51 38.31
CA LYS H 206 19.75 -42.02 37.13
C LYS H 206 18.93 -43.12 36.46
N GLY H 207 18.74 -43.01 35.16
CA GLY H 207 18.00 -44.00 34.36
C GLY H 207 16.56 -43.63 34.05
N THR H 208 16.07 -42.56 34.70
CA THR H 208 14.81 -41.90 34.39
C THR H 208 14.70 -41.55 32.90
N THR H 209 15.78 -40.99 32.36
CA THR H 209 15.88 -40.62 30.92
C THR H 209 16.34 -41.86 30.17
N ALA H 210 15.54 -42.35 29.22
CA ALA H 210 15.97 -43.46 28.37
C ALA H 210 17.02 -43.00 27.33
N VAL H 211 18.05 -43.81 27.13
CA VAL H 211 19.18 -43.46 26.30
C VAL H 211 19.28 -44.40 25.12
N LEU H 212 19.40 -43.87 23.91
CA LEU H 212 19.54 -44.71 22.70
C LEU H 212 20.99 -45.12 22.41
N THR H 213 21.92 -44.20 22.62
CA THR H 213 23.33 -44.36 22.20
C THR H 213 24.23 -43.64 23.17
N GLU H 214 25.43 -44.16 23.35
CA GLU H 214 26.39 -43.53 24.24
C GLU H 214 27.83 -43.68 23.71
N LYS H 215 28.60 -42.62 23.87
CA LYS H 215 30.01 -42.59 23.53
C LYS H 215 30.76 -41.80 24.60
N ILE H 216 31.70 -42.48 25.28
CA ILE H 216 32.64 -41.83 26.17
C ILE H 216 33.91 -41.61 25.37
N THR H 217 34.40 -40.39 25.37
CA THR H 217 35.72 -40.05 24.80
C THR H 217 36.58 -39.50 25.95
N PRO H 218 37.59 -40.27 26.41
CA PRO H 218 38.51 -39.77 27.46
C PRO H 218 39.44 -38.67 26.95
N LEU H 219 39.80 -37.73 27.83
CA LEU H 219 40.69 -36.59 27.50
C LEU H 219 41.91 -36.54 28.43
N GLU H 220 42.93 -35.75 28.07
CA GLU H 220 44.17 -35.66 28.89
C GLU H 220 44.09 -34.80 30.15
N SER I 2 8.50 -15.56 10.33
CA SER I 2 9.79 -15.26 11.07
C SER I 2 10.96 -16.07 10.52
N ILE I 3 12.05 -15.39 10.16
CA ILE I 3 13.22 -16.03 9.56
C ILE I 3 13.75 -17.15 10.44
N MET I 4 13.67 -17.01 11.77
CA MET I 4 14.24 -17.98 12.69
C MET I 4 13.38 -19.18 12.91
N SER I 5 12.13 -19.13 12.54
CA SER I 5 11.38 -20.35 12.64
C SER I 5 11.38 -21.15 11.35
N TYR I 6 12.10 -20.70 10.32
CA TYR I 6 11.99 -21.36 9.01
C TYR I 6 12.45 -22.81 9.07
N ASN I 7 13.56 -23.03 9.75
CA ASN I 7 14.06 -24.40 10.01
C ASN I 7 13.73 -24.96 11.38
N GLY I 8 13.41 -24.10 12.31
CA GLY I 8 13.12 -24.55 13.66
C GLY I 8 14.39 -24.87 14.39
N GLY I 9 14.26 -25.48 15.56
CA GLY I 9 15.39 -25.99 16.29
C GLY I 9 15.57 -25.37 17.64
N ALA I 10 16.32 -26.08 18.46
CA ALA I 10 16.53 -25.69 19.85
C ALA I 10 17.88 -26.16 20.33
N VAL I 11 18.57 -25.28 21.07
CA VAL I 11 19.72 -25.64 21.81
C VAL I 11 19.62 -25.10 23.23
N MET I 12 20.37 -25.72 24.15
CA MET I 12 20.56 -25.20 25.50
C MET I 12 21.83 -25.69 26.12
N ALA I 13 22.32 -24.94 27.08
CA ALA I 13 23.44 -25.39 27.87
C ALA I 13 23.16 -25.13 29.34
N MET I 14 23.87 -25.89 30.18
CA MET I 14 23.59 -25.95 31.60
CA MET I 14 23.60 -25.95 31.60
C MET I 14 24.86 -26.27 32.41
N LYS I 15 25.03 -25.52 33.49
CA LYS I 15 26.16 -25.63 34.37
C LYS I 15 25.87 -26.58 35.54
N GLY I 16 26.87 -27.40 35.84
CA GLY I 16 26.95 -28.14 37.09
C GLY I 16 28.23 -27.91 37.88
N LYS I 17 28.46 -28.74 38.87
N LYS I 17 28.44 -28.84 38.84
CA LYS I 17 29.59 -28.50 39.81
CA LYS I 17 29.67 -28.97 39.63
C LYS I 17 31.02 -28.08 39.26
C LYS I 17 30.71 -29.71 38.84
N ASN I 18 31.69 -28.92 38.48
CA ASN I 18 32.88 -29.06 37.67
C ASN I 18 32.60 -29.70 36.32
N CYS I 19 31.41 -29.44 35.78
CA CYS I 19 31.01 -29.95 34.50
C CYS I 19 30.00 -29.02 33.86
N VAL I 20 29.81 -29.18 32.57
CA VAL I 20 28.77 -28.45 31.82
C VAL I 20 28.12 -29.43 30.88
N ALA I 21 26.91 -29.06 30.41
CA ALA I 21 26.16 -29.86 29.46
C ALA I 21 25.64 -28.96 28.35
N ILE I 22 25.55 -29.51 27.14
CA ILE I 22 24.98 -28.80 26.05
C ILE I 22 24.17 -29.83 25.25
N ALA I 23 23.02 -29.40 24.76
CA ALA I 23 22.07 -30.27 24.11
C ALA I 23 21.41 -29.60 22.91
N ALA I 24 20.94 -30.42 21.98
CA ALA I 24 20.28 -29.89 20.81
C ALA I 24 19.25 -30.88 20.27
N ASP I 25 18.21 -30.38 19.62
CA ASP I 25 17.35 -31.25 18.86
C ASP I 25 18.08 -31.62 17.58
N ARG I 26 17.54 -32.58 16.83
CA ARG I 26 18.20 -33.16 15.68
CA ARG I 26 18.21 -33.16 15.69
C ARG I 26 17.52 -32.93 14.33
N ARG I 27 16.33 -32.34 14.32
CA ARG I 27 15.58 -32.08 13.08
C ARG I 27 16.23 -31.05 12.17
N PHE I 28 16.27 -31.34 10.88
CA PHE I 28 16.47 -30.31 9.83
C PHE I 28 15.21 -30.39 9.00
N GLY I 29 14.48 -29.30 8.99
CA GLY I 29 13.24 -29.20 8.29
C GLY I 29 13.14 -27.85 7.64
N ILE I 30 12.27 -27.78 6.64
CA ILE I 30 11.99 -26.57 5.91
C ILE I 30 10.50 -26.31 6.07
N GLN I 31 10.18 -25.29 6.88
CA GLN I 31 8.81 -25.02 7.35
C GLN I 31 8.22 -26.32 7.86
N ALA I 32 7.09 -26.77 7.31
CA ALA I 32 6.44 -27.94 7.89
C ALA I 32 7.24 -29.23 7.64
N GLN I 33 7.98 -29.28 6.54
CA GLN I 33 8.57 -30.54 6.10
C GLN I 33 9.89 -30.92 6.78
N MET I 34 9.90 -32.06 7.49
CA MET I 34 11.16 -32.65 7.94
C MET I 34 11.92 -33.16 6.70
N VAL I 35 13.18 -32.83 6.65
CA VAL I 35 14.12 -33.28 5.56
C VAL I 35 15.10 -34.36 6.09
N THR I 36 15.62 -34.15 7.29
CA THR I 36 16.57 -35.07 7.88
C THR I 36 16.41 -35.07 9.41
N THR I 37 16.82 -36.15 10.07
CA THR I 37 16.74 -36.26 11.52
C THR I 37 18.08 -36.43 12.26
N ASP I 38 19.19 -36.06 11.63
CA ASP I 38 20.52 -36.16 12.28
C ASP I 38 21.35 -34.96 11.98
N PHE I 39 20.75 -33.78 12.04
CA PHE I 39 21.40 -32.57 11.58
C PHE I 39 22.22 -32.02 12.75
N GLN I 40 23.50 -31.74 12.47
CA GLN I 40 24.40 -31.25 13.51
C GLN I 40 24.24 -29.77 13.82
N LYS I 41 24.08 -29.49 15.11
CA LYS I 41 23.95 -28.13 15.61
C LYS I 41 24.96 -27.74 16.68
N ILE I 42 25.64 -28.72 17.26
CA ILE I 42 26.65 -28.50 18.29
C ILE I 42 28.01 -28.92 17.71
N PHE I 43 28.99 -28.02 17.81
CA PHE I 43 30.29 -28.14 17.14
C PHE I 43 31.38 -27.93 18.16
N PRO I 44 32.37 -28.82 18.17
CA PRO I 44 33.49 -28.69 19.11
C PRO I 44 34.39 -27.54 18.72
N MET I 45 34.75 -26.70 19.68
CA MET I 45 35.68 -25.61 19.46
C MET I 45 36.94 -25.84 20.30
N GLY I 46 37.14 -27.07 20.75
CA GLY I 46 38.20 -27.42 21.65
C GLY I 46 37.81 -28.68 22.38
N ASP I 47 38.79 -29.25 23.07
CA ASP I 47 38.60 -30.52 23.76
C ASP I 47 37.43 -30.46 24.76
N ARG I 48 37.33 -29.34 25.48
CA ARG I 48 36.33 -29.09 26.50
C ARG I 48 35.49 -27.82 26.25
N LEU I 49 35.20 -27.52 24.99
CA LEU I 49 34.55 -26.25 24.63
C LEU I 49 33.74 -26.44 23.37
N TYR I 50 32.43 -26.26 23.50
CA TYR I 50 31.48 -26.57 22.42
C TYR I 50 30.57 -25.35 22.18
N ILE I 51 30.15 -25.15 20.93
CA ILE I 51 29.20 -24.07 20.58
C ILE I 51 27.97 -24.72 19.94
N GLY I 52 26.79 -24.31 20.38
CA GLY I 52 25.53 -24.82 19.85
C GLY I 52 24.81 -23.70 19.15
N LEU I 53 24.32 -23.94 17.95
CA LEU I 53 23.70 -22.90 17.16
C LEU I 53 22.31 -23.30 16.74
N ALA I 54 21.31 -22.48 17.07
CA ALA I 54 19.96 -22.62 16.53
C ALA I 54 19.68 -21.42 15.66
N GLY I 55 18.75 -21.59 14.74
CA GLY I 55 18.32 -20.55 13.84
C GLY I 55 18.31 -21.10 12.42
N LEU I 56 18.63 -20.24 11.47
CA LEU I 56 18.58 -20.60 10.06
C LEU I 56 19.73 -21.54 9.74
N ALA I 57 19.41 -22.70 9.19
CA ALA I 57 20.36 -23.80 9.09
C ALA I 57 21.60 -23.40 8.26
N THR I 58 21.40 -22.65 7.18
CA THR I 58 22.53 -22.18 6.42
C THR I 58 23.53 -21.35 7.25
N ASP I 59 23.03 -20.48 8.13
CA ASP I 59 23.83 -19.66 9.03
C ASP I 59 24.44 -20.40 10.23
N VAL I 60 23.76 -21.42 10.71
CA VAL I 60 24.31 -22.33 11.69
C VAL I 60 25.65 -22.87 11.19
N GLN I 61 25.64 -23.35 9.94
CA GLN I 61 26.77 -23.95 9.31
C GLN I 61 27.85 -22.91 8.95
N THR I 62 27.46 -21.79 8.36
CA THR I 62 28.39 -20.74 8.05
C THR I 62 29.14 -20.16 9.27
N VAL I 63 28.39 -19.84 10.32
CA VAL I 63 28.96 -19.29 11.53
C VAL I 63 29.89 -20.29 12.21
N ALA I 64 29.46 -21.55 12.28
CA ALA I 64 30.32 -22.62 12.81
C ALA I 64 31.67 -22.72 12.03
N GLN I 65 31.59 -22.71 10.70
CA GLN I 65 32.75 -22.82 9.80
C GLN I 65 33.68 -21.61 9.85
N ARG I 66 33.09 -20.43 9.80
CA ARG I 66 33.83 -19.21 9.85
C ARG I 66 34.45 -18.98 11.23
N LEU I 67 33.72 -19.38 12.27
CA LEU I 67 34.27 -19.30 13.62
C LEU I 67 35.49 -20.23 13.73
N LYS I 68 35.36 -21.41 13.16
CA LYS I 68 36.44 -22.38 13.20
C LYS I 68 37.72 -21.85 12.48
N PHE I 69 37.51 -21.17 11.36
CA PHE I 69 38.56 -20.49 10.61
C PHE I 69 39.31 -19.56 11.53
N ARG I 70 38.58 -18.68 12.19
CA ARG I 70 39.16 -17.72 13.10
C ARG I 70 39.83 -18.35 14.28
N LEU I 71 39.22 -19.37 14.85
CA LEU I 71 39.79 -20.06 16.01
C LEU I 71 41.11 -20.81 15.70
N ASN I 72 41.17 -21.50 14.57
CA ASN I 72 42.36 -22.23 14.20
C ASN I 72 43.53 -21.28 14.06
N LEU I 73 43.29 -20.09 13.47
CA LEU I 73 44.35 -19.11 13.27
C LEU I 73 44.79 -18.52 14.59
N TYR I 74 43.81 -18.20 15.44
CA TYR I 74 44.06 -17.78 16.81
C TYR I 74 44.99 -18.76 17.54
N GLU I 75 44.66 -20.05 17.50
CA GLU I 75 45.39 -21.03 18.29
C GLU I 75 46.79 -21.28 17.76
N LEU I 76 46.93 -21.30 16.43
CA LEU I 76 48.24 -21.43 15.81
C LEU I 76 49.16 -20.26 16.16
N LYS I 77 48.59 -19.08 16.22
CA LYS I 77 49.34 -17.87 16.45
C LYS I 77 49.65 -17.62 17.91
N GLU I 78 48.67 -17.89 18.76
CA GLU I 78 48.84 -17.74 20.20
C GLU I 78 49.56 -19.03 20.67
N GLY I 79 49.90 -19.09 21.91
CA GLY I 79 50.45 -20.37 22.34
C GLY I 79 49.60 -21.64 22.45
N ARG I 80 48.29 -21.55 22.26
CA ARG I 80 47.41 -22.17 23.24
C ARG I 80 45.97 -22.35 22.85
N GLN I 81 45.30 -23.19 23.63
CA GLN I 81 43.88 -23.40 23.48
C GLN I 81 43.10 -22.19 23.98
N ILE I 82 42.09 -21.77 23.23
CA ILE I 82 41.28 -20.60 23.62
C ILE I 82 40.50 -20.82 24.91
N LYS I 83 40.41 -19.76 25.70
CA LYS I 83 39.53 -19.72 26.84
C LYS I 83 38.05 -19.51 26.46
N PRO I 84 37.10 -20.09 27.25
CA PRO I 84 35.64 -19.92 27.00
C PRO I 84 35.20 -18.47 26.81
N TYR I 85 35.56 -17.61 27.73
CA TYR I 85 35.24 -16.20 27.65
C TYR I 85 35.79 -15.52 26.36
N THR I 86 37.02 -15.91 25.96
CA THR I 86 37.63 -15.35 24.77
C THR I 86 36.94 -15.85 23.50
N LEU I 87 36.49 -17.12 23.48
CA LEU I 87 35.65 -17.64 22.40
C LEU I 87 34.36 -16.84 22.26
N MET I 88 33.69 -16.60 23.37
CA MET I 88 32.49 -15.76 23.36
C MET I 88 32.77 -14.41 22.69
N SER I 89 33.85 -13.77 23.07
CA SER I 89 34.20 -12.47 22.50
C SER I 89 34.49 -12.53 21.01
N MET I 90 35.22 -13.57 20.60
CA MET I 90 35.47 -13.87 19.19
C MET I 90 34.15 -13.98 18.38
N VAL I 91 33.18 -14.72 18.93
CA VAL I 91 31.88 -14.93 18.33
C VAL I 91 31.11 -13.62 18.28
N ALA I 92 31.11 -12.87 19.38
CA ALA I 92 30.46 -11.58 19.43
C ALA I 92 30.95 -10.65 18.30
N ASN I 93 32.27 -10.60 18.14
CA ASN I 93 32.88 -9.74 17.20
C ASN I 93 32.46 -10.15 15.80
N LEU I 94 32.47 -11.45 15.53
CA LEU I 94 32.06 -11.99 14.24
C LEU I 94 30.60 -11.64 13.86
N LEU I 95 29.69 -11.81 14.83
CA LEU I 95 28.28 -11.50 14.60
C LEU I 95 28.03 -10.03 14.42
N TYR I 96 28.70 -9.18 15.22
CA TYR I 96 28.49 -7.75 15.15
C TYR I 96 29.04 -7.10 13.87
N GLU I 97 30.01 -7.74 13.22
CA GLU I 97 30.47 -7.30 11.92
C GLU I 97 29.33 -7.28 10.93
N LYS I 98 28.37 -8.19 11.11
CA LYS I 98 27.18 -8.23 10.29
C LYS I 98 25.97 -7.56 10.94
N ARG I 99 26.23 -6.48 11.69
CA ARG I 99 25.22 -5.74 12.43
C ARG I 99 24.01 -5.33 11.56
N PHE I 100 24.27 -4.86 10.36
CA PHE I 100 23.21 -4.38 9.48
C PHE I 100 22.78 -5.40 8.39
N GLY I 101 23.20 -6.65 8.50
CA GLY I 101 22.74 -7.75 7.67
C GLY I 101 23.15 -9.04 8.34
N PRO I 102 22.52 -9.35 9.48
CA PRO I 102 23.06 -10.39 10.34
C PRO I 102 22.93 -11.82 9.89
N TYR I 103 23.75 -12.68 10.46
CA TYR I 103 23.54 -14.12 10.41
C TYR I 103 22.34 -14.36 11.34
N TYR I 104 21.45 -15.28 10.96
CA TYR I 104 20.25 -15.56 11.76
C TYR I 104 20.49 -16.80 12.57
N THR I 105 21.35 -16.62 13.56
CA THR I 105 21.66 -17.66 14.49
C THR I 105 22.03 -17.07 15.82
N GLU I 106 21.66 -17.77 16.89
CA GLU I 106 21.84 -17.29 18.28
C GLU I 106 22.54 -18.39 19.10
N PRO I 107 23.87 -18.35 19.18
CA PRO I 107 24.57 -19.47 19.74
C PRO I 107 24.58 -19.54 21.25
N VAL I 108 24.80 -20.74 21.74
CA VAL I 108 25.15 -20.96 23.15
C VAL I 108 26.51 -21.61 23.15
N ILE I 109 27.28 -21.30 24.18
CA ILE I 109 28.60 -21.90 24.35
C ILE I 109 28.64 -22.60 25.71
N ALA I 110 29.26 -23.78 25.76
CA ALA I 110 29.49 -24.51 26.99
C ALA I 110 30.90 -25.05 26.99
N GLY I 111 31.62 -24.81 28.07
CA GLY I 111 32.87 -25.46 28.23
C GLY I 111 33.49 -25.36 29.59
N LEU I 112 34.69 -25.93 29.67
CA LEU I 112 35.56 -25.82 30.84
C LEU I 112 36.84 -25.06 30.47
N ASP I 113 37.29 -24.17 31.36
CA ASP I 113 38.57 -23.46 31.10
C ASP I 113 39.74 -24.45 30.87
N PRO I 114 40.50 -24.29 29.76
CA PRO I 114 41.53 -25.30 29.43
C PRO I 114 42.66 -25.48 30.43
N LYS I 115 42.84 -24.52 31.32
CA LYS I 115 43.81 -24.64 32.42
C LYS I 115 43.16 -24.89 33.77
N THR I 116 42.14 -24.10 34.13
CA THR I 116 41.49 -24.18 35.47
C THR I 116 40.36 -25.23 35.54
N PHE I 117 39.81 -25.60 34.38
CA PHE I 117 38.66 -26.50 34.30
C PHE I 117 37.38 -25.95 34.97
N LYS I 118 37.31 -24.64 35.16
CA LYS I 118 36.12 -24.00 35.72
C LYS I 118 34.97 -24.01 34.67
N PRO I 119 33.73 -24.30 35.10
CA PRO I 119 32.60 -24.32 34.14
C PRO I 119 32.23 -22.96 33.55
N PHE I 120 31.91 -22.91 32.27
CA PHE I 120 31.50 -21.68 31.61
C PHE I 120 30.32 -21.94 30.68
N ILE I 121 29.31 -21.08 30.74
CA ILE I 121 28.21 -21.08 29.75
C ILE I 121 27.77 -19.67 29.44
N CYS I 122 27.31 -19.47 28.19
CA CYS I 122 26.83 -18.17 27.77
C CYS I 122 25.96 -18.34 26.53
N SER I 123 25.30 -17.29 26.15
CA SER I 123 24.61 -17.27 24.90
C SER I 123 24.76 -15.89 24.28
N LEU I 124 24.45 -15.79 23.00
CA LEU I 124 24.52 -14.50 22.31
C LEU I 124 23.37 -14.32 21.37
N ASP I 125 22.94 -13.09 21.19
CA ASP I 125 21.86 -12.82 20.21
C ASP I 125 22.50 -12.72 18.82
N LEU I 126 21.68 -12.50 17.79
CA LEU I 126 22.14 -12.61 16.42
C LEU I 126 23.14 -11.56 16.00
N ILE I 127 23.21 -10.44 16.72
CA ILE I 127 24.20 -9.41 16.49
C ILE I 127 25.38 -9.40 17.53
N GLY I 128 25.52 -10.45 18.31
CA GLY I 128 26.67 -10.58 19.19
C GLY I 128 26.64 -9.96 20.59
N CYS I 129 25.47 -9.71 21.16
CA CYS I 129 25.39 -9.29 22.55
C CYS I 129 25.71 -10.52 23.44
N PRO I 130 26.75 -10.45 24.26
CA PRO I 130 27.05 -11.67 25.05
C PRO I 130 26.29 -11.70 26.37
N MET I 131 25.83 -12.87 26.77
CA MET I 131 25.23 -13.05 28.07
C MET I 131 25.81 -14.29 28.73
N VAL I 132 26.57 -14.10 29.82
CA VAL I 132 27.07 -15.18 30.67
C VAL I 132 26.07 -15.44 31.83
N THR I 133 25.82 -16.72 32.17
CA THR I 133 25.07 -17.05 33.36
C THR I 133 25.74 -18.14 34.19
N ASP I 134 25.32 -18.24 35.45
CA ASP I 134 25.74 -19.35 36.32
C ASP I 134 24.81 -20.54 36.34
N ASP I 135 23.76 -20.56 35.51
CA ASP I 135 22.78 -21.69 35.58
C ASP I 135 22.52 -22.38 34.25
N PHE I 136 21.91 -21.67 33.32
CA PHE I 136 21.55 -22.24 32.05
C PHE I 136 21.33 -21.11 31.06
N VAL I 137 21.33 -21.49 29.80
CA VAL I 137 20.98 -20.62 28.68
C VAL I 137 20.22 -21.45 27.66
N VAL I 138 19.38 -20.78 26.88
CA VAL I 138 18.55 -21.47 25.91
C VAL I 138 18.42 -20.64 24.63
N SER I 139 18.19 -21.30 23.50
CA SER I 139 18.02 -20.55 22.25
C SER I 139 17.25 -21.42 21.27
N GLY I 140 16.22 -20.88 20.66
CA GLY I 140 15.53 -21.59 19.57
C GLY I 140 14.04 -21.26 19.49
N THR I 141 13.32 -21.99 18.65
CA THR I 141 11.89 -21.77 18.48
C THR I 141 11.02 -22.09 19.69
N CYS I 142 11.52 -22.85 20.65
CA CYS I 142 10.77 -23.14 21.89
C CYS I 142 11.44 -22.60 23.15
N ALA I 143 11.99 -21.40 23.08
CA ALA I 143 12.68 -20.78 24.21
C ALA I 143 11.81 -20.67 25.47
N GLU I 144 10.56 -20.32 25.30
CA GLU I 144 9.64 -20.21 26.42
C GLU I 144 9.40 -21.55 27.13
N GLN I 145 9.18 -22.59 26.36
CA GLN I 145 9.15 -23.93 26.86
C GLN I 145 10.44 -24.32 27.62
N MET I 146 11.59 -24.00 27.00
CA MET I 146 12.87 -24.32 27.57
C MET I 146 13.06 -23.55 28.88
N TYR I 147 12.76 -22.25 28.90
CA TYR I 147 12.81 -21.47 30.13
C TYR I 147 11.91 -22.02 31.25
N GLY I 148 10.71 -22.47 30.90
CA GLY I 148 9.85 -23.08 31.90
C GLY I 148 10.48 -24.31 32.52
N MET I 149 11.02 -25.22 31.71
CA MET I 149 11.64 -26.43 32.23
C MET I 149 12.90 -26.15 33.07
N CYS I 150 13.78 -25.26 32.58
CA CYS I 150 15.01 -24.92 33.26
C CYS I 150 14.78 -24.20 34.59
N GLU I 151 13.89 -23.20 34.60
CA GLU I 151 13.56 -22.50 35.83
C GLU I 151 13.00 -23.44 36.90
N SER I 152 12.27 -24.47 36.48
CA SER I 152 11.64 -25.36 37.42
C SER I 152 12.53 -26.53 37.91
N LEU I 153 13.49 -26.98 37.09
CA LEU I 153 14.27 -28.16 37.38
C LEU I 153 15.71 -27.86 37.82
N TRP I 154 16.38 -26.87 37.23
CA TRP I 154 17.81 -26.68 37.51
C TRP I 154 18.08 -26.43 39.01
N GLU I 155 19.14 -27.01 39.53
CA GLU I 155 19.61 -26.72 40.87
C GLU I 155 21.15 -26.49 40.83
N PRO I 156 21.69 -25.72 41.79
CA PRO I 156 23.18 -25.55 41.82
C PRO I 156 23.94 -26.86 42.05
N ASN I 157 25.21 -26.88 41.60
CA ASN I 157 26.18 -27.90 42.03
C ASN I 157 25.80 -29.35 41.76
N MET I 158 25.12 -29.57 40.66
CA MET I 158 24.74 -30.93 40.28
C MET I 158 25.96 -31.73 39.79
N ASP I 159 25.98 -33.02 40.10
CA ASP I 159 27.01 -33.91 39.59
C ASP I 159 26.68 -34.30 38.13
N PRO I 160 27.65 -34.91 37.40
CA PRO I 160 27.44 -35.24 35.97
C PRO I 160 26.14 -36.04 35.65
N ASP I 161 25.78 -37.00 36.50
CA ASP I 161 24.59 -37.84 36.33
C ASP I 161 23.28 -37.05 36.51
N HIS I 162 23.24 -36.17 37.51
CA HIS I 162 22.08 -35.33 37.78
C HIS I 162 21.92 -34.19 36.73
N LEU I 163 23.05 -33.61 36.33
CA LEU I 163 23.08 -32.65 35.25
C LEU I 163 22.55 -33.28 33.96
N PHE I 164 23.00 -34.49 33.63
CA PHE I 164 22.52 -35.21 32.44
C PHE I 164 21.00 -35.41 32.44
N GLU I 165 20.47 -35.89 33.55
CA GLU I 165 18.99 -36.09 33.69
C GLU I 165 18.22 -34.78 33.55
N THR I 166 18.69 -33.70 34.18
CA THR I 166 18.01 -32.43 34.14
C THR I 166 17.99 -31.84 32.74
N ILE I 167 19.14 -31.84 32.04
CA ILE I 167 19.20 -31.16 30.73
C ILE I 167 18.37 -31.96 29.76
N SER I 168 18.43 -33.30 29.89
CA SER I 168 17.65 -34.20 29.05
C SER I 168 16.11 -33.98 29.23
N GLN I 169 15.65 -33.90 30.47
CA GLN I 169 14.23 -33.70 30.74
C GLN I 169 13.79 -32.31 30.35
N ALA I 170 14.67 -31.34 30.52
CA ALA I 170 14.36 -30.00 30.09
C ALA I 170 14.17 -29.96 28.58
N MET I 171 15.12 -30.53 27.84
CA MET I 171 15.03 -30.59 26.39
C MET I 171 13.80 -31.36 25.87
N LEU I 172 13.69 -32.63 26.25
CA LEU I 172 12.63 -33.50 25.74
C LEU I 172 11.23 -32.90 25.91
N ASN I 173 10.97 -32.39 27.10
CA ASN I 173 9.63 -31.87 27.43
C ASN I 173 9.36 -30.49 26.78
N ALA I 174 10.41 -29.71 26.58
CA ALA I 174 10.27 -28.44 25.92
C ALA I 174 9.98 -28.64 24.43
N VAL I 175 10.79 -29.47 23.75
CA VAL I 175 10.59 -29.69 22.32
C VAL I 175 9.29 -30.41 21.97
N ASP I 176 8.83 -31.25 22.89
CA ASP I 176 7.51 -31.89 22.72
C ASP I 176 6.33 -30.93 22.77
N ARG I 177 6.58 -29.66 23.12
CA ARG I 177 5.57 -28.61 22.89
C ARG I 177 5.84 -27.67 21.74
N ASP I 178 6.75 -28.04 20.85
CA ASP I 178 7.14 -27.22 19.69
C ASP I 178 7.08 -28.05 18.41
N ALA I 179 6.23 -27.65 17.47
CA ALA I 179 6.02 -28.45 16.25
C ALA I 179 7.29 -28.62 15.41
N VAL I 180 8.15 -27.59 15.40
CA VAL I 180 9.27 -27.52 14.46
C VAL I 180 10.63 -27.75 15.15
N SER I 181 10.59 -28.35 16.34
CA SER I 181 11.79 -28.81 17.01
C SER I 181 11.55 -30.24 17.42
N GLY I 182 12.66 -30.97 17.44
CA GLY I 182 12.69 -32.36 17.93
C GLY I 182 13.32 -33.29 16.92
N MET I 183 12.57 -34.34 16.62
CA MET I 183 13.06 -35.50 15.86
C MET I 183 14.36 -36.07 16.44
N GLY I 184 14.55 -35.96 17.75
CA GLY I 184 15.70 -36.49 18.42
C GLY I 184 16.32 -35.41 19.22
N VAL I 185 17.09 -35.82 20.25
CA VAL I 185 17.88 -34.91 21.07
C VAL I 185 19.27 -35.51 21.33
N ILE I 186 20.30 -34.69 21.17
CA ILE I 186 21.66 -35.10 21.48
C ILE I 186 22.17 -34.30 22.70
N VAL I 187 22.92 -34.95 23.56
CA VAL I 187 23.46 -34.32 24.78
C VAL I 187 24.95 -34.64 24.92
N HIS I 188 25.77 -33.62 25.12
CA HIS I 188 27.20 -33.74 25.49
C HIS I 188 27.37 -33.31 26.94
N ILE I 189 27.97 -34.16 27.75
CA ILE I 189 28.38 -33.79 29.11
C ILE I 189 29.90 -33.59 29.09
N ILE I 190 30.36 -32.41 29.47
CA ILE I 190 31.78 -32.06 29.43
C ILE I 190 32.38 -32.08 30.83
N GLU I 191 33.29 -33.02 31.08
CA GLU I 191 34.07 -33.10 32.32
C GLU I 191 35.60 -32.93 32.01
N LYS I 192 36.37 -32.67 33.07
CA LYS I 192 37.81 -32.52 33.03
C LYS I 192 38.46 -33.67 32.26
N ASP I 193 38.07 -34.89 32.58
CA ASP I 193 38.72 -36.08 32.06
C ASP I 193 37.99 -36.78 30.92
N LYS I 194 36.80 -36.34 30.54
CA LYS I 194 36.08 -37.00 29.46
C LYS I 194 34.88 -36.21 28.90
N ILE I 195 34.50 -36.54 27.67
CA ILE I 195 33.27 -36.11 27.06
C ILE I 195 32.37 -37.35 26.97
N THR I 196 31.12 -37.18 27.36
CA THR I 196 30.07 -38.21 27.23
C THR I 196 28.97 -37.70 26.27
N THR I 197 28.77 -38.42 25.19
CA THR I 197 27.82 -38.07 24.15
C THR I 197 26.70 -39.13 24.06
N ARG I 198 25.44 -38.67 24.15
CA ARG I 198 24.25 -39.53 24.11
C ARG I 198 23.15 -38.98 23.23
N THR I 199 22.48 -39.87 22.52
CA THR I 199 21.21 -39.52 21.93
C THR I 199 20.11 -40.18 22.79
N LEU I 200 18.98 -39.48 22.88
CA LEU I 200 17.89 -39.81 23.81
C LEU I 200 16.78 -40.51 23.07
N LYS I 201 16.11 -41.42 23.75
CA LYS I 201 14.83 -41.89 23.22
C LYS I 201 13.85 -40.71 23.21
N ALA I 202 13.28 -40.43 22.06
CA ALA I 202 12.52 -39.19 21.88
C ALA I 202 11.42 -39.36 20.91
N ARG I 203 10.37 -38.58 21.09
CA ARG I 203 9.28 -38.52 20.11
C ARG I 203 9.84 -38.18 18.74
N MET I 204 9.28 -38.80 17.70
CA MET I 204 9.63 -38.56 16.32
C MET I 204 8.44 -38.00 15.46
N ASP I 205 7.61 -37.15 16.07
CA ASP I 205 6.52 -36.47 15.37
C ASP I 205 6.56 -34.94 15.46
N MET J 1 6.79 -28.54 -13.24
CA MET J 1 7.78 -28.15 -12.15
CA MET J 1 7.82 -28.10 -12.25
C MET J 1 8.59 -29.32 -11.71
N GLU J 2 9.81 -29.05 -11.30
CA GLU J 2 10.91 -29.99 -11.47
C GLU J 2 11.04 -30.96 -10.31
N TYR J 3 11.39 -32.20 -10.60
CA TYR J 3 11.49 -33.24 -9.60
C TYR J 3 12.87 -33.83 -9.65
N LEU J 4 13.48 -33.96 -8.49
CA LEU J 4 14.74 -34.67 -8.30
C LEU J 4 14.57 -35.68 -7.19
N ILE J 5 15.24 -36.84 -7.35
CA ILE J 5 15.26 -37.87 -6.37
C ILE J 5 16.59 -38.58 -6.38
N GLY J 6 17.02 -38.94 -5.18
CA GLY J 6 18.18 -39.79 -4.96
C GLY J 6 17.93 -40.84 -3.86
N ILE J 7 18.45 -42.04 -4.08
CA ILE J 7 18.46 -43.12 -3.14
C ILE J 7 19.89 -43.70 -3.05
N GLN J 8 20.46 -43.68 -1.85
CA GLN J 8 21.81 -44.21 -1.60
C GLN J 8 21.70 -45.57 -0.99
N GLY J 9 22.26 -46.57 -1.67
CA GLY J 9 22.46 -47.89 -1.10
C GLY J 9 23.85 -48.10 -0.53
N PRO J 10 24.18 -49.33 -0.16
CA PRO J 10 25.48 -49.63 0.48
C PRO J 10 26.74 -49.24 -0.32
N ASP J 11 26.69 -49.46 -1.63
CA ASP J 11 27.84 -49.24 -2.52
C ASP J 11 27.44 -48.55 -3.86
N TYR J 12 26.33 -47.81 -3.88
CA TYR J 12 25.89 -47.04 -5.07
C TYR J 12 24.95 -45.93 -4.63
N VAL J 13 24.75 -44.94 -5.51
CA VAL J 13 23.66 -43.96 -5.37
C VAL J 13 22.94 -44.00 -6.69
N LEU J 14 21.61 -44.05 -6.59
CA LEU J 14 20.70 -43.99 -7.72
C LEU J 14 20.06 -42.59 -7.69
N VAL J 15 19.96 -41.95 -8.86
CA VAL J 15 19.35 -40.64 -8.98
C VAL J 15 18.44 -40.57 -10.19
N ALA J 16 17.43 -39.70 -10.10
CA ALA J 16 16.54 -39.50 -11.21
C ALA J 16 16.00 -38.09 -11.15
N SER J 17 15.52 -37.63 -12.29
CA SER J 17 15.08 -36.26 -12.46
C SER J 17 14.10 -36.26 -13.59
N ASP J 18 13.06 -35.42 -13.54
CA ASP J 18 12.13 -35.30 -14.66
C ASP J 18 12.79 -34.71 -15.91
N ARG J 19 12.15 -34.86 -17.05
CA ARG J 19 12.72 -34.43 -18.31
C ARG J 19 11.92 -33.35 -19.00
N VAL J 20 11.20 -32.58 -18.21
CA VAL J 20 10.35 -31.55 -18.76
C VAL J 20 10.99 -30.21 -18.58
N ALA J 21 10.90 -29.39 -19.62
CA ALA J 21 11.17 -27.98 -19.50
C ALA J 21 9.88 -27.31 -19.82
N ALA J 22 9.32 -26.63 -18.85
CA ALA J 22 8.01 -26.04 -19.04
C ALA J 22 8.05 -24.53 -19.03
N SER J 23 7.06 -23.92 -19.64
CA SER J 23 6.93 -22.50 -19.63
C SER J 23 5.46 -22.12 -19.78
N ASN J 24 4.91 -21.46 -18.76
CA ASN J 24 3.50 -21.02 -18.70
C ASN J 24 2.64 -22.29 -18.68
N ILE J 25 1.79 -22.53 -19.67
CA ILE J 25 0.97 -23.72 -19.65
C ILE J 25 1.49 -24.87 -20.52
N VAL J 26 2.69 -24.73 -21.14
CA VAL J 26 3.18 -25.76 -22.08
C VAL J 26 4.45 -26.43 -21.65
N GLN J 27 4.60 -27.70 -21.96
CA GLN J 27 5.92 -28.37 -21.94
CA GLN J 27 5.90 -28.36 -21.93
C GLN J 27 6.60 -27.96 -23.25
N MET J 28 7.78 -27.35 -23.16
CA MET J 28 8.53 -26.91 -24.36
C MET J 28 9.61 -27.89 -24.79
N LYS J 29 9.99 -28.78 -23.89
CA LYS J 29 10.92 -29.86 -24.17
C LYS J 29 10.53 -31.04 -23.28
N ASP J 30 10.62 -32.25 -23.83
CA ASP J 30 10.28 -33.49 -23.11
C ASP J 30 11.44 -34.43 -22.89
N ASP J 31 12.64 -34.07 -23.38
CA ASP J 31 13.88 -34.82 -23.11
C ASP J 31 14.93 -33.94 -22.40
N HIS J 32 14.50 -33.09 -21.49
CA HIS J 32 15.40 -32.23 -20.75
C HIS J 32 16.20 -33.05 -19.72
N ASP J 33 17.47 -32.68 -19.53
CA ASP J 33 18.38 -33.36 -18.60
C ASP J 33 18.77 -32.39 -17.50
N LYS J 34 18.48 -32.75 -16.26
CA LYS J 34 18.76 -31.90 -15.12
C LYS J 34 20.03 -32.30 -14.36
N MET J 35 20.79 -33.24 -14.91
CA MET J 35 22.03 -33.76 -14.27
C MET J 35 23.28 -33.16 -14.90
N PHE J 36 24.26 -32.82 -14.08
CA PHE J 36 25.53 -32.29 -14.56
C PHE J 36 26.64 -33.15 -14.04
N LYS J 37 27.47 -33.66 -14.94
CA LYS J 37 28.61 -34.47 -14.52
C LYS J 37 29.74 -33.56 -14.02
N MET J 38 30.15 -33.71 -12.77
CA MET J 38 31.23 -32.88 -12.20
C MET J 38 32.59 -33.55 -12.38
N SER J 39 32.59 -34.89 -12.33
CA SER J 39 33.79 -35.71 -12.27
C SER J 39 33.36 -37.13 -12.60
N GLU J 40 34.29 -38.06 -12.68
CA GLU J 40 33.91 -39.44 -13.07
C GLU J 40 32.90 -40.08 -12.13
N LYS J 41 32.88 -39.66 -10.88
CA LYS J 41 32.03 -40.28 -9.85
C LYS J 41 31.15 -39.28 -9.11
N ILE J 42 30.82 -38.15 -9.73
CA ILE J 42 29.92 -37.15 -9.10
C ILE J 42 28.90 -36.59 -10.09
N LEU J 43 27.63 -36.62 -9.71
CA LEU J 43 26.56 -35.87 -10.41
C LEU J 43 25.98 -34.75 -9.52
N LEU J 44 25.76 -33.59 -10.12
CA LEU J 44 24.99 -32.52 -9.52
C LEU J 44 23.64 -32.38 -10.26
N LEU J 45 22.56 -32.45 -9.52
CA LEU J 45 21.21 -32.35 -10.08
C LEU J 45 20.70 -31.04 -9.57
N CYS J 46 20.23 -30.19 -10.48
CA CYS J 46 19.96 -28.82 -10.17
C CYS J 46 18.60 -28.36 -10.75
N VAL J 47 17.76 -27.76 -9.89
CA VAL J 47 16.52 -27.16 -10.28
C VAL J 47 16.40 -25.78 -9.65
N GLY J 48 15.40 -25.02 -10.11
CA GLY J 48 15.07 -23.72 -9.59
C GLY J 48 14.83 -22.69 -10.66
N GLU J 49 15.24 -21.48 -10.39
CA GLU J 49 14.97 -20.39 -11.30
C GLU J 49 15.73 -20.50 -12.61
N ALA J 50 15.05 -20.17 -13.70
CA ALA J 50 15.66 -20.16 -15.00
C ALA J 50 16.89 -19.22 -14.99
N GLY J 51 17.95 -19.63 -15.70
CA GLY J 51 19.19 -18.87 -15.78
C GLY J 51 20.09 -19.30 -14.64
N ASP J 52 19.62 -19.09 -13.41
CA ASP J 52 20.40 -19.38 -12.20
C ASP J 52 20.78 -20.84 -12.15
N THR J 53 19.90 -21.76 -12.62
CA THR J 53 20.17 -23.18 -12.44
C THR J 53 21.34 -23.63 -13.31
N VAL J 54 21.32 -23.32 -14.60
CA VAL J 54 22.45 -23.70 -15.46
C VAL J 54 23.68 -22.88 -15.09
N GLN J 55 23.53 -21.57 -14.84
CA GLN J 55 24.68 -20.73 -14.57
C GLN J 55 25.42 -21.20 -13.32
N PHE J 56 24.67 -21.49 -12.26
CA PHE J 56 25.26 -22.03 -11.08
C PHE J 56 25.90 -23.41 -11.28
N ALA J 57 25.17 -24.37 -11.85
CA ALA J 57 25.66 -25.73 -12.01
C ALA J 57 26.93 -25.83 -12.88
N GLU J 58 26.96 -25.07 -13.97
CA GLU J 58 28.16 -25.01 -14.83
C GLU J 58 29.38 -24.34 -14.22
N TYR J 59 29.16 -23.31 -13.41
CA TYR J 59 30.22 -22.69 -12.69
C TYR J 59 30.85 -23.70 -11.76
N ILE J 60 30.03 -24.44 -11.01
CA ILE J 60 30.53 -25.50 -10.13
C ILE J 60 31.28 -26.57 -10.94
N GLN J 61 30.65 -27.05 -11.99
CA GLN J 61 31.21 -28.05 -12.87
C GLN J 61 32.60 -27.66 -13.36
N LYS J 62 32.73 -26.46 -13.90
CA LYS J 62 34.00 -26.02 -14.46
C LYS J 62 35.08 -25.92 -13.41
N ASN J 63 34.71 -25.48 -12.21
CA ASN J 63 35.68 -25.35 -11.12
C ASN J 63 36.09 -26.70 -10.57
N VAL J 64 35.18 -27.67 -10.56
CA VAL J 64 35.53 -29.03 -10.14
C VAL J 64 36.48 -29.69 -11.13
N GLN J 65 36.24 -29.46 -12.42
CA GLN J 65 37.11 -29.92 -13.45
C GLN J 65 38.48 -29.21 -13.37
N LEU J 66 38.48 -27.93 -13.06
CA LEU J 66 39.70 -27.15 -12.93
C LEU J 66 40.57 -27.69 -11.82
N TYR J 67 39.93 -28.06 -10.72
CA TYR J 67 40.65 -28.64 -9.59
C TYR J 67 41.40 -29.91 -10.01
N LYS J 68 40.69 -30.76 -10.75
CA LYS J 68 41.26 -31.98 -11.30
C LYS J 68 42.51 -31.69 -12.16
N MET J 69 42.42 -30.69 -13.03
CA MET J 69 43.50 -30.36 -13.92
C MET J 69 44.68 -29.75 -13.17
N ARG J 70 44.41 -28.95 -12.13
CA ARG J 70 45.49 -28.36 -11.35
C ARG J 70 46.21 -29.41 -10.52
N ASN J 71 45.46 -30.36 -9.98
CA ASN J 71 46.01 -31.23 -8.94
C ASN J 71 46.25 -32.69 -9.31
N GLY J 72 45.74 -33.14 -10.45
CA GLY J 72 45.93 -34.50 -10.89
C GLY J 72 44.97 -35.53 -10.32
N TYR J 73 44.09 -35.14 -9.41
CA TYR J 73 43.11 -36.06 -8.85
C TYR J 73 41.87 -35.24 -8.62
N GLU J 74 40.77 -35.91 -8.29
CA GLU J 74 39.46 -35.29 -8.19
C GLU J 74 39.09 -34.97 -6.76
N LEU J 75 38.24 -33.97 -6.61
CA LEU J 75 37.58 -33.69 -5.32
C LEU J 75 36.68 -34.86 -4.98
N SER J 76 36.65 -35.19 -3.70
CA SER J 76 35.68 -36.17 -3.20
C SER J 76 34.24 -35.61 -3.27
N PRO J 77 33.23 -36.49 -3.28
CA PRO J 77 31.85 -35.99 -3.21
C PRO J 77 31.63 -34.97 -2.06
N THR J 78 32.15 -35.28 -0.88
CA THR J 78 31.99 -34.40 0.27
C THR J 78 32.67 -33.02 0.08
N ALA J 79 33.91 -33.00 -0.41
CA ALA J 79 34.57 -31.75 -0.65
C ALA J 79 33.81 -30.94 -1.71
N ALA J 80 33.33 -31.60 -2.76
CA ALA J 80 32.56 -30.92 -3.83
C ALA J 80 31.25 -30.37 -3.29
N ALA J 81 30.61 -31.10 -2.40
CA ALA J 81 29.34 -30.65 -1.78
C ALA J 81 29.61 -29.41 -0.92
N ASN J 82 30.72 -29.43 -0.17
CA ASN J 82 31.08 -28.26 0.61
C ASN J 82 31.56 -27.05 -0.20
N PHE J 83 32.28 -27.29 -1.28
CA PHE J 83 32.61 -26.25 -2.27
C PHE J 83 31.36 -25.60 -2.87
N THR J 84 30.38 -26.44 -3.21
CA THR J 84 29.12 -25.99 -3.77
C THR J 84 28.39 -25.12 -2.76
N ARG J 85 28.32 -25.59 -1.53
CA ARG J 85 27.72 -24.84 -0.43
C ARG J 85 28.37 -23.50 -0.15
N ARG J 86 29.71 -23.45 -0.16
CA ARG J 86 30.40 -22.22 0.16
C ARG J 86 29.98 -21.17 -0.87
N ASN J 87 29.99 -21.54 -2.14
CA ASN J 87 29.63 -20.63 -3.20
C ASN J 87 28.19 -20.12 -3.06
N LEU J 88 27.24 -21.02 -2.83
CA LEU J 88 25.83 -20.64 -2.70
C LEU J 88 25.66 -19.72 -1.52
N ALA J 89 26.19 -20.10 -0.36
CA ALA J 89 26.09 -19.29 0.86
C ALA J 89 26.75 -17.93 0.74
N ASP J 90 27.93 -17.91 0.13
CA ASP J 90 28.68 -16.66 -0.07
C ASP J 90 27.90 -15.72 -0.94
N LEU J 92 24.58 -15.57 -1.09
CA LEU J 92 23.23 -15.46 -0.55
C LEU J 92 22.81 -14.05 -0.21
N ARG J 93 23.72 -13.31 0.39
CA ARG J 93 23.49 -11.94 0.74
C ARG J 93 24.17 -10.97 -0.24
N SER J 94 24.65 -11.46 -1.36
CA SER J 94 25.30 -10.62 -2.37
C SER J 94 24.30 -10.03 -3.35
N ARG J 95 24.84 -9.24 -4.27
CA ARG J 95 24.13 -8.73 -5.45
C ARG J 95 23.68 -9.83 -6.42
N THR J 96 24.30 -11.01 -6.35
CA THR J 96 24.04 -12.11 -7.26
C THR J 96 23.72 -13.43 -6.53
N PRO J 97 22.58 -13.52 -5.84
CA PRO J 97 22.18 -14.81 -5.27
C PRO J 97 21.75 -15.78 -6.36
N TYR J 98 21.84 -17.08 -6.08
CA TYR J 98 21.38 -18.10 -7.05
C TYR J 98 20.20 -18.87 -6.42
N HIS J 99 19.04 -18.81 -7.06
N HIS J 99 19.01 -18.79 -7.03
CA HIS J 99 17.84 -19.44 -6.55
CA HIS J 99 17.80 -19.49 -6.48
C HIS J 99 17.75 -20.85 -7.10
C HIS J 99 17.74 -20.86 -7.08
N VAL J 100 18.50 -21.77 -6.47
CA VAL J 100 18.62 -23.16 -6.95
C VAL J 100 18.54 -24.16 -5.83
N ASN J 101 17.99 -25.32 -6.11
CA ASN J 101 17.95 -26.42 -5.14
C ASN J 101 18.66 -27.58 -5.77
N LEU J 102 19.34 -28.39 -4.97
CA LEU J 102 20.25 -29.39 -5.52
C LEU J 102 20.29 -30.68 -4.79
N LEU J 103 20.64 -31.73 -5.53
CA LEU J 103 21.22 -32.95 -4.95
C LEU J 103 22.62 -33.12 -5.54
N LEU J 104 23.55 -33.55 -4.70
CA LEU J 104 24.86 -33.98 -5.13
C LEU J 104 24.99 -35.46 -4.76
N ALA J 105 25.22 -36.29 -5.77
CA ALA J 105 25.39 -37.70 -5.63
C ALA J 105 26.83 -38.05 -6.01
N GLY J 106 27.44 -38.98 -5.28
CA GLY J 106 28.76 -39.41 -5.62
C GLY J 106 29.24 -40.68 -4.94
N TYR J 107 30.34 -41.20 -5.46
CA TYR J 107 31.02 -42.35 -4.93
C TYR J 107 32.49 -42.02 -4.69
N ASP J 108 32.92 -42.20 -3.44
CA ASP J 108 34.31 -42.06 -3.06
C ASP J 108 34.97 -43.43 -2.84
N GLU J 109 36.16 -43.61 -3.40
CA GLU J 109 36.97 -44.81 -3.19
C GLU J 109 36.99 -45.27 -1.73
N HIS J 110 37.09 -44.32 -0.79
CA HIS J 110 37.29 -44.64 0.62
C HIS J 110 36.07 -44.50 1.50
N GLU J 111 35.25 -43.48 1.26
CA GLU J 111 34.01 -43.26 2.01
C GLU J 111 32.76 -43.97 1.47
N GLY J 112 32.82 -44.43 0.22
CA GLY J 112 31.68 -45.08 -0.41
C GLY J 112 30.69 -44.10 -0.99
N PRO J 113 29.44 -44.55 -1.21
CA PRO J 113 28.44 -43.68 -1.81
C PRO J 113 27.98 -42.56 -0.89
N ALA J 114 27.64 -41.41 -1.46
CA ALA J 114 27.08 -40.31 -0.69
C ALA J 114 26.02 -39.54 -1.49
N LEU J 115 25.00 -39.06 -0.77
CA LEU J 115 23.94 -38.23 -1.33
C LEU J 115 23.79 -37.01 -0.42
N TYR J 116 23.83 -35.81 -1.03
CA TYR J 116 23.71 -34.56 -0.31
C TYR J 116 22.54 -33.75 -0.82
N TYR J 117 21.86 -33.09 0.09
CA TYR J 117 20.69 -32.23 -0.22
C TYR J 117 21.03 -30.82 0.11
N MET J 118 20.74 -29.91 -0.82
CA MET J 118 20.92 -28.51 -0.57
C MET J 118 19.73 -27.72 -1.06
N ASP J 119 19.31 -26.76 -0.25
CA ASP J 119 18.29 -25.80 -0.67
C ASP J 119 18.96 -24.46 -1.08
N TYR J 120 18.14 -23.52 -1.56
CA TYR J 120 18.62 -22.27 -2.11
C TYR J 120 19.25 -21.38 -1.04
N LEU J 121 18.88 -21.57 0.21
CA LEU J 121 19.54 -20.87 1.30
C LEU J 121 20.99 -21.38 1.60
N ALA J 122 21.34 -22.53 1.06
CA ALA J 122 22.62 -23.22 1.21
C ALA J 122 22.79 -24.02 2.49
N ALA J 123 21.70 -24.50 3.06
CA ALA J 123 21.79 -25.53 4.06
C ALA J 123 22.14 -26.83 3.36
N LEU J 124 23.12 -27.56 3.92
CA LEU J 124 23.58 -28.82 3.37
C LEU J 124 23.31 -29.95 4.35
N ALA J 125 22.69 -31.02 3.89
CA ALA J 125 22.48 -32.22 4.70
C ALA J 125 22.78 -33.46 3.94
N LYS J 126 23.51 -34.36 4.57
CA LYS J 126 23.72 -35.69 4.04
C LYS J 126 22.47 -36.50 4.38
N ALA J 127 22.04 -37.36 3.47
CA ALA J 127 20.81 -38.13 3.64
C ALA J 127 20.90 -39.48 2.96
N PRO J 128 20.20 -40.48 3.49
CA PRO J 128 20.20 -41.75 2.80
C PRO J 128 19.29 -41.77 1.58
N PHE J 129 18.34 -40.85 1.51
CA PHE J 129 17.51 -40.60 0.32
C PHE J 129 16.89 -39.21 0.49
N ALA J 130 16.45 -38.62 -0.62
CA ALA J 130 15.99 -37.25 -0.63
C ALA J 130 15.32 -36.91 -1.95
N ALA J 131 14.53 -35.83 -1.93
CA ALA J 131 13.86 -35.36 -3.12
C ALA J 131 13.58 -33.86 -3.07
N HIS J 132 13.57 -33.22 -4.25
CA HIS J 132 13.24 -31.83 -4.40
C HIS J 132 12.04 -31.66 -5.35
N GLY J 133 11.35 -30.54 -5.22
CA GLY J 133 10.18 -30.25 -6.01
C GLY J 133 8.90 -30.56 -5.26
N TYR J 134 7.79 -30.01 -5.70
CA TYR J 134 6.46 -30.45 -5.25
C TYR J 134 6.23 -31.95 -5.24
N GLY J 135 6.82 -32.67 -6.20
CA GLY J 135 6.70 -34.09 -6.27
C GLY J 135 7.26 -34.78 -5.04
N ALA J 136 8.22 -34.14 -4.37
CA ALA J 136 8.81 -34.67 -3.14
C ALA J 136 7.76 -34.88 -2.04
N PHE J 137 6.75 -34.02 -2.02
CA PHE J 137 5.66 -34.08 -1.04
C PHE J 137 4.86 -35.37 -1.15
N LEU J 138 4.74 -35.90 -2.37
CA LEU J 138 4.03 -37.16 -2.59
C LEU J 138 4.88 -38.42 -2.55
N THR J 139 6.21 -38.28 -2.60
CA THR J 139 7.10 -39.42 -2.69
C THR J 139 8.02 -39.69 -1.48
N LEU J 140 8.30 -38.70 -0.66
CA LEU J 140 9.18 -38.90 0.51
C LEU J 140 8.63 -39.93 1.50
N SER J 141 7.30 -39.98 1.69
CA SER J 141 6.68 -40.95 2.58
C SER J 141 6.76 -42.38 2.03
N ILE J 142 6.75 -42.53 0.70
CA ILE J 142 6.96 -43.81 0.04
C ILE J 142 8.40 -44.31 0.30
N LEU J 143 9.38 -43.41 0.22
CA LEU J 143 10.74 -43.73 0.58
C LEU J 143 10.88 -44.07 2.10
N ASP J 144 10.32 -43.25 3.00
CA ASP J 144 10.34 -43.58 4.46
C ASP J 144 9.74 -44.95 4.73
N ARG J 145 8.72 -45.31 3.97
CA ARG J 145 8.00 -46.57 4.16
C ARG J 145 8.80 -47.83 3.76
N TYR J 146 9.44 -47.78 2.61
CA TYR J 146 10.09 -48.91 2.00
C TYR J 146 11.64 -48.94 2.01
N TYR J 147 12.30 -47.81 2.16
CA TYR J 147 13.78 -47.77 2.15
C TYR J 147 14.38 -48.56 3.33
N THR J 148 15.45 -49.30 3.05
CA THR J 148 16.36 -49.79 4.07
C THR J 148 17.80 -49.46 3.62
N PRO J 149 18.72 -49.26 4.58
CA PRO J 149 20.13 -48.96 4.23
C PRO J 149 20.82 -50.01 3.32
N THR J 150 20.45 -51.28 3.45
CA THR J 150 21.03 -52.35 2.63
C THR J 150 20.34 -52.56 1.28
N ILE J 151 19.35 -51.73 0.95
CA ILE J 151 18.57 -51.91 -0.29
C ILE J 151 19.47 -52.16 -1.51
N SER J 152 19.15 -53.20 -2.27
CA SER J 152 19.90 -53.55 -3.48
C SER J 152 19.49 -52.64 -4.61
N ARG J 153 20.31 -52.61 -5.66
CA ARG J 153 20.06 -51.62 -6.69
C ARG J 153 18.86 -51.98 -7.57
N GLU J 154 18.62 -53.27 -7.79
CA GLU J 154 17.40 -53.73 -8.48
C GLU J 154 16.14 -53.24 -7.75
N ARG J 155 16.16 -53.32 -6.42
CA ARG J 155 15.05 -52.89 -5.54
C ARG J 155 14.95 -51.39 -5.40
N ALA J 156 16.10 -50.69 -5.42
CA ALA J 156 16.10 -49.24 -5.46
C ALA J 156 15.39 -48.72 -6.74
N VAL J 157 15.67 -49.37 -7.87
CA VAL J 157 14.99 -49.03 -9.14
C VAL J 157 13.47 -49.32 -9.05
N GLU J 158 13.10 -50.37 -8.34
CA GLU J 158 11.69 -50.70 -8.11
C GLU J 158 11.00 -49.66 -7.21
N LEU J 159 11.69 -49.24 -6.15
CA LEU J 159 11.24 -48.20 -5.25
C LEU J 159 11.11 -46.86 -5.94
N LEU J 160 12.13 -46.49 -6.71
CA LEU J 160 12.07 -45.31 -7.56
C LEU J 160 10.83 -45.34 -8.44
N ARG J 161 10.54 -46.50 -9.02
CA ARG J 161 9.41 -46.64 -9.91
C ARG J 161 8.07 -46.46 -9.20
N LYS J 162 8.00 -46.87 -7.94
CA LYS J 162 6.81 -46.63 -7.12
C LYS J 162 6.56 -45.15 -6.92
N CYS J 163 7.62 -44.39 -6.64
CA CYS J 163 7.56 -42.95 -6.51
C CYS J 163 7.08 -42.27 -7.78
N LEU J 164 7.61 -42.69 -8.93
CA LEU J 164 7.26 -42.07 -10.19
C LEU J 164 5.84 -42.42 -10.61
N GLU J 165 5.40 -43.61 -10.28
CA GLU J 165 4.01 -44.04 -10.49
C GLU J 165 3.05 -43.25 -9.61
N GLU J 166 3.47 -42.96 -8.37
CA GLU J 166 2.71 -42.09 -7.51
C GLU J 166 2.54 -40.68 -8.09
N LEU J 167 3.57 -40.15 -8.72
CA LEU J 167 3.42 -38.87 -9.43
C LEU J 167 2.45 -38.99 -10.62
N GLN J 168 2.49 -40.07 -11.37
CA GLN J 168 1.52 -40.24 -12.44
C GLN J 168 0.07 -40.27 -11.88
N LYS J 169 -0.12 -40.93 -10.74
CA LYS J 169 -1.46 -41.14 -10.21
C LYS J 169 -2.00 -39.84 -9.63
N ARG J 170 -1.21 -39.24 -8.77
CA ARG J 170 -1.69 -38.30 -7.78
C ARG J 170 -1.28 -36.83 -8.01
N PHE J 171 -0.15 -36.57 -8.67
CA PHE J 171 0.38 -35.21 -8.87
C PHE J 171 -0.34 -34.49 -10.02
N ILE J 172 -0.68 -33.22 -9.84
CA ILE J 172 -1.39 -32.49 -10.93
C ILE J 172 -0.58 -32.19 -12.18
N LEU J 173 0.74 -32.22 -12.09
CA LEU J 173 1.56 -31.96 -13.25
C LEU J 173 1.86 -33.22 -14.05
N ASN J 174 1.94 -33.01 -15.35
CA ASN J 174 2.23 -34.01 -16.35
C ASN J 174 3.76 -34.08 -16.50
N LEU J 175 4.35 -34.99 -15.72
CA LEU J 175 5.74 -35.38 -15.82
C LEU J 175 5.83 -36.81 -16.36
N PRO J 176 5.78 -37.00 -17.68
CA PRO J 176 5.71 -38.33 -18.17
C PRO J 176 7.03 -39.13 -18.27
N THR J 177 8.19 -38.51 -18.18
CA THR J 177 9.46 -39.26 -18.40
C THR J 177 10.54 -38.76 -17.50
N PHE J 178 11.44 -39.66 -17.11
CA PHE J 178 12.50 -39.39 -16.14
C PHE J 178 13.84 -39.96 -16.58
N SER J 179 14.90 -39.16 -16.38
CA SER J 179 16.29 -39.63 -16.54
C SER J 179 16.62 -40.42 -15.30
N VAL J 180 17.35 -41.51 -15.49
CA VAL J 180 17.82 -42.32 -14.35
C VAL J 180 19.32 -42.61 -14.52
N ARG J 181 20.08 -42.46 -13.44
CA ARG J 181 21.51 -42.77 -13.42
C ARG J 181 21.95 -43.38 -12.07
N ILE J 182 22.97 -44.24 -12.11
CA ILE J 182 23.54 -44.85 -10.90
C ILE J 182 25.03 -44.45 -10.86
N ILE J 183 25.55 -44.19 -9.66
CA ILE J 183 26.98 -44.02 -9.45
C ILE J 183 27.48 -45.10 -8.48
N ASP J 184 28.57 -45.74 -8.84
CA ASP J 184 29.22 -46.73 -8.01
C ASP J 184 30.75 -46.69 -8.26
N LYS J 185 31.46 -47.67 -7.71
CA LYS J 185 32.90 -47.88 -7.92
C LYS J 185 33.41 -47.68 -9.35
N ASN J 186 32.62 -48.06 -10.33
CA ASN J 186 33.01 -47.93 -11.75
C ASN J 186 32.44 -46.70 -12.44
N GLY J 187 32.01 -45.69 -11.69
CA GLY J 187 31.62 -44.41 -12.29
C GLY J 187 30.12 -44.21 -12.44
N ILE J 188 29.75 -43.47 -13.48
CA ILE J 188 28.39 -43.03 -13.69
C ILE J 188 27.83 -43.89 -14.81
N HIS J 189 26.68 -44.53 -14.56
CA HIS J 189 26.02 -45.36 -15.56
C HIS J 189 24.67 -44.78 -15.90
N ASP J 190 24.35 -44.75 -17.19
CA ASP J 190 23.04 -44.33 -17.66
C ASP J 190 22.11 -45.53 -17.66
N LEU J 191 21.03 -45.49 -16.89
CA LEU J 191 19.98 -46.52 -17.04
C LEU J 191 18.97 -46.04 -18.05
N ASP J 192 18.05 -46.91 -18.40
CA ASP J 192 16.95 -46.53 -19.29
C ASP J 192 16.10 -45.45 -18.61
N ASN J 193 15.50 -44.60 -19.42
CA ASN J 193 14.47 -43.68 -18.93
C ASN J 193 13.28 -44.47 -18.40
N ILE J 194 12.61 -43.90 -17.40
CA ILE J 194 11.37 -44.44 -16.91
C ILE J 194 10.35 -43.49 -17.48
N SER J 195 9.42 -44.05 -18.26
CA SER J 195 8.50 -43.25 -19.05
C SER J 195 7.07 -43.86 -18.97
N PHE J 196 6.07 -43.05 -19.30
CA PHE J 196 4.65 -43.44 -19.17
C PHE J 196 3.89 -42.95 -20.40
N THR K 1 2.57 -11.59 -31.15
CA THR K 1 3.55 -12.34 -31.97
C THR K 1 3.36 -13.81 -31.97
N THR K 2 3.57 -14.42 -33.14
CA THR K 2 3.75 -15.87 -33.22
C THR K 2 4.99 -16.17 -34.02
N THR K 3 5.89 -16.97 -33.44
CA THR K 3 7.09 -17.44 -34.17
C THR K 3 7.17 -18.94 -33.95
N LEU K 4 7.70 -19.65 -34.94
CA LEU K 4 7.98 -21.06 -34.76
C LEU K 4 9.20 -21.50 -35.55
N ALA K 5 9.80 -22.59 -35.10
CA ALA K 5 10.83 -23.22 -35.88
C ALA K 5 10.80 -24.72 -35.61
N PHE K 6 11.22 -25.52 -36.59
CA PHE K 6 11.44 -26.96 -36.35
C PHE K 6 12.58 -27.56 -37.22
N LYS K 7 13.32 -28.49 -36.61
CA LYS K 7 14.32 -29.31 -37.30
C LYS K 7 13.61 -30.45 -38.02
N PHE K 8 14.13 -30.79 -39.18
CA PHE K 8 13.65 -31.96 -39.90
C PHE K 8 14.77 -32.47 -40.83
N ARG K 9 14.48 -33.47 -41.65
CA ARG K 9 15.51 -34.09 -42.49
C ARG K 9 16.30 -33.04 -43.31
N HIS K 10 15.60 -32.03 -43.80
CA HIS K 10 16.15 -31.11 -44.76
C HIS K 10 16.54 -29.75 -44.19
N GLY K 11 16.72 -29.68 -42.87
CA GLY K 11 17.22 -28.48 -42.19
C GLY K 11 16.30 -27.94 -41.11
N VAL K 12 16.13 -26.62 -41.08
CA VAL K 12 15.20 -26.04 -40.15
C VAL K 12 14.34 -24.96 -40.77
N ILE K 13 13.02 -25.14 -40.58
CA ILE K 13 12.00 -24.17 -40.97
C ILE K 13 11.83 -23.14 -39.86
N VAL K 14 11.70 -21.89 -40.27
CA VAL K 14 11.59 -20.77 -39.37
C VAL K 14 10.51 -19.86 -39.94
N ALA K 15 9.55 -19.50 -39.08
CA ALA K 15 8.42 -18.69 -39.54
C ALA K 15 7.92 -17.73 -38.50
N ALA K 16 7.36 -16.61 -38.95
CA ALA K 16 6.88 -15.57 -38.07
C ALA K 16 5.74 -14.79 -38.69
N ASP K 17 4.94 -14.16 -37.81
CA ASP K 17 4.01 -13.10 -38.19
C ASP K 17 4.78 -11.77 -38.25
N SER K 18 4.07 -10.67 -38.49
CA SER K 18 4.69 -9.35 -38.68
C SER K 18 4.04 -8.20 -37.90
N ARG K 19 3.25 -8.52 -36.88
CA ARG K 19 2.49 -7.50 -36.18
C ARG K 19 3.24 -6.97 -34.98
N ALA K 20 3.13 -5.66 -34.79
CA ALA K 20 3.53 -4.99 -33.54
C ALA K 20 2.36 -4.21 -32.98
N THR K 21 2.30 -4.17 -31.65
CA THR K 21 1.24 -3.45 -30.94
C THR K 21 1.73 -2.63 -29.77
N ALA K 22 1.01 -1.56 -29.48
CA ALA K 22 1.21 -0.70 -28.34
C ALA K 22 -0.14 -0.65 -27.68
N GLY K 23 -0.29 -1.39 -26.57
CA GLY K 23 -1.62 -1.71 -25.99
C GLY K 23 -2.45 -2.41 -27.05
N ALA K 24 -3.62 -1.86 -27.34
CA ALA K 24 -4.48 -2.41 -28.38
C ALA K 24 -4.26 -1.79 -29.75
N TYR K 25 -3.43 -0.75 -29.84
CA TYR K 25 -3.11 -0.11 -31.13
C TYR K 25 -2.18 -0.99 -31.95
N ILE K 26 -2.50 -1.18 -33.23
CA ILE K 26 -1.60 -1.94 -34.13
C ILE K 26 -0.56 -0.96 -34.69
N ALA K 27 0.66 -1.06 -34.18
CA ALA K 27 1.76 -0.14 -34.53
C ALA K 27 2.35 -0.44 -35.88
N SER K 28 2.39 -1.73 -36.23
CA SER K 28 2.86 -2.13 -37.55
C SER K 28 2.32 -3.49 -37.90
N GLN K 29 2.18 -3.73 -39.21
CA GLN K 29 1.88 -5.04 -39.77
C GLN K 29 3.05 -5.57 -40.62
N THR K 30 4.16 -4.88 -40.64
CA THR K 30 5.27 -5.24 -41.53
C THR K 30 6.62 -5.42 -40.82
N VAL K 31 6.60 -5.94 -39.59
CA VAL K 31 7.82 -6.15 -38.84
C VAL K 31 8.53 -7.41 -39.33
N LYS K 32 9.84 -7.29 -39.58
CA LYS K 32 10.68 -8.46 -39.85
C LYS K 32 11.12 -9.10 -38.52
N LYS K 33 10.51 -10.20 -38.16
CA LYS K 33 10.81 -10.87 -36.89
C LYS K 33 11.86 -11.96 -37.00
N VAL K 34 12.32 -12.25 -38.22
CA VAL K 34 13.41 -13.18 -38.46
C VAL K 34 14.62 -12.35 -38.81
N ILE K 35 15.66 -12.47 -38.01
CA ILE K 35 16.88 -11.72 -38.19
C ILE K 35 18.01 -12.58 -38.75
N GLU K 36 18.70 -12.02 -39.72
CA GLU K 36 19.81 -12.72 -40.39
C GLU K 36 21.03 -12.43 -39.56
N ILE K 37 21.45 -13.40 -38.77
CA ILE K 37 22.64 -13.26 -37.93
C ILE K 37 23.91 -13.42 -38.77
N ASN K 38 23.95 -14.47 -39.58
CA ASN K 38 24.88 -14.58 -40.70
C ASN K 38 24.20 -15.46 -41.78
N PRO K 39 24.87 -15.79 -42.89
CA PRO K 39 24.20 -16.60 -43.93
C PRO K 39 23.79 -18.04 -43.55
N TYR K 40 24.23 -18.52 -42.39
CA TYR K 40 23.88 -19.86 -41.92
C TYR K 40 23.18 -19.91 -40.54
N LEU K 41 22.77 -18.75 -40.05
CA LEU K 41 22.21 -18.57 -38.69
C LEU K 41 21.07 -17.53 -38.69
N LEU K 42 19.90 -17.91 -38.21
CA LEU K 42 18.81 -16.96 -38.01
C LEU K 42 18.46 -16.85 -36.54
N GLY K 43 17.97 -15.66 -36.19
CA GLY K 43 17.35 -15.41 -34.90
C GLY K 43 15.90 -15.02 -35.11
N THR K 44 15.04 -15.39 -34.20
CA THR K 44 13.66 -14.88 -34.19
C THR K 44 13.36 -13.97 -32.99
N MET K 45 12.39 -13.08 -33.19
CA MET K 45 12.01 -12.06 -32.21
C MET K 45 10.54 -12.22 -31.72
N ALA K 46 10.37 -12.22 -30.42
CA ALA K 46 9.07 -12.14 -29.76
C ALA K 46 9.31 -11.46 -28.43
N GLY K 47 8.35 -10.66 -28.00
CA GLY K 47 8.46 -9.91 -26.77
C GLY K 47 8.59 -8.46 -27.13
N GLY K 48 9.52 -7.77 -26.49
CA GLY K 48 9.77 -6.35 -26.74
C GLY K 48 10.65 -6.20 -27.97
N ALA K 49 10.23 -5.36 -28.92
CA ALA K 49 10.89 -5.29 -30.20
C ALA K 49 12.33 -4.70 -30.07
N ALA K 50 12.43 -3.63 -29.31
CA ALA K 50 13.71 -2.99 -29.07
C ALA K 50 14.67 -3.94 -28.38
N ASP K 51 14.19 -4.70 -27.41
CA ASP K 51 15.04 -5.64 -26.72
C ASP K 51 15.55 -6.74 -27.63
N CYS K 52 14.65 -7.38 -28.36
CA CYS K 52 15.05 -8.44 -29.30
C CYS K 52 16.00 -7.91 -30.38
N SER K 53 15.66 -6.76 -30.98
CA SER K 53 16.47 -6.20 -32.08
C SER K 53 17.85 -5.86 -31.61
N PHE K 54 17.94 -5.18 -30.47
CA PHE K 54 19.22 -4.77 -29.93
C PHE K 54 20.13 -5.95 -29.62
N TRP K 55 19.61 -6.92 -28.86
CA TRP K 55 20.44 -8.03 -28.36
C TRP K 55 20.82 -9.00 -29.47
N GLU K 56 19.92 -9.22 -30.42
CA GLU K 56 20.24 -10.07 -31.57
C GLU K 56 21.22 -9.40 -32.54
N ARG K 57 21.13 -8.08 -32.68
CA ARG K 57 22.13 -7.35 -33.44
C ARG K 57 23.48 -7.45 -32.77
N LEU K 58 23.49 -7.39 -31.45
CA LEU K 58 24.72 -7.54 -30.68
C LEU K 58 25.29 -8.98 -30.77
N LEU K 59 24.39 -9.97 -30.75
CA LEU K 59 24.79 -11.34 -31.06
C LEU K 59 25.49 -11.47 -32.40
N ALA K 60 24.90 -10.88 -33.44
CA ALA K 60 25.48 -10.87 -34.78
C ALA K 60 26.88 -10.24 -34.83
N ARG K 61 27.08 -9.10 -34.17
CA ARG K 61 28.39 -8.48 -34.00
C ARG K 61 29.40 -9.45 -33.38
N GLN K 62 28.99 -10.09 -32.29
CA GLN K 62 29.85 -11.02 -31.55
C GLN K 62 30.17 -12.30 -32.36
N CYS K 63 29.18 -12.85 -33.05
CA CYS K 63 29.42 -14.01 -33.93
C CYS K 63 30.41 -13.67 -35.05
N ARG K 64 30.35 -12.46 -35.60
CA ARG K 64 31.24 -12.07 -36.65
C ARG K 64 32.70 -11.89 -36.17
N ILE K 65 32.87 -11.24 -35.02
CA ILE K 65 34.20 -11.14 -34.37
C ILE K 65 34.79 -12.53 -34.12
N TYR K 66 33.93 -13.43 -33.62
CA TYR K 66 34.30 -14.82 -33.33
C TYR K 66 34.87 -15.50 -34.54
N GLU K 67 34.22 -15.29 -35.67
CA GLU K 67 34.60 -15.85 -36.93
C GLU K 67 35.94 -15.27 -37.42
N LEU K 68 36.08 -13.95 -37.33
CA LEU K 68 37.34 -13.31 -37.66
C LEU K 68 38.48 -13.83 -36.78
N ARG K 69 38.26 -13.98 -35.48
CA ARG K 69 39.32 -14.44 -34.55
C ARG K 69 39.69 -15.90 -34.68
N ASN K 70 38.68 -16.76 -34.79
CA ASN K 70 38.88 -18.21 -34.79
C ASN K 70 38.98 -18.88 -36.19
N LYS K 71 38.70 -18.13 -37.26
CA LYS K 71 38.77 -18.62 -38.65
C LYS K 71 37.79 -19.77 -38.93
N GLU K 72 36.62 -19.75 -38.30
CA GLU K 72 35.55 -20.72 -38.57
C GLU K 72 34.21 -20.21 -38.12
N ARG K 73 33.16 -20.77 -38.74
CA ARG K 73 31.76 -20.46 -38.43
C ARG K 73 31.56 -20.78 -36.94
N ILE K 74 30.91 -19.92 -36.18
CA ILE K 74 30.47 -20.24 -34.81
C ILE K 74 29.38 -21.33 -34.84
N SER K 75 29.40 -22.26 -33.89
CA SER K 75 28.32 -23.24 -33.78
C SER K 75 26.99 -22.63 -33.29
N VAL K 76 25.90 -23.30 -33.58
CA VAL K 76 24.61 -22.90 -33.08
C VAL K 76 24.61 -22.92 -31.53
N ALA K 77 25.23 -23.92 -30.94
CA ALA K 77 25.34 -24.01 -29.49
C ALA K 77 26.04 -22.82 -28.87
N ALA K 78 27.21 -22.48 -29.44
CA ALA K 78 27.99 -21.36 -28.96
C ALA K 78 27.29 -20.02 -29.18
N ALA K 79 26.63 -19.84 -30.31
CA ALA K 79 25.93 -18.57 -30.56
C ALA K 79 24.76 -18.37 -29.58
N SER K 80 23.95 -19.42 -29.39
CA SER K 80 22.82 -19.36 -28.51
C SER K 80 23.36 -19.09 -27.09
N LYS K 81 24.52 -19.65 -26.76
CA LYS K 81 25.10 -19.44 -25.44
C LYS K 81 25.61 -18.02 -25.24
N LEU K 82 26.15 -17.40 -26.29
CA LEU K 82 26.59 -16.01 -26.16
C LEU K 82 25.37 -15.19 -25.81
N LEU K 83 24.27 -15.44 -26.50
CA LEU K 83 23.04 -14.68 -26.25
C LEU K 83 22.54 -14.87 -24.79
N ALA K 84 22.53 -16.10 -24.30
CA ALA K 84 22.05 -16.38 -22.95
C ALA K 84 22.94 -15.69 -21.90
N ASN K 85 24.27 -15.74 -22.09
CA ASN K 85 25.18 -15.10 -21.15
C ASN K 85 25.06 -13.59 -21.16
N MET K 86 24.77 -13.01 -22.31
CA MET K 86 24.55 -11.58 -22.40
C MET K 86 23.33 -11.12 -21.60
N VAL K 87 22.21 -11.81 -21.77
CA VAL K 87 20.96 -11.37 -21.12
C VAL K 87 20.85 -11.79 -19.63
N TYR K 88 21.63 -12.79 -19.22
CA TYR K 88 21.54 -13.31 -17.87
C TYR K 88 21.81 -12.20 -16.88
N GLN K 89 22.78 -11.37 -17.21
CA GLN K 89 23.24 -10.27 -16.36
C GLN K 89 22.11 -9.26 -16.10
N TYR K 90 21.13 -9.17 -16.99
CA TYR K 90 20.00 -8.25 -16.88
C TYR K 90 18.72 -8.83 -16.26
N LYS K 91 18.72 -10.08 -15.82
CA LYS K 91 17.47 -10.69 -15.29
C LYS K 91 16.82 -9.79 -14.22
N GLY K 92 15.51 -9.58 -14.30
CA GLY K 92 14.80 -8.83 -13.28
C GLY K 92 14.71 -7.33 -13.55
N MET K 93 15.28 -6.87 -14.66
CA MET K 93 15.32 -5.46 -14.99
C MET K 93 14.28 -5.14 -16.06
N GLY K 94 13.54 -6.14 -16.49
CA GLY K 94 12.35 -5.94 -17.31
C GLY K 94 12.61 -6.14 -18.78
N LEU K 95 13.70 -6.78 -19.17
CA LEU K 95 13.87 -7.14 -20.56
C LEU K 95 12.82 -8.18 -20.87
N SER K 96 12.37 -8.22 -22.11
CA SER K 96 11.35 -9.17 -22.55
C SER K 96 11.72 -9.69 -23.94
N MET K 97 12.22 -10.94 -23.98
CA MET K 97 12.78 -11.51 -25.20
CA MET K 97 12.75 -11.53 -25.17
C MET K 97 12.53 -13.02 -25.17
N GLY K 98 11.99 -13.52 -26.25
CA GLY K 98 11.78 -14.94 -26.45
C GLY K 98 12.30 -15.16 -27.85
N THR K 99 13.45 -15.85 -27.98
CA THR K 99 14.12 -16.00 -29.25
C THR K 99 14.39 -17.46 -29.59
N MET K 100 14.35 -17.78 -30.87
CA MET K 100 14.92 -19.03 -31.34
C MET K 100 16.19 -18.77 -32.18
N ILE K 101 17.24 -19.55 -31.92
CA ILE K 101 18.50 -19.49 -32.69
C ILE K 101 18.60 -20.75 -33.56
N CYS K 102 18.59 -20.54 -34.87
CA CYS K 102 18.35 -21.57 -35.88
C CYS K 102 19.50 -21.62 -36.91
N GLY K 103 20.14 -22.77 -37.03
CA GLY K 103 21.30 -22.91 -37.93
C GLY K 103 21.52 -24.32 -38.42
N TRP K 104 22.65 -24.50 -39.07
CA TRP K 104 23.14 -25.79 -39.46
C TRP K 104 24.65 -25.70 -39.31
N ASP K 105 25.24 -26.56 -38.52
CA ASP K 105 26.70 -26.55 -38.26
C ASP K 105 27.26 -27.97 -38.32
N LYS K 106 28.42 -28.20 -37.71
CA LYS K 106 29.07 -29.51 -37.75
C LYS K 106 28.26 -30.63 -37.09
N ARG K 107 27.35 -30.31 -36.18
CA ARG K 107 26.44 -31.31 -35.65
C ARG K 107 25.13 -31.38 -36.45
N GLY K 108 25.03 -30.72 -37.61
CA GLY K 108 23.80 -30.71 -38.41
C GLY K 108 22.84 -29.60 -38.03
N PRO K 109 21.54 -29.76 -38.40
CA PRO K 109 20.53 -28.75 -38.03
C PRO K 109 20.53 -28.45 -36.52
N GLY K 110 20.46 -27.17 -36.16
CA GLY K 110 20.50 -26.74 -34.78
C GLY K 110 19.40 -25.78 -34.47
N LEU K 111 18.82 -25.93 -33.30
CA LEU K 111 17.70 -25.08 -32.89
C LEU K 111 17.73 -24.95 -31.37
N TYR K 112 17.91 -23.73 -30.90
CA TYR K 112 17.85 -23.40 -29.47
C TYR K 112 16.76 -22.37 -29.19
N TYR K 113 16.08 -22.51 -28.05
CA TYR K 113 15.20 -21.47 -27.49
C TYR K 113 15.95 -20.71 -26.39
N VAL K 114 15.91 -19.41 -26.44
CA VAL K 114 16.66 -18.55 -25.52
C VAL K 114 15.79 -17.35 -25.15
N ASP K 115 15.75 -17.02 -23.89
CA ASP K 115 14.87 -15.95 -23.42
C ASP K 115 15.47 -15.11 -22.34
N SER K 116 14.77 -14.02 -22.02
CA SER K 116 15.22 -13.05 -21.05
C SER K 116 15.09 -13.55 -19.64
N GLU K 117 14.34 -14.63 -19.43
CA GLU K 117 14.27 -15.29 -18.08
C GLU K 117 15.53 -16.10 -17.73
N GLY K 118 16.36 -16.38 -18.74
CA GLY K 118 17.57 -17.18 -18.58
C GLY K 118 17.53 -18.61 -19.15
N ASN K 119 16.43 -19.01 -19.77
CA ASN K 119 16.32 -20.33 -20.35
C ASN K 119 17.18 -20.38 -21.61
N ARG K 120 17.81 -21.51 -21.77
CA ARG K 120 18.46 -21.88 -23.00
C ARG K 120 18.29 -23.38 -23.21
N ILE K 121 17.55 -23.78 -24.23
CA ILE K 121 17.31 -25.20 -24.46
C ILE K 121 17.31 -25.56 -25.90
N SER K 122 17.89 -26.71 -26.18
CA SER K 122 17.89 -27.30 -27.49
C SER K 122 16.61 -28.06 -27.67
N GLY K 123 16.08 -28.12 -28.88
CA GLY K 123 14.92 -28.99 -29.11
C GLY K 123 14.56 -29.11 -30.56
N ALA K 124 13.64 -29.99 -30.81
CA ALA K 124 13.26 -30.33 -32.18
C ALA K 124 12.31 -29.31 -32.80
N THR K 125 11.36 -28.80 -32.00
CA THR K 125 10.38 -27.82 -32.46
C THR K 125 10.13 -26.83 -31.31
N PHE K 126 9.83 -25.58 -31.64
CA PHE K 126 9.43 -24.59 -30.65
C PHE K 126 8.47 -23.63 -31.30
N SER K 127 7.61 -23.04 -30.47
CA SER K 127 6.85 -21.84 -30.85
C SER K 127 6.95 -20.86 -29.70
N VAL K 128 7.04 -19.56 -30.02
CA VAL K 128 7.28 -18.53 -29.04
C VAL K 128 6.43 -17.31 -29.33
N GLY K 129 5.89 -16.67 -28.27
CA GLY K 129 5.05 -15.51 -28.40
C GLY K 129 3.60 -15.72 -27.90
N SER K 130 2.85 -14.64 -27.90
CA SER K 130 1.48 -14.63 -27.44
C SER K 130 0.61 -15.60 -28.20
N GLY K 131 0.95 -15.85 -29.47
CA GLY K 131 0.24 -16.84 -30.30
C GLY K 131 0.77 -18.27 -30.33
N SER K 132 1.84 -18.53 -29.60
CA SER K 132 2.49 -19.83 -29.68
C SER K 132 1.62 -20.99 -29.31
N VAL K 133 0.71 -20.83 -28.36
CA VAL K 133 -0.21 -21.93 -28.00
C VAL K 133 -1.07 -22.39 -29.19
N TYR K 134 -1.52 -21.46 -30.01
CA TYR K 134 -2.30 -21.75 -31.20
C TYR K 134 -1.44 -22.44 -32.31
N ALA K 135 -0.22 -21.92 -32.52
CA ALA K 135 0.73 -22.56 -33.44
C ALA K 135 1.14 -23.95 -32.97
N TYR K 136 1.30 -24.17 -31.67
CA TYR K 136 1.70 -25.51 -31.19
C TYR K 136 0.70 -26.58 -31.58
N GLY K 137 -0.59 -26.25 -31.46
CA GLY K 137 -1.65 -27.19 -31.80
C GLY K 137 -1.55 -27.68 -33.23
N VAL K 138 -1.41 -26.75 -34.17
CA VAL K 138 -1.33 -27.18 -35.56
C VAL K 138 0.02 -27.78 -35.91
N MET K 139 1.11 -27.15 -35.45
CA MET K 139 2.46 -27.67 -35.74
C MET K 139 2.60 -29.10 -35.18
N ASP K 140 2.21 -29.30 -33.92
CA ASP K 140 2.27 -30.66 -33.34
C ASP K 140 1.46 -31.70 -34.07
N ARG K 141 0.29 -31.37 -34.58
CA ARG K 141 -0.52 -32.40 -35.24
C ARG K 141 0.03 -32.76 -36.63
N GLY K 142 0.81 -31.90 -37.24
CA GLY K 142 1.37 -32.16 -38.57
C GLY K 142 2.86 -32.46 -38.63
N TYR K 143 3.59 -32.28 -37.54
CA TYR K 143 5.04 -32.36 -37.59
C TYR K 143 5.52 -33.78 -37.71
N SER K 144 6.53 -33.96 -38.55
CA SER K 144 7.28 -35.20 -38.67
C SER K 144 8.69 -34.87 -39.13
N TYR K 145 9.66 -35.64 -38.66
CA TYR K 145 11.05 -35.44 -39.07
C TYR K 145 11.22 -35.68 -40.57
N ASP K 146 10.41 -36.58 -41.13
CA ASP K 146 10.51 -36.94 -42.52
C ASP K 146 9.47 -36.24 -43.37
N LEU K 147 9.07 -35.05 -42.95
CA LEU K 147 8.33 -34.14 -43.83
C LEU K 147 9.15 -33.87 -45.08
N GLU K 148 8.48 -33.90 -46.23
CA GLU K 148 9.06 -33.37 -47.45
C GLU K 148 9.10 -31.86 -47.36
N VAL K 149 10.01 -31.24 -48.11
CA VAL K 149 10.29 -29.83 -47.97
C VAL K 149 9.03 -28.98 -48.13
N GLU K 150 8.27 -29.22 -49.21
CA GLU K 150 7.06 -28.45 -49.46
C GLU K 150 5.94 -28.72 -48.39
N GLN K 151 5.90 -29.93 -47.81
CA GLN K 151 4.96 -30.24 -46.71
C GLN K 151 5.36 -29.42 -45.47
N ALA K 152 6.66 -29.29 -45.26
CA ALA K 152 7.20 -28.54 -44.15
C ALA K 152 6.89 -27.04 -44.27
N TYR K 153 7.01 -26.49 -45.48
CA TYR K 153 6.61 -25.11 -45.74
C TYR K 153 5.11 -24.91 -45.49
N ASP K 154 4.26 -25.83 -45.96
CA ASP K 154 2.82 -25.72 -45.73
C ASP K 154 2.43 -25.77 -44.24
N LEU K 155 3.07 -26.66 -43.47
CA LEU K 155 2.82 -26.74 -42.04
C LEU K 155 3.15 -25.45 -41.28
N ALA K 156 4.34 -24.91 -41.52
CA ALA K 156 4.79 -23.69 -40.87
C ALA K 156 3.87 -22.55 -41.17
N ARG K 157 3.59 -22.36 -42.43
CA ARG K 157 2.67 -21.33 -42.89
C ARG K 157 1.26 -21.45 -42.27
N ARG K 158 0.72 -22.68 -42.27
CA ARG K 158 -0.61 -22.92 -41.74
C ARG K 158 -0.67 -22.66 -40.21
N ALA K 159 0.33 -23.11 -39.47
CA ALA K 159 0.45 -22.85 -38.04
C ALA K 159 0.47 -21.35 -37.67
N ILE K 160 1.35 -20.56 -38.29
CA ILE K 160 1.36 -19.14 -38.05
C ILE K 160 0.02 -18.50 -38.43
N TYR K 161 -0.55 -18.91 -39.57
CA TYR K 161 -1.83 -18.41 -40.01
C TYR K 161 -2.93 -18.60 -38.95
N GLN K 162 -3.07 -19.83 -38.46
CA GLN K 162 -4.09 -20.19 -37.43
C GLN K 162 -3.88 -19.42 -36.14
N ALA K 163 -2.63 -19.22 -35.75
CA ALA K 163 -2.31 -18.34 -34.61
C ALA K 163 -2.77 -16.90 -34.85
N THR K 164 -2.63 -16.37 -36.08
CA THR K 164 -3.04 -14.97 -36.36
C THR K 164 -4.56 -14.80 -36.23
N TYR K 165 -5.25 -15.87 -36.55
CA TYR K 165 -6.70 -15.91 -36.52
C TYR K 165 -7.25 -15.81 -35.05
N ARG K 166 -6.69 -16.60 -34.15
CA ARG K 166 -7.13 -16.63 -32.72
C ARG K 166 -6.52 -15.51 -31.85
N ASP K 167 -5.26 -15.16 -32.08
CA ASP K 167 -4.51 -14.26 -31.19
C ASP K 167 -4.54 -12.85 -31.71
N ALA K 168 -5.14 -11.96 -30.92
CA ALA K 168 -5.30 -10.56 -31.29
C ALA K 168 -3.95 -9.88 -31.55
N TYR K 169 -2.94 -10.33 -30.84
CA TYR K 169 -1.58 -9.76 -30.92
C TYR K 169 -0.69 -10.36 -32.02
N SER K 170 -1.24 -11.23 -32.87
CA SER K 170 -0.52 -11.74 -34.05
C SER K 170 -1.31 -11.45 -35.36
N GLY K 171 -0.57 -11.16 -36.43
CA GLY K 171 -1.18 -10.86 -37.72
C GLY K 171 -0.20 -10.30 -38.74
N GLY K 172 -0.76 -9.79 -39.82
CA GLY K 172 0.03 -9.20 -40.90
C GLY K 172 0.28 -10.17 -42.05
N ALA K 173 1.50 -10.68 -42.07
CA ALA K 173 1.96 -11.57 -43.11
C ALA K 173 2.69 -12.69 -42.45
N VAL K 174 2.77 -13.83 -43.12
CA VAL K 174 3.65 -14.91 -42.65
C VAL K 174 4.93 -14.99 -43.49
N ASN K 175 6.05 -14.91 -42.78
CA ASN K 175 7.37 -14.85 -43.40
C ASN K 175 8.06 -16.12 -43.02
N LEU K 176 8.55 -16.81 -44.04
CA LEU K 176 9.04 -18.16 -43.89
C LEU K 176 10.45 -18.29 -44.50
N TYR K 177 11.29 -19.03 -43.78
CA TYR K 177 12.68 -19.24 -44.11
C TYR K 177 13.01 -20.70 -43.91
N HIS K 178 14.07 -21.12 -44.59
CA HIS K 178 14.54 -22.49 -44.55
C HIS K 178 16.05 -22.44 -44.39
N VAL K 179 16.57 -22.92 -43.26
CA VAL K 179 18.01 -23.09 -43.08
C VAL K 179 18.40 -24.43 -43.68
N ARG K 180 19.25 -24.39 -44.69
CA ARG K 180 19.78 -25.58 -45.39
C ARG K 180 21.27 -25.66 -45.11
N GLU K 181 21.91 -26.77 -45.47
CA GLU K 181 23.33 -26.96 -45.13
C GLU K 181 24.28 -25.91 -45.73
N ASP K 182 23.95 -25.36 -46.90
CA ASP K 182 24.76 -24.31 -47.50
C ASP K 182 24.24 -22.88 -47.24
N GLY K 183 23.36 -22.69 -46.25
CA GLY K 183 22.85 -21.38 -45.91
C GLY K 183 21.34 -21.34 -45.78
N TRP K 184 20.81 -20.26 -45.23
CA TRP K 184 19.37 -20.08 -45.16
C TRP K 184 18.92 -19.45 -46.45
N ILE K 185 17.68 -19.74 -46.84
CA ILE K 185 16.96 -19.01 -47.89
C ILE K 185 15.65 -18.46 -47.32
N ARG K 186 15.24 -17.32 -47.86
CA ARG K 186 13.93 -16.74 -47.64
C ARG K 186 12.93 -17.37 -48.62
N VAL K 187 11.97 -18.15 -48.14
CA VAL K 187 11.10 -18.91 -49.05
C VAL K 187 9.82 -18.17 -49.44
N SER K 188 9.19 -17.43 -48.54
CA SER K 188 8.00 -16.66 -48.93
C SER K 188 7.56 -15.63 -47.90
N SER K 189 6.76 -14.67 -48.39
CA SER K 189 6.05 -13.72 -47.58
C SER K 189 4.60 -13.72 -48.05
N ASP K 190 3.66 -14.17 -47.20
CA ASP K 190 2.27 -14.21 -47.62
C ASP K 190 1.40 -13.42 -46.66
N ASN K 191 0.72 -12.41 -47.17
CA ASN K 191 -0.26 -11.68 -46.36
C ASN K 191 -1.35 -12.65 -45.87
N VAL K 192 -1.65 -12.55 -44.59
CA VAL K 192 -2.72 -13.33 -43.95
C VAL K 192 -4.09 -13.22 -44.69
N ALA K 193 -4.41 -12.06 -45.28
CA ALA K 193 -5.63 -11.88 -46.08
C ALA K 193 -5.64 -12.72 -47.33
N ASP K 194 -4.47 -12.83 -47.95
CA ASP K 194 -4.26 -13.69 -49.10
C ASP K 194 -4.31 -15.16 -48.70
N LEU K 195 -3.72 -15.53 -47.57
CA LEU K 195 -3.80 -16.93 -47.10
C LEU K 195 -5.23 -17.37 -46.75
N HIS K 196 -6.04 -16.45 -46.20
CA HIS K 196 -7.44 -16.71 -45.85
C HIS K 196 -8.25 -17.14 -47.08
N GLU K 197 -8.12 -16.33 -48.12
CA GLU K 197 -8.67 -16.62 -49.44
C GLU K 197 -8.38 -18.06 -49.81
N LYS K 198 -7.10 -18.40 -49.78
CA LYS K 198 -6.65 -19.72 -50.19
C LYS K 198 -7.19 -20.85 -49.29
N TYR K 199 -7.10 -20.73 -47.97
CA TYR K 199 -7.48 -21.85 -47.12
C TYR K 199 -9.01 -22.01 -46.95
N SER K 200 -9.81 -21.13 -47.58
CA SER K 200 -11.24 -21.34 -47.84
C SER K 200 -11.75 -20.51 -49.02
N ARG L 1 6.25 11.90 -4.86
CA ARG L 1 7.21 11.43 -5.88
C ARG L 1 7.18 12.44 -7.03
N PHE L 2 8.25 13.24 -7.10
CA PHE L 2 8.65 13.92 -8.34
C PHE L 2 8.52 12.98 -9.55
N SER L 3 7.76 13.35 -10.62
CA SER L 3 7.83 12.65 -11.91
CA SER L 3 7.86 12.63 -11.93
C SER L 3 8.77 13.40 -12.85
N PRO L 4 9.76 12.70 -13.42
CA PRO L 4 10.67 13.37 -14.36
C PRO L 4 10.11 13.55 -15.78
N TYR L 5 8.86 13.16 -16.02
CA TYR L 5 8.22 13.26 -17.34
C TYR L 5 6.92 14.01 -17.28
N VAL L 6 6.56 14.61 -18.41
CA VAL L 6 5.26 15.24 -18.57
C VAL L 6 4.97 15.11 -20.08
N PHE L 7 3.68 15.08 -20.43
CA PHE L 7 3.32 14.95 -21.82
C PHE L 7 3.08 16.32 -22.45
N ASN L 8 3.76 16.67 -23.53
CA ASN L 8 3.60 18.00 -24.14
C ASN L 8 2.90 18.02 -25.49
N GLY L 9 2.41 16.86 -25.93
CA GLY L 9 1.63 16.75 -27.14
C GLY L 9 2.47 16.79 -28.40
N GLY L 10 1.79 16.99 -29.49
CA GLY L 10 2.46 17.02 -30.78
C GLY L 10 2.12 15.80 -31.61
N THR L 11 1.78 16.09 -32.86
CA THR L 11 1.60 15.08 -33.90
C THR L 11 2.65 15.23 -35.04
N ILE L 12 3.27 14.09 -35.43
CA ILE L 12 4.24 14.04 -36.53
C ILE L 12 3.83 13.03 -37.60
N LEU L 13 4.37 13.24 -38.78
CA LEU L 13 3.99 12.45 -39.96
C LEU L 13 5.13 12.54 -40.98
N ALA L 14 5.48 11.39 -41.56
CA ALA L 14 6.38 11.37 -42.71
C ALA L 14 5.86 10.49 -43.85
N ILE L 15 6.15 10.91 -45.08
CA ILE L 15 5.79 10.17 -46.28
C ILE L 15 6.99 10.11 -47.24
N ALA L 16 7.32 8.90 -47.68
CA ALA L 16 8.32 8.66 -48.69
C ALA L 16 7.69 8.65 -50.09
N GLY L 17 8.22 9.47 -51.01
CA GLY L 17 7.89 9.40 -52.43
C GLY L 17 9.00 8.74 -53.21
N GLU L 18 8.86 8.74 -54.53
CA GLU L 18 9.87 8.20 -55.42
C GLU L 18 11.16 9.04 -55.35
N ASP L 19 11.02 10.36 -55.29
CA ASP L 19 12.17 11.29 -55.26
C ASP L 19 11.96 12.40 -54.25
N PHE L 20 11.18 12.15 -53.21
CA PHE L 20 10.98 13.16 -52.20
C PHE L 20 10.64 12.49 -50.91
N ALA L 21 10.76 13.24 -49.82
CA ALA L 21 10.21 12.84 -48.54
C ALA L 21 9.60 14.05 -47.91
N ILE L 22 8.48 13.83 -47.19
CA ILE L 22 7.81 14.88 -46.42
C ILE L 22 7.92 14.55 -44.95
N VAL L 23 8.23 15.55 -44.13
CA VAL L 23 8.08 15.45 -42.68
C VAL L 23 7.23 16.63 -42.24
N ALA L 24 6.16 16.34 -41.48
CA ALA L 24 5.18 17.36 -41.08
C ALA L 24 4.81 17.20 -39.63
N SER L 25 4.45 18.33 -39.02
CA SER L 25 4.08 18.36 -37.64
C SER L 25 3.24 19.59 -37.33
N ASP L 26 2.49 19.52 -36.23
CA ASP L 26 1.77 20.71 -35.77
C ASP L 26 2.72 21.55 -34.95
N THR L 27 2.34 22.76 -34.59
CA THR L 27 3.23 23.68 -33.87
C THR L 27 2.79 23.97 -32.42
N ARG L 28 1.86 23.22 -31.89
CA ARG L 28 1.33 23.48 -30.56
C ARG L 28 2.16 22.75 -29.51
N LEU L 29 2.50 23.44 -28.44
CA LEU L 29 3.16 22.81 -27.30
C LEU L 29 2.25 22.98 -26.13
N SER L 30 1.86 21.87 -25.54
CA SER L 30 0.84 21.81 -24.49
C SER L 30 1.42 21.30 -23.17
N GLU L 31 0.64 21.47 -22.12
CA GLU L 31 0.87 20.81 -20.88
C GLU L 31 -0.42 20.86 -20.08
N GLY L 32 -0.86 19.71 -19.57
CA GLY L 32 -2.12 19.63 -18.84
C GLY L 32 -3.26 20.01 -19.75
N PHE L 33 -4.02 21.02 -19.33
CA PHE L 33 -5.05 21.62 -20.17
C PHE L 33 -4.66 22.99 -20.78
N SER L 34 -3.36 23.33 -20.78
CA SER L 34 -2.85 24.62 -21.19
C SER L 34 -2.00 24.50 -22.42
N ILE L 35 -1.85 25.64 -23.10
CA ILE L 35 -0.95 25.78 -24.22
C ILE L 35 0.26 26.59 -23.75
N HIS L 36 1.45 26.04 -23.92
CA HIS L 36 2.69 26.78 -23.62
C HIS L 36 2.90 27.82 -24.73
N THR L 37 2.90 27.38 -25.98
CA THR L 37 3.06 28.26 -27.11
C THR L 37 2.41 27.64 -28.29
N ARG L 38 1.98 28.50 -29.23
CA ARG L 38 1.43 28.09 -30.52
C ARG L 38 2.43 27.93 -31.63
N ASP L 39 3.72 28.19 -31.34
CA ASP L 39 4.74 28.19 -32.36
C ASP L 39 5.99 27.41 -31.93
N SER L 40 5.84 26.09 -31.88
CA SER L 40 6.90 25.17 -31.45
C SER L 40 6.76 23.99 -32.37
N PRO L 41 7.49 24.02 -33.49
CA PRO L 41 7.44 22.88 -34.40
C PRO L 41 8.29 21.70 -33.89
N LYS L 42 8.05 20.55 -34.49
CA LYS L 42 8.55 19.29 -34.01
C LYS L 42 9.50 18.67 -34.99
N CYS L 43 9.86 19.44 -36.00
CA CYS L 43 10.72 18.97 -37.08
CA CYS L 43 10.74 18.99 -37.06
C CYS L 43 12.09 19.65 -36.89
N TYR L 44 13.16 18.91 -37.13
CA TYR L 44 14.53 19.44 -37.01
C TYR L 44 15.36 18.97 -38.20
N LYS L 45 15.99 19.89 -38.88
CA LYS L 45 16.88 19.57 -39.98
C LYS L 45 18.16 18.92 -39.45
N LEU L 46 18.50 17.75 -39.94
CA LEU L 46 19.75 17.10 -39.56
C LEU L 46 20.89 17.27 -40.59
N THR L 47 20.60 16.98 -41.85
CA THR L 47 21.48 17.24 -42.99
C THR L 47 20.59 17.82 -44.06
N ASP L 48 21.22 18.21 -45.17
CA ASP L 48 20.53 18.60 -46.40
C ASP L 48 19.57 17.53 -46.95
N LYS L 49 19.76 16.26 -46.56
CA LYS L 49 19.02 15.10 -47.04
C LYS L 49 18.12 14.49 -45.98
N THR L 50 18.09 15.02 -44.75
CA THR L 50 17.46 14.30 -43.62
C THR L 50 16.86 15.25 -42.57
N VAL L 51 15.58 14.98 -42.23
CA VAL L 51 14.82 15.78 -41.28
C VAL L 51 14.23 14.80 -40.27
N ILE L 52 14.18 15.19 -39.01
CA ILE L 52 13.59 14.34 -37.98
C ILE L 52 12.39 15.08 -37.37
N GLY L 53 11.35 14.31 -37.07
CA GLY L 53 10.19 14.79 -36.31
C GLY L 53 10.17 14.13 -34.95
N CYS L 54 9.96 14.92 -33.90
CA CYS L 54 10.03 14.45 -32.48
C CYS L 54 8.86 15.02 -31.69
N SER L 55 8.14 14.16 -31.00
CA SER L 55 7.06 14.58 -30.09
C SER L 55 7.07 13.76 -28.83
N GLY L 56 6.42 14.28 -27.82
CA GLY L 56 6.26 13.58 -26.54
C GLY L 56 6.64 14.55 -25.46
N PHE L 57 7.61 14.16 -24.62
CA PHE L 57 8.06 15.00 -23.51
C PHE L 57 9.09 15.99 -24.08
N HIS L 58 8.79 17.28 -24.00
CA HIS L 58 9.59 18.31 -24.67
C HIS L 58 11.01 18.41 -24.11
N GLY L 59 11.18 18.25 -22.81
CA GLY L 59 12.49 18.14 -22.19
C GLY L 59 13.43 17.13 -22.85
N ASP L 60 12.91 15.95 -23.16
CA ASP L 60 13.64 14.93 -23.88
C ASP L 60 13.81 15.27 -25.37
N CYS L 61 12.80 15.89 -25.99
CA CYS L 61 12.89 16.25 -27.40
C CYS L 61 14.10 17.18 -27.63
N LEU L 62 14.21 18.20 -26.78
CA LEU L 62 15.29 19.13 -26.84
C LEU L 62 16.62 18.42 -26.64
N THR L 63 16.75 17.62 -25.60
CA THR L 63 18.00 16.97 -25.27
C THR L 63 18.44 16.03 -26.35
N LEU L 64 17.52 15.19 -26.79
CA LEU L 64 17.81 14.21 -27.81
C LEU L 64 18.25 14.85 -29.13
N THR L 65 17.56 15.90 -29.59
CA THR L 65 17.96 16.53 -30.84
C THR L 65 19.35 17.19 -30.73
N LYS L 66 19.64 17.80 -29.58
CA LYS L 66 21.00 18.30 -29.33
C LYS L 66 22.03 17.19 -29.31
N ILE L 67 21.70 16.01 -28.78
CA ILE L 67 22.61 14.88 -28.84
C ILE L 67 22.85 14.38 -30.28
N ILE L 68 21.77 14.25 -31.01
CA ILE L 68 21.89 13.86 -32.41
C ILE L 68 22.82 14.83 -33.16
N GLU L 69 22.63 16.14 -32.98
CA GLU L 69 23.43 17.14 -33.67
C GLU L 69 24.94 17.01 -33.39
N ALA L 70 25.29 16.81 -32.12
CA ALA L 70 26.64 16.58 -31.70
C ALA L 70 27.20 15.32 -32.35
N ARG L 71 26.41 14.26 -32.36
CA ARG L 71 26.85 13.00 -32.97
C ARG L 71 27.05 13.06 -34.49
N LEU L 72 26.25 13.87 -35.19
CA LEU L 72 26.43 14.02 -36.63
C LEU L 72 27.77 14.70 -36.92
N LYS L 73 28.13 15.67 -36.11
CA LYS L 73 29.46 16.31 -36.20
C LYS L 73 30.64 15.43 -35.86
N MET L 74 30.50 14.69 -34.78
CA MET L 74 31.50 13.71 -34.44
C MET L 74 31.75 12.72 -35.57
N TYR L 75 30.66 12.17 -36.12
CA TYR L 75 30.72 11.28 -37.28
C TYR L 75 31.49 11.90 -38.46
N LYS L 76 31.13 13.13 -38.80
CA LYS L 76 31.70 13.81 -39.93
C LYS L 76 33.19 14.06 -39.70
N HIS L 77 33.55 14.45 -38.47
CA HIS L 77 34.95 14.61 -38.15
C HIS L 77 35.74 13.34 -38.27
N SER L 78 35.19 12.22 -37.84
CA SER L 78 35.99 11.00 -37.88
C SER L 78 35.92 10.22 -39.20
N ASN L 79 34.83 10.35 -39.95
CA ASN L 79 34.70 9.67 -41.22
C ASN L 79 34.79 10.57 -42.47
N ASN L 80 34.92 11.88 -42.33
CA ASN L 80 35.00 12.81 -43.49
C ASN L 80 33.88 12.73 -44.51
N LYS L 81 32.67 12.53 -44.03
CA LYS L 81 31.47 12.58 -44.85
C LYS L 81 30.25 12.71 -43.93
N ALA L 82 29.16 13.25 -44.46
CA ALA L 82 27.93 13.41 -43.69
C ALA L 82 27.31 12.05 -43.49
N MET L 83 26.60 11.89 -42.40
CA MET L 83 25.84 10.68 -42.17
C MET L 83 24.69 10.56 -43.14
N THR L 84 24.49 9.36 -43.68
CA THR L 84 23.30 9.05 -44.50
C THR L 84 22.02 8.96 -43.62
N THR L 85 20.89 8.96 -44.30
CA THR L 85 19.58 8.86 -43.63
C THR L 85 19.50 7.55 -42.85
N GLY L 86 19.90 6.46 -43.50
CA GLY L 86 20.02 5.13 -42.92
C GLY L 86 20.95 4.96 -41.74
N ALA L 87 22.12 5.59 -41.81
CA ALA L 87 23.08 5.61 -40.68
C ALA L 87 22.59 6.42 -39.54
N ILE L 88 21.95 7.55 -39.81
CA ILE L 88 21.31 8.32 -38.74
C ILE L 88 20.23 7.47 -38.00
N ALA L 89 19.41 6.74 -38.75
CA ALA L 89 18.34 5.90 -38.16
C ALA L 89 18.94 4.81 -37.27
N ALA L 90 19.97 4.13 -37.79
CA ALA L 90 20.63 3.08 -37.05
C ALA L 90 21.27 3.62 -35.77
N MET L 91 21.82 4.83 -35.84
CA MET L 91 22.49 5.44 -34.71
C MET L 91 21.49 5.84 -33.67
N LEU L 92 20.43 6.49 -34.11
CA LEU L 92 19.34 6.89 -33.20
C LEU L 92 18.79 5.71 -32.44
N SER L 93 18.66 4.58 -33.09
CA SER L 93 18.24 3.39 -32.38
C SER L 93 19.14 3.07 -31.16
N THR L 94 20.46 3.18 -31.33
CA THR L 94 21.39 2.91 -30.21
C THR L 94 21.37 3.98 -29.14
N ILE L 95 21.16 5.23 -29.51
CA ILE L 95 21.05 6.30 -28.55
C ILE L 95 19.79 6.07 -27.69
N LEU L 96 18.68 5.71 -28.33
CA LEU L 96 17.44 5.44 -27.56
C LEU L 96 17.63 4.26 -26.61
N TYR L 97 18.28 3.19 -27.09
CA TYR L 97 18.48 2.00 -26.26
C TYR L 97 19.43 2.25 -25.11
N SER L 98 20.36 3.19 -25.25
CA SER L 98 21.28 3.50 -24.14
C SER L 98 20.49 3.96 -22.89
N ARG L 99 19.30 4.50 -23.09
CA ARG L 99 18.41 4.90 -22.03
C ARG L 99 17.26 3.93 -21.83
N ARG L 100 17.50 2.65 -22.13
CA ARG L 100 16.48 1.61 -21.99
C ARG L 100 15.82 1.55 -20.59
N PHE L 101 16.59 1.82 -19.53
CA PHE L 101 16.09 1.83 -18.16
C PHE L 101 15.67 3.22 -17.62
N PHE L 102 15.75 4.29 -18.44
CA PHE L 102 15.19 5.63 -18.12
C PHE L 102 14.94 6.32 -19.46
N PRO L 103 13.92 5.91 -20.18
CA PRO L 103 13.82 6.25 -21.58
C PRO L 103 13.63 7.69 -21.89
N TYR L 104 14.12 8.09 -23.07
CA TYR L 104 13.70 9.31 -23.74
C TYR L 104 12.23 9.11 -24.11
N TYR L 105 11.35 9.89 -23.50
CA TYR L 105 9.93 9.87 -23.84
C TYR L 105 9.70 10.72 -25.09
N VAL L 106 10.08 10.15 -26.21
CA VAL L 106 10.02 10.78 -27.51
C VAL L 106 9.59 9.74 -28.59
N TYR L 107 8.68 10.14 -29.47
CA TYR L 107 8.37 9.39 -30.67
C TYR L 107 9.11 10.07 -31.80
N ASN L 108 9.95 9.30 -32.51
CA ASN L 108 10.72 9.86 -33.58
C ASN L 108 10.30 9.31 -34.91
N ILE L 109 10.21 10.18 -35.92
CA ILE L 109 10.10 9.76 -37.30
C ILE L 109 11.14 10.51 -38.14
N ILE L 110 11.99 9.76 -38.85
CA ILE L 110 12.97 10.36 -39.77
C ILE L 110 12.39 10.34 -41.19
N GLY L 111 12.47 11.45 -41.89
CA GLY L 111 12.23 11.46 -43.31
C GLY L 111 13.44 12.06 -44.03
N GLY L 112 13.81 11.45 -45.14
CA GLY L 112 14.91 11.92 -45.96
C GLY L 112 15.06 11.16 -47.26
N LEU L 113 16.18 11.42 -47.92
CA LEU L 113 16.53 10.69 -49.13
C LEU L 113 17.55 9.64 -48.76
N ASP L 114 17.43 8.48 -49.42
CA ASP L 114 18.38 7.40 -49.26
C ASP L 114 19.52 7.58 -50.25
N GLU L 115 20.43 6.61 -50.31
CA GLU L 115 21.63 6.75 -51.21
C GLU L 115 21.36 6.64 -52.70
N GLU L 116 20.17 6.20 -53.11
CA GLU L 116 19.76 6.28 -54.51
C GLU L 116 18.89 7.51 -54.81
N GLY L 117 18.75 8.46 -53.90
CA GLY L 117 17.88 9.61 -54.13
C GLY L 117 16.38 9.33 -53.96
N LYS L 118 16.04 8.17 -53.40
CA LYS L 118 14.63 7.87 -53.13
C LYS L 118 14.19 8.30 -51.72
N GLY L 119 12.90 8.63 -51.58
CA GLY L 119 12.26 8.87 -50.28
C GLY L 119 12.46 7.73 -49.30
N ALA L 120 12.78 8.07 -48.06
CA ALA L 120 12.94 7.11 -47.00
C ALA L 120 12.31 7.63 -45.72
N VAL L 121 11.49 6.80 -45.09
CA VAL L 121 10.95 7.09 -43.77
C VAL L 121 11.37 6.00 -42.77
N TYR L 122 11.89 6.40 -41.61
CA TYR L 122 12.13 5.46 -40.51
C TYR L 122 11.37 5.89 -39.28
N SER L 123 10.67 4.94 -38.67
CA SER L 123 9.84 5.24 -37.50
C SER L 123 10.33 4.43 -36.31
N PHE L 124 10.29 5.06 -35.15
CA PHE L 124 10.86 4.53 -33.91
C PHE L 124 9.83 4.45 -32.75
N ASP L 125 10.08 3.55 -31.79
CA ASP L 125 9.51 3.63 -30.48
C ASP L 125 10.50 4.32 -29.50
N PRO L 126 10.01 4.66 -28.30
CA PRO L 126 10.89 5.39 -27.36
C PRO L 126 12.20 4.73 -26.96
N VAL L 127 12.30 3.40 -27.02
CA VAL L 127 13.55 2.73 -26.71
C VAL L 127 14.33 2.20 -27.90
N GLY L 128 13.97 2.64 -29.11
CA GLY L 128 14.80 2.48 -30.30
C GLY L 128 14.51 1.34 -31.26
N SER L 129 13.41 0.62 -31.03
CA SER L 129 12.89 -0.27 -32.05
C SER L 129 12.53 0.58 -33.28
N TYR L 130 12.91 0.13 -34.47
CA TYR L 130 12.62 0.92 -35.67
C TYR L 130 12.57 0.10 -36.92
N GLN L 131 12.06 0.70 -37.98
CA GLN L 131 12.06 0.08 -39.29
C GLN L 131 11.82 1.15 -40.32
N ARG L 132 12.03 0.77 -41.56
CA ARG L 132 11.70 1.61 -42.67
C ARG L 132 10.21 1.47 -43.01
N ASP L 133 9.57 2.58 -43.35
CA ASP L 133 8.17 2.59 -43.76
C ASP L 133 8.05 3.38 -45.05
N SER L 134 6.94 3.20 -45.75
CA SER L 134 6.53 4.04 -46.89
C SER L 134 5.95 5.37 -46.39
N PHE L 135 5.30 5.29 -45.23
CA PHE L 135 4.69 6.43 -44.58
C PHE L 135 4.38 6.07 -43.15
N LYS L 136 4.25 7.07 -42.30
CA LYS L 136 4.01 6.81 -40.91
C LYS L 136 3.53 8.04 -40.16
N ALA L 137 2.52 7.87 -39.30
CA ALA L 137 2.13 8.90 -38.34
C ALA L 137 2.61 8.55 -36.93
N GLY L 138 2.87 9.57 -36.13
CA GLY L 138 3.34 9.40 -34.79
C GLY L 138 2.82 10.52 -33.90
N GLY L 139 2.92 10.30 -32.59
CA GLY L 139 2.49 11.29 -31.63
C GLY L 139 1.01 11.24 -31.30
N SER L 140 0.55 12.35 -30.78
CA SER L 140 -0.74 12.50 -30.16
C SER L 140 -1.88 12.04 -31.04
N ALA L 141 -1.93 12.45 -32.30
CA ALA L 141 -3.04 12.11 -33.15
C ALA L 141 -2.74 10.98 -34.10
N SER L 142 -1.75 10.13 -33.82
CA SER L 142 -1.33 9.12 -34.81
C SER L 142 -2.37 8.08 -35.11
N ALA L 143 -3.15 7.71 -34.12
CA ALA L 143 -4.22 6.73 -34.37
C ALA L 143 -5.30 7.32 -35.28
N MET L 144 -5.43 8.63 -35.30
CA MET L 144 -6.35 9.30 -36.21
C MET L 144 -5.77 9.41 -37.61
N LEU L 145 -4.47 9.67 -37.76
CA LEU L 145 -3.92 9.87 -39.10
C LEU L 145 -3.66 8.56 -39.79
N GLN L 146 -3.15 7.56 -39.07
CA GLN L 146 -2.56 6.37 -39.72
C GLN L 146 -3.53 5.60 -40.58
N PRO L 147 -4.75 5.31 -40.06
CA PRO L 147 -5.73 4.61 -40.85
C PRO L 147 -6.08 5.25 -42.20
N LEU L 148 -6.27 6.56 -42.20
CA LEU L 148 -6.51 7.24 -43.45
C LEU L 148 -5.31 7.08 -44.44
N LEU L 149 -4.09 7.11 -43.90
CA LEU L 149 -2.89 6.92 -44.73
C LEU L 149 -2.83 5.50 -45.27
N ASP L 150 -3.07 4.53 -44.39
CA ASP L 150 -3.21 3.12 -44.82
C ASP L 150 -4.16 2.96 -46.03
N ASN L 151 -5.28 3.64 -45.95
CA ASN L 151 -6.31 3.54 -46.95
C ASN L 151 -5.91 4.27 -48.24
N GLN L 152 -5.53 5.53 -48.13
CA GLN L 152 -5.29 6.43 -49.27
C GLN L 152 -3.90 6.34 -49.93
N VAL L 153 -2.88 5.97 -49.17
CA VAL L 153 -1.52 5.78 -49.70
C VAL L 153 -1.22 4.31 -49.90
N GLY L 154 -1.63 3.46 -48.96
CA GLY L 154 -1.47 2.02 -49.09
C GLY L 154 -2.53 1.35 -49.93
N PHE L 155 -3.57 2.09 -50.27
CA PHE L 155 -4.70 1.57 -51.07
C PHE L 155 -5.44 0.40 -50.39
N LYS L 156 -5.35 0.32 -49.06
CA LYS L 156 -5.96 -0.78 -48.35
C LYS L 156 -7.45 -0.76 -48.25
N ASN L 157 -8.03 -1.97 -48.28
CA ASN L 157 -9.46 -2.20 -48.28
C ASN L 157 -10.19 -1.69 -49.54
N MET L 158 -9.44 -1.37 -50.60
CA MET L 158 -10.04 -0.85 -51.87
C MET L 158 -9.90 -1.86 -53.00
N GLN L 159 -11.01 -2.09 -53.68
CA GLN L 159 -11.04 -2.87 -54.91
C GLN L 159 -11.03 -1.94 -56.09
N ASN L 160 -10.64 -2.47 -57.24
CA ASN L 160 -10.79 -1.79 -58.53
C ASN L 160 -10.18 -0.38 -58.55
N VAL L 161 -8.95 -0.24 -58.06
CA VAL L 161 -8.20 1.03 -58.13
C VAL L 161 -6.76 0.72 -58.55
N GLU L 162 -6.26 1.49 -59.51
CA GLU L 162 -4.88 1.37 -59.98
C GLU L 162 -3.95 1.88 -58.88
N HIS L 163 -2.97 1.06 -58.52
CA HIS L 163 -1.93 1.42 -57.54
C HIS L 163 -0.87 2.36 -58.17
N VAL L 164 -1.26 3.60 -58.41
CA VAL L 164 -0.38 4.58 -59.05
C VAL L 164 0.73 5.04 -58.07
N PRO L 165 1.84 5.61 -58.61
CA PRO L 165 2.83 6.27 -57.75
C PRO L 165 2.28 7.53 -57.10
N LEU L 166 2.73 7.79 -55.89
CA LEU L 166 2.27 8.93 -55.14
C LEU L 166 3.00 10.22 -55.62
N SER L 167 2.27 11.09 -56.30
CA SER L 167 2.78 12.40 -56.65
C SER L 167 2.92 13.27 -55.41
N LEU L 168 3.82 14.26 -55.49
CA LEU L 168 4.08 15.20 -54.42
C LEU L 168 2.83 15.99 -54.09
N ASP L 169 2.10 16.38 -55.14
CA ASP L 169 0.91 17.21 -54.99
C ASP L 169 -0.21 16.48 -54.24
N ARG L 170 -0.38 15.19 -54.52
CA ARG L 170 -1.36 14.40 -53.81
C ARG L 170 -0.89 14.17 -52.37
N ALA L 171 0.39 13.84 -52.17
CA ALA L 171 0.92 13.66 -50.81
C ALA L 171 0.70 14.91 -49.98
N MET L 172 0.96 16.05 -50.58
CA MET L 172 0.78 17.34 -49.94
C MET L 172 -0.69 17.58 -49.50
N ARG L 173 -1.63 17.34 -50.42
CA ARG L 173 -3.05 17.51 -50.16
C ARG L 173 -3.47 16.53 -49.03
N LEU L 174 -2.95 15.30 -49.03
CA LEU L 174 -3.24 14.32 -47.99
C LEU L 174 -2.78 14.80 -46.61
N VAL L 175 -1.53 15.28 -46.57
CA VAL L 175 -0.92 15.77 -45.36
C VAL L 175 -1.72 16.91 -44.76
N LYS L 176 -2.17 17.85 -45.60
CA LYS L 176 -2.98 18.95 -45.07
C LYS L 176 -4.35 18.45 -44.52
N ASP L 177 -5.04 17.64 -45.33
CA ASP L 177 -6.33 17.06 -44.89
C ASP L 177 -6.24 16.27 -43.57
N VAL L 178 -5.27 15.36 -43.41
CA VAL L 178 -5.25 14.56 -42.18
C VAL L 178 -4.98 15.42 -40.95
N PHE L 179 -4.16 16.48 -41.07
CA PHE L 179 -3.91 17.35 -39.93
C PHE L 179 -5.14 18.18 -39.54
N ILE L 180 -5.83 18.67 -40.56
CA ILE L 180 -7.07 19.40 -40.38
C ILE L 180 -8.10 18.51 -39.67
N SER L 181 -8.19 17.24 -40.08
CA SER L 181 -9.08 16.27 -39.44
C SER L 181 -8.67 15.99 -37.98
N ALA L 182 -7.37 15.87 -37.76
CA ALA L 182 -6.84 15.66 -36.43
C ALA L 182 -7.10 16.86 -35.51
N ALA L 183 -6.98 18.09 -36.06
CA ALA L 183 -7.27 19.30 -35.29
C ALA L 183 -8.74 19.44 -34.80
N GLU L 184 -9.66 18.78 -35.53
CA GLU L 184 -11.08 18.70 -35.15
C GLU L 184 -11.32 17.91 -33.87
N ARG L 185 -10.47 16.90 -33.64
CA ARG L 185 -10.68 15.89 -32.60
C ARG L 185 -9.62 15.73 -31.48
N ASP L 186 -8.34 15.79 -31.81
CA ASP L 186 -7.29 15.71 -30.79
C ASP L 186 -7.11 17.13 -30.25
N VAL L 187 -7.24 17.28 -28.93
CA VAL L 187 -7.13 18.61 -28.28
C VAL L 187 -5.72 19.15 -28.36
N TYR L 188 -4.73 18.27 -28.40
CA TYR L 188 -3.32 18.67 -28.50
C TYR L 188 -2.90 19.17 -29.90
N THR L 189 -3.57 18.77 -30.96
CA THR L 189 -3.15 19.13 -32.32
C THR L 189 -3.88 20.40 -32.77
N GLY L 190 -3.09 21.41 -33.07
CA GLY L 190 -3.66 22.66 -33.54
C GLY L 190 -2.67 23.73 -33.88
N ASP L 191 -3.19 24.95 -34.02
CA ASP L 191 -2.45 26.18 -34.28
C ASP L 191 -1.93 26.30 -35.70
N ALA L 192 -0.98 25.47 -36.06
CA ALA L 192 -0.43 25.51 -37.42
C ALA L 192 0.22 24.19 -37.75
N LEU L 193 0.30 23.94 -39.05
CA LEU L 193 0.92 22.75 -39.63
C LEU L 193 2.19 23.20 -40.40
N ARG L 194 3.34 22.68 -40.01
CA ARG L 194 4.64 22.93 -40.69
C ARG L 194 5.00 21.68 -41.52
N ILE L 195 5.33 21.90 -42.78
CA ILE L 195 5.65 20.82 -43.71
C ILE L 195 7.02 21.08 -44.30
N CYS L 196 7.89 20.07 -44.22
CA CYS L 196 9.23 20.10 -44.79
C CYS L 196 9.20 19.17 -45.98
N ILE L 197 9.60 19.66 -47.15
CA ILE L 197 9.74 18.81 -48.31
C ILE L 197 11.24 18.61 -48.66
N VAL L 198 11.71 17.38 -48.57
CA VAL L 198 13.09 17.05 -48.91
C VAL L 198 13.15 16.48 -50.31
N THR L 199 13.92 17.13 -51.18
CA THR L 199 14.24 16.62 -52.53
C THR L 199 15.73 16.78 -52.79
N LYS L 200 16.23 16.35 -53.94
CA LYS L 200 17.64 16.61 -54.33
C LYS L 200 18.02 18.09 -54.38
N GLU L 201 17.07 18.97 -54.64
CA GLU L 201 17.34 20.40 -54.69
C GLU L 201 17.52 20.99 -53.30
N GLY L 202 17.04 20.32 -52.26
CA GLY L 202 17.09 20.82 -50.90
C GLY L 202 15.81 20.56 -50.11
N ILE L 203 15.63 21.37 -49.07
CA ILE L 203 14.54 21.24 -48.11
C ILE L 203 13.71 22.51 -48.16
N ARG L 204 12.45 22.44 -48.54
CA ARG L 204 11.61 23.61 -48.44
C ARG L 204 10.51 23.45 -47.43
N GLU L 205 9.96 24.58 -47.04
CA GLU L 205 9.11 24.71 -45.91
C GLU L 205 7.79 25.27 -46.39
N GLU L 206 6.66 24.68 -45.99
CA GLU L 206 5.32 25.31 -46.10
C GLU L 206 4.68 25.34 -44.71
N THR L 207 3.86 26.36 -44.48
CA THR L 207 3.07 26.38 -43.28
C THR L 207 1.58 26.71 -43.55
N VAL L 208 0.69 26.00 -42.87
CA VAL L 208 -0.76 26.02 -43.08
C VAL L 208 -1.42 26.25 -41.73
N SER L 209 -2.41 27.12 -41.70
CA SER L 209 -3.06 27.48 -40.47
C SER L 209 -3.94 26.34 -39.98
N LEU L 210 -3.99 26.09 -38.68
CA LEU L 210 -4.99 25.16 -38.09
C LEU L 210 -5.80 25.88 -37.05
N ARG L 211 -6.96 25.33 -36.70
CA ARG L 211 -7.78 25.86 -35.59
C ARG L 211 -6.96 26.14 -34.32
N LYS L 212 -7.28 27.23 -33.65
CA LYS L 212 -6.62 27.69 -32.42
C LYS L 212 -7.27 27.33 -31.07
N ASP L 213 -8.47 26.70 -31.10
CA ASP L 213 -9.20 26.22 -29.90
C ASP L 213 -8.71 24.86 -29.34
N THR M 1 16.08 19.23 -4.74
CA THR M 1 14.89 19.30 -3.84
C THR M 1 13.87 18.19 -4.14
N GLN M 2 13.49 17.42 -3.14
CA GLN M 2 12.35 16.51 -3.23
C GLN M 2 11.03 17.21 -2.77
N ASN M 3 11.12 18.05 -1.73
CA ASN M 3 10.02 18.76 -1.14
C ASN M 3 10.31 20.26 -1.07
N PRO M 4 9.63 21.07 -1.88
CA PRO M 4 9.91 22.50 -1.81
C PRO M 4 9.49 23.11 -0.44
N MET M 5 10.13 24.19 -0.02
CA MET M 5 9.91 24.72 1.30
C MET M 5 9.38 26.12 1.15
N VAL M 6 10.21 27.15 1.17
CA VAL M 6 9.71 28.47 0.88
C VAL M 6 9.62 28.64 -0.62
N THR M 7 8.44 29.06 -1.12
CA THR M 7 8.17 29.14 -2.59
C THR M 7 7.65 30.50 -3.08
N GLY M 8 7.90 30.79 -4.36
CA GLY M 8 7.41 31.99 -5.01
C GLY M 8 6.34 31.57 -6.00
N THR M 9 5.37 32.45 -6.24
CA THR M 9 4.31 32.16 -7.18
C THR M 9 4.68 32.67 -8.60
N SER M 10 3.69 33.09 -9.38
CA SER M 10 3.87 33.44 -10.78
C SER M 10 4.99 34.44 -11.10
N VAL M 11 5.58 34.27 -12.27
CA VAL M 11 6.41 35.27 -12.90
C VAL M 11 5.77 35.51 -14.27
N LEU M 12 5.66 36.78 -14.66
CA LEU M 12 5.16 37.22 -15.95
C LEU M 12 6.30 37.79 -16.80
N GLY M 13 6.17 37.64 -18.12
CA GLY M 13 7.04 38.31 -19.06
C GLY M 13 6.31 38.69 -20.34
N VAL M 14 6.66 39.85 -20.90
CA VAL M 14 6.16 40.20 -22.21
C VAL M 14 7.19 41.01 -23.00
N LYS M 15 7.30 40.71 -24.30
CA LYS M 15 8.12 41.48 -25.19
C LYS M 15 7.44 42.77 -25.64
N PHE M 16 8.27 43.79 -25.87
CA PHE M 16 7.82 45.05 -26.46
C PHE M 16 8.88 45.57 -27.41
N GLU M 17 8.51 46.62 -28.17
CA GLU M 17 9.41 47.19 -29.14
C GLU M 17 10.61 47.81 -28.43
N GLY M 18 11.75 47.13 -28.53
CA GLY M 18 12.99 47.57 -27.90
C GLY M 18 13.31 46.93 -26.56
N GLY M 19 12.53 45.95 -26.13
CA GLY M 19 12.82 45.35 -24.85
C GLY M 19 11.88 44.28 -24.39
N VAL M 20 12.03 43.95 -23.12
CA VAL M 20 11.28 42.90 -22.49
C VAL M 20 11.03 43.40 -21.07
N VAL M 21 9.80 43.19 -20.59
CA VAL M 21 9.47 43.44 -19.19
C VAL M 21 9.11 42.10 -18.51
N ILE M 22 9.56 41.92 -17.27
CA ILE M 22 9.10 40.88 -16.42
C ILE M 22 8.63 41.40 -15.07
N ALA M 23 7.77 40.63 -14.43
CA ALA M 23 7.16 41.01 -13.14
C ALA M 23 7.07 39.83 -12.19
N ALA M 24 7.27 40.10 -10.91
CA ALA M 24 7.17 39.10 -9.89
C ALA M 24 6.96 39.76 -8.56
N ASP M 25 6.03 39.20 -7.79
CA ASP M 25 5.80 39.67 -6.46
C ASP M 25 6.98 39.28 -5.54
N MET M 26 6.99 39.86 -4.35
CA MET M 26 8.14 39.78 -3.47
C MET M 26 7.93 38.84 -2.28
N LEU M 27 7.13 37.80 -2.47
CA LEU M 27 6.70 36.94 -1.36
C LEU M 27 7.38 35.57 -1.42
N GLY M 28 7.89 35.11 -0.29
CA GLY M 28 8.23 33.70 -0.14
C GLY M 28 7.19 33.08 0.78
N SER M 29 6.38 32.17 0.25
CA SER M 29 5.39 31.47 1.05
C SER M 29 5.91 30.19 1.61
N TYR M 30 5.39 29.84 2.77
CA TYR M 30 5.75 28.61 3.44
C TYR M 30 4.46 27.81 3.58
N GLY M 31 4.15 27.04 2.57
CA GLY M 31 2.79 26.52 2.44
C GLY M 31 1.84 27.68 2.17
N SER M 32 0.74 27.73 2.92
CA SER M 32 -0.18 28.87 2.85
C SER M 32 0.33 30.14 3.57
N LEU M 33 1.30 30.01 4.47
CA LEU M 33 1.80 31.16 5.25
C LEU M 33 2.61 32.09 4.37
N ALA M 34 2.26 33.37 4.43
CA ALA M 34 2.97 34.42 3.70
C ALA M 34 4.13 34.83 4.61
N ARG M 35 5.25 34.16 4.45
CA ARG M 35 6.28 34.18 5.48
C ARG M 35 7.30 35.31 5.32
N PHE M 36 7.90 35.41 4.15
CA PHE M 36 8.96 36.38 3.87
C PHE M 36 8.40 37.33 2.82
N ARG M 37 8.06 38.54 3.24
CA ARG M 37 7.26 39.45 2.46
C ARG M 37 8.04 40.50 1.68
N ASN M 38 9.37 40.43 1.73
CA ASN M 38 10.19 41.37 1.03
C ASN M 38 11.43 40.78 0.35
N ILE M 39 11.23 39.75 -0.47
CA ILE M 39 12.35 39.03 -1.15
C ILE M 39 12.20 39.26 -2.62
N SER M 40 13.31 39.46 -3.30
CA SER M 40 13.32 39.65 -4.75
C SER M 40 13.46 38.28 -5.40
N ARG M 41 12.57 38.03 -6.36
CA ARG M 41 12.52 36.82 -7.13
C ARG M 41 12.97 37.10 -8.56
N ILE M 42 13.71 38.19 -8.73
CA ILE M 42 14.25 38.60 -10.00
C ILE M 42 15.77 38.80 -9.86
N MET M 43 16.50 38.32 -10.85
CA MET M 43 17.97 38.49 -10.95
C MET M 43 18.37 39.29 -12.19
N ARG M 44 19.17 40.34 -12.01
CA ARG M 44 19.97 40.83 -13.12
C ARG M 44 21.13 39.82 -13.38
N VAL M 45 21.09 39.15 -14.52
CA VAL M 45 22.19 38.22 -14.87
C VAL M 45 23.43 38.97 -15.42
N ASN M 46 23.23 39.75 -16.48
CA ASN M 46 24.29 40.66 -17.03
C ASN M 46 23.56 41.82 -17.68
N ASN M 47 24.21 42.59 -18.52
CA ASN M 47 23.63 43.83 -19.04
C ASN M 47 22.49 43.64 -20.05
N SER M 48 22.41 42.45 -20.63
CA SER M 48 21.43 42.16 -21.64
C SER M 48 20.36 41.18 -21.14
N THR M 49 20.50 40.64 -19.92
CA THR M 49 19.74 39.46 -19.47
C THR M 49 19.26 39.57 -18.04
N MET M 50 18.00 39.19 -17.86
CA MET M 50 17.41 39.12 -16.54
C MET M 50 16.56 37.86 -16.39
N LEU M 51 16.40 37.43 -15.14
CA LEU M 51 15.77 36.18 -14.78
C LEU M 51 14.75 36.33 -13.65
N GLY M 52 13.59 35.71 -13.82
CA GLY M 52 12.56 35.57 -12.75
C GLY M 52 12.23 34.12 -12.43
N ALA M 53 12.09 33.78 -11.15
CA ALA M 53 11.89 32.43 -10.70
C ALA M 53 10.66 32.24 -9.80
N SER M 54 9.82 31.28 -10.21
CA SER M 54 8.83 30.63 -9.35
C SER M 54 9.44 29.42 -8.64
N GLY M 55 8.76 28.97 -7.62
CA GLY M 55 9.08 27.72 -6.95
C GLY M 55 10.04 27.98 -5.82
N ASP M 56 10.83 26.96 -5.50
CA ASP M 56 11.61 26.94 -4.26
C ASP M 56 12.68 28.01 -4.26
N TYR M 57 12.61 28.92 -3.28
CA TYR M 57 13.43 30.07 -3.26
C TYR M 57 14.91 29.76 -2.97
N ALA M 58 15.20 28.75 -2.14
CA ALA M 58 16.57 28.31 -1.88
C ALA M 58 17.24 27.80 -3.16
N ASP M 59 16.50 27.03 -3.94
CA ASP M 59 16.99 26.61 -5.27
C ASP M 59 17.26 27.78 -6.20
N PHE M 60 16.40 28.79 -6.16
CA PHE M 60 16.66 30.03 -6.91
C PHE M 60 17.95 30.74 -6.46
N GLN M 61 18.14 30.84 -5.14
CA GLN M 61 19.37 31.45 -4.60
C GLN M 61 20.63 30.68 -5.02
N TYR M 62 20.52 29.37 -5.12
CA TYR M 62 21.61 28.55 -5.64
C TYR M 62 21.87 28.85 -7.10
N LEU M 63 20.84 28.91 -7.89
CA LEU M 63 20.99 29.30 -9.30
C LEU M 63 21.56 30.71 -9.46
N LYS M 64 21.15 31.66 -8.62
CA LYS M 64 21.72 32.99 -8.62
C LYS M 64 23.22 32.98 -8.33
N GLN M 65 23.62 32.14 -7.37
CA GLN M 65 25.02 31.99 -6.99
C GLN M 65 25.86 31.44 -8.15
N VAL M 66 25.39 30.38 -8.77
CA VAL M 66 26.10 29.69 -9.82
C VAL M 66 26.21 30.59 -11.06
N LEU M 67 25.08 31.15 -11.43
CA LEU M 67 24.99 32.00 -12.62
C LEU M 67 25.77 33.31 -12.42
N GLY M 68 25.63 33.90 -11.23
CA GLY M 68 26.38 35.09 -10.91
C GLY M 68 27.87 34.86 -11.08
N GLN M 69 28.34 33.71 -10.61
CA GLN M 69 29.75 33.40 -10.64
C GLN M 69 30.23 33.14 -12.08
N MET M 70 29.41 32.48 -12.91
CA MET M 70 29.74 32.28 -14.31
C MET M 70 29.94 33.58 -15.09
N VAL M 71 29.10 34.57 -14.80
CA VAL M 71 29.20 35.86 -15.41
C VAL M 71 30.47 36.60 -14.95
N ILE M 72 30.76 36.60 -13.65
CA ILE M 72 32.03 37.13 -13.17
C ILE M 72 33.18 36.47 -13.91
N ASP M 73 33.16 35.14 -14.04
CA ASP M 73 34.29 34.40 -14.70
C ASP M 73 34.49 34.86 -16.12
N GLU M 74 33.39 35.03 -16.84
CA GLU M 74 33.42 35.53 -18.18
C GLU M 74 33.93 36.96 -18.25
N GLU M 75 33.49 37.86 -17.36
CA GLU M 75 33.96 39.24 -17.36
C GLU M 75 35.43 39.39 -17.10
N LEU M 76 36.01 38.46 -16.33
CA LEU M 76 37.43 38.48 -16.05
C LEU M 76 38.29 38.41 -17.30
N LEU M 77 37.80 37.74 -18.32
CA LEU M 77 38.58 37.52 -19.53
C LEU M 77 38.70 38.80 -20.37
N GLY M 78 37.73 39.71 -20.22
CA GLY M 78 37.71 40.96 -21.00
C GLY M 78 38.01 40.78 -22.47
N ASP M 79 37.36 39.81 -23.12
CA ASP M 79 37.73 39.34 -24.44
C ASP M 79 36.73 39.71 -25.56
N GLY M 80 35.73 40.54 -25.24
CA GLY M 80 34.74 40.96 -26.25
C GLY M 80 33.55 40.03 -26.49
N HIS M 81 33.45 38.93 -25.72
CA HIS M 81 32.36 37.98 -25.88
C HIS M 81 31.62 37.94 -24.55
N SER M 82 30.31 37.87 -24.62
CA SER M 82 29.44 37.85 -23.46
C SER M 82 28.37 36.85 -23.71
N TYR M 83 27.87 36.24 -22.65
CA TYR M 83 26.69 35.41 -22.80
C TYR M 83 25.47 36.23 -23.28
N SER M 84 24.89 35.83 -24.42
CA SER M 84 23.62 36.34 -24.85
C SER M 84 22.47 35.83 -23.96
N PRO M 85 21.32 36.49 -23.99
CA PRO M 85 20.13 35.97 -23.31
C PRO M 85 19.80 34.53 -23.70
N ARG M 86 19.95 34.23 -24.97
CA ARG M 86 19.71 32.92 -25.51
C ARG M 86 20.67 31.87 -24.96
N ALA M 87 21.95 32.24 -24.83
CA ALA M 87 22.96 31.35 -24.28
C ALA M 87 22.68 31.01 -22.83
N ILE M 88 22.31 32.01 -22.04
CA ILE M 88 21.94 31.83 -20.67
C ILE M 88 20.69 30.94 -20.57
N HIS M 89 19.74 31.14 -21.48
CA HIS M 89 18.53 30.28 -21.57
C HIS M 89 18.88 28.82 -21.90
N SER M 90 19.82 28.63 -22.84
CA SER M 90 20.34 27.30 -23.17
C SER M 90 20.99 26.63 -21.94
N TRP M 91 21.87 27.36 -21.29
CA TRP M 91 22.60 26.84 -20.11
C TRP M 91 21.60 26.37 -19.04
N LEU M 92 20.61 27.22 -18.80
CA LEU M 92 19.56 26.95 -17.82
C LEU M 92 18.76 25.69 -18.18
N THR M 93 18.40 25.55 -19.45
CA THR M 93 17.75 24.36 -19.92
C THR M 93 18.58 23.10 -19.58
N ARG M 94 19.87 23.14 -19.93
CA ARG M 94 20.77 22.03 -19.66
C ARG M 94 20.91 21.70 -18.19
N ALA M 95 21.02 22.73 -17.36
CA ALA M 95 21.21 22.54 -15.93
C ALA M 95 19.95 21.88 -15.32
N MET M 96 18.77 22.40 -15.67
CA MET M 96 17.52 21.85 -15.13
C MET M 96 17.30 20.43 -15.62
N TYR M 97 17.50 20.18 -16.91
CA TYR M 97 17.37 18.83 -17.45
C TYR M 97 18.29 17.85 -16.74
N SER M 98 19.52 18.30 -16.57
CA SER M 98 20.52 17.45 -15.97
C SER M 98 20.14 17.09 -14.51
N ARG M 99 19.61 18.04 -13.76
CA ARG M 99 19.26 17.81 -12.36
C ARG M 99 18.00 16.90 -12.31
N ARG M 100 17.04 17.14 -13.22
CA ARG M 100 15.88 16.25 -13.44
C ARG M 100 16.33 14.80 -13.69
N SER M 101 17.35 14.64 -14.52
CA SER M 101 17.83 13.32 -14.97
C SER M 101 18.59 12.61 -13.88
N LYS M 102 19.03 13.33 -12.86
CA LYS M 102 19.55 12.68 -11.63
C LYS M 102 18.49 12.46 -10.58
N MET M 103 17.22 12.72 -10.91
CA MET M 103 16.10 12.58 -9.95
C MET M 103 16.29 13.52 -8.77
N ASN M 104 16.90 14.67 -9.01
CA ASN M 104 17.11 15.63 -7.97
C ASN M 104 16.95 17.05 -8.48
N PRO M 105 15.72 17.40 -8.87
CA PRO M 105 15.50 18.67 -9.54
C PRO M 105 15.80 19.88 -8.67
N LEU M 106 16.06 20.97 -9.34
CA LEU M 106 15.93 22.30 -8.81
C LEU M 106 14.47 22.65 -9.06
N TRP M 107 13.76 22.97 -8.00
CA TRP M 107 12.27 23.08 -8.03
C TRP M 107 11.82 24.50 -8.43
N ASN M 108 12.08 24.86 -9.69
CA ASN M 108 11.81 26.20 -10.14
C ASN M 108 11.21 26.18 -11.52
N THR M 109 10.42 27.21 -11.81
CA THR M 109 10.00 27.54 -13.16
C THR M 109 10.44 28.95 -13.43
N MET M 110 11.15 29.18 -14.54
CA MET M 110 11.78 30.45 -14.79
C MET M 110 11.47 31.11 -16.14
N VAL M 111 11.54 32.45 -16.11
CA VAL M 111 11.30 33.32 -17.26
C VAL M 111 12.63 34.11 -17.42
N ILE M 112 13.24 34.01 -18.60
CA ILE M 112 14.45 34.72 -18.97
C ILE M 112 14.00 35.78 -19.96
N GLY M 113 14.33 37.02 -19.65
CA GLY M 113 14.05 38.14 -20.51
C GLY M 113 15.37 38.75 -20.96
N GLY M 114 15.47 39.17 -22.21
CA GLY M 114 16.70 39.80 -22.68
C GLY M 114 16.52 40.70 -23.86
N TYR M 115 17.56 41.45 -24.14
CA TYR M 115 17.63 42.28 -25.32
C TYR M 115 19.09 42.32 -25.81
N ALA M 116 19.32 41.86 -27.02
CA ALA M 116 20.66 41.85 -27.63
C ALA M 116 20.53 41.90 -29.15
N ASP M 117 21.44 42.65 -29.79
CA ASP M 117 21.52 42.80 -31.25
C ASP M 117 20.17 43.22 -31.84
N GLY M 118 19.55 44.24 -31.28
CA GLY M 118 18.23 44.64 -31.74
C GLY M 118 17.04 43.69 -31.60
N GLU M 119 17.19 42.54 -30.93
CA GLU M 119 16.13 41.54 -30.80
C GLU M 119 15.73 41.33 -29.33
N SER M 120 14.43 41.34 -29.03
CA SER M 120 13.91 40.96 -27.70
C SER M 120 13.93 39.44 -27.53
N PHE M 121 14.43 38.97 -26.39
CA PHE M 121 14.40 37.56 -26.08
C PHE M 121 13.53 37.25 -24.86
N LEU M 122 12.70 36.20 -24.98
CA LEU M 122 11.86 35.78 -23.85
C LEU M 122 11.66 34.29 -23.85
N GLY M 123 12.15 33.64 -22.79
CA GLY M 123 12.27 32.21 -22.77
C GLY M 123 11.82 31.64 -21.45
N TYR M 124 11.25 30.44 -21.52
CA TYR M 124 10.76 29.70 -20.34
C TYR M 124 11.63 28.50 -20.08
N VAL M 125 11.95 28.21 -18.83
CA VAL M 125 12.51 26.90 -18.45
C VAL M 125 11.83 26.37 -17.20
N ASP M 126 11.48 25.09 -17.18
CA ASP M 126 10.90 24.49 -15.99
C ASP M 126 11.83 23.45 -15.38
N MET M 127 11.41 22.87 -14.25
CA MET M 127 12.26 21.95 -13.53
C MET M 127 12.54 20.64 -14.20
N LEU M 128 11.85 20.35 -15.30
CA LEU M 128 12.12 19.15 -16.07
C LEU M 128 12.98 19.38 -17.32
N GLY M 129 13.41 20.62 -17.57
CA GLY M 129 14.07 20.96 -18.81
C GLY M 129 13.17 21.31 -19.98
N VAL M 130 11.87 21.51 -19.75
CA VAL M 130 10.94 22.01 -20.78
C VAL M 130 11.27 23.48 -20.98
N ALA M 131 11.57 23.85 -22.22
CA ALA M 131 12.00 25.19 -22.55
C ALA M 131 11.58 25.59 -23.95
N TYR M 132 11.23 26.85 -24.11
CA TYR M 132 10.69 27.37 -25.36
C TYR M 132 10.70 28.86 -25.25
N GLU M 133 10.44 29.52 -26.37
CA GLU M 133 10.34 30.98 -26.41
C GLU M 133 8.97 31.43 -26.89
N ALA M 134 8.56 32.62 -26.50
CA ALA M 134 7.25 33.10 -26.88
C ALA M 134 7.16 34.60 -26.63
N PRO M 135 6.21 35.26 -27.26
CA PRO M 135 6.04 36.72 -27.07
C PRO M 135 5.62 37.13 -25.65
N SER M 136 4.93 36.22 -24.94
CA SER M 136 4.57 36.42 -23.55
C SER M 136 4.59 35.09 -22.80
N LEU M 137 4.85 35.17 -21.51
CA LEU M 137 4.95 34.01 -20.67
C LEU M 137 4.36 34.34 -19.32
N ALA M 138 3.89 33.29 -18.65
CA ALA M 138 3.34 33.37 -17.30
C ALA M 138 3.41 31.99 -16.61
N THR M 139 4.21 31.88 -15.55
CA THR M 139 4.34 30.65 -14.84
C THR M 139 3.25 30.56 -13.74
N GLY M 140 3.10 29.39 -13.16
CA GLY M 140 2.21 29.21 -12.03
C GLY M 140 0.75 29.50 -12.39
N TYR M 141 0.02 30.07 -11.44
CA TYR M 141 -1.35 30.49 -11.69
C TYR M 141 -1.44 31.55 -12.80
N GLY M 142 -0.34 32.26 -13.06
CA GLY M 142 -0.28 33.18 -14.17
C GLY M 142 -0.58 32.54 -15.51
N ALA M 143 -0.25 31.26 -15.68
CA ALA M 143 -0.55 30.55 -16.92
C ALA M 143 -2.04 30.50 -17.20
N TYR M 144 -2.83 30.48 -16.10
CA TYR M 144 -4.31 30.44 -16.15
C TYR M 144 -5.02 31.77 -16.14
N LEU M 145 -4.47 32.73 -15.41
CA LEU M 145 -5.12 34.00 -15.12
C LEU M 145 -4.54 35.15 -15.97
N ALA M 146 -3.23 35.18 -16.17
CA ALA M 146 -2.54 36.30 -16.85
C ALA M 146 -2.35 36.03 -18.34
N GLN M 147 -1.80 34.86 -18.67
CA GLN M 147 -1.56 34.48 -20.09
C GLN M 147 -2.75 34.67 -21.04
N PRO M 148 -4.00 34.29 -20.63
CA PRO M 148 -5.13 34.63 -21.52
C PRO M 148 -5.27 36.13 -21.86
N LEU M 149 -5.06 36.99 -20.88
CA LEU M 149 -5.12 38.44 -21.13
C LEU M 149 -3.92 38.91 -21.97
N LEU M 150 -2.74 38.38 -21.69
CA LEU M 150 -1.55 38.76 -22.48
C LEU M 150 -1.76 38.43 -23.96
N ARG M 151 -2.17 37.20 -24.23
CA ARG M 151 -2.28 36.69 -25.58
C ARG M 151 -3.38 37.36 -26.36
N GLU M 152 -4.45 37.71 -25.66
CA GLU M 152 -5.59 38.36 -26.30
C GLU M 152 -5.20 39.76 -26.84
N VAL M 153 -4.50 40.54 -26.02
CA VAL M 153 -3.94 41.83 -26.43
C VAL M 153 -2.93 41.65 -27.58
N LEU M 154 -1.97 40.74 -27.40
CA LEU M 154 -0.95 40.43 -28.42
C LEU M 154 -1.46 39.97 -29.78
N GLU M 155 -2.68 39.42 -29.81
CA GLU M 155 -3.29 38.97 -31.08
C GLU M 155 -3.84 40.14 -31.87
N LYS M 156 -4.55 41.03 -31.20
CA LYS M 156 -4.95 42.30 -31.80
C LYS M 156 -3.81 43.25 -32.17
N GLN M 157 -2.67 43.13 -31.49
CA GLN M 157 -1.55 44.07 -31.64
C GLN M 157 -0.27 43.37 -31.21
N PRO M 158 0.41 42.68 -32.15
CA PRO M 158 1.61 41.89 -31.76
C PRO M 158 2.79 42.73 -31.27
N VAL M 159 2.86 43.99 -31.69
CA VAL M 159 3.94 44.92 -31.29
C VAL M 159 3.40 45.96 -30.31
N LEU M 160 3.88 45.89 -29.07
CA LEU M 160 3.50 46.81 -28.00
C LEU M 160 4.62 47.76 -27.70
N SER M 161 4.26 48.94 -27.27
CA SER M 161 5.23 49.88 -26.77
C SER M 161 5.59 49.51 -25.34
N GLN M 162 6.64 50.12 -24.84
CA GLN M 162 7.05 49.85 -23.47
C GLN M 162 5.95 50.19 -22.46
N THR M 163 5.25 51.32 -22.65
CA THR M 163 4.28 51.74 -21.65
C THR M 163 3.01 50.88 -21.74
N GLU M 164 2.63 50.47 -22.96
CA GLU M 164 1.58 49.47 -23.20
C GLU M 164 1.87 48.13 -22.51
N ALA M 165 3.09 47.60 -22.67
CA ALA M 165 3.48 46.37 -22.02
C ALA M 165 3.47 46.49 -20.51
N ARG M 166 3.92 47.64 -20.02
CA ARG M 166 3.93 47.89 -18.56
C ARG M 166 2.49 47.97 -17.97
N ASP M 167 1.57 48.68 -18.65
CA ASP M 167 0.18 48.79 -18.23
CA ASP M 167 0.15 48.75 -18.25
C ASP M 167 -0.51 47.38 -18.23
N LEU M 168 -0.22 46.57 -19.24
CA LEU M 168 -0.76 45.24 -19.38
C LEU M 168 -0.28 44.31 -18.26
N VAL M 169 1.01 44.38 -17.94
CA VAL M 169 1.56 43.69 -16.79
C VAL M 169 0.90 44.15 -15.47
N GLU M 170 0.66 45.44 -15.28
CA GLU M 170 0.03 45.91 -14.05
C GLU M 170 -1.37 45.28 -13.88
N ARG M 171 -2.14 45.25 -14.97
CA ARG M 171 -3.49 44.68 -15.00
C ARG M 171 -3.45 43.20 -14.63
N CYS M 172 -2.50 42.45 -15.20
CA CYS M 172 -2.30 41.04 -14.86
C CYS M 172 -1.94 40.84 -13.40
N MET M 173 -1.06 41.70 -12.86
CA MET M 173 -0.71 41.58 -11.44
C MET M 173 -1.93 41.80 -10.51
N ARG M 174 -2.84 42.67 -10.91
CA ARG M 174 -4.04 42.95 -10.16
C ARG M 174 -4.93 41.69 -10.14
N VAL M 175 -5.13 41.09 -11.30
CA VAL M 175 -5.91 39.88 -11.41
C VAL M 175 -5.34 38.78 -10.50
N LEU M 176 -4.03 38.60 -10.55
CA LEU M 176 -3.37 37.61 -9.70
C LEU M 176 -3.54 37.90 -8.22
N TYR M 177 -3.42 39.16 -7.82
CA TYR M 177 -3.69 39.49 -6.42
C TYR M 177 -5.15 39.12 -6.03
N TYR M 178 -6.08 39.29 -6.95
CA TYR M 178 -7.49 38.96 -6.67
C TYR M 178 -7.76 37.46 -6.49
N ARG M 179 -7.05 36.63 -7.25
CA ARG M 179 -7.44 35.24 -7.50
C ARG M 179 -6.43 34.16 -7.13
N ASP M 180 -5.18 34.52 -6.86
CA ASP M 180 -4.16 33.56 -6.43
C ASP M 180 -3.96 33.75 -4.92
N ALA M 181 -4.29 32.74 -4.14
CA ALA M 181 -4.18 32.78 -2.70
C ALA M 181 -2.74 32.76 -2.17
N ARG M 182 -1.74 32.58 -3.05
CA ARG M 182 -0.33 32.72 -2.66
C ARG M 182 0.33 33.98 -3.22
N SER M 183 -0.44 34.92 -3.74
CA SER M 183 0.12 36.16 -4.25
C SER M 183 0.22 37.15 -3.12
N TYR M 184 0.85 38.27 -3.45
CA TYR M 184 1.02 39.37 -2.53
C TYR M 184 1.10 40.70 -3.29
N ASN M 185 0.56 41.77 -2.71
CA ASN M 185 0.40 43.05 -3.44
C ASN M 185 1.60 43.97 -3.27
N ARG M 186 2.76 43.44 -3.61
CA ARG M 186 4.03 44.10 -3.43
C ARG M 186 4.89 43.37 -4.41
N PHE M 187 5.16 44.03 -5.53
CA PHE M 187 5.90 43.40 -6.60
C PHE M 187 7.03 44.28 -7.20
N GLN M 188 7.85 43.65 -8.02
CA GLN M 188 8.88 44.29 -8.82
C GLN M 188 8.57 44.16 -10.29
N ILE M 189 9.03 45.13 -11.05
CA ILE M 189 8.98 45.07 -12.48
C ILE M 189 10.42 45.27 -12.94
N ALA M 190 10.89 44.38 -13.81
CA ALA M 190 12.23 44.51 -14.33
C ALA M 190 12.14 44.64 -15.83
N THR M 191 12.94 45.55 -16.38
CA THR M 191 12.86 45.88 -17.78
C THR M 191 14.26 45.78 -18.38
N VAL M 192 14.38 45.18 -19.57
CA VAL M 192 15.62 45.18 -20.30
C VAL M 192 15.42 45.85 -21.65
N THR M 193 16.34 46.75 -21.97
CA THR M 193 16.42 47.43 -23.26
C THR M 193 17.91 47.54 -23.67
N GLU M 194 18.17 48.20 -24.79
CA GLU M 194 19.49 48.73 -25.14
C GLU M 194 20.34 49.29 -23.99
N LYS M 195 19.70 49.97 -23.04
CA LYS M 195 20.41 50.63 -21.96
C LYS M 195 20.76 49.67 -20.79
N GLY M 196 20.29 48.44 -20.84
CA GLY M 196 20.54 47.48 -19.78
C GLY M 196 19.27 47.07 -19.05
N VAL M 197 19.46 46.57 -17.82
CA VAL M 197 18.41 46.02 -17.00
C VAL M 197 18.13 46.99 -15.85
N GLU M 198 16.86 47.33 -15.64
CA GLU M 198 16.40 48.08 -14.44
C GLU M 198 15.37 47.26 -13.70
N ILE M 199 15.48 47.25 -12.39
CA ILE M 199 14.54 46.60 -11.51
C ILE M 199 13.90 47.70 -10.71
N GLU M 200 12.56 47.79 -10.77
CA GLU M 200 11.82 48.76 -9.97
C GLU M 200 10.99 48.03 -8.94
N GLY M 201 10.84 48.64 -7.78
CA GLY M 201 10.01 48.17 -6.72
C GLY M 201 10.39 48.86 -5.43
N PRO M 202 9.64 48.62 -4.36
CA PRO M 202 8.42 47.81 -4.36
C PRO M 202 7.20 48.55 -4.95
N LEU M 203 6.41 47.84 -5.76
CA LEU M 203 5.21 48.37 -6.41
C LEU M 203 3.94 47.69 -5.86
N SER M 204 2.80 48.39 -5.95
CA SER M 204 1.47 47.89 -5.57
C SER M 204 0.52 48.21 -6.66
N THR M 205 -0.50 47.39 -6.82
CA THR M 205 -1.64 47.79 -7.70
C THR M 205 -2.77 48.34 -6.85
N GLU M 206 -3.50 49.31 -7.41
CA GLU M 206 -4.82 49.69 -6.91
C GLU M 206 -5.76 48.49 -7.05
N THR M 207 -6.73 48.40 -6.14
CA THR M 207 -7.73 47.34 -6.20
C THR M 207 -9.13 47.93 -5.97
N ASN M 208 -10.14 47.21 -6.44
CA ASN M 208 -11.53 47.63 -6.28
C ASN M 208 -12.30 46.49 -5.57
N TRP M 209 -13.10 46.85 -4.55
CA TRP M 209 -13.82 45.88 -3.74
C TRP M 209 -15.32 46.22 -3.72
N ASP M 210 -15.80 46.80 -4.83
CA ASP M 210 -17.19 47.26 -4.96
C ASP M 210 -18.12 46.06 -4.88
N ILE M 211 -17.68 44.93 -5.43
CA ILE M 211 -18.50 43.74 -5.45
C ILE M 211 -18.88 43.21 -4.05
N ALA M 212 -18.11 43.59 -3.02
CA ALA M 212 -18.44 43.28 -1.62
C ALA M 212 -19.84 43.77 -1.19
N HIS M 213 -20.36 44.85 -1.80
CA HIS M 213 -21.73 45.34 -1.56
C HIS M 213 -22.75 44.92 -2.61
N MET M 214 -22.37 44.06 -3.57
CA MET M 214 -23.25 43.58 -4.67
C MET M 214 -23.77 42.11 -4.46
N ILE M 215 -23.99 41.71 -3.19
CA ILE M 215 -24.53 40.39 -2.82
C ILE M 215 -25.86 40.59 -2.08
N SER M 216 -26.95 40.01 -2.55
CA SER M 216 -28.20 40.02 -1.76
C SER M 216 -29.36 39.23 -2.40
N THR N 1 9.40 24.59 19.86
CA THR N 1 10.38 25.72 19.94
C THR N 1 9.86 27.01 19.43
N THR N 2 10.22 28.08 20.12
CA THR N 2 10.09 29.41 19.58
C THR N 2 11.46 30.14 19.65
N ILE N 3 11.92 30.69 18.53
CA ILE N 3 13.18 31.46 18.51
C ILE N 3 12.92 32.78 17.85
N MET N 4 13.73 33.77 18.22
CA MET N 4 13.56 35.14 17.78
C MET N 4 14.88 35.90 17.88
N ALA N 5 15.09 36.82 16.95
CA ALA N 5 16.18 37.79 17.02
C ALA N 5 15.77 39.12 16.42
N VAL N 6 16.31 40.19 16.98
CA VAL N 6 15.95 41.54 16.60
C VAL N 6 17.20 42.37 16.50
N GLN N 7 17.31 43.15 15.44
CA GLN N 7 18.39 44.12 15.26
C GLN N 7 18.06 45.40 16.00
N PHE N 8 19.07 46.01 16.61
CA PHE N 8 18.97 47.40 17.07
C PHE N 8 20.24 48.15 16.67
N ASP N 9 20.29 49.45 16.91
CA ASP N 9 21.43 50.24 16.46
C ASP N 9 22.62 49.99 17.39
N GLY N 10 23.57 49.17 16.94
CA GLY N 10 24.73 48.72 17.71
C GLY N 10 24.77 47.25 18.09
N GLY N 11 23.73 46.47 17.74
CA GLY N 11 23.73 45.08 18.13
C GLY N 11 22.47 44.32 17.84
N VAL N 12 22.37 43.15 18.47
CA VAL N 12 21.23 42.25 18.37
C VAL N 12 20.77 41.73 19.73
N VAL N 13 19.51 41.33 19.76
CA VAL N 13 18.90 40.61 20.87
C VAL N 13 18.36 39.28 20.31
N LEU N 14 18.65 38.19 21.02
CA LEU N 14 18.25 36.83 20.63
C LEU N 14 17.46 36.28 21.79
N GLY N 15 16.51 35.42 21.46
CA GLY N 15 15.75 34.71 22.47
C GLY N 15 15.27 33.36 22.01
N ALA N 16 15.05 32.51 23.00
CA ALA N 16 14.50 31.19 22.78
C ALA N 16 13.75 30.70 23.99
N ASP N 17 12.78 29.84 23.77
CA ASP N 17 12.19 29.00 24.85
C ASP N 17 13.19 27.90 25.17
N SER N 18 12.84 26.98 26.05
CA SER N 18 13.79 25.99 26.55
C SER N 18 13.27 24.57 26.51
N ARG N 19 12.33 24.25 25.62
CA ARG N 19 11.68 22.95 25.65
C ARG N 19 12.19 22.04 24.54
N THR N 20 12.60 20.83 24.89
CA THR N 20 12.87 19.76 23.95
C THR N 20 11.85 18.62 24.17
N THR N 21 11.21 18.14 23.11
CA THR N 21 10.19 17.08 23.20
C THR N 21 10.48 15.90 22.29
N THR N 22 10.13 14.73 22.79
CA THR N 22 9.89 13.51 21.97
C THR N 22 8.44 13.18 22.14
N GLY N 23 7.66 13.30 21.08
CA GLY N 23 6.21 13.13 21.13
C GLY N 23 5.77 14.24 22.06
N SER N 24 5.07 13.91 23.12
CA SER N 24 4.71 14.96 24.04
C SER N 24 5.32 14.77 25.45
N TYR N 25 6.36 13.95 25.56
CA TYR N 25 7.28 13.97 26.69
C TYR N 25 8.37 15.07 26.59
N ILE N 26 8.58 15.81 27.67
CA ILE N 26 9.58 16.87 27.68
C ILE N 26 10.92 16.25 28.15
N ALA N 27 11.84 16.12 27.22
CA ALA N 27 13.12 15.47 27.46
C ALA N 27 14.12 16.40 28.09
N ASN N 28 13.92 17.69 27.89
CA ASN N 28 14.71 18.72 28.56
C ASN N 28 13.79 19.93 28.75
N ARG N 29 13.63 20.38 29.98
CA ARG N 29 12.76 21.55 30.25
C ARG N 29 13.53 22.89 30.32
N VAL N 30 14.87 22.82 30.27
CA VAL N 30 15.72 24.01 30.37
C VAL N 30 16.85 24.03 29.29
N THR N 31 16.50 23.58 28.08
CA THR N 31 17.38 23.57 26.96
C THR N 31 17.97 24.96 26.64
N ASP N 32 19.23 24.97 26.27
CA ASP N 32 19.85 26.19 25.83
C ASP N 32 19.91 26.16 24.27
N LYS N 33 18.99 26.89 23.63
CA LYS N 33 18.87 26.87 22.17
C LYS N 33 19.64 28.01 21.49
N LEU N 34 20.38 28.79 22.27
CA LEU N 34 21.11 29.89 21.75
C LEU N 34 22.56 29.45 21.86
N THR N 35 23.17 29.08 20.73
CA THR N 35 24.53 28.59 20.80
C THR N 35 25.55 29.55 20.18
N PRO N 36 26.61 29.86 20.94
CA PRO N 36 27.70 30.73 20.44
C PRO N 36 28.51 30.08 19.33
N ILE N 37 28.64 30.78 18.23
CA ILE N 37 29.44 30.28 17.08
C ILE N 37 30.80 30.98 17.03
N HIS N 38 30.88 32.21 17.50
CA HIS N 38 32.16 32.92 17.67
C HIS N 38 31.93 33.93 18.79
N ASP N 39 32.92 34.74 19.14
CA ASP N 39 32.83 35.74 20.22
C ASP N 39 31.56 36.59 20.19
N ARG N 40 31.09 36.98 18.98
CA ARG N 40 29.89 37.85 18.87
C ARG N 40 28.86 37.41 17.84
N ILE N 41 28.78 36.11 17.63
CA ILE N 41 27.87 35.52 16.65
C ILE N 41 27.23 34.28 17.26
N PHE N 42 25.90 34.30 17.32
CA PHE N 42 25.11 33.21 17.88
C PHE N 42 24.21 32.63 16.81
N CYS N 43 23.84 31.37 17.00
CA CYS N 43 22.68 30.84 16.31
C CYS N 43 21.61 30.40 17.32
N CYS N 44 20.36 30.66 16.94
CA CYS N 44 19.16 30.14 17.59
C CYS N 44 18.74 28.90 16.82
N ARG N 45 18.55 27.79 17.52
CA ARG N 45 18.27 26.53 16.89
C ARG N 45 16.81 26.05 17.09
N SER N 46 16.18 25.68 15.99
CA SER N 46 14.89 24.93 16.04
C SER N 46 14.94 23.70 15.12
N GLY N 47 14.05 22.74 15.39
CA GLY N 47 13.90 21.54 14.58
C GLY N 47 14.51 20.38 15.31
N SER N 48 15.32 19.59 14.61
CA SER N 48 15.99 18.43 15.22
C SER N 48 17.15 18.86 16.10
N ALA N 49 17.18 18.39 17.34
CA ALA N 49 18.26 18.65 18.24
C ALA N 49 19.61 18.09 17.74
N ALA N 50 19.62 16.85 17.29
CA ALA N 50 20.78 16.22 16.79
C ALA N 50 21.36 16.96 15.56
N ASP N 51 20.48 17.28 14.61
CA ASP N 51 20.87 17.98 13.39
C ASP N 51 21.45 19.37 13.67
N THR N 52 20.77 20.15 14.50
CA THR N 52 21.18 21.50 14.76
C THR N 52 22.44 21.56 15.61
N GLN N 53 22.60 20.63 16.56
CA GLN N 53 23.86 20.49 17.28
C GLN N 53 25.04 20.14 16.35
N ALA N 54 24.83 19.17 15.46
CA ALA N 54 25.92 18.71 14.56
C ALA N 54 26.33 19.81 13.61
N VAL N 55 25.33 20.51 13.04
CA VAL N 55 25.56 21.61 12.09
C VAL N 55 26.29 22.77 12.81
N ALA N 56 25.80 23.13 13.99
CA ALA N 56 26.40 24.23 14.74
C ALA N 56 27.86 23.96 15.11
N ASP N 57 28.20 22.71 15.51
CA ASP N 57 29.60 22.33 15.85
C ASP N 57 30.49 22.41 14.61
N ALA N 58 29.96 21.96 13.46
CA ALA N 58 30.68 22.02 12.23
C ALA N 58 30.94 23.44 11.79
N VAL N 59 29.98 24.33 11.87
CA VAL N 59 30.18 25.74 11.47
C VAL N 59 31.13 26.49 12.42
N THR N 60 31.01 26.20 13.71
CA THR N 60 31.89 26.70 14.72
C THR N 60 33.34 26.39 14.37
N TYR N 61 33.60 25.13 14.02
CA TYR N 61 34.90 24.68 13.51
C TYR N 61 35.36 25.42 12.27
N GLN N 62 34.50 25.48 11.26
CA GLN N 62 34.85 26.19 10.01
C GLN N 62 35.18 27.66 10.23
N LEU N 63 34.34 28.31 11.04
CA LEU N 63 34.45 29.72 11.26
C LEU N 63 35.68 30.09 12.10
N GLY N 64 35.98 29.27 13.10
CA GLY N 64 37.10 29.46 13.95
C GLY N 64 38.40 29.41 13.16
N PHE N 65 38.50 28.42 12.27
CA PHE N 65 39.68 28.24 11.43
C PHE N 65 39.84 29.41 10.45
N HIS N 66 38.77 29.74 9.77
CA HIS N 66 38.66 30.95 8.88
C HIS N 66 39.17 32.21 9.58
N SER N 67 38.64 32.41 10.78
CA SER N 67 38.98 33.56 11.57
C SER N 67 40.48 33.65 11.96
N ILE N 68 41.09 32.53 12.31
CA ILE N 68 42.49 32.50 12.63
C ILE N 68 43.30 32.78 11.36
N GLU N 69 42.86 32.23 10.24
CA GLU N 69 43.55 32.45 8.96
C GLU N 69 43.59 33.91 8.57
N LEU N 70 42.45 34.58 8.65
CA LEU N 70 42.35 36.00 8.37
C LEU N 70 42.90 36.92 9.47
N ASN N 71 43.07 36.41 10.68
CA ASN N 71 43.44 37.25 11.81
C ASN N 71 42.50 38.46 11.99
N GLU N 72 41.21 38.21 11.89
CA GLU N 72 40.20 39.23 12.04
C GLU N 72 38.97 38.59 12.61
N PRO N 73 38.12 39.39 13.26
CA PRO N 73 36.82 38.79 13.65
C PRO N 73 35.97 38.44 12.44
N PRO N 74 35.26 37.32 12.50
CA PRO N 74 34.42 36.95 11.36
C PRO N 74 33.17 37.84 11.18
N LEU N 75 32.76 38.00 9.92
CA LEU N 75 31.59 38.70 9.55
C LEU N 75 30.33 37.87 9.93
N VAL N 76 29.26 38.54 10.37
CA VAL N 76 28.02 37.79 10.67
C VAL N 76 27.47 37.10 9.40
N HIS N 77 27.56 37.81 8.29
CA HIS N 77 27.19 37.32 6.95
C HIS N 77 27.94 36.04 6.53
N THR N 78 29.18 35.91 6.96
CA THR N 78 29.96 34.71 6.71
C THR N 78 29.48 33.50 7.52
N ALA N 79 29.26 33.69 8.80
CA ALA N 79 28.68 32.62 9.61
C ALA N 79 27.31 32.18 9.06
N ALA N 80 26.49 33.12 8.64
CA ALA N 80 25.21 32.77 8.05
C ALA N 80 25.41 32.00 6.75
N SER N 81 26.36 32.45 5.93
CA SER N 81 26.67 31.78 4.66
C SER N 81 27.08 30.32 4.86
N LEU N 82 27.89 30.07 5.89
CA LEU N 82 28.33 28.71 6.19
C LEU N 82 27.15 27.82 6.65
N PHE N 83 26.28 28.38 7.48
CA PHE N 83 25.07 27.65 7.87
C PHE N 83 24.20 27.29 6.65
N LYS N 84 24.02 28.29 5.80
CA LYS N 84 23.22 28.17 4.60
C LYS N 84 23.78 27.12 3.69
N GLU N 85 25.10 27.14 3.42
CA GLU N 85 25.72 26.15 2.53
C GLU N 85 25.47 24.73 3.02
N MET N 86 25.60 24.51 4.29
CA MET N 86 25.41 23.18 4.87
CA MET N 86 25.41 23.18 4.87
C MET N 86 23.93 22.77 4.93
N CYS N 87 23.05 23.68 5.41
CA CYS N 87 21.59 23.43 5.45
C CYS N 87 20.94 23.30 4.07
N TYR N 88 21.45 23.98 3.04
CA TYR N 88 20.97 23.80 1.66
C TYR N 88 21.44 22.52 1.01
N ARG N 89 22.74 22.28 1.04
CA ARG N 89 23.37 21.06 0.50
C ARG N 89 22.74 19.77 1.06
N TYR N 90 22.49 19.78 2.37
CA TYR N 90 21.95 18.60 3.05
C TYR N 90 20.45 18.78 3.44
N ARG N 91 19.72 19.60 2.68
CA ARG N 91 18.30 19.89 2.97
C ARG N 91 17.47 18.62 3.06
N GLU N 92 17.78 17.62 2.28
CA GLU N 92 17.03 16.41 2.30
C GLU N 92 17.36 15.51 3.52
N ASP N 93 18.40 15.81 4.29
CA ASP N 93 18.80 14.96 5.41
C ASP N 93 18.82 15.68 6.73
N LEU N 94 18.31 16.89 6.80
CA LEU N 94 18.36 17.69 8.00
C LEU N 94 16.98 18.30 8.24
N MET N 95 16.68 18.52 9.50
CA MET N 95 15.54 19.26 9.95
C MET N 95 16.08 20.36 10.86
N ALA N 96 16.28 21.55 10.30
CA ALA N 96 16.93 22.63 10.97
C ALA N 96 16.33 23.96 10.54
N GLY N 97 15.83 24.72 11.49
CA GLY N 97 15.36 26.10 11.24
C GLY N 97 16.17 26.99 12.13
N ILE N 98 16.99 27.83 11.49
CA ILE N 98 18.09 28.55 12.17
C ILE N 98 17.91 30.06 12.03
N ILE N 99 18.26 30.76 13.10
CA ILE N 99 18.47 32.19 13.04
C ILE N 99 19.91 32.46 13.46
N ILE N 100 20.63 33.19 12.63
CA ILE N 100 22.02 33.61 12.92
C ILE N 100 21.99 35.08 13.18
N ALA N 101 22.51 35.46 14.32
CA ALA N 101 22.57 36.87 14.66
C ALA N 101 23.86 37.17 15.42
N GLY N 102 24.32 38.39 15.27
CA GLY N 102 25.53 38.80 15.96
C GLY N 102 25.97 40.20 15.58
N TRP N 103 27.22 40.53 15.94
CA TRP N 103 27.80 41.84 15.68
C TRP N 103 29.17 41.63 15.00
N ASP N 104 29.47 42.45 14.01
CA ASP N 104 30.89 42.61 13.52
C ASP N 104 31.21 44.07 13.26
N PRO N 105 32.51 44.40 13.14
CA PRO N 105 32.85 45.81 13.01
C PRO N 105 32.46 46.45 11.67
N GLN N 106 32.15 45.65 10.68
CA GLN N 106 31.93 46.17 9.35
C GLN N 106 30.47 46.52 9.11
N GLU N 107 29.57 45.65 9.53
CA GLU N 107 28.15 45.83 9.31
C GLU N 107 27.29 45.94 10.58
N GLY N 108 27.91 45.88 11.76
CA GLY N 108 27.18 46.03 13.03
C GLY N 108 26.27 44.88 13.35
N GLY N 109 25.10 45.19 13.93
CA GLY N 109 24.15 44.20 14.32
C GLY N 109 23.37 43.65 13.15
N GLN N 110 23.35 42.33 13.03
CA GLN N 110 22.66 41.68 11.91
C GLN N 110 21.92 40.41 12.31
N VAL N 111 20.74 40.21 11.70
CA VAL N 111 19.91 39.01 11.86
C VAL N 111 19.67 38.31 10.52
N TYR N 112 19.97 37.01 10.44
CA TYR N 112 19.76 36.24 9.23
C TYR N 112 18.89 35.05 9.57
N SER N 113 17.87 34.81 8.73
CA SER N 113 17.09 33.56 8.79
C SER N 113 17.59 32.57 7.77
N VAL N 114 17.88 31.34 8.25
CA VAL N 114 18.10 30.20 7.42
C VAL N 114 17.03 29.14 7.75
N PRO N 115 15.83 29.29 7.15
CA PRO N 115 14.73 28.34 7.48
C PRO N 115 15.00 27.00 6.80
N MET N 116 14.14 26.03 7.08
CA MET N 116 14.26 24.73 6.43
C MET N 116 14.25 24.84 4.92
N GLY N 117 15.11 24.06 4.27
CA GLY N 117 15.35 24.18 2.86
C GLY N 117 16.68 24.91 2.53
N GLY N 118 17.13 25.78 3.43
CA GLY N 118 18.41 26.43 3.29
C GLY N 118 18.49 27.69 2.45
N MET N 119 17.40 28.42 2.35
CA MET N 119 17.49 29.82 1.90
C MET N 119 18.12 30.68 3.00
N MET N 120 18.59 31.87 2.65
CA MET N 120 19.13 32.82 3.63
C MET N 120 18.63 34.20 3.29
N VAL N 121 18.15 34.91 4.28
CA VAL N 121 17.67 36.27 4.06
C VAL N 121 17.99 37.09 5.31
N ARG N 122 18.43 38.33 5.11
CA ARG N 122 18.61 39.25 6.21
C ARG N 122 17.26 39.87 6.59
N GLN N 123 16.98 40.01 7.90
CA GLN N 123 15.75 40.66 8.40
C GLN N 123 16.00 41.62 9.58
N SER N 124 15.10 42.61 9.76
CA SER N 124 15.10 43.49 10.93
C SER N 124 14.94 42.69 12.20
N PHE N 125 14.01 41.75 12.14
CA PHE N 125 13.85 40.73 13.17
C PHE N 125 13.38 39.45 12.52
N ALA N 126 13.61 38.33 13.18
CA ALA N 126 13.23 37.04 12.68
C ALA N 126 12.58 36.23 13.79
N ILE N 127 11.65 35.37 13.38
CA ILE N 127 11.07 34.39 14.28
C ILE N 127 11.05 33.04 13.59
N GLY N 128 11.12 31.98 14.38
CA GLY N 128 11.06 30.63 13.85
C GLY N 128 10.68 29.61 14.89
N GLY N 129 10.58 28.37 14.45
CA GLY N 129 10.16 27.25 15.28
C GLY N 129 8.64 27.12 15.25
N SER N 130 8.15 25.99 15.72
CA SER N 130 6.71 25.70 15.77
C SER N 130 5.85 26.80 16.41
N GLY N 131 6.35 27.42 17.48
CA GLY N 131 5.57 28.42 18.20
C GLY N 131 5.45 29.75 17.47
N SER N 132 6.29 29.97 16.47
CA SER N 132 6.30 31.24 15.78
C SER N 132 4.99 31.53 15.09
N SER N 133 4.30 30.51 14.63
CA SER N 133 2.96 30.69 14.03
C SER N 133 2.08 31.58 14.88
N TYR N 134 2.13 31.37 16.19
CA TYR N 134 1.21 32.02 17.11
C TYR N 134 1.53 33.46 17.42
N ILE N 135 2.72 33.92 17.01
CA ILE N 135 3.10 35.29 17.23
C ILE N 135 3.31 36.14 15.98
N TYR N 136 3.02 35.66 14.79
CA TYR N 136 3.15 36.56 13.60
C TYR N 136 2.33 37.82 13.76
N GLY N 137 1.05 37.66 14.10
CA GLY N 137 0.16 38.82 14.25
C GLY N 137 0.62 39.84 15.32
N TYR N 138 1.08 39.32 16.46
CA TYR N 138 1.65 40.13 17.56
C TYR N 138 2.92 40.91 17.13
N VAL N 139 3.89 40.23 16.54
CA VAL N 139 5.14 40.93 16.17
C VAL N 139 4.86 41.91 15.06
N ASP N 140 3.95 41.58 14.12
CA ASP N 140 3.57 42.48 13.04
C ASP N 140 2.92 43.77 13.52
N ALA N 141 2.21 43.70 14.66
CA ALA N 141 1.52 44.84 15.23
C ALA N 141 2.37 45.67 16.20
N THR N 142 3.37 45.03 16.81
CA THR N 142 4.15 45.59 17.88
C THR N 142 5.53 46.10 17.40
N TYR N 143 6.16 45.45 16.40
CA TYR N 143 7.44 45.92 15.89
C TYR N 143 7.40 47.41 15.54
N ARG N 144 8.40 48.17 16.00
CA ARG N 144 8.62 49.59 15.64
C ARG N 144 10.07 49.74 15.13
N GLU N 145 10.26 50.53 14.10
CA GLU N 145 11.61 50.89 13.65
C GLU N 145 12.26 51.75 14.73
N GLY N 146 13.49 51.43 15.09
CA GLY N 146 14.26 52.30 15.98
C GLY N 146 14.15 51.95 17.46
N MET N 147 13.80 50.71 17.77
CA MET N 147 13.75 50.25 19.16
C MET N 147 15.13 50.27 19.81
N THR N 148 15.19 50.66 21.08
CA THR N 148 16.45 50.57 21.82
C THR N 148 16.71 49.12 22.13
N LYS N 149 17.91 48.84 22.64
CA LYS N 149 18.23 47.50 23.13
C LYS N 149 17.23 46.99 24.16
N GLU N 150 16.84 47.85 25.09
CA GLU N 150 15.98 47.43 26.20
C GLU N 150 14.54 47.13 25.73
N GLU N 151 14.05 47.95 24.82
CA GLU N 151 12.80 47.70 24.14
C GLU N 151 12.81 46.40 23.34
N CYS N 152 13.91 46.11 22.64
CA CYS N 152 14.08 44.84 21.92
C CYS N 152 14.04 43.62 22.83
N LEU N 153 14.66 43.74 24.01
CA LEU N 153 14.61 42.68 25.00
C LEU N 153 13.18 42.42 25.53
N GLN N 154 12.41 43.49 25.72
CA GLN N 154 11.04 43.42 26.22
C GLN N 154 10.12 42.83 25.16
N PHE N 155 10.24 43.33 23.94
CA PHE N 155 9.53 42.86 22.75
C PHE N 155 9.75 41.37 22.53
N THR N 156 11.02 40.96 22.59
CA THR N 156 11.37 39.54 22.50
C THR N 156 10.78 38.68 23.64
N ALA N 157 10.90 39.13 24.88
CA ALA N 157 10.40 38.37 26.03
C ALA N 157 8.88 38.18 25.98
N ASN N 158 8.18 39.25 25.57
CA ASN N 158 6.75 39.23 25.39
C ASN N 158 6.32 38.28 24.32
N ALA N 159 6.97 38.35 23.16
CA ALA N 159 6.63 37.47 22.03
C ALA N 159 6.82 36.02 22.41
N LEU N 160 7.98 35.70 22.96
CA LEU N 160 8.25 34.33 23.36
C LEU N 160 7.27 33.84 24.43
N ALA N 161 6.93 34.69 25.39
CA ALA N 161 5.99 34.32 26.45
C ALA N 161 4.62 33.92 25.87
N LEU N 162 4.13 34.71 24.92
CA LEU N 162 2.88 34.47 24.20
C LEU N 162 2.89 33.17 23.41
N ALA N 163 3.98 32.95 22.69
CA ALA N 163 4.17 31.69 21.94
C ALA N 163 4.21 30.48 22.87
N MET N 164 4.94 30.61 23.98
CA MET N 164 5.07 29.53 24.95
C MET N 164 3.75 29.14 25.60
N GLU N 165 2.89 30.10 25.80
CA GLU N 165 1.58 29.86 26.37
C GLU N 165 0.70 28.93 25.48
N ARG N 166 0.77 29.16 24.17
CA ARG N 166 -0.04 28.44 23.19
C ARG N 166 0.55 27.17 22.54
N ASP N 167 1.86 27.13 22.31
CA ASP N 167 2.51 26.02 21.62
C ASP N 167 2.93 24.96 22.64
N GLY N 168 2.35 23.78 22.52
CA GLY N 168 2.70 22.63 23.33
C GLY N 168 4.18 22.30 23.22
N SER N 169 4.76 22.52 22.05
CA SER N 169 6.18 22.22 21.82
C SER N 169 7.13 23.30 22.27
N SER N 170 6.60 24.38 22.82
CA SER N 170 7.44 25.43 23.41
C SER N 170 7.18 25.55 24.91
N GLY N 171 8.16 26.02 25.67
CA GLY N 171 7.90 26.29 27.08
C GLY N 171 9.13 26.33 27.92
N GLY N 172 8.91 26.31 29.23
CA GLY N 172 9.99 26.34 30.22
C GLY N 172 10.45 27.72 30.60
N VAL N 173 11.71 28.05 30.32
CA VAL N 173 12.26 29.38 30.62
C VAL N 173 12.54 30.15 29.34
N ILE N 174 12.66 31.47 29.45
CA ILE N 174 13.07 32.31 28.34
C ILE N 174 14.53 32.61 28.54
N ARG N 175 15.36 32.18 27.60
CA ARG N 175 16.75 32.57 27.54
C ARG N 175 16.93 33.73 26.56
N LEU N 176 17.59 34.81 27.01
CA LEU N 176 17.85 35.98 26.18
C LEU N 176 19.35 36.21 26.07
N ALA N 177 19.75 36.87 25.00
CA ALA N 177 21.13 37.29 24.80
C ALA N 177 21.13 38.61 24.05
N ALA N 178 22.00 39.54 24.44
CA ALA N 178 22.20 40.77 23.70
C ALA N 178 23.65 40.80 23.31
N ILE N 179 23.92 41.10 22.04
CA ILE N 179 25.28 41.12 21.49
C ILE N 179 25.55 42.49 20.91
N ALA N 180 26.66 43.08 21.31
CA ALA N 180 27.15 44.36 20.76
C ALA N 180 28.70 44.37 20.75
N GLU N 181 29.29 45.48 20.31
CA GLU N 181 30.74 45.60 20.30
C GLU N 181 31.31 45.24 21.66
N SER N 182 30.68 45.72 22.72
CA SER N 182 31.18 45.51 24.09
C SER N 182 31.13 44.06 24.56
N GLY N 183 30.41 43.19 23.86
CA GLY N 183 30.36 41.77 24.21
C GLY N 183 28.95 41.19 24.27
N VAL N 184 28.84 40.06 24.96
CA VAL N 184 27.62 39.28 25.07
C VAL N 184 27.05 39.33 26.50
N GLU N 185 25.76 39.61 26.63
CA GLU N 185 25.06 39.62 27.91
C GLU N 185 23.92 38.62 27.84
N ARG N 186 23.98 37.59 28.66
CA ARG N 186 23.01 36.52 28.68
C ARG N 186 22.20 36.59 29.95
N GLN N 187 20.93 36.21 29.89
CA GLN N 187 20.07 36.11 31.08
C GLN N 187 18.92 35.13 30.84
N VAL N 188 18.30 34.74 31.94
CA VAL N 188 17.19 33.81 31.96
C VAL N 188 16.01 34.46 32.65
N LEU N 189 14.85 34.43 32.01
CA LEU N 189 13.59 34.79 32.64
C LEU N 189 12.90 33.49 33.00
N LEU N 190 12.63 33.32 34.29
CA LEU N 190 11.93 32.14 34.80
C LEU N 190 10.79 32.48 35.74
N GLY N 191 9.92 31.48 35.91
CA GLY N 191 8.70 31.63 36.68
C GLY N 191 7.99 32.95 36.52
N ASP N 192 7.93 33.70 37.61
CA ASP N 192 7.23 35.00 37.67
C ASP N 192 7.90 36.16 36.92
N GLN N 193 9.10 35.96 36.38
CA GLN N 193 9.76 36.99 35.57
C GLN N 193 9.32 36.94 34.11
N ILE N 194 8.67 35.85 33.71
CA ILE N 194 8.10 35.71 32.37
C ILE N 194 6.86 36.61 32.30
N PRO N 195 6.78 37.53 31.29
CA PRO N 195 5.57 38.33 31.10
C PRO N 195 4.30 37.50 31.14
N LYS N 196 3.31 38.02 31.83
CA LYS N 196 2.05 37.32 32.13
C LYS N 196 0.94 38.01 31.40
N PHE N 197 0.07 37.26 30.73
CA PHE N 197 -1.16 37.83 30.19
C PHE N 197 -2.33 36.95 30.69
N ALA N 198 -3.29 37.53 31.40
CA ALA N 198 -4.45 36.76 31.95
C ALA N 198 -5.17 35.82 30.94
N VAL N 199 -5.72 34.70 31.44
CA VAL N 199 -6.70 33.90 30.67
C VAL N 199 -7.98 34.70 30.73
N ALA N 200 -8.72 34.70 29.62
CA ALA N 200 -9.94 35.52 29.49
C ALA N 200 -11.19 34.79 30.03
N THR N 201 -11.35 34.82 31.34
CA THR N 201 -12.58 34.35 32.05
C THR N 201 -13.83 35.19 31.75
N LEU N 202 -15.02 34.61 31.94
CA LEU N 202 -16.28 35.34 31.75
C LEU N 202 -16.59 36.29 32.91
N ARG O 4 -51.59 2.22 10.25
CA ARG O 4 -51.35 1.68 8.87
C ARG O 4 -52.60 1.66 7.90
N GLY O 5 -53.84 1.74 8.42
CA GLY O 5 -55.03 1.86 7.58
C GLY O 5 -55.93 0.64 7.71
N TYR O 6 -57.07 0.69 7.06
CA TYR O 6 -57.86 -0.52 6.87
C TYR O 6 -57.38 -1.18 5.57
N SER O 7 -57.16 -2.50 5.61
CA SER O 7 -56.62 -3.24 4.46
C SER O 7 -57.66 -3.89 3.54
N PHE O 8 -58.93 -3.86 3.93
CA PHE O 8 -60.00 -4.48 3.16
C PHE O 8 -60.66 -3.47 2.22
N SER O 9 -61.20 -3.95 1.09
CA SER O 9 -61.88 -3.06 0.14
C SER O 9 -63.13 -2.49 0.79
N LEU O 10 -63.43 -1.22 0.51
CA LEU O 10 -64.71 -0.61 0.90
C LEU O 10 -65.71 -0.62 -0.23
N THR O 11 -65.24 -0.90 -1.46
CA THR O 11 -66.18 -1.17 -2.54
C THR O 11 -66.09 -2.65 -2.89
N THR O 12 -67.27 -3.27 -2.94
CA THR O 12 -67.44 -4.70 -3.17
C THR O 12 -68.63 -4.93 -4.08
N PHE O 13 -68.75 -6.15 -4.60
CA PHE O 13 -69.85 -6.52 -5.47
C PHE O 13 -71.10 -6.83 -4.65
N SER O 14 -72.22 -6.27 -5.08
CA SER O 14 -73.52 -6.61 -4.54
C SER O 14 -74.05 -7.90 -5.24
N PRO O 15 -75.10 -8.55 -4.69
CA PRO O 15 -75.64 -9.82 -5.27
C PRO O 15 -76.13 -9.79 -6.74
N SER O 16 -76.49 -8.57 -7.19
CA SER O 16 -76.81 -8.30 -8.61
C SER O 16 -75.62 -7.84 -9.48
N GLY O 17 -74.39 -7.87 -8.95
CA GLY O 17 -73.20 -7.56 -9.74
C GLY O 17 -72.75 -6.13 -9.80
N LYS O 18 -73.34 -5.27 -8.99
CA LYS O 18 -73.01 -3.83 -8.99
C LYS O 18 -71.99 -3.49 -7.89
N LEU O 19 -71.08 -2.58 -8.23
CA LEU O 19 -70.24 -1.92 -7.28
C LEU O 19 -70.94 -0.63 -6.80
N VAL O 20 -71.80 -0.74 -5.77
CA VAL O 20 -72.64 0.38 -5.40
C VAL O 20 -71.85 1.63 -4.94
N GLN O 21 -70.70 1.47 -4.30
CA GLN O 21 -69.89 2.67 -3.98
C GLN O 21 -69.51 3.48 -5.20
N ILE O 22 -69.27 2.83 -6.33
CA ILE O 22 -69.00 3.56 -7.57
C ILE O 22 -70.29 4.25 -8.09
N GLU O 23 -71.42 3.53 -8.04
CA GLU O 23 -72.71 4.14 -8.39
C GLU O 23 -72.98 5.37 -7.56
N TYR O 24 -72.66 5.28 -6.27
CA TYR O 24 -72.91 6.38 -5.38
C TYR O 24 -71.95 7.56 -5.59
N ALA O 25 -70.69 7.25 -5.96
CA ALA O 25 -69.76 8.25 -6.44
C ALA O 25 -70.30 8.96 -7.66
N LEU O 26 -70.82 8.19 -8.62
CA LEU O 26 -71.51 8.80 -9.79
C LEU O 26 -72.65 9.74 -9.43
N ALA O 27 -73.38 9.45 -8.35
CA ALA O 27 -74.43 10.36 -7.88
C ALA O 27 -73.82 11.63 -7.35
N ALA O 28 -72.71 11.55 -6.64
CA ALA O 28 -72.00 12.81 -6.29
C ALA O 28 -71.64 13.65 -7.55
N VAL O 29 -71.22 12.99 -8.63
CA VAL O 29 -70.87 13.69 -9.85
C VAL O 29 -72.11 14.35 -10.45
N ALA O 30 -73.17 13.58 -10.62
CA ALA O 30 -74.44 14.08 -11.15
C ALA O 30 -75.02 15.27 -10.38
N GLY O 31 -74.72 15.37 -9.08
CA GLY O 31 -75.14 16.49 -8.27
C GLY O 31 -74.18 17.66 -8.25
N GLY O 32 -73.03 17.53 -8.91
CA GLY O 32 -72.09 18.62 -9.02
C GLY O 32 -72.48 19.65 -10.06
N ALA O 33 -71.75 20.77 -10.09
CA ALA O 33 -72.02 21.86 -11.04
C ALA O 33 -71.76 21.41 -12.48
N PRO O 34 -72.53 21.93 -13.45
CA PRO O 34 -72.34 21.48 -14.82
C PRO O 34 -70.98 21.80 -15.41
N SER O 35 -70.45 20.85 -16.19
CA SER O 35 -69.27 21.05 -17.01
C SER O 35 -69.54 20.60 -18.44
N VAL O 36 -68.86 21.26 -19.39
CA VAL O 36 -69.04 21.00 -20.82
C VAL O 36 -67.67 20.88 -21.50
N GLY O 37 -67.58 19.99 -22.49
CA GLY O 37 -66.41 19.88 -23.34
C GLY O 37 -66.81 19.68 -24.78
N ILE O 38 -66.26 20.50 -25.68
CA ILE O 38 -66.50 20.40 -27.12
C ILE O 38 -65.17 20.35 -27.86
N LYS O 39 -64.98 19.32 -28.67
CA LYS O 39 -63.83 19.23 -29.58
C LYS O 39 -64.16 19.84 -30.93
N ALA O 40 -63.56 20.99 -31.23
CA ALA O 40 -63.68 21.59 -32.56
C ALA O 40 -62.68 20.95 -33.51
N ALA O 41 -62.71 21.37 -34.76
CA ALA O 41 -61.75 20.92 -35.77
C ALA O 41 -60.32 21.35 -35.39
N ASN O 42 -60.17 22.60 -34.94
CA ASN O 42 -58.86 23.22 -34.62
C ASN O 42 -58.59 23.46 -33.13
N GLY O 43 -59.40 22.85 -32.24
CA GLY O 43 -59.16 22.96 -30.81
C GLY O 43 -60.18 22.29 -29.94
N VAL O 44 -60.09 22.56 -28.64
CA VAL O 44 -61.03 22.05 -27.66
C VAL O 44 -61.36 23.19 -26.71
N VAL O 45 -62.61 23.23 -26.28
CA VAL O 45 -63.06 24.14 -25.23
C VAL O 45 -63.59 23.32 -24.06
N LEU O 46 -63.30 23.78 -22.85
CA LEU O 46 -63.87 23.25 -21.64
C LEU O 46 -64.54 24.42 -20.95
N ALA O 47 -65.75 24.20 -20.43
CA ALA O 47 -66.50 25.26 -19.76
C ALA O 47 -67.23 24.73 -18.55
N THR O 48 -67.32 25.54 -17.51
CA THR O 48 -67.95 25.11 -16.29
C THR O 48 -68.59 26.25 -15.57
N GLU O 49 -69.61 25.89 -14.82
CA GLU O 49 -70.35 26.81 -13.99
C GLU O 49 -69.70 26.92 -12.64
N LYS O 50 -69.54 28.14 -12.17
CA LYS O 50 -69.22 28.37 -10.76
C LYS O 50 -70.47 28.37 -9.88
N LYS O 51 -70.64 27.27 -9.12
CA LYS O 51 -71.52 27.23 -7.93
C LYS O 51 -71.04 28.28 -6.86
N GLN O 52 -70.98 29.57 -7.28
CA GLN O 52 -70.40 30.67 -6.53
C GLN O 52 -71.53 31.47 -5.96
N LYS O 53 -71.88 31.15 -4.72
CA LYS O 53 -72.85 31.92 -3.93
C LYS O 53 -72.30 33.34 -3.74
N SER O 54 -72.46 33.86 -2.54
CA SER O 54 -71.80 35.07 -2.03
C SER O 54 -70.91 35.95 -2.92
N ILE O 55 -71.21 37.24 -2.93
CA ILE O 55 -70.25 38.26 -3.32
C ILE O 55 -68.94 38.21 -2.48
N LEU O 56 -69.00 37.60 -1.30
CA LEU O 56 -67.84 37.53 -0.42
C LEU O 56 -66.70 36.67 -0.97
N TYR O 57 -66.99 35.74 -1.88
CA TYR O 57 -65.95 34.93 -2.52
C TYR O 57 -65.02 35.77 -3.37
N ASP O 58 -63.74 35.44 -3.37
CA ASP O 58 -62.84 35.94 -4.39
C ASP O 58 -62.84 34.86 -5.48
N GLU O 59 -63.56 35.11 -6.57
CA GLU O 59 -63.75 34.12 -7.68
C GLU O 59 -62.47 33.69 -8.36
N ARG O 60 -61.48 34.57 -8.35
CA ARG O 60 -60.16 34.26 -8.95
C ARG O 60 -59.22 33.47 -8.03
N SER O 61 -59.60 33.26 -6.75
CA SER O 61 -58.73 32.60 -5.77
C SER O 61 -58.60 31.10 -5.95
N VAL O 62 -59.62 30.43 -6.48
CA VAL O 62 -59.48 29.01 -6.86
C VAL O 62 -60.05 28.82 -8.25
N HIS O 63 -59.45 27.93 -9.05
CA HIS O 63 -59.93 27.67 -10.40
C HIS O 63 -60.35 26.24 -10.53
N LYS O 64 -61.39 26.03 -11.32
CA LYS O 64 -61.89 24.71 -11.69
C LYS O 64 -61.25 24.24 -12.97
N VAL O 65 -60.95 25.17 -13.87
CA VAL O 65 -60.31 24.82 -15.12
C VAL O 65 -58.81 24.97 -14.84
N GLU O 66 -58.03 23.89 -14.98
CA GLU O 66 -56.64 23.86 -14.53
C GLU O 66 -55.72 23.30 -15.60
N PRO O 67 -54.51 23.88 -15.75
CA PRO O 67 -53.51 23.30 -16.63
C PRO O 67 -52.79 22.11 -15.96
N ILE O 68 -52.53 21.07 -16.73
CA ILE O 68 -51.70 19.91 -16.34
C ILE O 68 -50.28 20.07 -16.93
N THR O 69 -50.21 20.34 -18.22
CA THR O 69 -49.01 20.68 -18.95
C THR O 69 -49.33 21.90 -19.82
N LYS O 70 -48.33 22.36 -20.57
CA LYS O 70 -48.48 23.38 -21.60
C LYS O 70 -49.58 23.09 -22.60
N HIS O 71 -49.81 21.81 -22.85
CA HIS O 71 -50.69 21.33 -23.94
C HIS O 71 -51.97 20.56 -23.44
N ILE O 72 -52.12 20.34 -22.12
CA ILE O 72 -53.20 19.57 -21.53
C ILE O 72 -53.86 20.33 -20.37
N GLY O 73 -55.19 20.28 -20.34
CA GLY O 73 -55.96 20.92 -19.29
C GLY O 73 -57.17 20.10 -18.87
N LEU O 74 -57.73 20.47 -17.72
CA LEU O 74 -58.76 19.70 -17.00
C LEU O 74 -59.91 20.55 -16.52
N VAL O 75 -61.09 19.93 -16.43
CA VAL O 75 -62.16 20.43 -15.59
C VAL O 75 -62.88 19.21 -14.95
N TYR O 76 -63.86 19.42 -14.08
CA TYR O 76 -64.57 18.32 -13.46
C TYR O 76 -66.05 18.69 -13.15
N SER O 77 -66.84 17.66 -12.84
CA SER O 77 -68.03 17.80 -12.02
C SER O 77 -67.92 16.84 -10.81
N GLY O 78 -68.35 17.33 -9.64
CA GLY O 78 -68.40 16.53 -8.44
C GLY O 78 -67.69 17.21 -7.29
N MET O 79 -66.95 16.46 -6.50
CA MET O 79 -66.36 17.02 -5.28
C MET O 79 -65.03 17.68 -5.56
N GLY O 80 -64.94 18.98 -5.28
CA GLY O 80 -63.76 19.77 -5.57
C GLY O 80 -62.49 19.27 -4.89
N PRO O 81 -62.54 18.96 -3.60
CA PRO O 81 -61.29 18.54 -2.95
C PRO O 81 -60.75 17.22 -3.53
N ASP O 82 -61.63 16.29 -3.92
CA ASP O 82 -61.21 15.10 -4.67
C ASP O 82 -60.50 15.48 -5.98
N TYR O 83 -61.06 16.45 -6.70
CA TYR O 83 -60.48 16.92 -7.96
C TYR O 83 -59.06 17.39 -7.80
N ARG O 84 -58.79 18.10 -6.71
CA ARG O 84 -57.45 18.64 -6.44
C ARG O 84 -56.43 17.52 -6.28
N VAL O 85 -56.82 16.40 -5.66
CA VAL O 85 -55.95 15.24 -5.55
C VAL O 85 -55.55 14.79 -6.95
N LEU O 86 -56.53 14.68 -7.83
CA LEU O 86 -56.29 14.16 -9.17
C LEU O 86 -55.49 15.16 -10.05
N VAL O 87 -55.72 16.46 -9.87
CA VAL O 87 -54.95 17.51 -10.56
C VAL O 87 -53.44 17.36 -10.21
N HIS O 88 -53.15 17.29 -8.93
CA HIS O 88 -51.78 17.12 -8.43
C HIS O 88 -51.15 15.82 -8.99
N ARG O 89 -51.90 14.71 -8.98
CA ARG O 89 -51.38 13.46 -9.52
C ARG O 89 -51.12 13.53 -11.03
N ALA O 90 -52.06 14.11 -11.76
CA ALA O 90 -51.92 14.24 -13.20
C ALA O 90 -50.68 15.05 -13.58
N ARG O 91 -50.48 16.14 -12.86
CA ARG O 91 -49.33 17.00 -13.08
C ARG O 91 -48.04 16.20 -12.86
N LYS O 92 -48.02 15.46 -11.75
CA LYS O 92 -46.89 14.65 -11.34
C LYS O 92 -46.65 13.53 -12.36
N LEU O 93 -47.72 12.85 -12.79
CA LEU O 93 -47.61 11.83 -13.85
C LEU O 93 -47.06 12.39 -15.16
N ALA O 94 -47.43 13.62 -15.49
CA ALA O 94 -46.97 14.24 -16.73
C ALA O 94 -45.47 14.51 -16.66
N GLN O 95 -45.02 15.00 -15.52
CA GLN O 95 -43.60 15.23 -15.31
C GLN O 95 -42.74 13.92 -15.33
N GLN O 96 -43.24 12.87 -14.67
CA GLN O 96 -42.52 11.57 -14.69
C GLN O 96 -42.33 11.05 -16.10
N TYR O 97 -43.37 11.22 -16.91
CA TYR O 97 -43.29 10.87 -18.32
C TYR O 97 -42.26 11.72 -19.04
N TYR O 98 -42.34 13.03 -18.87
CA TYR O 98 -41.40 13.92 -19.57
C TYR O 98 -39.92 13.61 -19.23
N LEU O 99 -39.65 13.28 -17.96
CA LEU O 99 -38.25 13.02 -17.53
C LEU O 99 -37.68 11.80 -18.24
N VAL O 100 -38.51 10.79 -18.45
CA VAL O 100 -38.05 9.59 -19.13
C VAL O 100 -37.96 9.81 -20.63
N TYR O 101 -39.07 10.27 -21.23
CA TYR O 101 -39.17 10.31 -22.69
C TYR O 101 -38.73 11.60 -23.36
N GLN O 102 -38.62 12.70 -22.61
CA GLN O 102 -38.24 14.00 -23.17
C GLN O 102 -39.18 14.55 -24.26
N GLU O 103 -40.46 14.23 -24.12
CA GLU O 103 -41.52 14.55 -25.07
C GLU O 103 -42.73 14.80 -24.17
N PRO O 104 -43.55 15.82 -24.48
CA PRO O 104 -44.73 15.95 -23.61
C PRO O 104 -45.67 14.72 -23.70
N ILE O 105 -46.26 14.37 -22.57
CA ILE O 105 -47.14 13.21 -22.51
C ILE O 105 -48.34 13.41 -23.45
N PRO O 106 -48.55 12.44 -24.39
CA PRO O 106 -49.80 12.43 -25.16
C PRO O 106 -51.02 12.46 -24.25
N THR O 107 -52.04 13.21 -24.67
CA THR O 107 -53.26 13.35 -23.88
C THR O 107 -53.79 11.97 -23.46
N ALA O 108 -53.85 11.01 -24.39
CA ALA O 108 -54.42 9.71 -24.08
C ALA O 108 -53.59 8.92 -23.07
N GLN O 109 -52.26 9.10 -23.12
CA GLN O 109 -51.38 8.45 -22.13
C GLN O 109 -51.58 9.02 -20.74
N LEU O 110 -51.74 10.34 -20.65
CA LEU O 110 -52.08 10.98 -19.39
C LEU O 110 -53.43 10.52 -18.84
N VAL O 111 -54.43 10.42 -19.72
CA VAL O 111 -55.76 10.00 -19.28
C VAL O 111 -55.72 8.57 -18.76
N GLN O 112 -55.01 7.71 -19.48
CA GLN O 112 -54.83 6.33 -19.05
C GLN O 112 -54.22 6.20 -17.65
N ARG O 113 -53.21 7.01 -17.38
CA ARG O 113 -52.51 6.93 -16.09
C ARG O 113 -53.37 7.51 -14.97
N VAL O 114 -54.08 8.61 -15.23
CA VAL O 114 -54.97 9.18 -14.23
C VAL O 114 -56.15 8.23 -13.94
N ALA O 115 -56.76 7.69 -14.99
CA ALA O 115 -57.85 6.73 -14.84
C ALA O 115 -57.42 5.49 -14.01
N SER O 116 -56.21 5.06 -14.22
CA SER O 116 -55.64 3.96 -13.48
C SER O 116 -55.56 4.24 -11.94
N VAL O 117 -55.19 5.46 -11.56
CA VAL O 117 -55.27 5.90 -10.17
C VAL O 117 -56.70 5.85 -9.59
N MET O 118 -57.66 6.32 -10.37
CA MET O 118 -59.09 6.29 -9.97
C MET O 118 -59.55 4.82 -9.78
N GLN O 119 -59.09 3.91 -10.64
CA GLN O 119 -59.40 2.49 -10.47
C GLN O 119 -58.89 1.95 -9.12
N GLU O 120 -57.70 2.34 -8.70
CA GLU O 120 -57.15 1.89 -7.42
C GLU O 120 -58.02 2.17 -6.25
N TYR O 121 -58.64 3.36 -6.28
CA TYR O 121 -59.50 3.80 -5.21
C TYR O 121 -60.89 3.11 -5.22
N THR O 122 -61.14 2.21 -6.17
CA THR O 122 -62.31 1.34 -6.16
C THR O 122 -62.06 -0.05 -5.56
N GLN O 123 -60.80 -0.35 -5.22
CA GLN O 123 -60.38 -1.72 -4.83
C GLN O 123 -59.38 -1.81 -3.66
N SER O 124 -58.56 -0.78 -3.52
CA SER O 124 -57.52 -0.74 -2.53
C SER O 124 -58.10 -0.59 -1.13
N GLY O 125 -57.30 -0.88 -0.11
CA GLY O 125 -57.78 -0.93 1.26
C GLY O 125 -58.23 0.38 1.85
N GLY O 126 -59.41 0.38 2.48
CA GLY O 126 -59.83 1.43 3.40
C GLY O 126 -60.09 2.82 2.83
N VAL O 127 -60.32 2.88 1.53
CA VAL O 127 -60.64 4.13 0.86
C VAL O 127 -61.94 3.99 0.05
N ARG O 128 -62.58 5.13 -0.17
CA ARG O 128 -63.71 5.25 -1.07
C ARG O 128 -63.24 5.72 -2.45
N PRO O 129 -64.03 5.46 -3.50
CA PRO O 129 -63.70 6.06 -4.79
C PRO O 129 -63.78 7.60 -4.81
N PHE O 130 -63.17 8.21 -5.82
CA PHE O 130 -63.28 9.63 -6.06
C PHE O 130 -64.69 9.96 -6.50
N GLY O 131 -65.25 11.01 -5.91
CA GLY O 131 -66.56 11.54 -6.31
C GLY O 131 -66.43 12.61 -7.40
N VAL O 132 -65.68 12.31 -8.46
CA VAL O 132 -65.47 13.23 -9.55
C VAL O 132 -65.43 12.48 -10.87
N SER O 133 -65.93 13.14 -11.91
CA SER O 133 -65.61 12.80 -13.27
C SER O 133 -64.82 13.99 -13.84
N LEU O 134 -63.77 13.66 -14.60
CA LEU O 134 -62.88 14.64 -15.20
C LEU O 134 -63.17 14.76 -16.69
N LEU O 135 -63.07 15.96 -17.22
CA LEU O 135 -62.92 16.15 -18.66
C LEU O 135 -61.50 16.66 -18.88
N ILE O 136 -60.81 15.99 -19.79
CA ILE O 136 -59.42 16.26 -20.08
C ILE O 136 -59.27 16.58 -21.55
N CYS O 137 -58.70 17.74 -21.82
CA CYS O 137 -58.41 18.15 -23.19
C CYS O 137 -56.92 18.27 -23.41
N GLY O 138 -56.52 18.04 -24.66
CA GLY O 138 -55.14 18.25 -25.06
C GLY O 138 -54.97 18.30 -26.56
N TRP O 139 -53.77 18.69 -26.97
CA TRP O 139 -53.40 18.78 -28.37
C TRP O 139 -52.07 18.10 -28.57
N ASN O 140 -52.05 17.07 -29.39
CA ASN O 140 -50.78 16.43 -29.77
C ASN O 140 -50.96 15.55 -31.01
N GLU O 141 -49.86 15.20 -31.66
CA GLU O 141 -49.86 14.64 -33.04
C GLU O 141 -50.67 15.51 -33.98
N GLY O 142 -50.51 16.83 -33.84
CA GLY O 142 -51.22 17.83 -34.66
C GLY O 142 -52.74 17.81 -34.61
N ARG O 143 -53.33 17.42 -33.48
CA ARG O 143 -54.77 17.05 -33.47
C ARG O 143 -55.38 17.20 -32.07
N PRO O 144 -56.66 17.64 -31.98
CA PRO O 144 -57.24 17.85 -30.63
C PRO O 144 -57.81 16.57 -30.03
N TYR O 145 -57.86 16.51 -28.69
CA TYR O 145 -58.40 15.37 -27.96
C TYR O 145 -59.29 15.87 -26.82
N LEU O 146 -60.44 15.23 -26.64
CA LEU O 146 -61.28 15.43 -25.46
C LEU O 146 -61.62 14.06 -24.83
N PHE O 147 -61.32 13.88 -23.55
CA PHE O 147 -61.57 12.64 -22.84
C PHE O 147 -62.32 12.92 -21.54
N GLN O 148 -63.12 11.94 -21.15
CA GLN O 148 -63.76 11.93 -19.84
C GLN O 148 -63.22 10.75 -19.01
N SER O 149 -62.95 10.95 -17.72
CA SER O 149 -62.56 9.83 -16.85
C SER O 149 -63.52 9.81 -15.69
N ASP O 150 -64.12 8.64 -15.43
CA ASP O 150 -65.16 8.51 -14.39
C ASP O 150 -64.67 7.85 -13.09
N PRO O 151 -65.48 7.90 -12.00
CA PRO O 151 -65.04 7.32 -10.73
C PRO O 151 -64.65 5.83 -10.74
N SER O 152 -65.12 5.05 -11.71
CA SER O 152 -64.65 3.65 -11.85
C SER O 152 -63.22 3.52 -12.40
N GLY O 153 -62.67 4.58 -12.98
CA GLY O 153 -61.44 4.47 -13.75
C GLY O 153 -61.70 4.15 -15.21
N ALA O 154 -62.97 4.16 -15.62
CA ALA O 154 -63.30 4.06 -17.06
C ALA O 154 -63.08 5.43 -17.72
N TYR O 155 -62.59 5.42 -18.96
CA TYR O 155 -62.43 6.66 -19.70
C TYR O 155 -62.93 6.53 -21.15
N PHE O 156 -63.33 7.65 -21.72
CA PHE O 156 -63.98 7.67 -23.04
C PHE O 156 -63.51 8.87 -23.79
N ALA O 157 -63.33 8.74 -25.10
CA ALA O 157 -63.07 9.87 -25.97
C ALA O 157 -64.41 10.44 -26.50
N TRP O 158 -64.60 11.73 -26.27
CA TRP O 158 -65.77 12.46 -26.75
C TRP O 158 -65.44 13.50 -27.83
N LYS O 159 -66.43 13.69 -28.72
CA LYS O 159 -66.49 14.85 -29.61
C LYS O 159 -67.06 16.03 -28.85
N ALA O 160 -68.02 15.74 -27.98
CA ALA O 160 -68.64 16.74 -27.12
C ALA O 160 -69.43 16.01 -26.04
N THR O 161 -69.51 16.60 -24.86
CA THR O 161 -70.31 16.05 -23.79
C THR O 161 -70.56 17.03 -22.66
N ALA O 162 -71.34 16.57 -21.70
CA ALA O 162 -71.65 17.34 -20.51
C ALA O 162 -71.65 16.43 -19.30
N MET O 163 -71.39 17.00 -18.15
CA MET O 163 -71.45 16.26 -16.91
C MET O 163 -71.94 17.18 -15.80
N GLY O 164 -72.27 16.62 -14.63
CA GLY O 164 -72.84 17.43 -13.52
C GLY O 164 -74.36 17.50 -13.63
N LYS O 165 -74.99 18.39 -12.88
CA LYS O 165 -76.45 18.60 -12.89
C LYS O 165 -76.98 18.81 -14.31
N ASN O 166 -78.08 18.15 -14.65
CA ASN O 166 -78.75 18.34 -15.93
C ASN O 166 -77.91 17.91 -17.14
N TYR O 167 -77.02 16.97 -16.93
CA TYR O 167 -76.10 16.59 -18.00
C TYR O 167 -76.78 15.88 -19.16
N VAL O 168 -77.86 15.17 -18.86
CA VAL O 168 -78.53 14.34 -19.86
C VAL O 168 -79.13 15.24 -20.96
N ASN O 169 -79.80 16.32 -20.54
CA ASN O 169 -80.29 17.37 -21.43
C ASN O 169 -79.16 18.09 -22.15
N GLY O 170 -78.13 18.46 -21.39
CA GLY O 170 -76.92 19.06 -21.95
C GLY O 170 -76.37 18.27 -23.10
N LYS O 171 -76.35 16.94 -22.94
CA LYS O 171 -75.89 16.02 -23.98
C LYS O 171 -76.77 16.03 -25.22
N THR O 172 -78.10 15.99 -25.04
CA THR O 172 -78.98 16.04 -26.20
C THR O 172 -78.96 17.46 -26.85
N PHE O 173 -78.80 18.51 -26.05
CA PHE O 173 -78.59 19.87 -26.61
C PHE O 173 -77.35 19.92 -27.55
N LEU O 174 -76.25 19.25 -27.17
CA LEU O 174 -75.04 19.19 -27.99
C LEU O 174 -75.22 18.31 -29.23
N GLU O 175 -75.95 17.21 -29.04
CA GLU O 175 -76.33 16.29 -30.13
C GLU O 175 -77.00 17.00 -31.28
N LYS O 176 -77.95 17.88 -30.98
CA LYS O 176 -78.66 18.68 -32.02
C LYS O 176 -77.95 20.02 -32.26
N ARG O 177 -76.62 20.03 -32.34
CA ARG O 177 -75.86 21.30 -32.38
C ARG O 177 -74.36 21.23 -32.72
N TYR O 178 -73.71 20.10 -32.45
CA TYR O 178 -72.30 19.91 -32.81
C TYR O 178 -72.18 19.41 -34.26
N ASN O 179 -71.19 19.90 -35.01
CA ASN O 179 -70.77 19.26 -36.27
C ASN O 179 -69.25 19.05 -36.34
N GLU O 180 -68.83 18.05 -37.13
CA GLU O 180 -67.40 17.64 -37.27
C GLU O 180 -66.48 18.80 -37.64
N ASP O 181 -66.95 19.65 -38.56
CA ASP O 181 -66.14 20.73 -39.13
C ASP O 181 -66.18 22.08 -38.38
N LEU O 182 -66.88 22.13 -37.24
CA LEU O 182 -66.97 23.35 -36.38
C LEU O 182 -65.59 23.92 -35.94
N GLU O 183 -65.44 25.25 -36.01
CA GLU O 183 -64.25 25.98 -35.52
C GLU O 183 -64.30 26.18 -34.01
N LEU O 184 -63.15 26.55 -33.42
CA LEU O 184 -63.03 26.76 -31.98
C LEU O 184 -63.80 27.95 -31.43
N GLU O 185 -63.72 29.10 -32.11
CA GLU O 185 -64.44 30.32 -31.62
C GLU O 185 -65.96 30.07 -31.63
N ASP O 186 -66.46 29.30 -32.60
CA ASP O 186 -67.87 28.87 -32.64
C ASP O 186 -68.19 27.91 -31.52
N ALA O 187 -67.30 26.94 -31.32
CA ALA O 187 -67.44 25.92 -30.26
C ALA O 187 -67.51 26.52 -28.85
N ILE O 188 -66.76 27.59 -28.61
CA ILE O 188 -66.80 28.30 -27.34
C ILE O 188 -68.21 28.85 -27.11
N HIS O 189 -68.78 29.48 -28.16
CA HIS O 189 -70.16 30.03 -28.11
C HIS O 189 -71.15 28.91 -27.75
N THR O 190 -71.07 27.76 -28.42
CA THR O 190 -72.02 26.66 -28.14
C THR O 190 -71.78 26.03 -26.74
N ALA O 191 -70.53 26.00 -26.27
CA ALA O 191 -70.26 25.58 -24.91
C ALA O 191 -70.97 26.46 -23.88
N ILE O 192 -70.93 27.77 -24.09
CA ILE O 192 -71.55 28.70 -23.13
C ILE O 192 -73.09 28.61 -23.20
N LEU O 193 -73.63 28.55 -24.42
CA LEU O 193 -75.06 28.25 -24.61
C LEU O 193 -75.48 26.95 -23.90
N THR O 194 -74.63 25.93 -23.91
CA THR O 194 -74.95 24.65 -23.28
C THR O 194 -75.07 24.82 -21.75
N LEU O 195 -74.16 25.58 -21.15
CA LEU O 195 -74.30 25.95 -19.73
C LEU O 195 -75.55 26.82 -19.47
N LYS O 196 -75.89 27.71 -20.40
CA LYS O 196 -77.08 28.58 -20.26
C LYS O 196 -78.37 27.78 -20.13
N GLU O 197 -78.43 26.64 -20.81
CA GLU O 197 -79.55 25.70 -20.72
C GLU O 197 -79.94 25.36 -19.29
N SER O 198 -78.96 25.19 -18.43
CA SER O 198 -79.20 24.74 -17.08
C SER O 198 -78.61 25.73 -16.08
N PHE O 199 -78.58 27.02 -16.41
CA PHE O 199 -77.85 27.95 -15.55
C PHE O 199 -78.67 28.34 -14.31
N GLU O 200 -79.64 29.23 -14.48
CA GLU O 200 -80.35 29.85 -13.34
C GLU O 200 -79.49 30.92 -12.62
N GLY O 201 -79.77 32.20 -12.87
CA GLY O 201 -79.08 33.27 -12.18
C GLY O 201 -78.54 34.43 -12.99
N GLN O 202 -78.51 34.32 -14.32
CA GLN O 202 -77.83 35.31 -15.18
C GLN O 202 -76.27 35.13 -15.12
N MET O 203 -75.67 34.96 -16.30
CA MET O 203 -74.25 34.66 -16.44
C MET O 203 -73.43 35.91 -16.49
N THR O 204 -72.43 36.02 -15.61
CA THR O 204 -71.34 36.94 -15.78
C THR O 204 -70.07 36.17 -16.04
N GLU O 205 -69.03 36.91 -16.41
CA GLU O 205 -67.69 36.35 -16.61
C GLU O 205 -67.01 35.93 -15.31
N ASP O 206 -67.62 36.24 -14.16
CA ASP O 206 -67.11 35.87 -12.83
C ASP O 206 -67.68 34.56 -12.29
N ASN O 207 -68.77 34.07 -12.88
CA ASN O 207 -69.35 32.81 -12.42
C ASN O 207 -69.39 31.69 -13.48
N ILE O 208 -68.69 31.87 -14.59
CA ILE O 208 -68.28 30.73 -15.39
C ILE O 208 -66.76 30.79 -15.62
N GLU O 209 -66.20 29.64 -15.95
CA GLU O 209 -64.79 29.52 -16.27
C GLU O 209 -64.66 28.75 -17.57
N VAL O 210 -63.75 29.21 -18.41
CA VAL O 210 -63.57 28.63 -19.73
C VAL O 210 -62.09 28.41 -19.98
N GLY O 211 -61.80 27.26 -20.55
CA GLY O 211 -60.47 26.89 -20.96
C GLY O 211 -60.49 26.44 -22.39
N ILE O 212 -59.42 26.75 -23.12
CA ILE O 212 -59.27 26.33 -24.50
C ILE O 212 -57.94 25.64 -24.72
N CYS O 213 -57.93 24.84 -25.77
CA CYS O 213 -56.80 24.04 -26.12
C CYS O 213 -56.64 23.98 -27.63
N ASN O 214 -55.51 24.48 -28.13
CA ASN O 214 -55.19 24.40 -29.55
C ASN O 214 -53.70 24.09 -29.76
N GLU O 215 -53.27 24.15 -31.02
CA GLU O 215 -51.84 24.09 -31.38
C GLU O 215 -50.93 24.97 -30.49
N ALA O 216 -51.36 26.16 -30.11
CA ALA O 216 -50.55 26.98 -29.19
C ALA O 216 -50.47 26.48 -27.73
N GLY O 217 -51.30 25.50 -27.33
CA GLY O 217 -51.31 25.01 -25.95
C GLY O 217 -52.63 25.26 -25.25
N PHE O 218 -52.64 24.95 -23.96
CA PHE O 218 -53.82 25.06 -23.16
C PHE O 218 -53.73 26.31 -22.32
N ARG O 219 -54.84 27.02 -22.18
CA ARG O 219 -54.94 28.16 -21.24
C ARG O 219 -56.39 28.45 -20.86
N ARG O 220 -56.57 29.03 -19.68
CA ARG O 220 -57.85 29.58 -19.29
C ARG O 220 -58.07 30.84 -20.07
N LEU O 221 -59.31 31.11 -20.45
CA LEU O 221 -59.68 32.44 -20.93
C LEU O 221 -59.73 33.39 -19.74
N THR O 222 -59.45 34.65 -20.02
CA THR O 222 -59.49 35.69 -19.00
C THR O 222 -60.91 36.15 -18.82
N PRO O 223 -61.22 36.72 -17.65
CA PRO O 223 -62.49 37.41 -17.45
C PRO O 223 -62.92 38.31 -18.62
N THR O 224 -62.03 39.20 -19.06
CA THR O 224 -62.33 40.09 -20.19
C THR O 224 -62.66 39.32 -21.48
N GLU O 225 -62.02 38.17 -21.70
CA GLU O 225 -62.32 37.34 -22.90
C GLU O 225 -63.68 36.67 -22.78
N VAL O 226 -64.00 36.17 -21.59
CA VAL O 226 -65.29 35.53 -21.31
C VAL O 226 -66.39 36.58 -21.41
N LYS O 227 -66.17 37.76 -20.83
CA LYS O 227 -67.08 38.92 -20.95
C LYS O 227 -67.54 39.14 -22.40
N ASP O 228 -66.57 39.10 -23.31
CA ASP O 228 -66.82 39.28 -24.73
C ASP O 228 -67.69 38.23 -25.39
N TYR O 229 -67.39 36.95 -25.14
CA TYR O 229 -68.23 35.88 -25.68
C TYR O 229 -69.66 35.97 -25.10
N LEU O 230 -69.77 36.43 -23.86
CA LEU O 230 -71.08 36.58 -23.18
C LEU O 230 -71.94 37.68 -23.79
N ALA O 231 -71.34 38.57 -24.60
CA ALA O 231 -72.06 39.40 -25.56
C ALA O 231 -72.25 38.63 -26.88
N ALA O 232 -73.52 38.38 -27.18
CA ALA O 232 -74.06 37.37 -28.11
C ALA O 232 -74.95 36.43 -27.31
N ILE O 233 -74.53 36.10 -26.07
CA ILE O 233 -75.33 35.32 -25.09
C ILE O 233 -75.81 36.23 -23.94
N SER P 2 -63.11 -1.72 12.88
CA SER P 2 -62.27 -2.43 11.85
C SER P 2 -62.74 -3.81 11.44
N ARG P 3 -62.92 -4.70 12.42
CA ARG P 3 -63.60 -5.94 12.18
C ARG P 3 -65.06 -5.65 11.87
N ARG P 4 -65.59 -4.58 12.43
CA ARG P 4 -66.98 -4.19 12.24
C ARG P 4 -67.22 -3.83 10.77
N TYR P 5 -66.27 -3.17 10.11
CA TYR P 5 -66.52 -2.66 8.78
C TYR P 5 -66.04 -3.59 7.69
N ASP P 6 -65.29 -4.65 8.04
CA ASP P 6 -64.70 -5.54 7.04
C ASP P 6 -65.80 -6.43 6.45
N SER P 7 -65.98 -6.33 5.13
CA SER P 7 -66.89 -7.07 4.24
CA SER P 7 -67.04 -7.13 4.49
C SER P 7 -66.56 -8.57 4.20
N ARG P 8 -65.27 -8.87 4.38
CA ARG P 8 -64.76 -10.26 4.32
C ARG P 8 -64.94 -10.89 2.93
N THR P 9 -64.31 -10.27 1.96
CA THR P 9 -64.42 -10.70 0.58
C THR P 9 -63.73 -12.03 0.27
N THR P 10 -62.84 -12.54 1.13
CA THR P 10 -62.06 -13.74 0.81
C THR P 10 -62.31 -14.89 1.75
N ILE P 11 -63.55 -15.10 2.15
CA ILE P 11 -63.92 -16.19 3.02
C ILE P 11 -64.95 -17.06 2.35
N PHE P 12 -64.94 -18.34 2.70
CA PHE P 12 -66.02 -19.24 2.29
C PHE P 12 -67.34 -18.95 2.96
N SER P 13 -68.39 -19.14 2.17
CA SER P 13 -69.77 -19.22 2.69
C SER P 13 -70.07 -20.64 3.20
N PRO P 14 -71.24 -20.85 3.83
CA PRO P 14 -71.49 -22.18 4.30
C PRO P 14 -71.60 -23.31 3.26
N GLU P 15 -71.76 -23.02 1.97
CA GLU P 15 -71.83 -24.11 0.98
C GLU P 15 -70.52 -24.34 0.25
N GLY P 16 -69.45 -23.69 0.70
CA GLY P 16 -68.16 -23.76 0.04
C GLY P 16 -68.09 -22.82 -1.13
N ARG P 17 -68.83 -21.71 -1.03
CA ARG P 17 -68.88 -20.78 -2.11
C ARG P 17 -68.12 -19.51 -1.80
N LEU P 18 -67.71 -18.84 -2.86
CA LEU P 18 -67.06 -17.58 -2.76
C LEU P 18 -67.97 -16.54 -3.38
N TYR P 19 -68.74 -15.87 -2.52
CA TYR P 19 -69.79 -14.97 -2.99
C TYR P 19 -69.29 -13.83 -3.89
N GLN P 20 -68.19 -13.20 -3.54
CA GLN P 20 -67.67 -12.11 -4.37
C GLN P 20 -67.36 -12.55 -5.80
N VAL P 21 -66.83 -13.76 -5.96
CA VAL P 21 -66.57 -14.33 -7.28
C VAL P 21 -67.89 -14.52 -8.04
N GLU P 22 -68.89 -15.14 -7.40
CA GLU P 22 -70.18 -15.34 -8.01
C GLU P 22 -70.82 -13.99 -8.42
N TYR P 23 -70.76 -13.02 -7.51
CA TYR P 23 -71.37 -11.73 -7.75
C TYR P 23 -70.67 -10.97 -8.86
N ALA P 24 -69.35 -11.14 -8.96
CA ALA P 24 -68.58 -10.63 -10.10
C ALA P 24 -69.02 -11.29 -11.40
N MET P 25 -69.26 -12.60 -11.35
CA MET P 25 -69.73 -13.32 -12.53
CA MET P 25 -69.80 -13.40 -12.48
C MET P 25 -71.09 -12.78 -13.02
N GLU P 26 -71.93 -12.25 -12.13
CA GLU P 26 -73.19 -11.58 -12.51
C GLU P 26 -72.93 -10.29 -13.24
N ALA P 27 -71.96 -9.52 -12.76
CA ALA P 27 -71.52 -8.29 -13.44
C ALA P 27 -71.16 -8.58 -14.88
N ILE P 28 -70.39 -9.65 -15.06
CA ILE P 28 -69.90 -10.08 -16.37
C ILE P 28 -71.03 -10.48 -17.29
N GLY P 29 -72.00 -11.24 -16.76
CA GLY P 29 -73.19 -11.63 -17.50
C GLY P 29 -73.98 -10.49 -18.12
N HIS P 30 -73.92 -9.29 -17.53
CA HIS P 30 -74.58 -8.09 -18.05
C HIS P 30 -73.71 -7.32 -19.03
N ALA P 31 -72.39 -7.56 -19.03
CA ALA P 31 -71.50 -6.86 -19.98
C ALA P 31 -71.71 -7.30 -21.45
N GLY P 32 -71.04 -6.57 -22.34
CA GLY P 32 -71.15 -6.82 -23.77
C GLY P 32 -70.85 -8.27 -24.10
N THR P 33 -71.56 -8.81 -25.07
CA THR P 33 -71.29 -10.19 -25.48
C THR P 33 -69.92 -10.23 -26.18
N CYS P 34 -69.19 -11.29 -25.92
CA CYS P 34 -67.86 -11.45 -26.46
C CYS P 34 -67.57 -12.92 -26.81
N LEU P 35 -67.31 -13.21 -28.07
CA LEU P 35 -67.09 -14.60 -28.49
C LEU P 35 -65.74 -14.83 -29.18
N GLY P 36 -65.33 -16.09 -29.17
CA GLY P 36 -64.07 -16.50 -29.71
C GLY P 36 -64.26 -17.78 -30.46
N ILE P 37 -63.68 -17.85 -31.65
CA ILE P 37 -63.78 -19.06 -32.47
C ILE P 37 -62.42 -19.47 -33.06
N LEU P 38 -62.08 -20.74 -32.85
CA LEU P 38 -60.89 -21.36 -33.41
C LEU P 38 -61.12 -22.01 -34.76
N ALA P 39 -60.19 -21.77 -35.68
CA ALA P 39 -60.23 -22.36 -36.99
C ALA P 39 -58.91 -23.07 -37.27
N ASN P 40 -58.86 -23.75 -38.41
CA ASN P 40 -57.62 -24.37 -38.89
C ASN P 40 -56.54 -23.39 -39.30
N ASP P 41 -56.93 -22.27 -39.89
CA ASP P 41 -55.96 -21.27 -40.38
C ASP P 41 -55.96 -19.98 -39.55
N GLY P 42 -56.44 -20.04 -38.31
CA GLY P 42 -56.50 -18.83 -37.49
C GLY P 42 -57.54 -18.84 -36.40
N VAL P 43 -57.65 -17.70 -35.73
CA VAL P 43 -58.55 -17.52 -34.60
C VAL P 43 -59.13 -16.13 -34.64
N LEU P 44 -60.34 -15.98 -34.12
CA LEU P 44 -60.98 -14.67 -34.05
C LEU P 44 -61.63 -14.36 -32.71
N LEU P 45 -61.80 -13.05 -32.49
CA LEU P 45 -62.61 -12.48 -31.45
C LEU P 45 -63.65 -11.59 -32.10
N ALA P 46 -64.91 -11.71 -31.65
CA ALA P 46 -65.97 -10.81 -32.02
C ALA P 46 -66.67 -10.30 -30.77
N ALA P 47 -66.79 -9.00 -30.63
CA ALA P 47 -67.37 -8.39 -29.43
C ALA P 47 -68.39 -7.30 -29.74
N GLU P 48 -69.47 -7.31 -28.96
CA GLU P 48 -70.44 -6.22 -28.91
C GLU P 48 -69.81 -4.97 -28.35
N ARG P 49 -69.90 -3.87 -29.06
CA ARG P 49 -69.49 -2.59 -28.51
C ARG P 49 -70.57 -2.00 -27.63
N ARG P 50 -70.15 -1.46 -26.49
CA ARG P 50 -71.02 -0.62 -25.66
C ARG P 50 -70.78 0.88 -25.90
N ASN P 51 -69.53 1.27 -26.17
CA ASN P 51 -69.17 2.65 -26.59
C ASN P 51 -69.69 2.88 -28.02
N ILE P 52 -71.02 2.88 -28.16
CA ILE P 52 -71.61 2.66 -29.47
C ILE P 52 -73.03 3.06 -29.44
N HIS P 53 -73.34 4.27 -29.91
CA HIS P 53 -72.38 5.31 -30.24
C HIS P 53 -72.80 6.48 -29.36
N LYS P 54 -72.50 7.69 -29.80
CA LYS P 54 -73.18 8.87 -29.33
C LYS P 54 -72.61 10.02 -30.21
N LEU P 55 -72.19 11.09 -29.54
CA LEU P 55 -71.09 11.96 -29.95
C LEU P 55 -69.69 11.40 -29.45
N LEU P 56 -69.50 10.07 -29.29
CA LEU P 56 -68.17 9.48 -28.96
C LEU P 56 -67.17 9.73 -30.08
N ASP P 57 -65.86 9.73 -29.79
CA ASP P 57 -64.83 10.25 -30.75
C ASP P 57 -63.98 9.24 -31.52
N GLU P 58 -63.89 7.98 -31.15
CA GLU P 58 -63.15 7.00 -32.00
C GLU P 58 -61.68 7.39 -32.22
N VAL P 59 -60.86 7.01 -31.25
CA VAL P 59 -59.48 7.43 -31.15
C VAL P 59 -58.52 6.25 -31.08
N PHE P 60 -58.90 5.11 -30.50
CA PHE P 60 -58.04 3.90 -30.54
C PHE P 60 -58.49 2.97 -31.65
N PHE P 61 -57.69 1.95 -31.90
CA PHE P 61 -58.00 1.00 -32.98
C PHE P 61 -59.07 -0.04 -32.58
N SER P 62 -59.34 -0.18 -31.28
CA SER P 62 -60.52 -0.92 -30.82
C SER P 62 -60.97 -0.46 -29.46
N GLU P 63 -62.10 -1.01 -29.01
CA GLU P 63 -62.74 -0.69 -27.72
C GLU P 63 -62.36 -1.73 -26.68
N LYS P 64 -62.45 -3.01 -27.04
CA LYS P 64 -62.29 -4.14 -26.11
C LYS P 64 -61.33 -5.22 -26.62
N ILE P 65 -60.64 -4.99 -27.73
CA ILE P 65 -59.65 -5.94 -28.26
C ILE P 65 -58.27 -5.41 -27.83
N TYR P 66 -57.48 -6.20 -27.11
CA TYR P 66 -56.16 -5.74 -26.66
C TYR P 66 -55.06 -6.64 -27.19
N LYS P 67 -54.07 -6.03 -27.83
CA LYS P 67 -52.86 -6.79 -28.20
C LYS P 67 -52.04 -7.06 -26.94
N LEU P 68 -51.59 -8.31 -26.75
CA LEU P 68 -50.82 -8.69 -25.51
C LEU P 68 -49.31 -8.77 -25.71
N ASN P 69 -48.90 -9.26 -26.89
CA ASN P 69 -47.54 -9.30 -27.35
C ASN P 69 -47.62 -9.59 -28.86
N GLU P 70 -46.49 -9.98 -29.48
CA GLU P 70 -46.42 -10.29 -30.92
C GLU P 70 -47.40 -11.37 -31.40
N ASP P 71 -47.66 -12.37 -30.56
CA ASP P 71 -48.42 -13.54 -30.97
C ASP P 71 -49.79 -13.73 -30.32
N MET P 72 -50.32 -12.72 -29.63
CA MET P 72 -51.49 -12.91 -28.80
C MET P 72 -52.29 -11.65 -28.64
N ALA P 73 -53.62 -11.83 -28.57
CA ALA P 73 -54.53 -10.75 -28.21
C ALA P 73 -55.62 -11.28 -27.27
N CYS P 74 -56.38 -10.35 -26.71
CA CYS P 74 -57.49 -10.72 -25.90
C CYS P 74 -58.66 -9.76 -26.02
N SER P 75 -59.82 -10.26 -25.60
CA SER P 75 -60.98 -9.40 -25.34
C SER P 75 -61.56 -9.68 -23.97
N VAL P 76 -62.41 -8.77 -23.52
CA VAL P 76 -62.87 -8.75 -22.15
C VAL P 76 -64.38 -8.49 -22.05
N ALA P 77 -64.97 -8.94 -20.95
CA ALA P 77 -66.32 -8.61 -20.60
C ALA P 77 -66.30 -8.38 -19.11
N GLY P 78 -66.85 -7.24 -18.67
CA GLY P 78 -66.92 -6.91 -17.25
C GLY P 78 -66.59 -5.47 -16.97
N ILE P 79 -66.01 -5.20 -15.81
CA ILE P 79 -65.66 -3.84 -15.42
C ILE P 79 -64.42 -3.42 -16.26
N THR P 80 -64.56 -2.33 -17.02
CA THR P 80 -63.55 -1.91 -17.99
C THR P 80 -62.18 -1.48 -17.35
N SER P 81 -62.25 -0.67 -16.29
CA SER P 81 -61.11 -0.25 -15.53
C SER P 81 -60.38 -1.48 -14.95
N ASP P 82 -61.14 -2.48 -14.46
CA ASP P 82 -60.49 -3.72 -14.00
C ASP P 82 -59.77 -4.43 -15.17
N ALA P 83 -60.40 -4.43 -16.36
CA ALA P 83 -59.80 -5.05 -17.52
C ALA P 83 -58.48 -4.38 -17.96
N ASN P 84 -58.40 -3.05 -17.80
CA ASN P 84 -57.20 -2.28 -18.09
C ASN P 84 -56.01 -2.67 -17.15
N VAL P 85 -56.29 -2.91 -15.87
CA VAL P 85 -55.27 -3.37 -14.95
C VAL P 85 -54.78 -4.73 -15.42
N LEU P 86 -55.69 -5.65 -15.71
CA LEU P 86 -55.30 -7.02 -16.03
C LEU P 86 -54.54 -7.15 -17.33
N THR P 87 -54.93 -6.36 -18.34
CA THR P 87 -54.29 -6.43 -19.64
C THR P 87 -52.90 -5.80 -19.58
N ASN P 88 -52.75 -4.74 -18.79
CA ASN P 88 -51.42 -4.23 -18.48
C ASN P 88 -50.55 -5.29 -17.79
N GLU P 89 -51.11 -6.02 -16.81
CA GLU P 89 -50.35 -7.10 -16.20
C GLU P 89 -49.99 -8.22 -17.18
N LEU P 90 -50.89 -8.57 -18.09
CA LEU P 90 -50.59 -9.60 -19.10
C LEU P 90 -49.42 -9.23 -19.98
N ARG P 91 -49.33 -7.97 -20.37
CA ARG P 91 -48.23 -7.47 -21.19
C ARG P 91 -46.89 -7.55 -20.44
N LEU P 92 -46.89 -7.13 -19.18
CA LEU P 92 -45.71 -7.25 -18.30
C LEU P 92 -45.21 -8.70 -18.19
N ILE P 93 -46.12 -9.63 -17.90
CA ILE P 93 -45.76 -11.05 -17.77
C ILE P 93 -45.12 -11.60 -19.06
N ALA P 94 -45.71 -11.24 -20.19
CA ALA P 94 -45.22 -11.68 -21.46
C ALA P 94 -43.81 -11.16 -21.77
N GLN P 95 -43.54 -9.90 -21.44
CA GLN P 95 -42.22 -9.33 -21.58
C GLN P 95 -41.19 -9.87 -20.58
N ARG P 96 -41.63 -10.20 -19.37
CA ARG P 96 -40.73 -10.87 -18.41
C ARG P 96 -40.31 -12.19 -18.96
N TYR P 97 -41.26 -12.93 -19.52
CA TYR P 97 -40.92 -14.21 -20.09
C TYR P 97 -39.91 -14.04 -21.24
N LEU P 98 -40.19 -13.10 -22.14
CA LEU P 98 -39.33 -12.87 -23.27
C LEU P 98 -37.90 -12.46 -22.83
N LEU P 99 -37.81 -11.58 -21.82
CA LEU P 99 -36.54 -11.14 -21.26
C LEU P 99 -35.71 -12.35 -20.84
N GLN P 100 -36.37 -13.23 -20.09
CA GLN P 100 -35.72 -14.39 -19.46
C GLN P 100 -35.27 -15.50 -20.44
N TYR P 101 -36.17 -15.85 -21.35
CA TYR P 101 -35.96 -16.98 -22.27
C TYR P 101 -35.61 -16.59 -23.71
N GLN P 102 -35.83 -15.33 -24.08
CA GLN P 102 -35.63 -14.83 -25.46
C GLN P 102 -36.47 -15.60 -26.47
N GLU P 103 -37.69 -15.91 -26.05
CA GLU P 103 -38.67 -16.50 -26.91
C GLU P 103 -40.03 -16.10 -26.36
N PRO P 104 -41.08 -16.08 -27.20
CA PRO P 104 -42.40 -15.65 -26.71
C PRO P 104 -43.04 -16.63 -25.71
N ILE P 105 -43.81 -16.10 -24.76
CA ILE P 105 -44.50 -16.93 -23.76
C ILE P 105 -45.56 -17.77 -24.48
N PRO P 106 -45.54 -19.11 -24.30
CA PRO P 106 -46.63 -19.91 -24.81
C PRO P 106 -47.96 -19.45 -24.19
N CYS P 107 -48.99 -19.49 -25.03
CA CYS P 107 -50.29 -18.95 -24.68
C CYS P 107 -50.83 -19.38 -23.32
N GLU P 108 -50.85 -20.67 -23.07
CA GLU P 108 -51.42 -21.22 -21.86
C GLU P 108 -50.64 -20.74 -20.64
N GLN P 109 -49.34 -20.53 -20.80
CA GLN P 109 -48.50 -20.04 -19.70
C GLN P 109 -48.85 -18.62 -19.34
N LEU P 110 -49.18 -17.79 -20.33
CA LEU P 110 -49.57 -16.41 -20.01
C LEU P 110 -50.92 -16.37 -19.23
N VAL P 111 -51.89 -17.16 -19.73
CA VAL P 111 -53.20 -17.27 -19.13
C VAL P 111 -53.08 -17.73 -17.67
N THR P 112 -52.30 -18.79 -17.46
CA THR P 112 -52.12 -19.34 -16.13
C THR P 112 -51.50 -18.36 -15.18
N ALA P 113 -50.52 -17.59 -15.65
CA ALA P 113 -49.86 -16.64 -14.78
C ALA P 113 -50.84 -15.57 -14.33
N LEU P 114 -51.69 -15.11 -15.23
CA LEU P 114 -52.68 -14.11 -14.79
C LEU P 114 -53.70 -14.74 -13.84
N CYS P 115 -54.16 -15.95 -14.18
CA CYS P 115 -55.16 -16.62 -13.34
C CYS P 115 -54.66 -16.87 -11.89
N ASP P 116 -53.33 -16.97 -11.70
CA ASP P 116 -52.78 -17.09 -10.34
C ASP P 116 -52.93 -15.80 -9.55
N ILE P 117 -52.85 -14.67 -10.22
CA ILE P 117 -53.11 -13.39 -9.61
C ILE P 117 -54.58 -13.30 -9.15
N LYS P 118 -55.49 -13.63 -10.06
CA LYS P 118 -56.92 -13.63 -9.77
C LYS P 118 -57.24 -14.59 -8.66
N GLN P 119 -56.66 -15.79 -8.68
CA GLN P 119 -56.87 -16.76 -7.59
C GLN P 119 -56.43 -16.20 -6.23
N ALA P 120 -55.28 -15.52 -6.16
CA ALA P 120 -54.81 -14.88 -4.92
C ALA P 120 -55.81 -13.88 -4.32
N TYR P 121 -56.45 -13.10 -5.18
CA TYR P 121 -57.45 -12.13 -4.79
C TYR P 121 -58.67 -12.77 -4.16
N THR P 122 -58.88 -14.07 -4.38
CA THR P 122 -59.99 -14.82 -3.80
C THR P 122 -59.62 -15.59 -2.52
N GLN P 123 -58.34 -15.64 -2.21
CA GLN P 123 -57.81 -16.42 -1.07
C GLN P 123 -57.19 -15.58 0.06
N PHE P 124 -56.50 -14.50 -0.29
CA PHE P 124 -56.02 -13.59 0.72
C PHE P 124 -56.07 -12.14 0.28
N GLY P 125 -55.87 -11.23 1.22
CA GLY P 125 -55.81 -9.81 0.94
C GLY P 125 -57.05 -8.98 1.30
N GLY P 126 -58.20 -9.61 1.53
CA GLY P 126 -59.41 -8.87 1.87
C GLY P 126 -59.95 -7.88 0.84
N LYS P 127 -59.54 -8.07 -0.41
CA LYS P 127 -59.96 -7.19 -1.50
C LYS P 127 -61.08 -7.81 -2.32
N ARG P 128 -61.86 -6.93 -2.97
CA ARG P 128 -62.80 -7.38 -4.02
C ARG P 128 -62.02 -7.99 -5.18
N PRO P 129 -62.54 -9.08 -5.79
CA PRO P 129 -61.94 -9.57 -7.00
C PRO P 129 -62.11 -8.62 -8.19
N PHE P 130 -61.41 -8.95 -9.27
CA PHE P 130 -61.47 -8.18 -10.54
C PHE P 130 -62.74 -8.66 -11.28
N GLY P 131 -63.56 -7.71 -11.76
CA GLY P 131 -64.83 -8.05 -12.40
C GLY P 131 -64.71 -8.29 -13.90
N VAL P 132 -63.88 -9.28 -14.27
CA VAL P 132 -63.52 -9.49 -15.64
C VAL P 132 -63.45 -10.98 -15.97
N SER P 133 -64.02 -11.31 -17.14
CA SER P 133 -63.65 -12.53 -17.84
C SER P 133 -62.91 -12.14 -19.11
N LEU P 134 -62.02 -13.01 -19.55
CA LEU P 134 -61.19 -12.74 -20.70
C LEU P 134 -61.26 -13.88 -21.69
N LEU P 135 -61.25 -13.54 -22.97
CA LEU P 135 -61.00 -14.50 -24.03
C LEU P 135 -59.63 -14.16 -24.63
N TYR P 136 -58.78 -15.17 -24.77
CA TYR P 136 -57.41 -14.99 -25.24
C TYR P 136 -57.29 -15.78 -26.51
N ILE P 137 -56.75 -15.14 -27.57
CA ILE P 137 -56.38 -15.83 -28.82
C ILE P 137 -54.86 -15.71 -29.04
N GLY P 138 -54.28 -16.69 -29.70
CA GLY P 138 -52.85 -16.73 -29.87
C GLY P 138 -52.37 -17.86 -30.72
N TRP P 139 -51.09 -17.76 -31.08
CA TRP P 139 -50.33 -18.82 -31.73
C TRP P 139 -49.04 -19.05 -30.94
N ASP P 140 -48.65 -20.30 -30.78
CA ASP P 140 -47.30 -20.62 -30.34
C ASP P 140 -46.84 -21.89 -31.01
N LYS P 141 -45.57 -22.16 -30.84
CA LYS P 141 -44.93 -23.26 -31.52
C LYS P 141 -45.18 -24.59 -30.87
N HIS P 142 -45.79 -24.62 -29.69
CA HIS P 142 -46.18 -25.89 -29.07
C HIS P 142 -47.53 -26.42 -29.51
N TYR P 143 -48.56 -25.57 -29.54
CA TYR P 143 -49.93 -26.02 -29.84
C TYR P 143 -50.64 -25.17 -30.93
N GLY P 144 -49.88 -24.40 -31.67
CA GLY P 144 -50.42 -23.58 -32.73
C GLY P 144 -51.52 -22.63 -32.26
N PHE P 145 -52.58 -22.53 -33.07
CA PHE P 145 -53.66 -21.59 -32.82
C PHE P 145 -54.41 -22.04 -31.60
N GLN P 146 -54.66 -21.09 -30.70
CA GLN P 146 -55.30 -21.39 -29.45
C GLN P 146 -56.29 -20.31 -29.07
N LEU P 147 -57.27 -20.74 -28.30
CA LEU P 147 -58.29 -19.88 -27.70
C LEU P 147 -58.49 -20.29 -26.21
N TYR P 148 -58.42 -19.33 -25.30
CA TYR P 148 -58.57 -19.56 -23.87
C TYR P 148 -59.64 -18.66 -23.31
N GLN P 149 -60.25 -19.10 -22.21
CA GLN P 149 -61.17 -18.28 -21.45
C GLN P 149 -60.74 -18.31 -19.98
N SER P 150 -60.76 -17.15 -19.32
CA SER P 150 -60.56 -17.10 -17.87
C SER P 150 -61.62 -16.25 -17.20
N ASP P 151 -61.91 -16.54 -15.93
CA ASP P 151 -62.90 -15.77 -15.18
C ASP P 151 -62.41 -15.36 -13.77
N PRO P 152 -63.22 -14.57 -13.04
CA PRO P 152 -62.72 -14.02 -11.78
C PRO P 152 -62.31 -15.02 -10.69
N SER P 153 -62.73 -16.27 -10.78
CA SER P 153 -62.27 -17.29 -9.84
C SER P 153 -60.80 -17.65 -10.02
N GLY P 154 -60.17 -17.20 -11.12
CA GLY P 154 -58.85 -17.66 -11.50
C GLY P 154 -58.87 -18.98 -12.22
N ASN P 155 -60.06 -19.46 -12.61
CA ASN P 155 -60.15 -20.62 -13.46
C ASN P 155 -60.01 -20.27 -14.93
N TYR P 156 -59.48 -21.20 -15.71
CA TYR P 156 -59.43 -21.04 -17.16
C TYR P 156 -59.56 -22.37 -17.88
N GLY P 157 -59.87 -22.28 -19.15
CA GLY P 157 -59.83 -23.42 -20.00
C GLY P 157 -59.62 -23.10 -21.46
N GLY P 158 -59.21 -24.14 -22.17
CA GLY P 158 -59.03 -24.07 -23.62
C GLY P 158 -60.34 -24.42 -24.26
N TRP P 159 -60.62 -23.75 -25.38
CA TRP P 159 -61.88 -23.93 -26.11
C TRP P 159 -61.64 -23.84 -27.60
N LYS P 160 -62.44 -24.56 -28.35
CA LYS P 160 -62.52 -24.44 -29.79
C LYS P 160 -63.52 -23.35 -30.20
N ALA P 161 -64.51 -23.09 -29.35
CA ALA P 161 -65.35 -21.90 -29.47
C ALA P 161 -65.99 -21.65 -28.14
N THR P 162 -66.19 -20.38 -27.81
CA THR P 162 -66.83 -20.02 -26.56
C THR P 162 -67.33 -18.58 -26.58
N CYS P 163 -68.03 -18.21 -25.53
CA CYS P 163 -68.68 -16.89 -25.42
C CYS P 163 -68.82 -16.46 -23.97
N ILE P 164 -68.65 -15.16 -23.73
CA ILE P 164 -68.83 -14.60 -22.41
C ILE P 164 -69.64 -13.31 -22.55
N GLY P 165 -70.19 -12.87 -21.43
CA GLY P 165 -71.03 -11.68 -21.41
C GLY P 165 -72.50 -12.00 -21.71
N ASN P 166 -73.19 -10.99 -22.20
CA ASN P 166 -74.65 -11.06 -22.38
C ASN P 166 -75.08 -12.19 -23.33
N ASN P 167 -76.04 -12.99 -22.85
CA ASN P 167 -76.59 -14.12 -23.58
C ASN P 167 -75.63 -15.23 -23.96
N SER P 168 -74.61 -15.43 -23.15
CA SER P 168 -73.58 -16.43 -23.40
C SER P 168 -74.10 -17.81 -23.60
N ALA P 169 -74.99 -18.23 -22.68
CA ALA P 169 -75.58 -19.59 -22.69
C ALA P 169 -76.21 -19.85 -24.03
N ALA P 170 -76.96 -18.87 -24.54
CA ALA P 170 -77.60 -18.95 -25.84
C ALA P 170 -76.57 -19.05 -26.97
N ALA P 171 -75.56 -18.17 -26.91
CA ALA P 171 -74.49 -18.19 -27.89
C ALA P 171 -73.79 -19.55 -27.96
N VAL P 172 -73.43 -20.11 -26.80
CA VAL P 172 -72.76 -21.40 -26.75
C VAL P 172 -73.60 -22.53 -27.32
N SER P 173 -74.92 -22.51 -27.10
CA SER P 173 -75.82 -23.49 -27.74
C SER P 173 -75.74 -23.41 -29.24
N MET P 174 -75.77 -22.19 -29.79
CA MET P 174 -75.64 -22.02 -31.24
C MET P 174 -74.29 -22.52 -31.76
N LEU P 175 -73.22 -22.24 -31.02
CA LEU P 175 -71.88 -22.73 -31.37
C LEU P 175 -71.79 -24.27 -31.35
N LYS P 176 -72.21 -24.89 -30.23
CA LYS P 176 -72.38 -26.37 -30.14
C LYS P 176 -73.03 -26.99 -31.37
N GLN P 177 -74.01 -26.31 -31.95
CA GLN P 177 -74.76 -26.91 -33.03
C GLN P 177 -74.12 -26.65 -34.38
N ASP P 178 -73.50 -25.50 -34.58
CA ASP P 178 -72.94 -25.17 -35.90
C ASP P 178 -71.45 -25.45 -36.09
N TYR P 179 -70.68 -25.54 -35.01
CA TYR P 179 -69.22 -25.61 -35.11
C TYR P 179 -68.80 -27.02 -35.59
N LYS P 180 -67.96 -27.07 -36.64
CA LYS P 180 -67.44 -28.33 -37.19
C LYS P 180 -66.01 -28.56 -36.72
N GLU P 181 -65.82 -29.40 -35.70
CA GLU P 181 -64.47 -29.70 -35.17
C GLU P 181 -63.52 -30.16 -36.28
N GLY P 182 -62.32 -29.61 -36.30
CA GLY P 182 -61.32 -29.94 -37.33
C GLY P 182 -61.59 -29.43 -38.74
N GLU P 183 -62.74 -28.80 -39.01
CA GLU P 183 -63.12 -28.45 -40.37
C GLU P 183 -63.46 -26.97 -40.59
N MET P 184 -63.23 -26.12 -39.61
CA MET P 184 -63.53 -24.69 -39.74
C MET P 184 -62.37 -23.95 -40.42
N THR P 185 -62.71 -22.94 -41.21
CA THR P 185 -61.77 -21.98 -41.75
C THR P 185 -62.11 -20.64 -41.11
N LEU P 186 -61.20 -19.70 -41.24
CA LEU P 186 -61.41 -18.36 -40.71
C LEU P 186 -62.62 -17.71 -41.35
N LYS P 187 -62.81 -18.01 -42.62
CA LYS P 187 -63.94 -17.51 -43.39
C LYS P 187 -65.29 -18.07 -42.91
N SER P 188 -65.35 -19.35 -42.58
CA SER P 188 -66.57 -19.93 -42.04
C SER P 188 -66.79 -19.56 -40.56
N ALA P 189 -65.70 -19.42 -39.78
CA ALA P 189 -65.80 -19.00 -38.36
C ALA P 189 -66.33 -17.57 -38.27
N LEU P 190 -65.87 -16.71 -39.17
CA LEU P 190 -66.40 -15.35 -39.31
C LEU P 190 -67.89 -15.37 -39.55
N ALA P 191 -68.34 -16.25 -40.46
CA ALA P 191 -69.78 -16.38 -40.79
C ALA P 191 -70.56 -16.81 -39.55
N LEU P 192 -70.01 -17.79 -38.82
CA LEU P 192 -70.64 -18.28 -37.60
C LEU P 192 -70.73 -17.19 -36.55
N ALA P 193 -69.64 -16.44 -36.40
CA ALA P 193 -69.59 -15.37 -35.39
C ALA P 193 -70.73 -14.39 -35.58
N ILE P 194 -70.94 -13.98 -36.83
CA ILE P 194 -71.98 -12.99 -37.13
C ILE P 194 -73.36 -13.57 -36.91
N LYS P 195 -73.53 -14.82 -37.32
CA LYS P 195 -74.74 -15.55 -37.04
C LYS P 195 -75.04 -15.54 -35.54
N VAL P 196 -74.05 -15.88 -34.73
CA VAL P 196 -74.24 -15.90 -33.28
C VAL P 196 -74.58 -14.51 -32.70
N LEU P 197 -73.83 -13.47 -33.06
CA LEU P 197 -74.10 -12.10 -32.55
C LEU P 197 -75.47 -11.58 -32.95
N ASN P 198 -75.88 -11.93 -34.15
CA ASN P 198 -77.17 -11.53 -34.69
C ASN P 198 -78.35 -12.05 -33.85
N LYS P 199 -78.27 -13.30 -33.43
CA LYS P 199 -79.26 -13.89 -32.52
C LYS P 199 -79.14 -13.34 -31.08
N THR P 200 -77.92 -13.18 -30.57
CA THR P 200 -77.72 -12.76 -29.18
C THR P 200 -77.74 -11.25 -28.87
N MET P 201 -77.66 -10.40 -29.88
CA MET P 201 -77.89 -8.96 -29.67
C MET P 201 -79.34 -8.55 -29.83
N ASP P 202 -80.08 -8.62 -28.72
CA ASP P 202 -81.50 -8.16 -28.65
C ASP P 202 -81.71 -6.62 -28.87
N VAL P 203 -80.61 -5.85 -28.86
CA VAL P 203 -80.55 -4.52 -29.54
C VAL P 203 -80.62 -4.86 -31.05
N SER P 204 -81.82 -4.71 -31.63
CA SER P 204 -82.30 -5.52 -32.80
C SER P 204 -81.38 -5.58 -34.07
N LYS P 205 -81.62 -4.74 -35.09
CA LYS P 205 -80.98 -4.88 -36.42
C LYS P 205 -79.46 -4.64 -36.28
N LEU P 206 -78.68 -5.73 -36.34
CA LEU P 206 -77.21 -5.74 -36.13
C LEU P 206 -76.44 -4.89 -37.13
N SER P 207 -75.53 -4.08 -36.60
CA SER P 207 -74.87 -3.04 -37.34
C SER P 207 -73.37 -3.19 -37.13
N ALA P 208 -72.56 -2.74 -38.08
CA ALA P 208 -71.10 -2.76 -37.96
C ALA P 208 -70.61 -1.86 -36.84
N GLU P 209 -71.19 -0.67 -36.74
CA GLU P 209 -70.95 0.25 -35.62
C GLU P 209 -71.11 -0.42 -34.23
N LYS P 210 -71.94 -1.45 -34.14
CA LYS P 210 -72.22 -2.14 -32.87
C LYS P 210 -71.29 -3.35 -32.54
N VAL P 211 -70.38 -3.73 -33.45
CA VAL P 211 -69.45 -4.86 -33.20
C VAL P 211 -67.99 -4.58 -33.58
N GLU P 212 -67.12 -5.45 -33.07
CA GLU P 212 -65.68 -5.41 -33.32
C GLU P 212 -65.23 -6.83 -33.57
N ILE P 213 -64.50 -7.04 -34.65
CA ILE P 213 -63.93 -8.33 -34.93
C ILE P 213 -62.43 -8.17 -35.10
N ALA P 214 -61.68 -9.10 -34.50
CA ALA P 214 -60.24 -9.17 -34.72
C ALA P 214 -59.93 -10.58 -35.15
N THR P 215 -58.99 -10.74 -36.06
CA THR P 215 -58.49 -12.04 -36.42
C THR P 215 -57.01 -12.15 -36.13
N LEU P 216 -56.54 -13.38 -36.03
CA LEU P 216 -55.15 -13.73 -35.75
C LEU P 216 -54.79 -14.92 -36.64
N THR P 217 -53.79 -14.70 -37.48
CA THR P 217 -53.36 -15.64 -38.50
C THR P 217 -51.84 -15.70 -38.57
N ARG P 218 -51.31 -16.59 -39.40
CA ARG P 218 -49.87 -16.72 -39.63
C ARG P 218 -49.57 -16.44 -41.10
N GLU P 219 -48.59 -15.57 -41.36
CA GLU P 219 -48.13 -15.25 -42.73
C GLU P 219 -46.61 -15.17 -42.74
N ASN P 220 -45.98 -16.06 -43.50
CA ASN P 220 -44.52 -16.02 -43.70
C ASN P 220 -43.74 -16.13 -42.40
N GLY P 221 -44.18 -17.00 -41.50
CA GLY P 221 -43.56 -17.22 -40.19
C GLY P 221 -43.74 -16.11 -39.16
N LYS P 222 -44.79 -15.32 -39.31
CA LYS P 222 -45.05 -14.17 -38.47
C LYS P 222 -46.55 -14.18 -38.14
N THR P 223 -46.90 -13.85 -36.92
CA THR P 223 -48.29 -13.72 -36.53
C THR P 223 -48.86 -12.37 -36.96
N VAL P 224 -50.04 -12.38 -37.59
CA VAL P 224 -50.71 -11.13 -37.95
C VAL P 224 -51.97 -11.03 -37.13
N ILE P 225 -52.14 -9.89 -36.47
CA ILE P 225 -53.28 -9.60 -35.62
C ILE P 225 -53.90 -8.37 -36.23
N ARG P 226 -55.17 -8.44 -36.66
CA ARG P 226 -55.83 -7.33 -37.36
C ARG P 226 -57.24 -7.12 -36.83
N VAL P 227 -57.61 -5.87 -36.58
CA VAL P 227 -58.99 -5.48 -36.28
C VAL P 227 -59.62 -5.13 -37.61
N LEU P 228 -60.69 -5.87 -37.99
CA LEU P 228 -61.34 -5.65 -39.29
C LEU P 228 -61.86 -4.21 -39.39
N LYS P 229 -61.67 -3.61 -40.57
CA LYS P 229 -62.25 -2.32 -40.88
C LYS P 229 -63.79 -2.49 -41.03
N GLN P 230 -64.51 -1.40 -40.80
CA GLN P 230 -65.98 -1.41 -40.77
C GLN P 230 -66.61 -1.81 -42.13
N LYS P 231 -65.89 -1.52 -43.23
CA LYS P 231 -66.27 -1.98 -44.58
C LYS P 231 -66.33 -3.53 -44.62
N GLU P 232 -65.32 -4.19 -44.04
CA GLU P 232 -65.28 -5.67 -44.00
C GLU P 232 -66.40 -6.26 -43.10
N VAL P 233 -66.69 -5.59 -41.97
CA VAL P 233 -67.76 -6.03 -41.05
C VAL P 233 -69.15 -5.91 -41.72
N GLU P 234 -69.44 -4.77 -42.33
CA GLU P 234 -70.68 -4.59 -43.15
C GLU P 234 -70.84 -5.67 -44.22
N GLN P 235 -69.76 -5.93 -44.96
CA GLN P 235 -69.77 -6.98 -45.98
C GLN P 235 -70.11 -8.36 -45.38
N LEU P 236 -69.53 -8.72 -44.24
CA LEU P 236 -69.90 -10.00 -43.60
C LEU P 236 -71.35 -10.05 -43.10
N ILE P 237 -71.86 -8.91 -42.61
CA ILE P 237 -73.26 -8.81 -42.18
C ILE P 237 -74.18 -8.95 -43.40
N LYS P 238 -73.90 -8.21 -44.48
CA LYS P 238 -74.60 -8.36 -45.78
C LYS P 238 -74.70 -9.85 -46.19
N LYS P 239 -73.57 -10.59 -46.17
CA LYS P 239 -73.54 -12.01 -46.61
C LYS P 239 -74.39 -12.94 -45.76
N HIS P 240 -74.35 -12.74 -44.44
CA HIS P 240 -75.23 -13.45 -43.52
C HIS P 240 -76.73 -13.22 -43.80
N GLU P 241 -77.11 -11.99 -44.16
CA GLU P 241 -78.52 -11.65 -44.47
C GLU P 241 -78.93 -12.24 -45.82
N GLU P 242 -78.05 -12.12 -46.80
CA GLU P 242 -78.18 -12.84 -48.08
C GLU P 242 -78.37 -14.35 -47.87
N GLU P 243 -77.60 -14.92 -46.94
CA GLU P 243 -77.68 -16.36 -46.64
C GLU P 243 -79.04 -16.79 -46.08
N GLU P 244 -79.58 -16.06 -45.11
CA GLU P 244 -80.97 -16.30 -44.63
C GLU P 244 -82.02 -16.14 -45.75
N ALA P 245 -82.56 -17.25 -46.28
CA ALA P 245 -82.99 -17.40 -47.71
C ALA P 245 -81.70 -17.54 -48.54
N LYS P 246 -81.13 -18.75 -48.70
CA LYS P 246 -81.83 -19.96 -49.19
C LYS P 246 -82.83 -20.74 -48.31
N ALA P 247 -82.79 -20.57 -46.99
CA ALA P 247 -83.69 -21.29 -46.04
C ALA P 247 -85.18 -21.29 -46.46
N GLU P 248 -85.62 -20.28 -47.20
CA GLU P 248 -87.03 -20.10 -47.62
C GLU P 248 -87.27 -20.64 -49.02
N ARG P 249 -88.49 -21.11 -49.34
CA ARG P 249 -88.88 -21.56 -50.70
C ARG P 249 -90.11 -20.84 -51.24
N SER Q 2 -51.01 -4.48 5.00
CA SER Q 2 -51.46 -5.85 4.60
C SER Q 2 -52.51 -6.50 5.54
N TYR Q 3 -53.28 -7.40 4.98
CA TYR Q 3 -54.54 -7.81 5.57
C TYR Q 3 -54.28 -8.94 6.56
N ASP Q 4 -54.55 -8.68 7.83
CA ASP Q 4 -54.28 -9.61 8.95
C ASP Q 4 -55.50 -10.20 9.66
N ARG Q 5 -56.69 -10.05 9.11
CA ARG Q 5 -57.86 -10.60 9.75
C ARG Q 5 -57.71 -12.11 10.04
N ALA Q 6 -58.07 -12.52 11.24
CA ALA Q 6 -58.14 -13.93 11.56
C ALA Q 6 -59.37 -14.45 10.87
N ILE Q 7 -59.19 -15.37 9.94
CA ILE Q 7 -60.26 -15.86 9.13
C ILE Q 7 -60.76 -17.21 9.64
N THR Q 8 -59.85 -18.12 9.92
CA THR Q 8 -60.24 -19.39 10.45
C THR Q 8 -60.10 -19.28 11.97
N VAL Q 9 -61.24 -19.37 12.66
CA VAL Q 9 -61.32 -19.31 14.12
C VAL Q 9 -62.25 -20.42 14.62
N PHE Q 10 -62.12 -20.74 15.91
CA PHE Q 10 -62.98 -21.69 16.56
C PHE Q 10 -64.35 -21.11 16.80
N SER Q 11 -65.33 -22.00 16.76
CA SER Q 11 -66.70 -21.74 17.15
C SER Q 11 -67.00 -22.49 18.42
N PRO Q 12 -68.18 -22.21 19.04
CA PRO Q 12 -68.47 -22.78 20.34
C PRO Q 12 -68.31 -24.28 20.63
N ASP Q 13 -68.58 -25.15 19.71
CA ASP Q 13 -68.45 -26.56 20.14
C ASP Q 13 -67.18 -27.17 19.53
N GLY Q 14 -66.18 -26.32 19.31
CA GLY Q 14 -64.86 -26.74 18.82
C GLY Q 14 -64.69 -26.82 17.34
N HIS Q 15 -65.57 -26.20 16.58
CA HIS Q 15 -65.56 -26.31 15.12
C HIS Q 15 -64.72 -25.24 14.52
N LEU Q 16 -64.07 -25.59 13.43
CA LEU Q 16 -63.41 -24.60 12.59
C LEU Q 16 -64.28 -24.46 11.32
N PHE Q 17 -65.25 -23.54 11.36
CA PHE Q 17 -66.21 -23.39 10.25
C PHE Q 17 -65.60 -23.11 8.85
N GLN Q 18 -64.55 -22.30 8.74
CA GLN Q 18 -63.93 -22.11 7.44
C GLN Q 18 -63.38 -23.40 6.81
N VAL Q 19 -62.90 -24.31 7.66
CA VAL Q 19 -62.38 -25.60 7.21
C VAL Q 19 -63.53 -26.49 6.77
N GLU Q 20 -64.59 -26.51 7.57
CA GLU Q 20 -65.79 -27.28 7.21
C GLU Q 20 -66.37 -26.80 5.89
N TYR Q 21 -66.29 -25.49 5.65
CA TYR Q 21 -66.86 -24.92 4.44
C TYR Q 21 -66.00 -25.22 3.25
N ALA Q 22 -64.68 -25.23 3.45
CA ALA Q 22 -63.71 -25.69 2.43
C ALA Q 22 -64.01 -27.15 2.04
N GLN Q 23 -64.30 -27.97 3.05
CA GLN Q 23 -64.75 -29.35 2.85
C GLN Q 23 -66.05 -29.43 2.04
N GLU Q 24 -66.98 -28.50 2.21
CA GLU Q 24 -68.20 -28.44 1.38
C GLU Q 24 -67.84 -28.11 -0.08
N ALA Q 25 -66.82 -27.27 -0.29
CA ALA Q 25 -66.38 -26.99 -1.65
C ALA Q 25 -65.85 -28.27 -2.31
N VAL Q 26 -65.14 -29.11 -1.53
CA VAL Q 26 -64.64 -30.39 -2.04
C VAL Q 26 -65.79 -31.31 -2.45
N LYS Q 27 -66.83 -31.35 -1.63
CA LYS Q 27 -67.97 -32.23 -1.89
C LYS Q 27 -68.73 -31.87 -3.16
N LYS Q 28 -68.67 -30.62 -3.59
CA LYS Q 28 -69.18 -30.21 -4.90
C LYS Q 28 -68.22 -30.38 -6.09
N GLY Q 29 -66.99 -30.83 -5.89
CA GLY Q 29 -66.09 -31.07 -7.02
C GLY Q 29 -66.50 -32.34 -7.75
N SER Q 30 -65.93 -32.56 -8.94
CA SER Q 30 -66.06 -33.82 -9.65
C SER Q 30 -65.50 -34.95 -8.82
N THR Q 31 -66.10 -36.13 -8.97
CA THR Q 31 -65.67 -37.31 -8.23
C THR Q 31 -64.27 -37.76 -8.69
N ALA Q 32 -63.38 -38.03 -7.76
CA ALA Q 32 -62.05 -38.60 -8.07
C ALA Q 32 -61.88 -39.88 -7.30
N VAL Q 33 -61.22 -40.87 -7.89
CA VAL Q 33 -61.06 -42.20 -7.27
C VAL Q 33 -59.64 -42.67 -7.45
N GLY Q 34 -59.13 -43.32 -6.42
CA GLY Q 34 -57.76 -43.82 -6.43
C GLY Q 34 -57.81 -45.24 -5.95
N VAL Q 35 -57.12 -46.12 -6.66
CA VAL Q 35 -56.94 -47.49 -6.21
C VAL Q 35 -55.49 -47.91 -6.33
N ARG Q 36 -54.93 -48.30 -5.19
CA ARG Q 36 -53.65 -48.96 -5.10
C ARG Q 36 -53.79 -50.43 -5.50
N GLY Q 37 -53.19 -50.78 -6.64
CA GLY Q 37 -53.03 -52.19 -7.07
C GLY Q 37 -51.80 -52.87 -6.51
N ARG Q 38 -51.51 -54.06 -7.03
CA ARG Q 38 -50.37 -54.87 -6.57
C ARG Q 38 -49.03 -54.28 -7.11
N ASP Q 39 -48.98 -54.01 -8.41
CA ASP Q 39 -47.82 -53.32 -9.02
C ASP Q 39 -48.26 -52.17 -9.94
N ILE Q 40 -49.38 -51.56 -9.61
CA ILE Q 40 -49.90 -50.46 -10.38
C ILE Q 40 -50.68 -49.55 -9.44
N VAL Q 41 -50.81 -48.28 -9.80
CA VAL Q 41 -51.72 -47.41 -9.11
C VAL Q 41 -52.56 -46.70 -10.17
N VAL Q 42 -53.84 -46.52 -9.87
CA VAL Q 42 -54.76 -45.96 -10.86
C VAL Q 42 -55.58 -44.79 -10.27
N LEU Q 43 -55.64 -43.70 -11.03
CA LEU Q 43 -56.50 -42.55 -10.73
C LEU Q 43 -57.55 -42.36 -11.82
N GLY Q 44 -58.81 -42.22 -11.40
CA GLY Q 44 -59.90 -41.95 -12.33
C GLY Q 44 -60.71 -40.80 -11.82
N VAL Q 45 -61.17 -39.91 -12.71
CA VAL Q 45 -61.94 -38.75 -12.29
C VAL Q 45 -63.05 -38.41 -13.27
N GLU Q 46 -64.14 -37.90 -12.70
CA GLU Q 46 -65.36 -37.59 -13.41
C GLU Q 46 -65.25 -36.33 -14.25
N LYS Q 47 -65.98 -36.35 -15.37
CA LYS Q 47 -66.36 -35.18 -16.21
C LYS Q 47 -65.37 -34.04 -16.14
N LYS Q 48 -65.49 -33.15 -15.13
CA LYS Q 48 -65.40 -31.68 -15.28
C LYS Q 48 -66.73 -31.28 -15.99
N SER Q 49 -66.72 -31.01 -17.31
CA SER Q 49 -67.92 -30.55 -18.04
C SER Q 49 -68.61 -31.55 -19.00
N VAL Q 50 -67.84 -32.46 -19.60
CA VAL Q 50 -68.08 -32.82 -21.00
C VAL Q 50 -67.94 -31.47 -21.75
N ALA Q 51 -68.85 -31.14 -22.65
CA ALA Q 51 -68.79 -29.91 -23.48
C ALA Q 51 -67.91 -30.16 -24.72
N LYS Q 52 -68.58 -30.34 -25.86
CA LYS Q 52 -67.94 -30.69 -27.12
C LYS Q 52 -66.86 -29.69 -27.50
N LEU Q 53 -67.10 -28.42 -27.27
CA LEU Q 53 -66.20 -27.36 -27.75
C LEU Q 53 -64.94 -27.14 -26.89
N GLN Q 54 -64.90 -27.77 -25.73
CA GLN Q 54 -63.77 -27.73 -24.82
C GLN Q 54 -62.55 -28.38 -25.45
N ASP Q 55 -61.37 -27.80 -25.20
CA ASP Q 55 -60.10 -28.42 -25.54
C ASP Q 55 -59.73 -29.28 -24.36
N GLU Q 56 -59.91 -30.59 -24.54
CA GLU Q 56 -59.84 -31.60 -23.46
C GLU Q 56 -58.51 -31.50 -22.67
N ARG Q 57 -57.41 -31.37 -23.42
CA ARG Q 57 -56.04 -31.25 -22.86
C ARG Q 57 -55.89 -30.31 -21.63
N THR Q 58 -56.56 -29.16 -21.70
CA THR Q 58 -56.39 -28.03 -20.78
C THR Q 58 -57.09 -28.10 -19.42
N VAL Q 59 -57.89 -29.12 -19.16
CA VAL Q 59 -58.69 -29.16 -17.91
C VAL Q 59 -58.47 -30.43 -17.08
N ARG Q 60 -57.43 -31.21 -17.37
CA ARG Q 60 -57.21 -32.45 -16.65
C ARG Q 60 -57.14 -32.19 -15.14
N LYS Q 61 -57.73 -33.11 -14.40
CA LYS Q 61 -57.77 -33.07 -12.98
C LYS Q 61 -56.74 -34.10 -12.45
N ILE Q 62 -55.96 -34.71 -13.33
CA ILE Q 62 -54.82 -35.55 -12.94
C ILE Q 62 -53.51 -34.87 -13.39
N ALA Q 64 -49.00 -34.50 -12.92
CA ALA Q 64 -47.68 -34.94 -12.49
C ALA Q 64 -47.04 -33.91 -11.53
N LEU Q 65 -46.55 -34.36 -10.38
CA LEU Q 65 -45.81 -33.52 -9.44
C LEU Q 65 -44.31 -33.68 -9.71
N ASP Q 66 -43.89 -34.91 -10.00
CA ASP Q 66 -42.52 -35.23 -10.38
C ASP Q 66 -42.61 -36.48 -11.28
N ASP Q 67 -41.49 -37.05 -11.71
CA ASP Q 67 -41.53 -38.31 -12.51
C ASP Q 67 -42.24 -39.47 -11.82
N ASN Q 68 -42.05 -39.57 -10.51
CA ASN Q 68 -42.54 -40.72 -9.74
C ASN Q 68 -43.77 -40.45 -8.83
N VAL Q 69 -44.35 -39.25 -8.88
CA VAL Q 69 -45.50 -38.89 -8.05
C VAL Q 69 -46.50 -38.09 -8.85
N CYS Q 70 -47.76 -38.45 -8.77
CA CYS Q 70 -48.79 -37.66 -9.40
C CYS Q 70 -49.96 -37.53 -8.45
N MET Q 71 -50.91 -36.67 -8.82
CA MET Q 71 -52.04 -36.39 -7.97
C MET Q 71 -53.28 -36.10 -8.77
N ALA Q 72 -54.41 -36.42 -8.16
CA ALA Q 72 -55.70 -35.96 -8.58
C ALA Q 72 -56.28 -35.12 -7.43
N PHE Q 73 -57.18 -34.23 -7.76
CA PHE Q 73 -57.84 -33.41 -6.74
C PHE Q 73 -59.32 -33.39 -7.00
N ALA Q 74 -60.08 -32.94 -6.01
CA ALA Q 74 -61.46 -32.49 -6.17
C ALA Q 74 -61.67 -31.22 -5.37
N GLY Q 75 -62.40 -30.29 -5.97
CA GLY Q 75 -62.79 -29.05 -5.31
C GLY Q 75 -62.48 -27.86 -6.21
N LEU Q 76 -62.09 -26.75 -5.60
CA LEU Q 76 -61.81 -25.51 -6.34
C LEU Q 76 -60.56 -25.67 -7.22
N THR Q 77 -60.73 -25.67 -8.53
CA THR Q 77 -59.65 -26.01 -9.46
C THR Q 77 -58.51 -24.99 -9.38
N ALA Q 78 -58.85 -23.72 -9.21
CA ALA Q 78 -57.87 -22.65 -9.13
C ALA Q 78 -57.03 -22.82 -7.86
N ASP Q 79 -57.68 -23.16 -6.76
CA ASP Q 79 -56.94 -23.50 -5.56
C ASP Q 79 -56.01 -24.70 -5.81
N ALA Q 80 -56.49 -25.73 -6.49
CA ALA Q 80 -55.66 -26.92 -6.75
C ALA Q 80 -54.39 -26.62 -7.52
N ARG Q 81 -54.50 -25.72 -8.47
CA ARG Q 81 -53.35 -25.30 -9.29
C ARG Q 81 -52.23 -24.72 -8.40
N ILE Q 82 -52.63 -23.95 -7.39
CA ILE Q 82 -51.68 -23.29 -6.51
C ILE Q 82 -50.97 -24.36 -5.70
N VAL Q 83 -51.74 -25.30 -5.14
CA VAL Q 83 -51.14 -26.41 -4.36
C VAL Q 83 -50.19 -27.21 -5.22
N ILE Q 84 -50.66 -27.58 -6.41
CA ILE Q 84 -49.89 -28.39 -7.32
C ILE Q 84 -48.53 -27.75 -7.64
N ASN Q 85 -48.52 -26.46 -7.94
CA ASN Q 85 -47.28 -25.77 -8.27
C ASN Q 85 -46.33 -25.66 -7.08
N ARG Q 86 -46.88 -25.36 -5.90
CA ARG Q 86 -46.12 -25.35 -4.67
C ARG Q 86 -45.45 -26.71 -4.46
N ALA Q 87 -46.20 -27.79 -4.67
CA ALA Q 87 -45.65 -29.13 -4.54
C ALA Q 87 -44.56 -29.44 -5.56
N ARG Q 88 -44.78 -28.99 -6.80
CA ARG Q 88 -43.80 -29.20 -7.84
C ARG Q 88 -42.46 -28.52 -7.49
N VAL Q 89 -42.54 -27.34 -6.89
CA VAL Q 89 -41.38 -26.58 -6.50
C VAL Q 89 -40.65 -27.34 -5.41
N GLU Q 90 -41.41 -27.83 -4.45
CA GLU Q 90 -40.86 -28.60 -3.34
C GLU Q 90 -40.17 -29.89 -3.75
N CYS Q 91 -40.73 -30.61 -4.74
CA CYS Q 91 -40.09 -31.86 -5.26
C CYS Q 91 -38.68 -31.59 -5.79
N GLN Q 92 -38.52 -30.44 -6.44
CA GLN Q 92 -37.22 -30.02 -6.96
C GLN Q 92 -36.27 -29.53 -5.86
N SER Q 93 -36.76 -28.87 -4.80
CA SER Q 93 -35.90 -28.64 -3.60
C SER Q 93 -35.40 -29.93 -2.98
N HIS Q 94 -36.30 -30.84 -2.63
CA HIS Q 94 -35.91 -32.18 -2.16
C HIS Q 94 -34.78 -32.79 -3.01
N ARG Q 95 -35.02 -33.00 -4.31
CA ARG Q 95 -33.97 -33.48 -5.21
C ARG Q 95 -32.70 -32.67 -5.08
N LEU Q 96 -32.84 -31.35 -5.00
CA LEU Q 96 -31.68 -30.47 -4.91
C LEU Q 96 -30.82 -30.86 -3.68
N THR Q 97 -31.45 -30.96 -2.52
CA THR Q 97 -30.74 -31.09 -1.23
C THR Q 97 -30.51 -32.53 -0.68
N VAL Q 98 -31.24 -33.50 -1.21
CA VAL Q 98 -31.10 -34.91 -0.79
C VAL Q 98 -30.71 -35.85 -1.96
N GLU Q 99 -30.74 -35.35 -3.20
CA GLU Q 99 -30.32 -36.12 -4.39
C GLU Q 99 -31.05 -37.46 -4.55
N ASP Q 100 -32.28 -37.52 -4.00
CA ASP Q 100 -33.21 -38.60 -4.29
C ASP Q 100 -34.49 -37.91 -4.62
N PRO Q 101 -35.36 -38.61 -5.37
CA PRO Q 101 -36.73 -38.13 -5.48
C PRO Q 101 -37.41 -38.22 -4.12
N VAL Q 102 -38.44 -37.42 -3.99
CA VAL Q 102 -39.27 -37.45 -2.82
C VAL Q 102 -39.91 -38.84 -2.72
N THR Q 103 -40.24 -39.27 -1.52
CA THR Q 103 -41.22 -40.36 -1.36
C THR Q 103 -42.59 -39.75 -1.51
N VAL Q 104 -43.58 -40.60 -1.74
CA VAL Q 104 -44.96 -40.15 -1.91
C VAL Q 104 -45.45 -39.55 -0.60
N GLU Q 105 -45.02 -40.18 0.50
CA GLU Q 105 -45.32 -39.70 1.82
C GLU Q 105 -44.69 -38.35 2.17
N TYR Q 106 -43.45 -38.13 1.76
CA TYR Q 106 -42.80 -36.83 1.99
C TYR Q 106 -43.61 -35.68 1.36
N ILE Q 107 -43.98 -35.84 0.10
CA ILE Q 107 -44.68 -34.77 -0.57
C ILE Q 107 -46.14 -34.63 -0.10
N THR Q 108 -46.72 -35.73 0.38
CA THR Q 108 -48.05 -35.73 0.97
C THR Q 108 -48.00 -34.93 2.27
N ARG Q 109 -47.03 -35.30 3.08
CA ARG Q 109 -46.75 -34.59 4.31
C ARG Q 109 -46.59 -33.06 4.09
N TYR Q 110 -45.88 -32.67 3.05
CA TYR Q 110 -45.64 -31.29 2.75
C TYR Q 110 -46.94 -30.56 2.31
N ILE Q 111 -47.68 -31.15 1.39
CA ILE Q 111 -48.96 -30.61 0.94
C ILE Q 111 -49.92 -30.43 2.16
N ALA Q 112 -49.96 -31.45 3.01
CA ALA Q 112 -50.83 -31.45 4.16
C ALA Q 112 -50.49 -30.27 5.10
N SER Q 113 -49.22 -30.06 5.31
CA SER Q 113 -48.82 -29.03 6.28
C SER Q 113 -48.96 -27.61 5.68
N LEU Q 114 -48.79 -27.47 4.35
CA LEU Q 114 -49.24 -26.29 3.64
C LEU Q 114 -50.73 -25.98 3.85
N LYS Q 115 -51.57 -26.98 3.65
CA LYS Q 115 -52.99 -26.84 3.88
C LYS Q 115 -53.30 -26.49 5.35
N GLN Q 116 -52.68 -27.19 6.31
CA GLN Q 116 -52.91 -26.88 7.72
C GLN Q 116 -52.56 -25.42 8.04
N ARG Q 117 -51.43 -24.92 7.52
CA ARG Q 117 -51.03 -23.52 7.73
C ARG Q 117 -52.10 -22.52 7.30
N TYR Q 118 -52.77 -22.80 6.19
CA TYR Q 118 -53.79 -21.91 5.68
C TYR Q 118 -55.07 -22.03 6.48
N THR Q 119 -55.11 -22.89 7.50
CA THR Q 119 -56.22 -22.90 8.47
C THR Q 119 -55.91 -22.20 9.78
N GLN Q 120 -54.65 -21.75 9.92
CA GLN Q 120 -54.19 -21.11 11.13
C GLN Q 120 -53.39 -19.82 10.90
N SER Q 121 -53.45 -19.21 9.70
CA SER Q 121 -52.73 -17.98 9.43
C SER Q 121 -53.66 -16.84 9.08
N ASN Q 122 -53.31 -15.67 9.59
CA ASN Q 122 -54.07 -14.47 9.34
C ASN Q 122 -54.13 -14.13 7.87
N GLY Q 123 -55.27 -13.57 7.49
CA GLY Q 123 -55.46 -13.01 6.15
C GLY Q 123 -55.86 -13.97 5.03
N ARG Q 124 -55.84 -15.27 5.30
CA ARG Q 124 -56.03 -16.33 4.34
C ARG Q 124 -57.23 -17.22 4.69
N ARG Q 125 -57.96 -17.66 3.68
CA ARG Q 125 -58.91 -18.78 3.84
C ARG Q 125 -58.20 -20.09 3.53
N PRO Q 126 -58.76 -21.20 3.98
CA PRO Q 126 -58.23 -22.52 3.60
C PRO Q 126 -58.33 -22.85 2.10
N PHE Q 127 -57.52 -23.80 1.65
CA PHE Q 127 -57.63 -24.31 0.29
C PHE Q 127 -58.90 -25.19 0.21
N GLY Q 128 -59.68 -25.02 -0.85
CA GLY Q 128 -60.91 -25.80 -1.03
C GLY Q 128 -60.71 -27.03 -1.89
N ILE Q 129 -59.72 -27.85 -1.54
CA ILE Q 129 -59.43 -29.08 -2.23
C ILE Q 129 -59.02 -30.22 -1.29
N SER Q 130 -59.31 -31.44 -1.74
CA SER Q 130 -58.63 -32.63 -1.31
C SER Q 130 -57.82 -33.17 -2.46
N ALA Q 131 -56.82 -33.96 -2.12
CA ALA Q 131 -55.95 -34.56 -3.13
C ALA Q 131 -55.81 -36.05 -2.86
N LEU Q 132 -55.79 -36.83 -3.95
CA LEU Q 132 -55.31 -38.21 -3.94
C LEU Q 132 -53.92 -38.17 -4.58
N ILE Q 133 -52.92 -38.61 -3.83
CA ILE Q 133 -51.54 -38.54 -4.25
C ILE Q 133 -51.04 -39.97 -4.34
N VAL Q 134 -50.44 -40.31 -5.49
CA VAL Q 134 -50.02 -41.68 -5.76
C VAL Q 134 -48.64 -41.72 -6.33
N GLY Q 135 -48.00 -42.86 -6.12
CA GLY Q 135 -46.72 -43.14 -6.74
C GLY Q 135 -46.08 -44.41 -6.21
N PHE Q 136 -44.76 -44.47 -6.36
CA PHE Q 136 -43.97 -45.61 -5.90
C PHE Q 136 -42.72 -45.14 -5.17
N ASP Q 137 -42.40 -45.81 -4.06
CA ASP Q 137 -41.16 -45.59 -3.33
C ASP Q 137 -39.98 -46.40 -3.89
N PHE Q 138 -38.76 -45.90 -3.63
CA PHE Q 138 -37.49 -46.47 -4.14
C PHE Q 138 -37.48 -48.00 -4.20
N ASP Q 139 -38.05 -48.64 -3.17
CA ASP Q 139 -38.16 -50.12 -3.08
C ASP Q 139 -39.38 -50.76 -3.79
N GLY Q 140 -40.03 -50.01 -4.68
CA GLY Q 140 -41.15 -50.53 -5.46
C GLY Q 140 -42.53 -50.55 -4.80
N THR Q 141 -42.64 -50.20 -3.52
CA THR Q 141 -43.95 -50.20 -2.85
C THR Q 141 -44.91 -49.14 -3.45
N PRO Q 142 -46.08 -49.58 -3.96
CA PRO Q 142 -47.10 -48.64 -4.46
C PRO Q 142 -47.82 -47.91 -3.32
N ARG Q 143 -48.24 -46.67 -3.55
CA ARG Q 143 -48.78 -45.79 -2.50
C ARG Q 143 -49.94 -44.95 -2.96
N LEU Q 144 -50.94 -44.83 -2.10
CA LEU Q 144 -52.04 -43.95 -2.32
C LEU Q 144 -52.29 -43.18 -1.03
N TYR Q 145 -52.16 -41.85 -1.07
CA TYR Q 145 -52.43 -40.99 0.08
C TYR Q 145 -53.54 -40.05 -0.24
N GLN Q 146 -54.19 -39.55 0.79
CA GLN Q 146 -55.17 -38.52 0.65
C GLN Q 146 -54.89 -37.38 1.61
N THR Q 147 -55.07 -36.15 1.14
CA THR Q 147 -55.09 -34.97 2.01
C THR Q 147 -56.44 -34.28 1.94
N ASP Q 148 -56.79 -33.55 3.00
CA ASP Q 148 -57.98 -32.70 2.91
C ASP Q 148 -57.69 -31.28 3.40
N PRO Q 149 -58.68 -30.36 3.25
CA PRO Q 149 -58.44 -28.95 3.57
C PRO Q 149 -57.92 -28.65 4.97
N SER Q 150 -58.18 -29.53 5.95
CA SER Q 150 -57.70 -29.34 7.29
C SER Q 150 -56.19 -29.55 7.46
N GLY Q 151 -55.54 -30.17 6.48
CA GLY Q 151 -54.15 -30.64 6.61
C GLY Q 151 -54.01 -32.07 7.11
N THR Q 152 -55.11 -32.72 7.41
CA THR Q 152 -55.10 -34.13 7.77
C THR Q 152 -54.70 -34.96 6.55
N TYR Q 153 -53.95 -36.05 6.78
CA TYR Q 153 -53.61 -36.97 5.69
C TYR Q 153 -53.44 -38.42 6.15
N HIS Q 154 -53.79 -39.34 5.26
CA HIS Q 154 -53.69 -40.79 5.50
C HIS Q 154 -53.38 -41.57 4.23
N ALA Q 155 -52.90 -42.80 4.41
CA ALA Q 155 -52.70 -43.76 3.33
C ALA Q 155 -53.95 -44.62 3.20
N TRP Q 156 -54.25 -45.01 1.96
CA TRP Q 156 -55.44 -45.74 1.62
C TRP Q 156 -55.14 -46.85 0.64
N LYS Q 157 -55.92 -47.92 0.72
CA LYS Q 157 -55.93 -48.99 -0.26
C LYS Q 157 -56.67 -48.52 -1.49
N ALA Q 158 -57.78 -47.86 -1.24
CA ALA Q 158 -58.55 -47.21 -2.29
C ALA Q 158 -59.35 -46.13 -1.61
N ASN Q 159 -59.78 -45.13 -2.36
CA ASN Q 159 -60.59 -44.06 -1.85
C ASN Q 159 -61.23 -43.23 -2.96
N ALA Q 160 -62.20 -42.42 -2.57
CA ALA Q 160 -62.83 -41.44 -3.42
C ALA Q 160 -62.98 -40.15 -2.66
N ILE Q 161 -62.97 -39.04 -3.40
CA ILE Q 161 -63.23 -37.70 -2.88
C ILE Q 161 -64.11 -37.00 -3.90
N GLY Q 162 -64.76 -35.92 -3.49
CA GLY Q 162 -65.69 -35.20 -4.36
C GLY Q 162 -67.12 -35.70 -4.24
N ARG Q 163 -67.96 -35.34 -5.19
CA ARG Q 163 -69.38 -35.63 -5.09
C ARG Q 163 -69.64 -37.13 -5.14
N GLY Q 164 -70.55 -37.59 -4.29
CA GLY Q 164 -70.82 -39.01 -4.16
C GLY Q 164 -69.65 -39.87 -3.67
N ALA Q 165 -68.63 -39.27 -3.08
CA ALA Q 165 -67.55 -40.04 -2.44
C ALA Q 165 -68.06 -41.02 -1.34
N LYS Q 166 -69.09 -40.63 -0.58
CA LYS Q 166 -69.70 -41.54 0.44
C LYS Q 166 -70.09 -42.89 -0.20
N SER Q 167 -70.89 -42.82 -1.27
CA SER Q 167 -71.35 -44.01 -1.97
C SER Q 167 -70.25 -44.79 -2.72
N VAL Q 168 -69.31 -44.06 -3.36
CA VAL Q 168 -68.17 -44.71 -4.04
C VAL Q 168 -67.26 -45.41 -3.04
N ARG Q 169 -67.02 -44.77 -1.90
CA ARG Q 169 -66.24 -45.42 -0.85
C ARG Q 169 -66.92 -46.69 -0.34
N GLU Q 170 -68.25 -46.65 -0.25
CA GLU Q 170 -69.03 -47.85 0.14
C GLU Q 170 -68.80 -48.98 -0.86
N PHE Q 171 -68.88 -48.65 -2.15
CA PHE Q 171 -68.63 -49.62 -3.22
C PHE Q 171 -67.23 -50.24 -3.16
N LEU Q 172 -66.20 -49.40 -3.01
CA LEU Q 172 -64.80 -49.88 -2.87
C LEU Q 172 -64.63 -50.81 -1.68
N GLU Q 173 -65.26 -50.46 -0.56
CA GLU Q 173 -65.26 -51.31 0.65
C GLU Q 173 -65.76 -52.71 0.33
N LYS Q 174 -66.85 -52.83 -0.41
CA LYS Q 174 -67.41 -54.15 -0.73
C LYS Q 174 -66.62 -54.83 -1.86
N ASN Q 175 -65.96 -54.06 -2.71
CA ASN Q 175 -65.37 -54.57 -3.97
C ASN Q 175 -63.84 -54.65 -4.03
N TYR Q 176 -63.13 -54.03 -3.10
CA TYR Q 176 -61.68 -54.08 -3.11
C TYR Q 176 -61.20 -55.36 -2.45
N THR Q 177 -60.85 -56.35 -3.27
CA THR Q 177 -60.34 -57.64 -2.79
C THR Q 177 -59.06 -57.98 -3.53
N ASP Q 178 -58.31 -58.95 -3.01
CA ASP Q 178 -57.11 -59.46 -3.68
C ASP Q 178 -57.41 -59.89 -5.12
N GLU Q 179 -58.59 -60.49 -5.31
CA GLU Q 179 -59.08 -60.89 -6.63
C GLU Q 179 -59.35 -59.70 -7.59
N ALA Q 180 -59.95 -58.63 -7.09
CA ALA Q 180 -60.25 -57.45 -7.93
C ALA Q 180 -59.01 -56.68 -8.44
N ILE Q 181 -57.86 -56.88 -7.78
CA ILE Q 181 -56.59 -56.22 -8.14
C ILE Q 181 -55.47 -57.22 -8.49
N GLU Q 182 -55.85 -58.46 -8.82
CA GLU Q 182 -54.85 -59.51 -9.11
C GLU Q 182 -54.10 -59.15 -10.37
N THR Q 183 -54.77 -58.44 -11.28
CA THR Q 183 -54.19 -58.04 -12.54
C THR Q 183 -54.43 -56.56 -12.81
N ASP Q 184 -53.65 -56.02 -13.75
CA ASP Q 184 -53.68 -54.61 -14.10
C ASP Q 184 -55.01 -54.15 -14.72
N ASP Q 185 -55.51 -54.92 -15.67
CA ASP Q 185 -56.83 -54.65 -16.31
C ASP Q 185 -58.00 -54.58 -15.31
N LEU Q 186 -57.98 -55.47 -14.32
CA LEU Q 186 -59.04 -55.57 -13.29
C LEU Q 186 -59.00 -54.39 -12.32
N THR Q 187 -57.78 -53.99 -11.91
CA THR Q 187 -57.53 -52.77 -11.13
C THR Q 187 -58.09 -51.53 -11.85
N ILE Q 188 -57.79 -51.43 -13.13
CA ILE Q 188 -58.32 -50.33 -13.95
C ILE Q 188 -59.84 -50.42 -14.03
N LYS Q 189 -60.37 -51.64 -14.28
CA LYS Q 189 -61.82 -51.88 -14.29
C LYS Q 189 -62.51 -51.52 -12.95
N LEU Q 190 -61.85 -51.81 -11.83
CA LEU Q 190 -62.39 -51.45 -10.52
C LEU Q 190 -62.58 -49.94 -10.34
N VAL Q 191 -61.63 -49.13 -10.83
CA VAL Q 191 -61.79 -47.67 -10.82
C VAL Q 191 -62.98 -47.21 -11.65
N ILE Q 192 -63.09 -47.73 -12.87
CA ILE Q 192 -64.18 -47.38 -13.79
C ILE Q 192 -65.54 -47.81 -13.26
N LYS Q 193 -65.65 -49.06 -12.78
CA LYS Q 193 -66.90 -49.51 -12.15
C LYS Q 193 -67.26 -48.55 -11.02
N ALA Q 194 -66.28 -48.21 -10.18
CA ALA Q 194 -66.50 -47.30 -9.05
C ALA Q 194 -67.04 -45.93 -9.48
N LEU Q 195 -66.44 -45.32 -10.49
CA LEU Q 195 -66.98 -44.08 -11.10
C LEU Q 195 -68.35 -44.25 -11.71
N LEU Q 196 -68.53 -45.33 -12.47
CA LEU Q 196 -69.82 -45.64 -13.09
C LEU Q 196 -70.96 -45.70 -12.04
N GLU Q 197 -70.59 -45.92 -10.78
CA GLU Q 197 -71.51 -45.86 -9.65
C GLU Q 197 -72.10 -44.47 -9.37
N VAL Q 198 -71.44 -43.38 -9.75
CA VAL Q 198 -72.10 -42.07 -9.64
C VAL Q 198 -72.13 -41.24 -10.92
N VAL Q 199 -71.23 -41.51 -11.87
CA VAL Q 199 -71.02 -40.54 -12.94
C VAL Q 199 -72.21 -40.44 -13.86
N GLN Q 200 -72.90 -39.29 -13.75
CA GLN Q 200 -74.12 -38.99 -14.48
C GLN Q 200 -73.87 -39.08 -16.00
N SER Q 201 -73.81 -40.33 -16.49
CA SER Q 201 -73.64 -40.73 -17.91
C SER Q 201 -72.73 -41.99 -18.04
N GLY Q 202 -71.46 -41.85 -17.67
CA GLY Q 202 -70.55 -43.02 -17.52
C GLY Q 202 -69.48 -43.27 -18.60
N GLY Q 203 -69.79 -42.99 -19.88
CA GLY Q 203 -68.86 -43.19 -21.02
C GLY Q 203 -67.62 -42.30 -20.98
N LYS Q 204 -67.75 -41.07 -21.48
CA LYS Q 204 -66.62 -40.12 -21.51
C LYS Q 204 -67.02 -38.62 -21.50
N ASN Q 205 -67.17 -37.95 -20.34
CA ASN Q 205 -67.07 -38.46 -18.94
C ASN Q 205 -65.72 -39.09 -18.56
N ILE Q 206 -65.56 -39.52 -17.33
CA ILE Q 206 -64.38 -40.30 -16.85
C ILE Q 206 -62.98 -40.09 -17.58
N GLU Q 207 -62.04 -39.39 -16.93
CA GLU Q 207 -60.62 -39.35 -17.35
C GLU Q 207 -59.88 -40.36 -16.48
N LEU Q 208 -58.88 -41.02 -17.04
CA LEU Q 208 -58.20 -42.09 -16.31
C LEU Q 208 -56.71 -42.24 -16.62
N ALA Q 209 -55.94 -42.47 -15.56
CA ALA Q 209 -54.50 -42.58 -15.67
C ALA Q 209 -53.94 -43.65 -14.73
N VAL Q 210 -52.83 -44.23 -15.18
CA VAL Q 210 -52.13 -45.31 -14.50
C VAL Q 210 -50.70 -44.90 -14.26
N MET Q 211 -50.12 -45.37 -13.16
CA MET Q 211 -48.70 -45.28 -12.95
C MET Q 211 -48.23 -46.67 -12.60
N ARG Q 212 -47.24 -47.14 -13.37
CA ARG Q 212 -46.57 -48.42 -13.12
C ARG Q 212 -45.21 -48.19 -12.49
N ARG Q 213 -44.75 -49.20 -11.76
CA ARG Q 213 -43.43 -49.18 -11.09
C ARG Q 213 -42.35 -48.78 -12.12
N ASP Q 214 -41.65 -47.68 -11.83
CA ASP Q 214 -40.62 -47.09 -12.70
C ASP Q 214 -41.11 -46.47 -14.04
N GLN Q 215 -42.35 -46.76 -14.48
CA GLN Q 215 -42.72 -46.54 -15.89
C GLN Q 215 -43.34 -45.17 -16.19
N SER Q 216 -43.58 -44.34 -15.18
CA SER Q 216 -44.13 -42.97 -15.35
C SER Q 216 -45.57 -42.83 -15.92
N LEU Q 217 -46.24 -41.76 -15.50
CA LEU Q 217 -47.68 -41.55 -15.73
C LEU Q 217 -48.12 -41.74 -17.20
N LYS Q 218 -49.00 -42.71 -17.46
CA LYS Q 218 -49.69 -42.84 -18.76
C LYS Q 218 -51.16 -42.44 -18.58
N ILE Q 219 -51.66 -41.50 -19.39
CA ILE Q 219 -53.11 -41.23 -19.42
C ILE Q 219 -53.75 -42.16 -20.47
N LEU Q 220 -54.88 -42.80 -20.15
CA LEU Q 220 -55.72 -43.45 -21.20
C LEU Q 220 -56.60 -42.25 -21.61
N ASN Q 221 -57.17 -41.98 -22.80
CA ASN Q 221 -57.28 -42.72 -24.06
C ASN Q 221 -58.75 -43.11 -24.28
N PRO Q 222 -59.58 -42.18 -24.81
CA PRO Q 222 -61.04 -42.42 -24.86
C PRO Q 222 -61.47 -43.72 -25.56
N GLU Q 223 -60.75 -44.12 -26.60
CA GLU Q 223 -60.95 -45.43 -27.25
C GLU Q 223 -60.74 -46.64 -26.28
N GLU Q 224 -59.63 -46.61 -25.55
CA GLU Q 224 -59.28 -47.65 -24.57
C GLU Q 224 -60.28 -47.73 -23.40
N ILE Q 225 -60.76 -46.55 -22.97
CA ILE Q 225 -61.66 -46.40 -21.82
C ILE Q 225 -63.05 -46.95 -22.14
N GLU Q 226 -63.63 -46.50 -23.25
CA GLU Q 226 -64.97 -46.98 -23.66
C GLU Q 226 -65.08 -48.47 -23.91
N LYS Q 227 -63.94 -49.11 -24.19
CA LYS Q 227 -63.81 -50.58 -24.09
C LYS Q 227 -64.26 -51.10 -22.71
N TYR Q 228 -63.62 -50.59 -21.68
CA TYR Q 228 -63.95 -50.97 -20.31
C TYR Q 228 -65.39 -50.53 -19.92
N VAL Q 229 -65.82 -49.34 -20.38
CA VAL Q 229 -67.16 -48.79 -20.05
C VAL Q 229 -68.26 -49.76 -20.43
N ALA Q 230 -68.25 -50.17 -21.71
CA ALA Q 230 -69.21 -51.13 -22.30
C ALA Q 230 -69.12 -52.52 -21.63
N GLU Q 231 -67.89 -53.01 -21.48
CA GLU Q 231 -67.57 -54.28 -20.79
C GLU Q 231 -68.10 -54.38 -19.33
N ILE Q 232 -68.42 -53.23 -18.73
CA ILE Q 232 -69.02 -53.10 -17.39
C ILE Q 232 -70.52 -52.73 -17.40
N GLU Q 233 -70.92 -51.90 -18.36
CA GLU Q 233 -72.32 -51.43 -18.54
C GLU Q 233 -73.22 -52.57 -18.96
N LYS Q 234 -72.70 -53.43 -19.82
CA LYS Q 234 -73.39 -54.65 -20.21
C LYS Q 234 -73.38 -55.75 -19.13
N GLU Q 235 -72.32 -55.84 -18.32
CA GLU Q 235 -72.31 -56.73 -17.13
C GLU Q 235 -73.38 -56.37 -16.08
N LYS Q 236 -73.69 -55.07 -15.94
CA LYS Q 236 -74.78 -54.58 -15.03
C LYS Q 236 -76.22 -54.61 -15.59
N GLU Q 237 -76.40 -55.09 -16.83
CA GLU Q 237 -77.71 -55.32 -17.44
C GLU Q 237 -78.07 -56.78 -17.27
N GLU Q 238 -77.11 -57.64 -17.63
CA GLU Q 238 -77.04 -59.06 -17.22
C GLU Q 238 -77.61 -59.24 -15.82
N ASN Q 239 -77.08 -58.43 -14.88
CA ASN Q 239 -77.43 -58.50 -13.46
C ASN Q 239 -78.73 -57.72 -13.09
N GLU Q 240 -79.81 -58.01 -13.82
CA GLU Q 240 -81.21 -57.73 -13.44
C GLU Q 240 -82.12 -58.88 -13.93
N ASP R 9 -69.94 -10.50 15.93
CA ASP R 9 -68.53 -10.98 15.73
C ASP R 9 -67.52 -10.13 16.51
N ARG R 10 -66.56 -10.83 17.12
CA ARG R 10 -65.64 -10.33 18.12
C ARG R 10 -64.24 -10.82 17.77
N GLY R 11 -63.24 -10.18 18.34
CA GLY R 11 -61.88 -10.57 18.07
C GLY R 11 -61.43 -11.84 18.75
N VAL R 12 -60.39 -12.46 18.20
CA VAL R 12 -59.84 -13.70 18.78
C VAL R 12 -59.20 -13.53 20.17
N ASN R 13 -58.86 -12.32 20.57
CA ASN R 13 -58.38 -12.12 21.94
C ASN R 13 -59.44 -11.50 22.89
N THR R 14 -60.71 -11.84 22.71
CA THR R 14 -61.79 -11.33 23.57
C THR R 14 -61.98 -12.23 24.79
N PHE R 15 -61.98 -11.59 25.96
CA PHE R 15 -62.39 -12.23 27.23
C PHE R 15 -63.92 -12.29 27.35
N SER R 16 -64.43 -13.42 27.87
CA SER R 16 -65.82 -13.59 28.22
C SER R 16 -66.02 -12.94 29.59
N PRO R 17 -67.29 -12.69 29.99
CA PRO R 17 -67.58 -12.14 31.31
C PRO R 17 -67.15 -12.99 32.52
N GLU R 18 -66.87 -14.27 32.29
CA GLU R 18 -66.29 -15.12 33.32
C GLU R 18 -64.78 -15.12 33.32
N GLY R 19 -64.15 -14.28 32.50
CA GLY R 19 -62.69 -14.17 32.55
C GLY R 19 -61.91 -15.25 31.87
N ARG R 20 -62.47 -15.83 30.82
CA ARG R 20 -61.76 -16.76 29.93
C ARG R 20 -61.76 -16.25 28.47
N LEU R 21 -60.75 -16.65 27.73
CA LEU R 21 -60.67 -16.35 26.33
C LEU R 21 -61.56 -17.32 25.57
N PHE R 22 -62.55 -16.81 24.85
CA PHE R 22 -63.49 -17.65 24.11
C PHE R 22 -62.76 -18.69 23.25
N GLN R 23 -61.79 -18.22 22.45
CA GLN R 23 -61.05 -19.11 21.54
C GLN R 23 -60.39 -20.30 22.24
N VAL R 24 -59.83 -20.06 23.42
CA VAL R 24 -59.18 -21.11 24.21
C VAL R 24 -60.24 -22.09 24.77
N GLU R 25 -61.34 -21.56 25.30
CA GLU R 25 -62.44 -22.43 25.75
C GLU R 25 -62.97 -23.25 24.59
N TYR R 26 -63.15 -22.65 23.42
CA TYR R 26 -63.60 -23.40 22.27
C TYR R 26 -62.59 -24.45 21.80
N ALA R 27 -61.29 -24.13 21.84
CA ALA R 27 -60.25 -25.09 21.49
C ALA R 27 -60.27 -26.28 22.45
N ILE R 28 -60.56 -26.03 23.73
CA ILE R 28 -60.72 -27.09 24.75
C ILE R 28 -61.92 -28.02 24.39
N GLU R 29 -62.98 -27.46 23.85
CA GLU R 29 -64.14 -28.26 23.40
C GLU R 29 -63.77 -29.17 22.23
N ALA R 30 -62.91 -28.69 21.33
CA ALA R 30 -62.44 -29.49 20.20
C ALA R 30 -61.68 -30.74 20.66
N ILE R 31 -60.97 -30.67 21.77
CA ILE R 31 -60.25 -31.83 22.33
C ILE R 31 -61.23 -32.95 22.69
N LYS R 32 -62.42 -32.59 23.16
CA LYS R 32 -63.45 -33.60 23.49
C LYS R 32 -63.93 -34.40 22.31
N LEU R 33 -63.67 -33.95 21.07
CA LEU R 33 -63.99 -34.71 19.87
C LEU R 33 -62.85 -35.65 19.44
N GLY R 34 -61.70 -35.60 20.11
CA GLY R 34 -60.57 -36.47 19.75
C GLY R 34 -60.75 -37.85 20.33
N SER R 35 -60.03 -38.80 19.75
CA SER R 35 -59.85 -40.12 20.33
C SER R 35 -59.23 -40.08 21.73
N THR R 36 -59.51 -41.11 22.49
CA THR R 36 -59.01 -41.18 23.83
C THR R 36 -57.51 -41.57 23.82
N ALA R 37 -56.69 -40.88 24.60
CA ALA R 37 -55.33 -41.33 24.85
C ALA R 37 -55.08 -41.39 26.33
N ILE R 38 -54.20 -42.31 26.72
CA ILE R 38 -53.87 -42.58 28.13
C ILE R 38 -52.35 -42.58 28.36
N GLY R 39 -51.96 -41.95 29.45
CA GLY R 39 -50.60 -41.95 29.93
C GLY R 39 -50.56 -42.46 31.34
N ILE R 40 -49.64 -43.38 31.63
CA ILE R 40 -49.36 -43.79 33.01
C ILE R 40 -47.83 -43.72 33.27
N GLN R 41 -47.47 -43.14 34.41
CA GLN R 41 -46.09 -43.00 34.88
C GLN R 41 -45.89 -43.99 36.04
N THR R 42 -44.89 -44.85 35.91
CA THR R 42 -44.50 -45.80 36.94
C THR R 42 -43.00 -45.54 37.22
N SER R 43 -42.48 -46.15 38.28
CA SER R 43 -41.05 -46.08 38.55
C SER R 43 -40.22 -46.89 37.51
N GLU R 44 -40.83 -47.82 36.77
CA GLU R 44 -40.12 -48.59 35.75
C GLU R 44 -40.25 -47.98 34.36
N GLY R 45 -40.98 -46.88 34.22
CA GLY R 45 -41.12 -46.21 32.91
C GLY R 45 -42.50 -45.67 32.69
N VAL R 46 -42.68 -44.95 31.60
CA VAL R 46 -44.00 -44.47 31.22
C VAL R 46 -44.53 -45.13 29.94
N CYS R 47 -45.84 -45.40 29.95
CA CYS R 47 -46.58 -45.88 28.78
C CYS R 47 -47.64 -44.89 28.32
N LEU R 48 -47.86 -44.92 27.01
CA LEU R 48 -48.76 -44.05 26.29
C LEU R 48 -49.58 -44.99 25.41
N ALA R 49 -50.91 -44.84 25.42
CA ALA R 49 -51.81 -45.69 24.66
C ALA R 49 -52.90 -44.84 24.08
N VAL R 50 -53.32 -45.17 22.88
CA VAL R 50 -54.23 -44.30 22.14
C VAL R 50 -55.14 -45.11 21.24
N GLU R 51 -56.40 -44.70 21.23
CA GLU R 51 -57.38 -45.22 20.32
C GLU R 51 -57.13 -44.60 18.97
N LYS R 52 -57.03 -45.41 17.92
CA LYS R 52 -56.77 -44.85 16.57
C LYS R 52 -58.00 -44.21 15.99
N ARG R 53 -59.13 -44.93 16.08
CA ARG R 53 -60.39 -44.53 15.54
C ARG R 53 -60.42 -44.63 14.02
N ILE R 54 -60.50 -45.89 13.54
CA ILE R 54 -60.42 -46.23 12.13
C ILE R 54 -61.77 -45.90 11.57
N THR R 55 -61.85 -45.13 10.48
CA THR R 55 -63.18 -44.73 9.94
C THR R 55 -63.62 -45.58 8.74
N SER R 56 -62.69 -46.33 8.13
CA SER R 56 -63.00 -47.18 6.96
C SER R 56 -61.99 -48.33 6.88
N PRO R 57 -62.45 -49.56 6.55
CA PRO R 57 -61.46 -50.64 6.33
C PRO R 57 -60.44 -50.40 5.17
N LEU R 58 -60.75 -49.47 4.26
CA LEU R 58 -59.82 -49.09 3.19
C LEU R 58 -58.63 -48.24 3.66
N MET R 59 -58.79 -47.49 4.75
CA MET R 59 -57.73 -46.69 5.31
C MET R 59 -56.62 -47.63 5.80
N GLU R 60 -55.36 -47.29 5.56
CA GLU R 60 -54.22 -47.97 6.21
C GLU R 60 -54.09 -47.56 7.67
N PRO R 61 -54.33 -48.49 8.60
CA PRO R 61 -54.14 -48.16 10.03
C PRO R 61 -52.75 -47.63 10.47
N SER R 62 -51.67 -48.09 9.84
CA SER R 62 -50.32 -47.61 10.21
C SER R 62 -50.06 -46.14 9.81
N SER R 63 -50.84 -45.60 8.86
CA SER R 63 -50.75 -44.18 8.56
C SER R 63 -51.39 -43.27 9.60
N ILE R 64 -52.13 -43.83 10.57
CA ILE R 64 -52.60 -43.05 11.73
C ILE R 64 -51.44 -43.09 12.73
N GLU R 65 -50.96 -41.91 13.11
CA GLU R 65 -49.93 -41.81 14.10
C GLU R 65 -50.35 -40.78 15.10
N LYS R 66 -50.77 -41.22 16.27
CA LYS R 66 -51.17 -40.33 17.35
C LYS R 66 -50.20 -40.46 18.54
N ILE R 67 -49.23 -41.36 18.45
CA ILE R 67 -48.08 -41.35 19.34
C ILE R 67 -46.85 -41.13 18.44
N VAL R 68 -45.96 -40.24 18.85
CA VAL R 68 -44.74 -39.91 18.08
C VAL R 68 -43.54 -39.83 19.03
N GLU R 69 -42.36 -40.11 18.46
CA GLU R 69 -41.10 -39.88 19.17
C GLU R 69 -40.72 -38.39 19.09
N ILE R 70 -40.45 -37.79 20.24
CA ILE R 70 -39.84 -36.44 20.28
C ILE R 70 -38.30 -36.53 20.23
N ASP R 71 -37.74 -37.33 21.14
CA ASP R 71 -36.35 -37.71 21.15
C ASP R 71 -36.31 -39.12 21.71
N ALA R 72 -35.13 -39.69 21.83
CA ALA R 72 -35.00 -41.08 22.25
C ALA R 72 -35.61 -41.36 23.62
N HIS R 73 -35.60 -40.36 24.48
CA HIS R 73 -36.02 -40.47 25.86
C HIS R 73 -37.42 -39.87 26.07
N ILE R 74 -38.12 -39.45 24.99
CA ILE R 74 -39.41 -38.72 25.14
C ILE R 74 -40.36 -39.06 24.00
N GLY R 75 -41.54 -39.56 24.35
CA GLY R 75 -42.64 -39.71 23.39
C GLY R 75 -43.77 -38.73 23.69
N CYS R 76 -44.69 -38.65 22.73
CA CYS R 76 -45.82 -37.77 22.83
C CYS R 76 -47.10 -38.42 22.25
N ALA R 77 -48.17 -38.44 23.04
CA ALA R 77 -49.51 -38.84 22.57
C ALA R 77 -50.39 -37.61 22.43
N MET R 78 -51.22 -37.58 21.42
CA MET R 78 -52.05 -36.38 21.14
C MET R 78 -53.52 -36.74 20.97
N SER R 79 -54.40 -35.80 21.30
CA SER R 79 -55.81 -35.89 20.95
C SER R 79 -56.34 -34.54 20.55
N GLY R 80 -57.26 -34.51 19.58
CA GLY R 80 -57.98 -33.32 19.20
C GLY R 80 -57.85 -33.19 17.72
N LEU R 81 -57.55 -31.98 17.24
CA LEU R 81 -57.36 -31.73 15.81
C LEU R 81 -55.94 -32.02 15.46
N ILE R 82 -55.72 -33.20 14.89
CA ILE R 82 -54.38 -33.78 14.77
C ILE R 82 -53.43 -32.98 13.88
N ALA R 83 -53.95 -32.39 12.80
CA ALA R 83 -53.15 -31.57 11.90
C ALA R 83 -52.50 -30.40 12.64
N ASP R 84 -53.21 -29.83 13.63
CA ASP R 84 -52.65 -28.81 14.49
C ASP R 84 -51.44 -29.34 15.30
N ALA R 85 -51.40 -30.63 15.64
CA ALA R 85 -50.33 -31.14 16.48
C ALA R 85 -48.94 -31.07 15.80
N LYS R 86 -48.88 -31.18 14.47
CA LYS R 86 -47.61 -31.28 13.73
C LYS R 86 -46.63 -30.21 14.07
N THR R 87 -47.07 -28.96 14.06
CA THR R 87 -46.14 -27.90 14.34
C THR R 87 -45.69 -27.93 15.81
N LEU R 88 -46.54 -28.45 16.72
CA LEU R 88 -46.16 -28.54 18.12
C LEU R 88 -45.10 -29.61 18.28
N ILE R 89 -45.31 -30.74 17.62
CA ILE R 89 -44.43 -31.88 17.66
C ILE R 89 -43.06 -31.47 17.06
N ASP R 90 -43.09 -30.76 15.93
CA ASP R 90 -41.88 -30.31 15.28
C ASP R 90 -41.12 -29.39 16.20
N LYS R 91 -41.85 -28.48 16.85
CA LYS R 91 -41.26 -27.54 17.81
C LYS R 91 -40.59 -28.29 18.94
N ALA R 92 -41.27 -29.29 19.53
CA ALA R 92 -40.65 -30.10 20.55
C ALA R 92 -39.33 -30.78 20.05
N ARG R 93 -39.37 -31.34 18.87
CA ARG R 93 -38.21 -32.03 18.30
C ARG R 93 -37.00 -31.12 18.13
N VAL R 94 -37.24 -29.96 17.55
CA VAL R 94 -36.24 -28.99 17.27
C VAL R 94 -35.64 -28.45 18.57
N GLU R 95 -36.48 -28.19 19.57
CA GLU R 95 -36.00 -27.69 20.87
C GLU R 95 -35.06 -28.66 21.59
N THR R 96 -35.41 -29.96 21.55
CA THR R 96 -34.61 -30.95 22.24
C THR R 96 -33.24 -31.04 21.55
N GLN R 97 -33.22 -30.90 20.23
CA GLN R 97 -31.94 -30.91 19.47
C GLN R 97 -31.11 -29.65 19.67
N ASN R 98 -31.75 -28.50 19.75
CA ASN R 98 -31.10 -27.27 20.11
C ASN R 98 -30.49 -27.36 21.49
N HIS R 99 -31.21 -27.94 22.43
CA HIS R 99 -30.71 -28.08 23.78
C HIS R 99 -29.47 -28.98 23.78
N TRP R 100 -29.53 -30.06 23.01
CA TRP R 100 -28.43 -30.97 22.89
C TRP R 100 -27.18 -30.25 22.27
N PHE R 101 -27.43 -29.47 21.22
CA PHE R 101 -26.39 -28.76 20.52
C PHE R 101 -25.66 -27.81 21.50
N THR R 102 -26.42 -27.06 22.27
CA THR R 102 -25.91 -25.99 23.06
C THR R 102 -25.25 -26.50 24.37
N TYR R 103 -25.96 -27.43 25.03
CA TYR R 103 -25.60 -27.88 26.36
C TYR R 103 -24.95 -29.28 26.46
N ASN R 104 -24.94 -30.02 25.36
CA ASN R 104 -24.43 -31.39 25.35
C ASN R 104 -25.05 -32.29 26.41
N GLU R 105 -26.38 -32.25 26.49
CA GLU R 105 -27.13 -33.01 27.48
C GLU R 105 -28.56 -33.15 26.96
N THR R 106 -29.30 -34.07 27.53
CA THR R 106 -30.71 -34.25 27.18
C THR R 106 -31.58 -33.25 27.91
N MET R 107 -32.57 -32.74 27.22
CA MET R 107 -33.52 -31.81 27.78
C MET R 107 -34.54 -32.59 28.66
N THR R 108 -34.87 -32.07 29.84
CA THR R 108 -35.89 -32.72 30.67
C THR R 108 -37.29 -32.75 30.00
N VAL R 109 -38.11 -33.71 30.39
CA VAL R 109 -39.49 -33.81 29.91
C VAL R 109 -40.23 -32.54 30.24
N GLU R 110 -40.12 -32.08 31.48
CA GLU R 110 -40.70 -30.80 31.91
C GLU R 110 -40.31 -29.63 31.01
N SER R 111 -39.01 -29.52 30.67
CA SER R 111 -38.51 -28.41 29.88
C SER R 111 -39.00 -28.46 28.47
N VAL R 112 -39.05 -29.64 27.86
CA VAL R 112 -39.63 -29.78 26.52
C VAL R 112 -41.10 -29.34 26.61
N THR R 113 -41.83 -29.83 27.62
CA THR R 113 -43.27 -29.51 27.71
C THR R 113 -43.45 -28.00 27.83
N GLN R 114 -42.62 -27.39 28.70
CA GLN R 114 -42.62 -25.94 28.90
C GLN R 114 -42.37 -25.13 27.61
N ALA R 115 -41.41 -25.57 26.83
CA ALA R 115 -41.07 -24.86 25.60
C ALA R 115 -42.22 -24.93 24.60
N VAL R 116 -42.85 -26.08 24.50
CA VAL R 116 -44.03 -26.18 23.64
C VAL R 116 -45.15 -25.29 24.15
N SER R 117 -45.33 -25.25 25.46
CA SER R 117 -46.48 -24.56 26.00
C SER R 117 -46.38 -23.04 25.86
N ASN R 118 -45.17 -22.51 25.72
CA ASN R 118 -44.99 -21.10 25.40
C ASN R 118 -45.50 -20.63 24.02
N LEU R 119 -45.81 -21.55 23.12
CA LEU R 119 -46.56 -21.22 21.90
C LEU R 119 -48.07 -20.98 22.09
N ALA R 120 -48.57 -21.42 23.24
N ALA R 120 -48.76 -21.46 23.12
CA ALA R 120 -49.94 -21.33 23.58
CA ALA R 120 -50.27 -21.63 22.98
C ALA R 120 -49.95 -19.94 24.02
C ALA R 120 -51.23 -20.39 22.85
N LEU R 121 -50.94 -19.27 23.53
CA LEU R 121 -51.62 -17.97 23.48
C LEU R 121 -50.96 -16.97 22.47
N GLN R 122 -49.98 -17.42 21.71
CA GLN R 122 -49.40 -16.62 20.65
C GLN R 122 -50.24 -16.63 19.40
N PHE R 123 -51.47 -16.14 19.52
CA PHE R 123 -52.32 -15.92 18.38
C PHE R 123 -52.92 -14.53 18.47
N GLY R 124 -53.39 -14.01 17.35
CA GLY R 124 -54.01 -12.68 17.32
C GLY R 124 -53.75 -11.95 16.05
N GLU R 125 -54.47 -10.86 15.82
CA GLU R 125 -54.52 -10.18 14.52
C GLU R 125 -54.12 -8.69 14.55
N GLU R 126 -53.29 -8.27 15.53
CA GLU R 126 -52.90 -6.83 15.79
C GLU R 126 -51.39 -6.56 15.88
N ASP R 127 -50.70 -7.31 16.73
CA ASP R 127 -49.22 -7.20 16.83
C ASP R 127 -48.72 -7.89 15.55
N ALA R 128 -48.93 -9.21 15.48
CA ALA R 128 -48.97 -9.97 14.22
C ALA R 128 -47.86 -9.63 13.18
N ASP R 129 -46.68 -10.26 13.32
CA ASP R 129 -45.49 -10.04 12.44
C ASP R 129 -45.74 -10.57 10.99
N PRO R 130 -45.58 -11.90 10.73
CA PRO R 130 -46.00 -12.55 9.44
C PRO R 130 -47.46 -12.28 9.02
N GLY R 131 -48.07 -13.29 8.38
CA GLY R 131 -49.43 -13.73 8.76
C GLY R 131 -49.30 -14.77 9.93
N ALA R 132 -49.19 -14.33 11.19
CA ALA R 132 -48.93 -15.20 12.36
C ALA R 132 -50.20 -16.02 12.71
N MET R 133 -50.16 -16.80 13.80
CA MET R 133 -51.27 -17.70 14.17
C MET R 133 -52.59 -16.92 14.38
N SER R 134 -53.67 -17.36 13.75
CA SER R 134 -54.96 -16.71 13.87
C SER R 134 -55.81 -17.22 15.05
N ARG R 135 -55.38 -18.31 15.65
CA ARG R 135 -56.17 -19.02 16.59
C ARG R 135 -55.31 -19.96 17.40
N PRO R 136 -55.81 -20.41 18.56
CA PRO R 136 -55.08 -21.45 19.31
C PRO R 136 -55.05 -22.82 18.59
N PHE R 137 -54.24 -23.73 19.14
CA PHE R 137 -54.13 -25.12 18.68
C PHE R 137 -55.21 -26.00 19.32
N GLY R 138 -55.95 -26.78 18.52
CA GLY R 138 -57.06 -27.62 19.02
C GLY R 138 -56.61 -29.00 19.47
N VAL R 139 -55.57 -29.04 20.34
CA VAL R 139 -54.78 -30.21 20.61
C VAL R 139 -54.54 -30.28 22.10
N ALA R 140 -54.66 -31.46 22.67
CA ALA R 140 -54.06 -31.72 23.99
C ALA R 140 -52.94 -32.73 23.80
N LEU R 141 -51.93 -32.67 24.66
CA LEU R 141 -50.74 -33.52 24.54
C LEU R 141 -50.34 -34.15 25.85
N LEU R 142 -49.97 -35.41 25.77
CA LEU R 142 -49.27 -36.11 26.84
C LEU R 142 -47.80 -36.37 26.41
N PHE R 143 -46.86 -35.77 27.14
CA PHE R 143 -45.41 -36.01 26.96
C PHE R 143 -45.00 -37.02 28.03
N GLY R 144 -44.59 -38.20 27.61
CA GLY R 144 -44.05 -39.23 28.48
C GLY R 144 -42.55 -39.50 28.19
N GLY R 145 -41.72 -39.42 29.22
CA GLY R 145 -40.33 -39.76 29.07
C GLY R 145 -39.58 -40.05 30.35
N VAL R 146 -38.27 -40.24 30.20
CA VAL R 146 -37.36 -40.50 31.28
C VAL R 146 -36.23 -39.48 31.17
N ASP R 147 -36.00 -38.73 32.25
CA ASP R 147 -34.86 -37.80 32.36
C ASP R 147 -34.20 -38.10 33.70
N GLU R 148 -33.28 -37.28 34.17
CA GLU R 148 -32.67 -37.55 35.51
C GLU R 148 -33.62 -37.53 36.72
N LYS R 149 -34.77 -36.84 36.64
CA LYS R 149 -35.83 -36.96 37.66
C LYS R 149 -36.50 -38.35 37.63
N GLY R 150 -36.10 -39.25 36.71
CA GLY R 150 -36.73 -40.54 36.53
C GLY R 150 -37.84 -40.44 35.46
N PRO R 151 -38.72 -41.46 35.40
CA PRO R 151 -39.83 -41.45 34.46
C PRO R 151 -40.81 -40.31 34.73
N GLN R 152 -41.38 -39.75 33.65
CA GLN R 152 -42.24 -38.59 33.77
C GLN R 152 -43.28 -38.41 32.70
N LEU R 153 -44.47 -38.03 33.17
CA LEU R 153 -45.62 -37.82 32.33
C LEU R 153 -46.14 -36.44 32.60
N PHE R 154 -46.32 -35.66 31.54
CA PHE R 154 -46.83 -34.30 31.65
C PHE R 154 -47.99 -34.12 30.69
N HIS R 155 -49.00 -33.33 31.11
CA HIS R 155 -50.16 -33.02 30.28
C HIS R 155 -50.16 -31.53 29.94
N MET R 156 -50.58 -31.22 28.71
CA MET R 156 -50.68 -29.85 28.25
C MET R 156 -51.95 -29.67 27.39
N ASP R 157 -52.68 -28.58 27.61
CA ASP R 157 -53.89 -28.27 26.84
C ASP R 157 -53.75 -26.94 26.10
N PRO R 158 -54.77 -26.52 25.33
CA PRO R 158 -54.62 -25.26 24.53
C PRO R 158 -54.45 -23.94 25.29
N SER R 159 -54.68 -23.94 26.61
CA SER R 159 -54.44 -22.77 27.44
C SER R 159 -52.93 -22.46 27.66
N GLY R 160 -52.07 -23.44 27.42
CA GLY R 160 -50.68 -23.33 27.75
C GLY R 160 -50.39 -23.84 29.12
N THR R 161 -51.41 -24.31 29.82
CA THR R 161 -51.21 -24.87 31.16
C THR R 161 -50.63 -26.28 31.02
N PHE R 162 -49.57 -26.56 31.76
CA PHE R 162 -49.00 -27.91 31.74
C PHE R 162 -48.68 -28.36 33.16
N VAL R 163 -48.72 -29.66 33.38
CA VAL R 163 -48.58 -30.21 34.72
C VAL R 163 -48.18 -31.70 34.66
N GLN R 164 -47.44 -32.15 35.66
CA GLN R 164 -47.06 -33.56 35.81
C GLN R 164 -48.31 -34.30 36.30
N CYS R 165 -48.55 -35.50 35.77
CA CYS R 165 -49.62 -36.39 36.23
C CYS R 165 -49.07 -37.77 36.43
N ASP R 166 -49.53 -38.47 37.45
CA ASP R 166 -49.17 -39.87 37.60
C ASP R 166 -49.87 -40.75 36.56
N ALA R 167 -51.12 -40.40 36.24
CA ALA R 167 -51.86 -41.03 35.15
C ALA R 167 -52.92 -40.05 34.64
N ARG R 168 -53.20 -40.09 33.34
CA ARG R 168 -54.02 -39.08 32.72
C ARG R 168 -54.63 -39.57 31.41
N ALA R 169 -55.95 -39.36 31.24
CA ALA R 169 -56.63 -39.60 29.97
C ALA R 169 -56.96 -38.27 29.32
N ILE R 170 -57.01 -38.24 28.00
CA ILE R 170 -57.47 -37.06 27.24
C ILE R 170 -58.31 -37.52 26.09
N GLY R 171 -59.08 -36.60 25.51
CA GLY R 171 -59.99 -36.95 24.43
C GLY R 171 -61.41 -37.25 24.92
N SER R 172 -62.22 -37.82 24.04
CA SER R 172 -63.68 -37.88 24.25
C SER R 172 -64.10 -38.60 25.51
N ALA R 173 -63.46 -39.73 25.83
CA ALA R 173 -63.98 -40.53 26.96
C ALA R 173 -63.13 -40.33 28.22
N SER R 174 -62.58 -39.13 28.40
CA SER R 174 -61.50 -38.94 29.37
C SER R 174 -61.98 -38.79 30.79
N GLU R 175 -63.21 -38.28 30.97
CA GLU R 175 -63.85 -38.25 32.31
C GLU R 175 -63.91 -39.65 32.90
N GLY R 176 -64.48 -40.57 32.13
CA GLY R 176 -64.66 -41.96 32.56
C GLY R 176 -63.30 -42.66 32.67
N ALA R 177 -62.44 -42.45 31.68
CA ALA R 177 -61.12 -43.07 31.68
C ALA R 177 -60.33 -42.65 32.92
N GLN R 178 -60.41 -41.36 33.26
CA GLN R 178 -59.75 -40.79 34.42
C GLN R 178 -60.25 -41.38 35.73
N SER R 179 -61.54 -41.62 35.81
CA SER R 179 -62.12 -42.30 36.93
C SER R 179 -61.45 -43.69 37.13
N SER R 180 -61.41 -44.48 36.05
CA SER R 180 -60.86 -45.82 36.12
C SER R 180 -59.34 -45.79 36.44
N LEU R 181 -58.65 -44.75 35.96
CA LEU R 181 -57.23 -44.52 36.33
C LEU R 181 -57.03 -44.24 37.85
N GLN R 182 -57.86 -43.39 38.48
CA GLN R 182 -57.83 -43.20 39.95
C GLN R 182 -57.95 -44.57 40.62
N GLU R 183 -58.85 -45.40 40.14
CA GLU R 183 -59.14 -46.69 40.75
C GLU R 183 -57.92 -47.61 40.74
N VAL R 184 -57.32 -47.80 39.57
CA VAL R 184 -56.23 -48.80 39.40
C VAL R 184 -54.83 -48.26 39.72
N TYR R 185 -54.59 -46.95 39.69
CA TYR R 185 -53.23 -46.46 39.85
C TYR R 185 -52.72 -46.65 41.28
N HIS R 186 -51.46 -47.07 41.44
CA HIS R 186 -50.74 -46.98 42.75
C HIS R 186 -49.29 -46.71 42.47
N LYS R 187 -48.64 -45.92 43.32
CA LYS R 187 -47.22 -45.48 43.14
C LYS R 187 -46.25 -46.63 42.85
N SER R 188 -46.49 -47.77 43.50
CA SER R 188 -45.66 -48.97 43.36
C SER R 188 -46.02 -49.88 42.15
N MET R 189 -46.98 -49.49 41.35
CA MET R 189 -47.39 -50.24 40.19
C MET R 189 -46.24 -50.43 39.19
N THR R 190 -46.15 -51.62 38.60
CA THR R 190 -45.15 -51.91 37.58
C THR R 190 -45.56 -51.39 36.21
N LEU R 191 -44.59 -51.26 35.31
CA LEU R 191 -44.89 -50.89 33.95
C LEU R 191 -45.80 -51.90 33.23
N LYS R 192 -45.58 -53.21 33.40
CA LYS R 192 -46.42 -54.17 32.66
C LYS R 192 -47.88 -54.16 33.14
N GLU R 193 -48.10 -53.89 34.41
CA GLU R 193 -49.42 -53.63 34.99
C GLU R 193 -50.09 -52.39 34.40
N ALA R 194 -49.33 -51.32 34.30
CA ALA R 194 -49.81 -50.08 33.70
C ALA R 194 -50.23 -50.24 32.23
N ILE R 195 -49.44 -50.99 31.47
CA ILE R 195 -49.77 -51.35 30.09
C ILE R 195 -51.14 -52.05 30.01
N LYS R 196 -51.29 -53.11 30.81
CA LYS R 196 -52.52 -53.87 30.88
C LYS R 196 -53.69 -53.02 31.31
N SER R 197 -53.50 -52.25 32.37
CA SER R 197 -54.51 -51.30 32.87
C SER R 197 -55.04 -50.36 31.79
N SER R 198 -54.12 -49.81 30.98
CA SER R 198 -54.53 -48.80 30.02
C SER R 198 -55.24 -49.44 28.84
N LEU R 199 -54.92 -50.68 28.51
CA LEU R 199 -55.62 -51.37 27.43
C LEU R 199 -57.02 -51.84 27.87
N ILE R 200 -57.15 -52.22 29.14
CA ILE R 200 -58.44 -52.56 29.73
C ILE R 200 -59.35 -51.33 29.68
N ILE R 201 -58.82 -50.19 30.09
CA ILE R 201 -59.58 -48.97 30.10
C ILE R 201 -59.93 -48.52 28.67
N LEU R 202 -58.96 -48.53 27.74
CA LEU R 202 -59.26 -48.23 26.32
C LEU R 202 -60.34 -49.15 25.80
N LYS R 203 -60.24 -50.44 26.09
CA LYS R 203 -61.26 -51.39 25.68
C LYS R 203 -62.68 -50.97 26.15
N GLN R 204 -62.84 -50.57 27.42
CA GLN R 204 -64.13 -50.09 27.94
C GLN R 204 -64.64 -48.91 27.15
N VAL R 205 -63.77 -47.93 26.91
CA VAL R 205 -64.23 -46.61 26.48
C VAL R 205 -64.34 -46.47 24.96
N MET R 206 -63.61 -47.28 24.20
CA MET R 206 -63.67 -47.25 22.73
C MET R 206 -65.04 -47.68 22.22
N GLU R 207 -65.51 -47.01 21.18
CA GLU R 207 -66.77 -47.39 20.46
C GLU R 207 -66.58 -48.70 19.72
N GLU R 208 -65.44 -48.81 19.02
CA GLU R 208 -65.05 -50.05 18.32
C GLU R 208 -64.41 -51.08 19.26
N LYS R 209 -64.57 -52.35 18.91
CA LYS R 209 -63.95 -53.47 19.63
C LYS R 209 -62.41 -53.37 19.55
N LEU R 210 -61.73 -53.25 20.68
CA LEU R 210 -60.28 -53.13 20.66
C LEU R 210 -59.66 -54.34 19.96
N ASN R 211 -58.67 -54.09 19.10
CA ASN R 211 -57.79 -55.12 18.55
C ASN R 211 -56.39 -54.54 18.30
N ALA R 212 -55.50 -55.34 17.74
CA ALA R 212 -54.11 -54.95 17.57
C ALA R 212 -53.80 -53.96 16.44
N THR R 213 -54.80 -53.60 15.64
CA THR R 213 -54.63 -52.60 14.56
C THR R 213 -55.27 -51.24 14.83
N ASN R 214 -56.32 -51.17 15.65
CA ASN R 214 -56.98 -49.88 15.97
C ASN R 214 -56.54 -49.18 17.27
N ILE R 215 -55.41 -49.57 17.83
CA ILE R 215 -54.77 -48.83 18.90
C ILE R 215 -53.27 -48.70 18.60
N GLU R 216 -52.60 -47.80 19.32
CA GLU R 216 -51.15 -47.78 19.39
C GLU R 216 -50.75 -47.73 20.84
N LEU R 217 -49.56 -48.21 21.12
CA LEU R 217 -48.99 -48.15 22.44
C LEU R 217 -47.48 -47.93 22.29
N ALA R 218 -46.94 -47.07 23.14
CA ALA R 218 -45.48 -46.90 23.27
C ALA R 218 -45.07 -46.82 24.71
N THR R 219 -43.79 -47.10 24.95
CA THR R 219 -43.19 -46.97 26.26
C THR R 219 -41.84 -46.21 26.22
N VAL R 220 -41.47 -45.58 27.33
CA VAL R 220 -40.11 -45.15 27.58
C VAL R 220 -39.72 -45.62 28.96
N GLN R 221 -38.54 -46.25 29.07
CA GLN R 221 -38.05 -46.80 30.33
C GLN R 221 -36.65 -46.27 30.63
N PRO R 222 -36.27 -46.21 31.92
CA PRO R 222 -34.89 -45.85 32.23
C PRO R 222 -33.85 -46.66 31.44
N GLY R 223 -34.09 -47.94 31.30
CA GLY R 223 -33.22 -48.76 30.50
C GLY R 223 -33.10 -48.34 29.04
N GLN R 224 -34.23 -47.97 28.44
CA GLN R 224 -34.45 -48.24 27.04
C GLN R 224 -35.17 -47.08 26.33
N ASN R 225 -34.74 -46.82 25.10
CA ASN R 225 -35.32 -45.77 24.31
C ASN R 225 -36.81 -45.92 24.03
N PHE R 226 -37.42 -44.79 23.68
CA PHE R 226 -38.77 -44.76 23.13
C PHE R 226 -38.99 -45.96 22.23
N HIS R 227 -40.06 -46.69 22.51
CA HIS R 227 -40.36 -47.89 21.78
C HIS R 227 -41.88 -48.01 21.46
N MET R 228 -42.19 -48.05 20.16
CA MET R 228 -43.52 -48.26 19.63
C MET R 228 -43.74 -49.74 19.55
N PHE R 229 -44.85 -50.19 20.13
CA PHE R 229 -45.23 -51.60 20.05
C PHE R 229 -45.57 -52.01 18.63
N THR R 230 -45.12 -53.19 18.25
CA THR R 230 -45.46 -53.82 16.97
C THR R 230 -46.82 -54.55 17.07
N LYS R 231 -47.41 -54.88 15.91
CA LYS R 231 -48.67 -55.63 15.85
C LYS R 231 -48.52 -56.86 16.72
N GLU R 232 -47.38 -57.54 16.57
CA GLU R 232 -47.07 -58.77 17.31
C GLU R 232 -46.98 -58.54 18.82
N GLU R 233 -46.31 -57.48 19.25
CA GLU R 233 -46.21 -57.16 20.69
C GLU R 233 -47.56 -56.75 21.30
N LEU R 234 -48.43 -56.16 20.47
CA LEU R 234 -49.74 -55.72 20.90
C LEU R 234 -50.64 -56.91 21.14
N GLU R 235 -50.64 -57.82 20.18
CA GLU R 235 -51.37 -59.07 20.28
C GLU R 235 -51.05 -59.85 21.55
N GLU R 236 -49.77 -60.00 21.88
CA GLU R 236 -49.36 -60.66 23.13
C GLU R 236 -49.98 -60.00 24.38
N VAL R 237 -50.02 -58.68 24.40
CA VAL R 237 -50.60 -57.95 25.54
C VAL R 237 -52.11 -58.01 25.50
N ILE R 238 -52.69 -58.05 24.31
CA ILE R 238 -54.17 -58.12 24.16
C ILE R 238 -54.78 -59.45 24.63
N LYS R 239 -54.03 -60.55 24.59
CA LYS R 239 -54.50 -61.89 25.03
C LYS R 239 -55.18 -61.97 26.40
N ASP R 240 -54.65 -61.21 27.37
CA ASP R 240 -55.25 -61.12 28.70
C ASP R 240 -56.62 -60.42 28.71
N ILE R 241 -56.95 -59.75 27.60
CA ILE R 241 -58.26 -59.19 27.23
C ILE R 241 -58.64 -57.94 28.05
N PHE S 2 -77.27 -1.68 26.23
CA PHE S 2 -76.68 -1.10 27.48
C PHE S 2 -75.30 -1.67 27.93
N ARG S 3 -74.74 -2.64 27.20
CA ARG S 3 -73.53 -3.41 27.64
C ARG S 3 -72.81 -4.20 26.51
N ASN S 4 -73.63 -4.95 25.74
CA ASN S 4 -73.17 -5.87 24.68
C ASN S 4 -72.32 -5.26 23.57
N GLN S 5 -72.62 -4.05 23.07
CA GLN S 5 -71.77 -3.39 22.04
C GLN S 5 -70.47 -2.82 22.62
N TYR S 6 -70.44 -2.62 23.95
CA TYR S 6 -69.30 -2.11 24.65
C TYR S 6 -68.40 -3.17 25.30
N ASP S 7 -68.64 -4.46 25.11
CA ASP S 7 -67.83 -5.40 25.90
C ASP S 7 -66.84 -6.29 25.16
N ASN S 8 -66.68 -6.11 23.86
CA ASN S 8 -65.82 -7.04 23.17
C ASN S 8 -64.42 -6.50 22.92
N ASP S 9 -64.26 -5.17 22.90
CA ASP S 9 -62.99 -4.52 22.56
C ASP S 9 -62.44 -3.68 23.70
N VAL S 10 -61.16 -3.88 23.98
CA VAL S 10 -60.50 -3.12 25.00
C VAL S 10 -60.34 -1.63 24.65
N THR S 11 -60.46 -1.26 23.37
CA THR S 11 -60.53 0.13 22.97
C THR S 11 -61.89 0.82 23.10
N VAL S 12 -62.96 0.11 23.47
CA VAL S 12 -64.28 0.72 23.56
C VAL S 12 -64.58 1.10 24.99
N TRP S 13 -64.59 2.40 25.27
CA TRP S 13 -65.18 2.93 26.51
C TRP S 13 -66.67 2.69 26.55
N SER S 14 -67.19 2.32 27.72
CA SER S 14 -68.67 2.24 27.89
C SER S 14 -69.20 3.60 28.25
N PRO S 15 -70.55 3.76 28.18
CA PRO S 15 -71.05 5.06 28.53
C PRO S 15 -70.84 5.50 30.01
N GLN S 16 -70.45 4.56 30.89
CA GLN S 16 -70.21 4.85 32.31
C GLN S 16 -68.75 5.09 32.59
N GLY S 17 -67.92 5.12 31.55
CA GLY S 17 -66.53 5.38 31.72
C GLY S 17 -65.77 4.16 32.20
N ARG S 18 -66.18 2.99 31.69
N ARG S 18 -66.04 2.96 31.70
CA ARG S 18 -65.55 1.71 31.99
CA ARG S 18 -65.06 1.90 31.94
C ARG S 18 -65.03 0.99 30.73
C ARG S 18 -64.94 1.05 30.71
N ILE S 19 -64.16 0.00 30.92
CA ILE S 19 -63.71 -0.83 29.84
C ILE S 19 -63.98 -2.25 30.30
N HIS S 20 -65.03 -2.83 29.74
CA HIS S 20 -65.54 -4.15 30.16
C HIS S 20 -64.48 -5.25 29.95
N GLN S 21 -63.74 -5.17 28.84
CA GLN S 21 -62.64 -6.13 28.63
C GLN S 21 -61.59 -6.17 29.76
N ILE S 22 -61.31 -5.02 30.38
CA ILE S 22 -60.44 -4.97 31.53
C ILE S 22 -61.11 -5.61 32.72
N GLU S 23 -62.38 -5.27 32.96
CA GLU S 23 -63.11 -5.90 34.07
C GLU S 23 -63.17 -7.41 33.91
N TYR S 24 -63.46 -7.85 32.68
CA TYR S 24 -63.55 -9.26 32.41
C TYR S 24 -62.22 -9.95 32.63
N ALA S 25 -61.11 -9.31 32.23
CA ALA S 25 -59.77 -9.85 32.55
C ALA S 25 -59.56 -9.99 34.05
N MET S 26 -60.13 -9.08 34.81
CA MET S 26 -60.02 -9.14 36.26
C MET S 26 -60.73 -10.35 36.85
N GLU S 27 -61.75 -10.88 36.16
CA GLU S 27 -62.43 -12.07 36.62
C GLU S 27 -61.55 -13.29 36.51
N ALA S 28 -60.65 -13.29 35.52
CA ALA S 28 -59.64 -14.35 35.45
C ALA S 28 -58.92 -14.45 36.79
N VAL S 29 -58.57 -13.32 37.40
CA VAL S 29 -57.81 -13.39 38.64
C VAL S 29 -58.71 -13.81 39.82
N LYS S 30 -59.96 -13.33 39.85
CA LYS S 30 -60.87 -13.68 40.96
C LYS S 30 -61.19 -15.15 41.02
N GLN S 31 -61.12 -15.84 39.89
CA GLN S 31 -61.32 -17.27 39.81
C GLN S 31 -60.10 -18.13 39.97
N GLY S 32 -58.90 -17.54 40.02
CA GLY S 32 -57.71 -18.31 40.37
C GLY S 32 -57.79 -18.77 41.82
N SER S 33 -56.93 -19.71 42.19
CA SER S 33 -56.92 -20.15 43.57
C SER S 33 -56.26 -19.05 44.42
N ALA S 34 -56.65 -18.92 45.68
CA ALA S 34 -56.16 -17.84 46.51
C ALA S 34 -54.62 -17.87 46.76
N THR S 35 -54.04 -16.69 46.88
CA THR S 35 -52.71 -16.54 47.40
C THR S 35 -52.68 -15.34 48.31
N VAL S 36 -51.76 -15.38 49.27
CA VAL S 36 -51.60 -14.35 50.27
C VAL S 36 -50.13 -13.86 50.19
N GLY S 37 -49.95 -12.56 50.35
CA GLY S 37 -48.67 -11.94 50.56
C GLY S 37 -48.67 -11.05 51.81
N LEU S 38 -47.62 -11.14 52.61
CA LEU S 38 -47.42 -10.23 53.76
C LEU S 38 -45.93 -9.99 54.07
N LYS S 39 -45.66 -8.99 54.89
CA LYS S 39 -44.30 -8.64 55.29
C LYS S 39 -44.15 -8.18 56.73
N SER S 40 -42.92 -8.32 57.23
CA SER S 40 -42.48 -7.80 58.50
C SER S 40 -41.44 -6.73 58.19
N LYS S 41 -40.77 -6.24 59.24
CA LYS S 41 -39.58 -5.38 59.08
C LYS S 41 -38.47 -6.02 58.21
N THR S 42 -38.32 -7.35 58.26
CA THR S 42 -37.18 -8.07 57.67
C THR S 42 -37.46 -9.07 56.54
N HIS S 43 -38.70 -9.52 56.37
CA HIS S 43 -39.03 -10.56 55.41
C HIS S 43 -40.32 -10.27 54.66
N ALA S 44 -40.39 -10.80 53.44
CA ALA S 44 -41.58 -10.74 52.60
C ALA S 44 -41.98 -12.18 52.31
N VAL S 45 -43.23 -12.55 52.62
CA VAL S 45 -43.72 -13.90 52.38
C VAL S 45 -44.94 -14.01 51.45
N LEU S 46 -44.89 -15.04 50.61
CA LEU S 46 -45.97 -15.43 49.76
C LEU S 46 -46.45 -16.82 50.15
N VAL S 47 -47.77 -16.97 50.23
CA VAL S 47 -48.38 -18.26 50.48
C VAL S 47 -49.44 -18.50 49.42
N ALA S 48 -49.51 -19.70 48.86
CA ALA S 48 -50.46 -19.95 47.77
C ALA S 48 -51.11 -21.30 47.91
N LEU S 49 -52.39 -21.36 47.53
CA LEU S 49 -53.10 -22.62 47.35
C LEU S 49 -52.96 -23.15 45.93
N LYS S 50 -52.61 -24.42 45.80
CA LYS S 50 -52.47 -25.02 44.50
C LYS S 50 -53.67 -25.84 44.20
N ARG S 51 -54.22 -25.61 43.01
CA ARG S 51 -55.27 -26.50 42.44
C ARG S 51 -54.67 -27.73 41.80
N ALA S 52 -55.11 -28.92 42.18
CA ALA S 52 -54.83 -30.12 41.41
C ALA S 52 -56.07 -30.46 40.58
N GLN S 53 -55.89 -30.66 39.27
CA GLN S 53 -57.00 -30.93 38.32
C GLN S 53 -57.76 -32.21 38.73
N SER S 54 -57.07 -33.35 38.72
CA SER S 54 -57.59 -34.62 39.26
C SER S 54 -56.76 -34.98 40.52
N GLU S 55 -57.12 -36.10 41.15
CA GLU S 55 -56.37 -36.63 42.30
C GLU S 55 -54.94 -37.08 41.93
N LEU S 56 -54.75 -37.56 40.69
CA LEU S 56 -53.45 -38.02 40.15
C LEU S 56 -52.58 -36.91 39.49
N ALA S 57 -53.15 -35.73 39.25
CA ALA S 57 -52.37 -34.56 38.82
C ALA S 57 -51.56 -34.00 40.00
N ALA S 58 -50.33 -33.57 39.70
CA ALA S 58 -49.55 -32.78 40.62
C ALA S 58 -50.29 -31.45 40.64
N HIS S 59 -50.07 -30.73 41.73
CA HIS S 59 -50.63 -29.40 41.92
C HIS S 59 -49.85 -28.36 41.09
N GLN S 60 -50.64 -27.45 40.50
CA GLN S 60 -50.14 -26.37 39.65
C GLN S 60 -49.18 -25.50 40.45
N LYS S 61 -48.03 -25.16 39.88
CA LYS S 61 -47.17 -24.16 40.53
C LYS S 61 -47.83 -22.78 40.58
N LYS S 62 -47.84 -22.18 41.76
CA LYS S 62 -48.31 -20.82 41.93
C LYS S 62 -47.20 -19.81 42.16
N ILE S 63 -46.02 -20.28 42.53
CA ILE S 63 -44.95 -19.38 42.97
C ILE S 63 -43.74 -19.56 42.05
N LEU S 64 -43.18 -18.44 41.61
CA LEU S 64 -42.08 -18.46 40.59
C LEU S 64 -40.93 -17.57 41.02
N HIS S 65 -39.71 -18.07 40.77
CA HIS S 65 -38.48 -17.31 41.02
CA HIS S 65 -38.46 -17.32 40.98
C HIS S 65 -38.34 -16.24 39.91
N VAL S 66 -38.05 -15.00 40.30
CA VAL S 66 -37.74 -13.93 39.33
C VAL S 66 -36.22 -13.58 39.38
N ASP S 67 -35.71 -13.33 40.58
CA ASP S 67 -34.27 -13.06 40.78
C ASP S 67 -33.94 -13.43 42.25
N ASN S 68 -32.69 -13.28 42.67
CA ASN S 68 -32.35 -13.64 44.05
C ASN S 68 -33.16 -12.91 45.12
N HIS S 69 -33.61 -11.72 44.77
CA HIS S 69 -34.28 -10.80 45.67
C HIS S 69 -35.80 -10.63 45.40
N ILE S 70 -36.34 -11.39 44.44
CA ILE S 70 -37.74 -11.23 43.98
C ILE S 70 -38.36 -12.55 43.60
N GLY S 71 -39.58 -12.78 44.09
CA GLY S 71 -40.40 -13.86 43.59
C GLY S 71 -41.85 -13.44 43.50
N ILE S 72 -42.64 -14.24 42.80
CA ILE S 72 -44.03 -13.90 42.56
C ILE S 72 -44.97 -15.05 42.84
N SER S 73 -46.21 -14.67 43.17
CA SER S 73 -47.33 -15.57 43.23
C SER S 73 -48.33 -15.16 42.15
N ILE S 74 -48.94 -16.14 41.50
CA ILE S 74 -49.77 -15.84 40.33
C ILE S 74 -51.25 -16.22 40.59
N ALA S 75 -52.16 -15.49 39.98
CA ALA S 75 -53.55 -15.89 39.92
C ALA S 75 -54.13 -15.43 38.57
N GLY S 76 -54.68 -16.35 37.79
CA GLY S 76 -55.23 -16.03 36.48
C GLY S 76 -54.66 -16.90 35.39
N LEU S 77 -54.58 -16.40 34.17
CA LEU S 77 -54.13 -17.24 33.08
C LEU S 77 -52.64 -17.58 33.24
N THR S 78 -52.35 -18.87 33.27
CA THR S 78 -51.01 -19.39 33.50
C THR S 78 -50.00 -18.92 32.44
N ALA S 79 -50.38 -19.02 31.18
CA ALA S 79 -49.59 -18.60 30.06
C ALA S 79 -49.23 -17.14 30.10
N ASP S 80 -50.18 -16.29 30.50
CA ASP S 80 -49.87 -14.86 30.70
C ASP S 80 -48.97 -14.66 31.90
N ALA S 81 -49.14 -15.47 32.94
CA ALA S 81 -48.27 -15.39 34.11
C ALA S 81 -46.82 -15.67 33.69
N ARG S 82 -46.59 -16.69 32.88
CA ARG S 82 -45.25 -17.01 32.42
C ARG S 82 -44.65 -15.93 31.50
N LEU S 83 -45.46 -15.35 30.66
CA LEU S 83 -45.00 -14.28 29.80
C LEU S 83 -44.52 -13.07 30.66
N LEU S 84 -45.32 -12.70 31.66
CA LEU S 84 -44.98 -11.63 32.53
C LEU S 84 -43.77 -11.98 33.41
N CYS S 85 -43.73 -13.21 33.87
CA CYS S 85 -42.63 -13.65 34.68
C CYS S 85 -41.32 -13.54 33.88
N ASN S 86 -41.35 -13.97 32.61
CA ASN S 86 -40.19 -13.91 31.77
C ASN S 86 -39.73 -12.48 31.51
N PHE S 87 -40.68 -11.57 31.32
CA PHE S 87 -40.41 -10.16 31.23
C PHE S 87 -39.69 -9.65 32.48
N MET S 88 -40.23 -10.00 33.65
CA MET S 88 -39.63 -9.57 34.90
C MET S 88 -38.20 -10.09 35.09
N ARG S 89 -37.99 -11.34 34.72
CA ARG S 89 -36.68 -11.98 34.77
C ARG S 89 -35.66 -11.24 33.91
N GLN S 90 -36.09 -10.87 32.72
CA GLN S 90 -35.24 -10.21 31.74
C GLN S 90 -34.86 -8.79 32.23
N GLU S 91 -35.83 -8.05 32.78
CA GLU S 91 -35.56 -6.74 33.32
C GLU S 91 -34.57 -6.81 34.46
N CYS S 92 -34.72 -7.85 35.30
CA CYS S 92 -33.75 -8.08 36.38
C CYS S 92 -32.33 -8.42 35.84
N LEU S 93 -32.21 -9.25 34.82
CA LEU S 93 -30.89 -9.58 34.25
C LEU S 93 -30.23 -8.36 33.64
N ASP S 94 -31.01 -7.55 32.92
CA ASP S 94 -30.55 -6.31 32.30
C ASP S 94 -29.96 -5.35 33.33
N SER S 95 -30.67 -5.16 34.43
CA SER S 95 -30.17 -4.30 35.47
C SER S 95 -28.89 -4.80 36.08
N ARG S 96 -28.75 -6.10 36.32
CA ARG S 96 -27.47 -6.64 36.79
C ARG S 96 -26.37 -6.53 35.73
N PHE S 97 -26.70 -6.71 34.46
CA PHE S 97 -25.71 -6.60 33.39
C PHE S 97 -25.17 -5.16 33.32
N VAL S 98 -26.08 -4.20 33.33
CA VAL S 98 -25.72 -2.80 33.12
C VAL S 98 -25.06 -2.18 34.35
N PHE S 99 -25.70 -2.36 35.51
CA PHE S 99 -25.31 -1.64 36.72
C PHE S 99 -24.57 -2.50 37.77
N ASP S 100 -24.59 -3.81 37.58
CA ASP S 100 -24.05 -4.76 38.54
C ASP S 100 -24.68 -4.69 39.96
N ARG S 101 -25.98 -4.42 40.01
CA ARG S 101 -26.74 -4.43 41.27
C ARG S 101 -28.20 -4.81 41.05
N PRO S 102 -28.89 -5.34 42.11
CA PRO S 102 -30.31 -5.79 41.94
C PRO S 102 -31.22 -4.67 41.48
N LEU S 103 -32.16 -4.99 40.61
CA LEU S 103 -33.18 -4.02 40.22
C LEU S 103 -34.07 -3.69 41.44
N PRO S 104 -34.20 -2.41 41.81
CA PRO S 104 -35.14 -2.13 42.88
C PRO S 104 -36.57 -2.60 42.56
N VAL S 105 -37.21 -3.13 43.59
CA VAL S 105 -38.50 -3.77 43.42
C VAL S 105 -39.54 -2.78 42.90
N SER S 106 -39.59 -1.55 43.43
CA SER S 106 -40.61 -0.58 42.98
C SER S 106 -40.40 -0.18 41.54
N ARG S 107 -39.15 -0.15 41.06
CA ARG S 107 -38.88 0.12 39.63
C ARG S 107 -39.33 -1.01 38.73
N LEU S 108 -39.08 -2.25 39.14
CA LEU S 108 -39.59 -3.38 38.36
C LEU S 108 -41.11 -3.32 38.24
N VAL S 109 -41.78 -3.00 39.35
CA VAL S 109 -43.28 -2.95 39.35
C VAL S 109 -43.78 -1.87 38.40
N SER S 110 -43.12 -0.70 38.40
CA SER S 110 -43.38 0.33 37.41
C SER S 110 -43.31 -0.15 35.97
N LEU S 111 -42.26 -0.93 35.67
CA LEU S 111 -42.06 -1.51 34.32
C LEU S 111 -43.21 -2.46 33.97
N ILE S 112 -43.67 -3.25 34.93
CA ILE S 112 -44.84 -4.11 34.70
C ILE S 112 -46.07 -3.25 34.33
N GLY S 113 -46.28 -2.17 35.04
CA GLY S 113 -47.40 -1.25 34.78
C GLY S 113 -47.37 -0.72 33.36
N SER S 114 -46.22 -0.17 32.97
CA SER S 114 -46.03 0.38 31.61
C SER S 114 -46.29 -0.66 30.60
N LYS S 115 -45.62 -1.80 30.78
CA LYS S 115 -45.75 -2.88 29.85
C LYS S 115 -47.21 -3.35 29.76
N THR S 116 -47.87 -3.54 30.89
CA THR S 116 -49.20 -4.18 30.84
C THR S 116 -50.26 -3.15 30.44
N GLN S 117 -49.97 -1.85 30.52
CA GLN S 117 -50.95 -0.85 30.11
C GLN S 117 -51.14 -0.82 28.57
N ILE S 118 -50.06 -1.08 27.84
CA ILE S 118 -50.00 -0.84 26.40
C ILE S 118 -51.09 -1.57 25.63
N PRO S 119 -51.20 -2.88 25.80
CA PRO S 119 -52.31 -3.53 25.06
C PRO S 119 -53.75 -3.14 25.50
N THR S 120 -53.94 -2.44 26.60
CA THR S 120 -55.27 -1.95 26.98
C THR S 120 -55.77 -0.79 26.14
N GLN S 121 -54.94 -0.29 25.22
CA GLN S 121 -55.27 0.91 24.49
C GLN S 121 -55.21 0.74 22.97
N ARG S 122 -54.93 -0.46 22.52
CA ARG S 122 -54.80 -0.73 21.10
C ARG S 122 -55.76 -1.79 20.60
N TYR S 123 -56.34 -1.53 19.44
CA TYR S 123 -57.39 -2.36 18.89
C TYR S 123 -56.89 -3.74 18.59
N GLY S 124 -57.70 -4.73 18.96
CA GLY S 124 -57.35 -6.13 18.74
C GLY S 124 -56.33 -6.73 19.70
N ARG S 125 -55.80 -5.97 20.64
CA ARG S 125 -54.98 -6.51 21.71
C ARG S 125 -55.87 -6.72 22.93
N ARG S 126 -55.34 -7.32 23.97
CA ARG S 126 -56.13 -7.62 25.15
C ARG S 126 -55.37 -7.37 26.42
N PRO S 127 -56.06 -7.18 27.54
CA PRO S 127 -55.30 -7.11 28.77
C PRO S 127 -54.63 -8.44 29.10
N TYR S 128 -53.62 -8.37 29.95
CA TYR S 128 -53.05 -9.55 30.60
C TYR S 128 -54.11 -10.09 31.59
N GLY S 129 -54.44 -11.36 31.53
CA GLY S 129 -55.41 -11.96 32.44
C GLY S 129 -54.74 -12.61 33.65
N VAL S 130 -53.87 -11.86 34.30
CA VAL S 130 -53.15 -12.35 35.46
C VAL S 130 -52.95 -11.25 36.46
N GLY S 131 -52.99 -11.62 37.72
CA GLY S 131 -52.66 -10.74 38.81
C GLY S 131 -51.52 -11.41 39.54
N LEU S 132 -50.64 -10.58 40.07
CA LEU S 132 -49.44 -11.02 40.74
C LEU S 132 -49.34 -10.45 42.13
N LEU S 133 -48.94 -11.27 43.08
CA LEU S 133 -48.37 -10.76 44.33
C LEU S 133 -46.83 -10.91 44.22
N ILE S 134 -46.09 -9.84 44.51
CA ILE S 134 -44.61 -9.77 44.25
C ILE S 134 -43.91 -9.53 45.58
N ALA S 135 -43.11 -10.51 46.01
CA ALA S 135 -42.35 -10.39 47.26
C ALA S 135 -40.93 -10.03 46.89
N GLY S 136 -40.42 -8.98 47.52
CA GLY S 136 -39.06 -8.52 47.22
C GLY S 136 -38.34 -8.02 48.42
N TYR S 137 -37.01 -7.93 48.32
CA TYR S 137 -36.17 -7.29 49.35
C TYR S 137 -35.07 -6.51 48.68
N ASP S 138 -34.94 -5.25 49.07
CA ASP S 138 -33.90 -4.38 48.53
C ASP S 138 -33.49 -3.34 49.59
N ASP S 139 -32.85 -2.25 49.18
CA ASP S 139 -32.32 -1.25 50.13
C ASP S 139 -33.40 -0.57 50.91
N MET S 140 -34.62 -0.58 50.40
CA MET S 140 -35.76 -0.03 51.11
C MET S 140 -36.49 -1.11 51.92
N GLY S 141 -35.85 -2.26 52.17
CA GLY S 141 -36.46 -3.33 52.98
C GLY S 141 -37.41 -4.27 52.22
N PRO S 142 -38.29 -5.00 52.96
CA PRO S 142 -39.16 -5.98 52.33
C PRO S 142 -40.28 -5.29 51.60
N HIS S 143 -40.79 -5.91 50.54
CA HIS S 143 -41.95 -5.37 49.82
C HIS S 143 -42.97 -6.45 49.43
N ILE S 144 -44.25 -6.07 49.45
CA ILE S 144 -45.30 -6.85 48.82
C ILE S 144 -46.03 -5.94 47.87
N PHE S 145 -45.94 -6.23 46.59
CA PHE S 145 -46.70 -5.46 45.58
C PHE S 145 -47.76 -6.35 44.93
N GLN S 146 -48.78 -5.71 44.41
CA GLN S 146 -49.88 -6.37 43.69
C GLN S 146 -50.05 -5.76 42.33
N THR S 147 -50.16 -6.57 41.29
CA THR S 147 -50.39 -6.07 39.95
C THR S 147 -51.67 -6.67 39.38
N PRO S 149 -54.74 -6.84 35.93
CA PRO S 149 -54.99 -6.78 34.47
C PRO S 149 -55.26 -5.38 33.93
N SER S 150 -55.72 -4.48 34.81
CA SER S 150 -55.88 -3.07 34.48
C SER S 150 -54.58 -2.32 34.26
N ALA S 151 -53.44 -2.94 34.62
CA ALA S 151 -52.08 -2.34 34.62
C ALA S 151 -51.81 -1.50 35.87
N ASN S 152 -52.81 -1.32 36.76
CA ASN S 152 -52.58 -0.65 38.03
CA ASN S 152 -52.60 -0.69 38.05
C ASN S 152 -51.77 -1.60 38.94
N TYR S 153 -51.14 -1.03 39.92
CA TYR S 153 -50.42 -1.80 40.90
C TYR S 153 -50.41 -1.07 42.21
N PHE S 154 -50.08 -1.81 43.25
CA PHE S 154 -50.32 -1.37 44.59
C PHE S 154 -49.19 -1.81 45.48
N ASP S 155 -48.77 -0.92 46.36
CA ASP S 155 -47.79 -1.22 47.37
C ASP S 155 -48.54 -1.61 48.64
N CYS S 156 -48.27 -2.79 49.20
CA CYS S 156 -49.16 -3.37 50.22
C CYS S 156 -48.45 -3.73 51.52
N ARG S 157 -49.12 -3.46 52.63
CA ARG S 157 -48.75 -4.06 53.92
C ARG S 157 -48.96 -5.58 53.87
N ALA S 158 -50.04 -6.00 53.19
CA ALA S 158 -50.36 -7.40 52.95
C ALA S 158 -51.45 -7.43 51.95
N MET S 159 -51.72 -8.59 51.37
CA MET S 159 -52.74 -8.68 50.32
C MET S 159 -53.11 -10.13 50.06
N SER S 160 -54.34 -10.34 49.58
CA SER S 160 -54.77 -11.63 49.01
C SER S 160 -55.58 -11.39 47.75
N ILE S 161 -55.36 -12.26 46.78
CA ILE S 161 -56.12 -12.25 45.51
C ILE S 161 -56.53 -13.69 45.19
N GLY S 162 -57.55 -13.82 44.33
CA GLY S 162 -58.06 -15.14 43.93
C GLY S 162 -59.37 -15.45 44.65
N ALA S 163 -59.83 -16.70 44.50
CA ALA S 163 -61.18 -17.08 44.93
C ALA S 163 -61.28 -17.08 46.45
N ARG S 164 -62.32 -16.40 46.90
CA ARG S 164 -62.62 -16.20 48.31
C ARG S 164 -61.51 -15.46 49.08
N SER S 165 -60.70 -14.70 48.35
CA SER S 165 -59.65 -13.90 48.98
C SER S 165 -60.17 -12.82 49.96
N GLN S 166 -61.44 -12.42 49.82
CA GLN S 166 -62.07 -11.49 50.73
C GLN S 166 -61.93 -11.94 52.22
N SER S 167 -62.01 -13.24 52.47
CA SER S 167 -61.79 -13.75 53.83
C SER S 167 -60.40 -13.59 54.31
N ALA S 168 -59.45 -13.84 53.41
CA ALA S 168 -58.04 -13.67 53.70
C ALA S 168 -57.76 -12.21 53.99
N ARG S 169 -58.32 -11.32 53.17
CA ARG S 169 -58.11 -9.88 53.37
C ARG S 169 -58.60 -9.41 54.72
N THR S 170 -59.73 -9.95 55.16
CA THR S 170 -60.33 -9.61 56.43
C THR S 170 -59.41 -10.04 57.57
N TYR S 171 -58.92 -11.28 57.52
CA TYR S 171 -58.00 -11.80 58.52
C TYR S 171 -56.77 -10.87 58.57
N LEU S 172 -56.24 -10.57 57.39
CA LEU S 172 -55.06 -9.72 57.29
C LEU S 172 -55.26 -8.36 57.91
N GLU S 173 -56.41 -7.72 57.67
CA GLU S 173 -56.73 -6.45 58.36
C GLU S 173 -56.79 -6.59 59.84
N ARG S 174 -57.39 -7.69 60.29
CA ARG S 174 -57.57 -7.95 61.72
C ARG S 174 -56.23 -8.00 62.48
N HIS S 175 -55.19 -8.59 61.87
CA HIS S 175 -53.90 -8.80 62.53
C HIS S 175 -52.70 -7.99 62.00
N MET S 176 -52.93 -7.08 61.06
CA MET S 176 -51.81 -6.43 60.37
C MET S 176 -50.92 -5.61 61.30
N SER S 177 -51.47 -5.04 62.36
CA SER S 177 -50.68 -4.29 63.34
C SER S 177 -49.66 -5.14 64.08
N GLU S 178 -49.78 -6.47 64.04
CA GLU S 178 -48.77 -7.39 64.58
C GLU S 178 -47.59 -7.69 63.61
N PHE S 179 -47.82 -7.59 62.29
CA PHE S 179 -46.89 -8.20 61.32
C PHE S 179 -45.46 -7.64 61.37
N MET S 180 -45.33 -6.32 61.53
CA MET S 180 -44.03 -5.62 61.41
C MET S 180 -42.96 -6.20 62.37
N GLU S 181 -43.40 -6.60 63.56
CA GLU S 181 -42.49 -7.10 64.59
C GLU S 181 -42.44 -8.62 64.68
N CYS S 182 -43.04 -9.33 63.73
CA CYS S 182 -43.06 -10.79 63.77
C CYS S 182 -41.74 -11.36 63.34
N ASN S 183 -41.32 -12.43 64.01
CA ASN S 183 -40.25 -13.29 63.48
C ASN S 183 -40.76 -14.02 62.24
N LEU S 184 -39.89 -14.73 61.55
CA LEU S 184 -40.25 -15.31 60.25
C LEU S 184 -41.39 -16.35 60.39
N ASN S 185 -41.32 -17.14 61.44
CA ASN S 185 -42.25 -18.22 61.65
C ASN S 185 -43.64 -17.75 61.97
N GLU S 186 -43.72 -16.74 62.83
CA GLU S 186 -44.96 -16.07 63.14
C GLU S 186 -45.57 -15.47 61.89
N LEU S 187 -44.74 -14.89 61.03
CA LEU S 187 -45.24 -14.22 59.84
C LEU S 187 -45.82 -15.22 58.87
N VAL S 188 -45.15 -16.35 58.68
CA VAL S 188 -45.63 -17.37 57.74
C VAL S 188 -46.93 -17.99 58.28
N LYS S 189 -46.95 -18.24 59.58
CA LYS S 189 -48.13 -18.75 60.27
C LYS S 189 -49.30 -17.83 59.98
N HIS S 190 -49.07 -16.52 60.07
CA HIS S 190 -50.12 -15.54 59.79
C HIS S 190 -50.57 -15.69 58.33
N GLY S 191 -49.61 -15.79 57.40
CA GLY S 191 -49.91 -16.02 55.98
C GLY S 191 -50.82 -17.24 55.76
N LEU S 192 -50.47 -18.34 56.43
CA LEU S 192 -51.18 -19.61 56.31
C LEU S 192 -52.60 -19.53 56.92
N ARG S 193 -52.73 -18.88 58.07
CA ARG S 193 -54.03 -18.64 58.65
C ARG S 193 -54.94 -17.83 57.73
N ALA S 194 -54.41 -16.77 57.15
CA ALA S 194 -55.23 -15.99 56.20
C ALA S 194 -55.68 -16.83 54.98
N LEU S 195 -54.76 -17.58 54.39
CA LEU S 195 -55.05 -18.47 53.29
C LEU S 195 -56.12 -19.53 53.67
N ARG S 196 -56.00 -20.08 54.86
CA ARG S 196 -56.93 -21.09 55.36
C ARG S 196 -58.38 -20.56 55.45
N GLU S 197 -58.53 -19.27 55.73
CA GLU S 197 -59.85 -18.62 55.71
C GLU S 197 -60.59 -18.73 54.36
N THR S 198 -59.84 -18.84 53.26
CA THR S 198 -60.42 -18.97 51.92
C THR S 198 -61.00 -20.36 51.64
N LEU S 199 -60.75 -21.35 52.50
CA LEU S 199 -61.14 -22.75 52.23
C LEU S 199 -62.54 -23.10 52.71
N PRO S 200 -63.27 -23.97 51.96
CA PRO S 200 -64.56 -24.48 52.50
C PRO S 200 -64.33 -25.11 53.85
N ALA S 201 -65.28 -24.90 54.77
CA ALA S 201 -65.19 -25.34 56.18
C ALA S 201 -64.59 -26.74 56.39
N GLU S 202 -64.91 -27.65 55.46
CA GLU S 202 -64.47 -29.07 55.49
C GLU S 202 -62.95 -29.25 55.24
N GLN S 203 -62.37 -28.38 54.41
CA GLN S 203 -61.05 -28.55 53.78
C GLN S 203 -59.94 -27.93 54.64
N ASP S 204 -58.72 -28.46 54.51
CA ASP S 204 -57.57 -28.04 55.30
C ASP S 204 -56.32 -27.81 54.50
N LEU S 205 -55.35 -27.12 55.10
CA LEU S 205 -54.04 -26.94 54.49
C LEU S 205 -53.28 -28.23 54.62
N THR S 206 -52.70 -28.67 53.51
CA THR S 206 -51.89 -29.88 53.49
C THR S 206 -50.60 -29.60 52.75
N THR S 207 -49.67 -30.54 52.85
CA THR S 207 -48.42 -30.46 52.12
C THR S 207 -48.62 -30.59 50.62
N LYS S 208 -49.74 -31.18 50.18
CA LYS S 208 -50.05 -31.29 48.75
C LYS S 208 -50.56 -29.99 48.13
N ASN S 209 -51.27 -29.17 48.90
CA ASN S 209 -51.90 -27.97 48.34
C ASN S 209 -51.29 -26.60 48.69
N VAL S 210 -50.32 -26.55 49.60
CA VAL S 210 -49.75 -25.28 50.03
C VAL S 210 -48.37 -25.12 49.41
N SER S 211 -48.11 -23.91 48.93
CA SER S 211 -46.81 -23.53 48.45
C SER S 211 -46.44 -22.21 49.14
N ILE S 212 -45.16 -22.06 49.50
CA ILE S 212 -44.64 -20.93 50.27
C ILE S 212 -43.40 -20.36 49.57
N GLY S 213 -43.31 -19.02 49.56
CA GLY S 213 -42.17 -18.31 49.03
C GLY S 213 -41.71 -17.27 50.02
N ILE S 214 -40.40 -17.18 50.26
CA ILE S 214 -39.84 -16.29 51.31
C ILE S 214 -38.58 -15.59 50.82
N VAL S 215 -38.49 -14.29 51.13
CA VAL S 215 -37.29 -13.51 50.89
C VAL S 215 -37.12 -12.50 52.01
N GLY S 216 -35.87 -12.24 52.37
CA GLY S 216 -35.61 -11.21 53.37
C GLY S 216 -34.16 -10.84 53.46
N LYS S 217 -33.86 -10.05 54.49
CA LYS S 217 -32.50 -9.56 54.82
C LYS S 217 -31.45 -10.67 54.74
N ASP S 218 -31.78 -11.82 55.30
CA ASP S 218 -30.85 -12.94 55.44
C ASP S 218 -30.96 -14.00 54.34
N LEU S 219 -31.86 -13.81 53.37
CA LEU S 219 -32.43 -14.94 52.63
C LEU S 219 -32.89 -14.58 51.22
N GLU S 220 -32.27 -15.22 50.25
CA GLU S 220 -32.69 -15.12 48.86
C GLU S 220 -34.06 -15.75 48.66
N PHE S 221 -34.74 -15.36 47.60
CA PHE S 221 -36.06 -15.87 47.34
C PHE S 221 -36.02 -17.38 47.19
N THR S 222 -36.75 -18.07 48.09
CA THR S 222 -36.76 -19.53 48.19
C THR S 222 -38.21 -20.03 48.15
N ILE S 223 -38.44 -21.12 47.42
CA ILE S 223 -39.76 -21.72 47.29
C ILE S 223 -39.80 -23.05 48.07
N TYR S 224 -40.87 -23.23 48.84
CA TYR S 224 -41.08 -24.45 49.65
C TYR S 224 -42.37 -25.15 49.19
N ASP S 225 -42.22 -26.41 48.77
CA ASP S 225 -43.31 -27.26 48.34
C ASP S 225 -43.23 -28.60 49.01
N ASP S 226 -44.36 -29.31 48.96
CA ASP S 226 -44.48 -30.70 49.38
C ASP S 226 -43.93 -30.91 50.76
N ASP S 227 -43.01 -31.85 50.95
CA ASP S 227 -42.45 -32.10 52.27
C ASP S 227 -41.81 -30.86 52.93
N ASP S 228 -41.27 -29.92 52.14
CA ASP S 228 -40.64 -28.71 52.71
C ASP S 228 -41.61 -27.69 53.36
N VAL S 229 -42.93 -27.88 53.24
CA VAL S 229 -43.86 -26.99 53.95
C VAL S 229 -44.23 -27.52 55.34
N SER S 230 -44.10 -28.82 55.58
CA SER S 230 -44.41 -29.43 56.88
C SER S 230 -43.87 -28.68 58.10
N PRO S 231 -42.61 -28.19 58.07
CA PRO S 231 -42.14 -27.38 59.19
C PRO S 231 -43.07 -26.21 59.51
N PHE S 232 -43.53 -25.52 58.47
CA PHE S 232 -44.42 -24.36 58.63
C PHE S 232 -45.86 -24.72 59.05
N LEU S 233 -46.39 -25.84 58.56
CA LEU S 233 -47.77 -26.25 58.93
C LEU S 233 -47.97 -26.65 60.39
N GLU S 234 -46.91 -27.08 61.09
CA GLU S 234 -47.01 -27.57 62.48
C GLU S 234 -46.37 -26.67 63.54
N GLY S 235 -46.86 -25.45 63.82
CA GLY S 235 -47.93 -24.75 63.13
C GLY S 235 -49.23 -25.08 63.83
N LEU S 236 -50.32 -25.16 63.05
CA LEU S 236 -51.58 -25.77 63.49
C LEU S 236 -52.28 -25.01 64.61
N GLU S 237 -52.24 -23.67 64.55
CA GLU S 237 -53.02 -22.85 65.47
C GLU S 237 -54.47 -22.78 64.97
N GLU S 238 -55.31 -23.68 65.47
CA GLU S 238 -56.80 -23.70 65.29
C GLU S 238 -57.31 -25.13 64.96
N ARG S 239 -58.59 -25.47 65.12
CA ARG S 239 -59.74 -24.68 65.73
C ARG S 239 -60.17 -23.41 64.98
N THR T 6 -76.58 7.92 22.18
CA THR T 6 -76.12 7.72 20.77
C THR T 6 -75.90 6.24 20.34
N GLY T 7 -75.06 6.04 19.32
CA GLY T 7 -75.45 5.10 18.24
C GLY T 7 -74.48 4.32 17.36
N TYR T 8 -73.25 4.75 17.01
CA TYR T 8 -72.52 6.13 16.94
C TYR T 8 -71.44 6.44 17.98
N ASP T 9 -71.27 5.57 18.96
CA ASP T 9 -70.44 5.85 20.11
C ASP T 9 -69.39 4.78 20.37
N LEU T 10 -69.00 4.01 19.35
CA LEU T 10 -68.06 2.89 19.56
C LEU T 10 -66.63 3.18 19.14
N SER T 11 -66.43 4.19 18.31
CA SER T 11 -65.11 4.53 17.81
C SER T 11 -64.85 6.03 17.90
N ALA T 12 -63.63 6.37 18.32
CA ALA T 12 -63.14 7.75 18.20
C ALA T 12 -62.94 8.25 16.75
N SER T 13 -62.97 7.39 15.74
CA SER T 13 -63.03 7.85 14.34
C SER T 13 -64.46 8.09 13.78
N THR T 14 -65.48 8.16 14.63
CA THR T 14 -66.88 8.36 14.22
C THR T 14 -67.49 9.56 14.92
N PHE T 15 -67.93 10.55 14.15
CA PHE T 15 -68.75 11.62 14.71
C PHE T 15 -70.16 11.08 14.85
N SER T 16 -70.83 11.50 15.91
CA SER T 16 -72.30 11.38 16.01
C SER T 16 -72.96 12.41 15.07
N PRO T 17 -74.26 12.26 14.74
CA PRO T 17 -74.89 13.24 13.83
C PRO T 17 -74.89 14.70 14.33
N ASP T 18 -74.69 14.90 15.63
CA ASP T 18 -74.64 16.24 16.20
C ASP T 18 -73.22 16.76 16.28
N GLY T 19 -72.25 16.01 15.78
CA GLY T 19 -70.88 16.47 15.74
C GLY T 19 -70.15 16.23 17.04
N ARG T 20 -70.48 15.14 17.73
CA ARG T 20 -69.78 14.79 18.96
C ARG T 20 -68.93 13.55 18.76
N VAL T 21 -67.97 13.33 19.64
CA VAL T 21 -67.16 12.14 19.62
C VAL T 21 -67.41 11.49 20.97
N PHE T 22 -68.40 10.61 21.04
CA PHE T 22 -68.78 10.02 22.33
C PHE T 22 -67.64 9.24 23.02
N GLN T 23 -66.77 8.58 22.27
CA GLN T 23 -65.68 7.86 22.93
C GLN T 23 -64.76 8.79 23.79
N VAL T 24 -64.57 10.02 23.33
CA VAL T 24 -63.86 11.00 24.14
C VAL T 24 -64.67 11.40 25.36
N GLU T 25 -65.97 11.64 25.17
CA GLU T 25 -66.85 11.95 26.29
C GLU T 25 -66.85 10.84 27.34
N TYR T 26 -66.77 9.59 26.90
CA TYR T 26 -66.86 8.45 27.83
C TYR T 26 -65.61 8.32 28.66
N ALA T 27 -64.47 8.52 28.02
CA ALA T 27 -63.21 8.67 28.71
C ALA T 27 -63.21 9.82 29.73
N MET T 28 -63.77 10.96 29.37
CA MET T 28 -64.01 12.03 30.38
C MET T 28 -64.82 11.55 31.60
N LYS T 29 -65.78 10.64 31.38
CA LYS T 29 -66.60 10.16 32.46
C LYS T 29 -65.77 9.32 33.42
N ALA T 30 -64.73 8.64 32.91
CA ALA T 30 -63.79 7.90 33.78
C ALA T 30 -63.02 8.83 34.75
N VAL T 31 -62.68 10.01 34.26
CA VAL T 31 -62.04 11.05 35.08
C VAL T 31 -63.05 11.55 36.09
N GLU T 32 -64.26 11.84 35.64
CA GLU T 32 -65.25 12.36 36.59
C GLU T 32 -65.76 11.37 37.63
N ASN T 33 -65.48 10.08 37.49
CA ASN T 33 -65.69 9.09 38.58
C ASN T 33 -64.57 9.00 39.63
N SER T 34 -63.42 9.56 39.29
CA SER T 34 -62.24 9.51 40.14
C SER T 34 -62.38 10.55 41.26
N SER T 35 -61.72 10.30 42.39
CA SER T 35 -61.69 11.29 43.50
C SER T 35 -60.94 12.54 43.06
N THR T 36 -61.03 13.60 43.85
CA THR T 36 -60.70 14.95 43.36
C THR T 36 -59.21 15.33 43.57
N ALA T 37 -58.64 15.95 42.55
CA ALA T 37 -57.31 16.58 42.60
C ALA T 37 -57.45 18.06 42.36
N ILE T 38 -56.67 18.87 43.08
CA ILE T 38 -56.65 20.31 42.84
C ILE T 38 -55.22 20.87 42.66
N GLY T 39 -55.12 21.92 41.86
CA GLY T 39 -53.92 22.69 41.77
C GLY T 39 -54.25 24.15 41.96
N ILE T 40 -53.38 24.85 42.67
CA ILE T 40 -53.52 26.28 42.83
C ILE T 40 -52.16 26.94 42.55
N ARG T 41 -52.19 27.93 41.67
CA ARG T 41 -51.05 28.82 41.42
C ARG T 41 -51.10 30.02 42.38
N CYS T 42 -49.96 30.45 42.90
CA CYS T 42 -49.93 31.59 43.79
C CYS T 42 -48.72 32.47 43.51
N LYS T 43 -48.44 33.43 44.41
CA LYS T 43 -47.41 34.48 44.17
C LYS T 43 -46.07 33.85 43.81
N ASP T 44 -45.67 32.80 44.53
CA ASP T 44 -44.30 32.28 44.50
C ASP T 44 -44.25 30.78 44.11
N GLY T 45 -45.34 30.24 43.52
CA GLY T 45 -45.36 28.83 43.11
C GLY T 45 -46.71 28.19 42.87
N VAL T 46 -46.69 26.86 42.83
CA VAL T 46 -47.88 26.03 42.56
C VAL T 46 -47.93 24.91 43.60
N VAL T 47 -49.14 24.65 44.10
CA VAL T 47 -49.38 23.58 45.06
C VAL T 47 -50.44 22.64 44.50
N PHE T 48 -50.23 21.35 44.70
CA PHE T 48 -51.17 20.32 44.34
C PHE T 48 -51.63 19.57 45.57
N GLY T 49 -52.89 19.14 45.51
CA GLY T 49 -53.50 18.29 46.53
C GLY T 49 -54.40 17.24 45.91
N VAL T 50 -54.39 16.03 46.47
CA VAL T 50 -55.24 14.95 45.95
C VAL T 50 -55.91 14.24 47.10
N GLU T 51 -57.24 14.08 46.94
CA GLU T 51 -58.07 13.27 47.82
C GLU T 51 -57.79 11.85 47.39
N LYS T 52 -57.04 11.11 48.18
CA LYS T 52 -56.58 9.80 47.73
C LYS T 52 -57.33 8.75 48.52
N LEU T 53 -58.35 8.14 47.88
CA LEU T 53 -59.24 7.26 48.59
C LEU T 53 -58.48 5.99 48.96
N VAL T 54 -58.70 5.50 50.18
CA VAL T 54 -58.04 4.27 50.60
C VAL T 54 -59.06 3.13 50.50
N LEU T 55 -58.87 2.27 49.51
CA LEU T 55 -59.82 1.21 49.22
C LEU T 55 -59.57 0.00 50.10
N SER T 56 -58.37 -0.10 50.68
CA SER T 56 -58.09 -1.08 51.73
C SER T 56 -57.09 -0.54 52.76
N LYS T 57 -57.31 -0.88 54.02
CA LYS T 57 -56.34 -0.66 55.09
C LYS T 57 -55.08 -1.55 54.91
N LEU T 58 -55.14 -2.55 54.01
CA LEU T 58 -53.97 -3.33 53.65
C LEU T 58 -52.92 -2.63 52.75
N TYR T 59 -53.27 -1.51 52.13
CA TYR T 59 -52.30 -0.74 51.34
C TYR T 59 -51.34 0.09 52.20
N GLU T 60 -50.09 0.26 51.73
CA GLU T 60 -49.10 1.13 52.38
C GLU T 60 -49.50 2.56 52.20
N GLU T 61 -49.24 3.39 53.21
CA GLU T 61 -49.34 4.83 53.05
C GLU T 61 -48.41 5.30 51.94
N GLY T 62 -48.90 6.03 50.94
CA GLY T 62 -48.11 6.36 49.76
C GLY T 62 -48.36 5.47 48.55
N SER T 63 -49.05 4.35 48.69
CA SER T 63 -49.38 3.51 47.50
C SER T 63 -50.25 4.29 46.51
N ASN T 64 -50.21 3.93 45.24
CA ASN T 64 -51.02 4.61 44.20
C ASN T 64 -50.93 6.14 44.24
N LYS T 65 -49.71 6.66 44.33
CA LYS T 65 -49.48 8.09 44.18
C LYS T 65 -50.17 8.62 42.96
N ARG T 66 -50.73 9.81 43.10
CA ARG T 66 -51.35 10.52 42.00
C ARG T 66 -50.63 11.81 41.74
N LEU T 67 -49.50 12.01 42.42
CA LEU T 67 -48.58 13.15 42.17
C LEU T 67 -47.26 12.60 41.69
N PHE T 68 -46.76 13.13 40.57
CA PHE T 68 -45.53 12.64 39.90
C PHE T 68 -44.55 13.78 39.59
N ASN T 69 -43.26 13.51 39.69
CA ASN T 69 -42.25 14.43 39.14
C ASN T 69 -42.09 14.03 37.69
N VAL T 70 -42.37 14.97 36.76
CA VAL T 70 -42.09 14.70 35.35
C VAL T 70 -40.80 15.38 34.82
N ASP T 71 -40.37 16.45 35.45
CA ASP T 71 -39.00 16.92 35.28
C ASP T 71 -38.62 17.47 36.66
N ARG T 72 -37.36 17.84 36.84
CA ARG T 72 -36.97 18.29 38.16
C ARG T 72 -37.73 19.58 38.58
N HIS T 73 -38.18 20.36 37.60
CA HIS T 73 -38.93 21.57 37.79
C HIS T 73 -40.45 21.45 37.56
N VAL T 74 -40.94 20.26 37.22
CA VAL T 74 -42.33 20.06 36.82
C VAL T 74 -43.01 18.92 37.59
N GLY T 75 -44.11 19.27 38.26
CA GLY T 75 -44.99 18.29 38.89
C GLY T 75 -46.22 18.01 38.09
N MET T 76 -46.70 16.77 38.21
CA MET T 76 -47.95 16.33 37.54
C MET T 76 -48.95 15.74 38.55
N ALA T 77 -50.21 16.19 38.48
CA ALA T 77 -51.28 15.70 39.34
C ALA T 77 -52.43 15.14 38.49
N VAL T 78 -52.88 13.93 38.82
CA VAL T 78 -53.72 13.16 37.90
C VAL T 78 -55.10 12.80 38.50
N ALA T 79 -56.06 12.56 37.62
CA ALA T 79 -57.34 11.91 37.98
C ALA T 79 -57.80 11.06 36.82
N GLY T 80 -58.48 9.97 37.14
CA GLY T 80 -58.97 9.06 36.11
C GLY T 80 -58.31 7.71 36.23
N LEU T 81 -58.23 6.99 35.13
CA LEU T 81 -57.67 5.64 35.15
C LEU T 81 -56.13 5.74 35.39
N LEU T 82 -55.65 5.14 36.47
CA LEU T 82 -54.33 5.46 36.99
C LEU T 82 -53.20 4.94 36.06
N ALA T 83 -53.37 3.75 35.48
CA ALA T 83 -52.48 3.18 34.47
C ALA T 83 -52.34 4.07 33.21
N ASP T 84 -53.45 4.64 32.73
CA ASP T 84 -53.35 5.65 31.67
C ASP T 84 -52.56 6.86 32.16
N ALA T 85 -52.83 7.33 33.39
CA ALA T 85 -52.15 8.50 33.90
C ALA T 85 -50.61 8.27 34.02
N ARG T 86 -50.21 7.09 34.46
CA ARG T 86 -48.80 6.80 34.64
C ARG T 86 -48.07 6.74 33.30
N SER T 87 -48.73 6.20 32.30
CA SER T 87 -48.15 6.12 30.99
C SER T 87 -47.98 7.55 30.43
N LEU T 88 -48.92 8.43 30.74
CA LEU T 88 -48.80 9.84 30.32
C LEU T 88 -47.68 10.60 31.06
N ALA T 89 -47.46 10.26 32.32
CA ALA T 89 -46.31 10.76 33.07
C ALA T 89 -45.01 10.33 32.40
N ASP T 90 -44.97 9.09 31.90
CA ASP T 90 -43.84 8.61 31.10
C ASP T 90 -43.63 9.39 29.80
N ILE T 91 -44.71 9.65 29.08
CA ILE T 91 -44.63 10.44 27.86
C ILE T 91 -44.07 11.83 28.21
N ALA T 92 -44.62 12.43 29.27
CA ALA T 92 -44.22 13.78 29.66
C ALA T 92 -42.74 13.79 30.02
N ARG T 93 -42.31 12.80 30.79
CA ARG T 93 -40.90 12.67 31.18
C ARG T 93 -39.95 12.61 30.01
N GLU T 94 -40.31 11.73 29.08
CA GLU T 94 -39.55 11.53 27.86
C GLU T 94 -39.45 12.82 27.03
N GLU T 95 -40.51 13.58 26.98
CA GLU T 95 -40.57 14.82 26.23
C GLU T 95 -39.71 15.89 26.87
N ALA T 96 -39.70 15.92 28.19
CA ALA T 96 -38.85 16.86 28.91
C ALA T 96 -37.37 16.53 28.73
N SER T 97 -37.07 15.24 28.78
CA SER T 97 -35.74 14.70 28.56
C SER T 97 -35.19 14.99 27.17
N ASN T 98 -35.96 14.67 26.14
CA ASN T 98 -35.59 14.98 24.76
C ASN T 98 -35.42 16.46 24.48
N PHE T 99 -36.28 17.27 25.08
CA PHE T 99 -36.21 18.73 24.96
C PHE T 99 -34.87 19.22 25.45
N ARG T 100 -34.46 18.77 26.63
CA ARG T 100 -33.15 19.12 27.17
C ARG T 100 -32.00 18.64 26.26
N SER T 101 -32.04 17.41 25.77
CA SER T 101 -31.01 16.91 24.88
C SER T 101 -30.88 17.68 23.56
N ASN T 102 -32.02 18.09 22.99
CA ASN T 102 -32.05 18.78 21.69
C ASN T 102 -31.74 20.26 21.76
N PHE T 103 -32.31 20.94 22.74
CA PHE T 103 -32.17 22.40 22.84
C PHE T 103 -31.25 22.91 23.95
N GLY T 104 -30.95 22.07 24.93
CA GLY T 104 -29.92 22.39 25.95
C GLY T 104 -30.39 23.22 27.11
N TYR T 105 -31.69 23.21 27.42
CA TYR T 105 -32.19 23.86 28.65
C TYR T 105 -33.53 23.22 29.09
N ASN T 106 -34.01 23.57 30.28
CA ASN T 106 -35.21 22.98 30.85
C ASN T 106 -36.45 23.35 30.07
N ILE T 107 -37.26 22.37 29.72
CA ILE T 107 -38.47 22.61 28.94
C ILE T 107 -39.39 23.62 29.61
N PRO T 108 -39.83 24.64 28.85
CA PRO T 108 -40.82 25.57 29.38
C PRO T 108 -42.13 24.85 29.61
N LEU T 109 -42.80 25.17 30.71
CA LEU T 109 -44.00 24.40 31.11
C LEU T 109 -45.08 24.43 30.03
N LYS T 110 -45.36 25.61 29.50
CA LYS T 110 -46.35 25.73 28.45
C LYS T 110 -46.06 24.80 27.28
N HIS T 111 -44.79 24.74 26.86
CA HIS T 111 -44.41 23.92 25.74
C HIS T 111 -44.50 22.43 26.08
N LEU T 112 -44.15 22.03 27.31
CA LEU T 112 -44.39 20.63 27.72
C LEU T 112 -45.90 20.27 27.72
N ALA T 113 -46.74 21.17 28.23
CA ALA T 113 -48.20 20.95 28.24
C ALA T 113 -48.72 20.80 26.83
N ASP T 114 -48.28 21.69 25.92
CA ASP T 114 -48.73 21.58 24.51
C ASP T 114 -48.28 20.30 23.82
N ARG T 115 -47.05 19.86 24.08
CA ARG T 115 -46.58 18.63 23.46
C ARG T 115 -47.30 17.39 23.95
N VAL T 116 -47.51 17.28 25.25
CA VAL T 116 -48.19 16.12 25.81
C VAL T 116 -49.68 16.13 25.39
N ALA T 117 -50.28 17.32 25.32
CA ALA T 117 -51.70 17.46 24.90
C ALA T 117 -51.89 16.97 23.46
N MET T 118 -50.93 17.26 22.57
CA MET T 118 -51.00 16.77 21.19
C MET T 118 -50.86 15.27 21.11
N TYR T 119 -50.11 14.70 22.04
CA TYR T 119 -50.04 13.26 22.14
C TYR T 119 -51.40 12.66 22.63
N VAL T 120 -52.00 13.27 23.65
CA VAL T 120 -53.33 12.89 24.09
C VAL T 120 -54.32 13.04 22.93
N HIS T 121 -54.25 14.15 22.20
CA HIS T 121 -55.11 14.42 21.06
C HIS T 121 -55.04 13.37 19.98
N ALA T 122 -53.85 12.85 19.72
CA ALA T 122 -53.67 11.81 18.71
C ALA T 122 -54.46 10.53 19.00
N TYR T 123 -54.81 10.28 20.26
CA TYR T 123 -55.60 9.11 20.62
C TYR T 123 -57.13 9.38 20.54
N THR T 124 -57.54 10.49 19.91
CA THR T 124 -58.96 10.85 19.76
C THR T 124 -59.48 10.87 18.32
N LEU T 125 -58.71 10.30 17.39
CA LEU T 125 -58.99 10.36 15.93
C LEU T 125 -59.30 9.02 15.27
N TYR T 126 -59.03 7.92 15.96
CA TYR T 126 -58.91 6.62 15.29
C TYR T 126 -59.68 5.48 15.93
N SER T 127 -60.12 4.52 15.10
CA SER T 127 -60.58 3.24 15.61
C SER T 127 -59.47 2.36 16.16
N ALA T 128 -58.22 2.56 15.69
CA ALA T 128 -57.10 1.71 16.08
C ALA T 128 -56.70 1.86 17.57
N VAL T 129 -57.01 3.00 18.20
CA VAL T 129 -56.68 3.21 19.61
C VAL T 129 -57.83 3.92 20.34
N ARG T 130 -57.80 3.94 21.67
CA ARG T 130 -58.79 4.67 22.45
C ARG T 130 -58.22 5.87 23.17
N PRO T 131 -59.10 6.85 23.49
CA PRO T 131 -58.65 8.00 24.30
C PRO T 131 -58.20 7.64 25.70
N PHE T 132 -57.25 8.41 26.21
CA PHE T 132 -56.78 8.28 27.59
C PHE T 132 -57.96 8.60 28.51
N GLY T 133 -58.13 7.81 29.55
CA GLY T 133 -59.15 8.05 30.56
C GLY T 133 -58.60 8.85 31.73
N CYS T 134 -57.92 9.97 31.43
CA CYS T 134 -57.33 10.78 32.48
CA CYS T 134 -57.18 10.75 32.41
C CYS T 134 -57.26 12.24 32.10
N SER T 135 -57.33 13.07 33.14
CA SER T 135 -57.01 14.50 33.06
C SER T 135 -55.83 14.69 33.99
N PHE T 136 -54.97 15.66 33.66
CA PHE T 136 -53.85 15.95 34.55
C PHE T 136 -53.44 17.42 34.55
N MET T 137 -52.85 17.82 35.65
CA MET T 137 -52.33 19.16 35.79
C MET T 137 -50.80 19.10 35.77
N LEU T 138 -50.17 20.13 35.19
CA LEU T 138 -48.72 20.30 35.24
C LEU T 138 -48.40 21.62 35.92
N GLY T 139 -47.51 21.58 36.90
CA GLY T 139 -47.10 22.78 37.64
C GLY T 139 -45.60 23.01 37.66
N SER T 140 -45.18 24.25 37.49
CA SER T 140 -43.80 24.61 37.72
C SER T 140 -43.63 26.05 38.18
N TYR T 141 -42.37 26.36 38.52
CA TYR T 141 -41.97 27.68 38.90
C TYR T 141 -40.51 27.91 38.53
N SER T 142 -40.22 29.09 38.04
CA SER T 142 -38.84 29.55 37.87
C SER T 142 -38.85 31.05 38.04
N VAL T 143 -37.68 31.63 38.30
CA VAL T 143 -37.57 33.08 38.43
C VAL T 143 -37.92 33.74 37.11
N ASN T 144 -37.42 33.23 36.00
CA ASN T 144 -37.74 33.76 34.66
C ASN T 144 -39.19 33.63 34.16
N ASP T 145 -39.85 32.50 34.41
CA ASP T 145 -41.22 32.29 33.92
C ASP T 145 -42.33 32.48 34.96
N GLY T 146 -41.95 32.65 36.22
CA GLY T 146 -42.92 32.65 37.33
C GLY T 146 -43.60 31.31 37.58
N ALA T 147 -44.73 31.35 38.26
CA ALA T 147 -45.54 30.16 38.54
C ALA T 147 -46.43 29.87 37.35
N GLN T 148 -46.51 28.60 36.98
CA GLN T 148 -47.42 28.16 35.91
C GLN T 148 -48.11 26.86 36.24
N LEU T 149 -49.38 26.81 35.91
CA LEU T 149 -50.30 25.67 36.20
C LEU T 149 -51.17 25.44 34.97
N TYR T 150 -51.05 24.26 34.37
CA TYR T 150 -51.80 23.89 33.14
C TYR T 150 -52.62 22.65 33.43
N MET T 151 -53.71 22.50 32.70
CA MET T 151 -54.51 21.29 32.85
C MET T 151 -54.85 20.79 31.45
N ILE T 152 -54.74 19.48 31.29
CA ILE T 152 -55.04 18.77 30.05
C ILE T 152 -56.12 17.69 30.30
N ASP T 153 -57.11 17.61 29.42
CA ASP T 153 -58.20 16.62 29.54
C ASP T 153 -58.09 15.60 28.38
N PRO T 154 -58.93 14.54 28.41
CA PRO T 154 -58.87 13.49 27.42
C PRO T 154 -59.06 13.90 25.98
N SER T 155 -59.68 15.03 25.68
CA SER T 155 -59.74 15.45 24.28
C SER T 155 -58.40 16.01 23.77
N GLY T 156 -57.50 16.33 24.69
CA GLY T 156 -56.22 17.00 24.38
C GLY T 156 -56.22 18.53 24.49
N VAL T 157 -57.30 19.13 25.03
CA VAL T 157 -57.32 20.58 25.28
C VAL T 157 -56.40 20.89 26.47
N SER T 158 -55.73 22.03 26.39
CA SER T 158 -54.70 22.45 27.31
C SER T 158 -54.88 23.94 27.56
N TYR T 159 -55.04 24.34 28.81
CA TYR T 159 -55.17 25.76 29.16
C TYR T 159 -54.37 25.97 30.43
N GLY T 160 -54.00 27.22 30.67
CA GLY T 160 -53.42 27.67 31.92
C GLY T 160 -54.44 28.22 32.90
N TYR T 161 -54.14 28.07 34.19
CA TYR T 161 -55.09 28.32 35.27
C TYR T 161 -54.44 29.01 36.45
N TRP T 162 -55.26 29.80 37.14
CA TRP T 162 -54.93 30.23 38.50
C TRP T 162 -55.26 29.18 39.54
N GLY T 163 -56.33 28.44 39.28
CA GLY T 163 -56.75 27.33 40.12
C GLY T 163 -57.56 26.37 39.28
N CYS T 164 -57.55 25.11 39.69
CA CYS T 164 -58.07 24.04 38.87
C CYS T 164 -58.44 22.85 39.71
N ALA T 165 -59.47 22.14 39.26
CA ALA T 165 -59.83 20.88 39.86
C ALA T 165 -60.35 19.90 38.81
N ILE T 166 -60.11 18.63 39.11
CA ILE T 166 -60.48 17.51 38.25
C ILE T 166 -60.95 16.37 39.11
N GLY T 167 -61.79 15.53 38.52
CA GLY T 167 -62.44 14.47 39.26
C GLY T 167 -63.88 14.81 39.63
N LYS T 168 -64.40 14.07 40.58
CA LYS T 168 -65.83 14.02 40.79
C LYS T 168 -66.45 15.13 41.61
N ALA T 169 -65.66 15.86 42.39
CA ALA T 169 -66.14 17.04 43.10
C ALA T 169 -65.52 18.31 42.52
N ARG T 170 -65.26 18.26 41.24
CA ARG T 170 -64.67 19.36 40.47
C ARG T 170 -65.32 20.72 40.74
N GLN T 171 -66.64 20.77 40.59
CA GLN T 171 -67.39 22.04 40.75
C GLN T 171 -67.37 22.55 42.16
N ALA T 172 -67.60 21.67 43.11
CA ALA T 172 -67.52 22.05 44.51
C ALA T 172 -66.12 22.60 44.85
N ALA T 173 -65.08 21.91 44.40
CA ALA T 173 -63.71 22.40 44.62
C ALA T 173 -63.49 23.81 44.06
N LYS T 174 -63.90 24.02 42.80
CA LYS T 174 -63.74 25.33 42.16
C LYS T 174 -64.40 26.45 42.93
N THR T 175 -65.64 26.23 43.38
CA THR T 175 -66.34 27.32 44.09
C THR T 175 -65.59 27.70 45.38
N GLU T 176 -64.95 26.73 46.06
CA GLU T 176 -64.10 27.06 47.21
C GLU T 176 -62.80 27.78 46.81
N ILE T 177 -62.14 27.28 45.77
CA ILE T 177 -60.89 27.88 45.24
C ILE T 177 -61.14 29.36 44.87
N GLU T 178 -62.26 29.64 44.21
CA GLU T 178 -62.65 31.02 43.86
C GLU T 178 -62.73 32.00 45.02
N LYS T 179 -62.88 31.50 46.23
CA LYS T 179 -62.87 32.34 47.41
C LYS T 179 -61.49 32.79 47.84
N LEU T 180 -60.41 32.24 47.28
CA LEU T 180 -59.06 32.64 47.65
C LEU T 180 -58.53 33.72 46.72
N GLN T 181 -57.83 34.69 47.32
CA GLN T 181 -57.05 35.64 46.55
C GLN T 181 -55.62 35.05 46.40
N MET T 182 -55.51 34.07 45.51
CA MET T 182 -54.26 33.31 45.40
C MET T 182 -53.09 34.09 44.79
N LYS T 183 -53.35 35.11 43.97
CA LYS T 183 -52.31 36.00 43.44
C LYS T 183 -51.42 36.61 44.50
N GLU T 184 -51.99 36.89 45.66
CA GLU T 184 -51.27 37.53 46.75
C GLU T 184 -50.79 36.56 47.83
N MET T 185 -50.91 35.25 47.64
CA MET T 185 -50.56 34.30 48.70
C MET T 185 -49.30 33.53 48.36
N THR T 186 -48.63 33.05 49.40
CA THR T 186 -47.48 32.21 49.25
C THR T 186 -47.91 30.75 49.26
N CYS T 187 -47.05 29.90 48.71
CA CYS T 187 -47.17 28.46 48.84
C CYS T 187 -47.39 28.00 50.28
N ARG T 188 -46.71 28.60 51.26
CA ARG T 188 -46.80 28.13 52.65
C ARG T 188 -48.22 28.36 53.19
N ASP T 189 -48.87 29.44 52.76
CA ASP T 189 -50.28 29.71 53.06
C ASP T 189 -51.26 28.79 52.30
N ILE T 190 -50.96 28.57 51.03
CA ILE T 190 -51.86 27.88 50.10
C ILE T 190 -52.01 26.39 50.40
N VAL T 191 -50.93 25.73 50.84
CA VAL T 191 -51.02 24.29 51.22
C VAL T 191 -52.17 24.07 52.20
N LYS T 192 -52.29 24.94 53.18
CA LYS T 192 -53.33 24.81 54.19
C LYS T 192 -54.71 24.92 53.55
N GLU T 193 -54.85 25.84 52.61
CA GLU T 193 -56.08 26.06 51.88
C GLU T 193 -56.45 24.95 50.92
N VAL T 194 -55.44 24.32 50.32
CA VAL T 194 -55.62 23.10 49.54
C VAL T 194 -56.13 21.96 50.40
N ALA T 195 -55.49 21.74 51.54
CA ALA T 195 -55.96 20.71 52.48
C ALA T 195 -57.40 20.96 52.91
N LYS T 196 -57.69 22.20 53.25
CA LYS T 196 -59.04 22.61 53.61
C LYS T 196 -60.10 22.25 52.54
N ILE T 197 -59.81 22.57 51.28
CA ILE T 197 -60.76 22.33 50.19
C ILE T 197 -61.00 20.84 49.95
N ILE T 198 -59.93 20.06 50.00
CA ILE T 198 -60.10 18.60 49.89
C ILE T 198 -61.05 18.08 50.99
N TYR T 199 -60.92 18.55 52.23
CA TYR T 199 -61.79 18.10 53.31
C TYR T 199 -63.26 18.54 53.13
N ILE T 200 -63.45 19.72 52.55
CA ILE T 200 -64.79 20.26 52.28
C ILE T 200 -65.52 19.42 51.23
N VAL T 201 -64.85 19.12 50.13
CA VAL T 201 -65.47 18.37 49.02
C VAL T 201 -65.52 16.85 49.25
N HIS T 202 -64.74 16.34 50.20
CA HIS T 202 -64.71 14.93 50.49
C HIS T 202 -66.04 14.55 51.06
N ASP T 203 -66.66 13.54 50.47
CA ASP T 203 -67.91 13.02 50.94
C ASP T 203 -67.63 11.92 51.98
N GLU T 204 -67.59 12.28 53.26
CA GLU T 204 -67.21 11.32 54.33
C GLU T 204 -68.26 10.22 54.55
N VAL T 205 -69.53 10.53 54.27
CA VAL T 205 -70.62 9.56 54.32
C VAL T 205 -70.48 8.49 53.18
N LYS T 206 -70.27 8.93 51.92
CA LYS T 206 -70.11 8.02 50.76
C LYS T 206 -68.63 7.99 50.41
N ASP T 207 -67.93 7.00 50.94
CA ASP T 207 -66.44 6.88 50.99
C ASP T 207 -65.82 7.52 52.27
N LYS T 208 -65.84 6.75 53.37
CA LYS T 208 -64.90 7.01 54.48
C LYS T 208 -63.44 6.75 53.99
N ALA T 209 -62.48 6.99 54.89
CA ALA T 209 -61.00 6.94 54.64
C ALA T 209 -60.41 7.52 53.34
N PHE T 210 -59.62 8.56 53.53
CA PHE T 210 -58.70 9.00 52.49
C PHE T 210 -57.38 9.50 53.07
N GLU T 211 -56.37 9.53 52.22
CA GLU T 211 -55.07 10.15 52.51
C GLU T 211 -55.03 11.44 51.74
N LEU T 212 -54.55 12.49 52.39
CA LEU T 212 -54.21 13.69 51.66
C LEU T 212 -52.77 13.59 51.06
N GLU T 213 -52.66 13.86 49.77
CA GLU T 213 -51.39 13.85 49.10
C GLU T 213 -51.12 15.28 48.70
N LEU T 214 -49.93 15.78 49.02
CA LEU T 214 -49.56 17.19 48.79
C LEU T 214 -48.16 17.32 48.18
N SER T 215 -48.05 18.13 47.14
CA SER T 215 -46.77 18.47 46.53
C SER T 215 -46.78 19.94 46.17
N TRP T 216 -45.59 20.48 45.97
CA TRP T 216 -45.40 21.86 45.54
C TRP T 216 -44.10 22.13 44.78
N VAL T 217 -44.11 23.26 44.08
CA VAL T 217 -42.99 23.78 43.37
C VAL T 217 -43.07 25.30 43.44
N GLY T 218 -41.98 25.92 43.86
CA GLY T 218 -41.97 27.37 44.00
C GLY T 218 -40.64 27.93 44.45
N GLU T 219 -40.59 29.23 44.68
CA GLU T 219 -39.41 29.84 45.23
C GLU T 219 -38.85 29.04 46.38
N LEU T 220 -39.71 28.65 47.30
CA LEU T 220 -39.29 28.00 48.52
C LEU T 220 -38.66 26.65 48.32
N THR T 221 -38.85 26.01 47.16
CA THR T 221 -38.19 24.74 46.83
C THR T 221 -37.08 24.94 45.78
N ASN T 222 -36.76 26.20 45.50
CA ASN T 222 -35.81 26.57 44.46
C ASN T 222 -36.18 26.04 43.06
N GLY T 223 -37.45 26.04 42.74
CA GLY T 223 -37.87 25.65 41.42
C GLY T 223 -37.89 24.14 41.20
N ARG T 224 -37.69 23.37 42.27
CA ARG T 224 -37.79 21.92 42.24
C ARG T 224 -39.22 21.46 42.67
N HIS T 225 -39.82 20.52 41.93
CA HIS T 225 -41.11 19.91 42.34
C HIS T 225 -40.80 18.87 43.39
N GLU T 226 -41.48 18.95 44.52
CA GLU T 226 -41.20 18.13 45.70
C GLU T 226 -42.53 17.80 46.46
N ILE T 227 -42.53 16.69 47.19
CA ILE T 227 -43.60 16.41 48.13
C ILE T 227 -43.55 17.51 49.18
N VAL T 228 -44.72 17.90 49.71
CA VAL T 228 -44.76 18.76 50.87
C VAL T 228 -44.22 17.95 52.05
N PRO T 229 -43.34 18.53 52.89
CA PRO T 229 -42.80 17.76 54.00
C PRO T 229 -43.86 17.30 54.97
N LYS T 230 -43.61 16.17 55.61
CA LYS T 230 -44.57 15.50 56.49
C LYS T 230 -45.18 16.40 57.54
N ASP T 231 -44.33 17.12 58.27
CA ASP T 231 -44.83 18.03 59.33
C ASP T 231 -45.70 19.19 58.80
N ILE T 232 -45.35 19.76 57.66
CA ILE T 232 -46.21 20.77 57.03
C ILE T 232 -47.53 20.16 56.54
N ARG T 233 -47.49 18.95 55.96
CA ARG T 233 -48.74 18.27 55.58
C ARG T 233 -49.66 18.06 56.80
N GLU T 234 -49.08 17.64 57.93
CA GLU T 234 -49.85 17.34 59.13
C GLU T 234 -50.44 18.60 59.75
N GLU T 235 -49.67 19.68 59.76
CA GLU T 235 -50.20 21.01 60.15
C GLU T 235 -51.36 21.42 59.25
N ALA T 236 -51.22 21.22 57.93
CA ALA T 236 -52.29 21.52 56.97
C ALA T 236 -53.58 20.71 57.18
N GLU T 237 -53.43 19.41 57.46
CA GLU T 237 -54.56 18.53 57.72
C GLU T 237 -55.29 18.92 58.99
N LYS T 238 -54.52 19.18 60.03
CA LYS T 238 -55.08 19.64 61.29
C LYS T 238 -55.88 20.93 61.13
N TYR T 239 -55.30 21.90 60.42
CA TYR T 239 -56.01 23.14 60.07
C TYR T 239 -57.33 22.88 59.32
N ALA T 240 -57.27 21.99 58.32
CA ALA T 240 -58.44 21.66 57.47
C ALA T 240 -59.59 21.01 58.26
N LYS T 241 -59.21 20.03 59.08
CA LYS T 241 -60.10 19.27 59.93
C LYS T 241 -60.75 20.16 61.00
N GLU T 242 -59.94 20.95 61.71
CA GLU T 242 -60.46 21.88 62.73
C GLU T 242 -61.34 22.99 62.09
N SER T 243 -61.02 23.38 60.86
CA SER T 243 -61.86 24.33 60.09
C SER T 243 -63.24 23.77 59.74
N LEU T 244 -63.30 22.46 59.45
CA LEU T 244 -64.57 21.75 59.16
C LEU T 244 -65.52 21.62 60.35
N LYS T 245 -64.98 21.31 61.55
CA LYS T 245 -65.77 21.25 62.80
C LYS T 245 -66.02 22.66 63.33
N SER U 2 -83.01 8.30 -2.05
CA SER U 2 -82.54 9.73 -1.97
C SER U 2 -83.47 10.64 -1.15
N ARG U 3 -82.97 11.83 -0.82
CA ARG U 3 -83.50 12.76 0.21
C ARG U 3 -83.29 12.18 1.60
N GLY U 4 -82.02 12.21 2.06
CA GLY U 4 -81.64 11.62 3.34
C GLY U 4 -81.65 10.09 3.47
N SER U 5 -81.50 9.35 2.35
CA SER U 5 -81.32 7.88 2.41
C SER U 5 -79.94 7.46 2.96
N SER U 6 -79.89 6.22 3.43
CA SER U 6 -78.71 5.63 4.03
C SER U 6 -78.65 4.11 3.78
N ALA U 7 -77.45 3.61 3.48
CA ALA U 7 -77.16 2.19 3.38
C ALA U 7 -75.85 1.86 4.15
N GLY U 8 -75.81 0.66 4.72
CA GLY U 8 -74.62 0.13 5.36
C GLY U 8 -74.04 1.05 6.39
N PHE U 9 -72.75 1.32 6.26
CA PHE U 9 -72.02 2.08 7.25
C PHE U 9 -71.77 3.54 6.84
N ASP U 10 -72.63 4.09 5.98
CA ASP U 10 -72.43 5.42 5.40
C ASP U 10 -72.68 6.56 6.35
N ARG U 11 -73.16 6.27 7.57
CA ARG U 11 -73.22 7.28 8.63
C ARG U 11 -72.13 7.15 9.67
N HIS U 12 -71.31 6.11 9.57
CA HIS U 12 -70.24 5.81 10.52
C HIS U 12 -68.84 6.08 10.02
N ILE U 13 -68.60 5.80 8.73
CA ILE U 13 -67.32 6.06 8.10
C ILE U 13 -67.53 6.83 6.81
N THR U 14 -66.44 7.36 6.25
CA THR U 14 -66.49 8.20 5.06
C THR U 14 -66.62 7.41 3.76
N ILE U 15 -67.76 6.73 3.61
CA ILE U 15 -68.16 6.15 2.33
C ILE U 15 -69.39 6.92 1.85
N PHE U 16 -69.68 6.79 0.56
CA PHE U 16 -70.77 7.53 -0.06
C PHE U 16 -72.13 6.98 0.38
N SER U 17 -73.06 7.89 0.63
CA SER U 17 -74.46 7.54 0.83
C SER U 17 -75.09 7.35 -0.56
N PRO U 18 -76.34 6.87 -0.64
CA PRO U 18 -76.99 6.68 -1.97
C PRO U 18 -77.29 7.96 -2.82
N GLU U 19 -77.31 9.12 -2.14
CA GLU U 19 -77.25 10.43 -2.84
C GLU U 19 -75.81 10.93 -3.19
N GLY U 20 -74.78 10.20 -2.79
CA GLY U 20 -73.41 10.67 -3.00
C GLY U 20 -72.89 11.62 -1.94
N ARG U 21 -73.49 11.63 -0.75
CA ARG U 21 -73.05 12.46 0.37
C ARG U 21 -72.08 11.72 1.27
N LEU U 22 -71.34 12.49 2.06
CA LEU U 22 -70.44 11.99 3.07
C LEU U 22 -70.96 12.48 4.44
N TYR U 23 -71.83 11.71 5.06
CA TYR U 23 -72.40 12.13 6.33
C TYR U 23 -71.35 12.46 7.40
N GLN U 24 -70.29 11.67 7.48
CA GLN U 24 -69.25 11.91 8.49
C GLN U 24 -68.60 13.30 8.33
N VAL U 25 -68.46 13.72 7.08
CA VAL U 25 -67.98 15.07 6.79
C VAL U 25 -69.00 16.11 7.19
N GLU U 26 -70.27 15.87 6.86
CA GLU U 26 -71.28 16.79 7.25
C GLU U 26 -71.23 16.93 8.78
N TYR U 27 -71.03 15.82 9.47
CA TYR U 27 -71.11 15.86 10.93
C TYR U 27 -69.96 16.58 11.56
N ALA U 28 -68.83 16.58 10.87
CA ALA U 28 -67.68 17.36 11.31
C ALA U 28 -67.99 18.85 11.30
N PHE U 29 -68.82 19.33 10.36
CA PHE U 29 -69.26 20.73 10.36
C PHE U 29 -70.15 21.06 11.56
N LYS U 30 -71.00 20.14 11.96
CA LYS U 30 -71.77 20.34 13.20
C LYS U 30 -70.83 20.43 14.41
N ALA U 31 -69.75 19.63 14.40
CA ALA U 31 -68.78 19.65 15.50
C ALA U 31 -68.13 21.04 15.72
N ILE U 32 -67.99 21.81 14.64
CA ILE U 32 -67.46 23.19 14.70
C ILE U 32 -68.27 24.07 15.64
N ASN U 33 -69.59 23.89 15.64
CA ASN U 33 -70.47 24.67 16.48
C ASN U 33 -70.54 24.22 17.93
N GLN U 34 -70.07 23.01 18.23
CA GLN U 34 -70.07 22.52 19.63
C GLN U 34 -69.45 23.58 20.56
N GLY U 35 -68.37 24.22 20.14
CA GLY U 35 -67.73 25.31 20.91
C GLY U 35 -68.53 26.56 21.24
N GLY U 36 -69.61 26.82 20.50
CA GLY U 36 -70.45 27.98 20.76
C GLY U 36 -69.86 29.34 20.45
N LEU U 37 -68.77 29.39 19.68
CA LEU U 37 -68.11 30.66 19.34
C LEU U 37 -68.29 31.01 17.88
N THR U 38 -68.21 32.32 17.57
CA THR U 38 -68.24 32.82 16.20
C THR U 38 -66.99 33.70 15.93
N SER U 39 -66.44 33.58 14.71
CA SER U 39 -65.28 34.36 14.25
C SER U 39 -65.59 35.06 12.92
N VAL U 40 -64.97 36.23 12.73
CA VAL U 40 -65.13 37.05 11.54
C VAL U 40 -63.75 37.48 11.00
N ALA U 41 -63.61 37.51 9.67
CA ALA U 41 -62.43 38.07 9.06
C ALA U 41 -62.79 38.97 7.91
N VAL U 42 -62.10 40.11 7.79
CA VAL U 42 -62.29 41.02 6.62
C VAL U 42 -60.96 41.58 6.07
N ARG U 43 -60.93 41.79 4.76
CA ARG U 43 -59.75 42.29 4.07
C ARG U 43 -60.12 43.63 3.42
N GLY U 44 -59.20 44.59 3.46
CA GLY U 44 -59.28 45.79 2.65
C GLY U 44 -58.08 45.88 1.72
N LYS U 45 -57.89 47.05 1.14
CA LYS U 45 -56.74 47.31 0.29
C LYS U 45 -55.45 47.35 1.12
N ASP U 46 -55.54 47.82 2.36
CA ASP U 46 -54.36 48.03 3.21
C ASP U 46 -54.11 46.96 4.28
N ALA U 48 -55.70 43.17 6.59
CA ALA U 48 -56.64 42.11 6.85
C ALA U 48 -56.74 41.95 8.35
N VAL U 49 -57.96 41.67 8.81
CA VAL U 49 -58.26 41.60 10.23
C VAL U 49 -59.03 40.31 10.54
N ILE U 50 -58.76 39.75 11.71
CA ILE U 50 -59.52 38.62 12.26
C ILE U 50 -60.02 39.07 13.63
N VAL U 51 -61.30 38.79 13.91
CA VAL U 51 -61.89 39.02 15.25
C VAL U 51 -62.69 37.79 15.64
N THR U 52 -62.59 37.40 16.90
CA THR U 52 -63.36 36.28 17.45
C THR U 52 -63.79 36.61 18.86
N GLN U 53 -64.75 35.84 19.35
CA GLN U 53 -65.18 35.95 20.72
C GLN U 53 -64.16 35.36 21.64
N LYS U 54 -64.09 35.92 22.82
CA LYS U 54 -63.23 35.43 23.87
C LYS U 54 -64.13 35.26 25.08
N LYS U 55 -64.50 34.02 25.38
CA LYS U 55 -65.30 33.74 26.58
C LYS U 55 -64.40 33.14 27.65
N VAL U 56 -64.35 33.80 28.80
CA VAL U 56 -63.63 33.33 29.99
C VAL U 56 -64.69 33.24 31.12
N PRO U 57 -65.59 32.23 31.04
CA PRO U 57 -66.67 32.09 32.02
C PRO U 57 -66.13 31.94 33.46
N ASP U 58 -65.03 31.20 33.57
CA ASP U 58 -64.46 30.85 34.86
C ASP U 58 -63.76 32.03 35.58
N LYS U 59 -62.56 32.41 35.17
CA LYS U 59 -61.77 33.42 35.89
C LYS U 59 -60.81 32.78 36.90
N LEU U 60 -60.99 31.49 37.22
CA LEU U 60 -59.89 30.69 37.72
C LEU U 60 -58.95 30.32 36.56
N LEU U 61 -59.35 30.62 35.33
CA LEU U 61 -58.50 30.54 34.16
C LEU U 61 -57.48 31.64 34.09
N ASP U 62 -56.29 31.30 33.60
CA ASP U 62 -55.31 32.30 33.18
C ASP U 62 -55.79 32.75 31.81
N SER U 63 -56.47 33.89 31.75
CA SER U 63 -57.10 34.32 30.49
C SER U 63 -56.10 34.63 29.39
N SER U 64 -54.85 34.89 29.74
CA SER U 64 -53.82 35.04 28.70
C SER U 64 -53.61 33.72 27.90
N THR U 65 -53.94 32.57 28.49
CA THR U 65 -53.84 31.30 27.77
C THR U 65 -55.09 30.93 26.99
N VAL U 66 -56.16 31.73 27.10
CA VAL U 66 -57.41 31.46 26.37
C VAL U 66 -57.41 32.32 25.13
N THR U 67 -57.10 31.72 24.00
CA THR U 67 -57.08 32.41 22.73
C THR U 67 -57.42 31.44 21.64
N HIS U 68 -57.98 31.96 20.57
CA HIS U 68 -58.15 31.24 19.32
C HIS U 68 -57.36 31.87 18.17
N LEU U 69 -56.52 32.86 18.48
CA LEU U 69 -55.63 33.49 17.50
C LEU U 69 -54.23 32.87 17.60
N PHE U 70 -53.66 32.50 16.46
CA PHE U 70 -52.35 31.87 16.44
C PHE U 70 -51.48 32.49 15.38
N LYS U 71 -50.21 32.67 15.74
CA LYS U 71 -49.16 33.01 14.77
C LYS U 71 -48.67 31.74 14.09
N ILE U 72 -48.64 31.75 12.76
CA ILE U 72 -48.18 30.61 11.98
C ILE U 72 -46.73 30.80 11.50
N THR U 73 -46.44 31.97 11.00
CA THR U 73 -45.09 32.46 10.77
C THR U 73 -45.18 33.90 11.33
N GLU U 74 -44.08 34.63 11.21
CA GLU U 74 -44.10 36.03 11.59
C GLU U 74 -45.16 36.84 10.81
N ASN U 75 -45.38 36.46 9.55
CA ASN U 75 -46.27 37.19 8.64
C ASN U 75 -47.64 36.53 8.34
N ILE U 76 -47.94 35.39 8.96
CA ILE U 76 -49.23 34.73 8.76
C ILE U 76 -49.85 34.49 10.11
N GLY U 77 -51.07 35.02 10.26
CA GLY U 77 -51.92 34.80 11.43
C GLY U 77 -53.13 33.95 11.10
N CYS U 78 -53.78 33.50 12.14
CA CYS U 78 -54.82 32.51 11.98
C CYS U 78 -55.82 32.61 13.12
N VAL U 79 -57.11 32.50 12.80
CA VAL U 79 -58.15 32.24 13.81
C VAL U 79 -58.72 30.86 13.56
N MET U 80 -58.83 30.09 14.65
CA MET U 80 -59.40 28.75 14.66
CA MET U 80 -59.41 28.74 14.66
C MET U 80 -60.82 28.76 15.27
N THR U 81 -61.73 28.01 14.65
CA THR U 81 -63.10 27.89 15.13
C THR U 81 -63.45 26.41 15.14
N GLY U 82 -63.95 25.93 16.27
CA GLY U 82 -64.36 24.54 16.42
C GLY U 82 -63.64 23.86 17.54
N MET U 83 -63.53 22.55 17.45
CA MET U 83 -63.06 21.72 18.54
C MET U 83 -61.61 22.13 18.81
N THR U 84 -61.32 22.42 20.08
CA THR U 84 -60.10 23.12 20.45
C THR U 84 -58.80 22.34 20.16
N ALA U 85 -58.76 21.10 20.65
CA ALA U 85 -57.59 20.26 20.49
C ALA U 85 -57.34 19.89 19.01
N ASP U 86 -58.37 19.59 18.26
CA ASP U 86 -58.27 19.49 16.80
C ASP U 86 -57.67 20.76 16.19
N SER U 87 -58.12 21.91 16.67
CA SER U 87 -57.66 23.19 16.12
C SER U 87 -56.14 23.39 16.38
N ARG U 88 -55.72 23.09 17.61
CA ARG U 88 -54.33 23.19 18.01
C ARG U 88 -53.42 22.28 17.17
N SER U 89 -53.90 21.09 16.87
CA SER U 89 -53.24 20.17 15.97
C SER U 89 -53.09 20.72 14.55
N GLN U 90 -54.17 21.28 14.02
CA GLN U 90 -54.10 21.86 12.71
C GLN U 90 -53.13 23.06 12.68
N VAL U 91 -53.08 23.84 13.78
CA VAL U 91 -52.16 24.94 13.90
C VAL U 91 -50.70 24.45 13.82
N GLN U 92 -50.36 23.43 14.59
CA GLN U 92 -49.02 22.79 14.54
C GLN U 92 -48.65 22.31 13.16
N ARG U 93 -49.59 21.66 12.50
CA ARG U 93 -49.36 21.24 11.15
C ARG U 93 -49.11 22.39 10.18
N ALA U 94 -49.93 23.42 10.24
CA ALA U 94 -49.70 24.60 9.43
C ALA U 94 -48.31 25.23 9.67
N ARG U 95 -47.91 25.34 10.93
CA ARG U 95 -46.62 25.89 11.30
C ARG U 95 -45.49 25.08 10.70
N TYR U 96 -45.66 23.76 10.73
CA TYR U 96 -44.68 22.82 10.15
C TYR U 96 -44.64 22.95 8.63
N GLU U 97 -45.78 22.99 8.00
CA GLU U 97 -45.82 23.15 6.53
C GLU U 97 -45.11 24.46 6.08
N ALA U 98 -45.34 25.54 6.80
CA ALA U 98 -44.78 26.83 6.42
C ALA U 98 -43.28 26.88 6.63
N ALA U 99 -42.82 26.35 7.77
CA ALA U 99 -41.39 26.28 8.07
C ALA U 99 -40.67 25.42 7.01
N ASN U 100 -41.28 24.31 6.66
CA ASN U 100 -40.72 23.40 5.72
C ASN U 100 -40.63 24.00 4.31
N TRP U 101 -41.69 24.69 3.92
CA TRP U 101 -41.72 25.44 2.66
C TRP U 101 -40.52 26.43 2.54
N LYS U 102 -40.33 27.24 3.58
CA LYS U 102 -39.24 28.20 3.65
C LYS U 102 -37.87 27.53 3.53
N TYR U 103 -37.70 26.40 4.21
CA TYR U 103 -36.47 25.63 4.18
C TYR U 103 -36.15 25.05 2.79
N LYS U 104 -37.13 24.50 2.11
CA LYS U 104 -36.95 23.91 0.77
C LYS U 104 -36.89 24.91 -0.35
N TYR U 105 -37.66 26.00 -0.24
CA TYR U 105 -37.84 26.91 -1.38
C TYR U 105 -37.27 28.30 -1.25
N GLY U 106 -36.84 28.69 -0.05
CA GLY U 106 -36.12 29.93 0.14
C GLY U 106 -36.92 31.19 0.19
N TYR U 107 -38.25 31.06 0.33
CA TYR U 107 -39.13 32.21 0.49
C TYR U 107 -40.35 31.79 1.27
N GLU U 108 -41.03 32.77 1.83
CA GLU U 108 -42.17 32.52 2.70
C GLU U 108 -43.34 31.86 1.92
N ILE U 109 -43.99 30.90 2.53
CA ILE U 109 -45.17 30.31 1.91
C ILE U 109 -46.25 31.41 1.71
N PRO U 110 -46.81 31.52 0.47
CA PRO U 110 -47.98 32.37 0.26
C PRO U 110 -49.17 31.86 1.09
N VAL U 111 -50.01 32.76 1.58
CA VAL U 111 -51.18 32.35 2.39
C VAL U 111 -52.05 31.37 1.64
N ASP U 112 -52.29 31.63 0.35
CA ASP U 112 -53.12 30.73 -0.44
C ASP U 112 -52.60 29.29 -0.50
N MET U 113 -51.27 29.15 -0.58
CA MET U 113 -50.64 27.85 -0.66
C MET U 113 -50.70 27.13 0.65
N LEU U 114 -50.51 27.85 1.76
CA LEU U 114 -50.63 27.26 3.08
C LEU U 114 -52.07 26.76 3.32
N CYS U 115 -53.03 27.57 2.94
CA CYS U 115 -54.44 27.19 3.11
C CYS U 115 -54.72 25.95 2.28
N LYS U 116 -54.30 25.98 1.02
CA LYS U 116 -54.45 24.84 0.13
C LYS U 116 -53.84 23.58 0.68
N ARG U 117 -52.64 23.68 1.21
CA ARG U 117 -52.00 22.49 1.78
C ARG U 117 -52.80 21.90 2.96
N ILE U 118 -53.30 22.73 3.86
CA ILE U 118 -54.08 22.24 5.00
C ILE U 118 -55.40 21.63 4.51
N ALA U 119 -55.98 22.24 3.50
CA ALA U 119 -57.16 21.71 2.88
C ALA U 119 -56.92 20.35 2.25
N ASP U 120 -55.79 20.21 1.55
CA ASP U 120 -55.42 18.94 0.91
C ASP U 120 -55.21 17.81 1.95
N ILE U 121 -54.62 18.16 3.08
CA ILE U 121 -54.40 17.24 4.20
C ILE U 121 -55.79 16.82 4.77
N SER U 122 -56.66 17.81 4.96
CA SER U 122 -58.04 17.51 5.41
C SER U 122 -58.80 16.62 4.42
N GLN U 123 -58.54 16.79 3.12
CA GLN U 123 -59.21 15.96 2.12
C GLN U 123 -58.98 14.47 2.36
N VAL U 124 -57.75 14.12 2.74
CA VAL U 124 -57.41 12.71 2.99
C VAL U 124 -58.36 12.09 4.06
N TYR U 125 -58.70 12.85 5.09
CA TYR U 125 -59.56 12.32 6.12
C TYR U 125 -61.02 12.08 5.64
N THR U 126 -61.40 12.64 4.50
CA THR U 126 -62.71 12.44 3.89
C THR U 126 -62.76 11.21 2.98
N GLN U 127 -61.59 10.68 2.62
CA GLN U 127 -61.51 9.55 1.68
C GLN U 127 -60.97 8.26 2.29
N ASN U 128 -60.27 8.34 3.42
CA ASN U 128 -59.73 7.18 4.09
C ASN U 128 -60.52 6.87 5.33
N ALA U 129 -60.89 5.60 5.54
CA ALA U 129 -61.98 5.25 6.50
C ALA U 129 -61.58 5.23 7.96
N GLU U 130 -60.29 5.09 8.24
CA GLU U 130 -59.84 4.76 9.62
C GLU U 130 -59.72 5.93 10.64
N MET U 131 -59.68 7.16 10.17
CA MET U 131 -59.69 8.33 11.08
C MET U 131 -60.85 9.25 10.76
N ARG U 132 -61.23 10.11 11.69
CA ARG U 132 -62.27 11.12 11.46
C ARG U 132 -61.64 12.42 10.93
N PRO U 133 -62.46 13.27 10.27
CA PRO U 133 -62.06 14.65 10.04
C PRO U 133 -61.89 15.41 11.34
N LEU U 134 -61.18 16.52 11.24
CA LEU U 134 -61.04 17.42 12.37
C LEU U 134 -62.27 18.33 12.38
N GLY U 135 -62.86 18.54 13.54
CA GLY U 135 -64.09 19.33 13.65
C GLY U 135 -63.79 20.80 13.84
N CYS U 136 -63.04 21.35 12.90
CA CYS U 136 -62.55 22.69 13.05
C CYS U 136 -62.34 23.35 11.70
N MET U 138 -60.24 26.72 9.79
CA MET U 138 -59.06 27.61 9.89
C MET U 138 -59.22 28.84 9.00
N ILE U 139 -59.07 30.03 9.58
CA ILE U 139 -59.02 31.25 8.77
C ILE U 139 -57.63 31.86 8.86
N LEU U 140 -57.01 32.08 7.70
CA LEU U 140 -55.65 32.59 7.59
C LEU U 140 -55.63 34.00 7.04
N ILE U 141 -54.78 34.88 7.60
CA ILE U 141 -54.48 36.21 7.02
C ILE U 141 -52.97 36.46 6.79
N GLY U 142 -52.67 37.23 5.75
CA GLY U 142 -51.31 37.65 5.45
C GLY U 142 -51.28 38.60 4.29
N ILE U 143 -50.14 39.24 4.10
CA ILE U 143 -49.90 40.14 2.97
C ILE U 143 -49.15 39.38 1.89
N ASP U 144 -49.67 39.41 0.67
CA ASP U 144 -48.97 38.93 -0.51
C ASP U 144 -48.38 40.14 -1.25
N GLU U 145 -47.10 40.04 -1.66
CA GLU U 145 -46.34 41.17 -2.24
C GLU U 145 -47.04 41.77 -3.44
N GLU U 146 -47.54 40.90 -4.32
CA GLU U 146 -48.22 41.34 -5.55
C GLU U 146 -49.71 41.64 -5.29
N GLN U 147 -50.43 40.72 -4.63
CA GLN U 147 -51.92 40.77 -4.51
C GLN U 147 -52.52 41.55 -3.31
N GLY U 148 -51.71 42.03 -2.37
CA GLY U 148 -52.22 42.78 -1.20
C GLY U 148 -52.69 41.88 -0.06
N PRO U 149 -53.44 42.43 0.91
CA PRO U 149 -53.96 41.64 2.04
C PRO U 149 -54.80 40.45 1.60
N GLN U 150 -54.70 39.36 2.34
CA GLN U 150 -55.38 38.11 1.99
C GLN U 150 -56.11 37.52 3.17
N VAL U 151 -57.32 37.02 2.94
CA VAL U 151 -58.02 36.15 3.91
C VAL U 151 -58.44 34.85 3.20
N TYR U 152 -58.05 33.74 3.80
CA TYR U 152 -58.36 32.43 3.28
C TYR U 152 -58.99 31.62 4.40
N LYS U 153 -59.85 30.71 3.99
CA LYS U 153 -60.50 29.80 4.91
C LYS U 153 -60.47 28.41 4.29
N CYS U 154 -60.22 27.40 5.12
CA CYS U 154 -60.42 26.00 4.72
C CYS U 154 -61.27 25.26 5.78
N ASP U 155 -61.92 24.17 5.37
CA ASP U 155 -62.93 23.48 6.22
C ASP U 155 -62.71 21.96 6.32
N PRO U 156 -63.49 21.25 7.15
CA PRO U 156 -63.30 19.80 7.29
C PRO U 156 -63.56 18.98 6.03
N ALA U 157 -64.23 19.54 5.03
CA ALA U 157 -64.42 18.85 3.75
C ALA U 157 -63.21 18.94 2.84
N GLY U 158 -62.24 19.77 3.21
CA GLY U 158 -61.09 20.06 2.34
C GLY U 158 -61.36 21.12 1.26
N TYR U 159 -62.46 21.84 1.37
CA TYR U 159 -62.69 23.04 0.55
C TYR U 159 -61.88 24.21 1.13
N TYR U 160 -61.50 25.12 0.26
CA TYR U 160 -60.82 26.35 0.65
C TYR U 160 -61.10 27.41 -0.39
N GLY U 162 -60.33 31.96 -1.06
CA GLY U 162 -59.97 33.30 -0.59
C GLY U 162 -61.24 34.13 -0.53
N PHE U 163 -61.24 35.14 0.33
CA PHE U 163 -62.45 35.93 0.58
C PHE U 163 -62.16 37.42 0.74
N LYS U 164 -63.18 38.21 0.44
CA LYS U 164 -63.19 39.63 0.82
C LYS U 164 -63.53 39.79 2.31
N ALA U 165 -64.45 38.94 2.76
CA ALA U 165 -64.71 38.76 4.17
C ALA U 165 -65.36 37.42 4.35
N THR U 166 -65.28 36.90 5.56
CA THR U 166 -65.89 35.62 5.84
C THR U 166 -66.08 35.45 7.32
N ALA U 167 -66.69 34.32 7.68
CA ALA U 167 -66.94 34.03 9.08
C ALA U 167 -67.01 32.54 9.29
N ALA U 168 -67.03 32.17 10.57
CA ALA U 168 -67.07 30.77 10.97
C ALA U 168 -67.77 30.61 12.32
N GLY U 169 -68.33 29.43 12.56
CA GLY U 169 -68.97 29.13 13.85
C GLY U 169 -70.48 29.35 13.87
N VAL U 170 -71.02 29.57 15.08
CA VAL U 170 -72.46 29.50 15.36
C VAL U 170 -73.28 30.51 14.54
N LYS U 171 -72.86 31.77 14.50
CA LYS U 171 -73.55 32.84 13.70
C LYS U 171 -72.89 33.11 12.33
N GLN U 172 -72.29 32.08 11.73
CA GLN U 172 -71.66 32.18 10.39
C GLN U 172 -72.58 32.70 9.27
N THR U 173 -73.79 32.15 9.18
CA THR U 173 -74.76 32.51 8.13
C THR U 173 -75.27 33.98 8.27
N GLU U 174 -75.45 34.43 9.52
CA GLU U 174 -75.84 35.81 9.80
C GLU U 174 -74.70 36.78 9.49
N SER U 175 -73.48 36.43 9.90
CA SER U 175 -72.28 37.19 9.55
C SER U 175 -72.09 37.28 8.04
N THR U 176 -72.25 36.17 7.35
CA THR U 176 -72.23 36.17 5.88
C THR U 176 -73.22 37.13 5.24
N SER U 177 -74.49 37.17 5.71
CA SER U 177 -75.51 38.15 5.25
C SER U 177 -75.13 39.59 5.57
N PHE U 178 -74.75 39.85 6.82
CA PHE U 178 -74.32 41.19 7.23
C PHE U 178 -73.23 41.71 6.28
N LEU U 179 -72.21 40.87 6.04
CA LEU U 179 -71.04 41.26 5.26
C LEU U 179 -71.37 41.45 3.78
N GLU U 180 -72.12 40.51 3.19
CA GLU U 180 -72.67 40.65 1.83
C GLU U 180 -73.39 41.98 1.63
N LYS U 181 -74.39 42.28 2.48
CA LYS U 181 -75.14 43.53 2.40
C LYS U 181 -74.14 44.70 2.39
N LYS U 182 -73.11 44.63 3.23
CA LYS U 182 -72.09 45.70 3.30
C LYS U 182 -71.11 45.72 2.11
N VAL U 183 -70.50 44.59 1.78
CA VAL U 183 -69.61 44.49 0.59
C VAL U 183 -70.31 44.85 -0.74
N LYS U 184 -71.65 44.76 -0.80
CA LYS U 184 -72.36 45.02 -2.05
C LYS U 184 -72.17 46.45 -2.60
N LYS U 185 -71.99 47.44 -1.73
CA LYS U 185 -71.74 48.84 -2.13
C LYS U 185 -70.31 49.06 -2.70
N LYS U 186 -70.18 50.06 -3.59
CA LYS U 186 -68.90 50.58 -4.12
C LYS U 186 -68.40 51.78 -3.28
N GLN U 193 -63.21 50.99 6.64
CA GLN U 193 -62.68 50.66 7.97
C GLN U 193 -62.80 49.16 8.30
N THR U 194 -61.74 48.40 7.99
CA THR U 194 -61.82 46.94 8.02
C THR U 194 -61.93 46.39 9.45
N VAL U 195 -61.20 46.99 10.40
CA VAL U 195 -61.30 46.58 11.80
C VAL U 195 -62.70 46.91 12.38
N GLU U 196 -63.23 48.08 12.04
CA GLU U 196 -64.59 48.49 12.47
C GLU U 196 -65.70 47.57 11.90
N THR U 197 -65.61 47.23 10.60
CA THR U 197 -66.57 46.32 9.97
C THR U 197 -66.61 44.96 10.65
N ALA U 198 -65.43 44.41 10.94
CA ALA U 198 -65.33 43.09 11.59
C ALA U 198 -65.99 43.06 12.97
N ILE U 199 -65.67 44.04 13.80
CA ILE U 199 -66.15 44.02 15.19
C ILE U 199 -67.69 44.40 15.23
N THR U 200 -68.13 45.30 14.35
CA THR U 200 -69.56 45.60 14.16
C THR U 200 -70.35 44.37 13.69
N CYS U 201 -69.82 43.66 12.70
CA CYS U 201 -70.46 42.43 12.23
C CYS U 201 -70.66 41.48 13.38
N LEU U 202 -69.60 41.27 14.15
CA LEU U 202 -69.67 40.30 15.24
C LEU U 202 -70.68 40.71 16.31
N SER U 203 -70.66 42.01 16.66
CA SER U 203 -71.55 42.61 17.66
C SER U 203 -73.03 42.62 17.23
N THR U 204 -73.28 42.85 15.94
CA THR U 204 -74.63 42.79 15.38
C THR U 204 -75.19 41.39 15.47
N VAL U 205 -74.48 40.40 14.93
CA VAL U 205 -75.02 39.05 14.85
C VAL U 205 -75.19 38.38 16.22
N LEU U 206 -74.39 38.78 17.21
CA LEU U 206 -74.49 38.27 18.60
C LEU U 206 -75.35 39.15 19.53
N SER U 207 -75.69 40.36 19.09
CA SER U 207 -76.36 41.37 19.92
C SER U 207 -75.67 41.61 21.27
N ILE U 208 -74.35 41.84 21.28
CA ILE U 208 -73.62 41.94 22.54
C ILE U 208 -73.16 43.38 22.90
N ASP U 209 -72.52 44.10 21.99
CA ASP U 209 -71.87 45.40 22.36
C ASP U 209 -70.74 45.15 23.38
N PHE U 210 -69.53 44.99 22.88
CA PHE U 210 -68.46 44.30 23.62
C PHE U 210 -67.69 45.15 24.61
N LYS U 211 -67.13 44.48 25.62
CA LYS U 211 -66.03 45.04 26.41
C LYS U 211 -64.74 44.60 25.73
N PRO U 212 -63.63 45.34 25.97
CA PRO U 212 -62.38 44.96 25.27
C PRO U 212 -61.76 43.60 25.69
N SER U 213 -62.22 43.03 26.81
CA SER U 213 -61.83 41.69 27.28
C SER U 213 -62.66 40.50 26.72
N GLU U 214 -63.72 40.79 25.98
CA GLU U 214 -64.60 39.75 25.39
C GLU U 214 -64.37 39.45 23.91
N ILE U 215 -63.44 40.16 23.26
CA ILE U 215 -63.02 39.83 21.89
C ILE U 215 -61.50 39.81 21.77
N GLU U 216 -61.02 39.15 20.74
CA GLU U 216 -59.60 39.20 20.35
C GLU U 216 -59.51 39.67 18.92
N VAL U 217 -58.48 40.46 18.63
CA VAL U 217 -58.29 41.02 17.29
C VAL U 217 -56.85 40.80 16.86
N GLY U 218 -56.68 40.33 15.63
CA GLY U 218 -55.39 40.20 15.01
C GLY U 218 -55.39 40.86 13.65
N VAL U 219 -54.23 41.40 13.25
CA VAL U 219 -54.07 42.21 12.02
C VAL U 219 -52.76 41.94 11.26
N VAL U 220 -52.83 42.11 9.94
CA VAL U 220 -51.65 42.32 9.11
C VAL U 220 -51.94 43.48 8.20
N THR U 221 -50.91 44.29 7.94
CA THR U 221 -51.06 45.50 7.08
C THR U 221 -49.94 45.56 6.05
N VAL U 222 -50.22 46.25 4.95
CA VAL U 222 -49.24 46.42 3.89
C VAL U 222 -48.01 47.16 4.45
N GLU U 223 -48.22 48.13 5.32
CA GLU U 223 -47.14 48.81 6.07
C GLU U 223 -46.39 47.89 7.00
N ASN U 224 -47.14 47.08 7.74
CA ASN U 224 -46.60 46.29 8.84
C ASN U 224 -47.07 44.84 8.67
N PRO U 225 -46.40 44.09 7.78
CA PRO U 225 -46.92 42.76 7.45
C PRO U 225 -46.83 41.72 8.56
N LYS U 226 -46.06 41.97 9.63
CA LYS U 226 -45.93 40.98 10.72
C LYS U 226 -47.27 40.89 11.45
N PHE U 227 -47.76 39.68 11.62
CA PHE U 227 -49.01 39.42 12.32
C PHE U 227 -48.95 40.04 13.71
N ARG U 228 -49.97 40.82 14.06
CA ARG U 228 -50.05 41.52 15.33
C ARG U 228 -51.38 41.28 16.03
N ILE U 229 -51.29 40.96 17.32
CA ILE U 229 -52.47 40.76 18.16
C ILE U 229 -52.66 42.06 18.93
N LEU U 230 -53.86 42.62 18.86
CA LEU U 230 -54.12 43.88 19.52
C LEU U 230 -54.19 43.64 21.00
N THR U 231 -53.77 44.64 21.76
CA THR U 231 -53.90 44.65 23.21
C THR U 231 -55.34 45.06 23.59
N GLU U 232 -55.65 44.94 24.87
CA GLU U 232 -56.96 45.34 25.40
C GLU U 232 -57.23 46.81 25.14
N ALA U 233 -56.24 47.64 25.45
CA ALA U 233 -56.32 49.08 25.25
C ALA U 233 -56.49 49.44 23.78
N GLU U 234 -55.74 48.78 22.92
CA GLU U 234 -55.88 48.98 21.47
C GLU U 234 -57.29 48.66 20.98
N ILE U 235 -57.82 47.54 21.44
CA ILE U 235 -59.19 47.12 21.14
C ILE U 235 -60.18 48.14 21.67
N ASP U 236 -59.95 48.57 22.92
CA ASP U 236 -60.82 49.57 23.54
C ASP U 236 -60.92 50.84 22.71
N ALA U 237 -59.80 51.30 22.13
CA ALA U 237 -59.83 52.51 21.31
C ALA U 237 -60.78 52.37 20.12
N HIS U 238 -60.87 51.16 19.56
CA HIS U 238 -61.79 50.91 18.46
C HIS U 238 -63.23 50.84 18.95
N LEU U 239 -63.46 50.17 20.06
CA LEU U 239 -64.79 50.10 20.66
C LEU U 239 -65.36 51.49 21.02
N VAL U 240 -64.48 52.40 21.45
CA VAL U 240 -64.87 53.75 21.83
C VAL U 240 -65.14 54.59 20.57
N ALA U 241 -64.25 54.52 19.58
CA ALA U 241 -64.45 55.23 18.31
C ALA U 241 -65.79 54.84 17.64
N LEU U 242 -66.17 53.57 17.80
CA LEU U 242 -67.48 53.08 17.32
C LEU U 242 -68.68 53.55 18.14
N ALA U 243 -68.57 53.46 19.47
CA ALA U 243 -69.61 54.00 20.39
C ALA U 243 -70.05 55.42 20.06
N GLU U 244 -69.10 56.25 19.60
CA GLU U 244 -69.32 57.66 19.32
C GLU U 244 -69.71 57.95 17.85
N ARG U 245 -70.15 56.90 17.15
CA ARG U 245 -70.81 56.93 15.79
C ARG U 245 -70.43 58.17 14.98
N THR V 1 -14.67 22.76 -20.49
CA THR V 1 -15.82 23.68 -20.48
C THR V 1 -15.48 25.03 -19.95
N THR V 2 -16.07 26.05 -20.57
CA THR V 2 -16.07 27.40 -20.04
C THR V 2 -17.50 27.89 -19.99
N ILE V 3 -17.98 28.13 -18.77
CA ILE V 3 -19.28 28.74 -18.56
C ILE V 3 -19.15 29.93 -17.64
N ALA V 4 -20.09 30.85 -17.79
CA ALA V 4 -19.99 32.14 -17.12
C ALA V 4 -21.32 32.89 -17.12
N GLY V 5 -21.42 33.82 -16.19
CA GLY V 5 -22.57 34.67 -16.09
C GLY V 5 -22.24 36.00 -15.48
N VAL V 6 -23.07 36.97 -15.80
CA VAL V 6 -22.94 38.34 -15.38
C VAL V 6 -24.34 38.90 -15.07
N VAL V 7 -24.44 39.71 -14.02
CA VAL V 7 -25.57 40.58 -13.79
C VAL V 7 -25.32 41.95 -14.44
N TYR V 8 -26.24 42.38 -15.32
CA TYR V 8 -26.18 43.71 -15.95
C TYR V 8 -27.33 44.59 -15.47
N LYS V 9 -27.40 45.82 -15.99
CA LYS V 9 -28.35 46.82 -15.53
C LYS V 9 -29.78 46.30 -15.42
N ASP V 10 -30.21 45.51 -16.40
CA ASP V 10 -31.60 45.05 -16.52
C ASP V 10 -31.82 43.57 -16.47
N GLY V 11 -30.82 42.79 -16.08
CA GLY V 11 -30.91 41.34 -16.22
C GLY V 11 -29.63 40.54 -16.06
N ILE V 12 -29.61 39.38 -16.72
CA ILE V 12 -28.54 38.41 -16.63
C ILE V 12 -28.05 38.10 -18.04
N VAL V 13 -26.74 37.92 -18.19
CA VAL V 13 -26.20 37.26 -19.38
C VAL V 13 -25.43 36.04 -18.96
N LEU V 14 -25.83 34.89 -19.52
CA LEU V 14 -25.13 33.61 -19.36
C LEU V 14 -24.38 33.27 -20.63
N GLY V 15 -23.27 32.56 -20.46
CA GLY V 15 -22.40 32.18 -21.58
C GLY V 15 -21.87 30.78 -21.45
N ALA V 16 -21.59 30.16 -22.60
CA ALA V 16 -20.96 28.85 -22.63
C ALA V 16 -20.29 28.53 -23.95
N ASP V 17 -19.29 27.67 -23.88
CA ASP V 17 -18.71 27.04 -25.06
C ASP V 17 -19.49 25.81 -25.41
N THR V 18 -19.09 25.12 -26.48
CA THR V 18 -19.85 23.97 -26.96
C THR V 18 -19.06 22.67 -27.17
N ARG V 19 -17.91 22.55 -26.52
CA ARG V 19 -17.11 21.33 -26.63
C ARG V 19 -17.40 20.35 -25.51
N ALA V 20 -17.48 19.08 -25.88
CA ALA V 20 -17.45 17.99 -24.89
C ALA V 20 -16.31 17.08 -25.26
N THR V 21 -15.57 16.59 -24.27
CA THR V 21 -14.43 15.72 -24.50
C THR V 21 -14.57 14.42 -23.74
N GLU V 22 -14.05 13.35 -24.34
CA GLU V 22 -13.89 12.04 -23.73
C GLU V 22 -12.39 11.82 -23.78
N GLY V 23 -11.76 11.73 -22.62
CA GLY V 23 -10.32 11.70 -22.52
C GLY V 23 -9.81 13.03 -23.06
N MET V 24 -8.83 12.99 -23.93
CA MET V 24 -8.38 14.23 -24.58
C MET V 24 -8.77 14.25 -26.08
N VAL V 25 -9.96 13.71 -26.38
CA VAL V 25 -10.58 13.71 -27.70
C VAL V 25 -11.92 14.43 -27.67
N VAL V 26 -12.19 15.25 -28.68
CA VAL V 26 -13.46 15.97 -28.77
C VAL V 26 -14.50 14.95 -29.22
N ALA V 27 -15.49 14.73 -28.35
CA ALA V 27 -16.65 13.87 -28.69
C ALA V 27 -17.77 14.70 -29.34
N ASP V 28 -18.02 15.90 -28.83
CA ASP V 28 -19.04 16.76 -29.40
C ASP V 28 -18.48 18.13 -29.63
N LYS V 29 -18.63 18.62 -30.85
CA LYS V 29 -18.27 19.97 -31.22
C LYS V 29 -19.36 20.99 -30.95
N ASN V 30 -20.59 20.54 -30.71
CA ASN V 30 -21.71 21.45 -30.58
C ASN V 30 -22.70 21.00 -29.50
N CYS V 31 -22.17 20.83 -28.32
CA CYS V 31 -22.91 20.45 -27.16
C CYS V 31 -23.60 21.72 -26.66
N SER V 32 -24.85 21.60 -26.22
CA SER V 32 -25.59 22.73 -25.63
C SER V 32 -25.46 22.71 -24.11
N LYS V 33 -24.85 23.73 -23.54
CA LYS V 33 -24.54 23.75 -22.11
C LYS V 33 -25.40 24.72 -21.29
N ILE V 34 -26.22 25.53 -21.96
CA ILE V 34 -27.15 26.40 -21.28
C ILE V 34 -28.56 25.73 -21.24
N HIS V 35 -28.95 25.27 -20.06
CA HIS V 35 -30.16 24.49 -19.82
C HIS V 35 -31.35 25.30 -19.34
N PHE V 36 -32.50 25.00 -19.91
CA PHE V 36 -33.78 25.53 -19.42
C PHE V 36 -34.06 25.07 -18.00
N ILE V 37 -34.37 26.02 -17.11
CA ILE V 37 -34.91 25.71 -15.80
C ILE V 37 -36.40 26.11 -15.75
N SER V 38 -36.68 27.36 -16.08
CA SER V 38 -38.04 27.84 -16.25
C SER V 38 -38.00 28.98 -17.29
N PRO V 39 -39.17 29.45 -17.76
CA PRO V 39 -39.08 30.54 -18.75
C PRO V 39 -38.19 31.73 -18.36
N ASN V 40 -38.06 32.02 -17.06
CA ASN V 40 -37.28 33.15 -16.53
C ASN V 40 -35.96 32.77 -15.86
N ILE V 41 -35.59 31.47 -15.90
CA ILE V 41 -34.38 30.96 -15.26
C ILE V 41 -33.66 29.92 -16.16
N TYR V 42 -32.38 30.14 -16.39
CA TYR V 42 -31.55 29.18 -17.11
C TYR V 42 -30.29 28.86 -16.27
N CYS V 43 -29.60 27.81 -16.67
CA CYS V 43 -28.53 27.23 -15.87
C CYS V 43 -27.47 26.63 -16.80
N CYS V 44 -26.28 27.23 -16.83
CA CYS V 44 -25.13 26.63 -17.53
C CYS V 44 -24.56 25.47 -16.72
N GLY V 45 -24.11 24.41 -17.38
CA GLY V 45 -23.52 23.26 -16.71
C GLY V 45 -22.12 22.86 -17.18
N ALA V 46 -21.24 22.61 -16.21
CA ALA V 46 -19.89 22.08 -16.43
C ALA V 46 -19.72 20.82 -15.59
N GLY V 47 -18.85 19.92 -16.00
CA GLY V 47 -18.50 18.71 -15.22
C GLY V 47 -18.92 17.48 -16.00
N THR V 48 -19.54 16.52 -15.31
CA THR V 48 -19.97 15.28 -15.94
C THR V 48 -21.29 15.51 -16.66
N ALA V 49 -21.30 15.28 -17.96
CA ALA V 49 -22.40 15.70 -18.80
C ALA V 49 -23.72 15.06 -18.42
N ALA V 50 -23.75 13.76 -18.15
CA ALA V 50 -25.00 13.10 -17.78
C ALA V 50 -25.54 13.74 -16.52
N ASP V 51 -24.64 14.15 -15.62
CA ASP V 51 -25.05 14.75 -14.35
C ASP V 51 -25.64 16.16 -14.45
N THR V 52 -25.04 16.98 -15.28
CA THR V 52 -25.51 18.35 -15.44
C THR V 52 -26.87 18.28 -16.13
N ASP V 53 -26.95 17.44 -17.15
CA ASP V 53 -28.21 17.20 -17.86
C ASP V 53 -29.36 16.71 -16.96
N MET V 54 -29.13 15.63 -16.23
CA MET V 54 -30.17 15.01 -15.41
C MET V 54 -30.56 15.86 -14.23
N THR V 55 -29.58 16.53 -13.64
CA THR V 55 -29.85 17.46 -12.51
C THR V 55 -30.69 18.70 -12.91
N THR V 56 -30.30 19.38 -13.97
CA THR V 56 -31.07 20.53 -14.43
C THR V 56 -32.50 20.14 -14.88
N GLN V 57 -32.66 18.98 -15.51
CA GLN V 57 -33.97 18.48 -15.94
C GLN V 57 -34.84 18.17 -14.74
N LEU V 58 -34.28 17.53 -13.71
CA LEU V 58 -35.06 17.19 -12.53
C LEU V 58 -35.55 18.43 -11.80
N ILE V 59 -34.64 19.37 -11.60
CA ILE V 59 -35.01 20.60 -10.93
C ILE V 59 -35.99 21.43 -11.77
N SER V 60 -35.78 21.50 -13.08
CA SER V 60 -36.73 22.19 -13.95
C SER V 60 -38.14 21.57 -13.85
N SER V 61 -38.19 20.25 -13.82
CA SER V 61 -39.44 19.54 -13.73
C SER V 61 -40.17 19.80 -12.40
N ASN V 62 -39.42 19.76 -11.30
CA ASN V 62 -39.98 20.05 -9.98
C ASN V 62 -40.39 21.50 -9.85
N LEU V 63 -39.66 22.39 -10.50
CA LEU V 63 -40.04 23.81 -10.52
C LEU V 63 -41.30 24.05 -11.29
N GLU V 64 -41.52 23.28 -12.36
CA GLU V 64 -42.75 23.43 -13.13
C GLU V 64 -43.93 22.96 -12.29
N LEU V 65 -43.81 21.86 -11.56
CA LEU V 65 -44.81 21.42 -10.55
C LEU V 65 -45.06 22.53 -9.53
N HIS V 66 -44.00 23.17 -9.05
CA HIS V 66 -44.12 24.27 -8.12
C HIS V 66 -44.92 25.45 -8.71
N SER V 67 -44.52 25.96 -9.88
CA SER V 67 -45.23 27.11 -10.49
C SER V 67 -46.64 26.82 -10.94
N LEU V 68 -46.87 25.62 -11.45
CA LEU V 68 -48.22 25.13 -11.76
C LEU V 68 -49.16 25.21 -10.52
N SER V 69 -48.62 24.89 -9.36
CA SER V 69 -49.35 24.91 -8.13
C SER V 69 -49.56 26.34 -7.61
N THR V 70 -48.50 27.14 -7.58
CA THR V 70 -48.60 28.47 -6.98
C THR V 70 -49.37 29.46 -7.91
N GLY V 71 -49.44 29.14 -9.20
CA GLY V 71 -49.79 30.12 -10.23
C GLY V 71 -48.77 31.26 -10.46
N ARG V 72 -47.54 31.18 -9.95
CA ARG V 72 -46.59 32.29 -10.03
C ARG V 72 -45.32 31.90 -10.77
N LEU V 73 -44.64 32.92 -11.18
CA LEU V 73 -43.37 32.73 -11.83
C LEU V 73 -42.35 32.27 -10.75
N PRO V 74 -41.55 31.25 -11.07
CA PRO V 74 -40.61 30.76 -10.07
C PRO V 74 -39.46 31.74 -9.71
N ARG V 75 -38.89 31.56 -8.54
CA ARG V 75 -37.83 32.42 -8.04
C ARG V 75 -36.46 31.73 -8.20
N VAL V 76 -35.42 32.54 -8.42
CA VAL V 76 -34.07 32.00 -8.60
C VAL V 76 -33.57 31.33 -7.34
N VAL V 77 -33.86 31.93 -6.18
CA VAL V 77 -33.51 31.32 -4.87
C VAL V 77 -34.09 29.91 -4.72
N THR V 78 -35.25 29.64 -5.32
CA THR V 78 -35.87 28.34 -5.21
C THR V 78 -35.12 27.29 -6.01
N ALA V 79 -34.81 27.60 -7.27
CA ALA V 79 -33.93 26.74 -8.07
C ALA V 79 -32.60 26.49 -7.33
N ASN V 80 -32.04 27.53 -6.71
CA ASN V 80 -30.77 27.43 -5.97
C ASN V 80 -30.83 26.45 -4.80
N ARG V 81 -31.83 26.62 -3.95
CA ARG V 81 -32.10 25.67 -2.85
C ARG V 81 -32.26 24.25 -3.28
N MET V 82 -33.13 24.03 -4.26
CA MET V 82 -33.40 22.69 -4.77
C MET V 82 -32.10 22.04 -5.29
N LEU V 83 -31.33 22.79 -6.06
CA LEU V 83 -30.09 22.26 -6.64
C LEU V 83 -29.10 21.95 -5.53
N LYS V 84 -28.90 22.89 -4.63
CA LYS V 84 -27.83 22.75 -3.65
C LYS V 84 -28.13 21.67 -2.64
N GLN V 85 -29.40 21.57 -2.21
CA GLN V 85 -29.81 20.53 -1.28
C GLN V 85 -29.65 19.13 -1.85
N MET V 86 -29.96 18.98 -3.14
CA MET V 86 -29.76 17.71 -3.76
C MET V 86 -28.25 17.40 -3.86
N LEU V 87 -27.45 18.34 -4.37
CA LEU V 87 -26.02 18.10 -4.55
C LEU V 87 -25.35 17.79 -3.21
N PHE V 88 -25.77 18.46 -2.14
CA PHE V 88 -25.24 18.23 -0.83
C PHE V 88 -25.52 16.82 -0.37
N ARG V 89 -26.74 16.39 -0.59
CA ARG V 89 -27.14 15.05 -0.23
C ARG V 89 -26.24 13.98 -0.89
N TYR V 90 -25.83 14.20 -2.13
CA TYR V 90 -25.00 13.22 -2.88
C TYR V 90 -23.49 13.38 -2.65
N GLN V 91 -23.10 14.36 -1.84
CA GLN V 91 -21.79 14.43 -1.27
C GLN V 91 -20.71 14.63 -2.33
N GLY V 92 -21.04 15.36 -3.40
CA GLY V 92 -20.10 15.59 -4.50
C GLY V 92 -20.07 14.50 -5.53
N TYR V 93 -20.80 13.40 -5.36
CA TYR V 93 -20.79 12.35 -6.39
C TYR V 93 -21.54 12.64 -7.67
N ILE V 94 -22.39 13.66 -7.65
CA ILE V 94 -23.01 14.20 -8.86
C ILE V 94 -22.10 15.33 -9.27
N GLY V 95 -21.37 15.17 -10.37
CA GLY V 95 -20.35 16.12 -10.77
C GLY V 95 -20.92 17.22 -11.61
N ALA V 96 -21.79 18.04 -10.99
CA ALA V 96 -22.46 19.14 -11.67
C ALA V 96 -21.97 20.42 -11.06
N ALA V 97 -21.36 21.26 -11.88
CA ALA V 97 -20.92 22.56 -11.50
C ALA V 97 -21.71 23.54 -12.37
N LEU V 98 -22.44 24.46 -11.75
CA LEU V 98 -23.52 25.17 -12.39
C LEU V 98 -23.43 26.69 -12.22
N VAL V 99 -23.78 27.41 -13.29
CA VAL V 99 -24.02 28.84 -13.22
C VAL V 99 -25.53 29.06 -13.43
N LEU V 100 -26.20 29.51 -12.37
CA LEU V 100 -27.67 29.63 -12.32
C LEU V 100 -28.02 31.12 -12.38
N GLY V 101 -28.78 31.51 -13.40
CA GLY V 101 -29.12 32.90 -13.60
C GLY V 101 -30.57 33.06 -13.96
N GLY V 102 -31.23 34.05 -13.39
CA GLY V 102 -32.57 34.39 -13.82
C GLY V 102 -33.07 35.73 -13.37
N VAL V 103 -34.33 36.01 -13.70
CA VAL V 103 -35.01 37.21 -13.23
C VAL V 103 -36.40 36.85 -12.69
N ASP V 104 -36.68 37.31 -11.46
CA ASP V 104 -37.98 37.09 -10.79
CA ASP V 104 -37.95 37.07 -10.78
C ASP V 104 -38.55 38.38 -10.27
N VAL V 105 -39.63 38.27 -9.48
CA VAL V 105 -40.30 39.39 -8.85
C VAL V 105 -39.39 40.25 -7.98
N THR V 106 -38.31 39.68 -7.43
CA THR V 106 -37.27 40.46 -6.76
C THR V 106 -36.09 40.91 -7.66
N GLY V 107 -36.15 40.68 -8.97
CA GLY V 107 -35.09 41.13 -9.89
C GLY V 107 -34.10 40.07 -10.34
N PRO V 108 -32.96 40.52 -10.92
CA PRO V 108 -31.96 39.58 -11.42
C PRO V 108 -31.13 38.96 -10.31
N HIS V 109 -30.82 37.69 -10.47
CA HIS V 109 -30.00 36.96 -9.51
C HIS V 109 -29.09 35.96 -10.24
N LEU V 110 -27.89 35.79 -9.71
CA LEU V 110 -26.90 34.92 -10.29
C LEU V 110 -26.18 34.15 -9.20
N TYR V 111 -26.09 32.84 -9.36
CA TYR V 111 -25.39 31.99 -8.39
C TYR V 111 -24.43 31.07 -9.10
N SER V 112 -23.31 30.77 -8.46
CA SER V 112 -22.51 29.61 -8.86
C SER V 112 -22.81 28.51 -7.86
N ILE V 113 -22.90 27.28 -8.37
CA ILE V 113 -23.25 26.14 -7.54
C ILE V 113 -22.27 25.01 -7.80
N TYR V 114 -21.68 24.49 -6.74
CA TYR V 114 -20.64 23.49 -6.82
C TYR V 114 -21.15 22.06 -6.53
N PRO V 115 -20.46 21.03 -7.06
CA PRO V 115 -20.86 19.66 -6.86
C PRO V 115 -21.12 19.25 -5.42
N HIS V 116 -20.37 19.77 -4.44
CA HIS V 116 -20.63 19.36 -3.05
C HIS V 116 -21.84 20.08 -2.40
N GLY V 117 -22.39 21.07 -3.09
CA GLY V 117 -23.58 21.75 -2.67
C GLY V 117 -23.35 23.14 -2.09
N SER V 118 -22.16 23.73 -2.26
CA SER V 118 -22.00 25.11 -1.86
C SER V 118 -22.48 25.98 -3.01
N THR V 119 -23.00 27.15 -2.66
CA THR V 119 -23.36 28.16 -3.63
C THR V 119 -22.83 29.52 -3.20
N ASP V 120 -22.53 30.34 -4.20
CA ASP V 120 -22.08 31.68 -3.98
C ASP V 120 -22.94 32.58 -4.84
N LYS V 121 -23.51 33.62 -4.23
CA LYS V 121 -24.34 34.57 -4.93
C LYS V 121 -23.49 35.80 -5.25
N LEU V 122 -23.30 36.09 -6.54
CA LEU V 122 -22.28 37.05 -6.96
C LEU V 122 -22.73 37.73 -8.21
N PRO V 123 -22.12 38.87 -8.56
CA PRO V 123 -22.53 39.58 -9.79
C PRO V 123 -21.82 39.10 -11.08
N TYR V 124 -20.82 38.26 -10.92
CA TYR V 124 -20.19 37.54 -12.04
C TYR V 124 -19.45 36.30 -11.54
N VAL V 125 -19.56 35.22 -12.30
CA VAL V 125 -19.04 33.93 -11.91
C VAL V 125 -18.62 33.17 -13.14
N THR V 126 -17.70 32.22 -12.93
CA THR V 126 -17.27 31.30 -13.97
C THR V 126 -17.04 29.94 -13.36
N MET V 127 -17.17 28.93 -14.22
CA MET V 127 -16.95 27.53 -13.86
CA MET V 127 -16.92 27.55 -13.86
C MET V 127 -16.46 26.76 -15.06
N GLY V 128 -15.95 25.58 -14.80
CA GLY V 128 -15.34 24.74 -15.81
C GLY V 128 -13.82 24.84 -15.87
N SER V 129 -13.22 23.96 -16.66
CA SER V 129 -11.78 23.95 -16.85
C SER V 129 -11.21 25.28 -17.42
N GLY V 130 -12.04 26.07 -18.10
CA GLY V 130 -11.65 27.38 -18.62
C GLY V 130 -12.02 28.58 -17.75
N SER V 131 -12.39 28.31 -16.52
CA SER V 131 -13.01 29.31 -15.70
C SER V 131 -12.04 30.39 -15.23
N LEU V 132 -10.75 30.08 -15.10
CA LEU V 132 -9.82 31.15 -14.69
C LEU V 132 -9.58 32.12 -15.86
N ALA V 133 -9.54 31.62 -17.09
CA ALA V 133 -9.38 32.50 -18.26
C ALA V 133 -10.57 33.44 -18.32
N ALA V 134 -11.78 32.88 -18.20
CA ALA V 134 -13.00 33.69 -18.22
C ALA V 134 -13.03 34.66 -17.03
N MET V 135 -12.60 34.21 -15.86
CA MET V 135 -12.57 35.08 -14.69
C MET V 135 -11.59 36.23 -14.83
N ALA V 136 -10.47 35.99 -15.50
CA ALA V 136 -9.51 37.06 -15.70
C ALA V 136 -10.14 38.16 -16.54
N VAL V 137 -10.90 37.79 -17.56
CA VAL V 137 -11.60 38.78 -18.38
C VAL V 137 -12.53 39.62 -17.51
N PHE V 138 -13.32 38.95 -16.66
CA PHE V 138 -14.26 39.65 -15.76
C PHE V 138 -13.55 40.59 -14.78
N GLU V 139 -12.50 40.10 -14.10
CA GLU V 139 -11.80 40.96 -13.16
C GLU V 139 -11.23 42.21 -13.84
N ASP V 140 -10.78 42.07 -15.07
CA ASP V 140 -10.14 43.15 -15.80
C ASP V 140 -11.18 44.14 -16.35
N LYS V 141 -12.39 43.69 -16.69
CA LYS V 141 -13.36 44.49 -17.47
C LYS V 141 -14.78 44.65 -16.91
N PHE V 142 -15.20 43.86 -15.96
CA PHE V 142 -16.53 44.03 -15.43
C PHE V 142 -16.74 45.42 -14.83
N ARG V 143 -17.87 46.03 -15.12
CA ARG V 143 -18.35 47.20 -14.39
C ARG V 143 -19.78 46.89 -13.93
N PRO V 144 -20.22 47.49 -12.82
CA PRO V 144 -21.61 47.37 -12.42
C PRO V 144 -22.54 48.09 -13.41
N ASP V 145 -23.78 47.59 -13.54
CA ASP V 145 -24.82 48.25 -14.34
C ASP V 145 -24.43 48.44 -15.79
N MET V 146 -23.80 47.46 -16.38
CA MET V 146 -23.57 47.51 -17.81
C MET V 146 -24.87 47.49 -18.59
N GLU V 147 -24.82 48.07 -19.76
CA GLU V 147 -25.88 47.93 -20.75
C GLU V 147 -25.84 46.55 -21.36
N GLU V 148 -26.93 46.20 -22.02
CA GLU V 148 -27.12 44.86 -22.53
C GLU V 148 -26.02 44.45 -23.47
N GLU V 149 -25.73 45.29 -24.46
CA GLU V 149 -24.73 44.94 -25.45
C GLU V 149 -23.29 44.86 -24.87
N GLU V 150 -22.97 45.71 -23.90
CA GLU V 150 -21.70 45.66 -23.19
C GLU V 150 -21.57 44.32 -22.50
N ALA V 151 -22.60 43.96 -21.71
CA ALA V 151 -22.62 42.69 -20.98
C ALA V 151 -22.49 41.47 -21.89
N LYS V 152 -23.11 41.53 -23.06
CA LYS V 152 -23.01 40.47 -24.04
C LYS V 152 -21.59 40.35 -24.59
N ASN V 153 -21.01 41.49 -24.96
CA ASN V 153 -19.59 41.57 -25.32
C ASN V 153 -18.64 40.98 -24.28
N LEU V 154 -18.82 41.36 -23.01
CA LEU V 154 -17.96 40.94 -21.95
C LEU V 154 -18.03 39.45 -21.74
N VAL V 155 -19.24 38.90 -21.72
CA VAL V 155 -19.42 37.48 -21.57
C VAL V 155 -18.83 36.70 -22.74
N SER V 156 -19.02 37.15 -23.96
CA SER V 156 -18.48 36.37 -25.06
C SER V 156 -16.95 36.47 -25.09
N GLU V 157 -16.39 37.61 -24.70
CA GLU V 157 -14.96 37.74 -24.53
C GLU V 157 -14.43 36.74 -23.49
N ALA V 158 -15.18 36.58 -22.40
CA ALA V 158 -14.78 35.69 -21.35
C ALA V 158 -14.80 34.23 -21.79
N ILE V 159 -15.85 33.85 -22.50
CA ILE V 159 -15.96 32.49 -23.03
C ILE V 159 -14.85 32.26 -24.08
N ALA V 160 -14.59 33.25 -24.91
CA ALA V 160 -13.52 33.13 -25.89
C ALA V 160 -12.14 32.90 -25.22
N ALA V 161 -11.87 33.60 -24.12
CA ALA V 161 -10.64 33.42 -23.35
C ALA V 161 -10.48 31.95 -22.98
N GLY V 162 -11.59 31.35 -22.54
CA GLY V 162 -11.63 29.92 -22.21
C GLY V 162 -11.39 29.02 -23.40
N ILE V 163 -12.08 29.33 -24.50
CA ILE V 163 -12.03 28.56 -25.76
C ILE V 163 -10.61 28.44 -26.31
N PHE V 164 -9.88 29.53 -26.25
CA PHE V 164 -8.54 29.60 -26.87
C PHE V 164 -7.40 29.23 -25.94
N ASN V 165 -7.60 29.35 -24.64
CA ASN V 165 -6.57 29.00 -23.63
C ASN V 165 -6.77 27.70 -22.85
N ASP V 166 -7.90 27.03 -23.01
CA ASP V 166 -8.18 25.77 -22.30
C ASP V 166 -8.42 24.70 -23.33
N LEU V 167 -7.61 23.65 -23.29
CA LEU V 167 -7.79 22.52 -24.20
C LEU V 167 -9.12 21.77 -23.96
N GLY V 168 -9.68 21.91 -22.76
CA GLY V 168 -11.00 21.39 -22.48
C GLY V 168 -12.18 22.18 -23.02
N SER V 169 -11.93 23.36 -23.64
CA SER V 169 -12.97 24.24 -24.16
C SER V 169 -12.78 24.51 -25.62
N GLY V 170 -13.88 24.72 -26.32
CA GLY V 170 -13.79 25.00 -27.76
C GLY V 170 -15.08 25.25 -28.52
N SER V 171 -14.89 25.37 -29.84
CA SER V 171 -15.99 25.50 -30.81
C SER V 171 -16.74 26.83 -30.58
N ASN V 172 -18.04 26.82 -30.30
CA ASN V 172 -18.85 28.04 -30.44
C ASN V 172 -19.06 28.74 -29.12
N ILE V 173 -19.56 29.97 -29.19
CA ILE V 173 -20.05 30.70 -28.02
C ILE V 173 -21.57 30.77 -28.08
N ASP V 174 -22.25 30.19 -27.08
CA ASP V 174 -23.69 30.38 -26.84
C ASP V 174 -23.88 31.44 -25.73
N LEU V 175 -24.82 32.36 -25.94
CA LEU V 175 -25.32 33.25 -24.89
C LEU V 175 -26.83 33.04 -24.58
N CYS V 176 -27.20 33.39 -23.36
CA CYS V 176 -28.62 33.57 -22.98
C CYS V 176 -28.78 34.90 -22.26
N VAL V 177 -29.64 35.78 -22.79
CA VAL V 177 -29.96 37.06 -22.20
C VAL V 177 -31.34 37.05 -21.59
N ILE V 178 -31.44 37.39 -20.30
CA ILE V 178 -32.69 37.31 -19.55
C ILE V 178 -32.89 38.66 -18.89
N SER V 179 -34.01 39.32 -19.20
CA SER V 179 -34.48 40.51 -18.46
C SER V 179 -35.96 40.32 -18.10
N LYS V 180 -36.52 41.28 -17.38
CA LYS V 180 -37.98 41.36 -17.11
C LYS V 180 -38.81 41.25 -18.39
N ASN V 181 -38.33 41.83 -19.48
CA ASN V 181 -39.09 41.91 -20.73
C ASN V 181 -38.77 40.92 -21.85
N LYS V 182 -37.72 40.13 -21.68
CA LYS V 182 -37.09 39.46 -22.81
C LYS V 182 -36.32 38.21 -22.40
N LEU V 183 -36.37 37.21 -23.27
CA LEU V 183 -35.47 36.10 -23.24
C LEU V 183 -34.87 35.82 -24.63
N ASP V 184 -33.57 36.08 -24.78
CA ASP V 184 -32.84 35.79 -26.01
C ASP V 184 -31.86 34.64 -25.78
N PHE V 185 -32.18 33.47 -26.31
CA PHE V 185 -31.36 32.29 -26.26
C PHE V 185 -30.66 32.34 -27.60
N LEU V 186 -29.38 32.70 -27.57
CA LEU V 186 -28.58 32.94 -28.75
C LEU V 186 -27.59 31.78 -28.91
N ARG V 187 -28.02 30.76 -29.68
CA ARG V 187 -27.22 29.54 -29.94
C ARG V 187 -27.13 29.27 -31.46
N PRO V 188 -25.97 29.44 -32.12
CA PRO V 188 -24.73 30.04 -31.58
C PRO V 188 -24.81 31.58 -31.54
N TYR V 189 -24.19 32.21 -30.56
CA TYR V 189 -23.93 33.64 -30.61
C TYR V 189 -22.77 33.95 -31.57
N THR V 190 -21.66 33.22 -31.44
CA THR V 190 -20.44 33.34 -32.30
C THR V 190 -19.86 31.98 -32.66
N VAL V 191 -19.19 31.92 -33.80
CA VAL V 191 -18.58 30.68 -34.28
C VAL V 191 -17.15 31.04 -34.58
N PRO V 192 -16.31 31.22 -33.54
CA PRO V 192 -14.90 31.59 -33.80
C PRO V 192 -14.04 30.50 -34.49
N ASN V 193 -14.52 29.27 -34.52
CA ASN V 193 -13.74 28.15 -35.03
C ASN V 193 -14.42 27.43 -36.18
N LYS V 194 -13.63 27.10 -37.17
CA LYS V 194 -14.14 26.51 -38.41
C LYS V 194 -13.16 25.43 -38.88
N LYS V 195 -13.68 24.27 -39.27
CA LYS V 195 -12.85 23.17 -39.83
C LYS V 195 -12.26 23.67 -41.12
N GLY V 196 -10.97 23.43 -41.33
CA GLY V 196 -10.32 23.78 -42.59
C GLY V 196 -10.97 23.08 -43.78
N THR V 197 -10.82 23.68 -44.97
CA THR V 197 -11.57 23.24 -46.15
C THR V 197 -10.88 22.06 -46.87
N ARG V 198 -11.66 21.00 -47.14
CA ARG V 198 -11.12 19.67 -47.53
C ARG V 198 -10.46 19.73 -48.91
N LEU V 199 -9.12 19.65 -48.92
CA LEU V 199 -8.31 19.87 -50.14
C LEU V 199 -8.38 18.76 -51.18
N GLY V 200 -8.49 17.50 -50.75
CA GLY V 200 -8.51 16.37 -51.68
C GLY V 200 -9.92 15.81 -51.81
N ARG V 201 -10.22 15.32 -53.01
CA ARG V 201 -11.40 14.47 -53.23
C ARG V 201 -11.00 13.01 -53.07
N TYR V 202 -11.82 12.24 -52.37
CA TYR V 202 -11.60 10.82 -52.16
C TYR V 202 -12.67 10.00 -52.89
N ARG V 203 -13.15 10.50 -54.03
CA ARG V 203 -14.39 10.01 -54.65
C ARG V 203 -14.36 8.46 -54.68
N CYS V 204 -14.95 7.82 -53.64
CA CYS V 204 -14.93 6.35 -53.49
C CYS V 204 -16.07 5.76 -54.33
N GLU V 205 -15.72 5.23 -55.50
CA GLU V 205 -16.70 4.70 -56.45
C GLU V 205 -17.49 3.48 -55.92
N LYS V 206 -18.66 3.22 -56.51
CA LYS V 206 -19.47 2.02 -56.20
C LYS V 206 -18.65 0.76 -56.53
N GLY V 207 -18.56 -0.19 -55.58
CA GLY V 207 -17.80 -1.44 -55.76
C GLY V 207 -16.38 -1.45 -55.23
N THR V 208 -15.91 -0.27 -54.80
CA THR V 208 -14.67 -0.09 -54.05
C THR V 208 -14.60 -0.99 -52.81
N THR V 209 -15.70 -1.05 -52.07
CA THR V 209 -15.85 -1.92 -50.91
C THR V 209 -16.35 -3.29 -51.37
N ALA V 210 -15.56 -4.33 -51.17
CA ALA V 210 -15.97 -5.68 -51.53
C ALA V 210 -17.00 -6.22 -50.53
N VAL V 211 -18.03 -6.89 -51.04
CA VAL V 211 -19.14 -7.35 -50.21
C VAL V 211 -19.22 -8.87 -50.23
N LEU V 212 -19.31 -9.50 -49.05
CA LEU V 212 -19.43 -10.98 -48.93
C LEU V 212 -20.88 -11.50 -49.00
N THR V 213 -21.80 -10.72 -48.45
CA THR V 213 -23.14 -11.15 -48.10
C THR V 213 -24.07 -9.98 -48.24
N GLU V 214 -25.29 -10.23 -48.72
CA GLU V 214 -26.29 -9.17 -48.81
C GLU V 214 -27.73 -9.71 -48.60
N LYS V 215 -28.54 -8.90 -47.92
CA LYS V 215 -29.93 -9.17 -47.68
C LYS V 215 -30.69 -7.84 -47.77
N ILE V 216 -31.61 -7.77 -48.72
CA ILE V 216 -32.55 -6.66 -48.79
C ILE V 216 -33.82 -7.10 -48.06
N THR V 217 -34.30 -6.28 -47.14
CA THR V 217 -35.59 -6.44 -46.48
C THR V 217 -36.48 -5.23 -46.84
N PRO V 218 -37.50 -5.44 -47.69
CA PRO V 218 -38.40 -4.31 -48.04
C PRO V 218 -39.34 -3.94 -46.89
N LEU V 219 -39.75 -2.67 -46.81
CA LEU V 219 -40.67 -2.16 -45.77
C LEU V 219 -41.92 -1.48 -46.37
N GLU V 220 -43.02 -1.37 -45.60
CA GLU V 220 -44.36 -0.92 -46.09
C GLU V 220 -44.69 0.52 -45.67
N SER W 2 -8.36 -1.92 -18.54
CA SER W 2 -9.66 -1.18 -18.82
C SER W 2 -10.80 -2.13 -19.10
N ILE W 3 -11.90 -1.95 -18.36
CA ILE W 3 -13.07 -2.82 -18.48
C ILE W 3 -13.62 -2.87 -19.91
N MET W 4 -13.57 -1.75 -20.64
CA MET W 4 -14.13 -1.66 -21.99
C MET W 4 -13.22 -2.25 -23.06
N SER W 5 -11.95 -2.51 -22.78
CA SER W 5 -11.17 -3.23 -23.76
C SER W 5 -11.16 -4.76 -23.55
N TYR W 6 -11.89 -5.26 -22.57
CA TYR W 6 -11.81 -6.71 -22.23
C TYR W 6 -12.27 -7.57 -23.40
N ASN W 7 -13.40 -7.18 -24.01
CA ASN W 7 -13.90 -7.83 -25.23
C ASN W 7 -13.58 -7.10 -26.54
N GLY W 8 -13.26 -5.83 -26.47
CA GLY W 8 -12.97 -5.06 -27.64
C GLY W 8 -14.23 -4.67 -28.35
N GLY W 9 -14.11 -4.18 -29.57
CA GLY W 9 -15.24 -3.99 -30.44
C GLY W 9 -15.43 -2.54 -30.83
N ALA W 10 -16.18 -2.36 -31.91
CA ALA W 10 -16.42 -1.04 -32.47
C ALA W 10 -17.77 -0.95 -33.15
N VAL W 11 -18.47 0.16 -32.92
CA VAL W 11 -19.67 0.48 -33.67
C VAL W 11 -19.61 1.95 -34.10
N MET W 12 -20.35 2.24 -35.17
CA MET W 12 -20.51 3.62 -35.64
C MET W 12 -21.83 3.77 -36.37
N ALA W 13 -22.35 4.99 -36.40
CA ALA W 13 -23.46 5.33 -37.27
C ALA W 13 -23.18 6.64 -38.03
N MET W 14 -23.87 6.81 -39.15
CA MET W 14 -23.60 7.87 -40.09
C MET W 14 -24.87 8.28 -40.83
N LYS W 15 -25.05 9.60 -40.93
CA LYS W 15 -26.18 10.21 -41.60
C LYS W 15 -25.90 10.52 -43.07
N GLY W 16 -26.90 10.28 -43.92
CA GLY W 16 -26.96 10.78 -45.31
C GLY W 16 -28.26 11.52 -45.62
N LYS W 17 -28.47 11.69 -46.93
N LYS W 17 -28.60 11.72 -46.89
CA LYS W 17 -29.69 12.23 -47.54
CA LYS W 17 -29.73 12.62 -47.25
C LYS W 17 -30.69 11.09 -47.61
C LYS W 17 -31.09 12.38 -46.54
N ASN W 18 -31.69 11.22 -46.79
CA ASN W 18 -32.90 10.60 -46.31
C ASN W 18 -32.63 9.13 -45.94
N CYS W 19 -31.43 8.88 -45.41
CA CYS W 19 -31.03 7.54 -45.03
C CYS W 19 -30.02 7.65 -43.89
N VAL W 20 -29.84 6.54 -43.18
CA VAL W 20 -28.80 6.42 -42.15
C VAL W 20 -28.14 5.05 -42.29
N ALA W 21 -26.94 4.93 -41.71
CA ALA W 21 -26.17 3.70 -41.75
C ALA W 21 -25.65 3.41 -40.36
N ILE W 22 -25.54 2.14 -40.03
CA ILE W 22 -24.96 1.73 -38.78
C ILE W 22 -24.13 0.48 -39.06
N ALA W 23 -22.96 0.37 -38.40
CA ALA W 23 -22.01 -0.68 -38.68
C ALA W 23 -21.32 -1.17 -37.40
N ALA W 24 -20.81 -2.40 -37.45
CA ALA W 24 -20.13 -2.98 -36.31
C ALA W 24 -19.13 -4.02 -36.73
N ASP W 25 -18.11 -4.21 -35.94
CA ASP W 25 -17.25 -5.35 -36.14
C ASP W 25 -17.97 -6.58 -35.64
N ARG W 26 -17.42 -7.76 -35.91
CA ARG W 26 -18.09 -9.02 -35.61
CA ARG W 26 -18.08 -9.04 -35.65
C ARG W 26 -17.40 -9.93 -34.57
N ARG W 27 -16.23 -9.55 -34.11
CA ARG W 27 -15.45 -10.34 -33.12
C ARG W 27 -16.11 -10.40 -31.75
N PHE W 28 -16.16 -11.59 -31.16
CA PHE W 28 -16.35 -11.75 -29.73
C PHE W 28 -15.06 -12.42 -29.28
N GLY W 29 -14.33 -11.72 -28.42
CA GLY W 29 -13.08 -12.20 -27.91
C GLY W 29 -12.97 -11.81 -26.44
N ILE W 30 -12.10 -12.54 -25.74
CA ILE W 30 -11.83 -12.37 -24.35
C ILE W 30 -10.31 -12.09 -24.24
N GLN W 31 -9.98 -10.82 -23.95
CA GLN W 31 -8.62 -10.31 -24.05
C GLN W 31 -8.01 -10.70 -25.40
N ALA W 32 -6.91 -11.45 -25.42
CA ALA W 32 -6.27 -11.75 -26.69
C ALA W 32 -7.06 -12.76 -27.54
N GLN W 33 -7.82 -13.62 -26.88
CA GLN W 33 -8.41 -14.76 -27.56
C GLN W 33 -9.74 -14.44 -28.28
N MET W 34 -9.75 -14.63 -29.59
CA MET W 34 -11.01 -14.64 -30.34
C MET W 34 -11.77 -15.92 -29.98
N VAL W 35 -13.06 -15.77 -29.71
CA VAL W 35 -13.95 -16.89 -29.37
C VAL W 35 -14.88 -17.19 -30.55
N THR W 36 -15.41 -16.16 -31.15
CA THR W 36 -16.38 -16.27 -32.20
C THR W 36 -16.23 -15.06 -33.15
N THR W 37 -16.64 -15.23 -34.42
CA THR W 37 -16.57 -14.18 -35.39
C THR W 37 -17.90 -13.71 -35.98
N ASP W 38 -19.02 -14.01 -35.31
CA ASP W 38 -20.35 -13.59 -35.80
C ASP W 38 -21.18 -13.08 -34.65
N PHE W 39 -20.58 -12.29 -33.76
CA PHE W 39 -21.24 -11.84 -32.57
C PHE W 39 -22.06 -10.59 -32.86
N GLN W 40 -23.34 -10.63 -32.50
CA GLN W 40 -24.27 -9.54 -32.79
C GLN W 40 -24.11 -8.35 -31.83
N LYS W 41 -23.94 -7.16 -32.41
CA LYS W 41 -23.80 -5.91 -31.69
C LYS W 41 -24.80 -4.85 -32.08
N ILE W 42 -25.50 -5.03 -33.20
CA ILE W 42 -26.52 -4.10 -33.68
C ILE W 42 -27.86 -4.84 -33.62
N PHE W 43 -28.84 -4.18 -33.01
CA PHE W 43 -30.17 -4.79 -32.68
C PHE W 43 -31.27 -3.90 -33.16
N PRO W 44 -32.28 -4.48 -33.82
CA PRO W 44 -33.38 -3.67 -34.34
C PRO W 44 -34.27 -3.24 -33.20
N MET W 45 -34.65 -1.98 -33.19
CA MET W 45 -35.58 -1.43 -32.22
C MET W 45 -36.81 -0.89 -32.94
N GLY W 46 -37.03 -1.37 -34.16
CA GLY W 46 -38.14 -0.92 -34.99
C GLY W 46 -37.73 -1.13 -36.42
N ASP W 47 -38.70 -0.97 -37.31
CA ASP W 47 -38.50 -1.25 -38.71
C ASP W 47 -37.35 -0.41 -39.24
N ARG W 48 -37.27 0.86 -38.80
CA ARG W 48 -36.28 1.81 -39.31
C ARG W 48 -35.42 2.44 -38.18
N LEU W 49 -35.14 1.65 -37.15
CA LEU W 49 -34.51 2.17 -35.95
C LEU W 49 -33.69 1.08 -35.33
N TYR W 50 -32.38 1.31 -35.25
CA TYR W 50 -31.41 0.30 -34.81
C TYR W 50 -30.48 0.90 -33.72
N ILE W 51 -30.06 0.05 -32.78
CA ILE W 51 -29.11 0.46 -31.74
C ILE W 51 -27.89 -0.43 -31.89
N GLY W 52 -26.71 0.18 -31.86
CA GLY W 52 -25.47 -0.55 -31.83
C GLY W 52 -24.75 -0.37 -30.49
N LEU W 53 -24.21 -1.44 -29.94
CA LEU W 53 -23.59 -1.38 -28.61
C LEU W 53 -22.19 -1.96 -28.66
N ALA W 54 -21.20 -1.18 -28.26
CA ALA W 54 -19.88 -1.70 -28.03
C ALA W 54 -19.61 -1.63 -26.54
N GLY W 55 -18.66 -2.43 -26.09
CA GLY W 55 -18.20 -2.44 -24.69
C GLY W 55 -18.18 -3.86 -24.21
N LEU W 56 -18.48 -4.04 -22.94
CA LEU W 56 -18.42 -5.35 -22.33
C LEU W 56 -19.57 -6.21 -22.87
N ALA W 57 -19.24 -7.38 -23.44
CA ALA W 57 -20.20 -8.18 -24.19
C ALA W 57 -21.44 -8.58 -23.34
N THR W 58 -21.23 -8.94 -22.11
CA THR W 58 -22.35 -9.20 -21.23
C THR W 58 -23.36 -8.05 -21.11
N ASP W 59 -22.85 -6.82 -21.00
CA ASP W 59 -23.71 -5.61 -20.93
C ASP W 59 -24.33 -5.17 -22.28
N VAL W 60 -23.63 -5.43 -23.37
CA VAL W 60 -24.19 -5.26 -24.74
C VAL W 60 -25.49 -5.99 -24.85
N GLN W 61 -25.45 -7.25 -24.45
CA GLN W 61 -26.62 -8.12 -24.49
C GLN W 61 -27.69 -7.70 -23.50
N THR W 62 -27.30 -7.45 -22.24
CA THR W 62 -28.26 -7.10 -21.21
C THR W 62 -29.03 -5.79 -21.52
N VAL W 63 -28.29 -4.78 -21.92
CA VAL W 63 -28.88 -3.51 -22.26
C VAL W 63 -29.83 -3.67 -23.47
N ALA W 64 -29.37 -4.40 -24.49
CA ALA W 64 -30.21 -4.64 -25.66
C ALA W 64 -31.56 -5.31 -25.27
N GLN W 65 -31.47 -6.32 -24.41
CA GLN W 65 -32.65 -7.11 -23.97
C GLN W 65 -33.55 -6.31 -23.07
N ARG W 66 -32.96 -5.59 -22.13
CA ARG W 66 -33.73 -4.77 -21.21
C ARG W 66 -34.37 -3.56 -21.90
N LEU W 67 -33.65 -2.99 -22.85
CA LEU W 67 -34.22 -1.92 -23.64
C LEU W 67 -35.41 -2.44 -24.44
N LYS W 68 -35.26 -3.62 -25.04
CA LYS W 68 -36.36 -4.23 -25.80
C LYS W 68 -37.61 -4.47 -24.94
N PHE W 69 -37.40 -4.94 -23.70
CA PHE W 69 -38.46 -5.09 -22.72
C PHE W 69 -39.22 -3.78 -22.59
N ARG W 70 -38.50 -2.71 -22.32
CA ARG W 70 -39.10 -1.39 -22.14
C ARG W 70 -39.78 -0.85 -23.38
N LEU W 71 -39.17 -1.07 -24.54
CA LEU W 71 -39.73 -0.63 -25.80
C LEU W 71 -41.05 -1.35 -26.18
N ASN W 72 -41.07 -2.65 -26.01
CA ASN W 72 -42.27 -3.42 -26.33
C ASN W 72 -43.44 -2.95 -25.50
N LEU W 73 -43.20 -2.64 -24.23
CA LEU W 73 -44.26 -2.18 -23.36
C LEU W 73 -44.72 -0.79 -23.76
N TYR W 74 -43.74 0.09 -24.04
CA TYR W 74 -44.01 1.42 -24.60
C TYR W 74 -44.91 1.35 -25.84
N GLU W 75 -44.57 0.50 -26.80
CA GLU W 75 -45.30 0.44 -28.05
C GLU W 75 -46.69 -0.16 -27.93
N LEU W 76 -46.85 -1.19 -27.10
CA LEU W 76 -48.17 -1.77 -26.81
C LEU W 76 -49.10 -0.78 -26.14
N LYS W 77 -48.54 0.03 -25.25
CA LYS W 77 -49.30 1.00 -24.48
C LYS W 77 -49.63 2.30 -25.25
N GLU W 78 -48.65 2.79 -26.01
CA GLU W 78 -48.82 3.95 -26.80
C GLU W 78 -49.51 3.49 -28.10
N GLY W 79 -49.86 4.41 -28.94
CA GLY W 79 -50.42 3.95 -30.21
C GLY W 79 -49.54 3.25 -31.22
N ARG W 80 -48.24 3.18 -31.01
CA ARG W 80 -47.35 3.56 -32.11
C ARG W 80 -45.93 3.15 -32.01
N GLN W 81 -45.24 3.24 -33.14
CA GLN W 81 -43.79 2.99 -33.14
C GLN W 81 -43.02 4.16 -32.51
N ILE W 82 -42.05 3.86 -31.67
CA ILE W 82 -41.26 4.92 -31.01
C ILE W 82 -40.47 5.79 -32.01
N LYS W 83 -40.41 7.09 -31.72
CA LYS W 83 -39.52 8.01 -32.40
C LYS W 83 -38.03 7.85 -31.96
N PRO W 84 -37.07 8.09 -32.90
CA PRO W 84 -35.64 7.99 -32.63
C PRO W 84 -35.20 8.76 -31.37
N TYR W 85 -35.57 10.04 -31.29
CA TYR W 85 -35.23 10.90 -30.17
C TYR W 85 -35.82 10.34 -28.82
N THR W 86 -37.03 9.77 -28.89
CA THR W 86 -37.63 9.16 -27.72
C THR W 86 -36.90 7.89 -27.31
N LEU W 87 -36.48 7.08 -28.26
CA LEU W 87 -35.63 5.91 -27.93
C LEU W 87 -34.31 6.31 -27.23
N MET W 88 -33.65 7.33 -27.74
CA MET W 88 -32.48 7.87 -27.06
C MET W 88 -32.77 8.21 -25.61
N SER W 89 -33.87 8.88 -25.37
CA SER W 89 -34.24 9.29 -24.00
C SER W 89 -34.57 8.11 -23.10
N MET W 90 -35.24 7.12 -23.65
CA MET W 90 -35.48 5.81 -23.00
C MET W 90 -34.17 5.13 -22.58
N VAL W 91 -33.21 5.07 -23.50
CA VAL W 91 -31.88 4.48 -23.26
C VAL W 91 -31.13 5.30 -22.20
N ALA W 92 -31.13 6.62 -22.32
CA ALA W 92 -30.48 7.49 -21.34
C ALA W 92 -30.96 7.20 -19.94
N ASN W 93 -32.30 7.10 -19.81
CA ASN W 93 -32.94 6.92 -18.54
C ASN W 93 -32.51 5.61 -17.96
N LEU W 94 -32.51 4.56 -18.80
CA LEU W 94 -32.04 3.22 -18.41
C LEU W 94 -30.59 3.19 -17.89
N LEU W 95 -29.68 3.83 -18.62
CA LEU W 95 -28.28 3.83 -18.26
C LEU W 95 -28.02 4.65 -17.00
N TYR W 96 -28.71 5.78 -16.85
CA TYR W 96 -28.51 6.65 -15.72
C TYR W 96 -29.07 6.06 -14.42
N GLU W 97 -30.04 5.16 -14.52
CA GLU W 97 -30.47 4.41 -13.34
C GLU W 97 -29.31 3.69 -12.67
N LYS W 98 -28.35 3.24 -13.46
CA LYS W 98 -27.17 2.58 -12.95
C LYS W 98 -25.99 3.54 -12.84
N ARG W 99 -26.27 4.82 -12.52
CA ARG W 99 -25.25 5.86 -12.44
C ARG W 99 -24.05 5.46 -11.58
N PHE W 100 -24.31 4.82 -10.46
CA PHE W 100 -23.25 4.48 -9.54
C PHE W 100 -22.76 3.01 -9.62
N GLY W 101 -23.17 2.29 -10.66
CA GLY W 101 -22.70 0.93 -10.96
C GLY W 101 -23.08 0.61 -12.38
N PRO W 102 -22.48 1.31 -13.33
CA PRO W 102 -23.04 1.33 -14.67
C PRO W 102 -22.87 0.07 -15.48
N TYR W 103 -23.70 -0.07 -16.51
CA TYR W 103 -23.45 -1.03 -17.56
C TYR W 103 -22.26 -0.46 -18.33
N TYR W 104 -21.36 -1.33 -18.77
CA TYR W 104 -20.14 -0.90 -19.48
C TYR W 104 -20.37 -1.01 -20.98
N THR W 105 -21.26 -0.17 -21.47
CA THR W 105 -21.60 -0.15 -22.89
C THR W 105 -21.97 1.26 -23.29
N GLU W 106 -21.57 1.65 -24.50
CA GLU W 106 -21.79 3.01 -25.01
C GLU W 106 -22.48 2.93 -26.38
N PRO W 107 -23.81 3.01 -26.39
CA PRO W 107 -24.51 2.77 -27.65
C PRO W 107 -24.49 3.89 -28.67
N VAL W 108 -24.66 3.52 -29.92
CA VAL W 108 -25.06 4.46 -30.93
C VAL W 108 -26.45 4.05 -31.44
N ILE W 109 -27.25 5.04 -31.82
CA ILE W 109 -28.58 4.78 -32.39
C ILE W 109 -28.66 5.41 -33.78
N ALA W 110 -29.24 4.68 -34.73
CA ALA W 110 -29.46 5.17 -36.10
C ALA W 110 -30.86 4.81 -36.53
N GLY W 111 -31.59 5.79 -37.04
CA GLY W 111 -32.84 5.50 -37.64
C GLY W 111 -33.51 6.63 -38.36
N LEU W 112 -34.70 6.34 -38.88
CA LEU W 112 -35.56 7.29 -39.54
C LEU W 112 -36.85 7.47 -38.73
N ASP W 113 -37.32 8.72 -38.60
CA ASP W 113 -38.59 8.96 -37.93
C ASP W 113 -39.74 8.15 -38.57
N PRO W 114 -40.50 7.37 -37.76
CA PRO W 114 -41.52 6.46 -38.34
C PRO W 114 -42.64 7.13 -39.11
N LYS W 115 -42.87 8.43 -38.89
CA LYS W 115 -43.88 9.19 -39.66
C LYS W 115 -43.21 10.05 -40.74
N THR W 116 -42.21 10.85 -40.37
CA THR W 116 -41.61 11.84 -41.29
C THR W 116 -40.37 11.29 -42.07
N PHE W 117 -39.82 10.15 -41.63
CA PHE W 117 -38.64 9.52 -42.28
C PHE W 117 -37.37 10.38 -42.26
N LYS W 118 -37.32 11.35 -41.35
CA LYS W 118 -36.14 12.21 -41.19
C LYS W 118 -35.00 11.41 -40.55
N PRO W 119 -33.76 11.55 -41.06
CA PRO W 119 -32.62 10.81 -40.47
C PRO W 119 -32.27 11.22 -39.04
N PHE W 120 -31.94 10.24 -38.21
CA PHE W 120 -31.50 10.53 -36.83
C PHE W 120 -30.32 9.67 -36.49
N ILE W 121 -29.32 10.24 -35.86
CA ILE W 121 -28.23 9.48 -35.21
C ILE W 121 -27.80 10.13 -33.91
N CYS W 122 -27.36 9.31 -32.97
CA CYS W 122 -26.88 9.79 -31.70
C CYS W 122 -25.99 8.76 -31.07
N SER W 123 -25.34 9.14 -29.99
CA SER W 123 -24.63 8.18 -29.20
C SER W 123 -24.82 8.57 -27.75
N LEU W 124 -24.51 7.63 -26.85
CA LEU W 124 -24.56 7.92 -25.44
C LEU W 124 -23.39 7.31 -24.70
N ASP W 125 -22.95 7.94 -23.64
CA ASP W 125 -21.86 7.37 -22.81
C ASP W 125 -22.50 6.38 -21.85
N LEU W 126 -21.67 5.74 -21.04
CA LEU W 126 -22.14 4.59 -20.28
C LEU W 126 -23.15 4.93 -19.20
N ILE W 127 -23.20 6.19 -18.79
CA ILE W 127 -24.23 6.66 -17.83
C ILE W 127 -25.34 7.50 -18.47
N GLY W 128 -25.47 7.45 -19.77
CA GLY W 128 -26.68 7.96 -20.44
C GLY W 128 -26.67 9.43 -20.86
N CYS W 129 -25.51 10.05 -21.03
CA CYS W 129 -25.43 11.39 -21.63
C CYS W 129 -25.78 11.26 -23.10
N PRO W 130 -26.84 11.95 -23.56
CA PRO W 130 -27.14 11.80 -24.98
C PRO W 130 -26.40 12.83 -25.85
N MET W 131 -25.91 12.39 -27.00
CA MET W 131 -25.27 13.29 -27.95
C MET W 131 -25.82 13.05 -29.36
N VAL W 132 -26.59 14.00 -29.89
CA VAL W 132 -27.14 13.96 -31.25
C VAL W 132 -26.18 14.70 -32.19
N THR W 133 -25.90 14.15 -33.37
CA THR W 133 -25.09 14.85 -34.38
C THR W 133 -25.73 14.78 -35.74
N ASP W 134 -25.35 15.72 -36.60
CA ASP W 134 -25.78 15.68 -37.99
C ASP W 134 -24.85 14.94 -38.94
N ASP W 135 -23.77 14.32 -38.43
CA ASP W 135 -22.78 13.67 -39.34
C ASP W 135 -22.50 12.18 -39.04
N PHE W 136 -21.86 11.92 -37.92
CA PHE W 136 -21.50 10.57 -37.52
C PHE W 136 -21.25 10.52 -36.02
N VAL W 137 -21.24 9.29 -35.51
CA VAL W 137 -20.94 8.99 -34.13
C VAL W 137 -20.20 7.69 -34.14
N VAL W 138 -19.33 7.51 -33.13
CA VAL W 138 -18.49 6.32 -33.03
C VAL W 138 -18.35 5.87 -31.58
N SER W 139 -18.10 4.58 -31.38
CA SER W 139 -17.97 4.07 -30.02
C SER W 139 -17.20 2.78 -30.05
N GLY W 140 -16.15 2.66 -29.23
CA GLY W 140 -15.45 1.38 -29.11
C GLY W 140 -13.97 1.52 -28.87
N THR W 141 -13.23 0.41 -28.88
CA THR W 141 -11.78 0.45 -28.60
C THR W 141 -10.94 1.24 -29.60
N CYS W 142 -11.44 1.46 -30.79
CA CYS W 142 -10.70 2.21 -31.81
C CYS W 142 -11.37 3.53 -32.18
N ALA W 143 -11.96 4.22 -31.20
CA ALA W 143 -12.66 5.46 -31.42
C ALA W 143 -11.78 6.49 -32.16
N GLU W 144 -10.51 6.58 -31.81
CA GLU W 144 -9.63 7.55 -32.45
C GLU W 144 -9.41 7.27 -33.92
N GLN W 145 -9.16 6.03 -34.23
CA GLN W 145 -9.09 5.57 -35.61
C GLN W 145 -10.39 5.89 -36.37
N MET W 146 -11.53 5.59 -35.74
CA MET W 146 -12.81 5.84 -36.34
C MET W 146 -13.02 7.34 -36.56
N TYR W 147 -12.73 8.18 -35.56
CA TYR W 147 -12.81 9.64 -35.74
C TYR W 147 -11.92 10.12 -36.90
N GLY W 148 -10.72 9.56 -37.03
CA GLY W 148 -9.83 9.96 -38.12
C GLY W 148 -10.48 9.68 -39.49
N MET W 149 -11.06 8.49 -39.65
CA MET W 149 -11.64 8.10 -40.91
C MET W 149 -12.89 8.90 -41.22
N CYS W 150 -13.76 9.09 -40.22
CA CYS W 150 -15.02 9.82 -40.39
C CYS W 150 -14.79 11.32 -40.67
N GLU W 151 -13.89 11.95 -39.92
CA GLU W 151 -13.59 13.36 -40.19
C GLU W 151 -13.05 13.56 -41.58
N SER W 152 -12.33 12.58 -42.11
CA SER W 152 -11.70 12.75 -43.41
C SER W 152 -12.60 12.41 -44.61
N LEU W 153 -13.56 11.49 -44.45
CA LEU W 153 -14.34 10.95 -45.55
C LEU W 153 -15.80 11.44 -45.57
N TRP W 154 -16.43 11.64 -44.42
CA TRP W 154 -17.85 11.99 -44.41
C TRP W 154 -18.11 13.30 -45.16
N GLU W 155 -19.21 13.34 -45.89
CA GLU W 155 -19.71 14.57 -46.51
C GLU W 155 -21.21 14.69 -46.31
N PRO W 156 -21.73 15.93 -46.38
CA PRO W 156 -23.19 16.09 -46.30
C PRO W 156 -23.92 15.45 -47.50
N ASN W 157 -25.19 15.10 -47.25
CA ASN W 157 -26.13 14.75 -48.31
C ASN W 157 -25.74 13.58 -49.22
N MET W 158 -25.08 12.57 -48.67
CA MET W 158 -24.71 11.40 -49.46
C MET W 158 -25.92 10.53 -49.74
N ASP W 159 -25.93 9.92 -50.91
CA ASP W 159 -26.98 8.97 -51.28
C ASP W 159 -26.67 7.62 -50.65
N PRO W 160 -27.65 6.68 -50.63
CA PRO W 160 -27.42 5.36 -50.00
C PRO W 160 -26.14 4.60 -50.41
N ASP W 161 -25.79 4.64 -51.69
CA ASP W 161 -24.57 3.98 -52.18
C ASP W 161 -23.28 4.63 -51.67
N HIS W 162 -23.25 5.98 -51.64
CA HIS W 162 -22.08 6.73 -51.20
C HIS W 162 -21.91 6.64 -49.69
N LEU W 163 -23.04 6.68 -48.98
CA LEU W 163 -23.08 6.44 -47.55
C LEU W 163 -22.56 5.07 -47.20
N PHE W 164 -22.99 4.03 -47.93
CA PHE W 164 -22.47 2.66 -47.75
C PHE W 164 -20.95 2.55 -47.89
N GLU W 165 -20.43 3.12 -48.99
CA GLU W 165 -18.96 3.10 -49.23
C GLU W 165 -18.19 3.82 -48.13
N THR W 166 -18.68 4.97 -47.70
CA THR W 166 -18.02 5.75 -46.66
C THR W 166 -17.98 5.07 -45.30
N ILE W 167 -19.11 4.49 -44.87
CA ILE W 167 -19.19 3.89 -43.55
C ILE W 167 -18.37 2.62 -43.54
N SER W 168 -18.41 1.89 -44.65
CA SER W 168 -17.60 0.68 -44.82
C SER W 168 -16.09 0.98 -44.78
N GLN W 169 -15.65 1.97 -45.53
CA GLN W 169 -14.22 2.31 -45.54
C GLN W 169 -13.77 2.87 -44.19
N ALA W 170 -14.64 3.65 -43.54
CA ALA W 170 -14.33 4.18 -42.23
C ALA W 170 -14.16 3.04 -41.22
N MET W 171 -15.10 2.09 -41.20
CA MET W 171 -14.98 0.90 -40.36
C MET W 171 -13.78 0.00 -40.64
N LEU W 172 -13.67 -0.49 -41.88
CA LEU W 172 -12.58 -1.42 -42.25
C LEU W 172 -11.17 -0.92 -41.91
N ASN W 173 -10.90 0.32 -42.28
CA ASN W 173 -9.58 0.91 -42.07
C ASN W 173 -9.31 1.30 -40.57
N ALA W 174 -10.34 1.67 -39.83
CA ALA W 174 -10.21 1.96 -38.43
C ALA W 174 -9.91 0.69 -37.65
N VAL W 175 -10.69 -0.38 -37.85
CA VAL W 175 -10.51 -1.62 -37.11
C VAL W 175 -9.22 -2.36 -37.45
N ASP W 176 -8.73 -2.16 -38.67
CA ASP W 176 -7.41 -2.69 -39.07
C ASP W 176 -6.23 -2.04 -38.36
N ARG W 177 -6.47 -0.96 -37.62
CA ARG W 177 -5.47 -0.49 -36.67
C ARG W 177 -5.75 -0.76 -35.18
N ASP W 178 -6.64 -1.71 -34.89
CA ASP W 178 -7.05 -2.07 -33.52
C ASP W 178 -6.94 -3.58 -33.35
N ALA W 179 -6.08 -4.04 -32.45
CA ALA W 179 -5.83 -5.48 -32.27
C ALA W 179 -7.07 -6.27 -31.86
N VAL W 180 -7.98 -5.65 -31.10
CA VAL W 180 -9.11 -6.34 -30.45
C VAL W 180 -10.48 -5.98 -31.06
N SER W 181 -10.46 -5.42 -32.28
CA SER W 181 -11.67 -5.22 -33.06
C SER W 181 -11.43 -5.83 -34.44
N GLY W 182 -12.53 -6.29 -35.03
CA GLY W 182 -12.57 -6.74 -36.41
C GLY W 182 -13.17 -8.13 -36.51
N MET W 183 -12.42 -9.02 -37.15
CA MET W 183 -12.89 -10.34 -37.55
C MET W 183 -14.20 -10.27 -38.34
N GLY W 184 -14.40 -9.19 -39.09
CA GLY W 184 -15.56 -9.01 -39.92
C GLY W 184 -16.20 -7.70 -39.57
N VAL W 185 -16.93 -7.13 -40.54
CA VAL W 185 -17.73 -5.93 -40.36
C VAL W 185 -19.15 -6.12 -41.00
N ILE W 186 -20.19 -5.75 -40.25
CA ILE W 186 -21.55 -5.78 -40.74
C ILE W 186 -22.06 -4.33 -40.88
N VAL W 187 -22.83 -4.07 -41.94
CA VAL W 187 -23.38 -2.73 -42.22
C VAL W 187 -24.87 -2.83 -42.56
N HIS W 188 -25.69 -2.01 -41.90
CA HIS W 188 -27.10 -1.83 -42.25
C HIS W 188 -27.30 -0.44 -42.83
N ILE W 189 -27.91 -0.36 -44.01
CA ILE W 189 -28.33 0.92 -44.58
C ILE W 189 -29.84 1.02 -44.42
N ILE W 190 -30.32 2.07 -43.77
CA ILE W 190 -31.73 2.23 -43.47
C ILE W 190 -32.33 3.30 -44.38
N GLU W 191 -33.27 2.90 -45.23
CA GLU W 191 -34.05 3.81 -46.09
C GLU W 191 -35.54 3.67 -45.78
N LYS W 192 -36.30 4.65 -46.27
CA LYS W 192 -37.77 4.69 -46.13
C LYS W 192 -38.39 3.37 -46.51
N ASP W 193 -37.99 2.85 -47.67
CA ASP W 193 -38.65 1.69 -48.27
C ASP W 193 -37.93 0.34 -48.04
N LYS W 194 -36.75 0.35 -47.44
CA LYS W 194 -36.03 -0.92 -47.27
C LYS W 194 -34.83 -0.84 -46.31
N ILE W 195 -34.44 -2.01 -45.81
CA ILE W 195 -33.17 -2.21 -45.06
C ILE W 195 -32.28 -3.09 -45.91
N THR W 196 -31.02 -2.65 -46.04
CA THR W 196 -29.98 -3.39 -46.76
C THR W 196 -28.87 -3.76 -45.77
N THR W 197 -28.63 -5.06 -45.67
CA THR W 197 -27.68 -5.62 -44.73
C THR W 197 -26.58 -6.37 -45.46
N ARG W 198 -25.32 -5.99 -45.14
CA ARG W 198 -24.16 -6.56 -45.79
C ARG W 198 -23.07 -6.91 -44.81
N THR W 199 -22.37 -8.01 -45.07
CA THR W 199 -21.10 -8.23 -44.42
C THR W 199 -20.01 -7.97 -45.47
N LEU W 200 -18.87 -7.45 -45.00
CA LEU W 200 -17.79 -6.95 -45.85
C LEU W 200 -16.65 -7.95 -45.91
N LYS W 201 -15.96 -8.01 -47.04
CA LYS W 201 -14.70 -8.71 -47.11
C LYS W 201 -13.70 -7.96 -46.23
N ALA W 202 -13.09 -8.65 -45.29
CA ALA W 202 -12.36 -7.99 -44.23
C ALA W 202 -11.23 -8.86 -43.74
N ARG W 203 -10.17 -8.22 -43.28
CA ARG W 203 -9.10 -8.93 -42.59
C ARG W 203 -9.65 -9.76 -41.43
N MET W 204 -9.10 -10.96 -41.27
CA MET W 204 -9.45 -11.89 -40.21
C MET W 204 -8.28 -12.20 -39.27
N ASP W 205 -7.47 -11.17 -38.97
CA ASP W 205 -6.36 -11.26 -37.99
C ASP W 205 -6.46 -10.23 -36.84
N MET X 1 -6.59 -28.40 -13.83
CA MET X 1 -7.58 -27.31 -14.23
C MET X 1 -8.37 -27.73 -15.43
N GLU X 2 -9.59 -27.24 -15.50
CA GLU X 2 -10.67 -27.99 -16.08
C GLU X 2 -10.78 -27.73 -17.57
N TYR X 3 -11.09 -28.75 -18.34
CA TYR X 3 -11.22 -28.61 -19.79
C TYR X 3 -12.63 -29.04 -20.21
N LEU X 4 -13.28 -28.19 -21.01
CA LEU X 4 -14.53 -28.49 -21.69
C LEU X 4 -14.34 -28.28 -23.20
N ILE X 5 -15.00 -29.13 -23.98
CA ILE X 5 -15.01 -29.03 -25.43
C ILE X 5 -16.34 -29.53 -26.01
N GLY X 6 -16.79 -28.82 -27.05
CA GLY X 6 -17.95 -29.14 -27.79
C GLY X 6 -17.70 -28.95 -29.30
N ILE X 7 -18.24 -29.89 -30.09
CA ILE X 7 -18.25 -29.84 -31.56
C ILE X 7 -19.69 -30.13 -32.06
N GLN X 8 -20.27 -29.18 -32.77
CA GLN X 8 -21.61 -29.34 -33.34
C GLN X 8 -21.49 -29.75 -34.80
N GLY X 9 -22.03 -30.91 -35.15
CA GLY X 9 -22.26 -31.31 -36.55
C GLY X 9 -23.67 -31.05 -37.05
N PRO X 10 -24.01 -31.53 -38.25
CA PRO X 10 -25.32 -31.22 -38.87
C PRO X 10 -26.55 -31.59 -38.05
N ASP X 11 -26.49 -32.74 -37.36
CA ASP X 11 -27.61 -33.29 -36.63
C ASP X 11 -27.23 -33.89 -35.26
N TYR X 12 -26.14 -33.40 -34.66
CA TYR X 12 -25.70 -33.84 -33.33
C TYR X 12 -24.74 -32.78 -32.74
N VAL X 13 -24.51 -32.84 -31.43
CA VAL X 13 -23.43 -32.12 -30.76
C VAL X 13 -22.70 -33.15 -29.94
N LEU X 14 -21.37 -33.11 -30.07
CA LEU X 14 -20.45 -33.94 -29.32
C LEU X 14 -19.81 -33.04 -28.25
N VAL X 15 -19.71 -33.54 -27.02
CA VAL X 15 -19.10 -32.82 -25.92
C VAL X 15 -18.17 -33.70 -25.11
N ALA X 16 -17.16 -33.08 -24.51
CA ALA X 16 -16.25 -33.81 -23.64
C ALA X 16 -15.70 -32.87 -22.56
N SER X 17 -15.27 -33.47 -21.47
CA SER X 17 -14.84 -32.74 -20.31
C SER X 17 -13.87 -33.60 -19.58
N ASP X 18 -12.84 -33.01 -18.94
CA ASP X 18 -11.88 -33.82 -18.16
C ASP X 18 -12.52 -34.41 -16.92
N ARG X 19 -11.86 -35.40 -16.35
CA ARG X 19 -12.43 -36.11 -15.19
C ARG X 19 -11.65 -35.95 -13.91
N VAL X 20 -10.92 -34.84 -13.80
CA VAL X 20 -10.08 -34.58 -12.66
C VAL X 20 -10.72 -33.59 -11.73
N ALA X 21 -10.65 -33.88 -10.44
CA ALA X 21 -10.98 -32.91 -9.41
C ALA X 21 -9.71 -32.73 -8.65
N ALA X 22 -9.12 -31.55 -8.78
CA ALA X 22 -7.80 -31.31 -8.18
C ALA X 22 -7.87 -30.35 -7.02
N SER X 23 -6.91 -30.44 -6.14
CA SER X 23 -6.81 -29.52 -5.03
C SER X 23 -5.34 -29.36 -4.64
N ASN X 24 -4.81 -28.15 -4.79
CA ASN X 24 -3.41 -27.83 -4.50
C ASN X 24 -2.52 -28.59 -5.49
N ILE X 25 -1.65 -29.50 -5.07
CA ILE X 25 -0.83 -30.27 -6.00
C ILE X 25 -1.35 -31.68 -6.32
N VAL X 26 -2.53 -32.08 -5.79
CA VAL X 26 -2.98 -33.47 -5.95
C VAL X 26 -4.25 -33.54 -6.76
N GLN X 27 -4.38 -34.59 -7.56
CA GLN X 27 -5.67 -34.98 -8.13
C GLN X 27 -6.36 -35.76 -6.99
N MET X 28 -7.54 -35.32 -6.57
CA MET X 28 -8.30 -35.98 -5.49
C MET X 28 -9.38 -36.95 -5.99
N LYS X 29 -9.75 -36.79 -7.25
CA LYS X 29 -10.67 -37.68 -7.93
C LYS X 29 -10.32 -37.74 -9.42
N ASP X 30 -10.37 -38.94 -10.00
CA ASP X 30 -9.99 -39.16 -11.40
C ASP X 30 -11.15 -39.60 -12.29
N ASP X 31 -12.33 -39.77 -11.70
CA ASP X 31 -13.56 -40.05 -12.44
C ASP X 31 -14.62 -38.98 -12.20
N HIS X 32 -14.22 -37.73 -12.14
CA HIS X 32 -15.14 -36.63 -11.95
C HIS X 32 -15.94 -36.37 -13.23
N ASP X 33 -17.21 -36.01 -13.08
CA ASP X 33 -18.09 -35.72 -14.21
C ASP X 33 -18.50 -34.26 -14.15
N LYS X 34 -18.19 -33.52 -15.20
CA LYS X 34 -18.50 -32.09 -15.23
C LYS X 34 -19.78 -31.76 -16.00
N MET X 35 -20.55 -32.79 -16.36
CA MET X 35 -21.75 -32.63 -17.18
C MET X 35 -23.00 -32.75 -16.34
N PHE X 36 -23.97 -31.90 -16.59
CA PHE X 36 -25.26 -31.94 -15.88
C PHE X 36 -26.35 -32.10 -16.90
N LYS X 37 -27.17 -33.13 -16.74
CA LYS X 37 -28.33 -33.31 -17.61
C LYS X 37 -29.45 -32.34 -17.21
N MET X 38 -29.86 -31.44 -18.09
CA MET X 38 -30.93 -30.49 -17.81
C MET X 38 -32.28 -31.06 -18.23
N SER X 39 -32.29 -31.86 -19.29
CA SER X 39 -33.50 -32.36 -19.95
C SER X 39 -33.08 -33.55 -20.84
N GLU X 40 -34.01 -34.22 -21.50
CA GLU X 40 -33.63 -35.37 -22.35
C GLU X 40 -32.64 -35.04 -23.47
N LYS X 41 -32.63 -33.79 -23.93
CA LYS X 41 -31.79 -33.35 -25.03
C LYS X 41 -30.91 -32.14 -24.74
N ILE X 42 -30.57 -31.88 -23.46
CA ILE X 42 -29.68 -30.78 -23.08
C ILE X 42 -28.64 -31.18 -22.02
N LEU X 43 -27.37 -30.90 -22.30
CA LEU X 43 -26.27 -30.98 -21.28
C LEU X 43 -25.67 -29.61 -20.97
N LEU X 44 -25.48 -29.33 -19.69
CA LEU X 44 -24.74 -28.22 -19.23
C LEU X 44 -23.38 -28.70 -18.68
N LEU X 45 -22.29 -28.14 -19.21
CA LEU X 45 -20.93 -28.47 -18.76
C LEU X 45 -20.44 -27.24 -18.07
N CYS X 46 -19.98 -27.43 -16.83
CA CYS X 46 -19.69 -26.31 -15.97
CA CYS X 46 -19.64 -26.30 -15.95
C CYS X 46 -18.31 -26.47 -15.28
N VAL X 47 -17.50 -25.42 -15.34
CA VAL X 47 -16.24 -25.31 -14.62
C VAL X 47 -16.12 -23.94 -13.96
N GLY X 48 -15.14 -23.82 -13.07
CA GLY X 48 -14.82 -22.59 -12.37
C GLY X 48 -14.60 -22.79 -10.90
N GLU X 49 -15.01 -21.83 -10.11
CA GLU X 49 -14.69 -21.82 -8.70
C GLU X 49 -15.46 -22.90 -7.94
N ALA X 50 -14.78 -23.54 -6.98
CA ALA X 50 -15.39 -24.55 -6.15
C ALA X 50 -16.61 -23.97 -5.42
N GLY X 51 -17.65 -24.80 -5.28
CA GLY X 51 -18.91 -24.38 -4.67
C GLY X 51 -19.83 -23.79 -5.75
N ASP X 52 -19.38 -22.67 -6.34
CA ASP X 52 -20.12 -21.92 -7.35
C ASP X 52 -20.51 -22.80 -8.50
N THR X 53 -19.62 -23.70 -8.94
CA THR X 53 -19.92 -24.48 -10.12
C THR X 53 -21.12 -25.40 -9.90
N VAL X 54 -21.09 -26.21 -8.86
CA VAL X 54 -22.19 -27.14 -8.60
C VAL X 54 -23.44 -26.39 -8.17
N GLN X 55 -23.31 -25.36 -7.32
CA GLN X 55 -24.46 -24.64 -6.85
C GLN X 55 -25.19 -24.00 -8.05
N PHE X 56 -24.45 -23.34 -8.93
CA PHE X 56 -25.02 -22.74 -10.10
C PHE X 56 -25.67 -23.76 -11.06
N ALA X 57 -24.94 -24.79 -11.45
CA ALA X 57 -25.42 -25.79 -12.41
C ALA X 57 -26.71 -26.51 -11.90
N GLU X 58 -26.74 -26.89 -10.63
CA GLU X 58 -27.90 -27.53 -10.04
C GLU X 58 -29.13 -26.65 -9.86
N TYR X 59 -28.91 -25.36 -9.57
CA TYR X 59 -29.98 -24.41 -9.56
C TYR X 59 -30.63 -24.37 -10.94
N ILE X 60 -29.82 -24.27 -11.97
CA ILE X 60 -30.32 -24.24 -13.34
C ILE X 60 -31.07 -25.56 -13.66
N GLN X 61 -30.41 -26.68 -13.41
CA GLN X 61 -30.94 -27.99 -13.66
C GLN X 61 -32.36 -28.13 -13.00
N LYS X 62 -32.48 -27.79 -11.71
CA LYS X 62 -33.75 -27.92 -11.03
C LYS X 62 -34.83 -27.06 -11.62
N ASN X 63 -34.47 -25.86 -12.06
CA ASN X 63 -35.42 -24.95 -12.64
C ASN X 63 -35.85 -25.37 -14.02
N VAL X 64 -34.95 -25.97 -14.79
CA VAL X 64 -35.26 -26.50 -16.11
C VAL X 64 -36.23 -27.69 -15.97
N GLN X 65 -35.98 -28.53 -14.99
CA GLN X 65 -36.87 -29.65 -14.70
C GLN X 65 -38.23 -29.15 -14.20
N LEU X 66 -38.22 -28.10 -13.40
CA LEU X 66 -39.43 -27.51 -12.86
C LEU X 66 -40.31 -26.98 -13.98
N TYR X 67 -39.66 -26.36 -14.96
CA TYR X 67 -40.37 -25.89 -16.14
C TYR X 67 -41.14 -27.03 -16.85
N LYS X 68 -40.44 -28.15 -17.02
CA LYS X 68 -40.99 -29.33 -17.63
C LYS X 68 -42.23 -29.82 -16.88
N MET X 69 -42.16 -29.87 -15.56
CA MET X 69 -43.26 -30.34 -14.75
C MET X 69 -44.42 -29.38 -14.75
N ARG X 70 -44.15 -28.07 -14.78
CA ARG X 70 -45.22 -27.08 -14.82
C ARG X 70 -45.93 -27.11 -16.17
N ASN X 71 -45.18 -27.30 -17.24
CA ASN X 71 -45.71 -27.05 -18.57
C ASN X 71 -45.96 -28.26 -19.46
N GLY X 72 -45.45 -29.42 -19.11
CA GLY X 72 -45.68 -30.63 -19.87
C GLY X 72 -44.72 -30.84 -21.03
N TYR X 73 -43.82 -29.89 -21.30
CA TYR X 73 -42.82 -30.05 -22.35
C TYR X 73 -41.59 -29.33 -21.84
N GLU X 74 -40.49 -29.52 -22.56
CA GLU X 74 -39.16 -29.01 -22.18
C GLU X 74 -38.79 -27.70 -22.85
N LEU X 75 -37.96 -26.93 -22.18
CA LEU X 75 -37.30 -25.79 -22.77
C LEU X 75 -36.42 -26.24 -23.90
N SER X 76 -36.39 -25.44 -24.96
CA SER X 76 -35.43 -25.64 -26.03
C SER X 76 -33.99 -25.32 -25.54
N PRO X 77 -32.95 -25.87 -26.23
CA PRO X 77 -31.59 -25.49 -25.89
C PRO X 77 -31.39 -23.98 -25.82
N THR X 78 -31.97 -23.24 -26.78
CA THR X 78 -31.82 -21.79 -26.85
C THR X 78 -32.49 -21.08 -25.65
N ALA X 79 -33.69 -21.46 -25.34
CA ALA X 79 -34.36 -20.87 -24.21
C ALA X 79 -33.63 -21.20 -22.90
N ALA X 80 -33.13 -22.43 -22.77
CA ALA X 80 -32.34 -22.80 -21.58
C ALA X 80 -31.02 -22.03 -21.48
N ALA X 81 -30.38 -21.80 -22.62
CA ALA X 81 -29.13 -21.04 -22.63
C ALA X 81 -29.42 -19.62 -22.21
N ASN X 82 -30.51 -19.04 -22.69
CA ASN X 82 -30.85 -17.67 -22.29
C ASN X 82 -31.32 -17.54 -20.85
N PHE X 83 -32.06 -18.53 -20.37
CA PHE X 83 -32.38 -18.62 -18.94
C PHE X 83 -31.09 -18.64 -18.11
N THR X 84 -30.14 -19.44 -18.53
CA THR X 84 -28.89 -19.61 -17.81
C THR X 84 -28.17 -18.27 -17.74
N ARG X 85 -28.10 -17.62 -18.89
CA ARG X 85 -27.53 -16.27 -19.00
C ARG X 85 -28.20 -15.21 -18.13
N ARG X 86 -29.54 -15.20 -18.07
CA ARG X 86 -30.28 -14.17 -17.30
C ARG X 86 -29.89 -14.27 -15.85
N ASN X 87 -29.85 -15.51 -15.36
CA ASN X 87 -29.45 -15.77 -14.00
C ASN X 87 -28.01 -15.30 -13.72
N LEU X 88 -27.07 -15.69 -14.58
CA LEU X 88 -25.66 -15.35 -14.34
C LEU X 88 -25.44 -13.84 -14.35
N ALA X 89 -25.98 -13.18 -15.40
CA ALA X 89 -25.94 -11.73 -15.52
C ALA X 89 -26.63 -10.96 -14.39
N ASP X 90 -27.81 -11.41 -13.99
CA ASP X 90 -28.52 -10.80 -12.89
C ASP X 90 -27.72 -10.88 -11.59
N LEU X 92 -24.41 -10.95 -11.42
CA LEU X 92 -23.07 -10.43 -11.67
C LEU X 92 -22.65 -9.26 -10.79
N ARG X 93 -23.54 -8.31 -10.62
CA ARG X 93 -23.30 -7.17 -9.74
C ARG X 93 -24.00 -7.31 -8.38
N SER X 94 -24.45 -8.50 -8.02
CA SER X 94 -25.10 -8.75 -6.72
C SER X 94 -24.08 -9.10 -5.67
N ARG X 95 -24.60 -9.34 -4.48
CA ARG X 95 -23.84 -9.94 -3.36
C ARG X 95 -23.41 -11.37 -3.60
N THR X 96 -24.05 -12.06 -4.55
CA THR X 96 -23.81 -13.47 -4.82
C THR X 96 -23.50 -13.75 -6.30
N PRO X 97 -22.34 -13.30 -6.80
CA PRO X 97 -21.97 -13.65 -8.19
C PRO X 97 -21.55 -15.11 -8.23
N TYR X 98 -21.63 -15.73 -9.38
CA TYR X 98 -21.14 -17.14 -9.57
C TYR X 98 -19.96 -17.13 -10.56
N HIS X 99 -18.79 -17.55 -10.13
CA HIS X 99 -17.57 -17.54 -11.03
CA HIS X 99 -17.59 -17.52 -10.96
C HIS X 99 -17.50 -18.87 -11.71
N VAL X 100 -18.25 -18.97 -12.81
CA VAL X 100 -18.35 -20.21 -13.57
C VAL X 100 -18.23 -19.93 -15.07
N ASN X 101 -17.71 -20.91 -15.82
CA ASN X 101 -17.70 -20.86 -17.26
C ASN X 101 -18.41 -22.10 -17.78
N LEU X 102 -19.12 -21.97 -18.91
CA LEU X 102 -20.01 -23.03 -19.33
C LEU X 102 -20.01 -23.31 -20.82
N LEU X 103 -20.36 -24.56 -21.17
CA LEU X 103 -20.98 -24.87 -22.47
C LEU X 103 -22.39 -25.43 -22.21
N LEU X 104 -23.34 -25.06 -23.09
CA LEU X 104 -24.62 -25.68 -23.15
C LEU X 104 -24.80 -26.30 -24.53
N ALA X 105 -25.00 -27.62 -24.54
CA ALA X 105 -25.16 -28.41 -25.75
C ALA X 105 -26.59 -28.94 -25.75
N GLY X 106 -27.21 -28.95 -26.93
CA GLY X 106 -28.54 -29.52 -27.03
C GLY X 106 -29.00 -29.82 -28.44
N TYR X 107 -30.11 -30.55 -28.51
CA TYR X 107 -30.79 -30.84 -29.73
C TYR X 107 -32.27 -30.47 -29.62
N ASP X 108 -32.70 -29.59 -30.53
CA ASP X 108 -34.11 -29.21 -30.67
C ASP X 108 -34.77 -29.88 -31.87
N GLU X 109 -35.96 -30.43 -31.66
CA GLU X 109 -36.76 -31.02 -32.72
C GLU X 109 -36.78 -30.16 -33.99
N HIS X 110 -36.90 -28.84 -33.83
CA HIS X 110 -37.13 -27.93 -34.96
C HIS X 110 -35.92 -27.12 -35.42
N GLU X 111 -35.08 -26.67 -34.50
CA GLU X 111 -33.83 -25.92 -34.83
C GLU X 111 -32.56 -26.83 -34.99
N GLY X 112 -32.62 -28.10 -34.59
CA GLY X 112 -31.49 -29.02 -34.73
C GLY X 112 -30.48 -28.85 -33.60
N PRO X 113 -29.24 -29.31 -33.81
CA PRO X 113 -28.23 -29.24 -32.77
C PRO X 113 -27.74 -27.82 -32.49
N ALA X 114 -27.38 -27.53 -31.25
CA ALA X 114 -26.85 -26.24 -30.89
C ALA X 114 -25.78 -26.36 -29.77
N LEU X 115 -24.77 -25.50 -29.87
CA LEU X 115 -23.71 -25.36 -28.87
C LEU X 115 -23.57 -23.90 -28.49
N TYR X 116 -23.60 -23.63 -27.19
CA TYR X 116 -23.52 -22.30 -26.65
C TYR X 116 -22.32 -22.20 -25.70
N TYR X 117 -21.65 -21.06 -25.75
CA TYR X 117 -20.52 -20.76 -24.90
C TYR X 117 -20.89 -19.62 -24.00
N MET X 118 -20.57 -19.75 -22.72
CA MET X 118 -20.74 -18.66 -21.78
C MET X 118 -19.55 -18.53 -20.85
N ASP X 119 -19.13 -17.28 -20.59
CA ASP X 119 -18.14 -17.02 -19.59
C ASP X 119 -18.79 -16.51 -18.30
N TYR X 120 -17.96 -16.26 -17.30
CA TYR X 120 -18.45 -15.88 -15.98
C TYR X 120 -19.11 -14.51 -15.97
N LEU X 121 -18.74 -13.67 -16.92
CA LEU X 121 -19.39 -12.38 -17.10
C LEU X 121 -20.82 -12.48 -17.65
N ALA X 122 -21.17 -13.66 -18.14
CA ALA X 122 -22.47 -13.99 -18.75
C ALA X 122 -22.64 -13.49 -20.21
N ALA X 123 -21.54 -13.34 -20.95
CA ALA X 123 -21.63 -13.18 -22.39
C ALA X 123 -21.96 -14.54 -22.98
N LEU X 124 -22.95 -14.57 -23.87
CA LEU X 124 -23.42 -15.80 -24.47
C LEU X 124 -23.18 -15.73 -25.95
N ALA X 125 -22.56 -16.78 -26.51
CA ALA X 125 -22.36 -16.88 -27.96
C ALA X 125 -22.66 -18.28 -28.42
N LYS X 126 -23.37 -18.38 -29.52
CA LYS X 126 -23.53 -19.63 -30.23
C LYS X 126 -22.28 -19.87 -31.08
N ALA X 127 -21.87 -21.12 -31.23
CA ALA X 127 -20.65 -21.46 -31.93
C ALA X 127 -20.72 -22.83 -32.52
N PRO X 128 -20.02 -23.04 -33.62
CA PRO X 128 -20.05 -24.38 -34.21
C PRO X 128 -19.16 -25.34 -33.46
N PHE X 129 -18.20 -24.79 -32.72
CA PHE X 129 -17.36 -25.56 -31.79
C PHE X 129 -16.78 -24.56 -30.79
N ALA X 130 -16.30 -25.06 -29.64
CA ALA X 130 -15.81 -24.17 -28.58
C ALA X 130 -15.13 -24.97 -27.49
N ALA X 131 -14.30 -24.29 -26.68
CA ALA X 131 -13.63 -24.92 -25.55
C ALA X 131 -13.36 -23.94 -24.43
N HIS X 132 -13.33 -24.46 -23.20
CA HIS X 132 -12.99 -23.68 -22.02
C HIS X 132 -11.78 -24.28 -21.33
N GLY X 133 -11.13 -23.46 -20.51
CA GLY X 133 -9.96 -23.91 -19.76
C GLY X 133 -8.67 -23.55 -20.49
N TYR X 134 -7.57 -23.53 -19.78
CA TYR X 134 -6.24 -23.45 -20.38
C TYR X 134 -6.01 -24.39 -21.55
N GLY X 135 -6.61 -25.58 -21.51
CA GLY X 135 -6.51 -26.53 -22.57
C GLY X 135 -7.03 -25.99 -23.88
N ALA X 136 -7.97 -25.05 -23.82
CA ALA X 136 -8.57 -24.44 -25.01
C ALA X 136 -7.55 -23.71 -25.84
N PHE X 137 -6.55 -23.15 -25.16
CA PHE X 137 -5.45 -22.45 -25.84
C PHE X 137 -4.67 -23.33 -26.79
N LEU X 138 -4.58 -24.61 -26.47
CA LEU X 138 -3.83 -25.57 -27.28
C LEU X 138 -4.67 -26.37 -28.28
N THR X 139 -5.99 -26.33 -28.14
CA THR X 139 -6.89 -27.13 -28.97
C THR X 139 -7.78 -26.32 -29.95
N LEU X 140 -8.06 -25.06 -29.70
CA LEU X 140 -8.94 -24.30 -30.57
C LEU X 140 -8.41 -24.19 -32.01
N SER X 141 -7.09 -24.09 -32.18
CA SER X 141 -6.50 -23.98 -33.52
C SER X 141 -6.59 -25.31 -34.25
N ILE X 142 -6.59 -26.41 -33.51
CA ILE X 142 -6.80 -27.74 -34.09
C ILE X 142 -8.24 -27.84 -34.68
N LEU X 143 -9.20 -27.33 -33.94
CA LEU X 143 -10.57 -27.28 -34.40
C LEU X 143 -10.73 -26.35 -35.60
N ASP X 144 -10.15 -25.14 -35.53
CA ASP X 144 -10.17 -24.21 -36.72
C ASP X 144 -9.56 -24.85 -37.94
N ARG X 145 -8.53 -25.66 -37.74
CA ARG X 145 -7.81 -26.29 -38.84
C ARG X 145 -8.64 -27.38 -39.58
N TYR X 146 -9.30 -28.25 -38.82
CA TYR X 146 -9.93 -29.46 -39.34
C TYR X 146 -11.48 -29.47 -39.38
N TYR X 147 -12.15 -28.66 -38.57
CA TYR X 147 -13.61 -28.65 -38.53
C TYR X 147 -14.21 -28.22 -39.86
N THR X 148 -15.28 -28.91 -40.27
CA THR X 148 -16.20 -28.41 -41.29
C THR X 148 -17.63 -28.57 -40.78
N PRO X 149 -18.57 -27.71 -41.25
CA PRO X 149 -19.97 -27.81 -40.80
C PRO X 149 -20.64 -29.18 -41.03
N THR X 150 -20.25 -29.88 -42.09
CA THR X 150 -20.81 -31.20 -42.40
C THR X 150 -20.08 -32.37 -41.73
N ILE X 151 -19.13 -32.11 -40.86
CA ILE X 151 -18.36 -33.17 -40.19
C ILE X 151 -19.28 -34.28 -39.63
N SER X 152 -18.94 -35.53 -39.93
CA SER X 152 -19.70 -36.69 -39.44
C SER X 152 -19.30 -36.97 -38.02
N ARG X 153 -20.09 -37.78 -37.33
CA ARG X 153 -19.83 -37.95 -35.92
C ARG X 153 -18.60 -38.81 -35.65
N GLU X 154 -18.36 -39.78 -36.51
CA GLU X 154 -17.16 -40.62 -36.46
C GLU X 154 -15.88 -39.75 -36.51
N ARG X 155 -15.89 -38.77 -37.42
CA ARG X 155 -14.80 -37.82 -37.64
C ARG X 155 -14.71 -36.78 -36.53
N ALA X 156 -15.85 -36.37 -35.98
CA ALA X 156 -15.88 -35.48 -34.81
C ALA X 156 -15.19 -36.13 -33.60
N VAL X 157 -15.44 -37.41 -33.39
CA VAL X 157 -14.74 -38.18 -32.33
C VAL X 157 -13.23 -38.30 -32.60
N GLU X 158 -12.85 -38.44 -33.87
CA GLU X 158 -11.44 -38.46 -34.24
C GLU X 158 -10.78 -37.08 -34.01
N LEU X 159 -11.47 -36.00 -34.36
CA LEU X 159 -11.01 -34.65 -34.15
C LEU X 159 -10.88 -34.32 -32.66
N LEU X 160 -11.93 -34.69 -31.89
CA LEU X 160 -11.86 -34.60 -30.43
C LEU X 160 -10.63 -35.32 -29.88
N ARG X 161 -10.35 -36.52 -30.37
CA ARG X 161 -9.18 -37.27 -29.93
C ARG X 161 -7.85 -36.57 -30.25
N LYS X 162 -7.78 -35.87 -31.36
CA LYS X 162 -6.56 -35.11 -31.72
C LYS X 162 -6.30 -34.01 -30.70
N CYS X 163 -7.37 -33.29 -30.31
CA CYS X 163 -7.33 -32.28 -29.27
C CYS X 163 -6.86 -32.83 -27.92
N LEU X 164 -7.39 -33.97 -27.51
CA LEU X 164 -7.02 -34.57 -26.24
C LEU X 164 -5.59 -35.09 -26.26
N GLU X 165 -5.15 -35.60 -27.40
CA GLU X 165 -3.76 -36.03 -27.57
C GLU X 165 -2.81 -34.85 -27.47
N GLU X 166 -3.23 -33.71 -28.02
CA GLU X 166 -2.45 -32.47 -27.91
C GLU X 166 -2.28 -32.04 -26.48
N LEU X 167 -3.31 -32.23 -25.68
CA LEU X 167 -3.18 -31.97 -24.23
C LEU X 167 -2.22 -32.95 -23.58
N GLN X 168 -2.23 -34.23 -23.96
CA GLN X 168 -1.25 -35.18 -23.39
C GLN X 168 0.19 -34.76 -23.76
N LYS X 169 0.36 -34.26 -24.98
CA LYS X 169 1.67 -33.97 -25.49
C LYS X 169 2.22 -32.71 -24.85
N ARG X 170 1.42 -31.65 -24.95
CA ARG X 170 1.89 -30.30 -24.82
C ARG X 170 1.47 -29.55 -23.53
N PHE X 171 0.33 -29.91 -22.92
CA PHE X 171 -0.19 -29.19 -21.76
C PHE X 171 0.53 -29.61 -20.45
N ILE X 172 0.82 -28.65 -19.60
CA ILE X 172 1.55 -28.93 -18.37
C ILE X 172 0.79 -29.73 -17.28
N LEU X 173 -0.52 -29.71 -17.34
CA LEU X 173 -1.33 -30.49 -16.41
C LEU X 173 -1.65 -31.92 -16.90
N ASN X 174 -1.70 -32.78 -15.92
CA ASN X 174 -1.99 -34.19 -16.05
C ASN X 174 -3.51 -34.35 -16.03
N LEU X 175 -4.11 -34.35 -17.22
CA LEU X 175 -5.50 -34.71 -17.48
C LEU X 175 -5.58 -36.02 -18.24
N PRO X 176 -5.54 -37.14 -17.55
CA PRO X 176 -5.44 -38.38 -18.29
C PRO X 176 -6.75 -38.99 -18.87
N THR X 177 -7.93 -38.54 -18.44
CA THR X 177 -9.17 -39.17 -18.90
C THR X 177 -10.26 -38.17 -19.09
N PHE X 178 -11.17 -38.46 -20.02
CA PHE X 178 -12.24 -37.54 -20.42
C PHE X 178 -13.57 -38.24 -20.61
N SER X 179 -14.64 -37.59 -20.13
CA SER X 179 -16.01 -38.01 -20.38
C SER X 179 -16.37 -37.53 -21.76
N VAL X 180 -17.08 -38.36 -22.50
CA VAL X 180 -17.53 -38.02 -23.85
C VAL X 180 -19.04 -38.36 -24.00
N ARG X 181 -19.82 -37.44 -24.55
CA ARG X 181 -21.25 -37.64 -24.80
C ARG X 181 -21.68 -36.95 -26.09
N ILE X 182 -22.71 -37.51 -26.73
CA ILE X 182 -23.28 -36.96 -27.96
C ILE X 182 -24.77 -36.72 -27.68
N ILE X 183 -25.31 -35.65 -28.24
CA ILE X 183 -26.74 -35.38 -28.23
C ILE X 183 -27.24 -35.28 -29.65
N ASP X 184 -28.35 -35.98 -29.93
CA ASP X 184 -28.99 -35.98 -31.23
C ASP X 184 -30.49 -36.13 -31.03
N LYS X 185 -31.22 -36.32 -32.14
CA LYS X 185 -32.69 -36.55 -32.12
C LYS X 185 -33.16 -37.60 -31.11
N ASN X 186 -32.36 -38.62 -30.81
CA ASN X 186 -32.70 -39.62 -29.80
C ASN X 186 -32.14 -39.39 -28.40
N GLY X 187 -31.75 -38.17 -28.07
CA GLY X 187 -31.34 -37.85 -26.72
C GLY X 187 -29.83 -37.88 -26.49
N ILE X 188 -29.44 -38.22 -25.28
CA ILE X 188 -28.10 -38.09 -24.80
C ILE X 188 -27.54 -39.49 -24.78
N HIS X 189 -26.37 -39.69 -25.40
CA HIS X 189 -25.72 -40.99 -25.44
C HIS X 189 -24.35 -40.87 -24.78
N ASP X 190 -24.00 -41.85 -23.94
CA ASP X 190 -22.68 -41.94 -23.33
C ASP X 190 -21.74 -42.68 -24.26
N LEU X 191 -20.69 -42.04 -24.74
CA LEU X 191 -19.64 -42.77 -25.44
C LEU X 191 -18.60 -43.24 -24.43
N ASP X 192 -17.67 -44.05 -24.87
CA ASP X 192 -16.60 -44.48 -23.98
C ASP X 192 -15.73 -43.30 -23.60
N ASN X 193 -15.14 -43.38 -22.41
CA ASN X 193 -14.15 -42.39 -21.99
C ASN X 193 -12.98 -42.47 -22.95
N ILE X 194 -12.31 -41.34 -23.12
CA ILE X 194 -11.07 -41.30 -23.86
C ILE X 194 -10.03 -41.16 -22.79
N SER X 195 -9.12 -42.11 -22.76
CA SER X 195 -8.17 -42.24 -21.65
C SER X 195 -6.78 -42.48 -22.17
N PHE X 196 -5.79 -42.22 -21.31
CA PHE X 196 -4.39 -42.38 -21.66
C PHE X 196 -3.66 -43.06 -20.49
N THR Y 1 -2.45 -31.43 10.76
CA THR Y 1 -3.40 -32.54 10.69
C THR Y 1 -3.19 -33.47 9.54
N THR Y 2 -3.38 -34.77 9.80
CA THR Y 2 -3.56 -35.73 8.76
C THR Y 2 -4.83 -36.57 9.06
N THR Y 3 -5.74 -36.63 8.08
CA THR Y 3 -6.90 -37.52 8.14
C THR Y 3 -6.94 -38.32 6.85
N LEU Y 4 -7.46 -39.55 6.92
CA LEU Y 4 -7.76 -40.31 5.72
C LEU Y 4 -9.01 -41.18 5.88
N ALA Y 5 -9.61 -41.54 4.75
CA ALA Y 5 -10.63 -42.53 4.71
C ALA Y 5 -10.61 -43.25 3.40
N PHE Y 6 -11.04 -44.53 3.40
CA PHE Y 6 -11.22 -45.26 2.15
C PHE Y 6 -12.32 -46.29 2.22
N LYS Y 7 -13.04 -46.44 1.11
CA LYS Y 7 -13.98 -47.52 0.92
C LYS Y 7 -13.26 -48.78 0.49
N PHE Y 8 -13.78 -49.91 0.95
CA PHE Y 8 -13.29 -51.23 0.50
C PHE Y 8 -14.38 -52.25 0.70
N ARG Y 9 -14.09 -53.51 0.42
CA ARG Y 9 -15.12 -54.55 0.47
C ARG Y 9 -15.89 -54.60 1.80
N HIS Y 10 -15.20 -54.32 2.90
CA HIS Y 10 -15.75 -54.48 4.22
C HIS Y 10 -16.16 -53.19 4.91
N GLY Y 11 -16.36 -52.12 4.14
CA GLY Y 11 -16.86 -50.84 4.64
C GLY Y 11 -15.92 -49.68 4.41
N VAL Y 12 -15.77 -48.81 5.40
CA VAL Y 12 -14.89 -47.69 5.25
C VAL Y 12 -14.04 -47.47 6.50
N ILE Y 13 -12.74 -47.40 6.25
CA ILE Y 13 -11.72 -47.09 7.24
C ILE Y 13 -11.56 -45.59 7.32
N VAL Y 14 -11.48 -45.11 8.55
CA VAL Y 14 -11.36 -43.70 8.85
C VAL Y 14 -10.28 -43.55 9.89
N ALA Y 15 -9.32 -42.65 9.63
CA ALA Y 15 -8.18 -42.47 10.54
C ALA Y 15 -7.69 -41.05 10.61
N ALA Y 16 -7.17 -40.68 11.78
CA ALA Y 16 -6.71 -39.34 12.05
C ALA Y 16 -5.60 -39.30 13.07
N ASP Y 17 -4.81 -38.22 13.00
CA ASP Y 17 -3.86 -37.85 14.06
C ASP Y 17 -4.63 -37.04 15.12
N SER Y 18 -3.93 -36.54 16.14
CA SER Y 18 -4.54 -35.86 17.27
C SER Y 18 -3.87 -34.57 17.70
N ARG Y 19 -3.08 -33.96 16.80
CA ARG Y 19 -2.36 -32.72 17.12
C ARG Y 19 -3.14 -31.46 16.74
N ALA Y 20 -3.12 -30.49 17.66
CA ALA Y 20 -3.47 -29.13 17.39
C ALA Y 20 -2.28 -28.19 17.65
N THR Y 21 -2.19 -27.15 16.83
CA THR Y 21 -1.13 -26.14 16.94
C THR Y 21 -1.66 -24.72 16.86
N ALA Y 22 -0.96 -23.81 17.54
CA ALA Y 22 -1.15 -22.39 17.48
C ALA Y 22 0.22 -21.83 17.11
N GLY Y 23 0.38 -21.46 15.85
CA GLY Y 23 1.69 -21.18 15.25
C GLY Y 23 2.50 -22.44 15.39
N ALA Y 24 3.69 -22.32 15.96
CA ALA Y 24 4.56 -23.45 16.20
C ALA Y 24 4.32 -24.13 17.54
N TYR Y 25 3.50 -23.54 18.40
CA TYR Y 25 3.20 -24.13 19.69
C TYR Y 25 2.28 -25.35 19.52
N ILE Y 26 2.58 -26.47 20.18
CA ILE Y 26 1.69 -27.63 20.18
C ILE Y 26 0.65 -27.39 21.29
N ALA Y 27 -0.57 -27.06 20.89
CA ALA Y 27 -1.69 -26.79 21.81
C ALA Y 27 -2.26 -28.05 22.40
N SER Y 28 -2.28 -29.12 21.62
CA SER Y 28 -2.78 -30.42 22.15
C SER Y 28 -2.29 -31.55 21.31
N GLN Y 29 -2.13 -32.71 21.97
CA GLN Y 29 -1.79 -33.99 21.30
C GLN Y 29 -2.97 -34.98 21.43
N THR Y 30 -4.09 -34.55 21.97
CA THR Y 30 -5.20 -35.45 22.27
C THR Y 30 -6.53 -35.00 21.68
N VAL Y 31 -6.52 -34.39 20.51
CA VAL Y 31 -7.73 -33.96 19.85
C VAL Y 31 -8.43 -35.16 19.19
N LYS Y 32 -9.74 -35.28 19.42
CA LYS Y 32 -10.57 -36.23 18.67
C LYS Y 32 -11.02 -35.61 17.34
N LYS Y 33 -10.38 -36.02 16.24
CA LYS Y 33 -10.67 -35.46 14.94
C LYS Y 33 -11.70 -36.26 14.15
N VAL Y 34 -12.14 -37.40 14.70
CA VAL Y 34 -13.23 -38.20 14.14
C VAL Y 34 -14.45 -37.95 14.97
N ILE Y 35 -15.47 -37.39 14.35
CA ILE Y 35 -16.72 -37.08 15.06
C ILE Y 35 -17.85 -38.08 14.75
N GLU Y 36 -18.51 -38.50 15.80
CA GLU Y 36 -19.63 -39.45 15.68
C GLU Y 36 -20.89 -38.65 15.38
N ILE Y 37 -21.32 -38.65 14.13
CA ILE Y 37 -22.51 -37.91 13.69
C ILE Y 37 -23.77 -38.66 14.08
N ASN Y 38 -23.82 -39.95 13.78
CA ASN Y 38 -24.72 -40.90 14.40
C ASN Y 38 -24.02 -42.27 14.39
N PRO Y 39 -24.69 -43.36 14.85
CA PRO Y 39 -23.99 -44.67 14.91
C PRO Y 39 -23.58 -45.29 13.56
N TYR Y 40 -24.00 -44.68 12.45
CA TYR Y 40 -23.63 -45.17 11.12
C TYR Y 40 -22.92 -44.14 10.22
N LEU Y 41 -22.55 -43.00 10.80
CA LEU Y 41 -22.00 -41.85 10.09
C LEU Y 41 -20.89 -41.20 10.90
N LEU Y 42 -19.70 -41.06 10.30
CA LEU Y 42 -18.63 -40.29 10.88
C LEU Y 42 -18.25 -39.10 10.03
N GLY Y 43 -17.77 -38.07 10.73
CA GLY Y 43 -17.17 -36.90 10.12
C GLY Y 43 -15.73 -36.79 10.56
N THR Y 44 -14.87 -36.29 9.69
CA THR Y 44 -13.48 -35.94 10.09
C THR Y 44 -13.20 -34.45 10.01
N MET Y 45 -12.23 -34.02 10.83
CA MET Y 45 -11.85 -32.62 11.03
C MET Y 45 -10.40 -32.34 10.62
N ALA Y 46 -10.24 -31.34 9.78
CA ALA Y 46 -8.94 -30.77 9.44
C ALA Y 46 -9.18 -29.31 9.13
N GLY Y 47 -8.21 -28.47 9.46
CA GLY Y 47 -8.32 -27.01 9.27
C GLY Y 47 -8.44 -26.35 10.61
N GLY Y 48 -9.37 -25.43 10.74
CA GLY Y 48 -9.67 -24.80 12.00
C GLY Y 48 -10.56 -25.68 12.87
N ALA Y 49 -10.14 -25.89 14.12
CA ALA Y 49 -10.81 -26.79 15.04
C ALA Y 49 -12.21 -26.33 15.42
N ALA Y 50 -12.33 -25.06 15.74
CA ALA Y 50 -13.61 -24.46 16.06
C ALA Y 50 -14.60 -24.55 14.89
N ASP Y 51 -14.13 -24.25 13.67
CA ASP Y 51 -14.96 -24.32 12.52
C ASP Y 51 -15.45 -25.73 12.25
N CYS Y 52 -14.55 -26.70 12.21
CA CYS Y 52 -14.96 -28.08 11.99
C CYS Y 52 -15.93 -28.58 13.08
N SER Y 53 -15.61 -28.31 14.36
CA SER Y 53 -16.37 -28.85 15.48
C SER Y 53 -17.77 -28.25 15.46
N PHE Y 54 -17.86 -26.94 15.24
CA PHE Y 54 -19.10 -26.27 15.22
C PHE Y 54 -20.03 -26.81 14.10
N TRP Y 55 -19.52 -26.83 12.86
CA TRP Y 55 -20.33 -27.17 11.68
C TRP Y 55 -20.71 -28.64 11.63
N GLU Y 56 -19.81 -29.53 12.07
CA GLU Y 56 -20.12 -30.93 12.14
C GLU Y 56 -21.11 -31.25 13.28
N ARG Y 57 -21.04 -30.53 14.37
CA ARG Y 57 -22.03 -30.65 15.42
C ARG Y 57 -23.42 -30.20 14.95
N LEU Y 58 -23.43 -29.17 14.11
CA LEU Y 58 -24.61 -28.67 13.53
C LEU Y 58 -25.14 -29.66 12.48
N LEU Y 59 -24.24 -30.28 11.75
CA LEU Y 59 -24.66 -31.35 10.86
C LEU Y 59 -25.37 -32.47 11.62
N ALA Y 60 -24.77 -32.90 12.75
CA ALA Y 60 -25.34 -33.94 13.58
C ALA Y 60 -26.74 -33.60 14.06
N ARG Y 61 -26.95 -32.37 14.49
CA ARG Y 61 -28.27 -31.86 14.89
C ARG Y 61 -29.27 -32.03 13.75
N GLN Y 62 -28.85 -31.58 12.57
CA GLN Y 62 -29.70 -31.60 11.39
C GLN Y 62 -30.03 -33.04 10.93
N CYS Y 63 -29.02 -33.93 10.91
CA CYS Y 63 -29.26 -35.34 10.58
C CYS Y 63 -30.25 -36.00 11.54
N ARG Y 64 -30.19 -35.65 12.83
CA ARG Y 64 -31.11 -36.22 13.79
C ARG Y 64 -32.56 -35.71 13.63
N ILE Y 65 -32.75 -34.41 13.40
CA ILE Y 65 -34.07 -33.84 13.06
C ILE Y 65 -34.65 -34.51 11.81
N TYR Y 66 -33.80 -34.66 10.80
CA TYR Y 66 -34.15 -35.37 9.55
C TYR Y 66 -34.73 -36.76 9.82
N GLU Y 67 -34.06 -37.50 10.70
CA GLU Y 67 -34.46 -38.84 11.08
C GLU Y 67 -35.80 -38.85 11.81
N LEU Y 68 -35.96 -37.94 12.76
CA LEU Y 68 -37.21 -37.77 13.44
C LEU Y 68 -38.35 -37.43 12.48
N ARG Y 69 -38.14 -36.53 11.52
CA ARG Y 69 -39.19 -36.11 10.59
C ARG Y 69 -39.54 -37.17 9.57
N ASN Y 70 -38.52 -37.82 8.99
CA ASN Y 70 -38.71 -38.75 7.87
C ASN Y 70 -38.80 -40.23 8.26
N LYS Y 71 -38.50 -40.56 9.51
CA LYS Y 71 -38.55 -41.94 10.02
C LYS Y 71 -37.59 -42.89 9.32
N GLU Y 72 -36.41 -42.38 8.95
CA GLU Y 72 -35.35 -43.19 8.36
C GLU Y 72 -34.01 -42.48 8.48
N ARG Y 73 -32.96 -43.30 8.45
CA ARG Y 73 -31.57 -42.86 8.46
C ARG Y 73 -31.38 -41.92 7.26
N ILE Y 74 -30.72 -40.79 7.44
CA ILE Y 74 -30.28 -39.95 6.29
C ILE Y 74 -29.17 -40.67 5.49
N SER Y 75 -29.18 -40.52 4.17
CA SER Y 75 -28.11 -41.05 3.36
C SER Y 75 -26.76 -40.27 3.53
N VAL Y 76 -25.65 -40.93 3.18
CA VAL Y 76 -24.35 -40.26 3.15
C VAL Y 76 -24.34 -39.09 2.15
N ALA Y 77 -24.94 -39.27 1.00
CA ALA Y 77 -25.08 -38.20 0.02
C ALA Y 77 -25.79 -36.97 0.58
N ALA Y 78 -26.97 -37.22 1.19
CA ALA Y 78 -27.76 -36.14 1.71
C ALA Y 78 -27.07 -35.45 2.89
N ALA Y 79 -26.38 -36.19 3.76
CA ALA Y 79 -25.72 -35.57 4.91
C ALA Y 79 -24.55 -34.69 4.45
N SER Y 80 -23.74 -35.21 3.55
CA SER Y 80 -22.63 -34.46 3.01
C SER Y 80 -23.15 -33.20 2.28
N LYS Y 81 -24.32 -33.31 1.64
CA LYS Y 81 -24.88 -32.17 0.99
C LYS Y 81 -25.38 -31.13 1.94
N LEU Y 82 -25.96 -31.53 3.09
CA LEU Y 82 -26.43 -30.56 4.10
C LEU Y 82 -25.20 -29.75 4.56
N LEU Y 83 -24.10 -30.43 4.78
CA LEU Y 83 -22.89 -29.75 5.22
C LEU Y 83 -22.38 -28.74 4.15
N ALA Y 84 -22.29 -29.17 2.90
CA ALA Y 84 -21.83 -28.29 1.82
C ALA Y 84 -22.73 -27.07 1.69
N ASN Y 85 -24.05 -27.25 1.73
CA ASN Y 85 -24.97 -26.12 1.62
C ASN Y 85 -24.86 -25.17 2.82
N MET Y 86 -24.61 -25.69 4.00
CA MET Y 86 -24.42 -24.83 5.16
C MET Y 86 -23.20 -23.90 5.03
N VAL Y 87 -22.04 -24.44 4.63
CA VAL Y 87 -20.81 -23.66 4.56
C VAL Y 87 -20.70 -22.81 3.28
N TYR Y 88 -21.44 -23.16 2.21
CA TYR Y 88 -21.38 -22.43 0.97
C TYR Y 88 -21.64 -20.97 1.19
N GLN Y 89 -22.61 -20.70 2.04
CA GLN Y 89 -23.03 -19.33 2.37
C GLN Y 89 -21.92 -18.47 2.94
N TYR Y 90 -20.98 -19.11 3.63
CA TYR Y 90 -19.87 -18.44 4.28
C TYR Y 90 -18.60 -18.37 3.46
N LYS Y 91 -18.59 -18.82 2.20
CA LYS Y 91 -17.33 -18.74 1.38
C LYS Y 91 -16.71 -17.35 1.39
N GLY Y 92 -15.40 -17.31 1.59
CA GLY Y 92 -14.67 -16.04 1.51
C GLY Y 92 -14.59 -15.29 2.83
N MET Y 93 -15.17 -15.83 3.89
CA MET Y 93 -15.24 -15.17 5.20
C MET Y 93 -14.21 -15.78 6.13
N GLY Y 94 -13.47 -16.77 5.61
CA GLY Y 94 -12.30 -17.24 6.30
C GLY Y 94 -12.51 -18.50 7.11
N LEU Y 95 -13.60 -19.21 6.89
CA LEU Y 95 -13.77 -20.53 7.50
C LEU Y 95 -12.73 -21.44 6.89
N SER Y 96 -12.27 -22.40 7.66
CA SER Y 96 -11.25 -23.31 7.20
C SER Y 96 -11.60 -24.69 7.65
N MET Y 97 -12.07 -25.50 6.70
CA MET Y 97 -12.61 -26.82 7.02
CA MET Y 97 -12.56 -26.83 7.02
C MET Y 97 -12.34 -27.75 5.85
N GLY Y 98 -11.79 -28.90 6.15
CA GLY Y 98 -11.62 -29.98 5.19
C GLY Y 98 -12.13 -31.22 5.88
N THR Y 99 -13.26 -31.77 5.41
CA THR Y 99 -13.91 -32.87 6.11
C THR Y 99 -14.17 -34.06 5.18
N MET Y 100 -14.12 -35.25 5.75
CA MET Y 100 -14.70 -36.42 5.09
C MET Y 100 -15.99 -36.89 5.80
N ILE Y 101 -17.00 -37.17 5.02
CA ILE Y 101 -18.27 -37.76 5.54
C ILE Y 101 -18.31 -39.25 5.13
N CYS Y 102 -18.36 -40.13 6.12
CA CYS Y 102 -18.13 -41.53 5.96
C CYS Y 102 -19.27 -42.36 6.57
N GLY Y 103 -19.88 -43.20 5.76
CA GLY Y 103 -21.02 -44.01 6.22
C GLY Y 103 -21.25 -45.27 5.40
N TRP Y 104 -22.39 -45.90 5.69
CA TRP Y 104 -22.86 -47.05 4.96
C TRP Y 104 -24.39 -46.88 4.94
N ASP Y 105 -24.97 -46.80 3.75
CA ASP Y 105 -26.40 -46.59 3.60
C ASP Y 105 -26.94 -47.55 2.53
N LYS Y 106 -28.11 -47.27 1.96
CA LYS Y 106 -28.75 -48.19 1.00
C LYS Y 106 -27.91 -48.37 -0.26
N ARG Y 107 -27.04 -47.42 -0.59
CA ARG Y 107 -26.12 -47.61 -1.71
C ARG Y 107 -24.80 -48.24 -1.27
N GLY Y 108 -24.70 -48.71 -0.01
CA GLY Y 108 -23.46 -49.31 0.52
C GLY Y 108 -22.50 -48.30 1.14
N PRO Y 109 -21.19 -48.67 1.23
CA PRO Y 109 -20.20 -47.77 1.81
C PRO Y 109 -20.20 -46.42 1.08
N GLY Y 110 -20.17 -45.34 1.82
CA GLY Y 110 -20.21 -44.02 1.27
C GLY Y 110 -19.10 -43.15 1.82
N LEU Y 111 -18.55 -42.32 0.96
CA LEU Y 111 -17.42 -41.43 1.34
C LEU Y 111 -17.43 -40.18 0.50
N TYR Y 112 -17.63 -39.04 1.15
CA TYR Y 112 -17.58 -37.74 0.49
C TYR Y 112 -16.56 -36.83 1.13
N TYR Y 113 -15.87 -36.03 0.29
CA TYR Y 113 -15.00 -34.95 0.77
C TYR Y 113 -15.76 -33.62 0.65
N VAL Y 114 -15.71 -32.82 1.69
CA VAL Y 114 -16.45 -31.57 1.76
C VAL Y 114 -15.59 -30.54 2.46
N ASP Y 115 -15.53 -29.34 1.91
CA ASP Y 115 -14.66 -28.31 2.45
C ASP Y 115 -15.24 -26.93 2.38
N SER Y 116 -14.54 -26.00 3.03
CA SER Y 116 -15.02 -24.63 3.18
C SER Y 116 -14.85 -23.82 1.91
N GLU Y 117 -14.11 -24.33 0.91
CA GLU Y 117 -14.08 -23.75 -0.42
C GLU Y 117 -15.29 -24.04 -1.28
N GLY Y 118 -16.11 -25.01 -0.85
CA GLY Y 118 -17.35 -25.40 -1.55
C GLY Y 118 -17.31 -26.73 -2.30
N ASN Y 119 -16.19 -27.46 -2.23
CA ASN Y 119 -16.07 -28.75 -2.87
C ASN Y 119 -16.90 -29.75 -2.12
N ARG Y 120 -17.52 -30.61 -2.90
CA ARG Y 120 -18.21 -31.80 -2.41
C ARG Y 120 -18.04 -32.89 -3.43
N ILE Y 121 -17.28 -33.91 -3.08
CA ILE Y 121 -17.05 -35.00 -4.05
C ILE Y 121 -17.04 -36.35 -3.41
N SER Y 122 -17.62 -37.29 -4.12
CA SER Y 122 -17.61 -38.69 -3.76
C SER Y 122 -16.31 -39.30 -4.26
N GLY Y 123 -15.80 -40.29 -3.55
CA GLY Y 123 -14.67 -41.00 -4.05
C GLY Y 123 -14.32 -42.21 -3.23
N ALA Y 124 -13.37 -42.98 -3.75
CA ALA Y 124 -12.97 -44.25 -3.15
C ALA Y 124 -12.02 -44.04 -1.95
N THR Y 125 -11.09 -43.09 -2.05
CA THR Y 125 -10.12 -42.81 -1.01
C THR Y 125 -9.90 -41.32 -0.95
N PHE Y 126 -9.57 -40.79 0.23
CA PHE Y 126 -9.20 -39.37 0.37
C PHE Y 126 -8.21 -39.26 1.52
N SER Y 127 -7.37 -38.22 1.46
CA SER Y 127 -6.62 -37.74 2.62
C SER Y 127 -6.72 -36.20 2.63
N VAL Y 128 -6.82 -35.64 3.82
CA VAL Y 128 -7.10 -34.22 4.02
C VAL Y 128 -6.24 -33.68 5.17
N GLY Y 129 -5.73 -32.45 4.99
CA GLY Y 129 -4.88 -31.78 6.00
C GLY Y 129 -3.47 -31.53 5.53
N SER Y 130 -2.71 -30.84 6.37
CA SER Y 130 -1.34 -30.46 6.07
C SER Y 130 -0.45 -31.66 5.77
N GLY Y 131 -0.78 -32.83 6.38
CA GLY Y 131 -0.06 -34.09 6.17
C GLY Y 131 -0.60 -35.01 5.08
N SER Y 132 -1.66 -34.60 4.39
CA SER Y 132 -2.31 -35.47 3.42
C SER Y 132 -1.44 -35.93 2.29
N VAL Y 133 -0.53 -35.07 1.84
CA VAL Y 133 0.43 -35.48 0.77
C VAL Y 133 1.28 -36.66 1.15
N TYR Y 134 1.73 -36.71 2.39
CA TYR Y 134 2.50 -37.84 2.92
C TYR Y 134 1.63 -39.13 3.06
N ALA Y 135 0.42 -38.98 3.57
CA ALA Y 135 -0.49 -40.13 3.69
C ALA Y 135 -0.90 -40.65 2.34
N TYR Y 136 -1.11 -39.77 1.35
CA TYR Y 136 -1.50 -40.24 0.01
C TYR Y 136 -0.48 -41.20 -0.58
N GLY Y 137 0.82 -40.89 -0.41
CA GLY Y 137 1.91 -41.74 -0.91
C GLY Y 137 1.80 -43.16 -0.38
N VAL Y 138 1.65 -43.33 0.94
CA VAL Y 138 1.60 -44.66 1.49
C VAL Y 138 0.27 -45.35 1.25
N MET Y 139 -0.85 -44.64 1.46
CA MET Y 139 -2.17 -45.18 1.20
C MET Y 139 -2.27 -45.65 -0.23
N ASP Y 140 -1.88 -44.83 -1.19
CA ASP Y 140 -1.97 -45.22 -2.60
C ASP Y 140 -1.16 -46.45 -2.92
N ARG Y 141 0.04 -46.62 -2.34
CA ARG Y 141 0.86 -47.75 -2.72
CA ARG Y 141 0.88 -47.75 -2.69
C ARG Y 141 0.35 -49.07 -2.11
N GLY Y 142 -0.47 -48.99 -1.07
CA GLY Y 142 -1.01 -50.17 -0.41
C GLY Y 142 -2.49 -50.45 -0.60
N TYR Y 143 -3.23 -49.50 -1.18
CA TYR Y 143 -4.68 -49.62 -1.22
C TYR Y 143 -5.14 -50.64 -2.23
N SER Y 144 -6.16 -51.41 -1.86
CA SER Y 144 -6.89 -52.27 -2.74
C SER Y 144 -8.30 -52.43 -2.20
N TYR Y 145 -9.26 -52.58 -3.10
CA TYR Y 145 -10.65 -52.79 -2.70
C TYR Y 145 -10.81 -54.11 -1.93
N ASP Y 146 -9.99 -55.09 -2.27
CA ASP Y 146 -10.07 -56.41 -1.66
C ASP Y 146 -9.00 -56.59 -0.58
N LEU Y 147 -8.62 -55.50 0.07
CA LEU Y 147 -7.89 -55.59 1.33
C LEU Y 147 -8.70 -56.40 2.34
N GLU Y 148 -8.04 -57.29 3.04
CA GLU Y 148 -8.58 -57.91 4.23
C GLU Y 148 -8.65 -56.87 5.35
N VAL Y 149 -9.55 -57.08 6.31
CA VAL Y 149 -9.87 -56.08 7.30
C VAL Y 149 -8.59 -55.64 8.04
N GLU Y 150 -7.81 -56.60 8.53
CA GLU Y 150 -6.62 -56.27 9.30
C GLU Y 150 -5.52 -55.62 8.44
N GLN Y 151 -5.47 -55.94 7.14
CA GLN Y 151 -4.56 -55.26 6.23
C GLN Y 151 -4.99 -53.80 6.07
N ALA Y 152 -6.30 -53.57 6.02
CA ALA Y 152 -6.85 -52.25 5.86
C ALA Y 152 -6.55 -51.39 7.10
N TYR Y 153 -6.69 -51.98 8.28
CA TYR Y 153 -6.30 -51.30 9.50
C TYR Y 153 -4.80 -50.93 9.52
N ASP Y 154 -3.94 -51.86 9.10
CA ASP Y 154 -2.50 -51.61 9.08
C ASP Y 154 -2.15 -50.48 8.12
N LEU Y 155 -2.78 -50.45 6.95
CA LEU Y 155 -2.52 -49.43 5.95
C LEU Y 155 -2.86 -48.04 6.47
N ALA Y 156 -4.07 -47.90 7.02
CA ALA Y 156 -4.54 -46.61 7.55
C ALA Y 156 -3.63 -46.10 8.65
N ARG Y 157 -3.33 -46.97 9.58
CA ARG Y 157 -2.41 -46.66 10.68
C ARG Y 157 -0.99 -46.26 10.21
N ARG Y 158 -0.46 -46.99 9.26
CA ARG Y 158 0.88 -46.72 8.73
C ARG Y 158 0.93 -45.37 7.97
N ALA Y 159 -0.09 -45.10 7.15
CA ALA Y 159 -0.21 -43.86 6.41
C ALA Y 159 -0.24 -42.63 7.33
N ILE Y 160 -1.09 -42.65 8.35
CA ILE Y 160 -1.13 -41.55 9.28
C ILE Y 160 0.24 -41.41 9.97
N TYR Y 161 0.81 -42.54 10.36
CA TYR Y 161 2.05 -42.57 11.08
C TYR Y 161 3.16 -41.85 10.28
N GLN Y 162 3.33 -42.24 9.02
CA GLN Y 162 4.33 -41.66 8.09
C GLN Y 162 4.08 -40.19 7.88
N ALA Y 163 2.81 -39.77 7.80
CA ALA Y 163 2.50 -38.34 7.77
C ALA Y 163 2.92 -37.59 9.04
N THR Y 164 2.78 -38.20 10.22
CA THR Y 164 3.20 -37.53 11.47
C THR Y 164 4.76 -37.33 11.54
N TYR Y 165 5.47 -38.24 10.91
CA TYR Y 165 6.93 -38.21 10.83
C TYR Y 165 7.46 -37.05 9.98
N ARG Y 166 6.89 -36.84 8.80
CA ARG Y 166 7.29 -35.73 7.86
C ARG Y 166 6.68 -34.36 8.15
N ASP Y 167 5.41 -34.33 8.57
CA ASP Y 167 4.69 -33.08 8.75
C ASP Y 167 4.73 -32.60 10.19
N ALA Y 168 5.32 -31.42 10.38
CA ALA Y 168 5.43 -30.82 11.70
C ALA Y 168 4.05 -30.60 12.39
N TYR Y 169 3.04 -30.35 11.58
CA TYR Y 169 1.71 -30.04 12.08
C TYR Y 169 0.84 -31.28 12.30
N SER Y 170 1.41 -32.50 12.18
CA SER Y 170 0.67 -33.74 12.51
C SER Y 170 1.45 -34.55 13.56
N GLY Y 171 0.69 -35.23 14.45
CA GLY Y 171 1.31 -36.05 15.50
C GLY Y 171 0.36 -36.53 16.56
N GLY Y 172 0.91 -37.04 17.64
CA GLY Y 172 0.13 -37.50 18.79
C GLY Y 172 -0.13 -38.99 18.77
N ALA Y 173 -1.35 -39.34 18.40
CA ALA Y 173 -1.82 -40.70 18.35
C ALA Y 173 -2.58 -40.90 17.08
N VAL Y 174 -2.62 -42.14 16.63
CA VAL Y 174 -3.45 -42.48 15.50
C VAL Y 174 -4.75 -43.12 15.99
N ASN Y 175 -5.87 -42.53 15.58
CA ASN Y 175 -7.20 -42.99 15.97
C ASN Y 175 -7.88 -43.52 14.76
N LEU Y 176 -8.33 -44.76 14.84
CA LEU Y 176 -8.82 -45.51 13.70
C LEU Y 176 -10.22 -46.04 14.00
N TYR Y 177 -11.07 -45.94 12.96
CA TYR Y 177 -12.45 -46.37 13.01
C TYR Y 177 -12.75 -47.17 11.75
N HIS Y 178 -13.81 -47.97 11.84
CA HIS Y 178 -14.26 -48.82 10.77
C HIS Y 178 -15.79 -48.72 10.70
N VAL Y 179 -16.29 -48.16 9.61
CA VAL Y 179 -17.71 -48.13 9.35
C VAL Y 179 -18.10 -49.43 8.69
N ARG Y 180 -18.94 -50.21 9.37
CA ARG Y 180 -19.45 -51.50 8.90
C ARG Y 180 -20.96 -51.34 8.68
N GLU Y 181 -21.60 -52.31 8.04
CA GLU Y 181 -23.01 -52.18 7.66
C GLU Y 181 -23.95 -51.98 8.85
N ASP Y 182 -23.61 -52.53 10.01
CA ASP Y 182 -24.43 -52.35 11.23
C ASP Y 182 -23.94 -51.23 12.17
N GLY Y 183 -23.06 -50.35 11.69
CA GLY Y 183 -22.57 -49.24 12.50
C GLY Y 183 -21.05 -49.14 12.47
N TRP Y 184 -20.53 -48.01 12.93
CA TRP Y 184 -19.11 -47.83 13.01
C TRP Y 184 -18.66 -48.44 14.33
N ILE Y 185 -17.41 -48.90 14.35
CA ILE Y 185 -16.70 -49.23 15.58
C ILE Y 185 -15.38 -48.45 15.63
N ARG Y 186 -14.98 -48.10 16.84
CA ARG Y 186 -13.70 -47.55 17.17
CA ARG Y 186 -13.67 -47.54 17.12
C ARG Y 186 -12.69 -48.71 17.28
N VAL Y 187 -11.73 -48.81 16.37
CA VAL Y 187 -10.81 -49.97 16.31
C VAL Y 187 -9.63 -49.78 17.25
N SER Y 188 -9.01 -48.61 17.25
CA SER Y 188 -7.79 -48.42 18.07
C SER Y 188 -7.34 -46.99 18.18
N SER Y 189 -6.56 -46.75 19.24
CA SER Y 189 -5.86 -45.51 19.49
C SER Y 189 -4.42 -45.88 19.81
N ASP Y 190 -3.49 -45.54 18.93
CA ASP Y 190 -2.08 -45.88 19.17
C ASP Y 190 -1.19 -44.65 19.15
N ASN Y 191 -0.49 -44.40 20.26
CA ASN Y 191 0.46 -43.31 20.29
C ASN Y 191 1.53 -43.55 19.22
N VAL Y 192 1.81 -42.50 18.46
CA VAL Y 192 2.89 -42.46 17.48
C VAL Y 192 4.25 -42.91 18.03
N ALA Y 193 4.57 -42.63 19.30
CA ALA Y 193 5.79 -43.13 19.95
C ALA Y 193 5.82 -44.65 20.08
N ASP Y 194 4.68 -45.22 20.40
CA ASP Y 194 4.53 -46.68 20.46
C ASP Y 194 4.58 -47.29 19.06
N LEU Y 195 3.95 -46.63 18.07
CA LEU Y 195 4.04 -47.12 16.67
C LEU Y 195 5.49 -47.08 16.10
N HIS Y 196 6.26 -46.06 16.47
CA HIS Y 196 7.67 -45.91 16.02
C HIS Y 196 8.52 -47.09 16.44
N GLU Y 197 8.41 -47.42 17.73
CA GLU Y 197 9.02 -48.61 18.33
C GLU Y 197 8.77 -49.79 17.41
N LYS Y 198 7.49 -50.04 17.13
CA LYS Y 198 7.07 -51.16 16.31
C LYS Y 198 7.64 -51.13 14.85
N TYR Y 199 7.50 -50.05 14.10
CA TYR Y 199 7.79 -50.09 12.65
C TYR Y 199 9.27 -50.01 12.18
N SER Y 200 9.65 -50.29 10.91
CA SER Y 200 9.14 -51.32 9.90
C SER Y 200 9.55 -51.11 8.35
N GLY Y 201 10.77 -50.61 8.05
CA GLY Y 201 11.22 -50.41 6.64
C GLY Y 201 11.36 -51.79 5.93
N ARG Z 1 -6.46 3.84 12.10
CA ARG Z 1 -7.45 2.77 12.35
C ARG Z 1 -7.41 2.48 13.89
N PHE Z 2 -8.49 2.89 14.54
CA PHE Z 2 -8.89 2.36 15.82
C PHE Z 2 -8.72 0.84 15.85
N SER Z 3 -7.99 0.26 16.82
CA SER Z 3 -8.10 -1.20 17.13
C SER Z 3 -9.01 -1.42 18.34
N PRO Z 4 -10.01 -2.32 18.20
CA PRO Z 4 -10.91 -2.67 19.30
C PRO Z 4 -10.33 -3.66 20.30
N TYR Z 5 -9.06 -4.04 20.15
CA TYR Z 5 -8.39 -4.96 21.05
C TYR Z 5 -7.14 -4.38 21.63
N VAL Z 6 -6.79 -4.85 22.81
CA VAL Z 6 -5.48 -4.60 23.40
C VAL Z 6 -5.17 -5.85 24.25
N PHE Z 7 -3.89 -6.15 24.46
CA PHE Z 7 -3.51 -7.32 25.23
C PHE Z 7 -3.26 -6.90 26.68
N ASN Z 8 -3.91 -7.55 27.64
CA ASN Z 8 -3.79 -7.14 29.04
C ASN Z 8 -3.13 -8.18 29.93
N GLY Z 9 -2.66 -9.26 29.32
CA GLY Z 9 -1.82 -10.22 30.04
C GLY Z 9 -2.63 -11.18 30.84
N GLY Z 10 -1.93 -11.95 31.64
CA GLY Z 10 -2.60 -12.93 32.48
C GLY Z 10 -2.31 -14.36 32.10
N THR Z 11 -1.94 -15.13 33.11
CA THR Z 11 -1.70 -16.55 32.97
C THR Z 11 -2.73 -17.36 33.81
N ILE Z 12 -3.30 -18.38 33.20
CA ILE Z 12 -4.30 -19.27 33.88
C ILE Z 12 -3.90 -20.74 33.79
N LEU Z 13 -4.41 -21.52 34.73
CA LEU Z 13 -4.04 -22.92 34.87
C LEU Z 13 -5.18 -23.64 35.56
N ALA Z 14 -5.52 -24.84 35.07
CA ALA Z 14 -6.41 -25.73 35.80
C ALA Z 14 -5.90 -27.16 35.84
N ILE Z 15 -6.17 -27.83 36.95
CA ILE Z 15 -5.80 -29.24 37.16
C ILE Z 15 -7.02 -30.01 37.73
N ALA Z 16 -7.31 -31.14 37.11
CA ALA Z 16 -8.30 -32.10 37.59
C ALA Z 16 -7.69 -33.19 38.47
N GLY Z 17 -8.22 -33.35 39.69
CA GLY Z 17 -7.89 -34.47 40.53
C GLY Z 17 -9.02 -35.48 40.53
N GLU Z 18 -8.86 -36.48 41.38
CA GLU Z 18 -9.83 -37.52 41.52
C GLU Z 18 -11.11 -36.99 42.17
N ASP Z 19 -10.97 -36.08 43.14
CA ASP Z 19 -12.13 -35.45 43.81
C ASP Z 19 -11.93 -33.93 44.02
N PHE Z 20 -11.17 -33.30 43.16
CA PHE Z 20 -10.97 -31.89 43.29
C PHE Z 20 -10.64 -31.34 41.95
N ALA Z 21 -10.75 -30.04 41.84
CA ALA Z 21 -10.20 -29.31 40.71
C ALA Z 21 -9.57 -28.03 41.25
N ILE Z 22 -8.48 -27.61 40.62
CA ILE Z 22 -7.84 -26.33 40.89
C ILE Z 22 -7.94 -25.42 39.67
N VAL Z 23 -8.26 -24.16 39.89
CA VAL Z 23 -8.12 -23.10 38.90
C VAL Z 23 -7.28 -22.00 39.54
N ALA Z 24 -6.20 -21.63 38.85
CA ALA Z 24 -5.24 -20.65 39.35
C ALA Z 24 -4.90 -19.62 38.27
N SER Z 25 -4.56 -18.43 38.74
CA SER Z 25 -4.16 -17.34 37.88
C SER Z 25 -3.30 -16.32 38.64
N ASP Z 26 -2.57 -15.52 37.88
CA ASP Z 26 -1.84 -14.39 38.50
C ASP Z 26 -2.82 -13.22 38.62
N THR Z 27 -2.44 -12.16 39.33
CA THR Z 27 -3.34 -11.02 39.57
C THR Z 27 -2.93 -9.73 38.89
N ARG Z 28 -1.97 -9.79 37.96
CA ARG Z 28 -1.47 -8.58 37.30
C ARG Z 28 -2.32 -8.24 36.09
N LEU Z 29 -2.68 -6.99 35.96
CA LEU Z 29 -3.35 -6.51 34.74
C LEU Z 29 -2.45 -5.45 34.11
N SER Z 30 -2.06 -5.70 32.88
CA SER Z 30 -1.01 -4.91 32.17
C SER Z 30 -1.59 -4.22 30.97
N GLU Z 31 -0.79 -3.33 30.42
CA GLU Z 31 -1.06 -2.77 29.12
C GLU Z 31 0.20 -2.10 28.61
N GLY Z 32 0.65 -2.46 27.41
CA GLY Z 32 1.91 -1.95 26.84
C GLY Z 32 3.08 -2.38 27.70
N PHE Z 33 3.78 -1.41 28.24
CA PHE Z 33 4.84 -1.64 29.21
C PHE Z 33 4.48 -1.24 30.65
N SER Z 34 3.19 -1.06 30.93
CA SER Z 34 2.67 -0.57 32.22
C SER Z 34 1.81 -1.61 32.94
N ILE Z 35 1.66 -1.42 34.24
CA ILE Z 35 0.77 -2.20 35.06
C ILE Z 35 -0.44 -1.32 35.43
N HIS Z 36 -1.63 -1.81 35.12
CA HIS Z 36 -2.87 -1.12 35.51
C HIS Z 36 -3.07 -1.30 37.00
N THR Z 37 -3.06 -2.55 37.44
CA THR Z 37 -3.23 -2.88 38.84
C THR Z 37 -2.55 -4.19 39.10
N ARG Z 38 -2.11 -4.35 40.32
CA ARG Z 38 -1.55 -5.60 40.84
C ARG Z 38 -2.56 -6.58 41.45
N ASP Z 39 -3.84 -6.21 41.49
CA ASP Z 39 -4.87 -7.01 42.14
C ASP Z 39 -6.13 -7.19 41.25
N SER Z 40 -5.96 -7.96 40.18
CA SER Z 40 -7.00 -8.22 39.20
C SER Z 40 -6.85 -9.69 38.87
N PRO Z 41 -7.55 -10.54 39.61
CA PRO Z 41 -7.53 -11.98 39.30
C PRO Z 41 -8.38 -12.33 38.06
N LYS Z 42 -8.11 -13.52 37.55
CA LYS Z 42 -8.63 -13.98 36.30
C LYS Z 42 -9.58 -15.16 36.47
N CYS Z 43 -9.92 -15.46 37.72
CA CYS Z 43 -10.78 -16.56 38.06
CA CYS Z 43 -10.79 -16.56 38.09
C CYS Z 43 -12.16 -16.00 38.47
N TYR Z 44 -13.23 -16.67 38.08
CA TYR Z 44 -14.58 -16.22 38.38
C TYR Z 44 -15.39 -17.44 38.79
N LYS Z 45 -16.03 -17.37 39.95
CA LYS Z 45 -16.92 -18.42 40.40
C LYS Z 45 -18.20 -18.44 39.54
N LEU Z 46 -18.54 -19.58 38.95
CA LEU Z 46 -19.78 -19.73 38.18
C LEU Z 46 -20.92 -20.41 38.98
N THR Z 47 -20.62 -21.56 39.59
CA THR Z 47 -21.51 -22.25 40.52
C THR Z 47 -20.63 -22.67 41.65
N ASP Z 48 -21.25 -23.30 42.65
CA ASP Z 48 -20.54 -23.99 43.75
C ASP Z 48 -19.56 -25.07 43.29
N LYS Z 49 -19.73 -25.57 42.06
CA LYS Z 49 -18.97 -26.69 41.51
C LYS Z 49 -18.06 -26.28 40.35
N THR Z 50 -18.07 -25.00 39.98
CA THR Z 50 -17.49 -24.60 38.70
C THR Z 50 -16.89 -23.18 38.74
N VAL Z 51 -15.63 -23.09 38.28
CA VAL Z 51 -14.88 -21.84 38.28
C VAL Z 51 -14.30 -21.70 36.86
N ILE Z 52 -14.28 -20.49 36.35
CA ILE Z 52 -13.65 -20.22 35.05
C ILE Z 52 -12.46 -19.26 35.21
N GLY Z 53 -11.40 -19.53 34.46
CA GLY Z 53 -10.25 -18.63 34.35
C GLY Z 53 -10.24 -18.01 32.96
N CYS Z 54 -10.06 -16.68 32.89
CA CYS Z 54 -10.14 -15.89 31.65
C CYS Z 54 -8.96 -14.91 31.56
N SER Z 55 -8.25 -14.93 30.45
CA SER Z 55 -7.17 -13.94 30.18
C SER Z 55 -7.17 -13.50 28.76
N GLY Z 56 -6.52 -12.38 28.51
CA GLY Z 56 -6.40 -11.83 27.18
C GLY Z 56 -6.80 -10.37 27.22
N PHE Z 57 -7.76 -9.98 26.38
CA PHE Z 57 -8.23 -8.61 26.35
C PHE Z 57 -9.25 -8.44 27.47
N HIS Z 58 -8.94 -7.56 28.42
CA HIS Z 58 -9.76 -7.40 29.62
C HIS Z 58 -11.19 -6.91 29.34
N GLY Z 59 -11.37 -5.99 28.39
CA GLY Z 59 -12.65 -5.60 27.91
C GLY Z 59 -13.59 -6.81 27.59
N ASP Z 60 -13.04 -7.80 26.87
CA ASP Z 60 -13.77 -8.99 26.54
C ASP Z 60 -13.95 -9.91 27.75
N CYS Z 61 -12.95 -9.99 28.61
CA CYS Z 61 -13.04 -10.83 29.81
C CYS Z 61 -14.25 -10.42 30.66
N LEU Z 62 -14.34 -9.11 30.91
CA LEU Z 62 -15.43 -8.59 31.67
C LEU Z 62 -16.80 -8.86 31.01
N THR Z 63 -16.95 -8.57 29.72
CA THR Z 63 -18.19 -8.76 29.01
C THR Z 63 -18.61 -10.21 28.96
N LEU Z 64 -17.69 -11.09 28.58
CA LEU Z 64 -17.95 -12.50 28.47
C LEU Z 64 -18.38 -13.12 29.81
N THR Z 65 -17.70 -12.78 30.90
CA THR Z 65 -18.07 -13.35 32.18
C THR Z 65 -19.47 -12.88 32.61
N LYS Z 66 -19.78 -11.62 32.36
CA LYS Z 66 -21.11 -11.11 32.61
C LYS Z 66 -22.18 -11.78 31.74
N ILE Z 67 -21.86 -12.12 30.48
CA ILE Z 67 -22.74 -12.92 29.65
C ILE Z 67 -22.98 -14.36 30.20
N ILE Z 68 -21.89 -15.00 30.61
CA ILE Z 68 -21.99 -16.34 31.18
C ILE Z 68 -22.88 -16.33 32.40
N GLU Z 69 -22.69 -15.35 33.27
CA GLU Z 69 -23.51 -15.22 34.49
C GLU Z 69 -25.00 -15.08 34.22
N ALA Z 70 -25.36 -14.25 33.26
CA ALA Z 70 -26.71 -14.08 32.83
C ALA Z 70 -27.25 -15.40 32.28
N ARG Z 71 -26.47 -16.07 31.46
CA ARG Z 71 -26.90 -17.35 30.87
C ARG Z 71 -27.11 -18.47 31.92
N LEU Z 72 -26.30 -18.49 33.00
CA LEU Z 72 -26.48 -19.50 34.03
C LEU Z 72 -27.80 -19.32 34.74
N LYS Z 73 -28.17 -18.07 35.03
CA LYS Z 73 -29.48 -17.74 35.60
C LYS Z 73 -30.65 -18.07 34.68
N MET Z 74 -30.52 -17.69 33.42
CA MET Z 74 -31.55 -18.05 32.45
C MET Z 74 -31.79 -19.55 32.40
N TYR Z 75 -30.70 -20.32 32.35
CA TYR Z 75 -30.74 -21.76 32.38
C TYR Z 75 -31.46 -22.30 33.59
N LYS Z 76 -31.10 -21.79 34.76
CA LYS Z 76 -31.71 -22.21 36.01
C LYS Z 76 -33.20 -21.89 36.07
N HIS Z 77 -33.56 -20.70 35.64
CA HIS Z 77 -34.96 -20.35 35.54
C HIS Z 77 -35.76 -21.22 34.63
N SER Z 78 -35.21 -21.58 33.46
CA SER Z 78 -36.00 -22.38 32.55
C SER Z 78 -35.92 -23.90 32.80
N ASN Z 79 -34.83 -24.39 33.37
CA ASN Z 79 -34.69 -25.83 33.60
C ASN Z 79 -34.75 -26.25 35.09
N ASN Z 80 -34.87 -25.32 36.01
CA ASN Z 80 -34.95 -25.63 37.45
C ASN Z 80 -33.85 -26.46 38.05
N LYS Z 81 -32.64 -26.19 37.62
CA LYS Z 81 -31.44 -26.77 38.18
C LYS Z 81 -30.26 -25.96 37.70
N ALA Z 82 -29.16 -26.01 38.44
CA ALA Z 82 -27.94 -25.31 38.05
C ALA Z 82 -27.30 -26.02 36.87
N MET Z 83 -26.59 -25.28 36.03
CA MET Z 83 -25.82 -25.87 34.96
C MET Z 83 -24.64 -26.68 35.48
N THR Z 84 -24.42 -27.84 34.89
CA THR Z 84 -23.27 -28.66 35.18
C THR Z 84 -22.02 -28.05 34.57
N THR Z 85 -20.90 -28.58 35.00
CA THR Z 85 -19.60 -28.09 34.49
C THR Z 85 -19.53 -28.31 32.98
N GLY Z 86 -19.89 -29.52 32.56
CA GLY Z 86 -19.97 -29.91 31.17
C GLY Z 86 -20.90 -29.10 30.30
N ALA Z 87 -22.12 -28.81 30.82
CA ALA Z 87 -23.06 -27.98 30.10
C ALA Z 87 -22.54 -26.56 29.95
N ILE Z 88 -21.91 -26.04 30.98
CA ILE Z 88 -21.28 -24.72 30.93
C ILE Z 88 -20.19 -24.67 29.83
N ALA Z 89 -19.38 -25.71 29.74
CA ALA Z 89 -18.36 -25.79 28.72
C ALA Z 89 -18.97 -25.81 27.32
N ALA Z 90 -19.99 -26.65 27.12
CA ALA Z 90 -20.64 -26.78 25.82
C ALA Z 90 -21.30 -25.47 25.41
N MET Z 91 -21.87 -24.75 26.40
CA MET Z 91 -22.54 -23.48 26.14
C MET Z 91 -21.51 -22.42 25.76
N LEU Z 92 -20.44 -22.36 26.53
CA LEU Z 92 -19.37 -21.38 26.27
C LEU Z 92 -18.83 -21.51 24.90
N SER Z 93 -18.70 -22.73 24.44
CA SER Z 93 -18.26 -22.95 23.04
C SER Z 93 -19.18 -22.22 22.05
N THR Z 94 -20.51 -22.33 22.23
CA THR Z 94 -21.45 -21.66 21.33
C THR Z 94 -21.39 -20.13 21.46
N ILE Z 95 -21.17 -19.62 22.67
CA ILE Z 95 -21.08 -18.17 22.87
C ILE Z 95 -19.83 -17.62 22.15
N LEU Z 96 -18.72 -18.33 22.28
CA LEU Z 96 -17.49 -17.91 21.58
C LEU Z 96 -17.68 -17.96 20.08
N TYR Z 97 -18.34 -19.02 19.58
CA TYR Z 97 -18.55 -19.14 18.13
C TYR Z 97 -19.48 -18.09 17.58
N SER Z 98 -20.39 -17.57 18.41
CA SER Z 98 -21.36 -16.57 17.93
C SER Z 98 -20.60 -15.31 17.49
N ARG Z 99 -19.39 -15.13 18.01
CA ARG Z 99 -18.53 -14.03 17.63
C ARG Z 99 -17.40 -14.46 16.71
N ARG Z 100 -17.61 -15.53 15.94
CA ARG Z 100 -16.57 -16.07 15.06
C ARG Z 100 -15.90 -15.03 14.16
N PHE Z 101 -16.67 -14.04 13.71
CA PHE Z 101 -16.16 -12.98 12.84
C PHE Z 101 -15.75 -11.68 13.55
N PHE Z 102 -15.86 -11.62 14.88
CA PHE Z 102 -15.34 -10.49 15.70
C PHE Z 102 -15.09 -11.09 17.11
N PRO Z 103 -14.05 -11.94 17.23
CA PRO Z 103 -13.91 -12.78 18.39
C PRO Z 103 -13.72 -12.09 19.72
N TYR Z 104 -14.20 -12.74 20.79
CA TYR Z 104 -13.80 -12.47 22.14
C TYR Z 104 -12.34 -12.87 22.20
N TYR Z 105 -11.45 -11.89 22.40
CA TYR Z 105 -10.02 -12.16 22.63
C TYR Z 105 -9.78 -12.57 24.08
N VAL Z 106 -10.15 -13.83 24.35
CA VAL Z 106 -10.13 -14.38 25.67
C VAL Z 106 -9.72 -15.85 25.58
N TYR Z 107 -8.81 -16.27 26.45
CA TYR Z 107 -8.47 -17.68 26.61
C TYR Z 107 -9.17 -18.16 27.85
N ASN Z 108 -9.98 -19.22 27.74
CA ASN Z 108 -10.78 -19.68 28.84
C ASN Z 108 -10.37 -21.08 29.25
N ILE Z 109 -10.26 -21.28 30.56
CA ILE Z 109 -10.13 -22.64 31.11
C ILE Z 109 -11.15 -22.79 32.22
N ILE Z 110 -11.99 -23.83 32.10
CA ILE Z 110 -12.97 -24.16 33.16
C ILE Z 110 -12.43 -25.26 34.04
N GLY Z 111 -12.57 -25.08 35.36
CA GLY Z 111 -12.28 -26.14 36.28
C GLY Z 111 -13.42 -26.32 37.24
N GLY Z 112 -13.76 -27.58 37.48
CA GLY Z 112 -14.89 -27.90 38.38
C GLY Z 112 -15.03 -29.39 38.62
N LEU Z 113 -16.15 -29.74 39.23
CA LEU Z 113 -16.51 -31.13 39.45
C LEU Z 113 -17.55 -31.54 38.43
N ASP Z 114 -17.41 -32.77 37.94
CA ASP Z 114 -18.35 -33.37 37.04
C ASP Z 114 -19.48 -34.02 37.84
N GLU Z 115 -20.39 -34.71 37.14
CA GLU Z 115 -21.57 -35.28 37.82
C GLU Z 115 -21.29 -36.49 38.70
N GLU Z 116 -20.12 -37.08 38.59
CA GLU Z 116 -19.70 -38.08 39.55
C GLU Z 116 -18.81 -37.54 40.69
N GLY Z 117 -18.67 -36.22 40.82
CA GLY Z 117 -17.81 -35.65 41.84
C GLY Z 117 -16.32 -35.64 41.48
N LYS Z 118 -16.00 -35.94 40.23
CA LYS Z 118 -14.60 -35.97 39.82
C LYS Z 118 -14.16 -34.64 39.22
N GLY Z 119 -12.86 -34.32 39.39
CA GLY Z 119 -12.25 -33.17 38.75
C GLY Z 119 -12.48 -33.16 37.26
N ALA Z 120 -12.85 -32.01 36.75
CA ALA Z 120 -12.97 -31.80 35.31
C ALA Z 120 -12.35 -30.45 34.89
N VAL Z 121 -11.51 -30.50 33.87
CA VAL Z 121 -10.96 -29.31 33.23
C VAL Z 121 -11.40 -29.27 31.78
N TYR Z 122 -11.89 -28.12 31.35
CA TYR Z 122 -12.12 -27.86 29.90
C TYR Z 122 -11.34 -26.63 29.45
N SER Z 123 -10.68 -26.76 28.33
CA SER Z 123 -9.88 -25.66 27.79
C SER Z 123 -10.35 -25.25 26.39
N PHE Z 124 -10.28 -23.95 26.11
CA PHE Z 124 -10.87 -23.32 24.93
C PHE Z 124 -9.87 -22.42 24.14
N ASP Z 125 -10.08 -22.29 22.84
CA ASP Z 125 -9.52 -21.21 22.07
C ASP Z 125 -10.52 -20.05 21.96
N PRO Z 126 -10.08 -18.91 21.42
CA PRO Z 126 -10.95 -17.74 21.44
C PRO Z 126 -12.30 -17.89 20.71
N VAL Z 127 -12.39 -18.78 19.74
CA VAL Z 127 -13.63 -18.95 19.01
C VAL Z 127 -14.40 -20.23 19.36
N GLY Z 128 -14.02 -20.88 20.47
CA GLY Z 128 -14.82 -21.92 21.07
C GLY Z 128 -14.49 -23.37 20.81
N SER Z 129 -13.37 -23.65 20.13
CA SER Z 129 -12.84 -24.99 20.08
C SER Z 129 -12.54 -25.38 21.51
N TYR Z 130 -12.89 -26.59 21.92
CA TYR Z 130 -12.61 -27.02 23.31
C TYR Z 130 -12.55 -28.49 23.45
N GLN Z 131 -12.00 -28.92 24.58
CA GLN Z 131 -12.00 -30.34 24.95
C GLN Z 131 -11.75 -30.46 26.42
N ARG Z 132 -11.96 -31.65 26.93
CA ARG Z 132 -11.68 -31.95 28.29
C ARG Z 132 -10.17 -32.32 28.42
N ASP Z 133 -9.55 -31.91 29.51
CA ASP Z 133 -8.13 -32.20 29.77
C ASP Z 133 -8.01 -32.69 31.21
N SER Z 134 -6.92 -33.36 31.51
CA SER Z 134 -6.49 -33.65 32.89
C SER Z 134 -5.92 -32.40 33.58
N PHE Z 135 -5.27 -31.56 32.77
CA PHE Z 135 -4.61 -30.35 33.24
C PHE Z 135 -4.24 -29.48 32.06
N LYS Z 136 -4.17 -28.19 32.26
CA LYS Z 136 -4.01 -27.27 31.18
C LYS Z 136 -3.55 -25.89 31.62
N ALA Z 137 -2.51 -25.35 30.98
CA ALA Z 137 -2.14 -23.96 31.15
C ALA Z 137 -2.67 -23.12 29.96
N GLY Z 138 -2.96 -21.86 30.22
CA GLY Z 138 -3.40 -20.92 29.20
C GLY Z 138 -2.91 -19.50 29.49
N GLY Z 139 -3.02 -18.66 28.47
CA GLY Z 139 -2.59 -17.28 28.63
C GLY Z 139 -1.11 -17.04 28.39
N SER Z 140 -0.65 -15.91 28.92
CA SER Z 140 0.60 -15.32 28.62
C SER Z 140 1.80 -16.28 28.84
N ALA Z 141 1.85 -16.99 29.95
CA ALA Z 141 2.98 -17.87 30.24
C ALA Z 141 2.70 -19.36 30.01
N SER Z 142 1.72 -19.69 29.18
CA SER Z 142 1.32 -21.10 29.03
C SER Z 142 2.38 -21.99 28.46
N ALA Z 143 3.20 -21.46 27.56
CA ALA Z 143 4.26 -22.25 27.00
C ALA Z 143 5.34 -22.57 28.02
N MET Z 144 5.44 -21.76 29.04
CA MET Z 144 6.33 -22.00 30.15
C MET Z 144 5.76 -23.01 31.13
N LEU Z 145 4.46 -22.97 31.40
CA LEU Z 145 3.89 -23.88 32.37
C LEU Z 145 3.64 -25.28 31.83
N GLN Z 146 3.11 -25.37 30.60
CA GLN Z 146 2.57 -26.63 30.10
C GLN Z 146 3.57 -27.79 30.08
N PRO Z 147 4.82 -27.56 29.55
CA PRO Z 147 5.79 -28.62 29.49
C PRO Z 147 6.10 -29.24 30.82
N LEU Z 148 6.24 -28.41 31.84
CA LEU Z 148 6.53 -28.94 33.16
C LEU Z 148 5.33 -29.82 33.66
N LEU Z 149 4.11 -29.38 33.34
CA LEU Z 149 2.90 -30.14 33.74
C LEU Z 149 2.85 -31.47 33.00
N ASP Z 150 3.13 -31.42 31.68
CA ASP Z 150 3.24 -32.65 30.89
C ASP Z 150 4.19 -33.67 31.54
N ASN Z 151 5.33 -33.15 32.03
CA ASN Z 151 6.36 -33.97 32.57
C ASN Z 151 5.97 -34.52 33.95
N GLN Z 152 5.55 -33.63 34.83
CA GLN Z 152 5.34 -33.96 36.25
C GLN Z 152 3.96 -34.52 36.60
N VAL Z 153 2.93 -34.17 35.83
CA VAL Z 153 1.56 -34.68 36.02
C VAL Z 153 1.26 -35.79 35.03
N GLY Z 154 1.65 -35.60 33.77
CA GLY Z 154 1.51 -36.64 32.75
C GLY Z 154 2.59 -37.71 32.78
N PHE Z 155 3.65 -37.51 33.58
CA PHE Z 155 4.77 -38.45 33.66
C PHE Z 155 5.50 -38.69 32.34
N LYS Z 156 5.40 -37.73 31.43
CA LYS Z 156 6.06 -37.88 30.13
C LYS Z 156 7.58 -37.78 30.12
N ASN Z 157 8.16 -38.56 29.22
CA ASN Z 157 9.58 -38.72 29.04
C ASN Z 157 10.29 -39.35 30.24
N MET Z 158 9.55 -39.94 31.18
CA MET Z 158 10.16 -40.60 32.35
C MET Z 158 10.03 -42.12 32.29
N GLN Z 159 11.12 -42.83 32.51
CA GLN Z 159 11.14 -44.30 32.60
C GLN Z 159 11.15 -44.71 34.06
N ASN Z 160 10.69 -45.94 34.32
CA ASN Z 160 10.78 -46.57 35.65
C ASN Z 160 10.23 -45.66 36.76
N VAL Z 161 9.04 -45.08 36.53
CA VAL Z 161 8.34 -44.21 37.51
C VAL Z 161 6.92 -44.74 37.64
N GLU Z 162 6.47 -44.95 38.89
CA GLU Z 162 5.09 -45.36 39.18
C GLU Z 162 4.12 -44.20 38.91
N HIS Z 163 3.13 -44.45 38.04
CA HIS Z 163 2.10 -43.47 37.69
C HIS Z 163 1.02 -43.37 38.81
N VAL Z 164 1.40 -42.77 39.94
CA VAL Z 164 0.49 -42.63 41.10
C VAL Z 164 -0.61 -41.59 40.82
N PRO Z 165 -1.73 -41.63 41.60
CA PRO Z 165 -2.75 -40.56 41.49
C PRO Z 165 -2.23 -39.24 42.07
N LEU Z 166 -2.71 -38.14 41.52
CA LEU Z 166 -2.26 -36.81 41.91
C LEU Z 166 -2.95 -36.33 43.17
N SER Z 167 -2.19 -36.29 44.27
CA SER Z 167 -2.75 -35.73 45.49
C SER Z 167 -2.93 -34.24 45.35
N LEU Z 168 -3.84 -33.69 46.17
CA LEU Z 168 -4.08 -32.26 46.21
C LEU Z 168 -2.80 -31.48 46.61
N ASP Z 169 -2.06 -32.02 47.59
CA ASP Z 169 -0.90 -31.35 48.14
C ASP Z 169 0.21 -31.23 47.07
N ARG Z 170 0.40 -32.30 46.30
CA ARG Z 170 1.38 -32.27 45.25
C ARG Z 170 0.88 -31.31 44.16
N ALA Z 171 -0.40 -31.37 43.80
CA ALA Z 171 -0.94 -30.46 42.75
C ALA Z 171 -0.73 -29.00 43.17
N MET Z 172 -0.95 -28.72 44.44
CA MET Z 172 -0.77 -27.41 45.01
C MET Z 172 0.70 -26.90 44.92
N ARG Z 173 1.64 -27.76 45.29
CA ARG Z 173 3.07 -27.44 45.20
C ARG Z 173 3.46 -27.18 43.77
N LEU Z 174 2.97 -28.02 42.84
CA LEU Z 174 3.25 -27.85 41.43
C LEU Z 174 2.76 -26.51 40.91
N VAL Z 175 1.50 -26.18 41.23
CA VAL Z 175 0.91 -24.91 40.85
C VAL Z 175 1.73 -23.71 41.31
N LYS Z 176 2.16 -23.71 42.56
CA LYS Z 176 2.95 -22.61 43.07
C LYS Z 176 4.31 -22.51 42.35
N ASP Z 177 5.02 -23.64 42.26
CA ASP Z 177 6.29 -23.70 41.54
C ASP Z 177 6.23 -23.21 40.10
N VAL Z 178 5.25 -23.68 39.32
CA VAL Z 178 5.19 -23.23 37.91
C VAL Z 178 4.91 -21.74 37.74
N PHE Z 179 4.11 -21.15 38.63
CA PHE Z 179 3.88 -19.69 38.56
C PHE Z 179 5.11 -18.87 38.96
N ILE Z 180 5.80 -19.32 40.00
CA ILE Z 180 7.04 -18.71 40.45
C ILE Z 180 8.09 -18.74 39.33
N SER Z 181 8.20 -19.86 38.63
CA SER Z 181 9.06 -19.97 37.46
C SER Z 181 8.66 -19.04 36.32
N ALA Z 182 7.36 -18.96 36.08
CA ALA Z 182 6.83 -18.08 35.04
C ALA Z 182 7.12 -16.60 35.38
N ALA Z 183 7.00 -16.24 36.66
CA ALA Z 183 7.21 -14.88 37.09
C ALA Z 183 8.67 -14.39 36.86
N GLU Z 184 9.60 -15.34 36.81
CA GLU Z 184 11.02 -15.08 36.49
C GLU Z 184 11.23 -14.59 35.05
N ARG Z 185 10.37 -15.04 34.15
CA ARG Z 185 10.61 -14.90 32.72
C ARG Z 185 9.55 -14.14 31.90
N ASP Z 186 8.27 -14.39 32.14
CA ASP Z 186 7.19 -13.69 31.44
C ASP Z 186 7.00 -12.36 32.17
N VAL Z 187 7.13 -11.26 31.44
CA VAL Z 187 7.01 -9.90 32.04
C VAL Z 187 5.60 -9.61 32.52
N TYR Z 188 4.60 -10.23 31.90
CA TYR Z 188 3.20 -10.06 32.30
C TYR Z 188 2.79 -10.83 33.56
N THR Z 189 3.47 -11.90 33.93
CA THR Z 189 3.07 -12.72 35.05
C THR Z 189 3.78 -12.25 36.31
N GLY Z 190 2.99 -11.82 37.28
CA GLY Z 190 3.58 -11.37 38.55
C GLY Z 190 2.59 -10.94 39.58
N ASP Z 191 3.12 -10.28 40.61
CA ASP Z 191 2.35 -9.71 41.75
C ASP Z 191 1.84 -10.73 42.75
N ALA Z 192 0.90 -11.55 42.35
CA ALA Z 192 0.34 -12.54 43.23
C ALA Z 192 -0.30 -13.66 42.43
N LEU Z 193 -0.36 -14.82 43.08
CA LEU Z 193 -0.97 -16.03 42.51
C LEU Z 193 -2.24 -16.35 43.36
N ARG Z 194 -3.40 -16.39 42.72
CA ARG Z 194 -4.70 -16.73 43.34
C ARG Z 194 -5.06 -18.16 42.93
N ILE Z 195 -5.34 -18.99 43.92
CA ILE Z 195 -5.66 -20.41 43.69
C ILE Z 195 -7.08 -20.70 44.26
N CYS Z 196 -7.93 -21.29 43.44
CA CYS Z 196 -9.30 -21.71 43.86
C CYS Z 196 -9.27 -23.23 43.89
N ILE Z 197 -9.64 -23.82 45.02
CA ILE Z 197 -9.77 -25.28 45.14
C ILE Z 197 -11.27 -25.68 45.25
N VAL Z 198 -11.75 -26.38 44.23
CA VAL Z 198 -13.11 -26.87 44.18
C VAL Z 198 -13.17 -28.31 44.65
N THR Z 199 -13.91 -28.58 45.73
CA THR Z 199 -14.18 -29.94 46.19
C THR Z 199 -15.69 -30.02 46.49
N LYS Z 200 -16.19 -31.17 46.91
CA LYS Z 200 -17.61 -31.26 47.31
C LYS Z 200 -17.97 -30.38 48.50
N GLU Z 201 -17.00 -30.02 49.34
CA GLU Z 201 -17.27 -29.14 50.48
C GLU Z 201 -17.45 -27.69 50.07
N GLY Z 202 -16.96 -27.33 48.89
CA GLY Z 202 -17.06 -25.97 48.39
C GLY Z 202 -15.77 -25.53 47.70
N ILE Z 203 -15.60 -24.22 47.66
CA ILE Z 203 -14.52 -23.57 46.90
C ILE Z 203 -13.71 -22.77 47.90
N ARG Z 204 -12.44 -23.12 48.09
CA ARG Z 204 -11.60 -22.29 48.92
C ARG Z 204 -10.50 -21.63 48.13
N GLU Z 205 -9.96 -20.60 48.73
CA GLU Z 205 -9.13 -19.63 48.09
C GLU Z 205 -7.82 -19.61 48.82
N GLU Z 206 -6.70 -19.69 48.11
CA GLU Z 206 -5.36 -19.37 48.66
C GLU Z 206 -4.74 -18.29 47.80
N THR Z 207 -3.94 -17.44 48.42
CA THR Z 207 -3.15 -16.50 47.66
C THR Z 207 -1.67 -16.51 48.09
N VAL Z 208 -0.79 -16.42 47.10
CA VAL Z 208 0.67 -16.47 47.36
C VAL Z 208 1.34 -15.35 46.58
N SER Z 209 2.33 -14.76 47.20
CA SER Z 209 2.99 -13.59 46.67
C SER Z 209 3.88 -13.95 45.48
N LEU Z 210 3.91 -13.10 44.44
CA LEU Z 210 4.89 -13.25 43.36
C LEU Z 210 5.69 -11.99 43.22
N ARG Z 211 6.86 -12.07 42.58
CA ARG Z 211 7.69 -10.87 42.29
C ARG Z 211 6.88 -9.72 41.69
N LYS Z 212 7.19 -8.50 42.10
CA LYS Z 212 6.50 -7.27 41.68
C LYS Z 212 7.13 -6.46 40.51
N ASP Z 213 8.32 -6.86 40.05
CA ASP Z 213 9.02 -6.18 38.93
C ASP Z 213 8.52 -6.59 37.53
N THR AA 1 -16.30 8.54 17.60
CA THR AA 1 -15.11 9.28 17.10
C THR AA 1 -14.09 8.34 16.47
N GLN AA 2 -13.71 8.64 15.25
CA GLN AA 2 -12.55 7.98 14.65
C GLN AA 2 -11.27 8.78 14.92
N ASN AA 3 -11.38 10.11 14.88
CA ASN AA 3 -10.27 11.03 14.99
C ASN AA 3 -10.53 12.05 16.06
N PRO AA 4 -9.87 11.93 17.21
CA PRO AA 4 -10.13 12.94 18.23
C PRO AA 4 -9.71 14.37 17.82
N MET AA 5 -10.38 15.39 18.35
CA MET AA 5 -10.11 16.75 17.93
C MET AA 5 -9.61 17.54 19.13
N VAL AA 6 -10.44 18.20 19.91
CA VAL AA 6 -9.96 18.86 21.10
C VAL AA 6 -9.87 17.81 22.20
N THR AA 7 -8.72 17.72 22.89
CA THR AA 7 -8.45 16.63 23.86
C THR AA 7 -7.92 17.14 25.20
N GLY AA 8 -8.17 16.33 26.24
CA GLY AA 8 -7.66 16.56 27.59
C GLY AA 8 -6.58 15.53 27.91
N THR AA 9 -5.61 15.89 28.75
CA THR AA 9 -4.57 14.99 29.14
C THR AA 9 -4.95 14.25 30.41
N SER AA 10 -3.98 13.94 31.26
CA SER AA 10 -4.13 13.10 32.43
C SER AA 10 -5.25 13.48 33.41
N VAL AA 11 -5.83 12.46 34.04
CA VAL AA 11 -6.64 12.63 35.19
C VAL AA 11 -6.02 11.73 36.23
N LEU AA 12 -5.94 12.24 37.46
CA LEU AA 12 -5.45 11.53 38.62
C LEU AA 12 -6.60 11.24 39.62
N GLY AA 13 -6.48 10.14 40.35
CA GLY AA 13 -7.34 9.83 41.47
C GLY AA 13 -6.61 9.09 42.57
N VAL AA 14 -6.92 9.42 43.83
CA VAL AA 14 -6.41 8.65 44.94
C VAL AA 14 -7.44 8.58 46.08
N LYS AA 15 -7.53 7.41 46.69
CA LYS AA 15 -8.37 7.21 47.84
C LYS AA 15 -7.72 7.74 49.12
N PHE AA 16 -8.57 8.19 50.04
CA PHE AA 16 -8.14 8.55 51.40
C PHE AA 16 -9.20 8.15 52.42
N GLU AA 17 -8.84 8.24 53.69
CA GLU AA 17 -9.73 7.86 54.76
C GLU AA 17 -10.91 8.81 54.77
N GLY AA 18 -12.05 8.30 54.33
CA GLY AA 18 -13.29 9.08 54.25
C GLY AA 18 -13.60 9.69 52.90
N GLY AA 19 -12.81 9.37 51.87
CA GLY AA 19 -13.12 9.94 50.59
C GLY AA 19 -12.21 9.55 49.46
N VAL AA 20 -12.35 10.30 48.39
CA VAL AA 20 -11.57 10.14 47.19
C VAL AA 20 -11.33 11.56 46.65
N VAL AA 21 -10.11 11.79 46.19
CA VAL AA 21 -9.74 13.03 45.49
C VAL AA 21 -9.35 12.72 44.05
N ILE AA 22 -9.83 13.54 43.12
CA ILE AA 22 -9.37 13.50 41.74
C ILE AA 22 -8.90 14.89 41.26
N ALA AA 23 -8.05 14.89 40.24
CA ALA AA 23 -7.46 16.12 39.71
C ALA AA 23 -7.36 16.07 38.20
N ALA AA 24 -7.56 17.23 37.57
CA ALA AA 24 -7.43 17.35 36.15
C ALA AA 24 -7.24 18.80 35.79
N ASP AA 25 -6.30 19.05 34.90
CA ASP AA 25 -6.08 20.39 34.41
C ASP AA 25 -7.24 20.84 33.49
N MET AA 26 -7.27 22.14 33.19
CA MET AA 26 -8.43 22.76 32.57
C MET AA 26 -8.24 23.08 31.09
N LEU AA 27 -7.42 22.27 30.41
CA LEU AA 27 -6.99 22.58 29.05
C LEU AA 27 -7.65 21.66 28.04
N GLY AA 28 -8.17 22.23 26.95
CA GLY AA 28 -8.50 21.45 25.76
C GLY AA 28 -7.47 21.76 24.69
N SER AA 29 -6.64 20.78 24.35
CA SER AA 29 -5.64 20.96 23.31
C SER AA 29 -6.16 20.54 21.97
N TYR AA 30 -5.68 21.21 20.93
CA TYR AA 30 -6.03 20.95 19.56
C TYR AA 30 -4.73 20.55 18.84
N GLY AA 31 -4.39 19.28 18.87
CA GLY AA 31 -3.03 18.86 18.61
C GLY AA 31 -2.10 19.41 19.68
N SER AA 32 -1.02 20.05 19.24
CA SER AA 32 -0.11 20.71 20.19
C SER AA 32 -0.62 22.07 20.69
N LEU AA 33 -1.58 22.69 19.99
CA LEU AA 33 -2.08 23.99 20.38
C LEU AA 33 -2.89 23.91 21.68
N ALA AA 34 -2.55 24.78 22.64
CA ALA AA 34 -3.26 24.88 23.90
C ALA AA 34 -4.43 25.85 23.64
N ARG AA 35 -5.54 25.29 23.21
CA ARG AA 35 -6.55 26.08 22.56
C ARG AA 35 -7.59 26.68 23.53
N PHE AA 36 -8.17 25.82 24.36
CA PHE AA 36 -9.24 26.21 25.29
C PHE AA 36 -8.68 26.04 26.68
N ARG AA 37 -8.37 27.15 27.32
CA ARG AA 37 -7.56 27.14 28.54
C ARG AA 37 -8.35 27.22 29.85
N ASN AA 38 -9.67 27.18 29.74
CA ASN AA 38 -10.51 27.24 30.91
C ASN AA 38 -11.77 26.32 30.85
N ILE AA 39 -11.56 25.03 30.61
CA ILE AA 39 -12.64 24.05 30.50
C ILE AA 39 -12.47 23.08 31.66
N SER AA 40 -13.58 22.69 32.27
CA SER AA 40 -13.59 21.67 33.31
C SER AA 40 -13.73 20.28 32.64
N ARG AA 41 -12.86 19.38 33.06
CA ARG AA 41 -12.84 18.02 32.61
C ARG AA 41 -13.32 17.08 33.73
N ILE AA 42 -13.99 17.65 34.72
CA ILE AA 42 -14.51 16.90 35.85
C ILE AA 42 -16.04 17.13 35.90
N MET AA 43 -16.76 16.06 36.18
CA MET AA 43 -18.23 16.09 36.36
C MET AA 43 -18.64 15.66 37.78
N ARG AA 44 -19.44 16.48 38.46
CA ARG AA 44 -20.27 15.92 39.56
C ARG AA 44 -21.40 15.04 38.95
N VAL AA 45 -21.35 13.74 39.16
CA VAL AA 45 -22.41 12.86 38.65
C VAL AA 45 -23.66 12.92 39.56
N ASN AA 46 -23.47 12.60 40.84
CA ASN AA 46 -24.53 12.76 41.86
C ASN AA 46 -23.83 12.99 43.17
N ASN AA 47 -24.52 12.87 44.29
CA ASN AA 47 -23.92 13.29 45.56
C ASN AA 47 -22.77 12.43 46.07
N SER AA 48 -22.68 11.22 45.56
CA SER AA 48 -21.71 10.25 46.03
C SER AA 48 -20.62 9.98 44.95
N THR AA 49 -20.78 10.55 43.75
CA THR AA 49 -19.99 10.14 42.58
C THR AA 49 -19.52 11.32 41.73
N MET AA 50 -18.26 11.23 41.34
CA MET AA 50 -17.70 12.21 40.42
C MET AA 50 -16.87 11.50 39.38
N LEU AA 51 -16.69 12.20 38.25
CA LEU AA 51 -16.02 11.65 37.06
C LEU AA 51 -15.00 12.62 36.46
N GLY AA 52 -13.84 12.08 36.07
CA GLY AA 52 -12.82 12.86 35.30
C GLY AA 52 -12.48 12.20 33.96
N ALA AA 53 -12.33 12.98 32.89
CA ALA AA 53 -12.12 12.44 31.54
C ALA AA 53 -10.92 13.03 30.79
N SER AA 54 -10.07 12.12 30.33
CA SER AA 54 -9.02 12.36 29.31
C SER AA 54 -9.63 12.10 27.93
N GLY AA 55 -8.98 12.63 26.90
CA GLY AA 55 -9.31 12.34 25.56
C GLY AA 55 -10.23 13.37 25.00
N ASP AA 56 -11.04 12.96 24.01
CA ASP AA 56 -11.82 13.90 23.18
C ASP AA 56 -12.93 14.59 24.02
N TYR AA 57 -12.84 15.92 24.10
CA TYR AA 57 -13.67 16.67 24.99
C TYR AA 57 -15.13 16.68 24.56
N ALA AA 58 -15.42 16.69 23.25
CA ALA AA 58 -16.79 16.55 22.74
C ALA AA 58 -17.46 15.24 23.13
N ASP AA 59 -16.72 14.14 23.05
CA ASP AA 59 -17.20 12.87 23.58
C ASP AA 59 -17.48 12.88 25.09
N PHE AA 60 -16.64 13.58 25.84
CA PHE AA 60 -16.90 13.78 27.26
C PHE AA 60 -18.18 14.58 27.51
N GLN AA 61 -18.38 15.66 26.76
CA GLN AA 61 -19.59 16.44 26.88
C GLN AA 61 -20.86 15.61 26.57
N TYR AA 62 -20.76 14.72 25.60
CA TYR AA 62 -21.86 13.79 25.31
C TYR AA 62 -22.12 12.84 26.50
N LEU AA 63 -21.06 12.26 27.04
CA LEU AA 63 -21.22 11.45 28.20
C LEU AA 63 -21.83 12.24 29.36
N LYS AA 64 -21.41 13.50 29.56
CA LYS AA 64 -21.96 14.34 30.61
C LYS AA 64 -23.45 14.54 30.43
N GLN AA 65 -23.85 14.77 29.19
CA GLN AA 65 -25.23 14.94 28.81
C GLN AA 65 -26.07 13.67 29.13
N VAL AA 66 -25.57 12.50 28.71
CA VAL AA 66 -26.28 11.23 28.89
C VAL AA 66 -26.37 10.88 30.38
N LEU AA 67 -25.24 10.94 31.04
CA LEU AA 67 -25.17 10.59 32.45
C LEU AA 67 -25.96 11.59 33.32
N GLY AA 68 -25.85 12.87 33.01
CA GLY AA 68 -26.59 13.90 33.73
C GLY AA 68 -28.09 13.64 33.68
N GLN AA 69 -28.58 13.26 32.50
CA GLN AA 69 -29.98 12.95 32.27
C GLN AA 69 -30.41 11.66 33.00
N MET AA 70 -29.56 10.62 33.03
CA MET AA 70 -29.87 9.42 33.80
C MET AA 70 -30.06 9.67 35.29
N VAL AA 71 -29.24 10.56 35.87
CA VAL AA 71 -29.39 10.87 37.31
C VAL AA 71 -30.67 11.70 37.52
N ILE AA 72 -30.93 12.70 36.67
CA ILE AA 72 -32.22 13.40 36.76
C ILE AA 72 -33.39 12.38 36.72
N ASP AA 73 -33.37 11.42 35.78
CA ASP AA 73 -34.47 10.44 35.65
C ASP AA 73 -34.67 9.68 36.93
N GLU AA 74 -33.57 9.21 37.51
CA GLU AA 74 -33.61 8.51 38.76
C GLU AA 74 -34.16 9.38 39.91
N GLU AA 75 -33.72 10.63 40.02
CA GLU AA 75 -34.18 11.52 41.07
C GLU AA 75 -35.68 11.79 41.00
N LEU AA 76 -36.23 11.78 39.79
CA LEU AA 76 -37.69 11.97 39.60
C LEU AA 76 -38.54 10.92 40.30
N LEU AA 77 -38.01 9.73 40.50
CA LEU AA 77 -38.78 8.66 41.11
C LEU AA 77 -38.88 8.85 42.61
N GLY AA 78 -37.93 9.56 43.21
CA GLY AA 78 -37.90 9.80 44.66
C GLY AA 78 -38.21 8.55 45.47
N ASP AA 79 -37.54 7.44 45.15
CA ASP AA 79 -37.89 6.11 45.68
C ASP AA 79 -36.89 5.52 46.70
N GLY AA 80 -35.90 6.31 47.15
CA GLY AA 80 -34.92 5.82 48.10
C GLY AA 80 -33.72 5.03 47.51
N HIS AA 81 -33.60 4.94 46.20
CA HIS AA 81 -32.49 4.24 45.58
C HIS AA 81 -31.78 5.22 44.73
N SER AA 82 -30.46 5.15 44.76
CA SER AA 82 -29.59 6.04 43.97
C SER AA 82 -28.50 5.23 43.38
N TYR AA 83 -28.01 5.64 42.22
CA TYR AA 83 -26.85 4.97 41.63
C TYR AA 83 -25.61 5.13 42.52
N SER AA 84 -25.05 4.02 42.98
CA SER AA 84 -23.80 4.03 43.68
C SER AA 84 -22.66 4.35 42.71
N PRO AA 85 -21.49 4.76 43.23
CA PRO AA 85 -20.33 4.98 42.38
C PRO AA 85 -20.00 3.74 41.54
N ARG AA 86 -20.10 2.58 42.14
CA ARG AA 86 -19.88 1.31 41.46
C ARG AA 86 -20.85 1.04 40.32
N ALA AA 87 -22.12 1.37 40.53
CA ALA AA 87 -23.14 1.23 39.50
C ALA AA 87 -22.86 2.13 38.29
N ILE AA 88 -22.51 3.37 38.57
CA ILE AA 88 -22.15 4.31 37.52
C ILE AA 88 -20.88 3.78 36.76
N HIS AA 89 -19.93 3.21 37.49
CA HIS AA 89 -18.73 2.63 36.89
C HIS AA 89 -19.10 1.48 35.98
N SER AA 90 -20.03 0.63 36.43
CA SER AA 90 -20.54 -0.50 35.63
C SER AA 90 -21.20 0.00 34.34
N TRP AA 91 -22.08 0.98 34.49
CA TRP AA 91 -22.81 1.53 33.35
C TRP AA 91 -21.81 2.07 32.28
N LEU AA 92 -20.82 2.78 32.78
CA LEU AA 92 -19.78 3.35 31.93
C LEU AA 92 -18.98 2.29 31.20
N THR AA 93 -18.60 1.24 31.93
CA THR AA 93 -17.93 0.12 31.29
C THR AA 93 -18.76 -0.43 30.10
N ARG AA 94 -20.06 -0.69 30.35
CA ARG AA 94 -20.96 -1.19 29.32
C ARG AA 94 -21.08 -0.25 28.10
N ALA AA 95 -21.18 1.03 28.36
CA ALA AA 95 -21.38 2.03 27.32
C ALA AA 95 -20.12 2.12 26.43
N MET AA 96 -18.95 2.18 27.06
CA MET AA 96 -17.69 2.22 26.31
C MET AA 96 -17.48 0.91 25.50
N TYR AA 97 -17.70 -0.25 26.13
CA TYR AA 97 -17.57 -1.51 25.45
C TYR AA 97 -18.49 -1.61 24.25
N SER AA 98 -19.72 -1.16 24.47
CA SER AA 98 -20.70 -1.23 23.42
C SER AA 98 -20.32 -0.35 22.22
N ARG AA 99 -19.82 0.84 22.49
CA ARG AA 99 -19.43 1.76 21.44
C ARG AA 99 -18.16 1.24 20.70
N ARG AA 100 -17.22 0.69 21.47
CA ARG AA 100 -16.07 -0.06 20.90
C ARG AA 100 -16.53 -1.16 19.96
N SER AA 101 -17.54 -1.92 20.38
CA SER AA 101 -18.01 -3.11 19.64
C SER AA 101 -18.74 -2.74 18.37
N LYS AA 102 -19.21 -1.51 18.25
CA LYS AA 102 -19.70 -0.97 16.98
C LYS AA 102 -18.64 -0.32 16.13
N MET AA 103 -17.37 -0.42 16.51
CA MET AA 103 -16.26 0.25 15.82
C MET AA 103 -16.44 1.76 15.80
N ASN AA 104 -17.04 2.32 16.86
CA ASN AA 104 -17.27 3.75 16.91
C ASN AA 104 -17.13 4.25 18.34
N PRO AA 105 -15.90 4.23 18.85
CA PRO AA 105 -15.70 4.49 20.26
C PRO AA 105 -16.03 5.93 20.64
N LEU AA 106 -16.26 6.11 21.92
CA LEU AA 106 -16.13 7.37 22.57
C LEU AA 106 -14.68 7.43 23.02
N TRP AA 107 -14.00 8.46 22.57
CA TRP AA 107 -12.49 8.52 22.67
C TRP AA 107 -12.01 9.10 24.00
N ASN AA 108 -12.26 8.39 25.09
CA ASN AA 108 -12.00 8.87 26.40
C ASN AA 108 -11.42 7.81 27.28
N THR AA 109 -10.67 8.24 28.27
CA THR AA 109 -10.24 7.40 29.37
C THR AA 109 -10.67 8.12 30.64
N MET AA 110 -11.36 7.40 31.53
CA MET AA 110 -12.01 8.00 32.67
C MET AA 110 -11.66 7.40 34.03
N VAL AA 111 -11.75 8.29 35.03
CA VAL AA 111 -11.55 7.96 36.43
C VAL AA 111 -12.89 8.32 37.10
N ILE AA 112 -13.47 7.34 37.82
CA ILE AA 112 -14.69 7.52 38.65
C ILE AA 112 -14.30 7.43 40.11
N GLY AA 113 -14.65 8.47 40.88
CA GLY AA 113 -14.32 8.56 42.28
C GLY AA 113 -15.63 8.62 43.03
N GLY AA 114 -15.73 7.92 44.15
CA GLY AA 114 -16.92 7.97 44.92
C GLY AA 114 -16.74 7.67 46.37
N TYR AA 115 -17.80 7.94 47.13
CA TYR AA 115 -17.86 7.57 48.53
C TYR AA 115 -19.32 7.18 48.88
N ALA AA 116 -19.55 5.94 49.30
CA ALA AA 116 -20.88 5.46 49.67
C ALA AA 116 -20.77 4.36 50.71
N ASP AA 117 -21.69 4.39 51.68
CA ASP AA 117 -21.75 3.39 52.76
C ASP AA 117 -20.42 3.23 53.49
N GLY AA 118 -19.82 4.33 53.90
CA GLY AA 118 -18.48 4.24 54.50
C GLY AA 118 -17.28 3.73 53.69
N GLU AA 119 -17.42 3.47 52.38
CA GLU AA 119 -16.34 2.91 51.53
C GLU AA 119 -15.96 3.88 50.39
N SER AA 120 -14.65 4.15 50.22
CA SER AA 120 -14.15 4.91 49.07
C SER AA 120 -14.16 4.06 47.79
N PHE AA 121 -14.64 4.61 46.69
CA PHE AA 121 -14.62 3.94 45.39
C PHE AA 121 -13.76 4.67 44.38
N LEU AA 122 -12.92 3.92 43.66
CA LEU AA 122 -12.10 4.50 42.61
C LEU AA 122 -11.93 3.52 41.47
N GLY AA 123 -12.38 3.94 40.30
CA GLY AA 123 -12.48 3.03 39.16
C GLY AA 123 -12.02 3.68 37.87
N TYR AA 124 -11.46 2.85 36.98
CA TYR AA 124 -10.97 3.27 35.69
C TYR AA 124 -11.83 2.69 34.58
N VAL AA 125 -12.17 3.47 33.55
CA VAL AA 125 -12.74 2.92 32.29
C VAL AA 125 -12.08 3.57 31.06
N ASP AA 126 -11.71 2.76 30.06
CA ASP AA 126 -11.11 3.31 28.84
C ASP AA 126 -12.04 3.10 27.69
N MET AA 127 -11.62 3.59 26.53
CA MET AA 127 -12.46 3.54 25.34
C MET AA 127 -12.74 2.17 24.76
N LEU AA 128 -12.07 1.14 25.26
CA LEU AA 128 -12.30 -0.21 24.85
C LEU AA 128 -13.14 -1.02 25.82
N GLY AA 129 -13.56 -0.42 26.95
CA GLY AA 129 -14.26 -1.18 27.97
C GLY AA 129 -13.33 -1.87 28.96
N VAL AA 130 -12.03 -1.54 28.93
CA VAL AA 130 -11.12 -2.00 30.00
C VAL AA 130 -11.50 -1.22 31.28
N ALA AA 131 -11.80 -1.94 32.35
CA ALA AA 131 -12.21 -1.34 33.62
C ALA AA 131 -11.74 -2.16 34.81
N TYR AA 132 -11.37 -1.47 35.89
CA TYR AA 132 -10.88 -2.09 37.10
C TYR AA 132 -10.93 -1.06 38.18
N GLU AA 133 -10.67 -1.50 39.40
CA GLU AA 133 -10.53 -0.59 40.59
C GLU AA 133 -9.12 -0.59 41.14
N ALA AA 134 -8.76 0.46 41.85
CA ALA AA 134 -7.46 0.49 42.47
C ALA AA 134 -7.39 1.65 43.45
N PRO AA 135 -6.43 1.61 44.40
CA PRO AA 135 -6.28 2.70 45.39
C PRO AA 135 -5.87 4.05 44.79
N SER AA 136 -5.18 4.01 43.65
CA SER AA 136 -4.83 5.21 42.90
C SER AA 136 -4.88 4.91 41.41
N LEU AA 137 -5.15 5.95 40.63
CA LEU AA 137 -5.25 5.86 39.20
C LEU AA 137 -4.66 7.11 38.55
N ALA AA 138 -4.16 6.94 37.33
CA ALA AA 138 -3.62 8.04 36.54
C ALA AA 138 -3.69 7.67 35.07
N THR AA 139 -4.47 8.43 34.32
CA THR AA 139 -4.61 8.21 32.90
C THR AA 139 -3.51 9.00 32.13
N GLY AA 140 -3.32 8.69 30.85
CA GLY AA 140 -2.45 9.46 29.96
C GLY AA 140 -1.01 9.36 30.42
N TYR AA 141 -0.29 10.45 30.25
CA TYR AA 141 1.10 10.54 30.75
C TYR AA 141 1.19 10.35 32.27
N GLY AA 142 0.08 10.59 32.98
CA GLY AA 142 0.02 10.33 34.39
C GLY AA 142 0.33 8.91 34.75
N ALA AA 143 -0.01 7.98 33.87
CA ALA AA 143 0.31 6.57 34.13
C ALA AA 143 1.83 6.32 34.24
N TYR AA 144 2.62 7.13 33.54
CA TYR AA 144 4.07 7.08 33.52
C TYR AA 144 4.76 7.94 34.55
N LEU AA 145 4.19 9.10 34.83
CA LEU AA 145 4.82 10.12 35.63
C LEU AA 145 4.24 10.20 37.06
N ALA AA 146 2.91 10.07 37.21
CA ALA AA 146 2.24 10.27 38.50
C ALA AA 146 2.02 8.98 39.24
N GLN AA 147 1.51 7.97 38.55
CA GLN AA 147 1.28 6.66 39.18
C GLN AA 147 2.49 6.04 39.93
N PRO AA 148 3.73 6.12 39.40
CA PRO AA 148 4.85 5.64 40.20
C PRO AA 148 4.98 6.32 41.55
N LEU AA 149 4.72 7.62 41.60
CA LEU AA 149 4.80 8.36 42.85
C LEU AA 149 3.63 8.00 43.79
N LEU AA 150 2.44 7.90 43.22
CA LEU AA 150 1.26 7.55 44.00
C LEU AA 150 1.47 6.20 44.68
N ARG AA 151 1.90 5.21 43.91
CA ARG AA 151 2.03 3.83 44.40
C ARG AA 151 3.15 3.65 45.41
N GLU AA 152 4.22 4.40 45.22
CA GLU AA 152 5.32 4.37 46.13
C GLU AA 152 4.92 4.89 47.55
N VAL AA 153 4.22 6.03 47.63
CA VAL AA 153 3.66 6.55 48.90
C VAL AA 153 2.64 5.56 49.50
N LEU AA 154 1.69 5.12 48.70
CA LEU AA 154 0.69 4.13 49.11
C LEU AA 154 1.24 2.80 49.65
N GLU AA 155 2.45 2.43 49.25
CA GLU AA 155 3.11 1.21 49.74
C GLU AA 155 3.63 1.39 51.17
N LYS AA 156 4.36 2.48 51.41
CA LYS AA 156 4.78 2.86 52.76
C LYS AA 156 3.60 3.20 53.72
N GLN AA 157 2.44 3.59 53.20
CA GLN AA 157 1.32 4.06 54.00
C GLN AA 157 0.03 3.92 53.20
N PRO AA 158 -0.64 2.75 53.28
CA PRO AA 158 -1.82 2.54 52.42
C PRO AA 158 -3.00 3.47 52.70
N VAL AA 159 -3.07 3.96 53.95
CA VAL AA 159 -4.17 4.81 54.41
C VAL AA 159 -3.66 6.22 54.56
N LEU AA 160 -4.14 7.10 53.70
CA LEU AA 160 -3.80 8.52 53.72
C LEU AA 160 -4.95 9.35 54.27
N SER AA 161 -4.62 10.44 54.92
CA SER AA 161 -5.60 11.43 55.29
C SER AA 161 -5.97 12.27 54.07
N GLN AA 162 -7.04 13.06 54.20
CA GLN AA 162 -7.44 13.94 53.12
C GLN AA 162 -6.34 14.94 52.74
N THR AA 163 -5.68 15.55 53.72
CA THR AA 163 -4.68 16.58 53.42
C THR AA 163 -3.40 15.94 52.83
N GLU AA 164 -3.01 14.76 53.31
CA GLU AA 164 -1.94 13.92 52.71
C GLU AA 164 -2.20 13.54 51.25
N ALA AA 165 -3.41 13.08 50.97
CA ALA AA 165 -3.80 12.78 49.59
C ALA AA 165 -3.76 14.04 48.71
N ARG AA 166 -4.23 15.15 49.25
CA ARG AA 166 -4.24 16.38 48.50
C ARG AA 166 -2.79 16.91 48.19
N ASP AA 167 -1.88 16.85 49.19
CA ASP AA 167 -0.50 17.25 49.00
CA ASP AA 167 -0.40 17.16 49.05
C ASP AA 167 0.20 16.34 47.92
N LEU AA 168 -0.12 15.06 47.93
CA LEU AA 168 0.41 14.07 47.01
C LEU AA 168 -0.06 14.32 45.56
N VAL AA 169 -1.34 14.62 45.42
CA VAL AA 169 -1.85 15.07 44.17
C VAL AA 169 -1.19 16.37 43.67
N GLU AA 170 -0.93 17.35 44.55
CA GLU AA 170 -0.33 18.60 44.10
C GLU AA 170 1.06 18.33 43.49
N ARG AA 171 1.82 17.45 44.15
CA ARG AA 171 3.18 17.06 43.75
C ARG AA 171 3.11 16.42 42.39
N CYS AA 172 2.14 15.53 42.18
CA CYS AA 172 1.97 14.86 40.90
C CYS AA 172 1.63 15.85 39.80
N MET AA 173 0.74 16.81 40.09
CA MET AA 173 0.36 17.81 39.08
C MET AA 173 1.57 18.66 38.66
N ARG AA 174 2.48 18.94 39.61
CA ARG AA 174 3.67 19.67 39.31
C ARG AA 174 4.55 18.88 38.32
N VAL AA 175 4.79 17.60 38.61
CA VAL AA 175 5.60 16.75 37.76
C VAL AA 175 5.04 16.70 36.35
N LEU AA 176 3.74 16.54 36.24
CA LEU AA 176 3.07 16.58 34.95
C LEU AA 176 3.26 17.92 34.22
N TYR AA 177 3.15 19.05 34.93
CA TYR AA 177 3.38 20.32 34.29
C TYR AA 177 4.85 20.40 33.74
N TYR AA 178 5.79 19.79 34.45
CA TYR AA 178 7.21 19.81 34.04
C TYR AA 178 7.50 18.98 32.80
N ARG AA 179 6.79 17.85 32.65
CA ARG AA 179 7.16 16.76 31.73
C ARG AA 179 6.16 16.35 30.65
N ASP AA 180 4.90 16.80 30.76
CA ASP AA 180 3.87 16.52 29.73
C ASP AA 180 3.66 17.79 28.92
N ALA AA 181 4.01 17.74 27.64
CA ALA AA 181 3.89 18.92 26.75
C ALA AA 181 2.45 19.29 26.38
N ARG AA 182 1.46 18.51 26.82
CA ARG AA 182 0.06 18.89 26.70
C ARG AA 182 -0.63 19.23 28.02
N SER AA 183 0.13 19.43 29.07
CA SER AA 183 -0.43 19.85 30.34
C SER AA 183 -0.52 21.38 30.39
N TYR AA 184 -1.16 21.84 31.46
CA TYR AA 184 -1.34 23.26 31.70
C TYR AA 184 -1.42 23.51 33.18
N ASN AA 185 -0.84 24.63 33.63
CA ASN AA 185 -0.69 24.89 35.09
C ASN AA 185 -1.91 25.61 35.68
N ARG AA 186 -3.07 25.01 35.49
CA ARG AA 186 -4.33 25.58 35.88
C ARG AA 186 -5.22 24.35 35.94
N PHE AA 187 -5.51 23.90 37.15
CA PHE AA 187 -6.24 22.66 37.37
C PHE AA 187 -7.33 22.74 38.42
N GLN AA 188 -8.16 21.71 38.46
CA GLN AA 188 -9.20 21.53 39.46
C GLN AA 188 -8.90 20.32 40.31
N ILE AA 189 -9.33 20.38 41.56
CA ILE AA 189 -9.30 19.23 42.44
C ILE AA 189 -10.73 19.00 42.86
N ALA AA 190 -11.19 17.75 42.75
CA ALA AA 190 -12.55 17.41 43.15
C ALA AA 190 -12.48 16.35 44.21
N THR AA 191 -13.29 16.50 45.24
CA THR AA 191 -13.18 15.65 46.42
C THR AA 191 -14.57 15.12 46.73
N VAL AA 192 -14.65 13.84 47.05
CA VAL AA 192 -15.92 13.29 47.49
C VAL AA 192 -15.72 12.71 48.88
N THR AA 193 -16.65 13.05 49.76
CA THR AA 193 -16.73 12.49 51.12
C THR AA 193 -18.23 12.28 51.48
N GLU AA 194 -18.48 11.87 52.72
CA GLU AA 194 -19.80 11.96 53.37
C GLU AA 194 -20.63 13.19 53.04
N LYS AA 195 -19.98 14.34 52.92
CA LYS AA 195 -20.69 15.60 52.70
C LYS AA 195 -21.02 15.84 51.21
N GLY AA 196 -20.59 14.97 50.31
CA GLY AA 196 -20.88 15.12 48.90
C GLY AA 196 -19.61 15.41 48.11
N VAL AA 197 -19.80 16.05 46.95
CA VAL AA 197 -18.74 16.32 45.99
C VAL AA 197 -18.46 17.81 45.97
N GLU AA 198 -17.19 18.21 46.13
CA GLU AA 198 -16.75 19.59 45.96
C GLU AA 198 -15.72 19.64 44.84
N ILE AA 199 -15.83 20.64 44.00
CA ILE AA 199 -14.88 20.92 42.93
C ILE AA 199 -14.22 22.25 43.24
N GLU AA 200 -12.91 22.27 43.39
CA GLU AA 200 -12.17 23.50 43.64
C GLU AA 200 -11.34 23.85 42.45
N GLY AA 201 -11.23 25.13 42.15
N GLY AA 201 -11.26 25.14 42.15
CA GLY AA 201 -10.37 25.63 41.10
CA GLY AA 201 -10.38 25.64 41.11
C GLY AA 201 -10.73 27.05 40.80
C GLY AA 201 -10.74 27.07 40.80
N PRO AA 202 -9.96 27.73 39.92
CA PRO AA 202 -8.75 27.22 39.28
C PRO AA 202 -7.55 27.25 40.24
N LEU AA 203 -6.76 26.18 40.23
CA LEU AA 203 -5.56 26.04 41.04
C LEU AA 203 -4.29 26.02 40.15
N SER AA 204 -3.15 26.38 40.74
CA SER AA 204 -1.81 26.37 40.11
C SER AA 204 -0.84 25.80 41.08
N THR AA 205 0.20 25.12 40.59
CA THR AA 205 1.28 24.70 41.49
C THR AA 205 2.40 25.71 41.37
N GLU AA 206 3.14 25.91 42.46
CA GLU AA 206 4.45 26.55 42.43
C GLU AA 206 5.42 25.66 41.65
N THR AA 207 6.37 26.29 41.00
CA THR AA 207 7.37 25.56 40.23
C THR AA 207 8.74 26.11 40.53
N ASN AA 208 9.75 25.28 40.26
CA ASN AA 208 11.13 25.66 40.46
C ASN AA 208 11.89 25.48 39.12
N TRP AA 209 12.68 26.49 38.74
CA TRP AA 209 13.44 26.50 37.48
C TRP AA 209 14.94 26.70 37.77
N ASP AA 210 15.39 26.25 38.95
CA ASP AA 210 16.77 26.43 39.41
C ASP AA 210 17.72 25.73 38.44
N ILE AA 211 17.27 24.60 37.91
CA ILE AA 211 18.10 23.80 37.01
C ILE AA 211 18.50 24.55 35.74
N ALA AA 212 17.75 25.59 35.37
CA ALA AA 212 18.11 26.46 34.25
C ALA AA 212 19.51 27.07 34.35
N HIS AA 213 20.02 27.28 35.57
CA HIS AA 213 21.39 27.77 35.81
C HIS AA 213 22.41 26.68 36.17
N MET AA 214 22.03 25.40 36.11
CA MET AA 214 22.88 24.25 36.49
C MET AA 214 23.38 23.44 35.26
N ILE AA 215 23.54 24.09 34.10
CA ILE AA 215 23.95 23.33 32.91
C ILE AA 215 25.41 22.98 33.20
N SER AA 216 25.54 21.72 33.62
CA SER AA 216 26.20 21.32 34.93
C SER AA 216 27.74 21.21 35.09
N THR BA 1 -9.67 31.08 6.02
CA THR BA 1 -10.65 31.85 6.83
C THR BA 1 -10.15 32.29 8.15
N THR BA 2 -10.54 33.49 8.54
CA THR BA 2 -10.40 33.92 9.91
C THR BA 2 -11.80 34.45 10.42
N ILE BA 3 -12.29 33.91 11.54
CA ILE BA 3 -13.53 34.39 12.15
C ILE BA 3 -13.26 34.73 13.60
N MET BA 4 -14.08 35.65 14.13
CA MET BA 4 -13.89 36.17 15.48
C MET BA 4 -15.20 36.76 16.02
N ALA BA 5 -15.39 36.65 17.32
CA ALA BA 5 -16.52 37.28 18.01
C ALA BA 5 -16.13 37.65 19.42
N VAL BA 6 -16.67 38.78 19.89
CA VAL BA 6 -16.28 39.33 21.17
C VAL BA 6 -17.51 39.83 21.87
N GLN BA 7 -17.63 39.43 23.14
CA GLN BA 7 -18.71 39.90 24.01
C GLN BA 7 -18.39 41.31 24.53
N PHE BA 8 -19.41 42.15 24.62
CA PHE BA 8 -19.32 43.40 25.36
C PHE BA 8 -20.58 43.53 26.22
N ASP BA 9 -20.63 44.55 27.07
CA ASP BA 9 -21.77 44.75 27.94
C ASP BA 9 -22.95 45.29 27.14
N GLY BA 10 -23.90 44.41 26.81
CA GLY BA 10 -25.05 44.73 25.97
C GLY BA 10 -25.08 44.10 24.59
N GLY BA 11 -24.07 43.33 24.24
CA GLY BA 11 -24.08 42.71 22.91
C GLY BA 11 -22.80 42.02 22.53
N VAL BA 12 -22.70 41.76 21.22
CA VAL BA 12 -21.56 41.11 20.59
C VAL BA 12 -21.11 41.82 19.31
N VAL BA 13 -19.83 41.62 18.98
CA VAL BA 13 -19.24 42.01 17.71
C VAL BA 13 -18.71 40.72 17.05
N LEU BA 14 -19.00 40.57 15.75
CA LEU BA 14 -18.58 39.44 14.96
C LEU BA 14 -17.81 39.98 13.81
N GLY BA 15 -16.86 39.17 13.35
CA GLY BA 15 -16.08 39.50 12.16
C GLY BA 15 -15.59 38.29 11.40
N ALA BA 16 -15.39 38.50 10.12
CA ALA BA 16 -14.83 37.50 9.24
C ALA BA 16 -14.08 38.10 8.11
N ASP BA 17 -13.09 37.36 7.57
CA ASP BA 17 -12.50 37.69 6.26
C ASP BA 17 -13.52 37.26 5.19
N SER BA 18 -13.18 37.39 3.91
CA SER BA 18 -14.13 37.11 2.84
C SER BA 18 -13.60 36.19 1.75
N ARG BA 19 -12.66 35.31 2.10
CA ARG BA 19 -11.99 34.49 1.08
C ARG BA 19 -12.49 33.03 1.07
N THR BA 20 -12.90 32.53 -0.09
CA THR BA 20 -13.17 31.13 -0.32
C THR BA 20 -12.13 30.60 -1.29
N THR BA 21 -11.47 29.49 -0.97
CA THR BA 21 -10.49 28.89 -1.87
C THR BA 21 -10.76 27.43 -2.23
N THR BA 22 -10.36 27.04 -3.46
CA THR BA 22 -10.12 25.67 -3.85
C THR BA 22 -8.65 25.58 -4.22
N GLY BA 23 -7.88 24.85 -3.44
CA GLY BA 23 -6.43 24.82 -3.61
C GLY BA 23 -6.03 26.24 -3.34
N SER BA 24 -5.31 26.85 -4.25
CA SER BA 24 -4.98 28.24 -3.98
C SER BA 24 -5.63 29.22 -4.99
N TYR BA 25 -6.67 28.76 -5.70
CA TYR BA 25 -7.56 29.65 -6.47
C TYR BA 25 -8.64 30.24 -5.56
N ILE BA 26 -8.89 31.53 -5.71
CA ILE BA 26 -9.89 32.21 -4.90
C ILE BA 26 -11.20 32.16 -5.68
N ALA BA 27 -12.11 31.32 -5.19
CA ALA BA 27 -13.40 31.09 -5.85
C ALA BA 27 -14.44 32.15 -5.52
N ASN BA 28 -14.25 32.83 -4.39
CA ASN BA 28 -15.01 33.99 -4.03
C ASN BA 28 -14.08 34.91 -3.22
N ARG BA 29 -13.88 36.15 -3.68
CA ARG BA 29 -13.10 37.15 -2.91
C ARG BA 29 -13.89 37.95 -1.86
N VAL BA 30 -15.24 37.90 -1.94
CA VAL BA 30 -16.09 38.76 -1.10
C VAL BA 30 -17.19 37.95 -0.41
N THR BA 31 -16.83 36.73 -0.01
CA THR BA 31 -17.71 35.85 0.71
C THR BA 31 -18.28 36.46 1.98
N ASP BA 32 -19.55 36.15 2.25
CA ASP BA 32 -20.18 36.58 3.48
C ASP BA 32 -20.19 35.37 4.41
N LYS BA 33 -19.30 35.34 5.37
CA LYS BA 33 -19.17 34.21 6.29
C LYS BA 33 -19.93 34.42 7.60
N LEU BA 34 -20.67 35.52 7.71
CA LEU BA 34 -21.43 35.83 8.91
C LEU BA 34 -22.87 35.63 8.51
N THR BA 35 -23.47 34.53 8.97
CA THR BA 35 -24.83 34.25 8.53
C THR BA 35 -25.87 34.37 9.65
N PRO BA 36 -26.95 35.14 9.39
CA PRO BA 36 -28.01 35.31 10.38
C PRO BA 36 -28.80 34.02 10.58
N ILE BA 37 -28.92 33.60 11.82
CA ILE BA 37 -29.71 32.41 12.16
C ILE BA 37 -31.09 32.82 12.74
N HIS BA 38 -31.17 33.98 13.38
CA HIS BA 38 -32.44 34.54 13.81
C HIS BA 38 -32.23 36.06 13.87
N ASP BA 39 -33.24 36.82 14.30
CA ASP BA 39 -33.15 38.28 14.40
C ASP BA 39 -31.87 38.80 15.04
N ARG BA 40 -31.42 38.15 16.12
CA ARG BA 40 -30.24 38.62 16.86
C ARG BA 40 -29.20 37.55 17.19
N ILE BA 41 -29.09 36.56 16.31
CA ILE BA 41 -28.18 35.44 16.48
C ILE BA 41 -27.55 35.15 15.13
N PHE BA 42 -26.22 35.21 15.09
CA PHE BA 42 -25.42 34.97 13.91
C PHE BA 42 -24.48 33.78 14.15
N CYS BA 43 -24.11 33.12 13.06
CA CYS BA 43 -22.96 32.23 13.11
C CYS BA 43 -21.90 32.74 12.13
N CYS BA 44 -20.64 32.61 12.58
CA CYS BA 44 -19.47 32.76 11.76
C CYS BA 44 -19.03 31.42 11.30
N ARG BA 45 -18.80 31.25 10.00
CA ARG BA 45 -18.52 29.96 9.42
C ARG BA 45 -17.09 29.78 8.90
N SER BA 46 -16.45 28.70 9.27
CA SER BA 46 -15.15 28.28 8.68
C SER BA 46 -15.19 26.80 8.34
N GLY BA 47 -14.31 26.40 7.43
CA GLY BA 47 -14.17 25.00 7.03
C GLY BA 47 -14.78 24.84 5.65
N SER BA 48 -15.54 23.78 5.47
CA SER BA 48 -16.23 23.51 4.21
C SER BA 48 -17.41 24.46 3.98
N ALA BA 49 -17.44 25.13 2.82
CA ALA BA 49 -18.53 25.99 2.48
C ALA BA 49 -19.86 25.23 2.36
N ALA BA 50 -19.85 24.08 1.68
CA ALA BA 50 -21.04 23.27 1.53
C ALA BA 50 -21.60 22.81 2.88
N ASP BA 51 -20.72 22.29 3.72
CA ASP BA 51 -21.09 21.79 5.03
C ASP BA 51 -21.65 22.87 5.93
N THR BA 52 -20.96 24.01 5.99
CA THR BA 52 -21.41 25.09 6.86
C THR BA 52 -22.68 25.79 6.37
N GLN BA 53 -22.84 25.90 5.04
CA GLN BA 53 -24.11 26.36 4.50
C GLN BA 53 -25.28 25.43 4.81
N ALA BA 54 -25.07 24.12 4.63
CA ALA BA 54 -26.14 23.14 4.85
C ALA BA 54 -26.53 23.13 6.30
N VAL BA 55 -25.54 23.13 7.20
CA VAL BA 55 -25.77 23.09 8.66
C VAL BA 55 -26.49 24.36 9.12
N ALA BA 56 -26.04 25.52 8.62
CA ALA BA 56 -26.66 26.78 8.99
C ALA BA 56 -28.11 26.90 8.55
N ASP BA 57 -28.44 26.40 7.33
CA ASP BA 57 -29.83 26.40 6.83
C ASP BA 57 -30.72 25.49 7.64
N ALA BA 58 -30.18 24.34 8.04
CA ALA BA 58 -30.89 23.41 8.88
C ALA BA 58 -31.17 23.98 10.25
N VAL BA 59 -30.19 24.62 10.89
CA VAL BA 59 -30.39 25.20 12.24
C VAL BA 59 -31.37 26.38 12.23
N THR BA 60 -31.27 27.18 11.18
CA THR BA 60 -32.17 28.29 10.94
C THR BA 60 -33.61 27.80 10.93
N TYR BA 61 -33.86 26.75 10.17
CA TYR BA 61 -35.17 26.08 10.12
C TYR BA 61 -35.62 25.58 11.48
N GLN BA 62 -34.73 24.85 12.18
CA GLN BA 62 -35.04 24.33 13.52
C GLN BA 62 -35.37 25.42 14.53
N LEU BA 63 -34.54 26.45 14.53
CA LEU BA 63 -34.67 27.55 15.46
C LEU BA 63 -35.91 28.43 15.20
N GLY BA 64 -36.22 28.66 13.93
CA GLY BA 64 -37.36 29.43 13.52
C GLY BA 64 -38.67 28.81 13.95
N PHE BA 65 -38.76 27.49 13.79
CA PHE BA 65 -39.93 26.72 14.17
C PHE BA 65 -40.11 26.68 15.70
N HIS BA 66 -39.02 26.38 16.40
CA HIS BA 66 -38.92 26.43 17.88
C HIS BA 66 -39.42 27.76 18.41
N SER BA 67 -38.92 28.82 17.80
CA SER BA 67 -39.26 30.17 18.20
C SER BA 67 -40.75 30.51 18.02
N ILE BA 68 -41.36 30.07 16.93
CA ILE BA 68 -42.82 30.29 16.72
C ILE BA 68 -43.61 29.49 17.73
N GLU BA 69 -43.15 28.28 18.02
CA GLU BA 69 -43.83 27.43 19.00
C GLU BA 69 -43.86 28.08 20.38
N LEU BA 70 -42.71 28.57 20.82
CA LEU BA 70 -42.60 29.24 22.11
C LEU BA 70 -43.15 30.67 22.14
N ASN BA 71 -43.33 31.29 20.98
CA ASN BA 71 -43.76 32.68 20.91
C ASN BA 71 -42.84 33.58 21.73
N GLU BA 72 -41.53 33.37 21.58
CA GLU BA 72 -40.51 34.15 22.28
C GLU BA 72 -39.25 34.19 21.43
N PRO BA 73 -38.40 35.22 21.63
CA PRO BA 73 -37.13 35.18 20.90
C PRO BA 73 -36.25 34.05 21.42
N PRO BA 74 -35.54 33.38 20.54
CA PRO BA 74 -34.75 32.23 20.98
C PRO BA 74 -33.53 32.67 21.80
N LEU BA 75 -33.13 31.82 22.72
CA LEU BA 75 -31.88 32.00 23.47
C LEU BA 75 -30.63 31.76 22.60
N VAL BA 76 -29.56 32.50 22.83
CA VAL BA 76 -28.32 32.28 22.05
C VAL BA 76 -27.78 30.87 22.33
N HIS BA 77 -27.86 30.47 23.60
CA HIS BA 77 -27.45 29.14 24.06
C HIS BA 77 -28.19 27.97 23.35
N THR BA 78 -29.44 28.20 22.97
CA THR BA 78 -30.23 27.23 22.23
C THR BA 78 -29.75 27.11 20.77
N ALA BA 79 -29.49 28.22 20.10
CA ALA BA 79 -28.93 28.18 18.75
C ALA BA 79 -27.56 27.45 18.76
N ALA BA 80 -26.76 27.72 19.77
CA ALA BA 80 -25.45 27.05 19.87
C ALA BA 80 -25.62 25.56 20.11
N SER BA 81 -26.58 25.21 20.98
CA SER BA 81 -26.88 23.80 21.26
C SER BA 81 -27.26 23.05 20.00
N LEU BA 82 -28.05 23.68 19.13
CA LEU BA 82 -28.54 23.03 17.93
C LEU BA 82 -27.38 22.81 16.95
N PHE BA 83 -26.50 23.80 16.85
CA PHE BA 83 -25.28 23.66 16.03
C PHE BA 83 -24.42 22.52 16.51
N LYS BA 84 -24.24 22.50 17.84
CA LYS BA 84 -23.44 21.47 18.53
C LYS BA 84 -24.00 20.06 18.27
N GLU BA 85 -25.31 19.87 18.43
CA GLU BA 85 -25.92 18.57 18.25
C GLU BA 85 -25.69 18.06 16.85
N MET BA 86 -25.83 18.92 15.86
CA MET BA 86 -25.63 18.52 14.49
C MET BA 86 -24.12 18.32 14.12
N CYS BA 87 -23.26 19.24 14.51
CA CYS BA 87 -21.81 19.10 14.31
C CYS BA 87 -21.19 17.96 15.07
N TYR BA 88 -21.70 17.61 16.24
CA TYR BA 88 -21.21 16.44 16.98
C TYR BA 88 -21.67 15.12 16.39
N ARG BA 89 -22.99 14.96 16.24
CA ARG BA 89 -23.60 13.77 15.62
C ARG BA 89 -22.96 13.43 14.25
N TYR BA 90 -22.72 14.44 13.43
CA TYR BA 90 -22.16 14.24 12.09
C TYR BA 90 -20.65 14.64 11.97
N ARG BA 91 -19.93 14.57 13.09
CA ARG BA 91 -18.52 14.98 13.15
C ARG BA 91 -17.67 14.22 12.13
N GLU BA 92 -17.95 12.95 11.89
CA GLU BA 92 -17.23 12.21 10.87
C GLU BA 92 -17.50 12.62 9.40
N ASP BA 93 -18.54 13.40 9.15
CA ASP BA 93 -18.95 13.77 7.80
C ASP BA 93 -19.01 15.24 7.53
N LEU BA 94 -18.52 16.07 8.46
CA LEU BA 94 -18.56 17.50 8.33
C LEU BA 94 -17.19 18.09 8.63
N MET BA 95 -16.89 19.20 7.95
CA MET BA 95 -15.75 20.01 8.22
C MET BA 95 -16.28 21.39 8.49
N ALA BA 96 -16.48 21.70 9.77
CA ALA BA 96 -17.16 22.91 10.18
C ALA BA 96 -16.57 23.41 11.47
N GLY BA 97 -16.03 24.64 11.45
CA GLY BA 97 -15.57 25.31 12.68
C GLY BA 97 -16.41 26.56 12.80
N ILE BA 98 -17.26 26.62 13.83
CA ILE BA 98 -18.33 27.60 13.96
C ILE BA 98 -18.16 28.46 15.21
N ILE BA 99 -18.51 29.74 15.07
CA ILE BA 99 -18.75 30.61 16.23
C ILE BA 99 -20.20 31.06 16.16
N ILE BA 100 -20.93 30.85 17.25
CA ILE BA 100 -22.31 31.36 17.42
C ILE BA 100 -22.28 32.53 18.38
N ALA BA 101 -22.79 33.66 17.94
CA ALA BA 101 -22.84 34.85 18.78
C ALA BA 101 -24.10 35.62 18.54
N GLY BA 102 -24.58 36.26 19.58
CA GLY BA 102 -25.85 37.01 19.46
C GLY BA 102 -26.30 37.57 20.77
N TRP BA 103 -27.54 38.06 20.80
CA TRP BA 103 -28.13 38.70 21.98
C TRP BA 103 -29.50 38.05 22.25
N ASP BA 104 -29.79 37.77 23.51
CA ASP BA 104 -31.18 37.51 23.93
C ASP BA 104 -31.53 38.24 25.22
N PRO BA 105 -32.83 38.41 25.52
CA PRO BA 105 -33.19 39.18 26.73
C PRO BA 105 -32.80 38.54 28.06
N GLN BA 106 -32.48 37.26 28.06
CA GLN BA 106 -32.26 36.54 29.30
C GLN BA 106 -30.79 36.61 29.74
N GLU BA 107 -29.89 36.38 28.81
CA GLU BA 107 -28.45 36.32 29.08
C GLU BA 107 -27.62 37.36 28.33
N GLY BA 108 -28.25 38.23 27.54
CA GLY BA 108 -27.56 39.32 26.89
C GLY BA 108 -26.60 38.86 25.81
N GLY BA 109 -25.45 39.54 25.70
CA GLY BA 109 -24.47 39.22 24.65
C GLY BA 109 -23.68 37.98 24.99
N GLN BA 110 -23.65 37.03 24.03
CA GLN BA 110 -22.96 35.77 24.24
C GLN BA 110 -22.21 35.27 23.01
N VAL BA 111 -21.03 34.69 23.24
CA VAL BA 111 -20.21 34.05 22.22
C VAL BA 111 -19.97 32.57 22.52
N TYR BA 112 -20.28 31.68 21.58
CA TYR BA 112 -20.05 30.21 21.76
C TYR BA 112 -19.17 29.69 20.64
N SER BA 113 -18.12 28.92 20.98
CA SER BA 113 -17.33 28.19 19.99
C SER BA 113 -17.86 26.78 19.86
N VAL BA 114 -18.16 26.36 18.62
CA VAL BA 114 -18.35 24.97 18.26
C VAL BA 114 -17.26 24.57 17.22
N PRO BA 115 -16.07 24.17 17.72
CA PRO BA 115 -14.98 23.82 16.80
C PRO BA 115 -15.23 22.46 16.18
N MET BA 116 -14.37 22.06 15.27
CA MET BA 116 -14.49 20.75 14.67
C MET BA 116 -14.47 19.65 15.73
N GLY BA 117 -15.32 18.65 15.53
CA GLY BA 117 -15.58 17.63 16.53
C GLY BA 117 -16.89 17.83 17.32
N GLY BA 118 -17.35 19.08 17.42
CA GLY BA 118 -18.64 19.40 18.00
C GLY BA 118 -18.72 19.58 19.49
N MET BA 119 -17.63 19.98 20.13
CA MET BA 119 -17.72 20.50 21.50
C MET BA 119 -18.37 21.88 21.45
N MET BA 120 -18.85 22.37 22.58
CA MET BA 120 -19.40 23.72 22.69
C MET BA 120 -18.90 24.35 23.98
N VAL BA 121 -18.44 25.59 23.89
CA VAL BA 121 -17.95 26.28 25.05
C VAL BA 121 -18.26 27.77 24.88
N ARG BA 122 -18.72 28.40 25.97
CA ARG BA 122 -18.92 29.83 26.00
C ARG BA 122 -17.57 30.51 26.24
N GLN BA 123 -17.29 31.60 25.53
CA GLN BA 123 -16.05 32.41 25.71
C GLN BA 123 -16.29 33.93 25.69
N SER BA 124 -15.42 34.69 26.34
CA SER BA 124 -15.42 36.17 26.25
C SER BA 124 -15.26 36.64 24.83
N PHE BA 125 -14.33 36.01 24.15
CA PHE BA 125 -14.16 36.17 22.71
C PHE BA 125 -13.68 34.86 22.13
N ALA BA 126 -13.90 34.69 20.84
CA ALA BA 126 -13.52 33.49 20.18
C ALA BA 126 -12.84 33.83 18.86
N ILE BA 127 -11.92 32.96 18.46
CA ILE BA 127 -11.36 33.04 17.13
C ILE BA 127 -11.33 31.64 16.53
N GLY BA 128 -11.41 31.58 15.20
CA GLY BA 128 -11.35 30.30 14.52
C GLY BA 128 -10.97 30.44 13.07
N GLY BA 129 -10.90 29.32 12.38
CA GLY BA 129 -10.45 29.28 10.98
C GLY BA 129 -8.95 29.17 10.90
N SER BA 130 -8.45 28.79 9.76
CA SER BA 130 -7.00 28.62 9.49
C SER BA 130 -6.15 29.82 9.94
N GLY BA 131 -6.67 31.03 9.75
CA GLY BA 131 -5.90 32.24 10.05
C GLY BA 131 -5.77 32.52 11.52
N SER BA 132 -6.61 31.89 12.32
CA SER BA 132 -6.62 32.18 13.75
C SER BA 132 -5.29 31.82 14.41
N SER BA 133 -4.58 30.81 13.91
CA SER BA 133 -3.26 30.46 14.45
C SER BA 133 -2.37 31.68 14.61
N TYR BA 134 -2.42 32.58 13.64
CA TYR BA 134 -1.52 33.69 13.54
C TYR BA 134 -1.83 34.84 14.43
N ILE BA 135 -3.04 34.83 15.03
CA ILE BA 135 -3.42 35.88 15.95
C ILE BA 135 -3.60 35.44 17.40
N TYR BA 136 -3.28 34.22 17.79
CA TYR BA 136 -3.44 33.86 19.23
C TYR BA 136 -2.64 34.80 20.12
N GLY BA 137 -1.38 34.99 19.77
CA GLY BA 137 -0.49 35.86 20.54
C GLY BA 137 -0.97 37.31 20.67
N TYR BA 138 -1.41 37.85 19.53
CA TYR BA 138 -1.99 39.20 19.45
C TYR BA 138 -3.27 39.36 20.34
N VAL BA 139 -4.23 38.46 20.19
CA VAL BA 139 -5.47 38.62 20.96
C VAL BA 139 -5.19 38.40 22.44
N ASP BA 140 -4.28 37.48 22.78
CA ASP BA 140 -3.92 37.21 24.16
C ASP BA 140 -3.27 38.42 24.82
N ALA BA 141 -2.55 39.23 24.04
CA ALA BA 141 -1.83 40.41 24.56
C ALA BA 141 -2.72 41.66 24.58
N THR BA 142 -3.71 41.71 23.70
CA THR BA 142 -4.50 42.89 23.45
C THR BA 142 -5.87 42.84 24.18
N TYR BA 143 -6.50 41.68 24.33
CA TYR BA 143 -7.81 41.59 24.99
C TYR BA 143 -7.80 42.26 26.36
N ARG BA 144 -8.79 43.10 26.63
CA ARG BA 144 -9.01 43.72 27.96
C ARG BA 144 -10.46 43.40 28.42
N GLU BA 145 -10.62 43.11 29.70
CA GLU BA 145 -11.95 43.01 30.30
C GLU BA 145 -12.60 44.38 30.26
N GLY BA 146 -13.85 44.44 29.81
CA GLY BA 146 -14.64 45.68 29.89
C GLY BA 146 -14.58 46.57 28.67
N MET BA 147 -14.21 46.04 27.51
CA MET BA 147 -14.14 46.83 26.28
CA MET BA 147 -14.13 46.85 26.32
C MET BA 147 -15.52 47.34 25.85
N THR BA 148 -15.57 48.56 25.34
CA THR BA 148 -16.82 49.08 24.79
C THR BA 148 -17.07 48.42 23.46
N LYS BA 149 -18.28 48.60 22.92
CA LYS BA 149 -18.60 48.15 21.57
C LYS BA 149 -17.57 48.62 20.54
N GLU BA 150 -17.17 49.87 20.62
CA GLU BA 150 -16.35 50.49 19.58
C GLU BA 150 -14.92 49.95 19.65
N GLU BA 151 -14.43 49.75 20.87
CA GLU BA 151 -13.18 49.05 21.12
C GLU BA 151 -13.18 47.62 20.63
N CYS BA 152 -14.28 46.88 20.85
CA CYS BA 152 -14.46 45.50 20.32
C CYS BA 152 -14.43 45.43 18.80
N LEU BA 153 -15.04 46.42 18.15
CA LEU BA 153 -14.99 46.53 16.69
C LEU BA 153 -13.55 46.78 16.16
N GLN BA 154 -12.78 47.61 16.88
CA GLN BA 154 -11.43 47.98 16.50
C GLN BA 154 -10.48 46.77 16.70
N PHE BA 155 -10.59 46.15 17.86
CA PHE BA 155 -9.87 44.92 18.24
C PHE BA 155 -10.10 43.83 17.19
N THR BA 156 -11.36 43.61 16.85
CA THR BA 156 -11.73 42.62 15.84
C THR BA 156 -11.17 42.95 14.45
N ALA BA 157 -11.30 44.20 14.01
CA ALA BA 157 -10.80 44.60 12.72
C ALA BA 157 -9.24 44.45 12.62
N ASN BA 158 -8.55 44.81 13.70
CA ASN BA 158 -7.11 44.66 13.81
C ASN BA 158 -6.66 43.22 13.73
N ALA BA 159 -7.30 42.35 14.52
CA ALA BA 159 -6.97 40.95 14.57
C ALA BA 159 -7.16 40.31 13.20
N LEU BA 160 -8.32 40.55 12.59
CA LEU BA 160 -8.59 39.97 11.28
C LEU BA 160 -7.62 40.50 10.22
N ALA BA 161 -7.27 41.77 10.27
CA ALA BA 161 -6.31 42.36 9.33
C ALA BA 161 -4.96 41.68 9.39
N LEU BA 162 -4.49 41.44 10.62
CA LEU BA 162 -3.22 40.74 10.88
C LEU BA 162 -3.24 39.30 10.38
N ALA BA 163 -4.33 38.58 10.66
CA ALA BA 163 -4.48 37.19 10.19
C ALA BA 163 -4.53 37.15 8.66
N MET BA 164 -5.26 38.06 8.04
CA MET BA 164 -5.43 38.12 6.58
C MET BA 164 -4.10 38.40 5.87
N GLU BA 165 -3.24 39.18 6.50
CA GLU BA 165 -1.91 39.49 5.95
C GLU BA 165 -1.03 38.21 5.79
N ARG BA 166 -1.11 37.32 6.79
CA ARG BA 166 -0.29 36.13 6.87
C ARG BA 166 -0.86 34.83 6.33
N ASP BA 167 -2.16 34.61 6.45
CA ASP BA 167 -2.79 33.36 6.03
C ASP BA 167 -3.22 33.46 4.57
N GLY BA 168 -2.62 32.62 3.74
CA GLY BA 168 -2.99 32.49 2.34
C GLY BA 168 -4.48 32.20 2.13
N SER BA 169 -5.05 31.43 3.04
CA SER BA 169 -6.45 31.07 2.95
C SER BA 169 -7.42 32.10 3.51
N SER BA 170 -6.91 33.23 3.99
CA SER BA 170 -7.75 34.36 4.42
C SER BA 170 -7.49 35.58 3.56
N GLY BA 171 -8.47 36.47 3.45
CA GLY BA 171 -8.23 37.73 2.74
C GLY BA 171 -9.48 38.40 2.25
N GLY BA 172 -9.27 39.39 1.39
CA GLY BA 172 -10.35 40.16 0.78
C GLY BA 172 -10.82 41.35 1.60
N VAL BA 173 -12.08 41.33 2.03
CA VAL BA 173 -12.62 42.40 2.86
C VAL BA 173 -12.84 41.91 4.27
N ILE BA 174 -13.00 42.84 5.20
CA ILE BA 174 -13.43 42.50 6.55
C ILE BA 174 -14.89 42.86 6.69
N ARG BA 175 -15.70 41.86 6.97
CA ARG BA 175 -17.13 42.04 7.30
C ARG BA 175 -17.31 42.00 8.81
N LEU BA 176 -17.98 43.02 9.34
CA LEU BA 176 -18.21 43.16 10.78
C LEU BA 176 -19.71 43.25 11.04
N ALA BA 177 -20.11 42.85 12.25
CA ALA BA 177 -21.48 42.97 12.68
C ALA BA 177 -21.48 43.21 14.15
N ALA BA 178 -22.38 44.06 14.61
CA ALA BA 178 -22.59 44.29 16.04
C ALA BA 178 -24.06 43.99 16.33
N ILE BA 179 -24.31 43.21 17.37
CA ILE BA 179 -25.65 42.77 17.72
C ILE BA 179 -25.92 43.16 19.16
N ALA BA 180 -27.06 43.82 19.36
CA ALA BA 180 -27.51 44.23 20.67
C ALA BA 180 -29.06 44.21 20.71
N GLU BA 181 -29.63 44.60 21.84
CA GLU BA 181 -31.09 44.67 21.96
C GLU BA 181 -31.67 45.49 20.82
N SER BA 182 -31.04 46.62 20.50
CA SER BA 182 -31.54 47.54 19.46
C SER BA 182 -31.49 46.98 18.03
N GLY BA 183 -30.77 45.88 17.80
CA GLY BA 183 -30.75 45.24 16.49
C GLY BA 183 -29.34 44.90 16.00
N VAL BA 184 -29.23 44.75 14.69
CA VAL BA 184 -28.00 44.36 14.01
C VAL BA 184 -27.45 45.48 13.12
N GLU BA 185 -26.14 45.76 13.26
CA GLU BA 185 -25.44 46.78 12.46
C GLU BA 185 -24.29 46.12 11.75
N ARG BA 186 -24.33 46.11 10.42
CA ARG BA 186 -23.37 45.42 9.63
C ARG BA 186 -22.56 46.46 8.87
N GLN BA 187 -21.31 46.16 8.59
CA GLN BA 187 -20.44 47.03 7.76
C GLN BA 187 -19.27 46.22 7.17
N VAL BA 188 -18.65 46.81 6.16
CA VAL BA 188 -17.56 46.22 5.43
C VAL BA 188 -16.39 47.19 5.49
N LEU BA 189 -15.21 46.68 5.87
CA LEU BA 189 -13.96 47.41 5.74
C LEU BA 189 -13.25 46.88 4.52
N LEU BA 190 -12.97 47.76 3.58
CA LEU BA 190 -12.29 47.39 2.34
C LEU BA 190 -11.16 48.34 1.98
N GLY BA 191 -10.30 47.86 1.08
CA GLY BA 191 -9.07 48.55 0.70
C GLY BA 191 -8.34 49.26 1.83
N ASP BA 192 -8.29 50.57 1.74
CA ASP BA 192 -7.61 51.44 2.70
C ASP BA 192 -8.28 51.58 4.07
N GLN BA 193 -9.48 51.04 4.24
CA GLN BA 193 -10.14 51.06 5.55
C GLN BA 193 -9.68 49.91 6.45
N ILE BA 194 -9.03 48.90 5.87
CA ILE BA 194 -8.46 47.77 6.63
C ILE BA 194 -7.19 48.28 7.37
N PRO BA 195 -7.10 48.06 8.70
CA PRO BA 195 -5.91 48.45 9.44
C PRO BA 195 -4.66 47.97 8.75
N LYS BA 196 -3.65 48.83 8.70
CA LYS BA 196 -2.40 48.60 7.97
C LYS BA 196 -1.25 48.47 8.96
N PHE BA 197 -0.40 47.46 8.81
CA PHE BA 197 0.83 47.41 9.61
C PHE BA 197 1.99 47.19 8.62
N ALA BA 198 2.96 48.10 8.61
CA ALA BA 198 4.11 48.00 7.67
C ALA BA 198 4.83 46.62 7.63
N VAL BA 199 5.38 46.27 6.45
CA VAL BA 199 6.39 45.18 6.35
C VAL BA 199 7.67 45.79 6.90
N ALA BA 200 8.39 45.04 7.74
CA ALA BA 200 9.56 45.59 8.48
C ALA BA 200 10.81 45.49 7.64
N THR BA 201 10.93 46.44 6.71
CA THR BA 201 12.08 46.58 5.84
C THR BA 201 13.33 47.00 6.62
N LEU BA 202 14.50 46.74 6.04
CA LEU BA 202 15.74 46.91 6.77
C LEU BA 202 16.10 48.40 6.94
N PRO BA 203 16.51 48.80 8.17
CA PRO BA 203 17.19 50.11 8.35
C PRO BA 203 18.54 50.16 7.64
#